data_7EW5
#
_entry.id   7EW5
#
_cell.length_a   139.090
_cell.length_b   208.309
_cell.length_c   205.948
_cell.angle_alpha   90.000
_cell.angle_beta   95.610
_cell.angle_gamma   90.000
#
_symmetry.space_group_name_H-M   'P 1 21 1'
#
loop_
_entity.id
_entity.type
_entity.pdbx_description
1 polymer 'Major capsid protein L1'
2 polymer 'Heavy chain of 13H5'
3 polymer 'Light chain of 13H5'
#
loop_
_entity_poly.entity_id
_entity_poly.type
_entity_poly.pdbx_seq_one_letter_code
_entity_poly.pdbx_strand_id
1 'polypeptide(L)'
;MDSTVYVPPPNPVSKVVATDAYVTRTNIFYHASSSRLLAVGHPYFSIKRANKTVVPKVSGYQYRVFKVVLPDPNKFALPD
SSLFDPTTQRLVWACTGLEVGRGQPLGVGVSGHPFLNKYDDVENSGSGGNPGQDNRVNVGMDYKQTQLCMVGCAPPLGEH
WGKGKQCTNTPVQAGDCPPLELITSVIQDGDMVDTGFGAMNFADLQTNKSDVPIDICGTTCKYPDYLQMAADPYGDRLFF
FLRKEQMFARHFFNRAGEVGEPVPDTLIIKGSGNRTSVGSSIYVNTPSGSLVSSEAQLFNKPYWLQKAQGHNNGICWGNQ
LFVTVVDTTRSTNMTLCASVTTSSTYTNSDYKEYMRHVEEYDLQFIFQLCSITLSAEVVAYIHTMNPSVLEDWNFGLSPP
PNGTLEDTYRYVQSQAITCQKPTPEKQKPDPYKNLSFWEVNLKEKFSSELDQYPLGRKFLLQSGYRGRSSIRTGVKRPAV
SKASAAPKRKRAKTKR
;
A,D,G,J,M,P,S,V,Y,b
2 'polypeptide(L)'
;EVQLQQSGAEVVRSGASVKLSCTASGFNIKDYAIHWVKQRPEKGLEWIGAIDPEYGDTEYVPKFQGKATMTADTSSNTAY
LQLSSLTSEDTAVYYCNAGHDYDRGRFPYWGQGTLVTVSAAKTTPPSVYPLAPGSAAQTNSMVTLGCLVKGYFPEPVTVT
WNSGSLSSGVHTFPAVLQSDLYTLSSSVTVPSSTWPSETVTCNVAHPASSTKVDKKIVPRD
;
B,E,H,K,N,g,Q,T,W,Z
3 'polypeptide(L)'
;DIVMTQSQKFMSTSVGDRVSITCKASQNVGTAVAWYQQKPGQSPKLMIYFASNRYTGVPDRFTGSGSGTDFTLTISNMQS
EDLADYFCQQYSSYPLTFGAGTKLELKRADAAPTVSIFPPSSEQLTSGGASVVCFLNNFYPKDINVKWKIDGSERQNGVL
NSATDQDSKDSTYSMSSTLTLTKDEYERHNSYTCEATHKTSTSPIVKSFNRNEC
;
C,F,I,L,O,j,R,U,X,a
#
# COMPACT_ATOMS: atom_id res chain seq x y z
N LYS A 15 0.94 -77.02 -3.55
CA LYS A 15 1.10 -76.24 -2.33
C LYS A 15 -0.22 -75.62 -1.90
N VAL A 16 -0.96 -75.09 -2.87
CA VAL A 16 -2.27 -74.52 -2.63
C VAL A 16 -3.32 -75.56 -2.99
N VAL A 17 -4.21 -75.87 -2.06
CA VAL A 17 -5.24 -76.88 -2.27
C VAL A 17 -6.61 -76.22 -2.21
N ALA A 18 -7.57 -76.86 -2.88
CA ALA A 18 -8.93 -76.34 -2.89
C ALA A 18 -9.57 -76.49 -1.51
N THR A 19 -10.58 -75.67 -1.26
CA THR A 19 -11.28 -75.70 0.02
C THR A 19 -12.04 -77.01 0.23
N ASP A 20 -12.36 -77.72 -0.85
CA ASP A 20 -13.10 -78.97 -0.73
C ASP A 20 -12.33 -80.05 0.01
N ALA A 21 -11.01 -79.89 0.16
CA ALA A 21 -10.20 -80.90 0.83
C ALA A 21 -10.25 -80.77 2.34
N TYR A 22 -10.41 -79.56 2.87
CA TYR A 22 -10.34 -79.34 4.32
C TYR A 22 -11.56 -78.62 4.88
N VAL A 23 -12.58 -78.37 4.05
CA VAL A 23 -13.82 -77.73 4.51
C VAL A 23 -14.96 -78.68 4.21
N THR A 24 -15.54 -79.26 5.26
CA THR A 24 -16.64 -80.20 5.10
C THR A 24 -17.96 -79.46 4.97
N ARG A 25 -18.81 -79.94 4.07
CA ARG A 25 -20.10 -79.32 3.81
C ARG A 25 -21.18 -79.92 4.69
N THR A 26 -22.21 -79.11 4.94
CA THR A 26 -23.39 -79.53 5.71
C THR A 26 -24.63 -79.39 4.85
N ASN A 27 -25.79 -79.64 5.48
CA ASN A 27 -27.07 -79.50 4.80
C ASN A 27 -27.84 -78.26 5.25
N ILE A 28 -27.22 -77.41 6.06
CA ILE A 28 -27.89 -76.23 6.61
C ILE A 28 -27.71 -75.06 5.65
N PHE A 29 -28.82 -74.54 5.14
CA PHE A 29 -28.80 -73.40 4.24
C PHE A 29 -29.59 -72.25 4.84
N TYR A 30 -29.15 -71.03 4.55
CA TYR A 30 -29.79 -69.82 5.06
C TYR A 30 -29.97 -68.81 3.95
N HIS A 31 -31.03 -68.01 4.06
CA HIS A 31 -31.30 -66.92 3.12
C HIS A 31 -31.08 -65.59 3.83
N ALA A 32 -30.59 -64.61 3.07
CA ALA A 32 -30.35 -63.27 3.62
C ALA A 32 -30.52 -62.26 2.49
N SER A 33 -31.42 -61.29 2.69
CA SER A 33 -31.70 -60.26 1.71
C SER A 33 -31.38 -58.90 2.31
N SER A 34 -30.79 -58.03 1.50
CA SER A 34 -30.44 -56.67 1.91
C SER A 34 -31.63 -55.72 1.88
N SER A 35 -32.81 -56.19 1.48
CA SER A 35 -33.96 -55.34 1.24
C SER A 35 -33.64 -54.31 0.16
N ARG A 36 -34.47 -53.27 0.04
CA ARG A 36 -34.26 -52.27 -1.00
C ARG A 36 -33.15 -51.31 -0.60
N LEU A 37 -32.18 -51.13 -1.50
CA LEU A 37 -31.06 -50.21 -1.30
C LEU A 37 -31.18 -49.12 -2.35
N LEU A 38 -31.23 -47.87 -1.90
CA LEU A 38 -31.43 -46.73 -2.77
C LEU A 38 -30.25 -45.76 -2.66
N ALA A 39 -29.80 -45.28 -3.81
CA ALA A 39 -28.73 -44.29 -3.88
C ALA A 39 -29.18 -43.18 -4.83
N VAL A 40 -29.35 -41.97 -4.30
CA VAL A 40 -29.83 -40.83 -5.05
C VAL A 40 -28.79 -39.72 -4.97
N GLY A 41 -28.40 -39.20 -6.12
CA GLY A 41 -27.42 -38.14 -6.14
C GLY A 41 -27.30 -37.49 -7.51
N HIS A 42 -26.13 -36.88 -7.74
CA HIS A 42 -25.82 -36.16 -8.97
C HIS A 42 -24.95 -37.03 -9.87
N PRO A 43 -25.33 -37.19 -11.14
CA PRO A 43 -24.58 -38.13 -12.01
C PRO A 43 -23.22 -37.63 -12.46
N TYR A 44 -22.87 -36.37 -12.20
CA TYR A 44 -21.62 -35.79 -12.69
C TYR A 44 -20.61 -35.47 -11.60
N PHE A 45 -21.04 -34.88 -10.49
CA PHE A 45 -20.11 -34.46 -9.46
C PHE A 45 -20.85 -34.33 -8.13
N SER A 46 -20.08 -34.42 -7.05
CA SER A 46 -20.63 -34.23 -5.72
C SER A 46 -20.92 -32.75 -5.49
N ILE A 47 -21.90 -32.49 -4.61
CA ILE A 47 -22.36 -31.14 -4.32
C ILE A 47 -21.92 -30.81 -2.90
N LYS A 48 -20.99 -29.86 -2.77
CA LYS A 48 -20.41 -29.49 -1.48
C LYS A 48 -20.81 -28.06 -1.15
N ARG A 49 -21.59 -27.90 -0.09
CA ARG A 49 -21.88 -26.58 0.47
C ARG A 49 -21.90 -26.71 1.99
N ALA A 50 -21.00 -25.99 2.66
CA ALA A 50 -19.95 -25.23 2.01
C ALA A 50 -18.64 -26.00 2.07
N ASN A 51 -18.56 -26.94 3.00
CA ASN A 51 -17.35 -27.74 3.23
C ASN A 51 -17.54 -29.20 2.82
N LYS A 52 -18.55 -29.87 3.38
CA LYS A 52 -18.76 -31.29 3.14
C LYS A 52 -19.89 -31.49 2.14
N THR A 53 -19.93 -32.70 1.57
CA THR A 53 -20.91 -33.01 0.55
C THR A 53 -22.31 -33.04 1.12
N VAL A 54 -23.25 -32.46 0.37
CA VAL A 54 -24.67 -32.49 0.72
C VAL A 54 -25.43 -33.47 -0.17
N VAL A 55 -25.07 -33.55 -1.44
CA VAL A 55 -25.65 -34.51 -2.37
C VAL A 55 -24.51 -35.33 -2.97
N PRO A 56 -24.50 -36.64 -2.82
CA PRO A 56 -23.39 -37.44 -3.31
C PRO A 56 -23.43 -37.59 -4.82
N LYS A 57 -22.28 -38.02 -5.36
CA LYS A 57 -22.16 -38.32 -6.78
C LYS A 57 -22.62 -39.75 -7.02
N VAL A 58 -23.78 -39.91 -7.65
CA VAL A 58 -24.37 -41.21 -7.93
C VAL A 58 -24.53 -41.32 -9.44
N SER A 59 -23.72 -42.18 -10.06
CA SER A 59 -23.74 -42.37 -11.50
C SER A 59 -23.81 -43.86 -11.81
N GLY A 60 -24.51 -44.19 -12.91
CA GLY A 60 -24.59 -45.58 -13.34
C GLY A 60 -23.27 -46.16 -13.78
N TYR A 61 -22.29 -45.31 -14.07
CA TYR A 61 -20.97 -45.75 -14.51
C TYR A 61 -19.97 -45.84 -13.36
N GLN A 62 -20.47 -46.06 -12.14
CA GLN A 62 -19.64 -46.23 -10.96
C GLN A 62 -19.64 -47.69 -10.52
N TYR A 63 -18.54 -48.09 -9.88
CA TYR A 63 -18.48 -49.43 -9.30
C TYR A 63 -19.30 -49.47 -8.02
N ARG A 64 -20.15 -50.47 -7.90
CA ARG A 64 -20.92 -50.71 -6.68
C ARG A 64 -20.30 -51.93 -5.98
N VAL A 65 -19.42 -51.67 -5.03
CA VAL A 65 -18.70 -52.71 -4.30
C VAL A 65 -19.35 -52.82 -2.93
N PHE A 66 -20.17 -53.84 -2.74
CA PHE A 66 -20.89 -54.06 -1.50
C PHE A 66 -20.05 -54.93 -0.57
N LYS A 67 -19.79 -54.44 0.64
CA LYS A 67 -19.11 -55.21 1.67
C LYS A 67 -20.17 -55.85 2.54
N VAL A 68 -20.52 -57.11 2.24
CA VAL A 68 -21.57 -57.81 2.96
C VAL A 68 -20.96 -58.47 4.19
N VAL A 69 -21.41 -58.04 5.37
CA VAL A 69 -20.91 -58.56 6.63
C VAL A 69 -21.80 -59.72 7.06
N LEU A 70 -21.18 -60.88 7.31
CA LEU A 70 -21.93 -62.06 7.71
C LEU A 70 -21.76 -62.31 9.21
N PRO A 71 -22.81 -62.83 9.86
CA PRO A 71 -22.68 -63.17 11.29
C PRO A 71 -21.76 -64.36 11.49
N ASP A 72 -20.99 -64.29 12.56
CA ASP A 72 -20.03 -65.35 12.87
C ASP A 72 -20.79 -66.64 13.19
N PRO A 73 -20.62 -67.71 12.41
CA PRO A 73 -21.33 -68.96 12.72
C PRO A 73 -20.87 -69.61 14.01
N ASN A 74 -19.66 -69.30 14.48
CA ASN A 74 -19.20 -69.82 15.76
C ASN A 74 -19.89 -69.16 16.93
N LYS A 75 -20.46 -67.97 16.74
CA LYS A 75 -21.25 -67.29 17.75
C LYS A 75 -22.73 -67.20 17.38
N PHE A 76 -23.16 -67.95 16.37
CA PHE A 76 -24.52 -67.88 15.87
C PHE A 76 -25.44 -68.78 16.70
N ALA A 77 -26.71 -68.36 16.80
CA ALA A 77 -27.72 -69.12 17.53
C ALA A 77 -28.23 -70.25 16.65
N LEU A 78 -27.37 -71.26 16.48
CA LEU A 78 -27.70 -72.42 15.67
C LEU A 78 -28.76 -73.27 16.37
N PRO A 79 -29.52 -74.06 15.59
CA PRO A 79 -30.55 -74.91 16.23
C PRO A 79 -29.99 -75.95 17.18
N ASP A 80 -28.86 -76.56 16.85
CA ASP A 80 -28.25 -77.54 17.74
C ASP A 80 -26.74 -77.38 17.69
N SER A 81 -26.10 -77.38 18.85
CA SER A 81 -24.64 -77.23 18.95
C SER A 81 -23.91 -78.55 18.81
N SER A 82 -24.62 -79.66 18.64
CA SER A 82 -24.01 -80.96 18.45
C SER A 82 -23.47 -81.16 17.04
N LEU A 83 -23.65 -80.19 16.15
CA LEU A 83 -23.11 -80.30 14.80
C LEU A 83 -21.58 -80.38 14.82
N PHE A 84 -20.95 -79.63 15.71
CA PHE A 84 -19.50 -79.57 15.77
C PHE A 84 -19.04 -79.54 17.23
N ASP A 85 -17.77 -79.83 17.43
CA ASP A 85 -17.13 -79.69 18.74
C ASP A 85 -16.49 -78.32 18.86
N PRO A 86 -16.74 -77.58 19.94
CA PRO A 86 -16.11 -76.27 20.10
C PRO A 86 -14.60 -76.31 19.99
N THR A 87 -13.96 -77.38 20.44
CA THR A 87 -12.54 -77.59 20.22
C THR A 87 -12.31 -78.33 18.91
N THR A 88 -11.16 -78.06 18.30
CA THR A 88 -10.67 -78.74 17.10
C THR A 88 -11.50 -78.44 15.85
N GLN A 89 -12.67 -77.83 16.00
CA GLN A 89 -13.54 -77.55 14.88
C GLN A 89 -14.04 -76.10 14.92
N ARG A 90 -14.15 -75.51 13.75
CA ARG A 90 -14.66 -74.15 13.59
C ARG A 90 -15.61 -74.11 12.40
N LEU A 91 -16.46 -73.09 12.38
CA LEU A 91 -17.48 -72.92 11.35
C LEU A 91 -17.15 -71.72 10.46
N VAL A 92 -17.67 -71.77 9.24
CA VAL A 92 -17.49 -70.70 8.27
C VAL A 92 -18.60 -70.81 7.24
N TRP A 93 -19.03 -69.66 6.71
CA TRP A 93 -20.08 -69.61 5.72
C TRP A 93 -19.52 -69.81 4.31
N ALA A 94 -20.33 -70.45 3.47
CA ALA A 94 -19.99 -70.68 2.07
C ALA A 94 -21.12 -70.18 1.20
N CYS A 95 -20.79 -69.38 0.19
CA CYS A 95 -21.80 -68.78 -0.68
C CYS A 95 -22.19 -69.78 -1.77
N THR A 96 -23.47 -70.10 -1.86
CA THR A 96 -23.99 -71.01 -2.86
C THR A 96 -25.01 -70.40 -3.81
N GLY A 97 -25.64 -69.30 -3.43
CA GLY A 97 -26.64 -68.68 -4.28
C GLY A 97 -26.55 -67.17 -4.19
N LEU A 98 -26.86 -66.52 -5.32
CA LEU A 98 -26.77 -65.07 -5.41
C LEU A 98 -27.72 -64.57 -6.48
N GLU A 99 -28.44 -63.48 -6.18
CA GLU A 99 -29.23 -62.77 -7.16
C GLU A 99 -29.14 -61.28 -6.87
N VAL A 100 -28.60 -60.51 -7.83
CA VAL A 100 -28.46 -59.06 -7.70
C VAL A 100 -29.65 -58.45 -8.44
N GLY A 101 -30.63 -57.96 -7.68
CA GLY A 101 -31.83 -57.39 -8.27
C GLY A 101 -31.70 -55.91 -8.51
N ARG A 102 -32.05 -55.49 -9.72
CA ARG A 102 -32.08 -54.08 -10.10
C ARG A 102 -33.53 -53.65 -10.28
N GLY A 103 -33.86 -52.46 -9.75
CA GLY A 103 -35.24 -52.01 -9.74
C GLY A 103 -35.47 -50.65 -10.38
N GLN A 104 -34.88 -50.42 -11.54
CA GLN A 104 -35.06 -49.18 -12.29
C GLN A 104 -35.30 -49.50 -13.75
N PRO A 105 -35.95 -48.60 -14.49
CA PRO A 105 -36.16 -48.83 -15.91
C PRO A 105 -34.85 -48.78 -16.68
N LEU A 106 -34.74 -49.62 -17.70
CA LEU A 106 -33.56 -49.59 -18.55
C LEU A 106 -33.48 -48.28 -19.31
N GLY A 107 -32.25 -47.80 -19.52
CA GLY A 107 -32.05 -46.55 -20.22
C GLY A 107 -30.59 -46.18 -20.24
N VAL A 108 -30.30 -45.14 -21.01
CA VAL A 108 -28.94 -44.65 -21.22
C VAL A 108 -28.86 -43.21 -20.76
N GLY A 109 -27.85 -42.90 -19.95
CA GLY A 109 -27.59 -41.54 -19.53
C GLY A 109 -26.42 -40.94 -20.30
N VAL A 110 -26.36 -39.62 -20.32
CA VAL A 110 -25.35 -38.90 -21.08
C VAL A 110 -24.51 -38.05 -20.14
N SER A 111 -23.23 -37.93 -20.49
CA SER A 111 -22.30 -37.03 -19.82
C SER A 111 -21.75 -36.04 -20.84
N GLY A 112 -21.22 -34.93 -20.35
CA GLY A 112 -20.73 -33.91 -21.24
C GLY A 112 -19.72 -32.99 -20.57
N HIS A 113 -19.35 -31.95 -21.29
CA HIS A 113 -18.41 -30.95 -20.82
C HIS A 113 -18.65 -29.64 -21.55
N PRO A 114 -19.01 -28.57 -20.84
CA PRO A 114 -19.23 -27.28 -21.51
C PRO A 114 -17.99 -26.72 -22.19
N PHE A 115 -16.81 -27.27 -21.89
CA PHE A 115 -15.56 -26.84 -22.52
C PHE A 115 -14.74 -28.08 -22.89
N LEU A 116 -15.30 -28.91 -23.76
CA LEU A 116 -14.60 -30.11 -24.21
C LEU A 116 -13.59 -29.74 -25.29
N ASN A 117 -12.39 -30.33 -25.18
CA ASN A 117 -11.30 -30.03 -26.11
C ASN A 117 -11.56 -30.72 -27.44
N LYS A 118 -12.55 -30.22 -28.16
CA LYS A 118 -12.88 -30.69 -29.50
C LYS A 118 -12.63 -29.56 -30.49
N TYR A 119 -11.91 -29.87 -31.56
CA TYR A 119 -11.56 -28.84 -32.55
C TYR A 119 -12.49 -28.93 -33.75
N ASP A 120 -12.20 -29.82 -34.69
CA ASP A 120 -12.99 -30.00 -35.90
C ASP A 120 -13.55 -31.42 -35.95
N ASP A 121 -14.77 -31.55 -36.46
CA ASP A 121 -15.35 -32.86 -36.73
C ASP A 121 -14.55 -33.50 -37.86
N VAL A 122 -13.65 -34.41 -37.49
CA VAL A 122 -12.73 -34.99 -38.46
C VAL A 122 -13.31 -36.21 -39.16
N GLU A 123 -14.53 -36.62 -38.80
CA GLU A 123 -15.14 -37.79 -39.42
C GLU A 123 -15.41 -37.58 -40.90
N ASN A 124 -15.90 -36.39 -41.27
CA ASN A 124 -16.25 -36.11 -42.65
C ASN A 124 -15.13 -35.33 -43.34
N SER A 125 -14.96 -34.06 -42.97
CA SER A 125 -13.94 -33.20 -43.57
C SER A 125 -13.81 -31.96 -42.69
N GLY A 126 -13.10 -30.95 -43.21
CA GLY A 126 -12.90 -29.71 -42.49
C GLY A 126 -11.93 -29.83 -41.32
N SER A 127 -11.41 -28.70 -40.84
CA SER A 127 -11.71 -27.40 -41.42
C SER A 127 -10.43 -26.58 -41.55
N GLY A 128 -10.40 -25.70 -42.55
CA GLY A 128 -9.24 -24.92 -42.94
C GLY A 128 -8.21 -24.57 -41.87
N GLY A 129 -8.31 -23.38 -41.31
CA GLY A 129 -7.33 -22.93 -40.34
C GLY A 129 -7.86 -21.98 -39.29
N ASN A 130 -8.41 -22.53 -38.22
CA ASN A 130 -8.85 -21.69 -37.11
C ASN A 130 -8.23 -22.07 -35.76
N PRO A 131 -6.93 -22.38 -35.66
CA PRO A 131 -6.37 -22.66 -34.33
C PRO A 131 -6.16 -21.35 -33.59
N GLY A 132 -6.70 -21.28 -32.38
CA GLY A 132 -6.66 -20.05 -31.62
C GLY A 132 -6.49 -20.23 -30.12
N GLN A 133 -6.88 -19.22 -29.36
CA GLN A 133 -6.75 -19.24 -27.91
C GLN A 133 -7.50 -20.41 -27.31
N ASP A 134 -8.82 -20.39 -27.41
CA ASP A 134 -9.67 -21.41 -26.84
C ASP A 134 -10.65 -21.86 -27.90
N ASN A 135 -10.58 -23.14 -28.27
CA ASN A 135 -11.48 -23.72 -29.25
C ASN A 135 -12.39 -24.78 -28.62
N ARG A 136 -12.47 -24.80 -27.29
CA ARG A 136 -13.31 -25.79 -26.62
C ARG A 136 -14.78 -25.55 -26.95
N VAL A 137 -15.52 -26.64 -27.11
CA VAL A 137 -16.92 -26.60 -27.47
C VAL A 137 -17.73 -27.37 -26.42
N ASN A 138 -18.98 -26.98 -26.24
CA ASN A 138 -19.89 -27.69 -25.36
C ASN A 138 -20.38 -28.94 -26.08
N VAL A 139 -19.96 -30.11 -25.61
CA VAL A 139 -20.25 -31.38 -26.28
C VAL A 139 -20.75 -32.38 -25.25
N GLY A 140 -21.77 -33.16 -25.63
CA GLY A 140 -22.27 -34.23 -24.80
C GLY A 140 -22.21 -35.57 -25.52
N MET A 141 -22.30 -36.66 -24.78
CA MET A 141 -22.14 -37.98 -25.37
C MET A 141 -22.65 -39.04 -24.40
N ASP A 142 -22.89 -40.23 -24.94
CA ASP A 142 -23.23 -41.40 -24.15
C ASP A 142 -22.03 -42.34 -24.10
N TYR A 143 -21.90 -43.06 -22.99
CA TYR A 143 -20.74 -43.89 -22.75
C TYR A 143 -20.96 -45.31 -23.26
N LYS A 144 -19.90 -46.11 -23.18
CA LYS A 144 -19.96 -47.51 -23.57
C LYS A 144 -20.77 -48.32 -22.56
N GLN A 145 -21.58 -49.25 -23.08
CA GLN A 145 -22.39 -50.10 -22.24
C GLN A 145 -21.53 -51.18 -21.60
N THR A 146 -21.63 -51.33 -20.27
CA THR A 146 -20.83 -52.28 -19.53
C THR A 146 -21.64 -52.87 -18.40
N GLN A 147 -21.76 -54.20 -18.38
CA GLN A 147 -22.37 -54.93 -17.27
C GLN A 147 -21.37 -55.92 -16.71
N LEU A 148 -21.27 -55.99 -15.39
CA LEU A 148 -20.39 -56.97 -14.76
C LEU A 148 -20.79 -57.14 -13.30
N CYS A 149 -20.51 -58.33 -12.76
CA CYS A 149 -20.70 -58.61 -11.34
C CYS A 149 -19.71 -59.68 -10.92
N MET A 150 -19.11 -59.48 -9.74
CA MET A 150 -18.15 -60.42 -9.18
C MET A 150 -18.48 -60.71 -7.73
N VAL A 151 -17.97 -61.84 -7.25
CA VAL A 151 -18.12 -62.24 -5.85
C VAL A 151 -16.79 -62.81 -5.35
N GLY A 152 -16.43 -62.43 -4.14
CA GLY A 152 -15.28 -63.02 -3.48
C GLY A 152 -15.28 -62.66 -2.01
N CYS A 153 -14.37 -63.29 -1.27
CA CYS A 153 -14.18 -62.96 0.14
C CYS A 153 -13.09 -61.91 0.34
N ALA A 154 -12.53 -61.38 -0.74
CA ALA A 154 -11.57 -60.30 -0.73
C ALA A 154 -11.95 -59.30 -1.80
N PRO A 155 -11.62 -58.02 -1.61
CA PRO A 155 -12.05 -57.01 -2.58
C PRO A 155 -11.38 -57.22 -3.92
N PRO A 156 -12.01 -56.82 -5.02
CA PRO A 156 -11.45 -57.07 -6.35
C PRO A 156 -10.31 -56.12 -6.66
N LEU A 157 -9.52 -56.51 -7.66
CA LEU A 157 -8.39 -55.72 -8.14
C LEU A 157 -8.75 -55.07 -9.47
N GLY A 158 -8.49 -53.77 -9.56
CA GLY A 158 -8.68 -53.04 -10.80
C GLY A 158 -7.36 -52.49 -11.29
N GLU A 159 -7.27 -52.31 -12.61
CA GLU A 159 -6.06 -51.79 -13.24
C GLU A 159 -6.38 -50.50 -13.98
N HIS A 160 -5.44 -49.57 -13.96
CA HIS A 160 -5.58 -48.31 -14.67
C HIS A 160 -4.19 -47.74 -14.92
N TRP A 161 -4.10 -46.90 -15.94
CA TRP A 161 -2.85 -46.26 -16.31
C TRP A 161 -2.75 -44.89 -15.67
N GLY A 162 -1.66 -44.66 -14.92
CA GLY A 162 -1.46 -43.41 -14.23
C GLY A 162 -0.08 -42.84 -14.55
N LYS A 163 0.13 -41.61 -14.09
CA LYS A 163 1.42 -40.96 -14.25
C LYS A 163 2.50 -41.78 -13.55
N GLY A 164 3.36 -42.43 -14.33
CA GLY A 164 4.29 -43.39 -13.77
C GLY A 164 5.42 -42.72 -13.01
N LYS A 165 6.10 -43.53 -12.20
CA LYS A 165 7.27 -43.06 -11.47
C LYS A 165 8.32 -42.58 -12.45
N GLN A 166 8.89 -41.42 -12.16
CA GLN A 166 9.87 -40.80 -13.06
C GLN A 166 11.28 -41.21 -12.66
N CYS A 167 12.07 -41.65 -13.64
CA CYS A 167 11.62 -41.81 -15.03
C CYS A 167 12.42 -42.92 -15.72
N THR A 168 11.81 -43.55 -16.72
CA THR A 168 12.55 -44.40 -17.63
C THR A 168 13.31 -43.51 -18.62
N ASN A 169 14.62 -43.72 -18.71
CA ASN A 169 15.55 -42.81 -19.38
C ASN A 169 15.65 -41.50 -18.61
N THR A 170 16.47 -40.57 -19.09
CA THR A 170 16.80 -39.36 -18.36
C THR A 170 16.85 -38.16 -19.31
N PRO A 171 16.88 -36.91 -18.81
CA PRO A 171 16.67 -36.45 -17.44
C PRO A 171 15.75 -35.23 -17.26
N VAL A 172 15.21 -34.67 -18.35
CA VAL A 172 14.79 -33.28 -18.34
C VAL A 172 13.29 -33.15 -18.58
N GLN A 173 12.74 -32.03 -18.10
CA GLN A 173 11.40 -31.53 -18.30
C GLN A 173 11.46 -30.49 -19.44
N ALA A 174 10.35 -29.81 -19.78
CA ALA A 174 9.01 -29.83 -19.18
C ALA A 174 7.91 -29.89 -20.24
N GLY A 175 6.70 -30.19 -19.81
CA GLY A 175 5.59 -30.35 -20.73
C GLY A 175 5.65 -31.58 -21.60
N ASP A 176 6.65 -32.44 -21.42
CA ASP A 176 6.77 -33.65 -22.22
C ASP A 176 5.70 -34.66 -21.83
N CYS A 177 5.61 -35.73 -22.61
CA CYS A 177 4.65 -36.78 -22.34
C CYS A 177 4.95 -37.43 -20.99
N PRO A 178 3.97 -37.60 -20.12
CA PRO A 178 4.25 -38.22 -18.82
C PRO A 178 4.48 -39.71 -18.96
N PRO A 179 5.35 -40.29 -18.13
CA PRO A 179 5.54 -41.75 -18.18
C PRO A 179 4.30 -42.49 -17.73
N LEU A 180 3.97 -43.57 -18.45
CA LEU A 180 2.81 -44.37 -18.15
C LEU A 180 3.19 -45.58 -17.31
N GLU A 181 2.34 -45.91 -16.34
CA GLU A 181 2.55 -47.08 -15.49
C GLU A 181 1.21 -47.76 -15.25
N LEU A 182 1.16 -49.07 -15.43
CA LEU A 182 -0.04 -49.85 -15.18
C LEU A 182 -0.17 -50.07 -13.68
N ILE A 183 -1.14 -49.40 -13.06
CA ILE A 183 -1.31 -49.43 -11.61
C ILE A 183 -2.45 -50.39 -11.29
N THR A 184 -2.16 -51.40 -10.48
CA THR A 184 -3.16 -52.30 -9.94
C THR A 184 -3.54 -51.82 -8.54
N SER A 185 -4.83 -51.73 -8.28
CA SER A 185 -5.30 -51.20 -7.01
C SER A 185 -6.60 -51.90 -6.62
N VAL A 186 -7.11 -51.55 -5.45
CA VAL A 186 -8.36 -52.10 -4.94
C VAL A 186 -9.51 -51.23 -5.43
N ILE A 187 -10.52 -51.86 -6.00
CA ILE A 187 -11.69 -51.14 -6.51
C ILE A 187 -12.58 -50.77 -5.34
N GLN A 188 -12.73 -49.47 -5.09
CA GLN A 188 -13.60 -48.97 -4.03
C GLN A 188 -14.97 -48.65 -4.58
N ASP A 189 -15.96 -48.61 -3.68
CA ASP A 189 -17.31 -48.23 -4.06
C ASP A 189 -17.33 -46.76 -4.46
N GLY A 190 -17.75 -46.49 -5.69
CA GLY A 190 -17.77 -45.15 -6.23
C GLY A 190 -16.74 -44.89 -7.31
N ASP A 191 -15.77 -45.78 -7.49
CA ASP A 191 -14.80 -45.63 -8.57
C ASP A 191 -15.48 -45.74 -9.92
N MET A 192 -14.93 -45.03 -10.90
CA MET A 192 -15.52 -45.00 -12.23
C MET A 192 -15.07 -46.20 -13.06
N VAL A 193 -16.01 -46.79 -13.78
CA VAL A 193 -15.68 -47.84 -14.74
C VAL A 193 -15.14 -47.19 -16.01
N ASP A 194 -14.50 -47.99 -16.86
CA ASP A 194 -14.02 -47.46 -18.13
C ASP A 194 -15.20 -46.96 -18.96
N THR A 195 -14.95 -45.97 -19.80
CA THR A 195 -16.02 -45.36 -20.57
C THR A 195 -15.72 -45.59 -22.04
N GLY A 196 -15.43 -44.55 -22.78
CA GLY A 196 -14.86 -44.73 -24.09
C GLY A 196 -13.51 -44.08 -24.30
N PHE A 197 -12.63 -44.18 -23.30
CA PHE A 197 -11.35 -43.48 -23.37
C PHE A 197 -10.28 -44.19 -22.54
N GLY A 198 -10.52 -45.45 -22.17
CA GLY A 198 -9.56 -46.25 -21.46
C GLY A 198 -9.68 -46.12 -19.95
N ALA A 199 -8.89 -46.94 -19.27
CA ALA A 199 -8.81 -46.94 -17.81
C ALA A 199 -7.54 -46.19 -17.45
N MET A 200 -7.70 -44.91 -17.10
CA MET A 200 -6.55 -44.07 -16.82
C MET A 200 -6.92 -43.03 -15.77
N ASN A 201 -5.88 -42.40 -15.21
CA ASN A 201 -6.03 -41.35 -14.21
C ASN A 201 -6.04 -40.01 -14.94
N PHE A 202 -7.25 -39.56 -15.29
CA PHE A 202 -7.39 -38.32 -16.05
C PHE A 202 -6.94 -37.09 -15.27
N ALA A 203 -6.91 -37.17 -13.95
CA ALA A 203 -6.47 -36.03 -13.15
C ALA A 203 -4.99 -35.74 -13.35
N ASP A 204 -4.19 -36.77 -13.59
CA ASP A 204 -2.75 -36.62 -13.76
C ASP A 204 -2.30 -36.62 -15.21
N LEU A 205 -2.93 -37.44 -16.06
CA LEU A 205 -2.50 -37.60 -17.44
C LEU A 205 -3.07 -36.54 -18.37
N GLN A 206 -4.15 -35.88 -18.00
CA GLN A 206 -4.77 -34.82 -18.79
C GLN A 206 -4.86 -33.58 -17.92
N THR A 207 -3.90 -32.67 -18.06
CA THR A 207 -3.77 -31.52 -17.16
C THR A 207 -4.69 -30.36 -17.52
N ASN A 208 -5.33 -30.39 -18.69
CA ASN A 208 -6.19 -29.30 -19.11
C ASN A 208 -7.60 -29.40 -18.57
N LYS A 209 -7.95 -30.50 -17.89
CA LYS A 209 -9.27 -30.67 -17.29
C LYS A 209 -10.38 -30.51 -18.32
N SER A 210 -10.08 -30.82 -19.59
CA SER A 210 -11.04 -30.55 -20.64
C SER A 210 -11.02 -31.54 -21.79
N ASP A 211 -10.32 -32.67 -21.68
CA ASP A 211 -10.27 -33.64 -22.76
C ASP A 211 -11.39 -34.67 -22.69
N VAL A 212 -11.95 -34.91 -21.52
CA VAL A 212 -13.03 -35.88 -21.35
C VAL A 212 -14.16 -35.19 -20.58
N PRO A 213 -15.37 -35.73 -20.63
CA PRO A 213 -16.50 -35.11 -19.92
C PRO A 213 -16.22 -34.92 -18.44
N ILE A 214 -17.02 -34.03 -17.83
CA ILE A 214 -16.72 -33.53 -16.49
C ILE A 214 -16.80 -34.59 -15.41
N ASP A 215 -17.55 -35.68 -15.63
CA ASP A 215 -17.71 -36.67 -14.57
C ASP A 215 -16.53 -37.64 -14.49
N ILE A 216 -15.52 -37.50 -15.35
CA ILE A 216 -14.38 -38.40 -15.32
C ILE A 216 -13.09 -37.60 -15.48
N CYS A 217 -13.20 -36.31 -15.78
CA CYS A 217 -12.02 -35.50 -16.05
C CYS A 217 -11.20 -35.21 -14.81
N GLY A 218 -11.74 -35.43 -13.62
CA GLY A 218 -10.98 -35.19 -12.41
C GLY A 218 -10.83 -36.41 -11.54
N THR A 219 -11.19 -37.58 -12.07
CA THR A 219 -11.12 -38.82 -11.32
C THR A 219 -10.34 -39.84 -12.14
N THR A 220 -10.54 -41.12 -11.82
CA THR A 220 -9.83 -42.21 -12.48
C THR A 220 -10.82 -43.31 -12.85
N CYS A 221 -10.71 -43.79 -14.10
CA CYS A 221 -11.50 -44.94 -14.56
C CYS A 221 -10.67 -46.19 -14.34
N LYS A 222 -11.23 -47.15 -13.60
CA LYS A 222 -10.55 -48.39 -13.29
C LYS A 222 -11.20 -49.55 -14.05
N TYR A 223 -10.37 -50.45 -14.57
CA TYR A 223 -10.83 -51.66 -15.23
C TYR A 223 -10.38 -52.87 -14.44
N PRO A 224 -11.22 -53.90 -14.31
CA PRO A 224 -10.84 -55.07 -13.51
C PRO A 224 -9.64 -55.80 -14.10
N ASP A 225 -8.68 -56.14 -13.24
CA ASP A 225 -7.53 -56.93 -13.64
C ASP A 225 -7.89 -58.40 -13.54
N TYR A 226 -8.62 -58.88 -14.55
CA TYR A 226 -9.09 -60.27 -14.56
C TYR A 226 -7.92 -61.24 -14.57
N LEU A 227 -6.84 -60.91 -15.29
CA LEU A 227 -5.73 -61.83 -15.40
C LEU A 227 -5.06 -62.07 -14.06
N GLN A 228 -4.83 -60.99 -13.30
CA GLN A 228 -4.15 -61.13 -12.02
C GLN A 228 -5.05 -61.81 -10.99
N MET A 229 -6.32 -61.41 -10.92
CA MET A 229 -7.22 -62.01 -9.94
C MET A 229 -7.48 -63.49 -10.22
N ALA A 230 -7.42 -63.90 -11.48
CA ALA A 230 -7.60 -65.31 -11.81
C ALA A 230 -6.34 -66.12 -11.53
N ALA A 231 -5.18 -65.48 -11.60
CA ALA A 231 -3.90 -66.15 -11.40
C ALA A 231 -3.47 -66.16 -9.94
N ASP A 232 -4.25 -65.55 -9.05
CA ASP A 232 -3.90 -65.56 -7.63
C ASP A 232 -3.98 -66.97 -7.08
N PRO A 233 -3.09 -67.34 -6.15
CA PRO A 233 -3.05 -68.71 -5.64
C PRO A 233 -4.35 -69.19 -5.03
N TYR A 234 -4.78 -68.52 -3.95
CA TYR A 234 -5.96 -68.96 -3.22
C TYR A 234 -7.25 -68.61 -3.97
N GLY A 235 -7.22 -67.57 -4.80
CA GLY A 235 -8.41 -67.17 -5.52
C GLY A 235 -9.50 -66.62 -4.63
N ASP A 236 -9.13 -65.79 -3.64
CA ASP A 236 -10.10 -65.21 -2.73
C ASP A 236 -10.88 -64.06 -3.33
N ARG A 237 -10.43 -63.51 -4.46
CA ARG A 237 -11.06 -62.35 -5.05
C ARG A 237 -12.05 -62.69 -6.18
N LEU A 238 -11.92 -63.85 -6.80
CA LEU A 238 -12.80 -64.25 -7.90
C LEU A 238 -13.41 -65.62 -7.59
N PHE A 239 -14.54 -65.62 -6.88
CA PHE A 239 -15.37 -66.83 -6.84
C PHE A 239 -15.94 -67.11 -8.23
N PHE A 240 -16.46 -66.08 -8.88
CA PHE A 240 -16.92 -66.13 -10.27
C PHE A 240 -17.06 -64.71 -10.76
N PHE A 241 -17.27 -64.56 -12.07
CA PHE A 241 -17.52 -63.24 -12.62
C PHE A 241 -18.36 -63.39 -13.88
N LEU A 242 -19.14 -62.35 -14.16
CA LEU A 242 -19.92 -62.24 -15.38
C LEU A 242 -19.72 -60.84 -15.94
N ARG A 243 -19.66 -60.71 -17.26
CA ARG A 243 -19.35 -59.43 -17.86
C ARG A 243 -19.97 -59.33 -19.25
N LYS A 244 -20.27 -58.09 -19.64
CA LYS A 244 -20.72 -57.80 -21.01
C LYS A 244 -20.36 -56.35 -21.30
N GLU A 245 -19.42 -56.15 -22.23
CA GLU A 245 -19.00 -54.83 -22.68
C GLU A 245 -19.29 -54.68 -24.16
N GLN A 246 -19.76 -53.50 -24.56
CA GLN A 246 -20.02 -53.28 -25.98
C GLN A 246 -20.00 -51.79 -26.25
N MET A 247 -19.49 -51.41 -27.42
CA MET A 247 -19.43 -49.99 -27.81
C MET A 247 -19.08 -49.92 -29.29
N PHE A 248 -19.34 -48.75 -29.88
CA PHE A 248 -18.92 -48.46 -31.24
C PHE A 248 -18.50 -47.00 -31.32
N ALA A 249 -17.86 -46.65 -32.43
CA ALA A 249 -17.35 -45.30 -32.63
C ALA A 249 -18.46 -44.40 -33.16
N ARG A 250 -18.90 -43.46 -32.34
CA ARG A 250 -19.97 -42.54 -32.74
C ARG A 250 -19.44 -41.48 -33.71
N HIS A 251 -18.57 -40.60 -33.23
CA HIS A 251 -18.04 -39.50 -34.03
C HIS A 251 -16.53 -39.40 -33.83
N PHE A 252 -15.88 -38.72 -34.76
CA PHE A 252 -14.44 -38.52 -34.74
C PHE A 252 -14.11 -37.03 -34.70
N PHE A 253 -13.03 -36.69 -34.02
CA PHE A 253 -12.54 -35.31 -33.97
C PHE A 253 -11.09 -35.32 -33.52
N ASN A 254 -10.47 -34.15 -33.60
CA ASN A 254 -9.08 -33.96 -33.21
C ASN A 254 -9.00 -32.98 -32.05
N ARG A 255 -7.88 -33.04 -31.34
CA ARG A 255 -7.66 -32.18 -30.18
C ARG A 255 -7.07 -30.85 -30.59
N ALA A 256 -7.41 -29.81 -29.85
CA ALA A 256 -6.79 -28.51 -30.02
C ALA A 256 -5.54 -28.44 -29.15
N GLY A 257 -4.61 -27.59 -29.58
CA GLY A 257 -3.34 -27.45 -28.88
C GLY A 257 -2.19 -27.98 -29.72
N GLU A 258 -0.99 -27.82 -29.14
CA GLU A 258 0.23 -28.19 -29.84
C GLU A 258 0.40 -29.71 -29.86
N VAL A 259 0.84 -30.22 -31.01
CA VAL A 259 1.12 -31.64 -31.16
C VAL A 259 2.47 -31.92 -30.50
N GLY A 260 2.46 -32.69 -29.42
CA GLY A 260 3.70 -32.99 -28.72
C GLY A 260 4.65 -33.84 -29.53
N GLU A 261 4.11 -34.75 -30.34
CA GLU A 261 4.91 -35.64 -31.18
C GLU A 261 4.44 -35.52 -32.63
N PRO A 262 5.19 -34.83 -33.48
CA PRO A 262 4.72 -34.56 -34.84
C PRO A 262 4.90 -35.78 -35.74
N VAL A 263 4.17 -35.77 -36.85
CA VAL A 263 4.28 -36.86 -37.83
C VAL A 263 5.68 -36.84 -38.43
N PRO A 264 6.32 -37.99 -38.61
CA PRO A 264 7.68 -37.99 -39.16
C PRO A 264 7.75 -37.32 -40.53
N ASP A 265 8.95 -36.83 -40.84
CA ASP A 265 9.19 -36.17 -42.12
C ASP A 265 8.97 -37.16 -43.27
N THR A 266 9.28 -38.42 -43.03
CA THR A 266 9.13 -39.46 -44.04
C THR A 266 7.68 -39.78 -44.40
N LEU A 267 6.70 -39.44 -43.56
CA LEU A 267 5.33 -39.91 -43.78
C LEU A 267 4.37 -38.87 -44.36
N ILE A 268 4.79 -37.62 -44.56
CA ILE A 268 3.89 -36.62 -45.11
C ILE A 268 4.68 -35.76 -46.10
N ILE A 269 4.10 -35.51 -47.27
CA ILE A 269 4.67 -34.62 -48.26
C ILE A 269 4.16 -33.22 -47.94
N LYS A 270 5.08 -32.33 -47.56
CA LYS A 270 4.68 -31.03 -47.07
C LYS A 270 4.13 -30.19 -48.21
N GLY A 271 3.08 -29.41 -47.90
CA GLY A 271 2.58 -28.40 -48.77
C GLY A 271 2.68 -27.02 -48.13
N SER A 272 1.95 -26.06 -48.70
CA SER A 272 1.12 -26.22 -49.89
C SER A 272 0.84 -24.86 -50.52
N GLY A 273 1.81 -23.95 -50.47
CA GLY A 273 1.42 -22.57 -50.69
C GLY A 273 0.77 -22.13 -49.40
N ASN A 274 -0.55 -22.34 -49.31
CA ASN A 274 -1.29 -22.22 -48.07
C ASN A 274 -1.08 -23.51 -47.28
N ARG A 275 -1.96 -23.80 -46.32
CA ARG A 275 -1.83 -24.97 -45.46
C ARG A 275 -0.51 -24.94 -44.70
N THR A 276 0.54 -25.55 -45.24
CA THR A 276 1.89 -25.55 -44.68
C THR A 276 1.99 -25.99 -43.22
N SER A 277 0.98 -25.67 -42.41
CA SER A 277 0.95 -26.13 -41.02
C SER A 277 0.17 -27.43 -40.97
N VAL A 278 0.83 -28.47 -40.44
CA VAL A 278 0.19 -29.79 -40.38
C VAL A 278 -0.93 -29.72 -39.35
N GLY A 279 -2.13 -30.15 -39.76
CA GLY A 279 -3.27 -30.14 -38.85
C GLY A 279 -3.03 -31.01 -37.63
N SER A 280 -3.88 -30.81 -36.63
CA SER A 280 -3.77 -31.57 -35.39
C SER A 280 -3.96 -33.05 -35.66
N SER A 281 -2.94 -33.84 -35.35
CA SER A 281 -2.95 -35.28 -35.59
C SER A 281 -3.16 -36.08 -34.31
N ILE A 282 -3.93 -35.51 -33.37
CA ILE A 282 -4.29 -36.22 -32.15
C ILE A 282 -5.77 -36.56 -32.22
N TYR A 283 -6.09 -37.75 -32.70
CA TYR A 283 -7.47 -38.14 -32.94
C TYR A 283 -7.99 -39.00 -31.79
N VAL A 284 -9.23 -38.72 -31.39
CA VAL A 284 -9.94 -39.53 -30.40
C VAL A 284 -11.42 -39.50 -30.77
N ASN A 285 -12.09 -40.63 -30.55
CA ASN A 285 -13.47 -40.81 -30.96
C ASN A 285 -14.40 -40.90 -29.75
N THR A 286 -15.59 -40.35 -29.89
CA THR A 286 -16.60 -40.51 -28.86
C THR A 286 -17.18 -41.92 -28.92
N PRO A 287 -17.40 -42.55 -27.77
CA PRO A 287 -18.02 -43.87 -27.75
C PRO A 287 -19.54 -43.77 -27.79
N SER A 288 -20.18 -44.93 -27.90
CA SER A 288 -21.64 -45.02 -27.82
C SER A 288 -22.00 -46.43 -27.39
N GLY A 289 -22.86 -46.55 -26.38
CA GLY A 289 -23.23 -47.84 -25.84
C GLY A 289 -24.20 -48.64 -26.69
N SER A 290 -24.70 -48.05 -27.77
CA SER A 290 -25.60 -48.72 -28.71
C SER A 290 -26.88 -49.13 -27.96
N LEU A 291 -27.51 -50.21 -28.38
CA LEU A 291 -28.80 -50.61 -27.85
C LEU A 291 -28.65 -51.33 -26.52
N VAL A 292 -29.51 -50.99 -25.57
CA VAL A 292 -29.67 -51.72 -24.31
C VAL A 292 -31.00 -52.47 -24.38
N SER A 293 -30.98 -53.74 -24.00
CA SER A 293 -32.17 -54.58 -24.12
C SER A 293 -32.31 -55.48 -22.91
N SER A 294 -33.53 -56.01 -22.73
CA SER A 294 -33.79 -56.91 -21.62
C SER A 294 -33.11 -58.26 -21.83
N GLU A 295 -32.97 -58.69 -23.08
CA GLU A 295 -32.31 -59.96 -23.37
C GLU A 295 -30.84 -59.96 -22.98
N ALA A 296 -30.21 -58.79 -22.92
CA ALA A 296 -28.80 -58.66 -22.57
C ALA A 296 -28.56 -58.49 -21.07
N GLN A 297 -29.62 -58.52 -20.26
CA GLN A 297 -29.45 -58.28 -18.83
C GLN A 297 -28.77 -59.47 -18.16
N LEU A 298 -27.84 -59.15 -17.25
CA LEU A 298 -27.18 -60.17 -16.42
C LEU A 298 -27.84 -60.35 -15.07
N PHE A 299 -28.65 -59.41 -14.64
CA PHE A 299 -29.18 -59.38 -13.28
C PHE A 299 -30.64 -59.85 -13.26
N ASN A 300 -31.26 -59.77 -12.08
CA ASN A 300 -32.64 -60.21 -11.84
C ASN A 300 -32.83 -61.69 -12.12
N LYS A 301 -31.74 -62.47 -12.13
CA LYS A 301 -31.79 -63.91 -12.29
C LYS A 301 -30.73 -64.51 -11.38
N PRO A 302 -31.02 -65.64 -10.74
CA PRO A 302 -30.07 -66.20 -9.78
C PRO A 302 -28.89 -66.87 -10.47
N TYR A 303 -27.75 -66.87 -9.77
CA TYR A 303 -26.55 -67.57 -10.21
C TYR A 303 -26.09 -68.48 -9.08
N TRP A 304 -25.84 -69.74 -9.40
CA TRP A 304 -25.44 -70.74 -8.42
C TRP A 304 -23.96 -71.08 -8.64
N LEU A 305 -23.15 -70.89 -7.60
CA LEU A 305 -21.72 -71.16 -7.67
C LEU A 305 -21.51 -72.68 -7.59
N GLN A 306 -21.70 -73.34 -8.72
CA GLN A 306 -21.50 -74.78 -8.78
C GLN A 306 -20.02 -75.13 -8.59
N LYS A 307 -19.15 -74.49 -9.37
CA LYS A 307 -17.72 -74.72 -9.29
C LYS A 307 -17.01 -73.38 -9.42
N ALA A 308 -16.01 -73.17 -8.58
CA ALA A 308 -15.24 -71.93 -8.61
C ALA A 308 -14.02 -72.07 -9.51
N GLN A 309 -13.61 -70.96 -10.11
CA GLN A 309 -12.43 -70.97 -10.96
C GLN A 309 -11.16 -71.13 -10.12
N GLY A 310 -11.11 -70.46 -8.97
CA GLY A 310 -9.98 -70.58 -8.07
C GLY A 310 -10.11 -71.76 -7.12
N HIS A 311 -9.16 -71.84 -6.19
CA HIS A 311 -9.22 -72.89 -5.18
C HIS A 311 -10.24 -72.58 -4.10
N ASN A 312 -10.48 -71.31 -3.80
CA ASN A 312 -11.51 -70.92 -2.86
C ASN A 312 -12.87 -71.16 -3.50
N ASN A 313 -13.55 -72.24 -3.10
CA ASN A 313 -14.81 -72.63 -3.71
C ASN A 313 -15.99 -71.97 -2.98
N GLY A 314 -15.94 -70.65 -2.91
CA GLY A 314 -17.03 -69.89 -2.34
C GLY A 314 -17.03 -69.78 -0.84
N ILE A 315 -15.89 -69.97 -0.19
CA ILE A 315 -15.80 -69.87 1.26
C ILE A 315 -15.59 -68.41 1.63
N CYS A 316 -16.46 -67.88 2.48
CA CYS A 316 -16.41 -66.48 2.88
C CYS A 316 -15.55 -66.37 4.14
N TRP A 317 -14.23 -66.32 3.92
CA TRP A 317 -13.30 -66.18 5.02
C TRP A 317 -13.49 -64.84 5.72
N GLY A 318 -13.38 -64.85 7.04
CA GLY A 318 -13.62 -63.64 7.82
C GLY A 318 -15.07 -63.27 7.94
N ASN A 319 -15.99 -64.15 7.51
CA ASN A 319 -17.43 -63.90 7.59
C ASN A 319 -17.82 -62.60 6.89
N GLN A 320 -17.24 -62.38 5.71
CA GLN A 320 -17.55 -61.21 4.90
C GLN A 320 -17.53 -61.61 3.43
N LEU A 321 -18.21 -60.80 2.61
CA LEU A 321 -18.35 -61.10 1.20
C LEU A 321 -18.36 -59.80 0.40
N PHE A 322 -17.47 -59.71 -0.59
CA PHE A 322 -17.37 -58.55 -1.45
C PHE A 322 -18.09 -58.84 -2.77
N VAL A 323 -19.11 -58.05 -3.08
CA VAL A 323 -19.89 -58.19 -4.30
C VAL A 323 -19.72 -56.90 -5.10
N THR A 324 -19.08 -57.00 -6.25
CA THR A 324 -18.88 -55.87 -7.14
C THR A 324 -19.91 -55.91 -8.26
N VAL A 325 -20.47 -54.76 -8.58
CA VAL A 325 -21.52 -54.66 -9.59
C VAL A 325 -21.29 -53.41 -10.42
N VAL A 326 -21.35 -53.55 -11.74
CA VAL A 326 -21.37 -52.43 -12.67
C VAL A 326 -22.56 -52.61 -13.59
N ASP A 327 -23.42 -51.60 -13.65
CA ASP A 327 -24.65 -51.66 -14.46
C ASP A 327 -24.88 -50.30 -15.09
N THR A 328 -24.54 -50.20 -16.38
CA THR A 328 -24.75 -48.97 -17.14
C THR A 328 -26.04 -49.00 -17.95
N THR A 329 -26.81 -50.09 -17.87
CA THR A 329 -28.05 -50.22 -18.61
C THR A 329 -29.21 -49.47 -17.96
N ARG A 330 -29.01 -48.90 -16.78
CA ARG A 330 -30.02 -48.09 -16.09
C ARG A 330 -29.42 -46.76 -15.67
N SER A 331 -28.69 -46.13 -16.59
CA SER A 331 -27.96 -44.91 -16.31
C SER A 331 -28.74 -43.65 -16.65
N THR A 332 -30.04 -43.75 -16.92
CA THR A 332 -30.83 -42.60 -17.31
C THR A 332 -30.76 -41.51 -16.24
N ASN A 333 -30.40 -40.30 -16.66
CA ASN A 333 -30.28 -39.15 -15.78
C ASN A 333 -31.55 -38.32 -15.87
N MET A 334 -32.26 -38.19 -14.75
CA MET A 334 -33.49 -37.43 -14.72
C MET A 334 -33.20 -35.94 -14.64
N THR A 335 -34.00 -35.15 -15.38
CA THR A 335 -33.86 -33.71 -15.41
C THR A 335 -34.97 -33.08 -14.57
N LEU A 336 -34.60 -32.29 -13.57
CA LEU A 336 -35.55 -31.61 -12.71
C LEU A 336 -35.54 -30.11 -13.02
N CYS A 337 -36.71 -29.51 -12.95
CA CYS A 337 -36.89 -28.08 -13.25
C CYS A 337 -37.74 -27.45 -12.15
N ALA A 338 -37.14 -26.53 -11.40
CA ALA A 338 -37.83 -25.83 -10.33
C ALA A 338 -38.03 -24.38 -10.74
N SER A 339 -39.20 -23.85 -10.45
CA SER A 339 -39.57 -22.48 -10.83
C SER A 339 -39.15 -21.51 -9.74
N VAL A 340 -38.36 -20.51 -10.11
CA VAL A 340 -38.03 -19.43 -9.18
C VAL A 340 -39.13 -18.38 -9.18
N THR A 341 -39.69 -18.08 -10.35
CA THR A 341 -40.81 -17.17 -10.48
C THR A 341 -41.67 -17.64 -11.65
N THR A 342 -42.80 -16.95 -11.86
CA THR A 342 -43.72 -17.25 -12.95
C THR A 342 -44.08 -15.93 -13.63
N SER A 343 -43.28 -15.54 -14.61
CA SER A 343 -43.54 -14.32 -15.35
C SER A 343 -44.79 -14.47 -16.23
N SER A 344 -45.27 -13.33 -16.74
CA SER A 344 -46.45 -13.35 -17.62
C SER A 344 -46.18 -14.18 -18.86
N THR A 345 -44.98 -14.05 -19.44
CA THR A 345 -44.55 -14.86 -20.56
C THR A 345 -43.53 -15.89 -20.08
N TYR A 346 -43.04 -16.70 -21.02
CA TYR A 346 -42.04 -17.71 -20.70
C TYR A 346 -40.66 -17.08 -20.73
N THR A 347 -39.94 -17.17 -19.62
CA THR A 347 -38.59 -16.63 -19.51
C THR A 347 -37.70 -17.67 -18.86
N ASN A 348 -36.55 -17.96 -19.49
CA ASN A 348 -35.66 -18.98 -18.98
C ASN A 348 -35.11 -18.62 -17.60
N SER A 349 -35.03 -17.33 -17.28
CA SER A 349 -34.51 -16.89 -15.99
C SER A 349 -35.40 -17.30 -14.82
N ASP A 350 -36.61 -17.79 -15.08
CA ASP A 350 -37.53 -18.16 -14.02
C ASP A 350 -37.34 -19.58 -13.52
N TYR A 351 -36.49 -20.38 -14.17
CA TYR A 351 -36.38 -21.79 -13.86
C TYR A 351 -34.93 -22.19 -13.61
N LYS A 352 -34.75 -23.16 -12.73
CA LYS A 352 -33.45 -23.77 -12.49
C LYS A 352 -33.52 -25.24 -12.90
N GLU A 353 -32.50 -25.70 -13.62
CA GLU A 353 -32.43 -27.08 -14.09
C GLU A 353 -31.42 -27.84 -13.24
N TYR A 354 -31.78 -29.07 -12.87
CA TYR A 354 -30.94 -29.90 -12.02
C TYR A 354 -30.77 -31.28 -12.65
N MET A 355 -29.65 -31.92 -12.31
CA MET A 355 -29.35 -33.28 -12.73
C MET A 355 -29.46 -34.21 -11.53
N ARG A 356 -30.16 -35.33 -11.71
CA ARG A 356 -30.32 -36.32 -10.65
C ARG A 356 -30.28 -37.71 -11.25
N HIS A 357 -29.59 -38.62 -10.57
CA HIS A 357 -29.53 -40.01 -10.96
C HIS A 357 -29.78 -40.89 -9.74
N VAL A 358 -30.39 -42.06 -9.98
CA VAL A 358 -30.79 -42.94 -8.91
C VAL A 358 -30.33 -44.36 -9.22
N GLU A 359 -30.13 -45.14 -8.17
CA GLU A 359 -29.74 -46.54 -8.29
C GLU A 359 -30.48 -47.35 -7.24
N GLU A 360 -31.14 -48.41 -7.68
CA GLU A 360 -31.92 -49.28 -6.80
C GLU A 360 -31.36 -50.69 -6.88
N TYR A 361 -31.02 -51.26 -5.72
CA TYR A 361 -30.44 -52.59 -5.65
C TYR A 361 -31.20 -53.44 -4.65
N ASP A 362 -31.13 -54.75 -4.84
CA ASP A 362 -31.66 -55.72 -3.89
C ASP A 362 -30.75 -56.94 -3.91
N LEU A 363 -29.86 -57.03 -2.94
CA LEU A 363 -28.90 -58.12 -2.87
C LEU A 363 -29.52 -59.30 -2.13
N GLN A 364 -29.54 -60.46 -2.79
CA GLN A 364 -30.11 -61.68 -2.22
C GLN A 364 -29.05 -62.76 -2.23
N PHE A 365 -28.83 -63.39 -1.08
CA PHE A 365 -27.81 -64.41 -0.93
C PHE A 365 -28.40 -65.65 -0.29
N ILE A 366 -27.75 -66.78 -0.54
CA ILE A 366 -28.07 -68.05 0.12
C ILE A 366 -26.76 -68.75 0.45
N PHE A 367 -26.49 -68.92 1.74
CA PHE A 367 -25.23 -69.45 2.21
C PHE A 367 -25.40 -70.86 2.75
N GLN A 368 -24.30 -71.60 2.77
CA GLN A 368 -24.25 -72.97 3.27
C GLN A 368 -23.28 -73.03 4.44
N LEU A 369 -23.74 -73.57 5.56
CA LEU A 369 -22.89 -73.69 6.74
C LEU A 369 -21.86 -74.80 6.53
N CYS A 370 -20.63 -74.55 6.97
CA CYS A 370 -19.54 -75.50 6.80
C CYS A 370 -18.69 -75.52 8.07
N SER A 371 -18.14 -76.70 8.35
CA SER A 371 -17.25 -76.91 9.49
C SER A 371 -15.86 -77.30 8.99
N ILE A 372 -14.85 -76.99 9.80
CA ILE A 372 -13.46 -77.27 9.46
C ILE A 372 -12.82 -77.98 10.64
N THR A 373 -12.38 -79.22 10.42
CA THR A 373 -11.65 -79.97 11.44
C THR A 373 -10.21 -79.47 11.47
N LEU A 374 -9.83 -78.84 12.58
CA LEU A 374 -8.52 -78.19 12.69
C LEU A 374 -7.50 -79.17 13.24
N SER A 375 -6.86 -79.91 12.33
CA SER A 375 -5.73 -80.74 12.69
C SER A 375 -4.46 -79.87 12.69
N ALA A 376 -3.32 -80.50 13.00
CA ALA A 376 -2.06 -79.77 12.99
C ALA A 376 -1.74 -79.24 11.60
N GLU A 377 -2.03 -80.03 10.56
CA GLU A 377 -1.79 -79.58 9.19
C GLU A 377 -2.78 -78.49 8.79
N VAL A 378 -4.05 -78.63 9.20
CA VAL A 378 -5.05 -77.62 8.83
C VAL A 378 -4.74 -76.29 9.48
N VAL A 379 -4.39 -76.29 10.76
CA VAL A 379 -4.03 -75.06 11.45
C VAL A 379 -2.81 -74.44 10.80
N ALA A 380 -1.85 -75.26 10.38
CA ALA A 380 -0.65 -74.77 9.71
C ALA A 380 -1.00 -74.14 8.37
N TYR A 381 -1.85 -74.81 7.58
CA TYR A 381 -2.22 -74.27 6.28
C TYR A 381 -3.03 -73.00 6.41
N ILE A 382 -3.78 -72.84 7.50
CA ILE A 382 -4.58 -71.65 7.70
C ILE A 382 -3.80 -70.52 8.37
N HIS A 383 -2.70 -70.84 9.07
CA HIS A 383 -1.83 -69.77 9.57
C HIS A 383 -1.20 -69.01 8.42
N THR A 384 -0.55 -69.72 7.50
CA THR A 384 -0.30 -69.15 6.18
C THR A 384 -1.63 -68.84 5.50
N MET A 385 -1.56 -68.13 4.38
CA MET A 385 -2.73 -67.49 3.80
C MET A 385 -3.18 -66.41 4.77
N ASN A 386 -4.48 -66.29 5.03
CA ASN A 386 -4.96 -65.29 5.98
C ASN A 386 -4.79 -65.80 7.40
N PRO A 387 -3.91 -65.18 8.20
CA PRO A 387 -3.74 -65.63 9.58
C PRO A 387 -4.84 -65.17 10.51
N SER A 388 -5.54 -64.08 10.17
CA SER A 388 -6.63 -63.59 11.02
C SER A 388 -7.77 -64.60 11.13
N VAL A 389 -7.88 -65.54 10.18
CA VAL A 389 -8.92 -66.55 10.27
C VAL A 389 -8.76 -67.36 11.54
N LEU A 390 -7.52 -67.68 11.92
CA LEU A 390 -7.27 -68.37 13.18
C LEU A 390 -7.37 -67.42 14.37
N GLU A 391 -6.96 -66.17 14.20
CA GLU A 391 -7.00 -65.21 15.30
C GLU A 391 -8.44 -64.89 15.69
N ASP A 392 -9.30 -64.68 14.69
CA ASP A 392 -10.71 -64.39 14.98
C ASP A 392 -11.44 -65.61 15.54
N TRP A 393 -10.94 -66.82 15.27
CA TRP A 393 -11.53 -68.03 15.82
C TRP A 393 -11.12 -68.31 17.26
N ASN A 394 -10.14 -67.55 17.79
CA ASN A 394 -9.60 -67.79 19.13
C ASN A 394 -9.09 -69.22 19.27
N PHE A 395 -8.32 -69.66 18.28
CA PHE A 395 -7.83 -71.03 18.24
C PHE A 395 -6.31 -71.03 18.05
N PRO A 429 -7.77 -52.18 13.40
CA PRO A 429 -6.90 -53.26 12.93
C PRO A 429 -7.17 -53.68 11.48
N ASP A 430 -8.42 -53.54 11.04
CA ASP A 430 -8.80 -53.93 9.70
C ASP A 430 -8.08 -53.08 8.66
N PRO A 431 -7.28 -53.67 7.76
CA PRO A 431 -6.61 -52.88 6.73
C PRO A 431 -7.56 -52.28 5.70
N TYR A 432 -8.81 -52.72 5.66
CA TYR A 432 -9.79 -52.22 4.70
C TYR A 432 -10.58 -51.02 5.24
N LYS A 433 -10.22 -50.50 6.41
CA LYS A 433 -10.88 -49.32 6.95
C LYS A 433 -10.41 -48.03 6.30
N ASN A 434 -9.35 -48.08 5.51
CA ASN A 434 -8.92 -46.92 4.73
C ASN A 434 -9.66 -46.82 3.39
N LEU A 435 -10.25 -47.92 2.93
CA LEU A 435 -11.01 -47.92 1.69
C LEU A 435 -12.47 -47.55 1.99
N SER A 436 -13.30 -47.58 0.96
CA SER A 436 -14.70 -47.20 1.09
C SER A 436 -15.56 -48.19 0.33
N PHE A 437 -16.43 -48.90 1.04
CA PHE A 437 -17.34 -49.86 0.45
C PHE A 437 -18.76 -49.56 0.90
N TRP A 438 -19.73 -50.07 0.15
CA TRP A 438 -21.13 -49.96 0.54
C TRP A 438 -21.41 -51.05 1.56
N GLU A 439 -21.50 -50.67 2.82
CA GLU A 439 -21.71 -51.64 3.89
C GLU A 439 -23.11 -52.23 3.82
N VAL A 440 -23.19 -53.55 3.77
CA VAL A 440 -24.45 -54.28 3.76
C VAL A 440 -24.42 -55.20 4.96
N ASN A 441 -25.06 -54.78 6.05
CA ASN A 441 -25.06 -55.53 7.30
C ASN A 441 -26.15 -56.60 7.21
N LEU A 442 -25.74 -57.85 7.01
CA LEU A 442 -26.67 -58.97 6.94
C LEU A 442 -26.75 -59.75 8.25
N LYS A 443 -26.09 -59.29 9.31
CA LYS A 443 -26.35 -59.84 10.62
C LYS A 443 -27.78 -59.50 11.05
N GLU A 444 -28.38 -60.39 11.83
CA GLU A 444 -29.79 -60.34 12.20
C GLU A 444 -30.72 -60.42 10.99
N LYS A 445 -30.20 -60.77 9.81
CA LYS A 445 -31.01 -60.92 8.61
C LYS A 445 -31.05 -62.35 8.09
N PHE A 446 -30.28 -63.26 8.68
CA PHE A 446 -30.29 -64.65 8.26
C PHE A 446 -31.59 -65.33 8.68
N SER A 447 -32.12 -66.18 7.81
CA SER A 447 -33.35 -66.90 8.08
C SER A 447 -33.21 -68.32 7.56
N SER A 448 -33.71 -69.28 8.33
CA SER A 448 -33.68 -70.69 7.93
C SER A 448 -34.91 -71.10 7.13
N GLU A 449 -35.91 -70.24 7.03
CA GLU A 449 -37.13 -70.51 6.28
C GLU A 449 -36.90 -70.07 4.83
N LEU A 450 -36.40 -70.98 4.02
CA LEU A 450 -36.01 -70.62 2.65
C LEU A 450 -37.23 -70.29 1.79
N ASP A 451 -38.32 -71.04 1.95
CA ASP A 451 -39.48 -70.88 1.08
C ASP A 451 -40.21 -69.55 1.29
N GLN A 452 -39.81 -68.74 2.26
CA GLN A 452 -40.44 -67.46 2.53
C GLN A 452 -39.83 -66.32 1.73
N TYR A 453 -38.93 -66.61 0.79
CA TYR A 453 -38.23 -65.59 0.04
C TYR A 453 -38.10 -66.02 -1.41
N PRO A 454 -38.00 -65.06 -2.34
CA PRO A 454 -37.91 -65.44 -3.76
C PRO A 454 -36.69 -66.27 -4.10
N LEU A 455 -35.50 -65.84 -3.67
CA LEU A 455 -34.30 -66.60 -3.97
C LEU A 455 -34.33 -67.96 -3.30
N GLY A 456 -34.89 -68.05 -2.09
CA GLY A 456 -35.03 -69.34 -1.43
C GLY A 456 -35.96 -70.26 -2.18
N ARG A 457 -37.07 -69.73 -2.68
CA ARG A 457 -37.98 -70.54 -3.48
C ARG A 457 -37.30 -71.08 -4.74
N LYS A 458 -36.52 -70.23 -5.41
CA LYS A 458 -35.78 -70.69 -6.59
C LYS A 458 -34.72 -71.72 -6.22
N PHE A 459 -34.17 -71.63 -5.00
CA PHE A 459 -33.15 -72.58 -4.58
C PHE A 459 -33.73 -73.97 -4.34
N LEU A 460 -34.91 -74.04 -3.73
CA LEU A 460 -35.52 -75.34 -3.44
C LEU A 460 -35.83 -76.10 -4.73
N LEU A 461 -36.30 -75.38 -5.75
CA LEU A 461 -36.70 -75.98 -7.01
C LEU A 461 -35.55 -76.10 -8.01
N GLN A 462 -34.32 -75.90 -7.57
CA GLN A 462 -33.17 -75.93 -8.49
C GLN A 462 -31.97 -76.48 -7.74
N SER A 463 -30.84 -76.55 -8.45
CA SER A 463 -29.58 -77.05 -7.90
C SER A 463 -29.72 -78.44 -7.30
N LYS B 15 2.93 -90.36 -49.06
CA LYS B 15 4.33 -90.05 -48.79
C LYS B 15 4.48 -89.29 -47.47
N VAL B 16 3.57 -88.35 -47.23
CA VAL B 16 3.55 -87.58 -45.99
C VAL B 16 2.51 -88.20 -45.06
N VAL B 17 2.95 -88.55 -43.86
CA VAL B 17 2.08 -89.20 -42.87
C VAL B 17 1.94 -88.29 -41.66
N ALA B 18 0.83 -88.49 -40.94
CA ALA B 18 0.59 -87.71 -39.74
C ALA B 18 1.56 -88.12 -38.63
N THR B 19 1.76 -87.20 -37.69
CA THR B 19 2.67 -87.45 -36.58
C THR B 19 2.18 -88.56 -35.67
N ASP B 20 0.88 -88.87 -35.69
CA ASP B 20 0.34 -89.92 -34.83
C ASP B 20 0.92 -91.30 -35.15
N ALA B 21 1.52 -91.47 -36.33
CA ALA B 21 2.06 -92.77 -36.70
C ALA B 21 3.45 -93.01 -36.12
N TYR B 22 4.24 -91.95 -35.92
CA TYR B 22 5.62 -92.10 -35.48
C TYR B 22 5.94 -91.28 -34.23
N VAL B 23 4.96 -90.63 -33.62
CA VAL B 23 5.16 -89.86 -32.39
C VAL B 23 4.23 -90.44 -31.34
N THR B 24 4.79 -91.14 -30.36
CA THR B 24 4.00 -91.76 -29.31
C THR B 24 3.71 -90.75 -28.20
N ARG B 25 2.48 -90.78 -27.69
CA ARG B 25 2.04 -89.86 -26.64
C ARG B 25 2.30 -90.47 -25.27
N THR B 26 2.48 -89.59 -24.29
CA THR B 26 2.69 -89.99 -22.90
C THR B 26 1.59 -89.41 -22.03
N ASN B 27 1.72 -89.60 -20.71
CA ASN B 27 0.79 -89.05 -19.74
C ASN B 27 1.36 -87.86 -18.99
N ILE B 28 2.54 -87.38 -19.39
CA ILE B 28 3.22 -86.30 -18.70
C ILE B 28 2.77 -84.98 -19.33
N PHE B 29 2.14 -84.13 -18.55
CA PHE B 29 1.67 -82.83 -18.99
C PHE B 29 2.33 -81.73 -18.17
N TYR B 30 2.57 -80.59 -18.80
CA TYR B 30 3.22 -79.45 -18.15
C TYR B 30 2.45 -78.18 -18.46
N HIS B 31 2.49 -77.24 -17.52
CA HIS B 31 1.90 -75.92 -17.69
C HIS B 31 3.00 -74.87 -17.78
N ALA B 32 2.77 -73.86 -18.61
CA ALA B 32 3.73 -72.78 -18.79
C ALA B 32 2.99 -71.51 -19.13
N SER B 33 3.19 -70.46 -18.33
CA SER B 33 2.54 -69.17 -18.52
C SER B 33 3.60 -68.10 -18.74
N SER B 34 3.32 -67.19 -19.68
CA SER B 34 4.23 -66.10 -19.97
C SER B 34 4.11 -64.94 -18.98
N SER B 35 3.21 -65.04 -18.00
CA SER B 35 2.89 -63.94 -17.10
C SER B 35 2.38 -62.73 -17.90
N ARG B 36 2.35 -61.56 -17.26
CA ARG B 36 1.83 -60.38 -17.92
C ARG B 36 2.86 -59.81 -18.89
N LEU B 37 2.44 -59.60 -20.13
CA LEU B 37 3.28 -58.99 -21.16
C LEU B 37 2.65 -57.67 -21.56
N LEU B 38 3.42 -56.59 -21.44
CA LEU B 38 2.93 -55.24 -21.69
C LEU B 38 3.71 -54.59 -22.83
N ALA B 39 2.98 -53.93 -23.72
CA ALA B 39 3.58 -53.17 -24.82
C ALA B 39 2.93 -51.80 -24.84
N VAL B 40 3.72 -50.77 -24.59
CA VAL B 40 3.23 -49.39 -24.52
C VAL B 40 4.00 -48.56 -25.55
N GLY B 41 3.26 -47.85 -26.39
CA GLY B 41 3.89 -47.05 -27.41
C GLY B 41 2.92 -46.10 -28.07
N HIS B 42 3.27 -45.69 -29.29
CA HIS B 42 2.50 -44.75 -30.09
C HIS B 42 1.69 -45.50 -31.14
N PRO B 43 0.40 -45.24 -31.25
CA PRO B 43 -0.44 -46.03 -32.17
C PRO B 43 -0.25 -45.69 -33.64
N TYR B 44 0.50 -44.64 -33.98
CA TYR B 44 0.64 -44.19 -35.36
C TYR B 44 2.03 -44.40 -35.92
N PHE B 45 3.07 -44.05 -35.17
CA PHE B 45 4.43 -44.13 -35.69
C PHE B 45 5.42 -44.20 -34.52
N SER B 46 6.59 -44.76 -34.81
CA SER B 46 7.66 -44.80 -33.82
C SER B 46 8.26 -43.41 -33.63
N ILE B 47 8.80 -43.18 -32.44
CA ILE B 47 9.36 -41.89 -32.06
C ILE B 47 10.87 -42.04 -31.97
N LYS B 48 11.58 -41.40 -32.89
CA LYS B 48 13.03 -41.50 -32.97
C LYS B 48 13.64 -40.14 -32.66
N ARG B 49 14.40 -40.06 -31.57
CA ARG B 49 15.21 -38.89 -31.27
C ARG B 49 16.54 -39.36 -30.70
N ALA B 50 17.63 -39.03 -31.39
CA ALA B 50 17.57 -38.37 -32.68
C ALA B 50 17.81 -39.40 -33.78
N ASN B 51 18.39 -40.54 -33.38
CA ASN B 51 18.74 -41.60 -34.32
C ASN B 51 17.88 -42.84 -34.10
N LYS B 52 17.87 -43.39 -32.89
CA LYS B 52 17.16 -44.63 -32.60
C LYS B 52 15.84 -44.35 -31.89
N THR B 53 14.96 -45.35 -31.93
CA THR B 53 13.62 -45.20 -31.37
C THR B 53 13.66 -45.04 -29.86
N VAL B 54 12.85 -44.12 -29.35
CA VAL B 54 12.67 -43.92 -27.92
C VAL B 54 11.32 -44.46 -27.45
N VAL B 55 10.28 -44.30 -28.27
CA VAL B 55 8.95 -44.82 -27.99
C VAL B 55 8.54 -45.68 -29.17
N PRO B 56 8.24 -46.97 -28.97
CA PRO B 56 7.91 -47.84 -30.10
C PRO B 56 6.51 -47.59 -30.64
N LYS B 57 6.27 -48.11 -31.84
CA LYS B 57 4.95 -48.06 -32.46
C LYS B 57 4.14 -49.25 -31.97
N VAL B 58 3.15 -49.00 -31.13
CA VAL B 58 2.29 -50.04 -30.57
C VAL B 58 0.86 -49.70 -30.97
N SER B 59 0.29 -50.51 -31.87
CA SER B 59 -1.06 -50.30 -32.37
C SER B 59 -1.84 -51.60 -32.29
N GLY B 60 -3.14 -51.47 -32.02
CA GLY B 60 -4.02 -52.63 -31.98
C GLY B 60 -4.17 -53.33 -33.31
N TYR B 61 -3.81 -52.66 -34.40
CA TYR B 61 -3.90 -53.24 -35.74
C TYR B 61 -2.57 -53.82 -36.20
N GLN B 62 -1.73 -54.25 -35.26
CA GLN B 62 -0.45 -54.88 -35.54
C GLN B 62 -0.54 -56.38 -35.27
N TYR B 63 0.26 -57.15 -36.01
CA TYR B 63 0.40 -58.57 -35.76
C TYR B 63 1.26 -58.80 -34.53
N ARG B 64 0.76 -59.62 -33.60
CA ARG B 64 1.52 -60.05 -32.43
C ARG B 64 1.94 -61.49 -32.65
N VAL B 65 3.16 -61.68 -33.14
CA VAL B 65 3.70 -62.99 -33.45
C VAL B 65 4.68 -63.36 -32.34
N PHE B 66 4.23 -64.22 -31.42
CA PHE B 66 5.03 -64.62 -30.28
C PHE B 66 5.84 -65.86 -30.64
N LYS B 67 7.17 -65.76 -30.49
CA LYS B 67 8.06 -66.90 -30.67
C LYS B 67 8.31 -67.53 -29.31
N VAL B 68 7.53 -68.56 -28.99
CA VAL B 68 7.61 -69.21 -27.69
C VAL B 68 8.72 -70.26 -27.75
N VAL B 69 9.75 -70.06 -26.93
CA VAL B 69 10.89 -70.97 -26.88
C VAL B 69 10.64 -71.99 -25.77
N LEU B 70 10.70 -73.28 -26.11
CA LEU B 70 10.47 -74.33 -25.15
C LEU B 70 11.78 -74.98 -24.73
N PRO B 71 11.89 -75.42 -23.48
CA PRO B 71 13.10 -76.12 -23.05
C PRO B 71 13.22 -77.48 -23.72
N ASP B 72 14.45 -77.84 -24.04
CA ASP B 72 14.71 -79.11 -24.72
C ASP B 72 14.34 -80.28 -23.81
N PRO B 73 13.36 -81.11 -24.16
CA PRO B 73 13.02 -82.25 -23.31
C PRO B 73 14.12 -83.30 -23.24
N ASN B 74 15.02 -83.36 -24.23
CA ASN B 74 16.14 -84.27 -24.16
C ASN B 74 17.18 -83.84 -23.14
N LYS B 75 17.19 -82.56 -22.77
CA LYS B 75 18.05 -82.05 -21.71
C LYS B 75 17.25 -81.58 -20.50
N PHE B 76 15.98 -81.95 -20.42
CA PHE B 76 15.11 -81.50 -19.35
C PHE B 76 15.28 -82.36 -18.10
N ALA B 77 15.09 -81.73 -16.95
CA ALA B 77 15.22 -82.42 -15.65
C ALA B 77 13.92 -83.18 -15.35
N LEU B 78 13.73 -84.26 -16.10
CA LEU B 78 12.56 -85.10 -15.91
C LEU B 78 12.67 -85.87 -14.59
N PRO B 79 11.52 -86.27 -14.03
CA PRO B 79 11.58 -87.02 -12.75
C PRO B 79 12.28 -88.36 -12.87
N ASP B 80 12.08 -89.08 -13.97
CA ASP B 80 12.72 -90.37 -14.18
C ASP B 80 13.15 -90.50 -15.62
N SER B 81 14.38 -90.95 -15.85
CA SER B 81 14.95 -91.12 -17.18
C SER B 81 14.61 -92.46 -17.81
N SER B 82 13.87 -93.32 -17.11
CA SER B 82 13.49 -94.62 -17.64
C SER B 82 12.34 -94.53 -18.64
N LEU B 83 11.80 -93.32 -18.88
CA LEU B 83 10.74 -93.18 -19.88
C LEU B 83 11.22 -93.56 -21.27
N PHE B 84 12.46 -93.20 -21.60
CA PHE B 84 13.00 -93.46 -22.93
C PHE B 84 14.45 -93.89 -22.81
N ASP B 85 14.96 -94.47 -23.89
CA ASP B 85 16.37 -94.82 -24.02
C ASP B 85 17.11 -93.68 -24.72
N PRO B 86 18.23 -93.21 -24.17
CA PRO B 86 18.99 -92.14 -24.84
C PRO B 86 19.35 -92.46 -26.28
N THR B 87 19.60 -93.73 -26.59
CA THR B 87 19.79 -94.15 -27.96
C THR B 87 18.46 -94.55 -28.58
N THR B 88 18.35 -94.36 -29.89
CA THR B 88 17.21 -94.77 -30.71
C THR B 88 15.92 -93.99 -30.41
N GLN B 89 15.89 -93.23 -29.32
CA GLN B 89 14.70 -92.49 -28.93
C GLN B 89 15.05 -91.04 -28.60
N ARG B 90 14.15 -90.13 -28.97
CA ARG B 90 14.29 -88.72 -28.68
C ARG B 90 12.94 -88.18 -28.19
N LEU B 91 13.00 -87.05 -27.51
CA LEU B 91 11.82 -86.40 -26.94
C LEU B 91 11.50 -85.11 -27.67
N VAL B 92 10.22 -84.72 -27.61
CA VAL B 92 9.76 -83.49 -28.23
C VAL B 92 8.44 -83.11 -27.56
N TRP B 93 8.20 -81.81 -27.46
CA TRP B 93 6.98 -81.31 -26.85
C TRP B 93 5.84 -81.26 -27.85
N ALA B 94 4.62 -81.49 -27.36
CA ALA B 94 3.42 -81.42 -28.16
C ALA B 94 2.41 -80.51 -27.47
N CYS B 95 1.87 -79.55 -28.22
CA CYS B 95 0.95 -78.57 -27.64
C CYS B 95 -0.46 -79.14 -27.61
N THR B 96 -1.06 -79.16 -26.41
CA THR B 96 -2.41 -79.67 -26.23
C THR B 96 -3.39 -78.64 -25.69
N GLY B 97 -2.92 -77.57 -25.07
CA GLY B 97 -3.80 -76.56 -24.53
C GLY B 97 -3.23 -75.17 -24.72
N LEU B 98 -4.12 -74.21 -24.92
CA LEU B 98 -3.71 -72.84 -25.18
C LEU B 98 -4.82 -71.88 -24.74
N GLU B 99 -4.43 -70.80 -24.06
CA GLU B 99 -5.34 -69.71 -23.74
C GLU B 99 -4.58 -68.41 -23.84
N VAL B 100 -5.01 -67.53 -24.75
CA VAL B 100 -4.39 -66.23 -24.96
C VAL B 100 -5.25 -65.22 -24.19
N GLY B 101 -4.75 -64.77 -23.04
CA GLY B 101 -5.49 -63.84 -22.21
C GLY B 101 -5.19 -62.39 -22.58
N ARG B 102 -6.25 -61.61 -22.74
CA ARG B 102 -6.15 -60.18 -23.01
C ARG B 102 -6.58 -59.42 -21.77
N GLY B 103 -5.83 -58.38 -21.42
CA GLY B 103 -6.08 -57.66 -20.18
C GLY B 103 -6.26 -56.16 -20.32
N GLN B 104 -7.05 -55.74 -21.30
CA GLN B 104 -7.34 -54.34 -21.50
C GLN B 104 -8.83 -54.16 -21.77
N PRO B 105 -9.39 -52.98 -21.50
CA PRO B 105 -10.81 -52.75 -21.77
C PRO B 105 -11.10 -52.78 -23.26
N LEU B 106 -12.27 -53.32 -23.61
CA LEU B 106 -12.69 -53.33 -25.00
C LEU B 106 -12.93 -51.90 -25.48
N GLY B 107 -12.62 -51.67 -26.75
CA GLY B 107 -12.79 -50.34 -27.31
C GLY B 107 -12.27 -50.29 -28.73
N VAL B 108 -12.53 -49.14 -29.36
CA VAL B 108 -12.15 -48.89 -30.75
C VAL B 108 -11.22 -47.69 -30.78
N GLY B 109 -10.09 -47.83 -31.46
CA GLY B 109 -9.19 -46.73 -31.68
C GLY B 109 -9.31 -46.18 -33.09
N VAL B 110 -8.86 -44.94 -33.26
CA VAL B 110 -9.01 -44.24 -34.53
C VAL B 110 -7.65 -43.87 -35.07
N SER B 111 -7.54 -43.92 -36.40
CA SER B 111 -6.38 -43.45 -37.13
C SER B 111 -6.82 -42.36 -38.09
N GLY B 112 -5.86 -41.55 -38.53
CA GLY B 112 -6.20 -40.45 -39.40
C GLY B 112 -5.01 -39.97 -40.19
N HIS B 113 -5.22 -38.87 -40.89
CA HIS B 113 -4.18 -38.25 -41.71
C HIS B 113 -4.50 -36.76 -41.85
N PRO B 114 -3.61 -35.87 -41.38
CA PRO B 114 -3.85 -34.44 -41.54
C PRO B 114 -3.90 -33.98 -42.98
N PHE B 115 -3.44 -34.79 -43.93
CA PHE B 115 -3.50 -34.46 -45.34
C PHE B 115 -3.98 -35.67 -46.14
N LEU B 116 -5.20 -36.12 -45.86
CA LEU B 116 -5.77 -37.24 -46.57
C LEU B 116 -6.28 -36.80 -47.94
N ASN B 117 -6.01 -37.61 -48.95
CA ASN B 117 -6.38 -37.29 -50.33
C ASN B 117 -7.88 -37.53 -50.51
N LYS B 118 -8.66 -36.64 -49.90
CA LYS B 118 -10.12 -36.64 -50.03
C LYS B 118 -10.55 -35.37 -50.74
N TYR B 119 -11.37 -35.51 -51.77
CA TYR B 119 -11.83 -34.36 -52.54
C TYR B 119 -13.24 -33.96 -52.10
N ASP B 120 -14.25 -34.64 -52.62
CA ASP B 120 -15.64 -34.36 -52.30
C ASP B 120 -16.27 -35.58 -51.65
N ASP B 121 -17.16 -35.34 -50.70
CA ASP B 121 -17.99 -36.40 -50.11
C ASP B 121 -18.96 -36.87 -51.18
N VAL B 122 -18.63 -38.01 -51.81
CA VAL B 122 -19.40 -38.49 -52.96
C VAL B 122 -20.59 -39.34 -52.54
N GLU B 123 -20.78 -39.57 -51.24
CA GLU B 123 -21.91 -40.40 -50.79
C GLU B 123 -23.24 -39.75 -51.11
N ASN B 124 -23.35 -38.44 -50.89
CA ASN B 124 -24.62 -37.76 -51.08
C ASN B 124 -24.64 -37.06 -52.43
N SER B 125 -23.87 -35.99 -52.57
CA SER B 125 -23.80 -35.21 -53.82
C SER B 125 -22.59 -34.29 -53.73
N GLY B 126 -22.51 -33.34 -54.66
CA GLY B 126 -21.41 -32.40 -54.71
C GLY B 126 -20.11 -33.02 -55.18
N SER B 127 -19.15 -32.19 -55.60
CA SER B 127 -19.34 -30.74 -55.66
C SER B 127 -18.78 -30.21 -56.98
N GLY B 128 -19.37 -29.11 -57.46
CA GLY B 128 -19.10 -28.52 -58.76
C GLY B 128 -17.70 -28.68 -59.34
N GLY B 129 -16.86 -27.66 -59.17
CA GLY B 129 -15.55 -27.68 -59.77
C GLY B 129 -14.48 -26.95 -59.00
N ASN B 130 -13.85 -27.62 -58.04
CA ASN B 130 -12.74 -27.01 -57.33
C ASN B 130 -11.45 -27.85 -57.38
N PRO B 131 -11.06 -28.44 -58.52
CA PRO B 131 -9.78 -29.16 -58.55
C PRO B 131 -8.63 -28.17 -58.59
N GLY B 132 -7.68 -28.32 -57.67
CA GLY B 132 -6.60 -27.37 -57.57
C GLY B 132 -5.27 -27.97 -57.17
N GLN B 133 -4.38 -27.14 -56.64
CA GLN B 133 -3.05 -27.56 -56.22
C GLN B 133 -3.13 -28.67 -55.19
N ASP B 134 -3.64 -28.35 -54.00
CA ASP B 134 -3.72 -29.29 -52.89
C ASP B 134 -5.12 -29.24 -52.31
N ASN B 135 -5.84 -30.36 -52.38
CA ASN B 135 -7.18 -30.48 -51.83
C ASN B 135 -7.24 -31.47 -50.66
N ARG B 136 -6.08 -31.84 -50.11
CA ARG B 136 -6.04 -32.80 -49.01
C ARG B 136 -6.70 -32.22 -47.77
N VAL B 137 -7.41 -33.07 -47.04
CA VAL B 137 -8.16 -32.68 -45.86
C VAL B 137 -7.71 -33.55 -44.69
N ASN B 138 -7.81 -32.99 -43.49
CA ASN B 138 -7.53 -33.73 -42.26
C ASN B 138 -8.74 -34.59 -41.94
N VAL B 139 -8.60 -35.91 -42.05
CA VAL B 139 -9.70 -36.85 -41.89
C VAL B 139 -9.27 -37.97 -40.97
N GLY B 140 -10.16 -38.37 -40.06
CA GLY B 140 -9.92 -39.50 -39.19
C GLY B 140 -10.98 -40.57 -39.36
N MET B 141 -10.68 -41.79 -38.92
CA MET B 141 -11.58 -42.91 -39.15
C MET B 141 -11.21 -44.06 -38.23
N ASP B 142 -12.14 -45.01 -38.08
CA ASP B 142 -11.89 -46.25 -37.38
C ASP B 142 -11.77 -47.38 -38.40
N TYR B 143 -10.95 -48.38 -38.08
CA TYR B 143 -10.63 -49.45 -39.00
C TYR B 143 -11.60 -50.61 -38.86
N LYS B 144 -11.44 -51.60 -39.73
CA LYS B 144 -12.24 -52.81 -39.70
C LYS B 144 -11.85 -53.67 -38.50
N GLN B 145 -12.86 -54.25 -37.84
CA GLN B 145 -12.62 -55.11 -36.69
C GLN B 145 -12.12 -56.47 -37.15
N THR B 146 -11.01 -56.93 -36.57
CA THR B 146 -10.39 -58.19 -36.96
C THR B 146 -9.82 -58.88 -35.73
N GLN B 147 -10.26 -60.11 -35.49
CA GLN B 147 -9.70 -60.97 -34.45
C GLN B 147 -9.20 -62.26 -35.09
N LEU B 148 -8.01 -62.70 -34.69
CA LEU B 148 -7.48 -63.96 -35.20
C LEU B 148 -6.37 -64.44 -34.30
N CYS B 149 -6.19 -65.76 -34.26
CA CYS B 149 -5.08 -66.38 -33.55
C CYS B 149 -4.73 -67.70 -34.21
N MET B 150 -3.43 -67.94 -34.36
CA MET B 150 -2.92 -69.16 -34.97
C MET B 150 -1.80 -69.74 -34.11
N VAL B 151 -1.57 -71.03 -34.30
CA VAL B 151 -0.49 -71.75 -33.62
C VAL B 151 0.18 -72.67 -34.62
N GLY B 152 1.51 -72.71 -34.57
CA GLY B 152 2.28 -73.67 -35.35
C GLY B 152 3.71 -73.70 -34.86
N CYS B 153 4.47 -74.65 -35.39
CA CYS B 153 5.89 -74.74 -35.10
C CYS B 153 6.74 -73.99 -36.12
N ALA B 154 6.10 -73.30 -37.07
CA ALA B 154 6.75 -72.47 -38.06
C ALA B 154 6.00 -71.15 -38.16
N PRO B 155 6.68 -70.06 -38.52
CA PRO B 155 6.02 -68.76 -38.54
C PRO B 155 4.96 -68.71 -39.63
N PRO B 156 3.93 -67.90 -39.46
CA PRO B 156 2.83 -67.87 -40.42
C PRO B 156 3.20 -67.14 -41.71
N LEU B 157 2.41 -67.39 -42.74
CA LEU B 157 2.58 -66.78 -44.05
C LEU B 157 1.50 -65.73 -44.28
N GLY B 158 1.91 -64.54 -44.72
CA GLY B 158 0.98 -63.49 -45.08
C GLY B 158 1.11 -63.14 -46.54
N GLU B 159 0.01 -62.66 -47.11
CA GLU B 159 -0.03 -62.26 -48.51
C GLU B 159 -0.38 -60.78 -48.62
N HIS B 160 0.21 -60.11 -49.61
CA HIS B 160 -0.07 -58.71 -49.86
C HIS B 160 0.28 -58.38 -51.30
N TRP B 161 -0.35 -57.34 -51.82
CA TRP B 161 -0.12 -56.90 -53.19
C TRP B 161 0.94 -55.79 -53.18
N GLY B 162 2.01 -55.99 -53.94
CA GLY B 162 3.10 -55.03 -54.01
C GLY B 162 3.43 -54.69 -55.45
N LYS B 163 4.30 -53.68 -55.58
CA LYS B 163 4.79 -53.27 -56.90
C LYS B 163 5.52 -54.44 -57.55
N GLY B 164 4.90 -55.03 -58.58
CA GLY B 164 5.42 -56.25 -59.14
C GLY B 164 6.67 -56.03 -59.97
N LYS B 165 7.37 -57.15 -60.22
CA LYS B 165 8.54 -57.13 -61.07
C LYS B 165 8.16 -56.65 -62.47
N GLN B 166 8.97 -55.75 -63.02
CA GLN B 166 8.68 -55.14 -64.31
C GLN B 166 9.34 -55.93 -65.43
N CYS B 167 8.56 -56.25 -66.46
CA CYS B 167 7.13 -55.93 -66.53
C CYS B 167 6.39 -56.95 -67.39
N THR B 168 5.11 -57.14 -67.12
CA THR B 168 4.23 -57.86 -68.03
C THR B 168 3.88 -56.92 -69.18
N ASN B 169 4.12 -57.36 -70.42
CA ASN B 169 4.10 -56.52 -71.61
C ASN B 169 5.23 -55.50 -71.55
N THR B 170 5.33 -54.66 -72.58
CA THR B 170 6.47 -53.76 -72.74
C THR B 170 6.00 -52.39 -73.23
N PRO B 171 6.84 -51.34 -73.20
CA PRO B 171 8.15 -51.22 -72.55
C PRO B 171 8.39 -49.94 -71.75
N VAL B 172 7.43 -49.01 -71.71
CA VAL B 172 7.77 -47.61 -71.46
C VAL B 172 7.12 -47.11 -70.17
N GLN B 173 7.73 -46.07 -69.62
CA GLN B 173 7.29 -45.26 -68.49
C GLN B 173 6.61 -44.00 -69.08
N ALA B 174 6.20 -43.02 -68.25
CA ALA B 174 6.32 -42.92 -66.79
C ALA B 174 5.03 -42.48 -66.14
N GLY B 175 4.96 -42.62 -64.81
CA GLY B 175 3.77 -42.30 -64.07
C GLY B 175 2.61 -43.25 -64.28
N ASP B 176 2.81 -44.31 -65.07
CA ASP B 176 1.74 -45.26 -65.32
C ASP B 176 1.50 -46.13 -64.09
N CYS B 177 0.42 -46.91 -64.15
CA CYS B 177 0.07 -47.79 -63.06
C CYS B 177 1.15 -48.85 -62.86
N PRO B 178 1.62 -49.07 -61.64
CA PRO B 178 2.66 -50.07 -61.43
C PRO B 178 2.09 -51.48 -61.53
N PRO B 179 2.88 -52.43 -62.00
CA PRO B 179 2.40 -53.82 -62.05
C PRO B 179 2.20 -54.39 -60.66
N LEU B 180 1.12 -55.14 -60.49
CA LEU B 180 0.77 -55.75 -59.22
C LEU B 180 1.25 -57.19 -59.16
N GLU B 181 1.77 -57.58 -57.99
CA GLU B 181 2.22 -58.94 -57.76
C GLU B 181 1.82 -59.36 -56.35
N LEU B 182 1.21 -60.53 -56.22
CA LEU B 182 0.82 -61.06 -54.92
C LEU B 182 2.05 -61.66 -54.26
N ILE B 183 2.54 -61.01 -53.21
CA ILE B 183 3.77 -61.42 -52.53
C ILE B 183 3.40 -62.18 -51.26
N THR B 184 3.86 -63.41 -51.15
CA THR B 184 3.73 -64.19 -49.93
C THR B 184 5.01 -64.03 -49.12
N SER B 185 4.86 -63.77 -47.83
CA SER B 185 6.00 -63.49 -46.97
C SER B 185 5.71 -64.01 -45.56
N VAL B 186 6.69 -63.89 -44.69
CA VAL B 186 6.57 -64.30 -43.30
C VAL B 186 6.03 -63.13 -42.49
N ILE B 187 4.99 -63.38 -41.70
CA ILE B 187 4.39 -62.33 -40.88
C ILE B 187 5.27 -62.12 -39.66
N GLN B 188 5.86 -60.93 -39.55
CA GLN B 188 6.70 -60.58 -38.41
C GLN B 188 5.88 -59.85 -37.36
N ASP B 189 6.39 -59.87 -36.13
CA ASP B 189 5.77 -59.13 -35.04
C ASP B 189 5.89 -57.64 -35.31
N GLY B 190 4.75 -56.96 -35.39
CA GLY B 190 4.71 -55.55 -35.68
C GLY B 190 4.15 -55.20 -37.05
N ASP B 191 3.98 -56.19 -37.93
CA ASP B 191 3.37 -55.94 -39.23
C ASP B 191 1.92 -55.53 -39.06
N MET B 192 1.44 -54.70 -39.98
CA MET B 192 0.08 -54.18 -39.90
C MET B 192 -0.91 -55.16 -40.50
N VAL B 193 -2.04 -55.33 -39.81
CA VAL B 193 -3.12 -56.14 -40.34
C VAL B 193 -3.89 -55.30 -41.38
N ASP B 194 -4.71 -55.98 -42.17
CA ASP B 194 -5.53 -55.28 -43.13
C ASP B 194 -6.46 -54.31 -42.41
N THR B 195 -6.82 -53.22 -43.09
CA THR B 195 -7.62 -52.19 -42.45
C THR B 195 -8.95 -52.13 -43.20
N GLY B 196 -9.23 -51.04 -43.88
CA GLY B 196 -10.32 -51.06 -44.83
C GLY B 196 -9.92 -50.70 -46.24
N PHE B 197 -8.78 -51.24 -46.71
CA PHE B 197 -8.26 -50.86 -48.02
C PHE B 197 -7.42 -51.97 -48.64
N GLY B 198 -7.52 -53.19 -48.11
CA GLY B 198 -6.83 -54.33 -48.67
C GLY B 198 -5.46 -54.54 -48.06
N ALA B 199 -4.85 -55.65 -48.45
CA ALA B 199 -3.50 -56.01 -48.03
C ALA B 199 -2.56 -55.64 -49.17
N MET B 200 -1.90 -54.49 -49.04
CA MET B 200 -1.04 -54.00 -50.09
C MET B 200 0.12 -53.20 -49.49
N ASN B 201 1.13 -52.95 -50.32
CA ASN B 201 2.31 -52.19 -49.91
C ASN B 201 2.07 -50.73 -50.29
N PHE B 202 1.52 -49.98 -49.35
CA PHE B 202 1.18 -48.58 -49.60
C PHE B 202 2.40 -47.71 -49.84
N ALA B 203 3.59 -48.14 -49.38
CA ALA B 203 4.79 -47.35 -49.61
C ALA B 203 5.16 -47.30 -51.09
N ASP B 204 4.88 -48.36 -51.83
CA ASP B 204 5.23 -48.45 -53.24
C ASP B 204 4.06 -48.16 -54.17
N LEU B 205 2.85 -48.58 -53.80
CA LEU B 205 1.70 -48.44 -54.68
C LEU B 205 1.03 -47.08 -54.57
N GLN B 206 1.26 -46.36 -53.48
CA GLN B 206 0.69 -45.02 -53.27
C GLN B 206 1.86 -44.08 -52.99
N THR B 207 2.34 -43.39 -54.02
CA THR B 207 3.55 -42.58 -53.93
C THR B 207 3.32 -41.22 -53.31
N ASN B 208 2.07 -40.79 -53.13
CA ASN B 208 1.79 -39.48 -52.59
C ASN B 208 1.80 -39.44 -51.06
N LYS B 209 1.95 -40.59 -50.40
CA LYS B 209 2.03 -40.66 -48.94
C LYS B 209 0.82 -39.99 -48.28
N SER B 210 -0.32 -40.00 -48.96
CA SER B 210 -1.47 -39.25 -48.45
C SER B 210 -2.81 -39.88 -48.81
N ASP B 211 -2.85 -41.11 -49.32
CA ASP B 211 -4.12 -41.74 -49.67
C ASP B 211 -4.74 -42.52 -48.52
N VAL B 212 -3.94 -42.97 -47.56
CA VAL B 212 -4.43 -43.72 -46.41
C VAL B 212 -3.87 -43.08 -45.15
N PRO B 213 -4.47 -43.35 -43.99
CA PRO B 213 -3.98 -42.75 -42.75
C PRO B 213 -2.51 -43.02 -42.49
N ILE B 214 -1.93 -42.20 -41.61
CA ILE B 214 -0.48 -42.15 -41.44
C ILE B 214 0.09 -43.44 -40.88
N ASP B 215 -0.71 -44.24 -40.18
CA ASP B 215 -0.19 -45.45 -39.56
C ASP B 215 -0.06 -46.62 -40.53
N ILE B 216 -0.44 -46.45 -41.80
CA ILE B 216 -0.34 -47.52 -42.78
C ILE B 216 0.20 -46.98 -44.10
N CYS B 217 0.31 -45.66 -44.21
CA CYS B 217 0.74 -45.07 -45.48
C CYS B 217 2.22 -45.27 -45.77
N GLY B 218 3.01 -45.67 -44.78
CA GLY B 218 4.42 -45.89 -45.01
C GLY B 218 4.87 -47.31 -44.71
N THR B 219 3.92 -48.21 -44.52
CA THR B 219 4.21 -49.60 -44.22
C THR B 219 3.44 -50.48 -45.20
N THR B 220 3.22 -51.74 -44.80
CA THR B 220 2.53 -52.71 -45.64
C THR B 220 1.52 -53.45 -44.80
N CYS B 221 0.30 -53.59 -45.31
CA CYS B 221 -0.73 -54.39 -44.67
C CYS B 221 -0.68 -55.81 -45.22
N LYS B 222 -0.50 -56.79 -44.34
CA LYS B 222 -0.41 -58.18 -44.73
C LYS B 222 -1.65 -58.93 -44.26
N TYR B 223 -2.16 -59.84 -45.12
CA TYR B 223 -3.27 -60.69 -44.77
C TYR B 223 -2.82 -62.14 -44.76
N PRO B 224 -3.30 -62.95 -43.81
CA PRO B 224 -2.85 -64.35 -43.72
C PRO B 224 -3.23 -65.15 -44.96
N ASP B 225 -2.27 -65.91 -45.48
CA ASP B 225 -2.50 -66.79 -46.61
C ASP B 225 -2.99 -68.14 -46.07
N TYR B 226 -4.29 -68.19 -45.75
CA TYR B 226 -4.86 -69.41 -45.21
C TYR B 226 -4.78 -70.54 -46.22
N LEU B 227 -4.96 -70.23 -47.51
CA LEU B 227 -4.98 -71.28 -48.53
C LEU B 227 -3.63 -71.96 -48.66
N GLN B 228 -2.55 -71.18 -48.69
CA GLN B 228 -1.22 -71.77 -48.86
C GLN B 228 -0.80 -72.55 -47.62
N MET B 229 -1.01 -71.97 -46.43
CA MET B 229 -0.61 -72.64 -45.21
C MET B 229 -1.42 -73.92 -44.97
N ALA B 230 -2.65 -73.98 -45.48
CA ALA B 230 -3.43 -75.20 -45.34
C ALA B 230 -3.03 -76.26 -46.37
N ALA B 231 -2.55 -75.84 -47.53
CA ALA B 231 -2.23 -76.76 -48.61
C ALA B 231 -0.79 -77.27 -48.56
N ASP B 232 0.05 -76.78 -47.65
CA ASP B 232 1.40 -77.30 -47.55
C ASP B 232 1.38 -78.74 -47.02
N PRO B 233 2.33 -79.57 -47.45
CA PRO B 233 2.29 -80.99 -47.07
C PRO B 233 2.28 -81.25 -45.57
N TYR B 234 3.34 -80.82 -44.86
CA TYR B 234 3.46 -81.15 -43.45
C TYR B 234 2.51 -80.33 -42.58
N GLY B 235 2.16 -79.12 -43.00
CA GLY B 235 1.27 -78.29 -42.21
C GLY B 235 1.87 -77.83 -40.90
N ASP B 236 3.14 -77.42 -40.92
CA ASP B 236 3.83 -76.97 -39.71
C ASP B 236 3.42 -75.57 -39.28
N ARG B 237 2.74 -74.81 -40.15
CA ARG B 237 2.40 -73.43 -39.85
C ARG B 237 1.00 -73.25 -39.30
N LEU B 238 0.10 -74.22 -39.51
CA LEU B 238 -1.29 -74.13 -39.05
C LEU B 238 -1.63 -75.38 -38.24
N PHE B 239 -1.33 -75.35 -36.95
CA PHE B 239 -1.94 -76.33 -36.04
C PHE B 239 -3.45 -76.09 -35.98
N PHE B 240 -3.87 -74.84 -35.85
CA PHE B 240 -5.25 -74.44 -35.94
C PHE B 240 -5.28 -72.93 -36.12
N PHE B 241 -6.46 -72.41 -36.45
CA PHE B 241 -6.63 -70.97 -36.52
C PHE B 241 -8.07 -70.62 -36.22
N LEU B 242 -8.28 -69.42 -35.69
CA LEU B 242 -9.59 -68.85 -35.45
C LEU B 242 -9.58 -67.42 -35.96
N ARG B 243 -10.70 -66.97 -36.51
CA ARG B 243 -10.74 -65.65 -37.12
C ARG B 243 -12.14 -65.06 -37.04
N LYS B 244 -12.20 -63.74 -37.01
CA LYS B 244 -13.47 -63.01 -37.11
C LYS B 244 -13.16 -61.64 -37.68
N GLU B 245 -13.63 -61.38 -38.90
CA GLU B 245 -13.46 -60.10 -39.56
C GLU B 245 -14.84 -59.50 -39.82
N GLN B 246 -14.97 -58.18 -39.63
CA GLN B 246 -16.24 -57.55 -39.92
C GLN B 246 -16.00 -56.07 -40.17
N MET B 247 -16.77 -55.50 -41.11
CA MET B 247 -16.68 -54.09 -41.45
C MET B 247 -17.85 -53.72 -42.34
N PHE B 248 -18.11 -52.41 -42.42
CA PHE B 248 -19.09 -51.87 -43.35
C PHE B 248 -18.57 -50.54 -43.88
N ALA B 249 -19.25 -50.03 -44.91
CA ALA B 249 -18.82 -48.80 -45.58
C ALA B 249 -19.37 -47.60 -44.81
N ARG B 250 -18.47 -46.84 -44.18
CA ARG B 250 -18.87 -45.66 -43.40
C ARG B 250 -19.23 -44.50 -44.33
N HIS B 251 -18.24 -43.98 -45.04
CA HIS B 251 -18.42 -42.83 -45.92
C HIS B 251 -17.75 -43.09 -47.26
N PHE B 252 -18.16 -42.33 -48.26
CA PHE B 252 -17.63 -42.42 -49.62
C PHE B 252 -17.02 -41.09 -50.03
N PHE B 253 -15.96 -41.15 -50.84
CA PHE B 253 -15.35 -39.95 -51.39
C PHE B 253 -14.51 -40.35 -52.59
N ASN B 254 -14.02 -39.35 -53.31
CA ASN B 254 -13.20 -39.54 -54.48
C ASN B 254 -11.81 -38.94 -54.26
N ARG B 255 -10.85 -39.40 -55.06
CA ARG B 255 -9.47 -38.96 -54.96
C ARG B 255 -9.22 -37.71 -55.79
N ALA B 256 -8.33 -36.86 -55.30
CA ALA B 256 -7.86 -35.72 -56.07
C ALA B 256 -6.66 -36.13 -56.91
N GLY B 257 -6.46 -35.40 -58.01
CA GLY B 257 -5.39 -35.70 -58.94
C GLY B 257 -5.92 -36.20 -60.27
N GLU B 258 -4.97 -36.45 -61.18
CA GLU B 258 -5.33 -36.86 -62.52
C GLU B 258 -5.81 -38.30 -62.54
N VAL B 259 -6.87 -38.55 -63.32
CA VAL B 259 -7.37 -39.90 -63.51
C VAL B 259 -6.45 -40.61 -64.50
N GLY B 260 -5.73 -41.63 -64.02
CA GLY B 260 -4.81 -42.33 -64.91
C GLY B 260 -5.53 -43.10 -66.01
N GLU B 261 -6.70 -43.65 -65.70
CA GLU B 261 -7.50 -44.39 -66.67
C GLU B 261 -8.90 -43.78 -66.65
N PRO B 262 -9.24 -42.97 -67.64
CA PRO B 262 -10.53 -42.27 -67.64
C PRO B 262 -11.65 -43.21 -68.08
N VAL B 263 -12.87 -42.78 -67.78
CA VAL B 263 -14.07 -43.54 -68.17
C VAL B 263 -14.15 -43.55 -69.70
N PRO B 264 -14.43 -44.68 -70.33
CA PRO B 264 -14.57 -44.71 -71.79
C PRO B 264 -15.70 -43.81 -72.26
N ASP B 265 -15.58 -43.34 -73.50
CA ASP B 265 -16.61 -42.48 -74.09
C ASP B 265 -17.96 -43.18 -74.18
N THR B 266 -17.97 -44.48 -74.44
CA THR B 266 -19.22 -45.20 -74.61
C THR B 266 -20.06 -45.26 -73.35
N LEU B 267 -19.48 -45.03 -72.18
CA LEU B 267 -20.19 -45.18 -70.93
C LEU B 267 -20.64 -43.86 -70.31
N ILE B 268 -20.27 -42.73 -70.91
CA ILE B 268 -20.68 -41.43 -70.39
C ILE B 268 -21.03 -40.52 -71.56
N ILE B 269 -22.18 -39.87 -71.47
CA ILE B 269 -22.59 -38.90 -72.47
C ILE B 269 -22.03 -37.55 -72.02
N LYS B 270 -21.09 -37.02 -72.79
CA LYS B 270 -20.38 -35.81 -72.36
C LYS B 270 -21.32 -34.61 -72.40
N GLY B 271 -21.17 -33.75 -71.40
CA GLY B 271 -21.80 -32.47 -71.37
C GLY B 271 -20.77 -31.35 -71.35
N SER B 272 -21.22 -30.15 -70.99
CA SER B 272 -22.61 -29.84 -70.65
C SER B 272 -22.85 -28.35 -70.75
N GLY B 273 -22.20 -27.68 -71.69
CA GLY B 273 -22.11 -26.24 -71.52
C GLY B 273 -21.05 -26.03 -70.46
N ASN B 274 -21.48 -26.01 -69.20
CA ASN B 274 -20.60 -26.07 -68.05
C ASN B 274 -20.22 -27.54 -67.84
N ARG B 275 -19.75 -27.90 -66.65
CA ARG B 275 -19.29 -29.25 -66.36
C ARG B 275 -18.19 -29.67 -67.32
N THR B 276 -18.54 -30.30 -68.45
CA THR B 276 -17.59 -30.68 -69.49
C THR B 276 -16.38 -31.48 -69.02
N SER B 277 -15.90 -31.20 -67.82
CA SER B 277 -14.78 -31.94 -67.25
C SER B 277 -15.33 -33.11 -66.44
N VAL B 278 -14.91 -34.32 -66.79
CA VAL B 278 -15.39 -35.49 -66.08
C VAL B 278 -14.83 -35.48 -64.66
N GLY B 279 -15.72 -35.59 -63.67
CA GLY B 279 -15.27 -35.61 -62.30
C GLY B 279 -14.37 -36.78 -62.00
N SER B 280 -13.68 -36.69 -60.87
CA SER B 280 -12.78 -37.76 -60.46
C SER B 280 -13.57 -39.04 -60.22
N SER B 281 -13.24 -40.08 -60.98
CA SER B 281 -13.94 -41.35 -60.90
C SER B 281 -13.12 -42.41 -60.17
N ILE B 282 -12.31 -42.00 -59.20
CA ILE B 282 -11.53 -42.90 -58.37
C ILE B 282 -12.18 -42.89 -56.98
N TYR B 283 -13.06 -43.85 -56.74
CA TYR B 283 -13.86 -43.90 -55.51
C TYR B 283 -13.23 -44.84 -54.49
N VAL B 284 -13.24 -44.42 -53.23
CA VAL B 284 -12.84 -45.25 -52.10
C VAL B 284 -13.70 -44.91 -50.90
N ASN B 285 -14.00 -45.94 -50.10
CA ASN B 285 -14.87 -45.80 -48.95
C ASN B 285 -14.07 -46.00 -47.67
N THR B 286 -14.42 -45.22 -46.64
CA THR B 286 -13.83 -45.44 -45.33
C THR B 286 -14.47 -46.66 -44.67
N PRO B 287 -13.68 -47.49 -44.01
CA PRO B 287 -14.24 -48.65 -43.30
C PRO B 287 -14.73 -48.27 -41.92
N SER B 288 -15.37 -49.23 -41.27
CA SER B 288 -15.79 -49.06 -39.88
C SER B 288 -15.96 -50.44 -39.26
N GLY B 289 -15.37 -50.63 -38.09
CA GLY B 289 -15.41 -51.91 -37.42
C GLY B 289 -16.73 -52.27 -36.77
N SER B 290 -17.68 -51.33 -36.74
CA SER B 290 -19.01 -51.55 -36.20
C SER B 290 -18.89 -51.87 -34.70
N LEU B 291 -19.80 -52.67 -34.18
CA LEU B 291 -19.86 -52.94 -32.75
C LEU B 291 -18.82 -53.98 -32.32
N VAL B 292 -18.16 -53.71 -31.21
CA VAL B 292 -17.31 -54.69 -30.53
C VAL B 292 -18.02 -55.11 -29.25
N SER B 293 -18.06 -56.41 -28.99
CA SER B 293 -18.79 -56.95 -27.84
C SER B 293 -18.02 -58.09 -27.21
N SER B 294 -18.37 -58.39 -25.96
CA SER B 294 -17.72 -59.49 -25.25
C SER B 294 -18.15 -60.84 -25.82
N GLU B 295 -19.38 -60.94 -26.33
CA GLU B 295 -19.84 -62.19 -26.93
C GLU B 295 -19.05 -62.56 -28.18
N ALA B 296 -18.45 -61.59 -28.84
CA ALA B 296 -17.66 -61.83 -30.04
C ALA B 296 -16.19 -62.12 -29.75
N GLN B 297 -15.81 -62.16 -28.48
CA GLN B 297 -14.40 -62.35 -28.13
C GLN B 297 -13.94 -63.77 -28.45
N LEU B 298 -12.72 -63.86 -29.01
CA LEU B 298 -12.07 -65.14 -29.24
C LEU B 298 -11.12 -65.52 -28.13
N PHE B 299 -10.71 -64.58 -27.30
CA PHE B 299 -9.66 -64.77 -26.32
C PHE B 299 -10.25 -64.96 -24.92
N ASN B 300 -9.36 -65.05 -23.93
CA ASN B 300 -9.71 -65.28 -22.53
C ASN B 300 -10.49 -66.58 -22.31
N LYS B 301 -10.39 -67.51 -23.26
CA LYS B 301 -11.01 -68.82 -23.14
C LYS B 301 -10.06 -69.85 -23.74
N PRO B 302 -9.97 -71.03 -23.14
CA PRO B 302 -8.99 -72.02 -23.60
C PRO B 302 -9.40 -72.69 -24.89
N TYR B 303 -8.39 -73.12 -25.65
CA TYR B 303 -8.58 -73.92 -26.85
C TYR B 303 -7.76 -75.19 -26.73
N TRP B 304 -8.38 -76.33 -26.98
CA TRP B 304 -7.74 -77.63 -26.89
C TRP B 304 -7.56 -78.18 -28.29
N LEU B 305 -6.31 -78.44 -28.68
CA LEU B 305 -6.00 -78.97 -30.01
C LEU B 305 -6.34 -80.45 -30.03
N GLN B 306 -7.62 -80.75 -30.21
CA GLN B 306 -8.06 -82.14 -30.29
C GLN B 306 -7.54 -82.79 -31.57
N LYS B 307 -7.75 -82.14 -32.71
CA LYS B 307 -7.29 -82.65 -33.99
C LYS B 307 -6.79 -81.49 -34.82
N ALA B 308 -5.64 -81.67 -35.47
CA ALA B 308 -5.05 -80.65 -36.31
C ALA B 308 -5.51 -80.83 -37.75
N GLN B 309 -5.59 -79.70 -38.48
CA GLN B 309 -6.00 -79.77 -39.87
C GLN B 309 -4.91 -80.39 -40.73
N GLY B 310 -3.64 -80.07 -40.45
CA GLY B 310 -2.53 -80.65 -41.16
C GLY B 310 -2.10 -81.99 -40.56
N HIS B 311 -0.99 -82.50 -41.09
CA HIS B 311 -0.45 -83.76 -40.56
C HIS B 311 0.28 -83.55 -39.25
N ASN B 312 0.88 -82.38 -39.04
CA ASN B 312 1.53 -82.05 -37.78
C ASN B 312 0.44 -81.82 -36.74
N ASN B 313 0.24 -82.81 -35.86
CA ASN B 313 -0.83 -82.76 -34.87
C ASN B 313 -0.34 -82.10 -33.59
N GLY B 314 0.17 -80.88 -33.74
CA GLY B 314 0.60 -80.10 -32.60
C GLY B 314 1.99 -80.40 -32.08
N ILE B 315 2.85 -80.98 -32.91
CA ILE B 315 4.22 -81.30 -32.50
C ILE B 315 5.08 -80.05 -32.71
N CYS B 316 5.72 -79.59 -31.64
CA CYS B 316 6.54 -78.38 -31.69
C CYS B 316 7.97 -78.78 -32.03
N TRP B 317 8.22 -78.95 -33.34
CA TRP B 317 9.55 -79.29 -33.81
C TRP B 317 10.53 -78.16 -33.50
N GLY B 318 11.76 -78.53 -33.15
CA GLY B 318 12.74 -77.54 -32.76
C GLY B 318 12.52 -76.94 -31.39
N ASN B 319 11.60 -77.48 -30.60
CA ASN B 319 11.30 -76.99 -29.26
C ASN B 319 10.93 -75.51 -29.29
N GLN B 320 10.12 -75.12 -30.27
CA GLN B 320 9.65 -73.74 -30.40
C GLN B 320 8.21 -73.75 -30.89
N LEU B 321 7.52 -72.64 -30.62
CA LEU B 321 6.11 -72.52 -30.98
C LEU B 321 5.81 -71.08 -31.35
N PHE B 322 5.25 -70.87 -32.53
CA PHE B 322 4.87 -69.55 -33.01
C PHE B 322 3.38 -69.36 -32.83
N VAL B 323 3.00 -68.36 -32.04
CA VAL B 323 1.60 -68.02 -31.78
C VAL B 323 1.36 -66.62 -32.30
N THR B 324 0.52 -66.51 -33.34
CA THR B 324 0.17 -65.24 -33.92
C THR B 324 -1.20 -64.80 -33.41
N VAL B 325 -1.31 -63.51 -33.07
CA VAL B 325 -2.52 -62.96 -32.50
C VAL B 325 -2.77 -61.58 -33.10
N VAL B 326 -4.01 -61.35 -33.55
CA VAL B 326 -4.48 -60.03 -33.94
C VAL B 326 -5.75 -59.74 -33.18
N ASP B 327 -5.78 -58.60 -32.48
CA ASP B 327 -6.92 -58.24 -31.64
C ASP B 327 -7.12 -56.74 -31.75
N THR B 328 -8.12 -56.33 -32.55
CA THR B 328 -8.46 -54.92 -32.71
C THR B 328 -9.60 -54.49 -31.80
N THR B 329 -10.12 -55.39 -30.98
CA THR B 329 -11.22 -55.06 -30.07
C THR B 329 -10.76 -54.30 -28.83
N ARG B 330 -9.46 -54.12 -28.64
CA ARG B 330 -8.91 -53.37 -27.52
C ARG B 330 -7.91 -52.34 -28.04
N SER B 331 -8.30 -51.64 -29.09
CA SER B 331 -7.44 -50.69 -29.78
C SER B 331 -7.60 -49.26 -29.29
N THR B 332 -8.26 -49.05 -28.15
CA THR B 332 -8.50 -47.71 -27.65
C THR B 332 -7.19 -46.95 -27.48
N ASN B 333 -7.11 -45.77 -28.09
CA ASN B 333 -5.93 -44.92 -28.01
C ASN B 333 -6.15 -43.86 -26.95
N MET B 334 -5.32 -43.86 -25.92
CA MET B 334 -5.43 -42.89 -24.85
C MET B 334 -4.84 -41.55 -25.25
N THR B 335 -5.50 -40.47 -24.84
CA THR B 335 -5.05 -39.12 -25.11
C THR B 335 -4.44 -38.54 -23.85
N LEU B 336 -3.18 -38.12 -23.93
CA LEU B 336 -2.47 -37.51 -22.82
C LEU B 336 -2.30 -36.02 -23.07
N CYS B 337 -2.39 -35.21 -22.01
CA CYS B 337 -2.26 -33.77 -22.10
C CYS B 337 -1.37 -33.28 -20.98
N ALA B 338 -0.20 -32.74 -21.35
CA ALA B 338 0.75 -32.19 -20.39
C ALA B 338 0.79 -30.67 -20.52
N SER B 339 0.81 -29.99 -19.38
CA SER B 339 0.79 -28.53 -19.35
C SER B 339 2.21 -27.99 -19.37
N VAL B 340 2.48 -27.10 -20.33
CA VAL B 340 3.76 -26.41 -20.34
C VAL B 340 3.71 -25.20 -19.41
N THR B 341 2.58 -24.49 -19.39
CA THR B 341 2.36 -23.39 -18.47
C THR B 341 0.88 -23.37 -18.10
N THR B 342 0.51 -22.47 -17.20
CA THR B 342 -0.88 -22.31 -16.75
C THR B 342 -1.19 -20.82 -16.75
N SER B 343 -1.67 -20.31 -17.89
CA SER B 343 -2.02 -18.91 -18.00
C SER B 343 -3.25 -18.59 -17.16
N SER B 344 -3.51 -17.30 -16.97
CA SER B 344 -4.67 -16.88 -16.19
C SER B 344 -5.97 -17.38 -16.81
N THR B 345 -6.06 -17.33 -18.14
CA THR B 345 -7.19 -17.88 -18.87
C THR B 345 -6.76 -19.16 -19.55
N TYR B 346 -7.69 -19.77 -20.29
CA TYR B 346 -7.42 -21.01 -21.00
C TYR B 346 -6.80 -20.68 -22.35
N THR B 347 -5.61 -21.21 -22.60
CA THR B 347 -4.90 -21.01 -23.85
C THR B 347 -4.35 -22.33 -24.35
N ASN B 348 -4.63 -22.65 -25.62
CA ASN B 348 -4.19 -23.91 -26.18
C ASN B 348 -2.67 -24.02 -26.22
N SER B 349 -1.97 -22.89 -26.29
CA SER B 349 -0.51 -22.90 -26.34
C SER B 349 0.12 -23.42 -25.07
N ASP B 350 -0.64 -23.59 -23.99
CA ASP B 350 -0.10 -24.05 -22.72
C ASP B 350 -0.05 -25.56 -22.61
N TYR B 351 -0.60 -26.31 -23.56
CA TYR B 351 -0.74 -27.75 -23.42
C TYR B 351 -0.17 -28.46 -24.64
N LYS B 352 0.37 -29.65 -24.40
CA LYS B 352 0.80 -30.56 -25.46
C LYS B 352 -0.03 -31.83 -25.39
N GLU B 353 -0.51 -32.28 -26.54
CA GLU B 353 -1.33 -33.48 -26.64
C GLU B 353 -0.50 -34.63 -27.19
N TYR B 354 -0.68 -35.81 -26.59
CA TYR B 354 0.08 -36.99 -26.98
C TYR B 354 -0.87 -38.17 -27.22
N MET B 355 -0.42 -39.10 -28.06
CA MET B 355 -1.13 -40.33 -28.35
C MET B 355 -0.38 -41.50 -27.74
N ARG B 356 -1.09 -42.37 -27.02
CA ARG B 356 -0.50 -43.54 -26.40
C ARG B 356 -1.46 -44.71 -26.48
N HIS B 357 -0.93 -45.89 -26.79
CA HIS B 357 -1.70 -47.11 -26.86
C HIS B 357 -0.97 -48.21 -26.10
N VAL B 358 -1.75 -49.13 -25.52
CA VAL B 358 -1.22 -50.19 -24.68
C VAL B 358 -1.80 -51.53 -25.09
N GLU B 359 -1.05 -52.60 -24.84
CA GLU B 359 -1.47 -53.97 -25.12
C GLU B 359 -1.02 -54.86 -23.97
N GLU B 360 -1.96 -55.63 -23.43
CA GLU B 360 -1.68 -56.54 -22.32
C GLU B 360 -2.02 -57.96 -22.74
N TYR B 361 -1.06 -58.86 -22.57
CA TYR B 361 -1.21 -60.24 -22.98
C TYR B 361 -0.81 -61.17 -21.82
N ASP B 362 -1.37 -62.38 -21.83
CA ASP B 362 -0.97 -63.43 -20.89
C ASP B 362 -1.09 -64.76 -21.64
N LEU B 363 0.04 -65.26 -22.10
CA LEU B 363 0.07 -66.50 -22.88
C LEU B 363 0.20 -67.68 -21.93
N GLN B 364 -0.76 -68.60 -22.00
CA GLN B 364 -0.78 -69.79 -21.18
C GLN B 364 -0.84 -71.02 -22.07
N PHE B 365 0.07 -71.97 -21.83
CA PHE B 365 0.17 -73.17 -22.64
C PHE B 365 0.19 -74.40 -21.74
N ILE B 366 -0.22 -75.53 -22.32
CA ILE B 366 -0.15 -76.83 -21.67
C ILE B 366 0.35 -77.83 -22.70
N PHE B 367 1.52 -78.41 -22.46
CA PHE B 367 2.17 -79.30 -23.40
C PHE B 367 2.14 -80.74 -22.89
N GLN B 368 2.26 -81.67 -23.84
CA GLN B 368 2.31 -83.10 -23.55
C GLN B 368 3.63 -83.65 -24.05
N LEU B 369 4.34 -84.35 -23.18
CA LEU B 369 5.62 -84.95 -23.55
C LEU B 369 5.40 -86.14 -24.48
N CYS B 370 6.25 -86.25 -25.49
CA CYS B 370 6.15 -87.32 -26.48
C CYS B 370 7.53 -87.84 -26.82
N SER B 371 7.59 -89.14 -27.12
CA SER B 371 8.82 -89.81 -27.52
C SER B 371 8.67 -90.32 -28.95
N ILE B 372 9.81 -90.45 -29.62
CA ILE B 372 9.85 -90.90 -31.01
C ILE B 372 10.89 -92.01 -31.13
N THR B 373 10.45 -93.20 -31.49
CA THR B 373 11.35 -94.32 -31.74
C THR B 373 11.98 -94.13 -33.12
N LEU B 374 13.30 -93.91 -33.13
CA LEU B 374 14.01 -93.56 -34.38
C LEU B 374 14.51 -94.83 -35.04
N SER B 375 13.67 -95.41 -35.89
CA SER B 375 14.10 -96.51 -36.75
C SER B 375 14.79 -95.95 -37.99
N ALA B 376 15.26 -96.84 -38.86
CA ALA B 376 15.89 -96.40 -40.09
C ALA B 376 14.91 -95.64 -40.97
N GLU B 377 13.66 -96.09 -41.02
CA GLU B 377 12.64 -95.40 -41.82
C GLU B 377 12.26 -94.07 -41.18
N VAL B 378 12.18 -94.02 -39.85
CA VAL B 378 11.82 -92.77 -39.17
C VAL B 378 12.92 -91.72 -39.36
N VAL B 379 14.19 -92.13 -39.19
CA VAL B 379 15.29 -91.20 -39.39
C VAL B 379 15.31 -90.68 -40.82
N ALA B 380 14.99 -91.55 -41.79
CA ALA B 380 14.93 -91.12 -43.18
C ALA B 380 13.80 -90.12 -43.39
N TYR B 381 12.63 -90.39 -42.83
CA TYR B 381 11.51 -89.47 -42.97
C TYR B 381 11.77 -88.14 -42.28
N ILE B 382 12.56 -88.14 -41.21
CA ILE B 382 12.88 -86.89 -40.50
C ILE B 382 14.08 -86.18 -41.10
N HIS B 383 14.94 -86.87 -41.84
CA HIS B 383 16.00 -86.17 -42.57
C HIS B 383 15.41 -85.25 -43.63
N THR B 384 14.55 -85.80 -44.49
CA THR B 384 13.64 -84.95 -45.25
C THR B 384 12.73 -84.20 -44.29
N MET B 385 11.98 -83.23 -44.82
CA MET B 385 11.31 -82.24 -43.99
C MET B 385 12.40 -81.40 -43.33
N ASN B 386 12.25 -81.10 -42.03
CA ASN B 386 13.28 -80.33 -41.33
C ASN B 386 14.45 -81.22 -40.93
N PRO B 387 15.63 -81.03 -41.53
CA PRO B 387 16.79 -81.85 -41.13
C PRO B 387 17.42 -81.42 -39.82
N SER B 388 17.24 -80.16 -39.41
CA SER B 388 17.81 -79.69 -38.15
C SER B 388 17.24 -80.43 -36.94
N VAL B 389 16.06 -81.04 -37.08
CA VAL B 389 15.49 -81.80 -35.98
C VAL B 389 16.42 -82.93 -35.57
N LEU B 390 17.05 -83.58 -36.56
CA LEU B 390 18.02 -84.64 -36.26
C LEU B 390 19.36 -84.06 -35.81
N GLU B 391 19.76 -82.91 -36.38
CA GLU B 391 21.05 -82.32 -36.00
C GLU B 391 21.03 -81.83 -34.57
N ASP B 392 19.94 -81.18 -34.15
CA ASP B 392 19.84 -80.71 -32.77
C ASP B 392 19.72 -81.86 -31.77
N TRP B 393 19.26 -83.02 -32.22
CA TRP B 393 19.17 -84.20 -31.37
C TRP B 393 20.50 -84.92 -31.21
N ASN B 394 21.53 -84.53 -32.00
CA ASN B 394 22.82 -85.22 -32.00
C ASN B 394 22.65 -86.71 -32.31
N PHE B 395 21.87 -86.99 -33.35
CA PHE B 395 21.55 -88.36 -33.73
C PHE B 395 21.88 -88.58 -35.20
N PRO B 429 23.15 -69.31 -37.26
CA PRO B 429 22.68 -70.39 -38.13
C PRO B 429 21.16 -70.35 -38.38
N ASP B 430 20.41 -69.88 -37.40
CA ASP B 430 18.96 -69.83 -37.49
C ASP B 430 18.53 -68.88 -38.61
N PRO B 431 17.81 -69.36 -39.63
CA PRO B 431 17.34 -68.46 -40.70
C PRO B 431 16.29 -67.45 -40.24
N TYR B 432 15.72 -67.62 -39.04
CA TYR B 432 14.70 -66.72 -38.52
C TYR B 432 15.31 -65.58 -37.70
N LYS B 433 16.63 -65.46 -37.67
CA LYS B 433 17.27 -64.36 -36.96
C LYS B 433 17.24 -63.06 -37.75
N ASN B 434 16.85 -63.11 -39.03
CA ASN B 434 16.64 -61.90 -39.82
C ASN B 434 15.25 -61.30 -39.65
N LEU B 435 14.29 -62.09 -39.15
CA LEU B 435 12.95 -61.61 -38.92
C LEU B 435 12.84 -61.02 -37.51
N SER B 436 11.62 -60.63 -37.12
CA SER B 436 11.39 -59.98 -35.85
C SER B 436 10.15 -60.58 -35.20
N PHE B 437 10.34 -61.24 -34.06
CA PHE B 437 9.25 -61.83 -33.30
C PHE B 437 9.34 -61.38 -31.85
N TRP B 438 8.22 -61.47 -31.14
CA TRP B 438 8.18 -61.19 -29.71
C TRP B 438 8.67 -62.44 -28.99
N GLU B 439 9.91 -62.40 -28.50
CA GLU B 439 10.49 -63.56 -27.85
C GLU B 439 9.82 -63.81 -26.50
N VAL B 440 9.31 -65.02 -26.32
CA VAL B 440 8.69 -65.43 -25.07
C VAL B 440 9.47 -66.65 -24.57
N ASN B 441 10.38 -66.42 -23.64
CA ASN B 441 11.24 -67.49 -23.12
C ASN B 441 10.48 -68.23 -22.03
N LEU B 442 10.00 -69.43 -22.36
CA LEU B 442 9.28 -70.27 -21.40
C LEU B 442 10.16 -71.34 -20.78
N LYS B 443 11.46 -71.32 -21.04
CA LYS B 443 12.38 -72.13 -20.26
C LYS B 443 12.41 -71.61 -18.82
N GLU B 444 12.62 -72.52 -17.88
CA GLU B 444 12.51 -72.28 -16.44
C GLU B 444 11.10 -71.87 -16.02
N LYS B 445 10.11 -72.04 -16.91
CA LYS B 445 8.72 -71.74 -16.61
C LYS B 445 7.82 -72.98 -16.61
N PHE B 446 8.34 -74.13 -17.03
CA PHE B 446 7.54 -75.35 -17.03
C PHE B 446 7.31 -75.84 -15.61
N SER B 447 6.10 -76.32 -15.34
CA SER B 447 5.73 -76.83 -14.03
C SER B 447 4.86 -78.07 -14.20
N SER B 448 5.09 -79.07 -13.35
CA SER B 448 4.32 -80.30 -13.37
C SER B 448 3.09 -80.25 -12.49
N GLU B 449 2.95 -79.21 -11.66
CA GLU B 449 1.79 -79.06 -10.79
C GLU B 449 0.73 -78.28 -11.56
N LEU B 450 -0.12 -79.02 -12.28
CA LEU B 450 -1.09 -78.38 -13.16
C LEU B 450 -2.16 -77.62 -12.40
N ASP B 451 -2.63 -78.17 -11.27
CA ASP B 451 -3.74 -77.58 -10.55
C ASP B 451 -3.39 -76.25 -9.87
N GLN B 452 -2.14 -75.81 -9.93
CA GLN B 452 -1.72 -74.56 -9.32
C GLN B 452 -1.89 -73.36 -10.25
N TYR B 453 -2.50 -73.54 -11.41
CA TYR B 453 -2.62 -72.50 -12.41
C TYR B 453 -4.01 -72.55 -13.05
N PRO B 454 -4.50 -71.41 -13.56
CA PRO B 454 -5.86 -71.41 -14.12
C PRO B 454 -6.03 -72.35 -15.30
N LEU B 455 -5.14 -72.28 -16.29
CA LEU B 455 -5.27 -73.15 -17.46
C LEU B 455 -5.09 -74.62 -17.08
N GLY B 456 -4.20 -74.90 -16.13
CA GLY B 456 -4.03 -76.27 -15.67
C GLY B 456 -5.28 -76.80 -14.99
N ARG B 457 -5.92 -75.99 -14.16
CA ARG B 457 -7.18 -76.39 -13.53
C ARG B 457 -8.24 -76.69 -14.57
N LYS B 458 -8.34 -75.83 -15.59
CA LYS B 458 -9.30 -76.07 -16.67
C LYS B 458 -8.97 -77.34 -17.44
N PHE B 459 -7.68 -77.69 -17.54
CA PHE B 459 -7.30 -78.89 -18.26
C PHE B 459 -7.71 -80.14 -17.51
N LEU B 460 -7.55 -80.15 -16.18
CA LEU B 460 -7.90 -81.32 -15.40
C LEU B 460 -9.39 -81.61 -15.48
N LEU B 461 -10.22 -80.57 -15.47
CA LEU B 461 -11.66 -80.71 -15.48
C LEU B 461 -12.26 -80.79 -16.87
N GLN B 462 -11.44 -80.99 -17.90
CA GLN B 462 -11.92 -81.01 -19.27
C GLN B 462 -11.08 -81.99 -20.09
N SER B 463 -11.42 -82.09 -21.37
CA SER B 463 -10.72 -82.97 -22.31
C SER B 463 -10.67 -84.41 -21.80
N LYS C 15 -41.47 -90.94 -66.00
CA LYS C 15 -40.73 -90.96 -67.25
C LYS C 15 -39.25 -90.65 -67.01
N VAL C 16 -38.98 -89.68 -66.15
CA VAL C 16 -37.63 -89.31 -65.76
C VAL C 16 -37.32 -89.97 -64.42
N VAL C 17 -36.22 -90.71 -64.37
CA VAL C 17 -35.84 -91.44 -63.16
C VAL C 17 -34.52 -90.87 -62.63
N ALA C 18 -34.33 -91.03 -61.33
CA ALA C 18 -33.11 -90.56 -60.70
C ALA C 18 -31.91 -91.39 -61.14
N THR C 19 -30.72 -90.80 -61.02
CA THR C 19 -29.51 -91.50 -61.41
C THR C 19 -29.21 -92.70 -60.51
N ASP C 20 -29.77 -92.72 -59.29
CA ASP C 20 -29.53 -93.85 -58.39
C ASP C 20 -30.09 -95.15 -58.92
N ALA C 21 -31.00 -95.10 -59.90
CA ALA C 21 -31.59 -96.32 -60.42
C ALA C 21 -30.72 -97.00 -61.47
N TYR C 22 -29.94 -96.23 -62.23
CA TYR C 22 -29.16 -96.77 -63.33
C TYR C 22 -27.67 -96.42 -63.26
N VAL C 23 -27.21 -95.79 -62.19
CA VAL C 23 -25.81 -95.45 -62.01
C VAL C 23 -25.34 -96.10 -60.73
N THR C 24 -24.51 -97.13 -60.85
CA THR C 24 -24.01 -97.84 -59.68
C THR C 24 -22.79 -97.13 -59.12
N ARG C 25 -22.72 -97.06 -57.78
CA ARG C 25 -21.64 -96.39 -57.09
C ARG C 25 -20.51 -97.35 -56.77
N THR C 26 -19.30 -96.80 -56.66
CA THR C 26 -18.11 -97.58 -56.31
C THR C 26 -17.50 -97.01 -55.03
N ASN C 27 -16.34 -97.55 -54.65
CA ASN C 27 -15.60 -97.09 -53.48
C ASN C 27 -14.37 -96.27 -53.87
N ILE C 28 -14.20 -95.97 -55.15
CA ILE C 28 -13.02 -95.26 -55.63
C ILE C 28 -13.29 -93.77 -55.58
N PHE C 29 -12.52 -93.04 -54.78
CA PHE C 29 -12.65 -91.60 -54.65
C PHE C 29 -11.34 -90.93 -55.06
N TYR C 30 -11.45 -89.74 -55.64
CA TYR C 30 -10.31 -88.98 -56.11
C TYR C 30 -10.41 -87.53 -55.65
N HIS C 31 -9.25 -86.91 -55.44
CA HIS C 31 -9.17 -85.49 -55.10
C HIS C 31 -8.57 -84.73 -56.27
N ALA C 32 -9.05 -83.50 -56.47
CA ALA C 32 -8.55 -82.65 -57.56
C ALA C 32 -8.67 -81.20 -57.14
N SER C 33 -7.56 -80.47 -57.17
CA SER C 33 -7.51 -79.07 -56.80
C SER C 33 -7.04 -78.24 -57.98
N SER C 34 -7.67 -77.08 -58.17
CA SER C 34 -7.32 -76.16 -59.23
C SER C 34 -6.11 -75.29 -58.90
N SER C 35 -5.53 -75.45 -57.70
CA SER C 35 -4.48 -74.57 -57.20
C SER C 35 -4.97 -73.13 -57.13
N ARG C 36 -4.07 -72.18 -56.96
CA ARG C 36 -4.46 -70.78 -56.82
C ARG C 36 -4.80 -70.18 -58.17
N LEU C 37 -5.98 -69.55 -58.25
CA LEU C 37 -6.44 -68.86 -59.44
C LEU C 37 -6.57 -67.38 -59.12
N LEU C 38 -5.86 -66.55 -59.89
CA LEU C 38 -5.82 -65.11 -59.64
C LEU C 38 -6.36 -64.35 -60.84
N ALA C 39 -7.18 -63.33 -60.56
CA ALA C 39 -7.72 -62.45 -61.59
C ALA C 39 -7.51 -61.02 -61.11
N VAL C 40 -6.72 -60.26 -61.84
CA VAL C 40 -6.37 -58.88 -61.49
C VAL C 40 -6.79 -57.97 -62.64
N GLY C 41 -7.54 -56.94 -62.33
CA GLY C 41 -8.00 -56.03 -63.35
C GLY C 41 -8.60 -54.76 -62.79
N HIS C 42 -9.46 -54.14 -63.59
CA HIS C 42 -10.12 -52.88 -63.25
C HIS C 42 -11.55 -53.15 -62.78
N PRO C 43 -11.96 -52.61 -61.64
CA PRO C 43 -13.28 -52.95 -61.10
C PRO C 43 -14.46 -52.31 -61.83
N TYR C 44 -14.21 -51.38 -62.75
CA TYR C 44 -15.29 -50.64 -63.41
C TYR C 44 -15.44 -50.97 -64.88
N PHE C 45 -14.34 -51.04 -65.64
CA PHE C 45 -14.43 -51.25 -67.08
C PHE C 45 -13.11 -51.82 -67.59
N SER C 46 -13.19 -52.50 -68.72
CA SER C 46 -12.00 -53.02 -69.37
C SER C 46 -11.19 -51.89 -70.00
N ILE C 47 -9.88 -52.10 -70.09
CA ILE C 47 -8.95 -51.10 -70.61
C ILE C 47 -8.45 -51.58 -71.95
N LYS C 48 -8.85 -50.88 -73.02
CA LYS C 48 -8.51 -51.24 -74.39
C LYS C 48 -7.60 -50.17 -74.98
N ARG C 49 -6.36 -50.53 -75.27
CA ARG C 49 -5.45 -49.67 -76.03
C ARG C 49 -4.65 -50.54 -76.98
N ALA C 50 -4.78 -50.29 -78.29
CA ALA C 50 -5.74 -49.33 -78.81
C ALA C 50 -6.95 -50.07 -79.36
N ASN C 51 -6.77 -51.36 -79.63
CA ASN C 51 -7.80 -52.20 -80.21
C ASN C 51 -8.30 -53.25 -79.23
N LYS C 52 -7.42 -54.07 -78.68
CA LYS C 52 -7.79 -55.17 -77.80
C LYS C 52 -7.53 -54.80 -76.35
N THR C 53 -8.17 -55.55 -75.44
CA THR C 53 -8.07 -55.27 -74.02
C THR C 53 -6.66 -55.52 -73.51
N VAL C 54 -6.19 -54.60 -72.66
CA VAL C 54 -4.91 -54.74 -72.00
C VAL C 54 -5.08 -55.11 -70.52
N VAL C 55 -6.08 -54.55 -69.87
CA VAL C 55 -6.41 -54.88 -68.49
C VAL C 55 -7.87 -55.31 -68.45
N PRO C 56 -8.18 -56.51 -67.98
CA PRO C 56 -9.56 -56.98 -68.00
C PRO C 56 -10.39 -56.33 -66.90
N LYS C 57 -11.72 -56.46 -67.06
CA LYS C 57 -12.66 -55.97 -66.07
C LYS C 57 -12.83 -57.04 -65.00
N VAL C 58 -12.30 -56.78 -63.80
CA VAL C 58 -12.37 -57.71 -62.68
C VAL C 58 -13.09 -56.99 -61.55
N SER C 59 -14.31 -57.41 -61.26
CA SER C 59 -15.11 -56.81 -60.21
C SER C 59 -15.68 -57.91 -59.33
N GLY C 60 -15.83 -57.60 -58.03
CA GLY C 60 -16.41 -58.54 -57.10
C GLY C 60 -17.87 -58.86 -57.37
N TYR C 61 -18.54 -58.02 -58.15
CA TYR C 61 -19.95 -58.21 -58.49
C TYR C 61 -20.13 -58.92 -59.83
N GLN C 62 -19.17 -59.73 -60.22
CA GLN C 62 -19.23 -60.52 -61.44
C GLN C 62 -19.50 -61.98 -61.12
N TYR C 63 -20.16 -62.67 -62.04
CA TYR C 63 -20.34 -64.11 -61.92
C TYR C 63 -19.05 -64.82 -62.26
N ARG C 64 -18.63 -65.73 -61.39
CA ARG C 64 -17.47 -66.59 -61.63
C ARG C 64 -17.99 -67.98 -61.95
N VAL C 65 -18.10 -68.28 -63.25
CA VAL C 65 -18.63 -69.55 -63.73
C VAL C 65 -17.44 -70.37 -64.20
N PHE C 66 -17.03 -71.33 -63.38
CA PHE C 66 -15.88 -72.18 -63.70
C PHE C 66 -16.35 -73.42 -64.44
N LYS C 67 -15.79 -73.64 -65.63
CA LYS C 67 -16.05 -74.85 -66.40
C LYS C 67 -14.94 -75.85 -66.08
N VAL C 68 -15.21 -76.75 -65.15
CA VAL C 68 -14.22 -77.73 -64.70
C VAL C 68 -14.27 -78.93 -65.64
N VAL C 69 -13.17 -79.16 -66.35
CA VAL C 69 -13.06 -80.27 -67.29
C VAL C 69 -12.46 -81.47 -66.57
N LEU C 70 -13.16 -82.61 -66.62
CA LEU C 70 -12.70 -83.82 -65.96
C LEU C 70 -12.13 -84.81 -66.97
N PRO C 71 -11.11 -85.57 -66.58
CA PRO C 71 -10.58 -86.60 -67.48
C PRO C 71 -11.58 -87.73 -67.65
N ASP C 72 -11.63 -88.27 -68.86
CA ASP C 72 -12.56 -89.34 -69.18
C ASP C 72 -12.21 -90.59 -68.38
N PRO C 73 -13.09 -91.07 -67.50
CA PRO C 73 -12.78 -92.28 -66.74
C PRO C 73 -12.69 -93.53 -67.59
N ASN C 74 -13.32 -93.55 -68.77
CA ASN C 74 -13.17 -94.69 -69.67
C ASN C 74 -11.80 -94.73 -70.32
N LYS C 75 -11.09 -93.59 -70.36
CA LYS C 75 -9.72 -93.53 -70.85
C LYS C 75 -8.73 -93.21 -69.74
N PHE C 76 -9.16 -93.31 -68.48
CA PHE C 76 -8.31 -92.95 -67.36
C PHE C 76 -7.42 -94.12 -66.95
N ALA C 77 -6.24 -93.80 -66.41
CA ALA C 77 -5.29 -94.81 -65.97
C ALA C 77 -5.69 -95.31 -64.58
N LEU C 78 -6.77 -96.10 -64.57
CA LEU C 78 -7.26 -96.69 -63.34
C LEU C 78 -6.31 -97.79 -62.87
N PRO C 79 -6.32 -98.09 -61.56
CA PRO C 79 -5.42 -99.15 -61.07
C PRO C 79 -5.70 -100.52 -61.64
N ASP C 80 -6.97 -100.89 -61.80
CA ASP C 80 -7.33 -102.19 -62.35
C ASP C 80 -8.53 -102.04 -63.27
N SER C 81 -8.45 -102.66 -64.44
CA SER C 81 -9.51 -102.60 -65.44
C SER C 81 -10.59 -103.66 -65.23
N SER C 82 -10.45 -104.51 -64.22
CA SER C 82 -11.45 -105.53 -63.93
C SER C 82 -12.68 -104.97 -63.22
N LEU C 83 -12.69 -103.67 -62.92
CA LEU C 83 -13.87 -103.06 -62.29
C LEU C 83 -15.09 -103.16 -63.18
N PHE C 84 -14.91 -102.99 -64.49
CA PHE C 84 -16.01 -102.98 -65.43
C PHE C 84 -15.63 -103.72 -66.70
N ASP C 85 -16.63 -104.07 -67.49
CA ASP C 85 -16.44 -104.65 -68.80
C ASP C 85 -16.46 -103.55 -69.85
N PRO C 86 -15.46 -103.49 -70.73
CA PRO C 86 -15.47 -102.47 -71.79
C PRO C 86 -16.74 -102.45 -72.60
N THR C 87 -17.34 -103.62 -72.84
CA THR C 87 -18.65 -103.71 -73.47
C THR C 87 -19.73 -103.66 -72.40
N THR C 88 -20.89 -103.13 -72.78
CA THR C 88 -22.11 -103.08 -71.97
C THR C 88 -21.98 -102.15 -70.77
N GLN C 89 -20.78 -101.70 -70.43
CA GLN C 89 -20.57 -100.85 -69.27
C GLN C 89 -19.69 -99.66 -69.63
N ARG C 90 -20.00 -98.50 -69.04
CA ARG C 90 -19.23 -97.28 -69.20
C ARG C 90 -19.07 -96.62 -67.85
N LEU C 91 -18.07 -95.74 -67.75
CA LEU C 91 -17.76 -95.05 -66.52
C LEU C 91 -18.10 -93.57 -66.63
N VAL C 92 -18.33 -92.95 -65.47
CA VAL C 92 -18.63 -91.53 -65.38
C VAL C 92 -18.33 -91.07 -63.96
N TRP C 93 -17.90 -89.82 -63.84
CA TRP C 93 -17.57 -89.26 -62.53
C TRP C 93 -18.81 -88.70 -61.86
N ALA C 94 -18.82 -88.79 -60.52
CA ALA C 94 -19.89 -88.24 -59.70
C ALA C 94 -19.28 -87.36 -58.63
N CYS C 95 -19.80 -86.13 -58.51
CA CYS C 95 -19.25 -85.17 -57.56
C CYS C 95 -19.84 -85.42 -56.18
N THR C 96 -18.97 -85.63 -55.19
CA THR C 96 -19.39 -85.86 -53.82
C THR C 96 -18.87 -84.83 -52.82
N GLY C 97 -17.82 -84.10 -53.15
CA GLY C 97 -17.27 -83.11 -52.23
C GLY C 97 -16.79 -81.88 -52.98
N LEU C 98 -16.93 -80.74 -52.33
CA LEU C 98 -16.56 -79.46 -52.93
C LEU C 98 -16.25 -78.45 -51.82
N GLU C 99 -15.17 -77.70 -52.01
CA GLU C 99 -14.85 -76.56 -51.15
C GLU C 99 -14.25 -75.46 -52.01
N VAL C 100 -14.93 -74.32 -52.04
CA VAL C 100 -14.49 -73.16 -52.81
C VAL C 100 -13.76 -72.23 -51.84
N GLY C 101 -12.43 -72.21 -51.94
CA GLY C 101 -11.62 -71.40 -51.04
C GLY C 101 -11.39 -70.01 -51.61
N ARG C 102 -11.61 -69.00 -50.77
CA ARG C 102 -11.36 -67.61 -51.11
C ARG C 102 -10.16 -67.11 -50.31
N GLY C 103 -9.27 -66.38 -50.97
CA GLY C 103 -8.03 -65.96 -50.34
C GLY C 103 -7.75 -64.48 -50.38
N GLN C 104 -8.75 -63.66 -50.05
CA GLN C 104 -8.59 -62.22 -49.98
C GLN C 104 -9.26 -61.70 -48.71
N PRO C 105 -8.83 -60.54 -48.20
CA PRO C 105 -9.46 -59.98 -47.01
C PRO C 105 -10.89 -59.56 -47.29
N LEU C 106 -11.74 -59.74 -46.29
CA LEU C 106 -13.13 -59.30 -46.41
C LEU C 106 -13.18 -57.77 -46.50
N GLY C 107 -14.13 -57.29 -47.29
CA GLY C 107 -14.29 -55.86 -47.46
C GLY C 107 -15.34 -55.55 -48.49
N VAL C 108 -15.67 -54.26 -48.58
CA VAL C 108 -16.70 -53.76 -49.48
C VAL C 108 -16.07 -52.75 -50.42
N GLY C 109 -16.32 -52.90 -51.71
CA GLY C 109 -15.88 -51.95 -52.71
C GLY C 109 -17.03 -51.06 -53.16
N VAL C 110 -16.67 -49.91 -53.72
CA VAL C 110 -17.65 -48.91 -54.12
C VAL C 110 -17.58 -48.68 -55.62
N SER C 111 -18.74 -48.42 -56.20
CA SER C 111 -18.87 -48.01 -57.59
C SER C 111 -19.53 -46.64 -57.64
N GLY C 112 -19.37 -45.96 -58.77
CA GLY C 112 -19.91 -44.62 -58.88
C GLY C 112 -20.09 -44.21 -60.33
N HIS C 113 -20.44 -42.93 -60.50
CA HIS C 113 -20.66 -42.34 -61.81
C HIS C 113 -20.40 -40.84 -61.71
N PRO C 114 -19.42 -40.32 -62.46
CA PRO C 114 -19.16 -38.87 -62.40
C PRO C 114 -20.31 -38.01 -62.91
N PHE C 115 -21.28 -38.60 -63.60
CA PHE C 115 -22.47 -37.90 -64.08
C PHE C 115 -23.70 -38.77 -63.82
N LEU C 116 -23.95 -39.07 -62.55
CA LEU C 116 -25.12 -39.86 -62.20
C LEU C 116 -26.37 -38.99 -62.23
N ASN C 117 -27.45 -39.54 -62.78
CA ASN C 117 -28.70 -38.80 -62.94
C ASN C 117 -29.41 -38.68 -61.59
N LYS C 118 -28.83 -37.85 -60.73
CA LYS C 118 -29.39 -37.51 -59.43
C LYS C 118 -29.76 -36.05 -59.42
N TYR C 119 -31.00 -35.74 -59.00
CA TYR C 119 -31.47 -34.37 -58.98
C TYR C 119 -31.39 -33.80 -57.57
N ASP C 120 -32.39 -34.09 -56.75
CA ASP C 120 -32.45 -33.61 -55.36
C ASP C 120 -32.49 -34.79 -54.40
N ASP C 121 -31.85 -34.62 -53.26
CA ASP C 121 -31.91 -35.59 -52.17
C ASP C 121 -33.34 -35.59 -51.63
N VAL C 122 -34.14 -36.57 -52.04
CA VAL C 122 -35.56 -36.58 -51.69
C VAL C 122 -35.82 -37.25 -50.35
N GLU C 123 -34.78 -37.76 -49.68
CA GLU C 123 -34.97 -38.41 -48.40
C GLU C 123 -35.44 -37.43 -47.33
N ASN C 124 -34.87 -36.22 -47.32
CA ASN C 124 -35.20 -35.24 -46.30
C ASN C 124 -36.23 -34.25 -46.80
N SER C 125 -35.82 -33.37 -47.72
CA SER C 125 -36.68 -32.34 -48.29
C SER C 125 -35.97 -31.75 -49.50
N GLY C 126 -36.48 -30.63 -50.00
CA GLY C 126 -35.88 -29.97 -51.13
C GLY C 126 -36.12 -30.67 -52.45
N SER C 127 -35.92 -29.96 -53.57
CA SER C 127 -35.53 -28.55 -53.54
C SER C 127 -36.34 -27.75 -54.55
N GLY C 128 -36.57 -26.48 -54.24
CA GLY C 128 -37.42 -25.57 -54.99
C GLY C 128 -37.60 -25.81 -56.47
N GLY C 129 -36.83 -25.10 -57.29
CA GLY C 129 -36.98 -25.21 -58.73
C GLY C 129 -35.71 -25.00 -59.52
N ASN C 130 -34.92 -26.05 -59.70
CA ASN C 130 -33.75 -25.95 -60.55
C ASN C 130 -33.71 -26.99 -61.67
N PRO C 131 -34.80 -27.28 -62.38
CA PRO C 131 -34.69 -28.20 -63.51
C PRO C 131 -34.06 -27.49 -64.70
N GLY C 132 -32.99 -28.07 -65.24
CA GLY C 132 -32.26 -27.42 -66.31
C GLY C 132 -31.69 -28.36 -67.33
N GLN C 133 -30.66 -27.88 -68.04
CA GLN C 133 -30.01 -28.66 -69.08
C GLN C 133 -29.46 -29.97 -68.52
N ASP C 134 -28.45 -29.88 -67.65
CA ASP C 134 -27.78 -31.04 -67.09
C ASP C 134 -27.69 -30.88 -65.58
N ASN C 135 -28.30 -31.80 -64.84
CA ASN C 135 -28.26 -31.81 -63.39
C ASN C 135 -27.53 -33.03 -62.83
N ARG C 136 -26.77 -33.73 -63.67
CA ARG C 136 -26.05 -34.91 -63.22
C ARG C 136 -24.96 -34.54 -62.22
N VAL C 137 -24.79 -35.40 -61.21
CA VAL C 137 -23.84 -35.19 -60.14
C VAL C 137 -22.91 -36.40 -60.06
N ASN C 138 -21.69 -36.16 -59.58
CA ASN C 138 -20.74 -37.23 -59.32
C ASN C 138 -21.11 -37.90 -57.99
N VAL C 139 -21.59 -39.15 -58.06
CA VAL C 139 -22.11 -39.85 -56.91
C VAL C 139 -21.51 -41.25 -56.86
N GLY C 140 -21.13 -41.69 -55.66
CA GLY C 140 -20.65 -43.05 -55.45
C GLY C 140 -21.48 -43.78 -54.43
N MET C 141 -21.39 -45.11 -54.41
CA MET C 141 -22.21 -45.92 -53.52
C MET C 141 -21.64 -47.32 -53.46
N ASP C 142 -22.08 -48.08 -52.45
CA ASP C 142 -21.76 -49.48 -52.31
C ASP C 142 -22.99 -50.31 -52.67
N TYR C 143 -22.75 -51.51 -53.22
CA TYR C 143 -23.81 -52.34 -53.74
C TYR C 143 -24.33 -53.30 -52.67
N LYS C 144 -25.38 -54.03 -53.02
CA LYS C 144 -25.97 -55.03 -52.14
C LYS C 144 -25.05 -56.24 -52.01
N GLN C 145 -24.95 -56.77 -50.79
CA GLN C 145 -24.12 -57.93 -50.52
C GLN C 145 -24.83 -59.20 -51.00
N THR C 146 -24.12 -60.02 -51.78
CA THR C 146 -24.69 -61.23 -52.35
C THR C 146 -23.63 -62.31 -52.38
N GLN C 147 -23.93 -63.46 -51.76
CA GLN C 147 -23.10 -64.65 -51.84
C GLN C 147 -23.92 -65.79 -52.39
N LEU C 148 -23.34 -66.55 -53.31
CA LEU C 148 -24.02 -67.71 -53.87
C LEU C 148 -23.02 -68.63 -54.55
N CYS C 149 -23.35 -69.92 -54.58
CA CYS C 149 -22.55 -70.90 -55.29
C CYS C 149 -23.47 -72.03 -55.74
N MET C 150 -23.26 -72.48 -56.98
CA MET C 150 -24.05 -73.57 -57.56
C MET C 150 -23.11 -74.58 -58.21
N VAL C 151 -23.61 -75.80 -58.38
CA VAL C 151 -22.89 -76.86 -59.06
C VAL C 151 -23.86 -77.63 -59.95
N GLY C 152 -23.40 -77.95 -61.16
CA GLY C 152 -24.16 -78.81 -62.05
C GLY C 152 -23.28 -79.25 -63.18
N CYS C 153 -23.81 -80.18 -63.98
CA CYS C 153 -23.14 -80.62 -65.19
C CYS C 153 -23.55 -79.83 -66.42
N ALA C 154 -24.37 -78.81 -66.24
CA ALA C 154 -24.81 -77.89 -67.28
C ALA C 154 -24.71 -76.47 -66.76
N PRO C 155 -24.48 -75.49 -67.64
CA PRO C 155 -24.30 -74.12 -67.17
C PRO C 155 -25.59 -73.58 -66.57
N PRO C 156 -25.49 -72.64 -65.64
CA PRO C 156 -26.69 -72.14 -64.95
C PRO C 156 -27.50 -71.20 -65.84
N LEU C 157 -28.76 -71.02 -65.44
CA LEU C 157 -29.68 -70.13 -66.13
C LEU C 157 -29.90 -68.87 -65.32
N GLY C 158 -29.80 -67.72 -65.97
CA GLY C 158 -30.08 -66.45 -65.35
C GLY C 158 -31.25 -65.76 -66.04
N GLU C 159 -31.96 -64.94 -65.28
CA GLU C 159 -33.11 -64.20 -65.78
C GLU C 159 -32.86 -62.70 -65.61
N HIS C 160 -33.33 -61.93 -66.59
CA HIS C 160 -33.20 -60.48 -66.53
C HIS C 160 -34.26 -59.85 -67.44
N TRP C 161 -34.59 -58.60 -67.14
CA TRP C 161 -35.57 -57.86 -67.92
C TRP C 161 -34.88 -57.04 -68.99
N GLY C 162 -35.29 -57.23 -70.24
CA GLY C 162 -34.69 -56.52 -71.35
C GLY C 162 -35.75 -55.85 -72.21
N LYS C 163 -35.27 -55.04 -73.15
CA LYS C 163 -36.15 -54.37 -74.12
C LYS C 163 -36.90 -55.43 -74.91
N GLY C 164 -38.19 -55.57 -74.64
CA GLY C 164 -38.94 -56.67 -75.21
C GLY C 164 -39.23 -56.50 -76.69
N LYS C 165 -39.60 -57.62 -77.31
CA LYS C 165 -39.99 -57.62 -78.71
C LYS C 165 -41.19 -56.70 -78.91
N GLN C 166 -41.11 -55.86 -79.93
CA GLN C 166 -42.15 -54.88 -80.19
C GLN C 166 -43.18 -55.44 -81.16
N CYS C 167 -44.46 -55.32 -80.80
CA CYS C 167 -44.88 -54.75 -79.53
C CYS C 167 -46.20 -55.36 -79.08
N THR C 168 -46.42 -55.38 -77.77
CA THR C 168 -47.75 -55.68 -77.24
C THR C 168 -48.62 -54.44 -77.42
N ASN C 169 -49.77 -54.60 -78.07
CA ASN C 169 -50.58 -53.50 -78.58
C ASN C 169 -49.84 -52.77 -79.68
N THR C 170 -50.46 -51.74 -80.25
CA THR C 170 -49.93 -51.07 -81.44
C THR C 170 -50.10 -49.57 -81.31
N PRO C 171 -49.46 -48.75 -82.19
CA PRO C 171 -48.43 -49.07 -83.17
C PRO C 171 -47.22 -48.12 -83.23
N VAL C 172 -47.20 -47.06 -82.42
CA VAL C 172 -46.42 -45.88 -82.77
C VAL C 172 -45.34 -45.59 -81.72
N GLN C 173 -44.31 -44.88 -82.17
CA GLN C 173 -43.22 -44.32 -81.41
C GLN C 173 -43.57 -42.85 -81.11
N ALA C 174 -42.67 -42.05 -80.50
CA ALA C 174 -41.32 -42.36 -80.05
C ALA C 174 -41.07 -41.83 -78.65
N GLY C 175 -39.97 -42.28 -78.04
CA GLY C 175 -39.64 -41.91 -76.68
C GLY C 175 -40.54 -42.51 -75.63
N ASP C 176 -41.49 -43.35 -76.01
CA ASP C 176 -42.39 -43.98 -75.06
C ASP C 176 -41.65 -45.06 -74.26
N CYS C 177 -42.33 -45.57 -73.24
CA CYS C 177 -41.75 -46.62 -72.41
C CYS C 177 -41.49 -47.86 -73.26
N PRO C 178 -40.31 -48.45 -73.19
CA PRO C 178 -40.03 -49.65 -73.98
C PRO C 178 -40.71 -50.87 -73.39
N PRO C 179 -41.13 -51.81 -74.23
CA PRO C 179 -41.74 -53.04 -73.71
C PRO C 179 -40.72 -53.89 -72.96
N LEU C 180 -41.15 -54.45 -71.84
CA LEU C 180 -40.31 -55.29 -71.00
C LEU C 180 -40.54 -56.76 -71.30
N GLU C 181 -39.46 -57.53 -71.30
CA GLU C 181 -39.53 -58.97 -71.52
C GLU C 181 -38.55 -59.68 -70.59
N LEU C 182 -39.02 -60.71 -69.91
CA LEU C 182 -38.18 -61.51 -69.03
C LEU C 182 -37.37 -62.48 -69.87
N ILE C 183 -36.06 -62.22 -69.99
CA ILE C 183 -35.19 -63.00 -70.85
C ILE C 183 -34.40 -63.98 -69.98
N THR C 184 -34.54 -65.27 -70.28
CA THR C 184 -33.73 -66.30 -69.64
C THR C 184 -32.55 -66.62 -70.55
N SER C 185 -31.36 -66.67 -69.97
CA SER C 185 -30.14 -66.88 -70.74
C SER C 185 -29.14 -67.67 -69.91
N VAL C 186 -28.01 -67.97 -70.52
CA VAL C 186 -26.93 -68.69 -69.85
C VAL C 186 -26.01 -67.68 -69.18
N ILE C 187 -25.72 -67.91 -67.90
CA ILE C 187 -24.86 -67.01 -67.14
C ILE C 187 -23.42 -67.30 -67.53
N GLN C 188 -22.76 -66.33 -68.16
CA GLN C 188 -21.38 -66.46 -68.58
C GLN C 188 -20.45 -65.91 -67.53
N ASP C 189 -19.20 -66.37 -67.56
CA ASP C 189 -18.18 -65.83 -66.66
C ASP C 189 -17.88 -64.39 -67.01
N GLY C 190 -18.09 -63.49 -66.05
CA GLY C 190 -17.91 -62.07 -66.27
C GLY C 190 -19.21 -61.27 -66.28
N ASP C 191 -20.35 -61.94 -66.35
CA ASP C 191 -21.62 -61.24 -66.27
C ASP C 191 -21.80 -60.62 -64.88
N MET C 192 -22.50 -59.50 -64.84
CA MET C 192 -22.70 -58.78 -63.60
C MET C 192 -23.88 -59.35 -62.82
N VAL C 193 -23.69 -59.49 -61.51
CA VAL C 193 -24.78 -59.88 -60.63
C VAL C 193 -25.67 -58.68 -60.37
N ASP C 194 -26.87 -58.93 -59.86
CA ASP C 194 -27.77 -57.85 -59.52
C ASP C 194 -27.11 -56.95 -58.47
N THR C 195 -27.48 -55.67 -58.48
CA THR C 195 -26.84 -54.72 -57.58
C THR C 195 -27.89 -54.20 -56.61
N GLY C 196 -28.21 -52.93 -56.70
CA GLY C 196 -29.38 -52.43 -56.02
C GLY C 196 -30.39 -51.77 -56.94
N PHE C 197 -30.64 -52.37 -58.11
CA PHE C 197 -31.49 -51.72 -59.10
C PHE C 197 -32.17 -52.74 -60.01
N GLY C 198 -32.17 -54.01 -59.62
CA GLY C 198 -32.83 -55.06 -60.36
C GLY C 198 -31.93 -55.72 -61.38
N ALA C 199 -32.47 -56.78 -61.98
CA ALA C 199 -31.80 -57.53 -63.03
C ALA C 199 -32.39 -57.07 -64.36
N MET C 200 -31.69 -56.17 -65.03
CA MET C 200 -32.18 -55.60 -66.27
C MET C 200 -31.00 -55.27 -67.19
N ASN C 201 -31.33 -55.05 -68.46
CA ASN C 201 -30.34 -54.71 -69.47
C ASN C 201 -30.25 -53.19 -69.54
N PHE C 202 -29.33 -52.62 -68.77
CA PHE C 202 -29.21 -51.17 -68.69
C PHE C 202 -28.76 -50.55 -70.00
N ALA C 203 -28.13 -51.32 -70.89
CA ALA C 203 -27.69 -50.77 -72.17
C ALA C 203 -28.88 -50.40 -73.06
N ASP C 204 -29.98 -51.13 -72.97
CA ASP C 204 -31.15 -50.89 -73.80
C ASP C 204 -32.26 -50.14 -73.08
N LEU C 205 -32.46 -50.42 -71.79
CA LEU C 205 -33.58 -49.84 -71.07
C LEU C 205 -33.27 -48.45 -70.51
N GLN C 206 -31.99 -48.10 -70.37
CA GLN C 206 -31.58 -46.79 -69.89
C GLN C 206 -30.67 -46.17 -70.94
N THR C 207 -31.24 -45.34 -71.79
CA THR C 207 -30.53 -44.79 -72.95
C THR C 207 -29.64 -43.60 -72.62
N ASN C 208 -29.76 -43.02 -71.43
CA ASN C 208 -28.99 -41.84 -71.08
C ASN C 208 -27.61 -42.18 -70.53
N LYS C 209 -27.30 -43.46 -70.34
CA LYS C 209 -25.99 -43.91 -69.88
C LYS C 209 -25.59 -43.24 -68.56
N SER C 210 -26.58 -42.88 -67.75
CA SER C 210 -26.27 -42.11 -66.54
C SER C 210 -27.19 -42.37 -65.36
N ASP C 211 -28.03 -43.41 -65.40
CA ASP C 211 -28.92 -43.68 -64.27
C ASP C 211 -28.31 -44.59 -63.23
N VAL C 212 -27.33 -45.42 -63.61
CA VAL C 212 -26.67 -46.33 -62.68
C VAL C 212 -25.16 -46.14 -62.83
N PRO C 213 -24.38 -46.57 -61.84
CA PRO C 213 -22.92 -46.39 -61.93
C PRO C 213 -22.33 -47.02 -63.18
N ILE C 214 -21.12 -46.58 -63.51
CA ILE C 214 -20.53 -46.87 -64.81
C ILE C 214 -20.25 -48.35 -65.01
N ASP C 215 -20.13 -49.13 -63.94
CA ASP C 215 -19.78 -50.53 -64.08
C ASP C 215 -20.97 -51.41 -64.44
N ILE C 216 -22.17 -50.86 -64.56
CA ILE C 216 -23.35 -51.64 -64.91
C ILE C 216 -24.19 -50.90 -65.94
N CYS C 217 -23.85 -49.63 -66.20
CA CYS C 217 -24.66 -48.81 -67.10
C CYS C 217 -24.52 -49.22 -68.56
N GLY C 218 -23.51 -50.02 -68.90
CA GLY C 218 -23.34 -50.46 -70.27
C GLY C 218 -23.38 -51.97 -70.43
N THR C 219 -23.79 -52.67 -69.38
CA THR C 219 -23.85 -54.12 -69.39
C THR C 219 -25.24 -54.55 -68.94
N THR C 220 -25.35 -55.80 -68.48
CA THR C 220 -26.61 -56.37 -68.05
C THR C 220 -26.40 -57.10 -66.73
N CYS C 221 -27.28 -56.84 -65.76
CA CYS C 221 -27.29 -57.56 -64.50
C CYS C 221 -28.24 -58.74 -64.59
N LYS C 222 -27.73 -59.94 -64.36
CA LYS C 222 -28.52 -61.16 -64.43
C LYS C 222 -28.72 -61.73 -63.04
N TYR C 223 -29.92 -62.24 -62.79
CA TYR C 223 -30.26 -62.90 -61.55
C TYR C 223 -30.57 -64.37 -61.82
N PRO C 224 -30.14 -65.28 -60.96
CA PRO C 224 -30.36 -66.71 -61.21
C PRO C 224 -31.84 -67.05 -61.25
N ASP C 225 -32.23 -67.82 -62.27
CA ASP C 225 -33.60 -68.31 -62.39
C ASP C 225 -33.71 -69.63 -61.63
N TYR C 226 -33.84 -69.50 -60.31
CA TYR C 226 -33.92 -70.67 -59.45
C TYR C 226 -35.16 -71.51 -59.77
N LEU C 227 -36.27 -70.85 -60.11
CA LEU C 227 -37.51 -71.57 -60.36
C LEU C 227 -37.40 -72.45 -61.60
N GLN C 228 -36.84 -71.92 -62.68
CA GLN C 228 -36.73 -72.69 -63.92
C GLN C 228 -35.71 -73.82 -63.77
N MET C 229 -34.55 -73.53 -63.19
CA MET C 229 -33.52 -74.55 -63.05
C MET C 229 -33.96 -75.68 -62.12
N ALA C 230 -34.84 -75.39 -61.16
CA ALA C 230 -35.35 -76.44 -60.29
C ALA C 230 -36.46 -77.24 -60.94
N ALA C 231 -37.23 -76.63 -61.84
CA ALA C 231 -38.39 -77.29 -62.44
C ALA C 231 -38.07 -78.06 -63.71
N ASP C 232 -36.83 -78.01 -64.20
CA ASP C 232 -36.49 -78.79 -65.38
C ASP C 232 -36.47 -80.28 -65.02
N PRO C 233 -36.82 -81.15 -65.96
CA PRO C 233 -36.95 -82.58 -65.65
C PRO C 233 -35.68 -83.23 -65.10
N TYR C 234 -34.59 -83.23 -65.88
CA TYR C 234 -33.40 -83.96 -65.46
C TYR C 234 -32.65 -83.25 -64.34
N GLY C 235 -32.75 -81.93 -64.26
CA GLY C 235 -32.05 -81.21 -63.21
C GLY C 235 -30.54 -81.23 -63.35
N ASP C 236 -30.02 -81.06 -64.57
CA ASP C 236 -28.59 -81.07 -64.81
C ASP C 236 -27.91 -79.77 -64.38
N ARG C 237 -28.68 -78.72 -64.13
CA ARG C 237 -28.11 -77.41 -63.82
C ARG C 237 -28.02 -77.11 -62.33
N LEU C 238 -28.79 -77.80 -61.49
CA LEU C 238 -28.79 -77.57 -60.05
C LEU C 238 -28.55 -78.88 -59.31
N PHE C 239 -27.28 -79.24 -59.12
CA PHE C 239 -26.97 -80.27 -58.14
C PHE C 239 -27.31 -79.78 -56.74
N PHE C 240 -26.92 -78.54 -56.43
CA PHE C 240 -27.33 -77.86 -55.21
C PHE C 240 -27.04 -76.37 -55.40
N PHE C 241 -27.54 -75.57 -54.46
CA PHE C 241 -27.24 -74.15 -54.43
C PHE C 241 -27.29 -73.64 -53.01
N LEU C 242 -26.49 -72.61 -52.75
CA LEU C 242 -26.50 -71.87 -51.49
C LEU C 242 -26.47 -70.39 -51.82
N ARG C 243 -27.15 -69.59 -51.01
CA ARG C 243 -27.28 -68.17 -51.32
C ARG C 243 -27.48 -67.35 -50.06
N LYS C 244 -27.02 -66.10 -50.12
CA LYS C 244 -27.28 -65.11 -49.07
C LYS C 244 -27.25 -63.73 -49.70
N GLU C 245 -28.40 -63.07 -49.73
CA GLU C 245 -28.52 -61.72 -50.26
C GLU C 245 -28.99 -60.79 -49.15
N GLN C 246 -28.45 -59.58 -49.11
CA GLN C 246 -28.90 -58.65 -48.09
C GLN C 246 -28.60 -57.22 -48.55
N MET C 247 -29.49 -56.29 -48.21
CA MET C 247 -29.32 -54.88 -48.55
C MET C 247 -30.35 -54.07 -47.78
N PHE C 248 -30.09 -52.76 -47.69
CA PHE C 248 -31.05 -51.81 -47.14
C PHE C 248 -30.98 -50.52 -47.94
N ALA C 249 -31.96 -49.64 -47.71
CA ALA C 249 -32.06 -48.39 -48.46
C ALA C 249 -31.17 -47.33 -47.80
N ARG C 250 -30.10 -46.94 -48.49
CA ARG C 250 -29.19 -45.93 -47.96
C ARG C 250 -29.78 -44.54 -48.07
N HIS C 251 -29.93 -44.04 -49.30
CA HIS C 251 -30.44 -42.69 -49.55
C HIS C 251 -31.48 -42.74 -50.65
N PHE C 252 -32.29 -41.68 -50.71
CA PHE C 252 -33.34 -41.55 -51.71
C PHE C 252 -33.10 -40.29 -52.53
N PHE C 253 -33.44 -40.35 -53.82
CA PHE C 253 -33.39 -39.18 -54.68
C PHE C 253 -34.25 -39.43 -55.90
N ASN C 254 -34.44 -38.39 -56.70
CA ASN C 254 -35.27 -38.45 -57.90
C ASN C 254 -34.43 -38.19 -59.14
N ARG C 255 -34.96 -38.62 -60.28
CA ARG C 255 -34.28 -38.49 -61.56
C ARG C 255 -34.57 -37.14 -62.20
N ALA C 256 -33.59 -36.63 -62.93
CA ALA C 256 -33.79 -35.44 -63.73
C ALA C 256 -34.33 -35.81 -65.09
N GLY C 257 -35.05 -34.87 -65.70
CA GLY C 257 -35.68 -35.08 -66.99
C GLY C 257 -37.19 -35.12 -66.89
N GLU C 258 -37.82 -35.25 -68.06
CA GLU C 258 -39.27 -35.22 -68.13
C GLU C 258 -39.85 -36.54 -67.62
N VAL C 259 -40.95 -36.43 -66.87
CA VAL C 259 -41.67 -37.60 -66.38
C VAL C 259 -42.48 -38.17 -67.54
N GLY C 260 -42.12 -39.37 -67.98
CA GLY C 260 -42.81 -39.98 -69.11
C GLY C 260 -44.26 -40.32 -68.80
N GLU C 261 -44.55 -40.70 -67.57
CA GLU C 261 -45.91 -41.02 -67.12
C GLU C 261 -46.20 -40.13 -65.93
N PRO C 262 -46.98 -39.08 -66.11
CA PRO C 262 -47.18 -38.11 -65.03
C PRO C 262 -48.12 -38.64 -63.97
N VAL C 263 -48.07 -38.01 -62.81
CA VAL C 263 -48.95 -38.42 -61.71
C VAL C 263 -50.39 -38.15 -62.12
N PRO C 264 -51.33 -39.07 -61.88
CA PRO C 264 -52.72 -38.81 -62.25
C PRO C 264 -53.24 -37.59 -61.51
N ASP C 265 -54.20 -36.90 -62.14
CA ASP C 265 -54.76 -35.70 -61.54
C ASP C 265 -55.51 -36.02 -60.24
N THR C 266 -56.16 -37.19 -60.20
CA THR C 266 -56.99 -37.60 -59.08
C THR C 266 -56.17 -37.76 -57.81
N LEU C 267 -54.85 -37.88 -57.92
CA LEU C 267 -54.01 -38.16 -56.77
C LEU C 267 -53.28 -36.94 -56.23
N ILE C 268 -53.33 -35.77 -56.88
CA ILE C 268 -52.64 -34.60 -56.37
C ILE C 268 -53.51 -33.37 -56.56
N ILE C 269 -53.58 -32.53 -55.54
CA ILE C 269 -54.26 -31.25 -55.61
C ILE C 269 -53.26 -30.22 -56.13
N LYS C 270 -53.53 -29.68 -57.32
CA LYS C 270 -52.58 -28.79 -57.97
C LYS C 270 -52.43 -27.48 -57.21
N GLY C 271 -51.17 -27.02 -57.12
CA GLY C 271 -50.84 -25.71 -56.63
C GLY C 271 -50.13 -24.88 -57.68
N SER C 272 -49.53 -23.78 -57.24
CA SER C 272 -49.51 -23.30 -55.86
C SER C 272 -49.21 -21.82 -55.79
N GLY C 273 -49.68 -21.05 -56.76
CA GLY C 273 -49.06 -19.76 -56.92
C GLY C 273 -47.74 -20.02 -57.59
N ASN C 274 -46.71 -20.27 -56.78
CA ASN C 274 -45.45 -20.80 -57.26
C ASN C 274 -45.61 -22.31 -57.45
N ARG C 275 -44.52 -23.07 -57.48
CA ARG C 275 -44.55 -24.50 -57.76
C ARG C 275 -45.25 -24.82 -59.08
N THR C 276 -46.56 -25.09 -59.06
CA THR C 276 -47.35 -25.37 -60.26
C THR C 276 -46.79 -26.47 -61.15
N SER C 277 -45.48 -26.59 -61.25
CA SER C 277 -44.87 -27.67 -62.00
C SER C 277 -44.60 -28.80 -61.04
N VAL C 278 -45.18 -29.97 -61.32
CA VAL C 278 -45.06 -31.11 -60.42
C VAL C 278 -43.62 -31.62 -60.47
N GLY C 279 -43.01 -31.76 -59.30
CA GLY C 279 -41.64 -32.24 -59.22
C GLY C 279 -41.48 -33.63 -59.81
N SER C 280 -40.22 -34.00 -60.03
CA SER C 280 -39.90 -35.30 -60.59
C SER C 280 -40.36 -36.41 -59.66
N SER C 281 -41.24 -37.28 -60.17
CA SER C 281 -41.81 -38.36 -59.39
C SER C 281 -41.21 -39.71 -59.77
N ILE C 282 -39.94 -39.73 -60.15
CA ILE C 282 -39.22 -40.95 -60.48
C ILE C 282 -38.21 -41.18 -59.35
N TYR C 283 -38.60 -42.00 -58.37
CA TYR C 283 -37.80 -42.23 -57.18
C TYR C 283 -36.99 -43.51 -57.29
N VAL C 284 -35.73 -43.44 -56.85
CA VAL C 284 -34.85 -44.59 -56.76
C VAL C 284 -34.01 -44.46 -55.50
N ASN C 285 -33.70 -45.59 -54.88
CA ASN C 285 -32.94 -45.62 -53.64
C ASN C 285 -31.58 -46.24 -53.87
N THR C 286 -30.56 -45.69 -53.22
CA THR C 286 -29.25 -46.33 -53.27
C THR C 286 -29.24 -47.55 -52.35
N PRO C 287 -28.66 -48.66 -52.79
CA PRO C 287 -28.54 -49.82 -51.91
C PRO C 287 -27.31 -49.72 -51.03
N SER C 288 -27.21 -50.67 -50.10
CA SER C 288 -26.03 -50.79 -49.26
C SER C 288 -25.94 -52.21 -48.73
N GLY C 289 -24.77 -52.82 -48.86
CA GLY C 289 -24.60 -54.19 -48.44
C GLY C 289 -24.50 -54.39 -46.94
N SER C 290 -24.44 -53.30 -46.19
CA SER C 290 -24.39 -53.34 -44.71
C SER C 290 -23.12 -54.08 -44.29
N LEU C 291 -23.19 -54.78 -43.16
CA LEU C 291 -22.02 -55.41 -42.57
C LEU C 291 -21.68 -56.72 -43.28
N VAL C 292 -20.39 -56.93 -43.53
CA VAL C 292 -19.86 -58.20 -43.99
C VAL C 292 -19.09 -58.82 -42.84
N SER C 293 -19.30 -60.11 -42.59
CA SER C 293 -18.68 -60.76 -41.45
C SER C 293 -18.26 -62.18 -41.83
N SER C 294 -17.34 -62.72 -41.03
CA SER C 294 -16.89 -64.09 -41.26
C SER C 294 -17.97 -65.11 -40.92
N GLU C 295 -18.83 -64.80 -39.95
CA GLU C 295 -19.90 -65.70 -39.59
C GLU C 295 -20.90 -65.89 -40.73
N ALA C 296 -21.00 -64.92 -41.63
CA ALA C 296 -21.91 -64.99 -42.76
C ALA C 296 -21.28 -65.63 -43.99
N GLN C 297 -20.03 -66.07 -43.89
CA GLN C 297 -19.34 -66.61 -45.05
C GLN C 297 -19.90 -67.97 -45.45
N LEU C 298 -20.05 -68.17 -46.75
CA LEU C 298 -20.45 -69.46 -47.31
C LEU C 298 -19.27 -70.31 -47.76
N PHE C 299 -18.10 -69.71 -47.92
CA PHE C 299 -16.95 -70.36 -48.53
C PHE C 299 -15.95 -70.77 -47.45
N ASN C 300 -14.81 -71.30 -47.91
CA ASN C 300 -13.74 -71.82 -47.04
C ASN C 300 -14.23 -72.93 -46.12
N LYS C 301 -15.34 -73.58 -46.46
CA LYS C 301 -15.87 -74.71 -45.72
C LYS C 301 -16.42 -75.72 -46.71
N PRO C 302 -16.24 -77.01 -46.45
CA PRO C 302 -16.63 -78.03 -47.42
C PRO C 302 -18.14 -78.24 -47.47
N TYR C 303 -18.60 -78.67 -48.64
CA TYR C 303 -19.99 -79.07 -48.85
C TYR C 303 -20.02 -80.47 -49.44
N TRP C 304 -20.80 -81.36 -48.84
CA TRP C 304 -20.94 -82.73 -49.28
C TRP C 304 -22.31 -82.93 -49.89
N LEU C 305 -22.34 -83.32 -51.17
CA LEU C 305 -23.60 -83.51 -51.88
C LEU C 305 -24.21 -84.85 -51.44
N GLN C 306 -24.86 -84.83 -50.28
CA GLN C 306 -25.51 -86.03 -49.77
C GLN C 306 -26.69 -86.42 -50.66
N LYS C 307 -27.59 -85.46 -50.92
CA LYS C 307 -28.76 -85.70 -51.75
C LYS C 307 -28.99 -84.48 -52.63
N ALA C 308 -29.27 -84.73 -53.91
CA ALA C 308 -29.54 -83.67 -54.86
C ALA C 308 -31.04 -83.37 -54.92
N GLN C 309 -31.35 -82.10 -55.21
CA GLN C 309 -32.75 -81.71 -55.34
C GLN C 309 -33.38 -82.28 -56.60
N GLY C 310 -32.62 -82.30 -57.70
CA GLY C 310 -33.09 -82.86 -58.95
C GLY C 310 -32.86 -84.35 -59.03
N HIS C 311 -33.14 -84.90 -60.22
CA HIS C 311 -32.93 -86.32 -60.46
C HIS C 311 -31.46 -86.64 -60.69
N ASN C 312 -30.71 -85.71 -61.27
CA ASN C 312 -29.27 -85.88 -61.44
C ASN C 312 -28.60 -85.72 -60.08
N ASN C 313 -28.21 -86.84 -59.47
CA ASN C 313 -27.64 -86.84 -58.13
C ASN C 313 -26.12 -86.67 -58.18
N GLY C 314 -25.71 -85.58 -58.83
CA GLY C 314 -24.30 -85.23 -58.89
C GLY C 314 -23.49 -85.94 -59.94
N ILE C 315 -24.12 -86.44 -60.99
CA ILE C 315 -23.42 -87.13 -62.07
C ILE C 315 -22.93 -86.09 -63.07
N CYS C 316 -21.62 -86.07 -63.31
CA CYS C 316 -21.01 -85.09 -64.21
C CYS C 316 -20.99 -85.66 -65.62
N TRP C 317 -22.13 -85.52 -66.31
CA TRP C 317 -22.22 -85.99 -67.68
C TRP C 317 -21.28 -85.21 -68.59
N GLY C 318 -20.68 -85.90 -69.54
CA GLY C 318 -19.70 -85.29 -70.41
C GLY C 318 -18.36 -85.02 -69.77
N ASN C 319 -18.14 -85.53 -68.56
CA ASN C 319 -16.88 -85.34 -67.83
C ASN C 319 -16.56 -83.86 -67.66
N GLN C 320 -17.58 -83.08 -67.31
CA GLN C 320 -17.41 -81.66 -67.08
C GLN C 320 -18.30 -81.24 -65.92
N LEU C 321 -17.94 -80.11 -65.29
CA LEU C 321 -18.66 -79.62 -64.13
C LEU C 321 -18.66 -78.10 -64.12
N PHE C 322 -19.85 -77.52 -64.02
CA PHE C 322 -20.02 -76.07 -63.97
C PHE C 322 -20.23 -75.63 -62.53
N VAL C 323 -19.33 -74.79 -62.04
CA VAL C 323 -19.39 -74.26 -60.68
C VAL C 323 -19.51 -72.74 -60.79
N THR C 324 -20.65 -72.20 -60.38
CA THR C 324 -20.89 -70.77 -60.38
C THR C 324 -20.71 -70.21 -58.98
N VAL C 325 -20.04 -69.05 -58.88
CA VAL C 325 -19.74 -68.43 -57.61
C VAL C 325 -19.93 -66.92 -57.73
N VAL C 326 -20.64 -66.34 -56.78
CA VAL C 326 -20.74 -64.89 -56.62
C VAL C 326 -20.37 -64.54 -55.20
N ASP C 327 -19.39 -63.65 -55.03
CA ASP C 327 -18.88 -63.28 -53.71
C ASP C 327 -18.60 -61.78 -53.70
N THR C 328 -19.50 -61.02 -53.08
CA THR C 328 -19.35 -59.58 -52.94
C THR C 328 -18.74 -59.18 -51.60
N THR C 329 -18.41 -60.16 -50.74
CA THR C 329 -17.82 -59.88 -49.45
C THR C 329 -16.33 -59.58 -49.53
N ARG C 330 -15.73 -59.71 -50.71
CA ARG C 330 -14.32 -59.39 -50.91
C ARG C 330 -14.16 -58.47 -52.12
N SER C 331 -15.02 -57.45 -52.18
CA SER C 331 -15.08 -56.55 -53.33
C SER C 331 -14.24 -55.29 -53.16
N THR C 332 -13.38 -55.24 -52.14
CA THR C 332 -12.59 -54.03 -51.89
C THR C 332 -11.74 -53.68 -53.10
N ASN C 333 -11.88 -52.43 -53.56
CA ASN C 333 -11.15 -51.93 -54.71
C ASN C 333 -9.92 -51.15 -54.23
N MET C 334 -8.73 -51.65 -54.59
CA MET C 334 -7.50 -51.00 -54.18
C MET C 334 -7.20 -49.79 -55.05
N THR C 335 -6.71 -48.72 -54.43
CA THR C 335 -6.35 -47.50 -55.13
C THR C 335 -4.83 -47.39 -55.23
N LEU C 336 -4.33 -47.24 -56.45
CA LEU C 336 -2.91 -47.07 -56.70
C LEU C 336 -2.65 -45.62 -57.12
N CYS C 337 -1.50 -45.10 -56.69
CA CYS C 337 -1.13 -43.72 -56.98
C CYS C 337 0.32 -43.69 -57.46
N ALA C 338 0.52 -43.32 -58.72
CA ALA C 338 1.85 -43.24 -59.32
C ALA C 338 2.22 -41.78 -59.56
N SER C 339 3.46 -41.43 -59.25
CA SER C 339 3.94 -40.06 -59.39
C SER C 339 4.55 -39.85 -60.76
N VAL C 340 4.07 -38.84 -61.48
CA VAL C 340 4.67 -38.45 -62.73
C VAL C 340 5.88 -37.55 -62.49
N THR C 341 5.78 -36.66 -61.50
CA THR C 341 6.89 -35.81 -61.10
C THR C 341 6.76 -35.58 -59.60
N THR C 342 7.75 -34.89 -59.02
CA THR C 342 7.77 -34.56 -57.60
C THR C 342 8.14 -33.09 -57.46
N SER C 343 7.12 -32.23 -57.45
CA SER C 343 7.34 -30.80 -57.30
C SER C 343 7.85 -30.49 -55.89
N SER C 344 8.33 -29.26 -55.73
CA SER C 344 8.84 -28.84 -54.41
C SER C 344 7.74 -28.91 -53.36
N THR C 345 6.53 -28.51 -53.71
CA THR C 345 5.36 -28.63 -52.85
C THR C 345 4.45 -29.74 -53.38
N TYR C 346 3.33 -29.94 -52.69
CA TYR C 346 2.36 -30.95 -53.11
C TYR C 346 1.44 -30.37 -54.17
N THR C 347 1.41 -31.01 -55.34
CA THR C 347 0.56 -30.59 -56.45
C THR C 347 -0.14 -31.81 -57.02
N ASN C 348 -1.47 -31.71 -57.18
CA ASN C 348 -2.25 -32.84 -57.67
C ASN C 348 -1.84 -33.26 -59.07
N SER C 349 -1.30 -32.34 -59.87
CA SER C 349 -0.89 -32.66 -61.23
C SER C 349 0.27 -33.64 -61.28
N ASP C 350 0.93 -33.91 -60.16
CA ASP C 350 2.09 -34.79 -60.14
C ASP C 350 1.74 -36.27 -60.00
N TYR C 351 0.47 -36.60 -59.76
CA TYR C 351 0.09 -37.98 -59.46
C TYR C 351 -1.05 -38.43 -60.35
N LYS C 352 -1.04 -39.74 -60.65
CA LYS C 352 -2.13 -40.39 -61.37
C LYS C 352 -2.76 -41.43 -60.45
N GLU C 353 -4.08 -41.45 -60.39
CA GLU C 353 -4.81 -42.40 -59.55
C GLU C 353 -5.40 -43.50 -60.40
N TYR C 354 -5.29 -44.74 -59.92
CA TYR C 354 -5.76 -45.91 -60.65
C TYR C 354 -6.65 -46.76 -59.75
N MET C 355 -7.54 -47.52 -60.38
CA MET C 355 -8.42 -48.46 -59.70
C MET C 355 -7.99 -49.88 -60.05
N ARG C 356 -7.88 -50.73 -59.03
CA ARG C 356 -7.50 -52.12 -59.23
C ARG C 356 -8.27 -53.01 -58.26
N HIS C 357 -8.73 -54.15 -58.76
CA HIS C 357 -9.43 -55.14 -57.96
C HIS C 357 -8.86 -56.52 -58.25
N VAL C 358 -8.89 -57.39 -57.24
CA VAL C 358 -8.29 -58.71 -57.33
C VAL C 358 -9.27 -59.75 -56.81
N GLU C 359 -9.14 -60.98 -57.31
CA GLU C 359 -9.95 -62.11 -56.88
C GLU C 359 -9.07 -63.34 -56.80
N GLU C 360 -9.11 -64.03 -55.67
CA GLU C 360 -8.30 -65.22 -55.43
C GLU C 360 -9.21 -66.40 -55.13
N TYR C 361 -9.03 -67.49 -55.87
CA TYR C 361 -9.87 -68.67 -55.73
C TYR C 361 -9.00 -69.92 -55.60
N ASP C 362 -9.57 -70.94 -54.96
CA ASP C 362 -8.94 -72.27 -54.89
C ASP C 362 -10.06 -73.29 -54.89
N LEU C 363 -10.31 -73.90 -56.05
CA LEU C 363 -11.38 -74.87 -56.21
C LEU C 363 -10.88 -76.26 -55.85
N GLN C 364 -11.55 -76.91 -54.91
CA GLN C 364 -11.19 -78.25 -54.46
C GLN C 364 -12.40 -79.17 -54.62
N PHE C 365 -12.18 -80.31 -55.28
CA PHE C 365 -13.25 -81.26 -55.56
C PHE C 365 -12.85 -82.65 -55.09
N ILE C 366 -13.86 -83.47 -54.84
CA ILE C 366 -13.69 -84.89 -54.55
C ILE C 366 -14.78 -85.66 -55.27
N PHE C 367 -14.38 -86.50 -56.22
CA PHE C 367 -15.31 -87.23 -57.09
C PHE C 367 -15.33 -88.71 -56.74
N GLN C 368 -16.43 -89.35 -57.11
CA GLN C 368 -16.62 -90.78 -56.90
C GLN C 368 -16.82 -91.45 -58.25
N LEU C 369 -16.04 -92.50 -58.51
CA LEU C 369 -16.16 -93.22 -59.77
C LEU C 369 -17.44 -94.05 -59.78
N CYS C 370 -18.11 -94.06 -60.93
CA CYS C 370 -19.37 -94.78 -61.07
C CYS C 370 -19.41 -95.48 -62.43
N SER C 371 -20.07 -96.63 -62.45
CA SER C 371 -20.26 -97.41 -63.67
C SER C 371 -21.73 -97.50 -64.02
N ILE C 372 -22.01 -97.68 -65.30
CA ILE C 372 -23.38 -97.78 -65.82
C ILE C 372 -23.47 -99.02 -66.70
N THR C 373 -24.30 -99.97 -66.29
CA THR C 373 -24.56 -101.16 -67.10
C THR C 373 -25.54 -100.77 -68.20
N LEU C 374 -25.09 -100.83 -69.45
CA LEU C 374 -25.87 -100.33 -70.58
C LEU C 374 -26.75 -101.45 -71.12
N SER C 375 -27.93 -101.58 -70.56
CA SER C 375 -28.94 -102.46 -71.12
C SER C 375 -29.68 -101.73 -72.23
N ALA C 376 -30.61 -102.43 -72.88
CA ALA C 376 -31.40 -101.80 -73.94
C ALA C 376 -32.24 -100.65 -73.39
N GLU C 377 -32.80 -100.80 -72.19
CA GLU C 377 -33.58 -99.72 -71.61
C GLU C 377 -32.70 -98.55 -71.20
N VAL C 378 -31.50 -98.83 -70.69
CA VAL C 378 -30.59 -97.76 -70.30
C VAL C 378 -30.12 -96.99 -71.52
N VAL C 379 -29.76 -97.70 -72.59
CA VAL C 379 -29.32 -97.03 -73.82
C VAL C 379 -30.45 -96.17 -74.39
N ALA C 380 -31.69 -96.66 -74.31
CA ALA C 380 -32.83 -95.88 -74.79
C ALA C 380 -33.02 -94.62 -73.95
N TYR C 381 -32.95 -94.76 -72.63
CA TYR C 381 -33.13 -93.61 -71.74
C TYR C 381 -31.99 -92.59 -71.91
N ILE C 382 -30.80 -93.07 -72.28
CA ILE C 382 -29.67 -92.16 -72.47
C ILE C 382 -29.62 -91.58 -73.88
N HIS C 383 -30.26 -92.21 -74.86
CA HIS C 383 -30.38 -91.58 -76.17
C HIS C 383 -31.23 -90.32 -76.09
N THR C 384 -32.43 -90.43 -75.53
CA THR C 384 -33.10 -89.24 -75.03
C THR C 384 -32.28 -88.63 -73.89
N MET C 385 -32.67 -87.43 -73.47
CA MET C 385 -31.82 -86.59 -72.62
C MET C 385 -30.61 -86.19 -73.48
N ASN C 386 -29.41 -86.23 -72.91
CA ASN C 386 -28.22 -85.89 -73.69
C ASN C 386 -27.80 -87.06 -74.57
N PRO C 387 -27.92 -86.94 -75.90
CA PRO C 387 -27.49 -88.05 -76.77
C PRO C 387 -25.99 -88.12 -76.95
N SER C 388 -25.28 -87.02 -76.77
CA SER C 388 -23.82 -87.03 -76.92
C SER C 388 -23.15 -87.92 -75.89
N VAL C 389 -23.83 -88.22 -74.78
CA VAL C 389 -23.26 -89.13 -73.79
C VAL C 389 -22.97 -90.50 -74.39
N LEU C 390 -23.87 -90.97 -75.27
CA LEU C 390 -23.63 -92.25 -75.94
C LEU C 390 -22.62 -92.11 -77.07
N GLU C 391 -22.63 -90.98 -77.79
CA GLU C 391 -21.70 -90.79 -78.89
C GLU C 391 -20.26 -90.64 -78.39
N ASP C 392 -20.06 -89.89 -77.31
CA ASP C 392 -18.72 -89.73 -76.75
C ASP C 392 -18.20 -91.00 -76.10
N TRP C 393 -19.09 -91.92 -75.71
CA TRP C 393 -18.65 -93.18 -75.14
C TRP C 393 -18.20 -94.18 -76.19
N ASN C 394 -18.42 -93.91 -77.49
CA ASN C 394 -18.09 -94.82 -78.57
C ASN C 394 -18.74 -96.19 -78.36
N PHE C 395 -20.04 -96.16 -78.07
CA PHE C 395 -20.81 -97.36 -77.78
C PHE C 395 -22.02 -97.45 -78.68
N PRO C 429 -17.89 -78.46 -82.47
CA PRO C 429 -19.16 -79.15 -82.22
C PRO C 429 -19.83 -78.72 -80.92
N ASP C 430 -19.04 -78.35 -79.92
CA ASP C 430 -19.56 -77.96 -78.62
C ASP C 430 -20.41 -76.69 -78.73
N PRO C 431 -21.69 -76.75 -78.37
CA PRO C 431 -22.52 -75.52 -78.42
C PRO C 431 -22.11 -74.47 -77.40
N TYR C 432 -21.27 -74.82 -76.43
CA TYR C 432 -20.84 -73.88 -75.40
C TYR C 432 -19.56 -73.15 -75.79
N LYS C 433 -19.07 -73.33 -77.02
CA LYS C 433 -17.89 -72.61 -77.47
C LYS C 433 -18.20 -71.19 -77.89
N ASN C 434 -19.48 -70.82 -78.00
CA ASN C 434 -19.87 -69.45 -78.23
C ASN C 434 -19.97 -68.65 -76.94
N LEU C 435 -20.07 -69.33 -75.80
CA LEU C 435 -20.11 -68.69 -74.50
C LEU C 435 -18.69 -68.50 -73.97
N SER C 436 -18.58 -67.99 -72.74
CA SER C 436 -17.28 -67.71 -72.14
C SER C 436 -17.29 -68.17 -70.69
N PHE C 437 -16.43 -69.13 -70.36
CA PHE C 437 -16.28 -69.62 -69.01
C PHE C 437 -14.81 -69.60 -68.62
N TRP C 438 -14.56 -69.62 -67.31
CA TRP C 438 -13.21 -69.73 -66.78
C TRP C 438 -12.80 -71.20 -66.83
N GLU C 439 -11.95 -71.56 -67.79
CA GLU C 439 -11.56 -72.94 -67.98
C GLU C 439 -10.69 -73.42 -66.82
N VAL C 440 -11.11 -74.51 -66.18
CA VAL C 440 -10.37 -75.13 -65.10
C VAL C 440 -10.06 -76.55 -65.54
N ASN C 441 -8.85 -76.77 -66.03
CA ASN C 441 -8.45 -78.07 -66.55
C ASN C 441 -7.98 -78.93 -65.37
N LEU C 442 -8.81 -79.88 -64.96
CA LEU C 442 -8.47 -80.78 -63.87
C LEU C 442 -7.99 -82.14 -64.37
N LYS C 443 -7.82 -82.30 -65.69
CA LYS C 443 -7.10 -83.45 -66.19
C LYS C 443 -5.64 -83.38 -65.76
N GLU C 444 -5.04 -84.54 -65.54
CA GLU C 444 -3.70 -84.68 -64.98
C GLU C 444 -3.59 -84.12 -63.56
N LYS C 445 -4.72 -83.79 -62.94
CA LYS C 445 -4.76 -83.28 -61.57
C LYS C 445 -5.44 -84.22 -60.59
N PHE C 446 -6.06 -85.30 -61.07
CA PHE C 446 -6.71 -86.25 -60.19
C PHE C 446 -5.67 -87.06 -59.42
N SER C 447 -5.96 -87.32 -58.15
CA SER C 447 -5.08 -88.10 -57.30
C SER C 447 -5.90 -89.03 -56.42
N SER C 448 -5.43 -90.26 -56.26
CA SER C 448 -6.10 -91.24 -55.42
C SER C 448 -5.65 -91.18 -53.97
N GLU C 449 -4.60 -90.43 -53.66
CA GLU C 449 -4.10 -90.29 -52.30
C GLU C 449 -4.83 -89.14 -51.64
N LEU C 450 -5.97 -89.46 -51.00
CA LEU C 450 -6.85 -88.43 -50.47
C LEU C 450 -6.23 -87.72 -49.27
N ASP C 451 -5.52 -88.46 -48.40
CA ASP C 451 -5.00 -87.87 -47.17
C ASP C 451 -3.89 -86.87 -47.40
N GLN C 452 -3.43 -86.67 -48.64
CA GLN C 452 -2.38 -85.72 -48.95
C GLN C 452 -2.89 -84.32 -49.23
N TYR C 453 -4.18 -84.07 -49.03
CA TYR C 453 -4.79 -82.80 -49.38
C TYR C 453 -5.80 -82.40 -48.31
N PRO C 454 -6.04 -81.10 -48.14
CA PRO C 454 -6.97 -80.66 -47.07
C PRO C 454 -8.38 -81.20 -47.22
N LEU C 455 -8.98 -81.04 -48.41
CA LEU C 455 -10.35 -81.52 -48.61
C LEU C 455 -10.42 -83.04 -48.50
N GLY C 456 -9.37 -83.73 -48.97
CA GLY C 456 -9.33 -85.18 -48.80
C GLY C 456 -9.26 -85.60 -47.34
N ARG C 457 -8.46 -84.90 -46.55
CA ARG C 457 -8.38 -85.18 -45.12
C ARG C 457 -9.74 -84.97 -44.46
N LYS C 458 -10.44 -83.89 -44.81
CA LYS C 458 -11.77 -83.65 -44.26
C LYS C 458 -12.76 -84.71 -44.72
N PHE C 459 -12.56 -85.27 -45.91
CA PHE C 459 -13.48 -86.29 -46.41
C PHE C 459 -13.33 -87.60 -45.64
N LEU C 460 -12.10 -87.98 -45.33
CA LEU C 460 -11.88 -89.23 -44.58
C LEU C 460 -12.49 -89.16 -43.19
N LEU C 461 -12.42 -87.99 -42.55
CA LEU C 461 -12.90 -87.81 -41.19
C LEU C 461 -14.37 -87.38 -41.14
N GLN C 462 -15.09 -87.46 -42.25
CA GLN C 462 -16.48 -87.02 -42.29
C GLN C 462 -17.25 -87.89 -43.28
N SER C 463 -18.54 -87.57 -43.43
CA SER C 463 -19.43 -88.29 -44.33
C SER C 463 -19.43 -89.79 -44.06
N LYS D 15 -70.73 -78.22 -31.15
CA LYS D 15 -71.63 -78.09 -32.29
C LYS D 15 -70.87 -78.13 -33.60
N VAL D 16 -69.71 -77.47 -33.63
CA VAL D 16 -68.83 -77.48 -34.80
C VAL D 16 -67.76 -78.52 -34.56
N VAL D 17 -67.61 -79.45 -35.50
CA VAL D 17 -66.66 -80.55 -35.38
C VAL D 17 -65.60 -80.43 -36.46
N ALA D 18 -64.42 -80.99 -36.17
CA ALA D 18 -63.34 -80.97 -37.14
C ALA D 18 -63.65 -81.88 -38.33
N THR D 19 -63.00 -81.59 -39.44
CA THR D 19 -63.20 -82.39 -40.65
C THR D 19 -62.69 -83.82 -40.48
N ASP D 20 -61.79 -84.06 -39.54
CA ASP D 20 -61.26 -85.40 -39.33
C ASP D 20 -62.31 -86.38 -38.87
N ALA D 21 -63.45 -85.89 -38.37
CA ALA D 21 -64.49 -86.78 -37.88
C ALA D 21 -65.39 -87.31 -39.00
N TYR D 22 -65.58 -86.54 -40.07
CA TYR D 22 -66.51 -86.92 -41.12
C TYR D 22 -65.89 -86.91 -42.51
N VAL D 23 -64.58 -86.68 -42.62
CA VAL D 23 -63.89 -86.70 -43.91
C VAL D 23 -62.79 -87.75 -43.82
N THR D 24 -62.97 -88.86 -44.53
CA THR D 24 -62.00 -89.94 -44.53
C THR D 24 -60.89 -89.66 -45.53
N ARG D 25 -59.66 -89.97 -45.12
CA ARG D 25 -58.49 -89.73 -45.95
C ARG D 25 -58.16 -90.95 -46.80
N THR D 26 -57.49 -90.71 -47.92
CA THR D 26 -57.07 -91.75 -48.84
C THR D 26 -55.55 -91.72 -48.98
N ASN D 27 -55.02 -92.56 -49.87
CA ASN D 27 -53.60 -92.62 -50.15
C ASN D 27 -53.24 -91.99 -51.49
N ILE D 28 -54.20 -91.35 -52.16
CA ILE D 28 -53.99 -90.79 -53.49
C ILE D 28 -53.54 -89.34 -53.34
N PHE D 29 -52.34 -89.04 -53.82
CA PHE D 29 -51.79 -87.69 -53.79
C PHE D 29 -51.55 -87.20 -55.22
N TYR D 30 -51.71 -85.89 -55.41
CA TYR D 30 -51.53 -85.26 -56.71
C TYR D 30 -50.69 -84.00 -56.56
N HIS D 31 -49.93 -83.68 -57.62
CA HIS D 31 -49.15 -82.47 -57.69
C HIS D 31 -49.76 -81.52 -58.73
N ALA D 32 -49.71 -80.22 -58.45
CA ALA D 32 -50.24 -79.22 -59.37
C ALA D 32 -49.43 -77.94 -59.22
N SER D 33 -48.88 -77.46 -60.33
CA SER D 33 -48.06 -76.25 -60.35
C SER D 33 -48.69 -75.21 -61.28
N SER D 34 -48.66 -73.97 -60.84
CA SER D 34 -49.21 -72.86 -61.62
C SER D 34 -48.26 -72.38 -62.71
N SER D 35 -47.07 -72.99 -62.83
CA SER D 35 -46.01 -72.50 -63.71
C SER D 35 -45.61 -71.08 -63.32
N ARG D 36 -44.87 -70.40 -64.18
CA ARG D 36 -44.39 -69.06 -63.88
C ARG D 36 -45.50 -68.05 -64.12
N LEU D 37 -45.76 -67.22 -63.12
CA LEU D 37 -46.75 -66.14 -63.21
C LEU D 37 -46.03 -64.81 -63.09
N LEU D 38 -46.23 -63.95 -64.08
CA LEU D 38 -45.53 -62.67 -64.16
C LEU D 38 -46.52 -61.53 -64.13
N ALA D 39 -46.21 -60.49 -63.35
CA ALA D 39 -47.02 -59.27 -63.29
C ALA D 39 -46.09 -58.08 -63.43
N VAL D 40 -46.27 -57.32 -64.51
CA VAL D 40 -45.42 -56.17 -64.82
C VAL D 40 -46.31 -54.94 -64.94
N GLY D 41 -45.96 -53.89 -64.21
CA GLY D 41 -46.75 -52.67 -64.26
C GLY D 41 -46.04 -51.51 -63.59
N HIS D 42 -46.85 -50.54 -63.15
CA HIS D 42 -46.36 -49.33 -62.51
C HIS D 42 -46.56 -49.43 -61.00
N PRO D 43 -45.51 -49.15 -60.22
CA PRO D 43 -45.61 -49.36 -58.77
C PRO D 43 -46.45 -48.32 -58.03
N TYR D 44 -46.86 -47.24 -58.70
CA TYR D 44 -47.57 -46.15 -58.03
C TYR D 44 -49.02 -46.02 -58.45
N PHE D 45 -49.33 -46.12 -59.73
CA PHE D 45 -50.70 -45.89 -60.20
C PHE D 45 -50.89 -46.58 -61.55
N SER D 46 -52.15 -46.89 -61.85
CA SER D 46 -52.50 -47.46 -63.14
C SER D 46 -52.42 -46.39 -64.23
N ILE D 47 -52.16 -46.84 -65.46
CA ILE D 47 -51.99 -45.96 -66.60
C ILE D 47 -53.19 -46.15 -67.51
N LYS D 48 -54.04 -45.14 -67.60
CA LYS D 48 -55.26 -45.19 -68.41
C LYS D 48 -55.14 -44.19 -69.54
N ARG D 49 -55.12 -44.70 -70.77
CA ARG D 49 -55.21 -43.84 -71.96
C ARG D 49 -56.09 -44.54 -72.98
N ALA D 50 -57.21 -43.91 -73.33
CA ALA D 50 -57.65 -42.68 -72.69
C ALA D 50 -58.75 -42.98 -71.68
N ASN D 51 -59.36 -44.16 -71.83
CA ASN D 51 -60.47 -44.59 -70.99
C ASN D 51 -60.10 -45.75 -70.09
N LYS D 52 -59.60 -46.85 -70.65
CA LYS D 52 -59.30 -48.05 -69.88
C LYS D 52 -57.81 -48.16 -69.63
N THR D 53 -57.45 -49.00 -68.65
CA THR D 53 -56.07 -49.16 -68.24
C THR D 53 -55.26 -49.82 -69.34
N VAL D 54 -54.05 -49.30 -69.57
CA VAL D 54 -53.10 -49.88 -70.50
C VAL D 54 -51.96 -50.58 -69.78
N VAL D 55 -51.50 -50.02 -68.67
CA VAL D 55 -50.48 -50.62 -67.84
C VAL D 55 -51.04 -50.76 -66.42
N PRO D 56 -51.10 -51.96 -65.86
CA PRO D 56 -51.70 -52.14 -64.53
C PRO D 56 -50.78 -51.63 -63.42
N LYS D 57 -51.38 -51.47 -62.24
CA LYS D 57 -50.64 -51.08 -61.04
C LYS D 57 -50.05 -52.33 -60.40
N VAL D 58 -48.73 -52.48 -60.50
CA VAL D 58 -48.03 -53.62 -59.93
C VAL D 58 -47.01 -53.08 -58.93
N SER D 59 -47.28 -53.30 -57.64
CA SER D 59 -46.41 -52.84 -56.57
C SER D 59 -46.14 -53.98 -55.61
N GLY D 60 -44.94 -53.98 -55.03
CA GLY D 60 -44.59 -55.00 -54.06
C GLY D 60 -45.39 -54.95 -52.78
N TYR D 61 -46.07 -53.83 -52.51
CA TYR D 61 -46.87 -53.65 -51.32
C TYR D 61 -48.35 -53.94 -51.58
N GLN D 62 -48.64 -54.81 -52.54
CA GLN D 62 -50.00 -55.22 -52.86
C GLN D 62 -50.25 -56.64 -52.36
N TYR D 63 -51.50 -56.92 -52.02
CA TYR D 63 -51.90 -58.29 -51.68
C TYR D 63 -52.03 -59.11 -52.95
N ARG D 64 -51.42 -60.29 -52.95
CA ARG D 64 -51.55 -61.24 -54.05
C ARG D 64 -52.48 -62.35 -53.57
N VAL D 65 -53.75 -62.24 -53.91
CA VAL D 65 -54.78 -63.19 -53.49
C VAL D 65 -55.11 -64.06 -54.70
N PHE D 66 -54.56 -65.27 -54.71
CA PHE D 66 -54.74 -66.20 -55.81
C PHE D 66 -55.95 -67.08 -55.53
N LYS D 67 -56.90 -67.10 -56.46
CA LYS D 67 -58.06 -68.00 -56.39
C LYS D 67 -57.72 -69.24 -57.20
N VAL D 68 -57.26 -70.28 -56.52
CA VAL D 68 -56.85 -71.52 -57.18
C VAL D 68 -58.09 -72.39 -57.39
N VAL D 69 -58.42 -72.64 -58.66
CA VAL D 69 -59.59 -73.44 -59.01
C VAL D 69 -59.14 -74.89 -59.19
N LEU D 70 -59.80 -75.80 -58.47
CA LEU D 70 -59.46 -77.22 -58.52
C LEU D 70 -60.50 -77.98 -59.35
N PRO D 71 -60.07 -79.02 -60.07
CA PRO D 71 -61.02 -79.84 -60.81
C PRO D 71 -61.90 -80.65 -59.88
N ASP D 72 -63.16 -80.81 -60.26
CA ASP D 72 -64.11 -81.56 -59.44
C ASP D 72 -63.71 -83.03 -59.34
N PRO D 73 -63.38 -83.53 -58.16
CA PRO D 73 -63.02 -84.95 -58.04
C PRO D 73 -64.16 -85.91 -58.32
N ASN D 74 -65.41 -85.47 -58.19
CA ASN D 74 -66.55 -86.33 -58.51
C ASN D 74 -66.70 -86.54 -60.02
N LYS D 75 -66.14 -85.63 -60.82
CA LYS D 75 -66.12 -85.79 -62.27
C LYS D 75 -64.71 -85.99 -62.80
N PHE D 76 -63.75 -86.30 -61.92
CA PHE D 76 -62.36 -86.43 -62.30
C PHE D 76 -62.08 -87.82 -62.87
N ALA D 77 -61.11 -87.87 -63.80
CA ALA D 77 -60.72 -89.11 -64.45
C ALA D 77 -59.76 -89.88 -63.53
N LEU D 78 -60.33 -90.42 -62.46
CA LEU D 78 -59.56 -91.20 -61.51
C LEU D 78 -59.16 -92.54 -62.13
N PRO D 79 -58.07 -93.15 -61.65
CA PRO D 79 -57.66 -94.45 -62.22
C PRO D 79 -58.69 -95.54 -62.05
N ASP D 80 -59.35 -95.59 -60.89
CA ASP D 80 -60.37 -96.61 -60.62
C ASP D 80 -61.51 -95.95 -59.86
N SER D 81 -62.75 -96.24 -60.30
CA SER D 81 -63.94 -95.69 -59.68
C SER D 81 -64.42 -96.51 -58.48
N SER D 82 -63.74 -97.60 -58.14
CA SER D 82 -64.10 -98.42 -57.00
C SER D 82 -63.70 -97.79 -55.67
N LEU D 83 -63.04 -96.63 -55.69
CA LEU D 83 -62.67 -95.97 -54.45
C LEU D 83 -63.91 -95.58 -53.64
N PHE D 84 -64.97 -95.14 -54.32
CA PHE D 84 -66.17 -94.67 -53.65
C PHE D 84 -67.40 -95.14 -54.42
N ASP D 85 -68.55 -95.08 -53.75
CA ASP D 85 -69.84 -95.32 -54.37
C ASP D 85 -70.45 -93.98 -54.81
N PRO D 86 -70.89 -93.86 -56.06
CA PRO D 86 -71.49 -92.58 -56.51
C PRO D 86 -72.63 -92.09 -55.62
N THR D 87 -73.43 -93.00 -55.07
CA THR D 87 -74.44 -92.64 -54.09
C THR D 87 -73.86 -92.67 -52.69
N THR D 88 -74.42 -91.82 -51.82
CA THR D 88 -74.10 -91.75 -50.40
C THR D 88 -72.68 -91.25 -50.11
N GLN D 89 -71.83 -91.16 -51.13
CA GLN D 89 -70.45 -90.74 -50.96
C GLN D 89 -70.09 -89.68 -52.00
N ARG D 90 -69.28 -88.71 -51.58
CA ARG D 90 -68.78 -87.67 -52.46
C ARG D 90 -67.30 -87.45 -52.18
N LEU D 91 -66.61 -86.86 -53.16
CA LEU D 91 -65.18 -86.62 -53.07
C LEU D 91 -64.89 -85.15 -52.91
N VAL D 92 -63.72 -84.85 -52.35
CA VAL D 92 -63.28 -83.47 -52.16
C VAL D 92 -61.77 -83.49 -51.98
N TRP D 93 -61.11 -82.43 -52.44
CA TRP D 93 -59.67 -82.31 -52.34
C TRP D 93 -59.27 -81.73 -50.99
N ALA D 94 -58.12 -82.17 -50.49
CA ALA D 94 -57.55 -81.66 -49.25
C ALA D 94 -56.11 -81.23 -49.50
N CYS D 95 -55.78 -80.01 -49.07
CA CYS D 95 -54.44 -79.47 -49.28
C CYS D 95 -53.49 -79.98 -48.21
N THR D 96 -52.39 -80.62 -48.63
CA THR D 96 -51.40 -81.13 -47.71
C THR D 96 -50.01 -80.52 -47.91
N GLY D 97 -49.72 -79.94 -49.07
CA GLY D 97 -48.42 -79.36 -49.32
C GLY D 97 -48.55 -78.10 -50.13
N LEU D 98 -47.64 -77.16 -49.86
CA LEU D 98 -47.65 -75.86 -50.53
C LEU D 98 -46.26 -75.26 -50.51
N GLU D 99 -45.86 -74.69 -51.65
CA GLU D 99 -44.63 -73.90 -51.73
C GLU D 99 -44.88 -72.75 -52.70
N VAL D 100 -44.78 -71.53 -52.20
CA VAL D 100 -44.95 -70.33 -53.00
C VAL D 100 -43.55 -69.85 -53.38
N GLY D 101 -43.17 -70.07 -54.63
CA GLY D 101 -41.84 -69.70 -55.09
C GLY D 101 -41.80 -68.28 -55.64
N ARG D 102 -40.80 -67.53 -55.20
CA ARG D 102 -40.56 -66.17 -55.67
C ARG D 102 -39.32 -66.15 -56.55
N GLY D 103 -39.42 -65.45 -57.68
CA GLY D 103 -38.34 -65.46 -58.66
C GLY D 103 -37.82 -64.10 -59.07
N GLN D 104 -37.59 -63.23 -58.11
CA GLN D 104 -37.03 -61.91 -58.36
C GLN D 104 -35.93 -61.63 -57.35
N PRO D 105 -34.99 -60.74 -57.70
CA PRO D 105 -33.93 -60.39 -56.75
C PRO D 105 -34.50 -59.66 -55.53
N LEU D 106 -33.92 -59.94 -54.37
CA LEU D 106 -34.31 -59.23 -53.17
C LEU D 106 -33.92 -57.76 -53.27
N GLY D 107 -34.76 -56.90 -52.70
CA GLY D 107 -34.50 -55.48 -52.75
C GLY D 107 -35.65 -54.70 -52.14
N VAL D 108 -35.41 -53.40 -51.99
CA VAL D 108 -36.39 -52.49 -51.40
C VAL D 108 -36.71 -51.41 -52.42
N GLY D 109 -37.99 -51.18 -52.63
CA GLY D 109 -38.45 -50.10 -53.49
C GLY D 109 -38.95 -48.92 -52.67
N VAL D 110 -38.96 -47.75 -53.31
CA VAL D 110 -39.32 -46.52 -52.62
C VAL D 110 -40.54 -45.90 -53.28
N SER D 111 -41.36 -45.26 -52.44
CA SER D 111 -42.50 -44.47 -52.89
C SER D 111 -42.30 -43.04 -52.41
N GLY D 112 -43.01 -42.12 -53.04
CA GLY D 112 -42.85 -40.73 -52.69
C GLY D 112 -44.05 -39.91 -53.10
N HIS D 113 -43.92 -38.61 -52.96
CA HIS D 113 -44.98 -37.66 -53.30
C HIS D 113 -44.36 -36.31 -53.62
N PRO D 114 -44.54 -35.80 -54.84
CA PRO D 114 -43.99 -34.47 -55.17
C PRO D 114 -44.59 -33.33 -54.36
N PHE D 115 -45.71 -33.57 -53.66
CA PHE D 115 -46.33 -32.58 -52.80
C PHE D 115 -46.73 -33.24 -51.48
N LEU D 116 -45.75 -33.77 -50.75
CA LEU D 116 -46.01 -34.39 -49.46
C LEU D 116 -46.16 -33.32 -48.38
N ASN D 117 -47.15 -33.51 -47.51
CA ASN D 117 -47.46 -32.54 -46.46
C ASN D 117 -46.43 -32.64 -45.34
N LYS D 118 -45.22 -32.19 -45.65
CA LYS D 118 -44.13 -32.11 -44.69
C LYS D 118 -43.77 -30.64 -44.49
N TYR D 119 -43.69 -30.22 -43.23
CA TYR D 119 -43.37 -28.83 -42.94
C TYR D 119 -41.90 -28.68 -42.56
N ASP D 120 -41.59 -28.96 -41.30
CA ASP D 120 -40.22 -28.86 -40.80
C ASP D 120 -39.74 -30.21 -40.30
N ASP D 121 -38.46 -30.50 -40.50
CA ASP D 121 -37.83 -31.69 -39.94
C ASP D 121 -37.78 -31.53 -38.43
N VAL D 122 -38.72 -32.17 -37.73
CA VAL D 122 -38.87 -31.97 -36.30
C VAL D 122 -37.98 -32.89 -35.48
N GLU D 123 -37.22 -33.78 -36.13
CA GLU D 123 -36.37 -34.72 -35.39
C GLU D 123 -35.28 -34.00 -34.62
N ASN D 124 -34.65 -32.99 -35.23
CA ASN D 124 -33.54 -32.30 -34.58
C ASN D 124 -34.03 -31.00 -33.94
N SER D 125 -34.37 -30.02 -34.76
CA SER D 125 -34.83 -28.72 -34.28
C SER D 125 -35.48 -27.98 -35.47
N GLY D 126 -35.72 -26.69 -35.28
CA GLY D 126 -36.34 -25.88 -36.32
C GLY D 126 -37.82 -26.16 -36.51
N SER D 127 -38.54 -25.26 -37.16
CA SER D 127 -37.97 -24.00 -37.66
C SER D 127 -38.90 -22.85 -37.34
N GLY D 128 -38.33 -21.67 -37.16
CA GLY D 128 -39.02 -20.46 -36.72
C GLY D 128 -40.47 -20.27 -37.13
N GLY D 129 -40.69 -19.51 -38.20
CA GLY D 129 -42.05 -19.21 -38.61
C GLY D 129 -42.25 -18.99 -40.09
N ASN D 130 -42.46 -20.08 -40.83
CA ASN D 130 -42.80 -19.94 -42.24
C ASN D 130 -44.11 -20.64 -42.64
N PRO D 131 -45.19 -20.53 -41.85
CA PRO D 131 -46.45 -21.14 -42.30
C PRO D 131 -47.09 -20.26 -43.37
N GLY D 132 -47.43 -20.87 -44.50
CA GLY D 132 -47.95 -20.11 -45.62
C GLY D 132 -48.99 -20.84 -46.41
N GLN D 133 -49.18 -20.42 -47.67
CA GLN D 133 -50.17 -21.01 -48.55
C GLN D 133 -49.93 -22.51 -48.70
N ASP D 134 -48.81 -22.87 -49.33
CA ASP D 134 -48.47 -24.27 -49.62
C ASP D 134 -47.03 -24.53 -49.19
N ASN D 135 -46.86 -25.46 -48.24
CA ASN D 135 -45.54 -25.86 -47.77
C ASN D 135 -45.20 -27.30 -48.13
N ARG D 136 -45.94 -27.90 -49.06
CA ARG D 136 -45.68 -29.28 -49.44
C ARG D 136 -44.33 -29.40 -50.14
N VAL D 137 -43.63 -30.50 -49.85
CA VAL D 137 -42.30 -30.75 -50.38
C VAL D 137 -42.30 -32.10 -51.08
N ASN D 138 -41.42 -32.24 -52.07
CA ASN D 138 -41.22 -33.51 -52.75
C ASN D 138 -40.34 -34.40 -51.87
N VAL D 139 -40.93 -35.46 -51.32
CA VAL D 139 -40.27 -36.33 -50.35
C VAL D 139 -40.51 -37.78 -50.75
N GLY D 140 -39.46 -38.60 -50.64
CA GLY D 140 -39.58 -40.02 -50.88
C GLY D 140 -39.19 -40.86 -49.68
N MET D 141 -39.60 -42.13 -49.65
CA MET D 141 -39.36 -42.97 -48.48
C MET D 141 -39.55 -44.43 -48.88
N ASP D 142 -39.05 -45.32 -48.02
CA ASP D 142 -39.29 -46.75 -48.14
C ASP D 142 -40.27 -47.19 -47.05
N TYR D 143 -41.05 -48.21 -47.37
CA TYR D 143 -42.12 -48.65 -46.49
C TYR D 143 -41.63 -49.72 -45.53
N LYS D 144 -42.51 -50.10 -44.61
CA LYS D 144 -42.20 -51.16 -43.66
C LYS D 144 -42.19 -52.52 -44.34
N GLN D 145 -41.23 -53.35 -43.95
CA GLN D 145 -41.09 -54.68 -44.52
C GLN D 145 -42.15 -55.61 -43.95
N THR D 146 -42.86 -56.32 -44.82
CA THR D 146 -43.94 -57.21 -44.41
C THR D 146 -43.94 -58.43 -45.31
N GLN D 147 -43.84 -59.62 -44.71
CA GLN D 147 -43.98 -60.88 -45.40
C GLN D 147 -45.11 -61.68 -44.76
N LEU D 148 -45.96 -62.26 -45.58
CA LEU D 148 -47.04 -63.09 -45.06
C LEU D 148 -47.60 -63.97 -46.17
N CYS D 149 -48.17 -65.11 -45.76
CA CYS D 149 -48.85 -66.00 -46.69
C CYS D 149 -49.93 -66.77 -45.92
N MET D 150 -51.10 -66.90 -46.53
CA MET D 150 -52.23 -67.60 -45.94
C MET D 150 -52.83 -68.58 -46.94
N VAL D 151 -53.54 -69.56 -46.41
CA VAL D 151 -54.26 -70.54 -47.23
C VAL D 151 -55.62 -70.81 -46.59
N GLY D 152 -56.65 -70.87 -47.43
CA GLY D 152 -57.97 -71.28 -46.99
C GLY D 152 -58.84 -71.58 -48.19
N CYS D 153 -60.01 -72.13 -47.90
CA CYS D 153 -61.01 -72.37 -48.94
C CYS D 153 -61.99 -71.20 -49.07
N ALA D 154 -61.77 -70.13 -48.32
CA ALA D 154 -62.55 -68.91 -48.39
C ALA D 154 -61.60 -67.72 -48.40
N PRO D 155 -62.00 -66.60 -49.02
CA PRO D 155 -61.07 -65.47 -49.13
C PRO D 155 -60.77 -64.88 -47.76
N PRO D 156 -59.61 -64.25 -47.60
CA PRO D 156 -59.22 -63.74 -46.29
C PRO D 156 -59.96 -62.46 -45.93
N LEU D 157 -59.93 -62.14 -44.64
CA LEU D 157 -60.56 -60.95 -44.08
C LEU D 157 -59.49 -59.93 -43.72
N GLY D 158 -59.70 -58.69 -44.15
CA GLY D 158 -58.82 -57.59 -43.77
C GLY D 158 -59.59 -56.53 -43.00
N GLU D 159 -58.87 -55.81 -42.15
CA GLU D 159 -59.44 -54.73 -41.36
C GLU D 159 -58.75 -53.42 -41.69
N HIS D 160 -59.52 -52.33 -41.66
CA HIS D 160 -58.97 -51.01 -41.90
C HIS D 160 -59.89 -49.98 -41.26
N TRP D 161 -59.34 -48.81 -40.96
CA TRP D 161 -60.09 -47.71 -40.37
C TRP D 161 -60.58 -46.77 -41.47
N GLY D 162 -61.89 -46.54 -41.51
CA GLY D 162 -62.48 -45.69 -42.51
C GLY D 162 -63.38 -44.64 -41.87
N LYS D 163 -63.83 -43.71 -42.71
CA LYS D 163 -64.77 -42.69 -42.26
C LYS D 163 -66.04 -43.36 -41.76
N GLY D 164 -66.25 -43.34 -40.45
CA GLY D 164 -67.33 -44.10 -39.86
C GLY D 164 -68.69 -43.52 -40.14
N LYS D 165 -69.71 -44.36 -39.93
CA LYS D 165 -71.09 -43.93 -40.08
C LYS D 165 -71.38 -42.79 -39.11
N GLN D 166 -72.04 -41.75 -39.62
CA GLN D 166 -72.30 -40.56 -38.83
C GLN D 166 -73.66 -40.66 -38.16
N CYS D 167 -73.70 -40.40 -36.85
CA CYS D 167 -72.51 -40.09 -36.06
C CYS D 167 -72.70 -40.53 -34.61
N THR D 168 -71.60 -40.84 -33.93
CA THR D 168 -71.63 -40.97 -32.48
C THR D 168 -71.63 -39.56 -31.90
N ASN D 169 -72.63 -39.27 -31.07
CA ASN D 169 -72.96 -37.91 -30.65
C ASN D 169 -73.43 -37.12 -31.86
N THR D 170 -73.77 -35.84 -31.68
CA THR D 170 -74.41 -35.08 -32.76
C THR D 170 -73.84 -33.66 -32.83
N PRO D 171 -74.09 -32.91 -33.93
CA PRO D 171 -74.65 -33.28 -35.23
C PRO D 171 -73.98 -32.61 -36.43
N VAL D 172 -72.97 -31.78 -36.20
CA VAL D 172 -72.68 -30.68 -37.11
C VAL D 172 -71.31 -30.83 -37.75
N GLN D 173 -71.18 -30.19 -38.90
CA GLN D 173 -69.96 -30.01 -39.68
C GLN D 173 -69.39 -28.63 -39.32
N ALA D 174 -68.30 -28.18 -39.97
CA ALA D 174 -67.55 -28.81 -41.05
C ALA D 174 -66.05 -28.76 -40.78
N GLY D 175 -65.31 -29.55 -41.53
CA GLY D 175 -63.88 -29.66 -41.32
C GLY D 175 -63.49 -30.37 -40.04
N ASP D 176 -64.45 -30.87 -39.27
CA ASP D 176 -64.14 -31.56 -38.03
C ASP D 176 -63.54 -32.94 -38.31
N CYS D 177 -63.03 -33.56 -37.26
CA CYS D 177 -62.45 -34.89 -37.38
C CYS D 177 -63.51 -35.90 -37.81
N PRO D 178 -63.25 -36.73 -38.81
CA PRO D 178 -64.26 -37.70 -39.23
C PRO D 178 -64.35 -38.85 -38.24
N PRO D 179 -65.53 -39.42 -38.05
CA PRO D 179 -65.66 -40.57 -37.14
C PRO D 179 -64.93 -41.79 -37.70
N LEU D 180 -64.26 -42.51 -36.81
CA LEU D 180 -63.50 -43.70 -37.19
C LEU D 180 -64.33 -44.95 -36.94
N GLU D 181 -64.22 -45.90 -37.88
CA GLU D 181 -64.90 -47.19 -37.77
C GLU D 181 -63.98 -48.28 -38.29
N LEU D 182 -63.85 -49.37 -37.52
CA LEU D 182 -63.05 -50.50 -37.94
C LEU D 182 -63.86 -51.35 -38.91
N ILE D 183 -63.49 -51.31 -40.19
CA ILE D 183 -64.22 -51.99 -41.25
C ILE D 183 -63.52 -53.29 -41.59
N THR D 184 -64.23 -54.40 -41.47
CA THR D 184 -63.75 -55.70 -41.91
C THR D 184 -64.28 -55.97 -43.31
N SER D 185 -63.40 -56.40 -44.21
CA SER D 185 -63.77 -56.60 -45.60
C SER D 185 -62.96 -57.78 -46.16
N VAL D 186 -63.25 -58.12 -47.41
CA VAL D 186 -62.53 -59.19 -48.10
C VAL D 186 -61.32 -58.60 -48.80
N ILE D 187 -60.16 -59.20 -48.58
CA ILE D 187 -58.92 -58.73 -49.20
C ILE D 187 -58.89 -59.19 -50.65
N GLN D 188 -58.93 -58.24 -51.58
CA GLN D 188 -58.88 -58.54 -52.99
C GLN D 188 -57.44 -58.45 -53.50
N ASP D 189 -57.20 -59.13 -54.62
CA ASP D 189 -55.90 -59.05 -55.26
C ASP D 189 -55.66 -57.63 -55.78
N GLY D 190 -54.60 -57.00 -55.29
CA GLY D 190 -54.30 -55.64 -55.64
C GLY D 190 -54.50 -54.65 -54.52
N ASP D 191 -55.16 -55.07 -53.43
CA ASP D 191 -55.31 -54.19 -52.28
C ASP D 191 -53.96 -53.90 -51.64
N MET D 192 -53.83 -52.71 -51.06
CA MET D 192 -52.57 -52.28 -50.47
C MET D 192 -52.44 -52.79 -49.05
N VAL D 193 -51.24 -53.29 -48.73
CA VAL D 193 -50.91 -53.67 -47.36
C VAL D 193 -50.57 -52.41 -46.57
N ASP D 194 -50.56 -52.51 -45.25
CA ASP D 194 -50.13 -51.37 -44.44
C ASP D 194 -48.69 -51.01 -44.81
N THR D 195 -48.36 -49.73 -44.67
CA THR D 195 -47.06 -49.24 -45.13
C THR D 195 -46.24 -48.74 -43.96
N GLY D 196 -46.64 -47.65 -43.32
CA GLY D 196 -46.06 -47.25 -42.07
C GLY D 196 -47.02 -46.37 -41.31
N PHE D 197 -48.12 -46.00 -41.98
CA PHE D 197 -49.10 -45.06 -41.44
C PHE D 197 -50.39 -45.75 -41.04
N GLY D 198 -50.37 -47.08 -40.91
CA GLY D 198 -51.53 -47.81 -40.44
C GLY D 198 -52.42 -48.29 -41.55
N ALA D 199 -53.45 -49.04 -41.16
CA ALA D 199 -54.44 -49.57 -42.10
C ALA D 199 -55.67 -48.68 -42.03
N MET D 200 -55.77 -47.79 -43.02
CA MET D 200 -56.86 -46.82 -43.03
C MET D 200 -57.22 -46.49 -44.47
N ASN D 201 -58.39 -45.85 -44.63
CA ASN D 201 -58.88 -45.43 -45.95
C ASN D 201 -58.42 -43.99 -46.16
N PHE D 202 -57.26 -43.84 -46.79
CA PHE D 202 -56.69 -42.51 -47.01
C PHE D 202 -57.53 -41.65 -47.94
N ALA D 203 -58.36 -42.27 -48.79
CA ALA D 203 -59.18 -41.49 -49.71
C ALA D 203 -60.25 -40.69 -48.96
N ASP D 204 -60.74 -41.21 -47.84
CA ASP D 204 -61.77 -40.55 -47.06
C ASP D 204 -61.24 -39.80 -45.84
N LEU D 205 -60.22 -40.36 -45.17
CA LEU D 205 -59.73 -39.76 -43.94
C LEU D 205 -58.72 -38.66 -44.16
N GLN D 206 -58.08 -38.62 -45.33
CA GLN D 206 -57.11 -37.57 -45.67
C GLN D 206 -57.57 -36.92 -46.97
N THR D 207 -58.27 -35.79 -46.85
CA THR D 207 -58.90 -35.15 -47.99
C THR D 207 -57.95 -34.29 -48.80
N ASN D 208 -56.74 -34.02 -48.31
CA ASN D 208 -55.82 -33.16 -49.05
C ASN D 208 -55.01 -33.91 -50.08
N LYS D 209 -55.12 -35.24 -50.15
CA LYS D 209 -54.43 -36.05 -51.16
C LYS D 209 -52.92 -35.80 -51.13
N SER D 210 -52.39 -35.45 -49.96
CA SER D 210 -50.98 -35.06 -49.89
C SER D 210 -50.30 -35.42 -48.58
N ASP D 211 -50.93 -36.23 -47.71
CA ASP D 211 -50.32 -36.60 -46.45
C ASP D 211 -49.45 -37.86 -46.55
N VAL D 212 -49.73 -38.73 -47.51
CA VAL D 212 -48.95 -39.95 -47.69
C VAL D 212 -48.56 -40.04 -49.17
N PRO D 213 -47.54 -40.87 -49.48
CA PRO D 213 -47.11 -40.98 -50.88
C PRO D 213 -48.25 -41.38 -51.82
N ILE D 214 -48.02 -41.17 -53.11
CA ILE D 214 -49.08 -41.23 -54.10
C ILE D 214 -49.66 -42.64 -54.27
N ASP D 215 -48.92 -43.68 -53.90
CA ASP D 215 -49.40 -45.03 -54.14
C ASP D 215 -50.39 -45.52 -53.09
N ILE D 216 -50.70 -44.71 -52.07
CA ILE D 216 -51.65 -45.12 -51.03
C ILE D 216 -52.59 -43.96 -50.69
N CYS D 217 -52.31 -42.78 -51.22
CA CYS D 217 -53.09 -41.60 -50.86
C CYS D 217 -54.50 -41.62 -51.46
N GLY D 218 -54.77 -42.47 -52.43
CA GLY D 218 -56.08 -42.52 -53.02
C GLY D 218 -56.74 -43.88 -52.93
N THR D 219 -56.15 -44.78 -52.13
CA THR D 219 -56.66 -46.13 -51.97
C THR D 219 -56.81 -46.42 -50.48
N THR D 220 -56.84 -47.71 -50.13
CA THR D 220 -57.01 -48.15 -48.75
C THR D 220 -55.98 -49.23 -48.45
N CYS D 221 -55.29 -49.08 -47.32
CA CYS D 221 -54.37 -50.09 -46.83
C CYS D 221 -55.11 -51.01 -45.86
N LYS D 222 -55.12 -52.31 -46.16
CA LYS D 222 -55.83 -53.29 -45.35
C LYS D 222 -54.82 -54.16 -44.59
N TYR D 223 -55.15 -54.45 -43.33
CA TYR D 223 -54.37 -55.34 -42.50
C TYR D 223 -55.20 -56.57 -42.15
N PRO D 224 -54.59 -57.75 -42.15
CA PRO D 224 -55.37 -58.97 -41.88
C PRO D 224 -55.95 -58.98 -40.49
N ASP D 225 -57.24 -59.33 -40.39
CA ASP D 225 -57.91 -59.47 -39.11
C ASP D 225 -57.70 -60.89 -38.63
N TYR D 226 -56.50 -61.13 -38.06
CA TYR D 226 -56.15 -62.46 -37.59
C TYR D 226 -57.10 -62.92 -36.48
N LEU D 227 -57.50 -61.99 -35.61
CA LEU D 227 -58.34 -62.37 -34.48
C LEU D 227 -59.70 -62.89 -34.94
N GLN D 228 -60.33 -62.21 -35.90
CA GLN D 228 -61.64 -62.64 -36.36
C GLN D 228 -61.56 -63.93 -37.16
N MET D 229 -60.58 -64.04 -38.07
CA MET D 229 -60.46 -65.24 -38.88
C MET D 229 -60.11 -66.46 -38.04
N ALA D 230 -59.42 -66.26 -36.92
CA ALA D 230 -59.13 -67.37 -36.02
C ALA D 230 -60.34 -67.75 -35.19
N ALA D 231 -61.23 -66.80 -34.95
CA ALA D 231 -62.42 -67.01 -34.11
C ALA D 231 -63.60 -67.52 -34.92
N ASP D 232 -63.46 -67.72 -36.22
CA ASP D 232 -64.55 -68.25 -37.01
C ASP D 232 -64.85 -69.70 -36.59
N PRO D 233 -66.12 -70.10 -36.60
CA PRO D 233 -66.47 -71.45 -36.14
C PRO D 233 -65.80 -72.54 -36.95
N TYR D 234 -66.09 -72.57 -38.24
CA TYR D 234 -65.57 -73.62 -39.11
C TYR D 234 -64.10 -73.41 -39.44
N GLY D 235 -63.64 -72.16 -39.42
CA GLY D 235 -62.25 -71.87 -39.75
C GLY D 235 -61.89 -72.13 -41.20
N ASP D 236 -62.78 -71.76 -42.12
CA ASP D 236 -62.54 -71.97 -43.55
C ASP D 236 -61.56 -70.97 -44.15
N ARG D 237 -61.25 -69.88 -43.45
CA ARG D 237 -60.40 -68.84 -44.02
C ARG D 237 -58.94 -68.94 -43.60
N LEU D 238 -58.64 -69.64 -42.50
CA LEU D 238 -57.28 -69.78 -42.00
C LEU D 238 -56.95 -71.26 -41.82
N PHE D 239 -56.50 -71.91 -42.89
CA PHE D 239 -55.83 -73.20 -42.72
C PHE D 239 -54.53 -73.01 -41.95
N PHE D 240 -53.75 -72.01 -42.32
CA PHE D 240 -52.57 -71.60 -41.58
C PHE D 240 -52.18 -70.22 -42.06
N PHE D 241 -51.25 -69.60 -41.33
CA PHE D 241 -50.69 -68.33 -41.78
C PHE D 241 -49.27 -68.21 -41.23
N LEU D 242 -48.45 -67.47 -41.97
CA LEU D 242 -47.11 -67.12 -41.56
C LEU D 242 -46.89 -65.64 -41.84
N ARG D 243 -46.13 -64.98 -40.98
CA ARG D 243 -45.99 -63.54 -41.09
C ARG D 243 -44.64 -63.10 -40.53
N LYS D 244 -44.13 -61.99 -41.06
CA LYS D 244 -42.95 -61.32 -40.52
C LYS D 244 -43.02 -59.85 -40.90
N GLU D 245 -43.19 -59.00 -39.89
CA GLU D 245 -43.26 -57.56 -40.07
C GLU D 245 -42.11 -56.91 -39.32
N GLN D 246 -41.51 -55.87 -39.92
CA GLN D 246 -40.44 -55.18 -39.21
C GLN D 246 -40.32 -53.77 -39.78
N MET D 247 -40.01 -52.81 -38.91
CA MET D 247 -39.87 -51.42 -39.31
C MET D 247 -39.26 -50.63 -38.16
N PHE D 248 -38.71 -49.45 -38.50
CA PHE D 248 -38.25 -48.50 -37.50
C PHE D 248 -38.55 -47.09 -37.99
N ALA D 249 -38.40 -46.12 -37.09
CA ALA D 249 -38.71 -44.73 -37.38
C ALA D 249 -37.51 -44.07 -38.06
N ARG D 250 -37.65 -43.74 -39.35
CA ARG D 250 -36.56 -43.13 -40.10
C ARG D 250 -36.40 -41.65 -39.73
N HIS D 251 -37.40 -40.83 -40.07
CA HIS D 251 -37.36 -39.40 -39.82
C HIS D 251 -38.66 -38.94 -39.20
N PHE D 252 -38.62 -37.76 -38.59
CA PHE D 252 -39.77 -37.15 -37.95
C PHE D 252 -40.05 -35.79 -38.58
N PHE D 253 -41.34 -35.44 -38.66
CA PHE D 253 -41.75 -34.13 -39.15
C PHE D 253 -43.19 -33.87 -38.72
N ASN D 254 -43.64 -32.64 -38.94
CA ASN D 254 -44.98 -32.21 -38.59
C ASN D 254 -45.74 -31.80 -39.85
N ARG D 255 -47.07 -31.81 -39.74
CA ARG D 255 -47.94 -31.50 -40.86
C ARG D 255 -48.19 -30.00 -40.96
N ALA D 256 -48.36 -29.52 -42.19
CA ALA D 256 -48.79 -28.15 -42.43
C ALA D 256 -50.31 -28.09 -42.44
N GLY D 257 -50.84 -26.92 -42.13
CA GLY D 257 -52.28 -26.73 -42.03
C GLY D 257 -52.72 -26.47 -40.61
N GLU D 258 -54.02 -26.26 -40.46
CA GLU D 258 -54.59 -25.89 -39.18
C GLU D 258 -54.62 -27.10 -38.24
N VAL D 259 -54.27 -26.87 -36.99
CA VAL D 259 -54.36 -27.89 -35.95
C VAL D 259 -55.83 -28.03 -35.56
N GLY D 260 -56.44 -29.16 -35.89
CA GLY D 260 -57.85 -29.34 -35.58
C GLY D 260 -58.15 -29.40 -34.09
N GLU D 261 -57.26 -30.03 -33.32
CA GLU D 261 -57.43 -30.14 -31.87
C GLU D 261 -56.17 -29.61 -31.21
N PRO D 262 -56.21 -28.40 -30.65
CA PRO D 262 -54.99 -27.78 -30.14
C PRO D 262 -54.62 -28.32 -28.77
N VAL D 263 -53.35 -28.10 -28.42
CA VAL D 263 -52.84 -28.52 -27.11
C VAL D 263 -53.57 -27.71 -26.03
N PRO D 264 -54.03 -28.31 -24.95
CA PRO D 264 -54.70 -27.52 -23.91
C PRO D 264 -53.76 -26.49 -23.30
N ASP D 265 -54.35 -25.42 -22.78
CA ASP D 265 -53.55 -24.37 -22.14
C ASP D 265 -52.80 -24.89 -20.93
N THR D 266 -53.38 -25.86 -20.21
CA THR D 266 -52.76 -26.39 -19.01
C THR D 266 -51.45 -27.14 -19.30
N LEU D 267 -51.22 -27.56 -20.54
CA LEU D 267 -50.06 -28.38 -20.85
C LEU D 267 -48.91 -27.60 -21.48
N ILE D 268 -49.09 -26.31 -21.75
CA ILE D 268 -48.03 -25.49 -22.34
C ILE D 268 -48.09 -24.10 -21.72
N ILE D 269 -46.91 -23.60 -21.34
CA ILE D 269 -46.79 -22.24 -20.83
C ILE D 269 -46.59 -21.31 -22.01
N LYS D 270 -47.58 -20.44 -22.23
CA LYS D 270 -47.60 -19.59 -23.41
C LYS D 270 -46.51 -18.52 -23.33
N GLY D 271 -45.81 -18.33 -24.45
CA GLY D 271 -44.88 -17.22 -24.59
C GLY D 271 -45.28 -16.36 -25.77
N SER D 272 -44.39 -15.49 -26.23
CA SER D 272 -43.06 -15.25 -25.67
C SER D 272 -42.52 -13.92 -26.15
N GLY D 273 -43.40 -12.92 -26.32
CA GLY D 273 -42.97 -11.82 -27.14
C GLY D 273 -43.12 -12.32 -28.56
N ASN D 274 -42.08 -13.00 -29.05
CA ASN D 274 -42.18 -13.74 -30.29
C ASN D 274 -42.86 -15.09 -30.01
N ARG D 275 -42.68 -16.08 -30.87
CA ARG D 275 -43.34 -17.38 -30.77
C ARG D 275 -44.85 -17.21 -30.77
N THR D 276 -45.44 -17.10 -29.57
CA THR D 276 -46.87 -16.86 -29.37
C THR D 276 -47.81 -17.78 -30.16
N SER D 277 -47.46 -18.13 -31.39
CA SER D 277 -48.25 -19.07 -32.17
C SER D 277 -47.69 -20.45 -31.92
N VAL D 278 -48.52 -21.35 -31.42
CA VAL D 278 -48.07 -22.70 -31.11
C VAL D 278 -47.80 -23.43 -32.42
N GLY D 279 -46.61 -24.00 -32.55
CA GLY D 279 -46.26 -24.72 -33.76
C GLY D 279 -47.19 -25.90 -34.01
N SER D 280 -47.13 -26.41 -35.24
CA SER D 280 -47.96 -27.55 -35.62
C SER D 280 -47.58 -28.77 -34.79
N SER D 281 -48.55 -29.29 -34.04
CA SER D 281 -48.33 -30.42 -33.14
C SER D 281 -48.92 -31.72 -33.70
N ILE D 282 -48.91 -31.87 -35.03
CA ILE D 282 -49.36 -33.09 -35.67
C ILE D 282 -48.14 -33.82 -36.21
N TYR D 283 -47.61 -34.74 -35.43
CA TYR D 283 -46.36 -35.41 -35.77
C TYR D 283 -46.64 -36.78 -36.38
N VAL D 284 -45.89 -37.10 -37.43
CA VAL D 284 -45.93 -38.42 -38.06
C VAL D 284 -44.52 -38.74 -38.56
N ASN D 285 -44.14 -40.00 -38.48
CA ASN D 285 -42.80 -40.45 -38.80
C ASN D 285 -42.80 -41.30 -40.06
N THR D 286 -41.75 -41.16 -40.87
CA THR D 286 -41.58 -42.03 -42.01
C THR D 286 -41.10 -43.41 -41.56
N PRO D 287 -41.66 -44.48 -42.13
CA PRO D 287 -41.20 -45.83 -41.78
C PRO D 287 -39.97 -46.20 -42.60
N SER D 288 -39.40 -47.36 -42.25
CA SER D 288 -38.30 -47.92 -43.02
C SER D 288 -38.25 -49.42 -42.76
N GLY D 289 -38.17 -50.19 -43.84
CA GLY D 289 -38.17 -51.64 -43.72
C GLY D 289 -36.88 -52.24 -43.21
N SER D 290 -35.83 -51.42 -43.07
CA SER D 290 -34.53 -51.85 -42.54
C SER D 290 -33.94 -52.90 -43.50
N LEU D 291 -33.16 -53.83 -42.95
CA LEU D 291 -32.44 -54.79 -43.77
C LEU D 291 -33.35 -55.93 -44.22
N VAL D 292 -33.22 -56.31 -45.48
CA VAL D 292 -33.84 -57.50 -46.03
C VAL D 292 -32.75 -58.53 -46.27
N SER D 293 -33.01 -59.79 -45.89
CA SER D 293 -32.00 -60.82 -45.99
C SER D 293 -32.64 -62.13 -46.45
N SER D 294 -31.80 -63.03 -46.96
CA SER D 294 -32.28 -64.33 -47.39
C SER D 294 -32.69 -65.20 -46.22
N GLU D 295 -32.04 -65.03 -45.07
CA GLU D 295 -32.40 -65.81 -43.89
C GLU D 295 -33.80 -65.48 -43.38
N ALA D 296 -34.32 -64.30 -43.69
CA ALA D 296 -35.64 -63.88 -43.26
C ALA D 296 -36.75 -64.28 -44.23
N GLN D 297 -36.41 -64.97 -45.32
CA GLN D 297 -37.40 -65.32 -46.32
C GLN D 297 -38.35 -66.39 -45.80
N LEU D 298 -39.64 -66.21 -46.10
CA LEU D 298 -40.64 -67.22 -45.80
C LEU D 298 -40.93 -68.14 -46.98
N PHE D 299 -40.53 -67.74 -48.18
CA PHE D 299 -40.90 -68.44 -49.40
C PHE D 299 -39.74 -69.28 -49.90
N ASN D 300 -39.95 -69.90 -51.08
CA ASN D 300 -38.99 -70.80 -51.71
C ASN D 300 -38.67 -72.01 -50.84
N LYS D 301 -39.53 -72.32 -49.88
CA LYS D 301 -39.40 -73.50 -49.04
C LYS D 301 -40.80 -74.07 -48.79
N PRO D 302 -40.93 -75.39 -48.77
CA PRO D 302 -42.26 -75.98 -48.65
C PRO D 302 -42.84 -75.90 -47.25
N TYR D 303 -44.16 -75.86 -47.19
CA TYR D 303 -44.90 -75.91 -45.93
C TYR D 303 -45.91 -77.05 -46.00
N TRP D 304 -45.89 -77.91 -44.97
CA TRP D 304 -46.79 -79.06 -44.91
C TRP D 304 -47.82 -78.81 -43.82
N LEU D 305 -49.10 -78.82 -44.19
CA LEU D 305 -50.19 -78.58 -43.26
C LEU D 305 -50.41 -79.86 -42.44
N GLN D 306 -49.57 -80.04 -41.43
CA GLN D 306 -49.70 -81.19 -40.55
C GLN D 306 -50.99 -81.10 -39.72
N LYS D 307 -51.20 -79.98 -39.07
CA LYS D 307 -52.37 -79.76 -38.25
C LYS D 307 -52.87 -78.33 -38.46
N ALA D 308 -54.18 -78.19 -38.62
CA ALA D 308 -54.78 -76.88 -38.82
C ALA D 308 -55.21 -76.28 -37.50
N GLN D 309 -55.17 -74.95 -37.43
CA GLN D 309 -55.59 -74.25 -36.22
C GLN D 309 -57.10 -74.33 -36.05
N GLY D 310 -57.85 -74.21 -37.15
CA GLY D 310 -59.30 -74.31 -37.11
C GLY D 310 -59.77 -75.74 -37.21
N HIS D 311 -61.10 -75.88 -37.31
CA HIS D 311 -61.69 -77.20 -37.46
C HIS D 311 -61.55 -77.73 -38.88
N ASN D 312 -61.53 -76.85 -39.87
CA ASN D 312 -61.31 -77.23 -41.26
C ASN D 312 -59.84 -77.59 -41.42
N ASN D 313 -59.55 -78.89 -41.50
CA ASN D 313 -58.18 -79.37 -41.56
C ASN D 313 -57.69 -79.47 -43.01
N GLY D 314 -57.79 -78.34 -43.71
CA GLY D 314 -57.28 -78.26 -45.07
C GLY D 314 -58.19 -78.79 -46.15
N ILE D 315 -59.49 -78.85 -45.91
CA ILE D 315 -60.45 -79.32 -46.91
C ILE D 315 -60.85 -78.16 -47.79
N CYS D 316 -60.65 -78.30 -49.10
CA CYS D 316 -60.93 -77.24 -50.05
C CYS D 316 -62.38 -77.38 -50.53
N TRP D 317 -63.29 -76.84 -49.72
CA TRP D 317 -64.70 -76.88 -50.06
C TRP D 317 -64.96 -76.07 -51.33
N GLY D 318 -65.86 -76.57 -52.17
CA GLY D 318 -66.12 -75.93 -53.44
C GLY D 318 -65.05 -76.13 -54.48
N ASN D 319 -64.08 -77.01 -54.23
CA ASN D 319 -62.99 -77.28 -55.16
C ASN D 319 -62.22 -76.01 -55.52
N GLN D 320 -61.95 -75.19 -54.52
CA GLN D 320 -61.21 -73.95 -54.70
C GLN D 320 -60.30 -73.72 -53.51
N LEU D 321 -59.26 -72.91 -53.71
CA LEU D 321 -58.28 -72.64 -52.68
C LEU D 321 -57.80 -71.21 -52.82
N PHE D 322 -57.89 -70.45 -51.74
CA PHE D 322 -57.44 -69.06 -51.72
C PHE D 322 -56.07 -68.99 -51.04
N VAL D 323 -55.09 -68.49 -51.77
CA VAL D 323 -53.73 -68.33 -51.28
C VAL D 323 -53.39 -66.85 -51.31
N THR D 324 -53.19 -66.27 -50.14
CA THR D 324 -52.83 -64.87 -50.00
C THR D 324 -51.33 -64.75 -49.77
N VAL D 325 -50.69 -63.81 -50.45
CA VAL D 325 -49.24 -63.64 -50.37
C VAL D 325 -48.91 -62.15 -50.35
N VAL D 326 -48.07 -61.75 -49.41
CA VAL D 326 -47.48 -60.41 -49.38
C VAL D 326 -45.97 -60.56 -49.25
N ASP D 327 -45.22 -59.96 -50.17
CA ASP D 327 -43.77 -60.06 -50.19
C ASP D 327 -43.20 -58.71 -50.59
N THR D 328 -42.72 -57.95 -49.61
CA THR D 328 -42.12 -56.65 -49.86
C THR D 328 -40.60 -56.71 -49.95
N THR D 329 -40.02 -57.91 -49.83
CA THR D 329 -38.57 -58.07 -49.90
C THR D 329 -38.05 -58.04 -51.34
N ARG D 330 -38.95 -57.99 -52.32
CA ARG D 330 -38.59 -57.91 -53.73
C ARG D 330 -39.35 -56.77 -54.39
N SER D 331 -39.36 -55.61 -53.72
CA SER D 331 -40.11 -54.45 -54.15
C SER D 331 -39.30 -53.48 -54.99
N THR D 332 -38.12 -53.88 -55.46
CA THR D 332 -37.26 -52.99 -56.22
C THR D 332 -37.97 -52.46 -57.46
N ASN D 333 -37.99 -51.13 -57.60
CA ASN D 333 -38.65 -50.47 -58.71
C ASN D 333 -37.59 -50.12 -59.76
N MET D 334 -37.73 -50.70 -60.95
CA MET D 334 -36.79 -50.46 -62.03
C MET D 334 -37.06 -49.12 -62.71
N THR D 335 -35.99 -48.42 -63.05
CA THR D 335 -36.08 -47.13 -63.73
C THR D 335 -35.70 -47.30 -65.19
N LEU D 336 -36.62 -46.89 -66.08
CA LEU D 336 -36.39 -46.94 -67.52
C LEU D 336 -36.19 -45.54 -68.05
N CYS D 337 -35.30 -45.40 -69.04
CA CYS D 337 -34.99 -44.11 -69.63
C CYS D 337 -34.98 -44.28 -71.15
N ALA D 338 -35.92 -43.61 -71.82
CA ALA D 338 -36.02 -43.64 -73.27
C ALA D 338 -35.63 -42.29 -73.84
N SER D 339 -34.85 -42.31 -74.91
CA SER D 339 -34.35 -41.09 -75.53
C SER D 339 -35.33 -40.63 -76.61
N VAL D 340 -35.78 -39.38 -76.50
CA VAL D 340 -36.58 -38.79 -77.56
C VAL D 340 -35.69 -38.23 -78.65
N THR D 341 -34.58 -37.61 -78.27
CA THR D 341 -33.58 -37.12 -79.22
C THR D 341 -32.21 -37.26 -78.57
N THR D 342 -31.17 -36.94 -79.36
CA THR D 342 -29.78 -36.99 -78.89
C THR D 342 -29.09 -35.70 -79.32
N SER D 343 -29.15 -34.69 -78.45
CA SER D 343 -28.49 -33.43 -78.74
C SER D 343 -26.97 -33.59 -78.70
N SER D 344 -26.26 -32.58 -79.20
CA SER D 344 -24.80 -32.62 -79.20
C SER D 344 -24.24 -32.75 -77.80
N THR D 345 -24.83 -32.05 -76.83
CA THR D 345 -24.48 -32.16 -75.43
C THR D 345 -25.59 -32.90 -74.69
N TYR D 346 -25.41 -33.06 -73.37
CA TYR D 346 -26.39 -33.74 -72.54
C TYR D 346 -27.47 -32.73 -72.13
N THR D 347 -28.71 -33.04 -72.48
CA THR D 347 -29.85 -32.18 -72.14
C THR D 347 -30.96 -33.05 -71.57
N ASN D 348 -31.48 -32.64 -70.41
CA ASN D 348 -32.53 -33.42 -69.74
C ASN D 348 -33.79 -33.51 -70.59
N SER D 349 -34.03 -32.53 -71.45
CA SER D 349 -35.22 -32.54 -72.29
C SER D 349 -35.23 -33.66 -73.31
N ASP D 350 -34.12 -34.37 -73.51
CA ASP D 350 -34.04 -35.43 -74.50
C ASP D 350 -34.49 -36.78 -73.98
N TYR D 351 -34.75 -36.92 -72.68
CA TYR D 351 -35.01 -38.22 -72.09
C TYR D 351 -36.32 -38.21 -71.31
N LYS D 352 -36.99 -39.36 -71.30
CA LYS D 352 -38.17 -39.60 -70.49
C LYS D 352 -37.87 -40.71 -69.50
N GLU D 353 -38.23 -40.50 -68.24
CA GLU D 353 -38.02 -41.48 -67.19
C GLU D 353 -39.32 -42.17 -66.84
N TYR D 354 -39.26 -43.48 -66.65
CA TYR D 354 -40.44 -44.28 -66.38
C TYR D 354 -40.22 -45.16 -65.15
N MET D 355 -41.30 -45.51 -64.49
CA MET D 355 -41.29 -46.41 -63.35
C MET D 355 -41.91 -47.75 -63.73
N ARG D 356 -41.23 -48.83 -63.39
CA ARG D 356 -41.71 -50.17 -63.69
C ARG D 356 -41.37 -51.11 -62.54
N HIS D 357 -42.32 -51.97 -62.19
CA HIS D 357 -42.12 -52.97 -61.15
C HIS D 357 -42.61 -54.32 -61.64
N VAL D 358 -41.98 -55.39 -61.17
CA VAL D 358 -42.28 -56.75 -61.62
C VAL D 358 -42.43 -57.68 -60.43
N GLU D 359 -43.22 -58.72 -60.62
CA GLU D 359 -43.44 -59.76 -59.60
C GLU D 359 -43.49 -61.11 -60.29
N GLU D 360 -42.71 -62.06 -59.80
CA GLU D 360 -42.65 -63.40 -60.37
C GLU D 360 -43.03 -64.42 -59.31
N TYR D 361 -44.00 -65.28 -59.64
CA TYR D 361 -44.52 -66.28 -58.72
C TYR D 361 -44.54 -67.65 -59.38
N ASP D 362 -44.48 -68.68 -58.54
CA ASP D 362 -44.64 -70.07 -58.98
C ASP D 362 -45.35 -70.82 -57.86
N LEU D 363 -46.65 -71.03 -58.01
CA LEU D 363 -47.46 -71.68 -56.98
C LEU D 363 -47.42 -73.20 -57.20
N GLN D 364 -47.00 -73.92 -56.17
CA GLN D 364 -46.90 -75.38 -56.21
C GLN D 364 -47.72 -75.96 -55.09
N PHE D 365 -48.61 -76.91 -55.41
CA PHE D 365 -49.50 -77.52 -54.45
C PHE D 365 -49.42 -79.03 -54.54
N ILE D 366 -49.78 -79.70 -53.45
CA ILE D 366 -49.91 -81.15 -53.40
C ILE D 366 -51.16 -81.47 -52.60
N PHE D 367 -52.15 -82.08 -53.24
CA PHE D 367 -53.43 -82.34 -52.63
C PHE D 367 -53.62 -83.83 -52.36
N GLN D 368 -54.50 -84.13 -51.41
CA GLN D 368 -54.84 -85.49 -51.03
C GLN D 368 -56.32 -85.72 -51.30
N LEU D 369 -56.63 -86.78 -52.04
CA LEU D 369 -58.03 -87.10 -52.33
C LEU D 369 -58.72 -87.61 -51.08
N CYS D 370 -59.97 -87.18 -50.88
CA CYS D 370 -60.74 -87.55 -49.71
C CYS D 370 -62.18 -87.83 -50.11
N SER D 371 -62.81 -88.76 -49.39
CA SER D 371 -64.20 -89.12 -49.60
C SER D 371 -65.00 -88.74 -48.36
N ILE D 372 -66.29 -88.50 -48.55
CA ILE D 372 -67.18 -88.10 -47.47
C ILE D 372 -68.41 -89.00 -47.49
N THR D 373 -68.60 -89.75 -46.42
CA THR D 373 -69.78 -90.59 -46.25
C THR D 373 -70.96 -89.72 -45.85
N LEU D 374 -71.96 -89.60 -46.73
CA LEU D 374 -73.09 -88.70 -46.52
C LEU D 374 -74.21 -89.47 -45.82
N SER D 375 -74.16 -89.50 -44.49
CA SER D 375 -75.27 -90.01 -43.70
C SER D 375 -76.31 -88.91 -43.50
N ALA D 376 -77.39 -89.23 -42.81
CA ALA D 376 -78.40 -88.23 -42.52
C ALA D 376 -77.84 -87.11 -41.68
N GLU D 377 -76.98 -87.44 -40.71
CA GLU D 377 -76.36 -86.41 -39.88
C GLU D 377 -75.34 -85.60 -40.67
N VAL D 378 -74.58 -86.27 -41.56
CA VAL D 378 -73.59 -85.56 -42.35
C VAL D 378 -74.27 -84.59 -43.31
N VAL D 379 -75.35 -85.03 -43.97
CA VAL D 379 -76.08 -84.15 -44.87
C VAL D 379 -76.64 -82.95 -44.11
N ALA D 380 -77.13 -83.19 -42.89
CA ALA D 380 -77.63 -82.08 -42.08
C ALA D 380 -76.52 -81.13 -41.68
N TYR D 381 -75.37 -81.68 -41.25
CA TYR D 381 -74.25 -80.83 -40.85
C TYR D 381 -73.66 -80.06 -42.02
N ILE D 382 -73.75 -80.62 -43.24
CA ILE D 382 -73.25 -79.94 -44.42
C ILE D 382 -74.29 -79.01 -45.04
N HIS D 383 -75.58 -79.22 -44.76
CA HIS D 383 -76.59 -78.25 -45.18
C HIS D 383 -76.38 -76.92 -44.49
N THR D 384 -76.30 -76.93 -43.16
CA THR D 384 -75.70 -75.82 -42.45
C THR D 384 -74.23 -75.70 -42.87
N MET D 385 -73.59 -74.60 -42.46
CA MET D 385 -72.30 -74.21 -43.03
C MET D 385 -72.56 -73.85 -44.49
N ASN D 386 -71.68 -74.28 -45.40
CA ASN D 386 -71.89 -73.99 -46.82
C ASN D 386 -72.91 -74.95 -47.42
N PRO D 387 -74.10 -74.48 -47.81
CA PRO D 387 -75.08 -75.38 -48.44
C PRO D 387 -74.77 -75.68 -49.90
N SER D 388 -74.03 -74.81 -50.58
CA SER D 388 -73.68 -75.04 -51.97
C SER D 388 -72.81 -76.27 -52.17
N VAL D 389 -72.12 -76.72 -51.11
CA VAL D 389 -71.33 -77.94 -51.22
C VAL D 389 -72.22 -79.13 -51.57
N LEU D 390 -73.43 -79.17 -51.01
CA LEU D 390 -74.37 -80.23 -51.37
C LEU D 390 -75.03 -79.94 -52.72
N GLU D 391 -75.27 -78.67 -53.05
CA GLU D 391 -75.91 -78.35 -54.33
C GLU D 391 -74.99 -78.67 -55.49
N ASP D 392 -73.70 -78.34 -55.36
CA ASP D 392 -72.76 -78.67 -56.43
C ASP D 392 -72.52 -80.17 -56.54
N TRP D 393 -72.75 -80.93 -55.46
CA TRP D 393 -72.65 -82.37 -55.50
C TRP D 393 -73.87 -83.05 -56.11
N ASN D 394 -74.93 -82.30 -56.38
CA ASN D 394 -76.19 -82.83 -56.88
C ASN D 394 -76.72 -83.93 -55.96
N PHE D 395 -76.72 -83.63 -54.66
CA PHE D 395 -77.13 -84.61 -53.66
C PHE D 395 -78.19 -84.00 -52.74
N PRO D 429 -73.62 -66.34 -60.07
CA PRO D 429 -74.08 -67.03 -58.87
C PRO D 429 -73.06 -66.94 -57.74
N ASP D 430 -71.79 -66.95 -58.11
CA ASP D 430 -70.72 -66.87 -57.14
C ASP D 430 -70.73 -65.50 -56.48
N PRO D 431 -70.90 -65.41 -55.16
CA PRO D 431 -70.86 -64.09 -54.51
C PRO D 431 -69.49 -63.43 -54.57
N TYR D 432 -68.46 -64.19 -54.97
CA TYR D 432 -67.10 -63.68 -55.07
C TYR D 432 -66.77 -63.15 -56.47
N LYS D 433 -67.75 -63.09 -57.38
CA LYS D 433 -67.51 -62.53 -58.71
C LYS D 433 -67.52 -61.01 -58.72
N ASN D 434 -67.93 -60.36 -57.64
CA ASN D 434 -67.82 -58.92 -57.53
C ASN D 434 -66.46 -58.48 -57.02
N LEU D 435 -65.71 -59.40 -56.42
CA LEU D 435 -64.36 -59.13 -55.94
C LEU D 435 -63.36 -59.35 -57.06
N SER D 436 -62.07 -59.24 -56.74
CA SER D 436 -61.00 -59.36 -57.74
C SER D 436 -59.90 -60.23 -57.18
N PHE D 437 -59.67 -61.39 -57.81
CA PHE D 437 -58.61 -62.30 -57.43
C PHE D 437 -57.81 -62.69 -58.66
N TRP D 438 -56.58 -63.16 -58.43
CA TRP D 438 -55.75 -63.69 -59.50
C TRP D 438 -56.17 -65.13 -59.77
N GLU D 439 -56.87 -65.36 -60.89
CA GLU D 439 -57.37 -66.68 -61.21
C GLU D 439 -56.21 -67.61 -61.57
N VAL D 440 -56.12 -68.74 -60.86
CA VAL D 440 -55.11 -69.75 -61.12
C VAL D 440 -55.86 -71.04 -61.43
N ASN D 441 -55.99 -71.35 -62.72
CA ASN D 441 -56.73 -72.52 -63.17
C ASN D 441 -55.79 -73.73 -63.10
N LEU D 442 -55.99 -74.58 -62.10
CA LEU D 442 -55.20 -75.79 -61.94
C LEU D 442 -55.91 -77.03 -62.46
N LYS D 443 -57.07 -76.87 -63.07
CA LYS D 443 -57.66 -77.97 -63.84
C LYS D 443 -56.77 -78.28 -65.03
N GLU D 444 -56.76 -79.55 -65.43
CA GLU D 444 -55.87 -80.08 -66.46
C GLU D 444 -54.40 -79.95 -66.08
N LYS D 445 -54.09 -79.61 -64.83
CA LYS D 445 -52.72 -79.49 -64.35
C LYS D 445 -52.37 -80.52 -63.29
N PHE D 446 -53.34 -81.30 -62.81
CA PHE D 446 -53.07 -82.32 -61.82
C PHE D 446 -52.29 -83.47 -62.43
N SER D 447 -51.33 -84.00 -61.67
CA SER D 447 -50.51 -85.12 -62.12
C SER D 447 -50.31 -86.09 -60.97
N SER D 448 -50.37 -87.38 -61.27
CA SER D 448 -50.16 -88.42 -60.28
C SER D 448 -48.70 -88.84 -60.15
N GLU D 449 -47.84 -88.39 -61.05
CA GLU D 449 -46.41 -88.71 -61.00
C GLU D 449 -45.73 -87.66 -60.13
N LEU D 450 -45.66 -87.93 -58.83
CA LEU D 450 -45.15 -86.94 -57.90
C LEU D 450 -43.66 -86.68 -58.08
N ASP D 451 -42.88 -87.74 -58.36
CA ASP D 451 -41.44 -87.61 -58.42
C ASP D 451 -40.95 -86.80 -59.62
N GLN D 452 -41.84 -86.36 -60.51
CA GLN D 452 -41.47 -85.60 -61.69
C GLN D 452 -41.44 -84.09 -61.43
N TYR D 453 -41.61 -83.66 -60.18
CA TYR D 453 -41.72 -82.25 -59.85
C TYR D 453 -40.96 -81.97 -58.56
N PRO D 454 -40.48 -80.73 -58.38
CA PRO D 454 -39.70 -80.43 -57.17
C PRO D 454 -40.47 -80.62 -55.87
N LEU D 455 -41.68 -80.06 -55.78
CA LEU D 455 -42.46 -80.20 -54.56
C LEU D 455 -42.87 -81.64 -54.33
N GLY D 456 -43.17 -82.37 -55.40
CA GLY D 456 -43.49 -83.79 -55.26
C GLY D 456 -42.31 -84.59 -54.75
N ARG D 457 -41.12 -84.31 -55.26
CA ARG D 457 -39.91 -84.96 -54.76
C ARG D 457 -39.69 -84.66 -53.28
N LYS D 458 -39.90 -83.40 -52.89
CA LYS D 458 -39.76 -83.04 -51.47
C LYS D 458 -40.83 -83.71 -50.63
N PHE D 459 -42.01 -83.96 -51.20
CA PHE D 459 -43.08 -84.60 -50.44
C PHE D 459 -42.76 -86.07 -50.17
N LEU D 460 -42.20 -86.76 -51.17
CA LEU D 460 -41.88 -88.17 -50.99
C LEU D 460 -40.83 -88.36 -49.90
N LEU D 461 -39.85 -87.46 -49.84
CA LEU D 461 -38.76 -87.54 -48.89
C LEU D 461 -39.07 -86.87 -47.56
N GLN D 462 -40.33 -86.52 -47.31
CA GLN D 462 -40.71 -85.80 -46.10
C GLN D 462 -42.12 -86.22 -45.70
N SER D 463 -42.60 -85.63 -44.62
CA SER D 463 -43.95 -85.89 -44.08
C SER D 463 -44.18 -87.39 -43.84
N LYS E 15 -44.55 -69.86 7.57
CA LYS E 15 -45.81 -69.23 7.96
C LYS E 15 -46.74 -69.07 6.77
N VAL E 16 -46.17 -68.68 5.63
CA VAL E 16 -46.92 -68.54 4.38
C VAL E 16 -46.68 -69.80 3.57
N VAL E 17 -47.76 -70.45 3.16
CA VAL E 17 -47.67 -71.71 2.42
C VAL E 17 -48.28 -71.51 1.04
N ALA E 18 -47.83 -72.33 0.09
CA ALA E 18 -48.36 -72.26 -1.26
C ALA E 18 -49.80 -72.76 -1.29
N THR E 19 -50.54 -72.32 -2.31
CA THR E 19 -51.93 -72.73 -2.46
C THR E 19 -52.05 -74.21 -2.77
N ASP E 20 -51.00 -74.84 -3.27
CA ASP E 20 -51.06 -76.26 -3.61
C ASP E 20 -51.29 -77.14 -2.38
N ALA E 21 -51.06 -76.61 -1.17
CA ALA E 21 -51.21 -77.41 0.03
C ALA E 21 -52.66 -77.49 0.49
N TYR E 22 -53.45 -76.44 0.24
CA TYR E 22 -54.82 -76.36 0.76
C TYR E 22 -55.86 -76.11 -0.31
N VAL E 23 -55.48 -76.10 -1.59
CA VAL E 23 -56.41 -75.93 -2.69
C VAL E 23 -56.28 -77.15 -3.60
N THR E 24 -57.30 -77.99 -3.60
CA THR E 24 -57.30 -79.21 -4.40
C THR E 24 -57.74 -78.90 -5.83
N ARG E 25 -57.07 -79.52 -6.80
CA ARG E 25 -57.36 -79.31 -8.20
C ARG E 25 -58.41 -80.30 -8.69
N THR E 26 -59.13 -79.90 -9.73
CA THR E 26 -60.14 -80.73 -10.36
C THR E 26 -59.78 -80.94 -11.84
N ASN E 27 -60.68 -81.59 -12.57
CA ASN E 27 -60.52 -81.82 -14.00
C ASN E 27 -61.43 -80.93 -14.83
N ILE E 28 -62.12 -79.98 -14.21
CA ILE E 28 -63.07 -79.13 -14.91
C ILE E 28 -62.35 -77.88 -15.40
N PHE E 29 -62.33 -77.70 -16.72
CA PHE E 29 -61.70 -76.54 -17.34
C PHE E 29 -62.74 -75.76 -18.14
N TYR E 30 -62.56 -74.44 -18.18
CA TYR E 30 -63.47 -73.54 -18.87
C TYR E 30 -62.68 -72.56 -19.72
N HIS E 31 -63.29 -72.13 -20.83
CA HIS E 31 -62.75 -71.10 -21.70
C HIS E 31 -63.58 -69.84 -21.58
N ALA E 32 -62.92 -68.69 -21.67
CA ALA E 32 -63.61 -67.40 -21.58
C ALA E 32 -62.85 -66.37 -22.42
N SER E 33 -63.54 -65.75 -23.35
CA SER E 33 -62.96 -64.75 -24.25
C SER E 33 -63.67 -63.42 -24.07
N SER E 34 -62.88 -62.34 -24.06
CA SER E 34 -63.42 -60.99 -23.93
C SER E 34 -63.95 -60.43 -25.24
N SER E 35 -63.88 -61.19 -26.33
CA SER E 35 -64.20 -60.71 -27.67
C SER E 35 -63.28 -59.55 -28.04
N ARG E 36 -63.63 -58.82 -29.10
CA ARG E 36 -62.77 -57.72 -29.55
C ARG E 36 -62.98 -56.50 -28.67
N LEU E 37 -61.87 -55.94 -28.17
CA LEU E 37 -61.88 -54.74 -27.35
C LEU E 37 -61.15 -53.64 -28.11
N LEU E 38 -61.84 -52.52 -28.34
CA LEU E 38 -61.31 -51.42 -29.13
C LEU E 38 -61.25 -50.16 -28.29
N ALA E 39 -60.14 -49.43 -28.42
CA ALA E 39 -59.95 -48.15 -27.76
C ALA E 39 -59.45 -47.15 -28.80
N VAL E 40 -60.25 -46.14 -29.08
CA VAL E 40 -59.92 -45.13 -30.09
C VAL E 40 -59.91 -43.76 -29.42
N GLY E 41 -58.83 -43.03 -29.60
CA GLY E 41 -58.74 -41.71 -29.00
C GLY E 41 -57.57 -40.91 -29.54
N HIS E 42 -57.11 -39.96 -28.72
CA HIS E 42 -56.02 -39.05 -29.06
C HIS E 42 -54.75 -39.51 -28.37
N PRO E 43 -53.64 -39.63 -29.10
CA PRO E 43 -52.42 -40.20 -28.50
C PRO E 43 -51.69 -39.25 -27.55
N TYR E 44 -52.10 -37.99 -27.45
CA TYR E 44 -51.39 -37.01 -26.64
C TYR E 44 -52.16 -36.54 -25.42
N PHE E 45 -53.45 -36.23 -25.57
CA PHE E 45 -54.22 -35.69 -24.46
C PHE E 45 -55.70 -35.92 -24.71
N SER E 46 -56.46 -35.91 -23.61
CA SER E 46 -57.91 -36.02 -23.72
C SER E 46 -58.51 -34.72 -24.27
N ILE E 47 -59.65 -34.85 -24.93
CA ILE E 47 -60.33 -33.73 -25.57
C ILE E 47 -61.59 -33.44 -24.78
N LYS E 48 -61.64 -32.28 -24.12
CA LYS E 48 -62.75 -31.89 -23.28
C LYS E 48 -63.48 -30.71 -23.89
N ARG E 49 -64.75 -30.93 -24.27
CA ARG E 49 -65.63 -29.83 -24.68
C ARG E 49 -67.01 -30.10 -24.10
N ALA E 50 -67.49 -29.20 -23.25
CA ALA E 50 -66.71 -28.07 -22.78
C ALA E 50 -66.20 -28.35 -21.37
N ASN E 51 -66.85 -29.32 -20.72
CA ASN E 51 -66.54 -29.71 -19.36
C ASN E 51 -65.94 -31.10 -19.28
N LYS E 52 -66.61 -32.10 -19.84
CA LYS E 52 -66.20 -33.49 -19.76
C LYS E 52 -65.54 -33.93 -21.07
N THR E 53 -64.80 -35.03 -20.99
CA THR E 53 -64.05 -35.54 -22.12
C THR E 53 -64.99 -36.03 -23.22
N VAL E 54 -64.65 -35.69 -24.46
CA VAL E 54 -65.37 -36.17 -25.63
C VAL E 54 -64.57 -37.23 -26.38
N VAL E 55 -63.25 -37.07 -26.44
CA VAL E 55 -62.35 -38.04 -27.06
C VAL E 55 -61.31 -38.42 -26.01
N PRO E 56 -61.20 -39.69 -25.64
CA PRO E 56 -60.26 -40.07 -24.59
C PRO E 56 -58.82 -40.09 -25.10
N LYS E 57 -57.89 -40.12 -24.14
CA LYS E 57 -56.47 -40.22 -24.44
C LYS E 57 -56.11 -41.70 -24.58
N VAL E 58 -55.83 -42.12 -25.82
CA VAL E 58 -55.47 -43.50 -26.11
C VAL E 58 -54.08 -43.46 -26.74
N SER E 59 -53.08 -43.95 -26.00
CA SER E 59 -51.71 -43.97 -26.45
C SER E 59 -51.11 -45.35 -26.23
N GLY E 60 -50.21 -45.75 -27.13
CA GLY E 60 -49.55 -47.03 -27.01
C GLY E 60 -48.65 -47.12 -25.80
N TYR E 61 -48.28 -45.98 -25.20
CA TYR E 61 -47.42 -45.95 -24.02
C TYR E 61 -48.23 -45.83 -22.73
N GLN E 62 -49.46 -46.32 -22.74
CA GLN E 62 -50.30 -46.37 -21.54
C GLN E 62 -50.39 -47.79 -21.02
N TYR E 63 -50.58 -47.91 -19.71
CA TYR E 63 -50.83 -49.21 -19.11
C TYR E 63 -52.26 -49.64 -19.38
N ARG E 64 -52.43 -50.87 -19.84
CA ARG E 64 -53.74 -51.48 -20.05
C ARG E 64 -53.94 -52.50 -18.92
N VAL E 65 -54.62 -52.06 -17.87
CA VAL E 65 -54.86 -52.89 -16.69
C VAL E 65 -56.30 -53.37 -16.77
N PHE E 66 -56.49 -54.61 -17.16
CA PHE E 66 -57.83 -55.19 -17.33
C PHE E 66 -58.26 -55.84 -16.03
N LYS E 67 -59.40 -55.42 -15.50
CA LYS E 67 -60.01 -56.05 -14.33
C LYS E 67 -61.03 -57.08 -14.81
N VAL E 68 -60.60 -58.33 -14.91
CA VAL E 68 -61.44 -59.40 -15.41
C VAL E 68 -62.26 -59.96 -14.25
N VAL E 69 -63.58 -59.83 -14.35
CA VAL E 69 -64.49 -60.32 -13.32
C VAL E 69 -64.96 -61.72 -13.70
N LEU E 70 -64.77 -62.68 -12.77
CA LEU E 70 -65.14 -64.07 -12.99
C LEU E 70 -66.42 -64.41 -12.23
N PRO E 71 -67.26 -65.29 -12.79
CA PRO E 71 -68.47 -65.71 -12.08
C PRO E 71 -68.12 -66.57 -10.87
N ASP E 72 -68.88 -66.40 -9.80
CA ASP E 72 -68.66 -67.14 -8.57
C ASP E 72 -68.89 -68.63 -8.80
N PRO E 73 -67.87 -69.48 -8.66
CA PRO E 73 -68.10 -70.92 -8.86
C PRO E 73 -69.00 -71.53 -7.81
N ASN E 74 -69.12 -70.92 -6.63
CA ASN E 74 -70.05 -71.39 -5.62
C ASN E 74 -71.49 -71.09 -6.00
N LYS E 75 -71.71 -70.14 -6.90
CA LYS E 75 -73.03 -69.80 -7.43
C LYS E 75 -73.15 -70.17 -8.90
N PHE E 76 -72.22 -70.94 -9.44
CA PHE E 76 -72.21 -71.27 -10.86
C PHE E 76 -73.11 -72.46 -11.15
N ALA E 77 -73.70 -72.46 -12.35
CA ALA E 77 -74.57 -73.54 -12.80
C ALA E 77 -73.71 -74.69 -13.32
N LEU E 78 -73.07 -75.37 -12.37
CA LEU E 78 -72.23 -76.51 -12.71
C LEU E 78 -73.09 -77.69 -13.16
N PRO E 79 -72.52 -78.61 -13.95
CA PRO E 79 -73.32 -79.78 -14.39
C PRO E 79 -73.79 -80.66 -13.26
N ASP E 80 -72.96 -80.88 -12.25
CA ASP E 80 -73.34 -81.69 -11.10
C ASP E 80 -72.81 -81.05 -9.83
N SER E 81 -73.66 -80.96 -8.81
CA SER E 81 -73.31 -80.36 -7.53
C SER E 81 -72.66 -81.35 -6.57
N SER E 82 -72.49 -82.61 -6.98
CA SER E 82 -71.86 -83.61 -6.13
C SER E 82 -70.34 -83.47 -6.09
N LEU E 83 -69.77 -82.51 -6.82
CA LEU E 83 -68.33 -82.29 -6.78
C LEU E 83 -67.86 -81.91 -5.38
N PHE E 84 -68.65 -81.10 -4.68
CA PHE E 84 -68.27 -80.60 -3.37
C PHE E 84 -69.47 -80.61 -2.44
N ASP E 85 -69.19 -80.49 -1.14
CA ASP E 85 -70.22 -80.32 -0.13
C ASP E 85 -70.42 -78.83 0.13
N PRO E 86 -71.67 -78.33 0.10
CA PRO E 86 -71.89 -76.90 0.38
C PRO E 86 -71.31 -76.44 1.70
N THR E 87 -71.31 -77.29 2.72
CA THR E 87 -70.63 -77.02 3.97
C THR E 87 -69.18 -77.50 3.91
N THR E 88 -68.31 -76.80 4.65
CA THR E 88 -66.91 -77.16 4.84
C THR E 88 -66.07 -77.03 3.57
N GLN E 89 -66.70 -76.85 2.42
CA GLN E 89 -65.99 -76.75 1.15
C GLN E 89 -66.48 -75.56 0.35
N ARG E 90 -65.55 -74.89 -0.33
CA ARG E 90 -65.86 -73.76 -1.20
C ARG E 90 -65.07 -73.91 -2.49
N LEU E 91 -65.54 -73.22 -3.53
CA LEU E 91 -64.94 -73.28 -4.85
C LEU E 91 -64.25 -71.96 -5.19
N VAL E 92 -63.27 -72.05 -6.09
CA VAL E 92 -62.53 -70.87 -6.54
C VAL E 92 -61.90 -71.20 -7.88
N TRP E 93 -61.79 -70.20 -8.75
CA TRP E 93 -61.20 -70.39 -10.07
C TRP E 93 -59.68 -70.26 -10.00
N ALA E 94 -59.01 -71.03 -10.85
CA ALA E 94 -57.56 -70.98 -10.97
C ALA E 94 -57.19 -70.78 -12.43
N CYS E 95 -56.32 -69.80 -12.70
CA CYS E 95 -55.95 -69.48 -14.06
C CYS E 95 -54.84 -70.42 -14.54
N THR E 96 -55.10 -71.12 -15.64
CA THR E 96 -54.14 -72.05 -16.22
C THR E 96 -53.70 -71.70 -17.63
N GLY E 97 -54.45 -70.89 -18.35
CA GLY E 97 -54.09 -70.52 -19.71
C GLY E 97 -54.44 -69.08 -19.98
N LEU E 98 -53.62 -68.45 -20.82
CA LEU E 98 -53.79 -67.03 -21.14
C LEU E 98 -53.20 -66.75 -22.51
N GLU E 99 -53.93 -65.97 -23.31
CA GLU E 99 -53.42 -65.44 -24.57
C GLU E 99 -53.97 -64.04 -24.76
N VAL E 100 -53.09 -63.05 -24.80
CA VAL E 100 -53.46 -61.66 -25.02
C VAL E 100 -53.23 -61.37 -26.49
N GLY E 101 -54.32 -61.32 -27.27
CA GLY E 101 -54.23 -61.11 -28.70
C GLY E 101 -54.26 -59.63 -29.04
N ARG E 102 -53.32 -59.21 -29.88
CA ARG E 102 -53.27 -57.85 -30.38
C ARG E 102 -53.66 -57.84 -31.85
N GLY E 103 -54.49 -56.89 -32.24
CA GLY E 103 -55.03 -56.88 -33.59
C GLY E 103 -54.84 -55.60 -34.38
N GLN E 104 -53.63 -55.05 -34.32
CA GLN E 104 -53.27 -53.85 -35.07
C GLN E 104 -51.92 -54.06 -35.74
N PRO E 105 -51.65 -53.35 -36.82
CA PRO E 105 -50.34 -53.48 -37.49
C PRO E 105 -49.22 -52.98 -36.59
N LEU E 106 -48.08 -53.66 -36.66
CA LEU E 106 -46.91 -53.22 -35.93
C LEU E 106 -46.43 -51.88 -36.46
N GLY E 107 -45.92 -51.05 -35.56
CA GLY E 107 -45.45 -49.74 -35.96
C GLY E 107 -45.02 -48.92 -34.77
N VAL E 108 -44.43 -47.76 -35.07
CA VAL E 108 -43.91 -46.85 -34.07
C VAL E 108 -44.62 -45.50 -34.23
N GLY E 109 -45.11 -44.97 -33.11
CA GLY E 109 -45.70 -43.66 -33.07
C GLY E 109 -44.74 -42.65 -32.46
N VAL E 110 -44.98 -41.38 -32.76
CA VAL E 110 -44.09 -40.31 -32.32
C VAL E 110 -44.84 -39.33 -31.44
N SER E 111 -44.13 -38.79 -30.46
CA SER E 111 -44.60 -37.71 -29.60
C SER E 111 -43.67 -36.53 -29.75
N GLY E 112 -44.17 -35.35 -29.36
CA GLY E 112 -43.38 -34.15 -29.51
C GLY E 112 -43.87 -33.04 -28.60
N HIS E 113 -43.29 -31.87 -28.79
CA HIS E 113 -43.65 -30.69 -28.01
C HIS E 113 -43.31 -29.44 -28.83
N PRO E 114 -44.31 -28.61 -29.16
CA PRO E 114 -44.02 -27.39 -29.92
C PRO E 114 -43.13 -26.40 -29.17
N PHE E 115 -42.94 -26.56 -27.86
CA PHE E 115 -42.07 -25.70 -27.08
C PHE E 115 -41.22 -26.57 -26.15
N LEU E 116 -40.43 -27.47 -26.73
CA LEU E 116 -39.57 -28.33 -25.94
C LEU E 116 -38.31 -27.58 -25.52
N ASN E 117 -37.90 -27.76 -24.26
CA ASN E 117 -36.76 -27.05 -23.70
C ASN E 117 -35.46 -27.68 -24.22
N LYS E 118 -35.21 -27.43 -25.51
CA LYS E 118 -33.98 -27.86 -26.17
C LYS E 118 -33.20 -26.62 -26.58
N TYR E 119 -31.92 -26.58 -26.23
CA TYR E 119 -31.11 -25.41 -26.53
C TYR E 119 -30.27 -25.63 -27.79
N ASP E 120 -29.13 -26.30 -27.63
CA ASP E 120 -28.23 -26.58 -28.74
C ASP E 120 -28.07 -28.08 -28.92
N ASP E 121 -27.94 -28.52 -30.18
CA ASP E 121 -27.61 -29.90 -30.48
C ASP E 121 -26.18 -30.14 -30.01
N VAL E 122 -26.04 -30.76 -28.83
CA VAL E 122 -24.74 -30.91 -28.19
C VAL E 122 -24.00 -32.16 -28.64
N GLU E 123 -24.61 -33.01 -29.48
CA GLU E 123 -23.94 -34.22 -29.91
C GLU E 123 -22.70 -33.92 -30.75
N ASN E 124 -22.79 -32.95 -31.64
CA ASN E 124 -21.68 -32.64 -32.53
C ASN E 124 -20.88 -31.45 -32.00
N SER E 125 -21.45 -30.26 -32.04
CA SER E 125 -20.76 -29.06 -31.56
C SER E 125 -21.81 -27.95 -31.44
N GLY E 126 -21.34 -26.72 -31.24
CA GLY E 126 -22.21 -25.58 -31.11
C GLY E 126 -22.94 -25.54 -29.78
N SER E 127 -23.46 -24.36 -29.41
CA SER E 127 -23.31 -23.15 -30.21
C SER E 127 -22.93 -21.98 -29.31
N GLY E 128 -22.19 -21.02 -29.86
CA GLY E 128 -21.60 -19.90 -29.17
C GLY E 128 -22.34 -19.35 -27.95
N GLY E 129 -23.12 -18.29 -28.15
CA GLY E 129 -23.78 -17.65 -27.03
C GLY E 129 -25.11 -17.02 -27.39
N ASN E 130 -26.19 -17.79 -27.35
CA ASN E 130 -27.51 -17.24 -27.58
C ASN E 130 -28.50 -17.51 -26.44
N PRO E 131 -28.12 -17.37 -25.16
CA PRO E 131 -29.12 -17.54 -24.10
C PRO E 131 -30.02 -16.32 -24.04
N GLY E 132 -31.33 -16.56 -24.10
CA GLY E 132 -32.28 -15.46 -24.13
C GLY E 132 -33.57 -15.75 -23.41
N GLN E 133 -34.62 -15.00 -23.77
CA GLN E 133 -35.93 -15.16 -23.16
C GLN E 133 -36.45 -16.59 -23.32
N ASP E 134 -36.74 -16.98 -24.55
CA ASP E 134 -37.30 -18.29 -24.85
C ASP E 134 -36.52 -18.93 -25.98
N ASN E 135 -35.90 -20.08 -25.69
CA ASN E 135 -35.17 -20.84 -26.68
C ASN E 135 -35.82 -22.19 -26.97
N ARG E 136 -37.08 -22.36 -26.57
CA ARG E 136 -37.77 -23.61 -26.80
C ARG E 136 -37.99 -23.84 -28.29
N VAL E 137 -37.87 -25.09 -28.71
CA VAL E 137 -37.98 -25.46 -30.12
C VAL E 137 -39.05 -26.53 -30.25
N ASN E 138 -39.70 -26.57 -31.41
CA ASN E 138 -40.65 -27.63 -31.72
C ASN E 138 -39.87 -28.87 -32.12
N VAL E 139 -39.91 -29.91 -31.28
CA VAL E 139 -39.12 -31.11 -31.48
C VAL E 139 -40.03 -32.33 -31.29
N GLY E 140 -39.86 -33.32 -32.16
CA GLY E 140 -40.58 -34.58 -32.03
C GLY E 140 -39.62 -35.74 -31.91
N MET E 141 -40.12 -36.88 -31.43
CA MET E 141 -39.24 -38.01 -31.17
C MET E 141 -40.09 -39.26 -30.99
N ASP E 142 -39.44 -40.42 -31.09
CA ASP E 142 -40.05 -41.70 -30.78
C ASP E 142 -39.54 -42.21 -29.44
N TYR E 143 -40.39 -42.95 -28.73
CA TYR E 143 -40.08 -43.37 -27.38
C TYR E 143 -39.40 -44.75 -27.38
N LYS E 144 -39.00 -45.17 -26.19
CA LYS E 144 -38.39 -46.48 -26.00
C LYS E 144 -39.41 -47.59 -26.17
N GLN E 145 -39.01 -48.67 -26.83
CA GLN E 145 -39.88 -49.81 -27.04
C GLN E 145 -40.01 -50.62 -25.75
N THR E 146 -41.24 -50.92 -25.36
CA THR E 146 -41.49 -51.63 -24.10
C THR E 146 -42.65 -52.59 -24.31
N GLN E 147 -42.40 -53.87 -24.02
CA GLN E 147 -43.43 -54.90 -24.00
C GLN E 147 -43.45 -55.57 -22.63
N LEU E 148 -44.65 -55.77 -22.09
CA LEU E 148 -44.77 -56.47 -20.82
C LEU E 148 -46.20 -56.92 -20.63
N CYS E 149 -46.37 -58.02 -19.88
CA CYS E 149 -47.68 -58.49 -19.50
C CYS E 149 -47.58 -59.23 -18.16
N MET E 150 -48.53 -58.98 -17.28
CA MET E 150 -48.58 -59.59 -15.96
C MET E 150 -49.97 -60.11 -15.68
N VAL E 151 -50.05 -61.05 -14.75
CA VAL E 151 -51.30 -61.62 -14.29
C VAL E 151 -51.25 -61.78 -12.77
N GLY E 152 -52.34 -61.43 -12.12
CA GLY E 152 -52.48 -61.67 -10.68
C GLY E 152 -53.91 -61.46 -10.27
N CYS E 153 -54.19 -61.83 -9.02
CA CYS E 153 -55.50 -61.58 -8.43
C CYS E 153 -55.56 -60.25 -7.69
N ALA E 154 -54.50 -59.46 -7.74
CA ALA E 154 -54.44 -58.13 -7.16
C ALA E 154 -53.77 -57.20 -8.17
N PRO E 155 -54.12 -55.92 -8.15
CA PRO E 155 -53.56 -55.00 -9.14
C PRO E 155 -52.06 -54.83 -8.95
N PRO E 156 -51.31 -54.54 -10.01
CA PRO E 156 -49.86 -54.44 -9.88
C PRO E 156 -49.40 -53.15 -9.21
N LEU E 157 -48.15 -53.18 -8.75
CA LEU E 157 -47.53 -52.04 -8.09
C LEU E 157 -46.53 -51.39 -9.03
N GLY E 158 -46.60 -50.07 -9.15
CA GLY E 158 -45.64 -49.30 -9.93
C GLY E 158 -44.89 -48.34 -9.05
N GLU E 159 -43.66 -48.02 -9.47
CA GLU E 159 -42.80 -47.10 -8.74
C GLU E 159 -42.45 -45.91 -9.63
N HIS E 160 -42.34 -44.74 -9.01
CA HIS E 160 -41.96 -43.53 -9.72
C HIS E 160 -41.37 -42.54 -8.73
N TRP E 161 -40.56 -41.62 -9.25
CA TRP E 161 -39.94 -40.60 -8.42
C TRP E 161 -40.81 -39.34 -8.43
N GLY E 162 -41.19 -38.89 -7.24
CA GLY E 162 -42.02 -37.71 -7.11
C GLY E 162 -41.42 -36.72 -6.13
N LYS E 163 -42.03 -35.53 -6.08
CA LYS E 163 -41.62 -34.51 -5.14
C LYS E 163 -41.77 -35.03 -3.72
N GLY E 164 -40.66 -35.31 -3.06
CA GLY E 164 -40.71 -35.97 -1.77
C GLY E 164 -41.19 -35.05 -0.67
N LYS E 165 -41.58 -35.67 0.44
CA LYS E 165 -41.99 -34.93 1.62
C LYS E 165 -40.85 -34.05 2.09
N GLN E 166 -41.16 -32.78 2.37
CA GLN E 166 -40.15 -31.81 2.75
C GLN E 166 -40.03 -31.74 4.27
N CYS E 167 -38.80 -31.82 4.77
CA CYS E 167 -37.60 -32.02 3.95
C CYS E 167 -36.52 -32.75 4.74
N THR E 168 -35.67 -33.49 4.04
CA THR E 168 -34.44 -33.98 4.64
C THR E 168 -33.46 -32.83 4.72
N ASN E 169 -32.93 -32.58 5.93
CA ASN E 169 -32.21 -31.35 6.27
C ASN E 169 -33.17 -30.17 6.23
N THR E 170 -32.66 -28.97 6.53
CA THR E 170 -33.50 -27.80 6.71
C THR E 170 -32.84 -26.57 6.08
N PRO E 171 -33.56 -25.44 5.92
CA PRO E 171 -34.99 -25.21 6.06
C PRO E 171 -35.65 -24.36 4.97
N VAL E 172 -34.90 -23.89 3.97
CA VAL E 172 -35.29 -22.69 3.25
C VAL E 172 -35.53 -22.99 1.77
N GLN E 173 -36.34 -22.11 1.16
CA GLN E 173 -36.65 -22.01 -0.25
C GLN E 173 -35.73 -20.93 -0.85
N ALA E 174 -35.87 -20.56 -2.13
CA ALA E 174 -36.84 -21.02 -3.13
C ALA E 174 -36.18 -21.32 -4.46
N GLY E 175 -36.90 -22.02 -5.34
CA GLY E 175 -36.36 -22.43 -6.61
C GLY E 175 -35.31 -23.52 -6.53
N ASP E 176 -35.02 -24.04 -5.34
CA ASP E 176 -34.03 -25.09 -5.19
C ASP E 176 -34.56 -26.42 -5.72
N CYS E 177 -33.66 -27.39 -5.81
CA CYS E 177 -34.04 -28.71 -6.29
C CYS E 177 -35.05 -29.36 -5.34
N PRO E 178 -36.14 -29.93 -5.84
CA PRO E 178 -37.11 -30.55 -4.96
C PRO E 178 -36.60 -31.88 -4.43
N PRO E 179 -36.97 -32.26 -3.22
CA PRO E 179 -36.55 -33.56 -2.68
C PRO E 179 -37.21 -34.70 -3.45
N LEU E 180 -36.42 -35.75 -3.72
CA LEU E 180 -36.89 -36.91 -4.46
C LEU E 180 -37.30 -38.01 -3.49
N GLU E 181 -38.39 -38.69 -3.81
CA GLU E 181 -38.88 -39.81 -3.02
C GLU E 181 -39.42 -40.89 -3.96
N LEU E 182 -39.00 -42.13 -3.74
CA LEU E 182 -39.48 -43.25 -4.54
C LEU E 182 -40.86 -43.65 -4.04
N ILE E 183 -41.89 -43.35 -4.83
CA ILE E 183 -43.28 -43.59 -4.44
C ILE E 183 -43.77 -44.84 -5.14
N THR E 184 -44.23 -45.81 -4.36
CA THR E 184 -44.88 -47.01 -4.88
C THR E 184 -46.38 -46.81 -4.85
N SER E 185 -47.05 -47.15 -5.95
CA SER E 185 -48.47 -46.93 -6.09
C SER E 185 -49.08 -48.05 -6.92
N VAL E 186 -50.39 -48.01 -7.08
CA VAL E 186 -51.12 -49.00 -7.87
C VAL E 186 -51.19 -48.50 -9.31
N ILE E 187 -50.84 -49.38 -10.24
CA ILE E 187 -50.86 -49.04 -11.66
C ILE E 187 -52.30 -49.10 -12.14
N GLN E 188 -52.85 -47.95 -12.53
CA GLN E 188 -54.20 -47.88 -13.04
C GLN E 188 -54.20 -47.94 -14.57
N ASP E 189 -55.33 -48.32 -15.13
CA ASP E 189 -55.50 -48.32 -16.57
C ASP E 189 -55.44 -46.89 -17.10
N GLY E 190 -54.48 -46.62 -17.99
CA GLY E 190 -54.27 -45.30 -18.53
C GLY E 190 -53.01 -44.61 -18.05
N ASP E 191 -52.36 -45.13 -17.01
CA ASP E 191 -51.11 -44.56 -16.55
C ASP E 191 -50.03 -44.71 -17.63
N MET E 192 -49.11 -43.76 -17.66
CA MET E 192 -48.07 -43.75 -18.68
C MET E 192 -46.91 -44.63 -18.28
N VAL E 193 -46.41 -45.42 -19.22
CA VAL E 193 -45.20 -46.19 -18.99
C VAL E 193 -43.98 -45.27 -19.13
N ASP E 194 -42.84 -45.74 -18.65
CA ASP E 194 -41.61 -44.96 -18.83
C ASP E 194 -41.33 -44.79 -20.32
N THR E 195 -40.66 -43.68 -20.66
CA THR E 195 -40.43 -43.31 -22.05
C THR E 195 -38.92 -43.36 -22.24
N GLY E 196 -38.23 -42.23 -22.41
CA GLY E 196 -36.79 -42.23 -22.33
C GLY E 196 -36.24 -41.36 -21.21
N PHE E 197 -37.12 -40.72 -20.44
CA PHE E 197 -36.70 -39.75 -19.43
C PHE E 197 -36.95 -40.24 -18.01
N GLY E 198 -37.17 -41.54 -17.81
CA GLY E 198 -37.31 -42.10 -16.49
C GLY E 198 -38.75 -42.15 -16.00
N ALA E 199 -38.90 -42.77 -14.84
CA ALA E 199 -40.21 -42.90 -14.19
C ALA E 199 -40.28 -41.85 -13.10
N MET E 200 -40.95 -40.73 -13.40
CA MET E 200 -41.02 -39.62 -12.47
C MET E 200 -42.34 -38.89 -12.68
N ASN E 201 -42.68 -38.03 -11.71
CA ASN E 201 -43.89 -37.22 -11.76
C ASN E 201 -43.49 -35.89 -12.39
N PHE E 202 -43.63 -35.80 -13.72
CA PHE E 202 -43.23 -34.60 -14.43
C PHE E 202 -44.06 -33.38 -14.06
N ALA E 203 -45.28 -33.60 -13.54
CA ALA E 203 -46.12 -32.46 -13.16
C ALA E 203 -45.53 -31.70 -11.97
N ASP E 204 -44.84 -32.40 -11.07
CA ASP E 204 -44.29 -31.79 -9.87
C ASP E 204 -42.80 -31.48 -9.98
N LEU E 205 -42.02 -32.35 -10.61
CA LEU E 205 -40.57 -32.18 -10.66
C LEU E 205 -40.11 -31.26 -11.79
N GLN E 206 -40.93 -31.07 -12.82
CA GLN E 206 -40.62 -30.19 -13.94
C GLN E 206 -41.75 -29.17 -14.06
N THR E 207 -41.54 -28.00 -13.48
CA THR E 207 -42.58 -26.98 -13.36
C THR E 207 -42.74 -26.14 -14.62
N ASN E 208 -41.82 -26.22 -15.57
CA ASN E 208 -41.88 -25.39 -16.77
C ASN E 208 -42.76 -25.97 -17.86
N LYS E 209 -43.30 -27.19 -17.67
CA LYS E 209 -44.21 -27.81 -18.64
C LYS E 209 -43.60 -27.88 -20.03
N SER E 210 -42.27 -27.98 -20.11
CA SER E 210 -41.62 -27.91 -21.41
C SER E 210 -40.35 -28.75 -21.51
N ASP E 211 -40.04 -29.62 -20.55
CA ASP E 211 -38.84 -30.43 -20.63
C ASP E 211 -39.06 -31.76 -21.33
N VAL E 212 -40.28 -32.27 -21.36
CA VAL E 212 -40.58 -33.54 -22.02
C VAL E 212 -41.79 -33.32 -22.93
N PRO E 213 -41.99 -34.20 -23.91
CA PRO E 213 -43.14 -34.03 -24.82
C PRO E 213 -44.46 -33.94 -24.08
N ILE E 214 -45.47 -33.43 -24.81
CA ILE E 214 -46.72 -33.01 -24.19
C ILE E 214 -47.52 -34.18 -23.61
N ASP E 215 -47.29 -35.40 -24.09
CA ASP E 215 -48.10 -36.52 -23.62
C ASP E 215 -47.65 -37.08 -22.29
N ILE E 216 -46.60 -36.54 -21.69
CA ILE E 216 -46.11 -37.02 -20.41
C ILE E 216 -45.74 -35.85 -19.51
N CYS E 217 -45.74 -34.64 -20.06
CA CYS E 217 -45.31 -33.48 -19.30
C CYS E 217 -46.29 -33.05 -18.22
N GLY E 218 -47.51 -33.56 -18.25
CA GLY E 218 -48.50 -33.20 -17.24
C GLY E 218 -49.02 -34.40 -16.47
N THR E 219 -48.37 -35.55 -16.64
CA THR E 219 -48.78 -36.79 -15.98
C THR E 219 -47.57 -37.38 -15.28
N THR E 220 -47.63 -38.68 -15.00
CA THR E 220 -46.58 -39.40 -14.29
C THR E 220 -46.29 -40.71 -15.03
N CYS E 221 -45.00 -40.99 -15.24
CA CYS E 221 -44.57 -42.25 -15.82
C CYS E 221 -44.25 -43.22 -14.69
N LYS E 222 -44.94 -44.37 -14.68
CA LYS E 222 -44.76 -45.38 -13.65
C LYS E 222 -44.06 -46.60 -14.24
N TYR E 223 -43.12 -47.17 -13.47
CA TYR E 223 -42.44 -48.39 -13.84
C TYR E 223 -42.77 -49.48 -12.83
N PRO E 224 -42.98 -50.72 -13.29
CA PRO E 224 -43.36 -51.80 -12.36
C PRO E 224 -42.25 -52.07 -11.34
N ASP E 225 -42.66 -52.19 -10.07
CA ASP E 225 -41.74 -52.55 -9.00
C ASP E 225 -41.68 -54.06 -8.90
N TYR E 226 -40.88 -54.66 -9.78
CA TYR E 226 -40.75 -56.12 -9.81
C TYR E 226 -40.19 -56.64 -8.49
N LEU E 227 -39.27 -55.88 -7.89
CA LEU E 227 -38.63 -56.34 -6.66
C LEU E 227 -39.63 -56.45 -5.52
N GLN E 228 -40.50 -55.45 -5.36
CA GLN E 228 -41.45 -55.48 -4.26
C GLN E 228 -42.53 -56.54 -4.50
N MET E 229 -43.07 -56.59 -5.72
CA MET E 229 -44.12 -57.56 -6.03
C MET E 229 -43.61 -58.99 -5.95
N ALA E 230 -42.33 -59.22 -6.22
CA ALA E 230 -41.76 -60.55 -6.08
C ALA E 230 -41.48 -60.89 -4.62
N ALA E 231 -41.23 -59.87 -3.81
CA ALA E 231 -40.92 -60.05 -2.39
C ALA E 231 -42.17 -60.10 -1.53
N ASP E 232 -43.33 -59.98 -2.15
CA ASP E 232 -44.58 -60.09 -1.41
C ASP E 232 -44.72 -61.51 -0.86
N PRO E 233 -45.16 -61.68 0.40
CA PRO E 233 -45.28 -63.04 0.96
C PRO E 233 -46.23 -63.91 0.16
N TYR E 234 -47.50 -63.49 0.06
CA TYR E 234 -48.48 -64.32 -0.63
C TYR E 234 -48.27 -64.30 -2.14
N GLY E 235 -47.71 -63.21 -2.66
CA GLY E 235 -47.48 -63.10 -4.09
C GLY E 235 -48.76 -63.02 -4.90
N ASP E 236 -49.74 -62.25 -4.43
CA ASP E 236 -51.02 -62.14 -5.13
C ASP E 236 -50.94 -61.25 -6.36
N ARG E 237 -49.87 -60.47 -6.52
CA ARG E 237 -49.77 -59.51 -7.62
C ARG E 237 -48.99 -60.03 -8.81
N LEU E 238 -48.13 -61.03 -8.62
CA LEU E 238 -47.32 -61.58 -9.70
C LEU E 238 -47.51 -63.09 -9.75
N PHE E 239 -48.53 -63.53 -10.49
CA PHE E 239 -48.57 -64.93 -10.90
C PHE E 239 -47.40 -65.22 -11.83
N PHE E 240 -47.17 -64.33 -12.79
CA PHE E 240 -46.00 -64.36 -13.65
C PHE E 240 -45.88 -63.01 -14.33
N PHE E 241 -44.75 -62.79 -14.99
CA PHE E 241 -44.55 -61.59 -15.78
C PHE E 241 -43.59 -61.88 -16.93
N LEU E 242 -43.76 -61.13 -18.01
CA LEU E 242 -42.88 -61.16 -19.16
C LEU E 242 -42.58 -59.72 -19.55
N ARG E 243 -41.36 -59.46 -20.02
CA ARG E 243 -40.97 -58.10 -20.32
C ARG E 243 -39.92 -58.08 -21.42
N LYS E 244 -39.90 -56.98 -22.16
CA LYS E 244 -38.85 -56.70 -23.14
C LYS E 244 -38.76 -55.20 -23.32
N GLU E 245 -37.65 -54.61 -22.88
CA GLU E 245 -37.39 -53.18 -23.01
C GLU E 245 -36.15 -52.98 -23.87
N GLN E 246 -36.19 -51.96 -24.73
CA GLN E 246 -35.03 -51.66 -25.55
C GLN E 246 -35.09 -50.20 -26.00
N MET E 247 -33.92 -49.57 -26.07
CA MET E 247 -33.80 -48.18 -26.49
C MET E 247 -32.33 -47.87 -26.73
N PHE E 248 -32.09 -46.80 -27.48
CA PHE E 248 -30.75 -46.27 -27.67
C PHE E 248 -30.82 -44.75 -27.72
N ALA E 249 -29.66 -44.12 -27.64
CA ALA E 249 -29.57 -42.65 -27.60
C ALA E 249 -29.60 -42.09 -29.01
N ARG E 250 -30.71 -41.41 -29.35
CA ARG E 250 -30.84 -40.82 -30.69
C ARG E 250 -29.99 -39.56 -30.81
N HIS E 251 -30.35 -38.51 -30.07
CA HIS E 251 -29.67 -37.22 -30.13
C HIS E 251 -29.41 -36.72 -28.72
N PHE E 252 -28.48 -35.77 -28.62
CA PHE E 252 -28.11 -35.16 -27.35
C PHE E 252 -28.34 -33.66 -27.43
N PHE E 253 -28.73 -33.07 -26.30
CA PHE E 253 -28.88 -31.62 -26.21
C PHE E 253 -28.89 -31.22 -24.75
N ASN E 254 -28.85 -29.91 -24.52
CA ASN E 254 -28.84 -29.35 -23.17
C ASN E 254 -30.08 -28.48 -22.97
N ARG E 255 -30.41 -28.26 -21.70
CA ARG E 255 -31.59 -27.49 -21.32
C ARG E 255 -31.26 -26.01 -21.28
N ALA E 256 -32.25 -25.19 -21.60
CA ALA E 256 -32.14 -23.76 -21.45
C ALA E 256 -32.56 -23.35 -20.04
N GLY E 257 -32.03 -22.23 -19.58
CA GLY E 257 -32.29 -21.74 -18.24
C GLY E 257 -31.04 -21.80 -17.37
N GLU E 258 -31.21 -21.31 -16.14
CA GLU E 258 -30.09 -21.24 -15.21
C GLU E 258 -29.73 -22.62 -14.70
N VAL E 259 -28.44 -22.87 -14.58
CA VAL E 259 -27.93 -24.12 -14.03
C VAL E 259 -28.12 -24.07 -12.52
N GLY E 260 -29.00 -24.92 -11.99
CA GLY E 260 -29.25 -24.93 -10.56
C GLY E 260 -28.05 -25.37 -9.75
N GLU E 261 -27.27 -26.32 -10.28
CA GLU E 261 -26.06 -26.80 -9.63
C GLU E 261 -24.94 -26.65 -10.64
N PRO E 262 -24.06 -25.67 -10.47
CA PRO E 262 -23.06 -25.41 -11.51
C PRO E 262 -21.95 -26.44 -11.45
N VAL E 263 -21.21 -26.52 -12.55
CA VAL E 263 -20.07 -27.44 -12.57
C VAL E 263 -19.08 -26.95 -11.52
N PRO E 264 -18.51 -27.81 -10.67
CA PRO E 264 -17.58 -27.33 -9.66
C PRO E 264 -16.38 -26.65 -10.32
N ASP E 265 -15.74 -25.75 -9.58
CA ASP E 265 -14.60 -25.04 -10.12
C ASP E 265 -13.46 -25.99 -10.45
N THR E 266 -13.26 -26.99 -9.60
CA THR E 266 -12.10 -27.87 -9.69
C THR E 266 -12.12 -28.66 -10.99
N LEU E 267 -13.26 -28.67 -11.66
CA LEU E 267 -13.48 -29.46 -12.85
C LEU E 267 -13.42 -28.68 -14.15
N ILE E 268 -13.29 -27.36 -14.13
CA ILE E 268 -13.20 -26.59 -15.39
C ILE E 268 -12.18 -25.48 -15.22
N ILE E 269 -11.32 -25.31 -16.23
CA ILE E 269 -10.35 -24.21 -16.28
C ILE E 269 -11.04 -23.03 -16.96
N LYS E 270 -11.21 -21.93 -16.23
CA LYS E 270 -12.02 -20.83 -16.72
C LYS E 270 -11.32 -20.14 -17.90
N GLY E 271 -12.11 -19.80 -18.91
CA GLY E 271 -11.65 -18.94 -19.97
C GLY E 271 -12.49 -17.68 -20.04
N SER E 272 -12.40 -16.92 -21.12
CA SER E 272 -11.50 -17.20 -22.25
C SER E 272 -11.27 -15.95 -23.08
N GLY E 273 -11.23 -14.78 -22.43
CA GLY E 273 -11.42 -13.59 -23.23
C GLY E 273 -12.90 -13.52 -23.48
N ASN E 274 -13.33 -14.16 -24.58
CA ASN E 274 -14.73 -14.41 -24.85
C ASN E 274 -15.17 -15.62 -24.05
N ARG E 275 -16.26 -16.28 -24.43
CA ARG E 275 -16.81 -17.42 -23.71
C ARG E 275 -17.14 -17.04 -22.27
N THR E 276 -16.20 -17.25 -21.34
CA THR E 276 -16.33 -16.85 -19.93
C THR E 276 -17.60 -17.35 -19.22
N SER E 277 -18.72 -17.45 -19.93
CA SER E 277 -19.95 -17.98 -19.36
C SER E 277 -20.00 -19.47 -19.63
N VAL E 278 -20.15 -20.26 -18.56
CA VAL E 278 -20.17 -21.71 -18.70
C VAL E 278 -21.45 -22.12 -19.42
N GLY E 279 -21.30 -22.90 -20.49
CA GLY E 279 -22.47 -23.36 -21.22
C GLY E 279 -23.38 -24.20 -20.35
N SER E 280 -24.60 -24.40 -20.83
CA SER E 280 -25.58 -25.20 -20.09
C SER E 280 -25.07 -26.63 -19.96
N SER E 281 -24.89 -27.07 -18.71
CA SER E 281 -24.37 -28.41 -18.43
C SER E 281 -25.47 -29.35 -17.93
N ILE E 282 -26.69 -29.15 -18.40
CA ILE E 282 -27.81 -30.05 -18.08
C ILE E 282 -28.15 -30.84 -19.32
N TYR E 283 -27.57 -32.03 -19.46
CA TYR E 283 -27.71 -32.82 -20.66
C TYR E 283 -28.78 -33.89 -20.50
N VAL E 284 -29.58 -34.07 -21.54
CA VAL E 284 -30.55 -35.16 -21.63
C VAL E 284 -30.63 -35.59 -23.08
N ASN E 285 -30.82 -36.88 -23.31
CA ASN E 285 -30.82 -37.45 -24.64
C ASN E 285 -32.21 -37.96 -25.02
N THR E 286 -32.56 -37.80 -26.29
CA THR E 286 -33.81 -38.36 -26.80
C THR E 286 -33.67 -39.87 -26.96
N PRO E 287 -34.69 -40.64 -26.58
CA PRO E 287 -34.65 -42.08 -26.78
C PRO E 287 -35.11 -42.46 -28.17
N SER E 288 -34.98 -43.76 -28.48
CA SER E 288 -35.50 -44.31 -29.72
C SER E 288 -35.71 -45.81 -29.53
N GLY E 289 -36.89 -46.29 -29.89
CA GLY E 289 -37.22 -47.69 -29.70
C GLY E 289 -36.56 -48.66 -30.67
N SER E 290 -35.86 -48.13 -31.67
CA SER E 290 -35.14 -48.94 -32.67
C SER E 290 -36.15 -49.80 -33.43
N LEU E 291 -35.72 -50.98 -33.88
CA LEU E 291 -36.54 -51.83 -34.75
C LEU E 291 -37.57 -52.60 -33.93
N VAL E 292 -38.79 -52.66 -34.46
CA VAL E 292 -39.84 -53.54 -33.95
C VAL E 292 -40.05 -54.65 -34.96
N SER E 293 -40.15 -55.88 -34.49
CA SER E 293 -40.26 -57.04 -35.37
C SER E 293 -41.25 -58.04 -34.80
N SER E 294 -41.73 -58.92 -35.67
CA SER E 294 -42.66 -59.97 -35.24
C SER E 294 -41.97 -61.00 -34.36
N GLU E 295 -40.68 -61.25 -34.60
CA GLU E 295 -39.94 -62.21 -33.79
C GLU E 295 -39.83 -61.76 -32.34
N ALA E 296 -39.92 -60.46 -32.08
CA ALA E 296 -39.82 -59.91 -30.73
C ALA E 296 -41.18 -59.82 -30.03
N GLN E 297 -42.25 -60.26 -30.67
CA GLN E 297 -43.58 -60.13 -30.08
C GLN E 297 -43.76 -61.08 -28.90
N LEU E 298 -44.38 -60.56 -27.85
CA LEU E 298 -44.75 -61.37 -26.69
C LEU E 298 -46.18 -61.86 -26.76
N PHE E 299 -47.00 -61.25 -27.61
CA PHE E 299 -48.43 -61.50 -27.64
C PHE E 299 -48.78 -62.41 -28.81
N ASN E 300 -50.09 -62.61 -29.00
CA ASN E 300 -50.65 -63.48 -30.03
C ASN E 300 -50.16 -64.93 -29.91
N LYS E 301 -49.68 -65.31 -28.73
CA LYS E 301 -49.26 -66.67 -28.44
C LYS E 301 -49.70 -67.00 -27.02
N PRO E 302 -50.14 -68.22 -26.77
CA PRO E 302 -50.64 -68.57 -25.43
C PRO E 302 -49.51 -68.74 -24.42
N TYR E 303 -49.85 -68.47 -23.17
CA TYR E 303 -48.93 -68.69 -22.05
C TYR E 303 -49.64 -69.56 -21.03
N TRP E 304 -48.97 -70.63 -20.60
CA TRP E 304 -49.52 -71.58 -19.64
C TRP E 304 -48.79 -71.43 -18.32
N LEU E 305 -49.55 -71.12 -17.26
CA LEU E 305 -48.98 -70.93 -15.93
C LEU E 305 -48.70 -72.30 -15.32
N GLN E 306 -47.56 -72.87 -15.72
CA GLN E 306 -47.16 -74.16 -15.19
C GLN E 306 -46.80 -74.05 -13.70
N LYS E 307 -45.93 -73.11 -13.36
CA LYS E 307 -45.52 -72.89 -11.97
C LYS E 307 -45.41 -71.39 -11.72
N ALA E 308 -45.93 -70.95 -10.58
CA ALA E 308 -45.87 -69.57 -10.19
C ALA E 308 -44.63 -69.30 -9.33
N GLN E 309 -44.11 -68.08 -9.43
CA GLN E 309 -42.95 -67.69 -8.64
C GLN E 309 -43.30 -67.53 -7.17
N GLY E 310 -44.48 -66.97 -6.89
CA GLY E 310 -44.95 -66.81 -5.53
C GLY E 310 -45.67 -68.04 -5.02
N HIS E 311 -46.25 -67.89 -3.82
CA HIS E 311 -47.02 -68.99 -3.24
C HIS E 311 -48.40 -69.13 -3.86
N ASN E 312 -48.99 -68.02 -4.31
CA ASN E 312 -50.28 -68.07 -5.01
C ASN E 312 -50.03 -68.63 -6.41
N ASN E 313 -50.37 -69.89 -6.62
CA ASN E 313 -50.10 -70.57 -7.89
C ASN E 313 -51.27 -70.39 -8.85
N GLY E 314 -51.61 -69.13 -9.09
CA GLY E 314 -52.65 -68.81 -10.06
C GLY E 314 -54.06 -68.87 -9.54
N ILE E 315 -54.27 -68.75 -8.24
CA ILE E 315 -55.61 -68.80 -7.66
C ILE E 315 -56.20 -67.39 -7.71
N CYS E 316 -57.37 -67.27 -8.35
CA CYS E 316 -58.02 -65.97 -8.52
C CYS E 316 -58.96 -65.73 -7.34
N TRP E 317 -58.38 -65.25 -6.25
CA TRP E 317 -59.16 -64.93 -5.06
C TRP E 317 -60.13 -63.79 -5.36
N GLY E 318 -61.32 -63.88 -4.78
CA GLY E 318 -62.35 -62.89 -5.04
C GLY E 318 -63.01 -62.98 -6.39
N ASN E 319 -62.74 -64.04 -7.15
CA ASN E 319 -63.33 -64.24 -8.48
C ASN E 319 -63.02 -63.08 -9.41
N GLN E 320 -61.77 -62.60 -9.37
CA GLN E 320 -61.32 -61.52 -10.23
C GLN E 320 -59.88 -61.77 -10.63
N LEU E 321 -59.48 -61.15 -11.74
CA LEU E 321 -58.14 -61.34 -12.30
C LEU E 321 -57.67 -60.05 -12.93
N PHE E 322 -56.49 -59.58 -12.51
CA PHE E 322 -55.89 -58.37 -13.05
C PHE E 322 -54.82 -58.73 -14.06
N VAL E 323 -55.00 -58.29 -15.30
CA VAL E 323 -54.05 -58.55 -16.39
C VAL E 323 -53.54 -57.20 -16.86
N THR E 324 -52.24 -56.96 -16.67
CA THR E 324 -51.60 -55.73 -17.10
C THR E 324 -50.85 -55.98 -18.41
N VAL E 325 -50.97 -55.04 -19.34
CA VAL E 325 -50.36 -55.18 -20.66
C VAL E 325 -49.78 -53.83 -21.08
N VAL E 326 -48.53 -53.85 -21.55
CA VAL E 326 -47.91 -52.70 -22.20
C VAL E 326 -47.37 -53.16 -23.53
N ASP E 327 -47.76 -52.48 -24.61
CA ASP E 327 -47.37 -52.85 -25.96
C ASP E 327 -47.12 -51.57 -26.75
N THR E 328 -45.85 -51.22 -26.92
CA THR E 328 -45.47 -50.04 -27.70
C THR E 328 -45.12 -50.39 -29.14
N THR E 329 -45.19 -51.67 -29.51
CA THR E 329 -44.87 -52.11 -30.86
C THR E 329 -45.99 -51.86 -31.85
N ARG E 330 -47.14 -51.38 -31.39
CA ARG E 330 -48.28 -51.03 -32.24
C ARG E 330 -48.78 -49.63 -31.90
N SER E 331 -47.84 -48.70 -31.75
CA SER E 331 -48.13 -47.34 -31.32
C SER E 331 -48.33 -46.38 -32.47
N THR E 332 -48.49 -46.88 -33.70
CA THR E 332 -48.63 -46.01 -34.86
C THR E 332 -49.81 -45.06 -34.70
N ASN E 333 -49.54 -43.77 -34.85
CA ASN E 333 -50.55 -42.73 -34.73
C ASN E 333 -51.04 -42.35 -36.12
N MET E 334 -52.32 -42.55 -36.39
CA MET E 334 -52.89 -42.23 -37.69
C MET E 334 -53.14 -40.73 -37.80
N THR E 335 -52.85 -40.19 -38.97
CA THR E 335 -53.05 -38.77 -39.25
C THR E 335 -54.30 -38.61 -40.11
N LEU E 336 -55.25 -37.81 -39.62
CA LEU E 336 -56.47 -37.52 -40.34
C LEU E 336 -56.46 -36.09 -40.85
N CYS E 337 -57.03 -35.87 -42.03
CA CYS E 337 -57.07 -34.56 -42.65
C CYS E 337 -58.47 -34.30 -43.17
N ALA E 338 -59.17 -33.33 -42.60
CA ALA E 338 -60.51 -32.96 -43.01
C ALA E 338 -60.48 -31.60 -43.67
N SER E 339 -61.24 -31.47 -44.76
CA SER E 339 -61.26 -30.24 -45.55
C SER E 339 -62.35 -29.31 -45.04
N VAL E 340 -61.97 -28.08 -44.70
CA VAL E 340 -62.94 -27.05 -44.36
C VAL E 340 -63.49 -26.40 -45.61
N THR E 341 -62.63 -26.17 -46.60
CA THR E 341 -63.04 -25.64 -47.90
C THR E 341 -62.11 -26.23 -48.95
N THR E 342 -62.40 -25.93 -50.22
CA THR E 342 -61.59 -26.40 -51.35
C THR E 342 -61.34 -25.21 -52.27
N SER E 343 -60.27 -24.46 -52.02
CA SER E 343 -59.92 -23.34 -52.86
C SER E 343 -59.49 -23.81 -54.24
N SER E 344 -59.43 -22.87 -55.19
CA SER E 344 -58.99 -23.20 -56.54
C SER E 344 -57.57 -23.76 -56.54
N THR E 345 -56.70 -23.19 -55.71
CA THR E 345 -55.34 -23.68 -55.52
C THR E 345 -55.25 -24.37 -54.16
N TYR E 346 -54.06 -24.87 -53.85
CA TYR E 346 -53.83 -25.54 -52.57
C TYR E 346 -53.48 -24.49 -51.52
N THR E 347 -54.26 -24.46 -50.44
CA THR E 347 -54.06 -23.53 -49.34
C THR E 347 -54.17 -24.31 -48.03
N ASN E 348 -53.17 -24.15 -47.16
CA ASN E 348 -53.15 -24.87 -45.88
C ASN E 348 -54.35 -24.51 -45.00
N SER E 349 -54.88 -23.30 -45.17
CA SER E 349 -56.01 -22.86 -44.35
C SER E 349 -57.28 -23.64 -44.63
N ASP E 350 -57.31 -24.46 -45.69
CA ASP E 350 -58.50 -25.21 -46.04
C ASP E 350 -58.62 -26.54 -45.32
N TYR E 351 -57.59 -26.97 -44.60
CA TYR E 351 -57.57 -28.30 -44.02
C TYR E 351 -57.24 -28.24 -42.54
N LYS E 352 -57.81 -29.18 -41.79
CA LYS E 352 -57.49 -29.39 -40.38
C LYS E 352 -56.88 -30.77 -40.22
N GLU E 353 -55.78 -30.85 -39.47
CA GLU E 353 -55.09 -32.11 -39.22
C GLU E 353 -55.40 -32.57 -37.81
N TYR E 354 -55.63 -33.88 -37.66
CA TYR E 354 -56.00 -34.47 -36.39
C TYR E 354 -55.09 -35.66 -36.07
N MET E 355 -54.95 -35.94 -34.78
CA MET E 355 -54.20 -37.09 -34.31
C MET E 355 -55.17 -38.12 -33.74
N ARG E 356 -55.00 -39.37 -34.15
CA ARG E 356 -55.84 -40.46 -33.68
C ARG E 356 -54.98 -41.70 -33.49
N HIS E 357 -55.23 -42.43 -32.41
CA HIS E 357 -54.54 -43.68 -32.13
C HIS E 357 -55.57 -44.73 -31.72
N VAL E 358 -55.27 -45.98 -32.04
CA VAL E 358 -56.19 -47.08 -31.80
C VAL E 358 -55.45 -48.23 -31.13
N GLU E 359 -56.21 -49.03 -30.37
CA GLU E 359 -55.69 -50.21 -29.69
C GLU E 359 -56.74 -51.31 -29.79
N GLU E 360 -56.33 -52.48 -30.25
CA GLU E 360 -57.22 -53.62 -30.41
C GLU E 360 -56.70 -54.78 -29.57
N TYR E 361 -57.55 -55.31 -28.71
CA TYR E 361 -57.19 -56.39 -27.80
C TYR E 361 -58.22 -57.51 -27.89
N ASP E 362 -57.77 -58.72 -27.55
CA ASP E 362 -58.67 -59.86 -27.42
C ASP E 362 -58.10 -60.74 -26.30
N LEU E 363 -58.70 -60.64 -25.12
CA LEU E 363 -58.23 -61.37 -23.95
C LEU E 363 -58.89 -62.74 -23.92
N GLN E 364 -58.07 -63.79 -23.89
CA GLN E 364 -58.53 -65.17 -23.86
C GLN E 364 -57.96 -65.86 -22.65
N PHE E 365 -58.83 -66.50 -21.86
CA PHE E 365 -58.43 -67.16 -20.64
C PHE E 365 -58.96 -68.59 -20.61
N ILE E 366 -58.29 -69.44 -19.84
CA ILE E 366 -58.75 -70.80 -19.57
C ILE E 366 -58.50 -71.10 -18.11
N PHE E 367 -59.58 -71.31 -17.35
CA PHE E 367 -59.50 -71.48 -15.91
C PHE E 367 -59.78 -72.93 -15.52
N GLN E 368 -59.28 -73.29 -14.33
CA GLN E 368 -59.47 -74.62 -13.76
C GLN E 368 -60.22 -74.50 -12.45
N LEU E 369 -61.30 -75.26 -12.31
CA LEU E 369 -62.08 -75.23 -11.09
C LEU E 369 -61.32 -75.93 -9.96
N CYS E 370 -61.38 -75.35 -8.77
CA CYS E 370 -60.70 -75.89 -7.61
C CYS E 370 -61.60 -75.77 -6.37
N SER E 371 -61.46 -76.73 -5.47
CA SER E 371 -62.21 -76.75 -4.23
C SER E 371 -61.25 -76.64 -3.05
N ILE E 372 -61.77 -76.11 -1.94
CA ILE E 372 -60.98 -75.89 -0.73
C ILE E 372 -61.74 -76.48 0.45
N THR E 373 -61.17 -77.49 1.09
CA THR E 373 -61.75 -78.06 2.30
C THR E 373 -61.43 -77.13 3.46
N LEU E 374 -62.45 -76.51 4.05
CA LEU E 374 -62.27 -75.48 5.08
C LEU E 374 -62.26 -76.13 6.45
N SER E 375 -61.08 -76.53 6.90
CA SER E 375 -60.90 -76.97 8.27
C SER E 375 -60.69 -75.77 9.17
N ALA E 376 -60.54 -76.02 10.47
CA ALA E 376 -60.30 -74.93 11.41
C ALA E 376 -58.99 -74.21 11.10
N GLU E 377 -57.95 -74.97 10.73
CA GLU E 377 -56.67 -74.35 10.38
C GLU E 377 -56.77 -73.60 9.06
N VAL E 378 -57.50 -74.14 8.08
CA VAL E 378 -57.64 -73.47 6.79
C VAL E 378 -58.41 -72.17 6.93
N VAL E 379 -59.51 -72.19 7.68
CA VAL E 379 -60.30 -70.97 7.90
C VAL E 379 -59.46 -69.93 8.62
N ALA E 380 -58.62 -70.35 9.57
CA ALA E 380 -57.76 -69.42 10.27
C ALA E 380 -56.73 -68.81 9.32
N TYR E 381 -56.12 -69.64 8.46
CA TYR E 381 -55.14 -69.12 7.51
C TYR E 381 -55.78 -68.22 6.48
N ILE E 382 -57.06 -68.44 6.16
CA ILE E 382 -57.76 -67.60 5.18
C ILE E 382 -58.37 -66.36 5.84
N HIS E 383 -58.60 -66.37 7.14
CA HIS E 383 -59.01 -65.15 7.82
C HIS E 383 -57.89 -64.10 7.77
N THR E 384 -56.69 -64.49 8.20
CA THR E 384 -55.50 -63.75 7.81
C THR E 384 -55.35 -63.82 6.29
N MET E 385 -54.42 -63.01 5.76
CA MET E 385 -54.37 -62.73 4.33
C MET E 385 -55.64 -61.96 3.98
N ASN E 386 -56.31 -62.30 2.88
CA ASN E 386 -57.55 -61.62 2.51
C ASN E 386 -58.72 -62.18 3.32
N PRO E 387 -59.29 -61.38 4.23
CA PRO E 387 -60.44 -61.89 5.00
C PRO E 387 -61.75 -61.87 4.22
N SER E 388 -61.86 -61.02 3.21
CA SER E 388 -63.09 -60.96 2.42
C SER E 388 -63.37 -62.25 1.67
N VAL E 389 -62.35 -63.08 1.45
CA VAL E 389 -62.56 -64.37 0.80
C VAL E 389 -63.53 -65.22 1.62
N LEU E 390 -63.41 -65.18 2.94
CA LEU E 390 -64.33 -65.91 3.80
C LEU E 390 -65.68 -65.20 3.90
N GLU E 391 -65.67 -63.86 3.92
CA GLU E 391 -66.92 -63.12 4.03
C GLU E 391 -67.79 -63.29 2.79
N ASP E 392 -67.16 -63.24 1.60
CA ASP E 392 -67.92 -63.43 0.37
C ASP E 392 -68.41 -64.86 0.21
N TRP E 393 -67.77 -65.82 0.88
CA TRP E 393 -68.22 -67.21 0.87
C TRP E 393 -69.39 -67.46 1.81
N ASN E 394 -69.75 -66.47 2.65
CA ASN E 394 -70.79 -66.65 3.67
C ASN E 394 -70.45 -67.82 4.59
N PHE E 395 -69.20 -67.83 5.05
CA PHE E 395 -68.68 -68.92 5.86
C PHE E 395 -68.04 -68.38 7.13
N PRO E 429 -67.95 -50.69 -0.71
CA PRO E 429 -67.03 -51.41 0.18
C PRO E 429 -65.68 -51.73 -0.49
N ASP E 430 -65.70 -51.93 -1.79
CA ASP E 430 -64.49 -52.28 -2.53
C ASP E 430 -63.47 -51.15 -2.46
N PRO E 431 -62.28 -51.38 -1.91
CA PRO E 431 -61.25 -50.33 -1.90
C PRO E 431 -60.69 -49.99 -3.26
N TYR E 432 -60.95 -50.81 -4.28
CA TYR E 432 -60.46 -50.57 -5.63
C TYR E 432 -61.43 -49.76 -6.48
N LYS E 433 -62.51 -49.25 -5.88
CA LYS E 433 -63.43 -48.41 -6.62
C LYS E 433 -62.95 -46.97 -6.77
N ASN E 434 -61.88 -46.60 -6.05
CA ASN E 434 -61.25 -45.30 -6.24
C ASN E 434 -60.21 -45.31 -7.36
N LEU E 435 -59.75 -46.49 -7.77
CA LEU E 435 -58.79 -46.62 -8.85
C LEU E 435 -59.53 -46.71 -10.19
N SER E 436 -58.78 -46.93 -11.26
CA SER E 436 -59.36 -46.97 -12.61
C SER E 436 -58.79 -48.16 -13.36
N PHE E 437 -59.65 -49.10 -13.70
CA PHE E 437 -59.26 -50.28 -14.48
C PHE E 437 -60.22 -50.46 -15.65
N TRP E 438 -59.77 -51.20 -16.65
CA TRP E 438 -60.62 -51.56 -17.79
C TRP E 438 -61.47 -52.76 -17.39
N GLU E 439 -62.75 -52.52 -17.14
CA GLU E 439 -63.65 -53.57 -16.68
C GLU E 439 -63.89 -54.57 -17.80
N VAL E 440 -63.60 -55.83 -17.55
CA VAL E 440 -63.83 -56.92 -18.49
C VAL E 440 -64.74 -57.93 -17.79
N ASN E 441 -66.03 -57.86 -18.08
CA ASN E 441 -66.99 -58.75 -17.44
C ASN E 441 -67.03 -60.07 -18.19
N LEU E 442 -66.44 -61.11 -17.61
CA LEU E 442 -66.44 -62.43 -18.21
C LEU E 442 -67.50 -63.35 -17.62
N LYS E 443 -68.37 -62.83 -16.76
CA LYS E 443 -69.57 -63.58 -16.40
C LYS E 443 -70.46 -63.72 -17.63
N GLU E 444 -71.19 -64.83 -17.68
CA GLU E 444 -71.99 -65.23 -18.84
C GLU E 444 -71.14 -65.49 -20.07
N LYS E 445 -69.80 -65.55 -19.91
CA LYS E 445 -68.90 -65.85 -21.01
C LYS E 445 -68.16 -67.18 -20.83
N PHE E 446 -68.30 -67.84 -19.68
CA PHE E 446 -67.65 -69.12 -19.47
C PHE E 446 -68.32 -70.21 -20.31
N SER E 447 -67.50 -71.10 -20.86
CA SER E 447 -67.99 -72.20 -21.67
C SER E 447 -67.18 -73.45 -21.36
N SER E 448 -67.86 -74.59 -21.27
CA SER E 448 -67.20 -75.85 -21.01
C SER E 448 -66.77 -76.57 -22.29
N GLU E 449 -67.20 -76.08 -23.45
CA GLU E 449 -66.83 -76.68 -24.74
C GLU E 449 -65.53 -76.03 -25.19
N LEU E 450 -64.40 -76.64 -24.79
CA LEU E 450 -63.11 -76.03 -25.04
C LEU E 450 -62.75 -76.02 -26.52
N ASP E 451 -63.09 -77.09 -27.25
CA ASP E 451 -62.68 -77.22 -28.64
C ASP E 451 -63.38 -76.24 -29.58
N GLN E 452 -64.32 -75.44 -29.08
CA GLN E 452 -65.03 -74.48 -29.91
C GLN E 452 -64.34 -73.13 -29.98
N TYR E 453 -63.13 -73.01 -29.44
CA TYR E 453 -62.43 -71.74 -29.36
C TYR E 453 -60.95 -71.93 -29.65
N PRO E 454 -60.26 -70.90 -30.16
CA PRO E 454 -58.84 -71.08 -30.50
C PRO E 454 -57.98 -71.43 -29.31
N LEU E 455 -58.09 -70.70 -28.20
CA LEU E 455 -57.28 -71.00 -27.03
C LEU E 455 -57.63 -72.36 -26.45
N GLY E 456 -58.90 -72.74 -26.51
CA GLY E 456 -59.29 -74.07 -26.04
C GLY E 456 -58.69 -75.18 -26.88
N ARG E 457 -58.69 -75.00 -28.20
CA ARG E 457 -58.06 -75.98 -29.08
C ARG E 457 -56.57 -76.11 -28.80
N LYS E 458 -55.89 -74.98 -28.58
CA LYS E 458 -54.47 -75.03 -28.23
C LYS E 458 -54.26 -75.68 -26.89
N PHE E 459 -55.23 -75.56 -25.97
CA PHE E 459 -55.10 -76.16 -24.66
C PHE E 459 -55.20 -77.69 -24.72
N LEU E 460 -56.12 -78.19 -25.54
CA LEU E 460 -56.30 -79.64 -25.64
C LEU E 460 -55.04 -80.31 -26.19
N LEU E 461 -54.39 -79.67 -27.16
CA LEU E 461 -53.22 -80.24 -27.82
C LEU E 461 -51.91 -79.88 -27.12
N GLN E 462 -51.98 -79.35 -25.90
CA GLN E 462 -50.77 -78.94 -25.20
C GLN E 462 -50.97 -79.13 -23.70
N SER E 463 -49.95 -78.77 -22.93
CA SER E 463 -49.97 -78.88 -21.47
C SER E 463 -50.32 -80.30 -21.01
N LYS F 15 -4.60 83.50 70.10
CA LYS F 15 -4.17 83.41 71.49
C LYS F 15 -2.65 83.31 71.59
N VAL F 16 -2.05 82.53 70.69
CA VAL F 16 -0.61 82.37 70.62
C VAL F 16 -0.08 83.29 69.52
N VAL F 17 0.88 84.13 69.87
CA VAL F 17 1.44 85.10 68.94
C VAL F 17 2.90 84.79 68.70
N ALA F 18 3.41 85.23 67.54
CA ALA F 18 4.80 85.00 67.21
C ALA F 18 5.71 85.84 68.10
N THR F 19 6.95 85.39 68.23
CA THR F 19 7.93 86.12 69.04
C THR F 19 8.28 87.48 68.46
N ASP F 20 8.08 87.67 67.15
CA ASP F 20 8.39 88.95 66.53
C ASP F 20 7.53 90.09 67.07
N ALA F 21 6.42 89.78 67.73
CA ALA F 21 5.54 90.82 68.23
C ALA F 21 6.01 91.38 69.57
N TYR F 22 6.66 90.56 70.41
CA TYR F 22 7.04 91.01 71.74
C TYR F 22 8.53 90.83 72.04
N VAL F 23 9.33 90.42 71.06
CA VAL F 23 10.77 90.27 71.23
C VAL F 23 11.44 91.17 70.20
N THR F 24 12.04 92.25 70.67
CA THR F 24 12.70 93.20 69.78
C THR F 24 14.13 92.74 69.48
N ARG F 25 14.54 92.90 68.23
CA ARG F 25 15.86 92.48 67.78
C ARG F 25 16.88 93.60 67.96
N THR F 26 18.13 93.21 68.10
CA THR F 26 19.24 94.14 68.23
C THR F 26 20.24 93.92 67.10
N ASN F 27 21.36 94.63 67.16
CA ASN F 27 22.43 94.51 66.18
C ASN F 27 23.62 93.73 66.72
N ILE F 28 23.51 93.17 67.92
CA ILE F 28 24.62 92.47 68.56
C ILE F 28 24.58 91.00 68.17
N PHE F 29 25.62 90.53 67.50
CA PHE F 29 25.73 89.13 67.10
C PHE F 29 26.98 88.52 67.73
N TYR F 30 26.89 87.23 68.04
CA TYR F 30 27.99 86.50 68.66
C TYR F 30 28.20 85.17 67.95
N HIS F 31 29.45 84.71 67.94
CA HIS F 31 29.81 83.41 67.41
C HIS F 31 30.24 82.50 68.55
N ALA F 32 29.93 81.21 68.44
CA ALA F 32 30.28 80.24 69.46
C ALA F 32 30.48 78.89 68.79
N SER F 33 31.65 78.30 69.00
CA SER F 33 31.97 77.00 68.41
C SER F 33 32.25 76.00 69.52
N SER F 34 31.77 74.78 69.33
CA SER F 34 31.95 73.70 70.29
C SER F 34 33.32 73.04 70.19
N SER F 35 34.17 73.49 69.27
CA SER F 35 35.43 72.83 68.95
C SER F 35 35.18 71.42 68.45
N ARG F 36 36.23 70.59 68.40
CA ARG F 36 36.10 69.24 67.90
C ARG F 36 35.48 68.34 68.96
N LEU F 37 34.43 67.61 68.58
CA LEU F 37 33.77 66.65 69.46
C LEU F 37 33.96 65.26 68.89
N LEU F 38 34.54 64.37 69.69
CA LEU F 38 34.87 63.02 69.25
C LEU F 38 34.15 62.00 70.12
N ALA F 39 33.57 60.99 69.47
CA ALA F 39 32.92 59.87 70.15
C ALA F 39 33.43 58.57 69.56
N VAL F 40 34.13 57.79 70.37
CA VAL F 40 34.74 56.54 69.93
C VAL F 40 34.18 55.40 70.78
N GLY F 41 33.68 54.37 70.13
CA GLY F 41 33.14 53.24 70.85
C GLY F 41 32.87 52.06 69.95
N HIS F 42 31.95 51.20 70.39
CA HIS F 42 31.57 49.99 69.68
C HIS F 42 30.28 50.20 68.93
N PRO F 43 30.21 49.88 67.64
CA PRO F 43 29.00 50.19 66.86
C PRO F 43 27.81 49.31 67.16
N TYR F 44 27.98 48.24 67.94
CA TYR F 44 26.91 47.29 68.18
C TYR F 44 26.38 47.30 69.60
N PHE F 45 27.25 47.34 70.61
CA PHE F 45 26.80 47.26 71.99
C PHE F 45 27.86 47.85 72.90
N SER F 46 27.41 48.28 74.08
CA SER F 46 28.33 48.79 75.08
C SER F 46 29.13 47.65 75.70
N ILE F 47 30.33 47.98 76.16
CA ILE F 47 31.26 46.99 76.71
C ILE F 47 31.36 47.22 78.22
N LYS F 48 30.83 46.29 78.99
CA LYS F 48 30.79 46.38 80.44
C LYS F 48 31.67 45.29 81.05
N ARG F 49 32.74 45.70 81.73
CA ARG F 49 33.55 44.78 82.52
C ARG F 49 33.94 45.49 83.81
N ALA F 50 33.51 44.95 84.95
CA ALA F 50 32.59 43.82 84.99
C ALA F 50 31.20 44.34 85.32
N ASN F 51 31.14 45.56 85.84
CA ASN F 51 29.90 46.19 86.28
C ASN F 51 29.51 47.35 85.37
N LYS F 52 30.38 48.34 85.22
CA LYS F 52 30.08 49.55 84.47
C LYS F 52 30.72 49.50 83.08
N THR F 53 30.21 50.35 82.19
CA THR F 53 30.69 50.38 80.82
C THR F 53 32.12 50.88 80.75
N VAL F 54 32.93 50.23 79.93
CA VAL F 54 34.30 50.66 79.67
C VAL F 54 34.44 51.29 78.29
N VAL F 55 33.73 50.75 77.30
CA VAL F 55 33.71 51.29 75.95
C VAL F 55 32.25 51.54 75.57
N PRO F 56 31.86 52.77 75.24
CA PRO F 56 30.47 53.05 74.96
C PRO F 56 30.03 52.52 73.60
N LYS F 57 28.72 52.46 73.41
CA LYS F 57 28.13 52.08 72.13
C LYS F 57 28.02 53.33 71.26
N VAL F 58 28.85 53.40 70.23
CA VAL F 58 28.88 54.53 69.32
C VAL F 58 28.57 54.01 67.93
N SER F 59 27.39 54.33 67.41
CA SER F 59 26.96 53.89 66.09
C SER F 59 26.44 55.07 65.30
N GLY F 60 26.64 55.00 63.98
CA GLY F 60 26.14 56.05 63.10
C GLY F 60 24.64 56.13 63.04
N TYR F 61 23.95 55.08 63.50
CA TYR F 61 22.50 55.04 63.52
C TYR F 61 21.91 55.45 64.87
N GLN F 62 22.64 56.28 65.62
CA GLN F 62 22.18 56.82 66.89
C GLN F 62 21.81 58.28 66.72
N TYR F 63 20.86 58.74 67.54
CA TYR F 63 20.52 60.15 67.60
C TYR F 63 21.59 60.91 68.38
N ARG F 64 22.05 62.01 67.80
CA ARG F 64 22.99 62.91 68.48
C ARG F 64 22.21 64.14 68.90
N VAL F 65 21.76 64.15 70.14
CA VAL F 65 20.95 65.23 70.69
C VAL F 65 21.85 66.08 71.57
N PHE F 66 22.29 67.22 71.04
CA PHE F 66 23.19 68.12 71.75
C PHE F 66 22.37 69.14 72.53
N LYS F 67 22.60 69.21 73.84
CA LYS F 67 22.01 70.23 74.70
C LYS F 67 23.01 71.36 74.82
N VAL F 68 22.85 72.38 73.99
CA VAL F 68 23.78 73.51 73.97
C VAL F 68 23.38 74.51 75.04
N VAL F 69 24.25 74.71 76.02
CA VAL F 69 24.00 75.63 77.12
C VAL F 69 24.56 77.00 76.76
N LEU F 70 23.71 78.02 76.83
CA LEU F 70 24.10 79.38 76.50
C LEU F 70 24.26 80.21 77.76
N PRO F 71 25.22 81.14 77.77
CA PRO F 71 25.37 82.02 78.94
C PRO F 71 24.20 82.97 79.06
N ASP F 72 23.80 83.24 80.31
CA ASP F 72 22.68 84.14 80.57
C ASP F 72 23.03 85.54 80.12
N PRO F 73 22.33 86.12 79.13
CA PRO F 73 22.65 87.48 78.70
C PRO F 73 22.35 88.54 79.75
N ASN F 74 21.47 88.25 80.72
CA ASN F 74 21.23 89.20 81.79
C ASN F 74 22.40 89.27 82.77
N LYS F 75 23.24 88.24 82.80
CA LYS F 75 24.46 88.24 83.60
C LYS F 75 25.71 88.27 82.74
N PHE F 76 25.56 88.58 81.45
CA PHE F 76 26.68 88.55 80.52
C PHE F 76 27.47 89.86 80.57
N ALA F 77 28.77 89.75 80.31
CA ALA F 77 29.67 90.91 80.30
C ALA F 77 29.55 91.63 78.96
N LEU F 78 28.41 92.29 78.78
CA LEU F 78 28.16 93.07 77.58
C LEU F 78 29.04 94.31 77.54
N PRO F 79 29.33 94.84 76.35
CA PRO F 79 30.17 96.04 76.28
C PRO F 79 29.56 97.25 76.95
N ASP F 80 28.25 97.44 76.83
CA ASP F 80 27.57 98.57 77.45
C ASP F 80 26.22 98.11 77.98
N SER F 81 25.91 98.51 79.22
CA SER F 81 24.67 98.13 79.87
C SER F 81 23.53 99.09 79.56
N SER F 82 23.77 100.13 78.76
CA SER F 82 22.73 101.07 78.38
C SER F 82 21.81 100.52 77.30
N LEU F 83 22.06 99.31 76.81
CA LEU F 83 21.19 98.70 75.81
C LEU F 83 19.78 98.51 76.36
N PHE F 84 19.67 98.13 77.63
CA PHE F 84 18.38 97.84 78.24
C PHE F 84 18.34 98.38 79.65
N ASP F 85 17.14 98.47 80.20
CA ASP F 85 16.93 98.83 81.60
C ASP F 85 16.82 97.56 82.44
N PRO F 86 17.59 97.45 83.53
CA PRO F 86 17.49 96.25 84.38
C PRO F 86 16.08 95.96 84.85
N THR F 87 15.27 96.99 85.09
CA THR F 87 13.86 96.81 85.38
C THR F 87 13.06 96.80 84.08
N THR F 88 11.94 96.06 84.10
CA THR F 88 10.96 96.02 83.02
C THR F 88 11.49 95.36 81.75
N GLN F 89 12.79 95.12 81.66
CA GLN F 89 13.39 94.54 80.45
C GLN F 89 14.33 93.40 80.82
N ARG F 90 14.32 92.37 79.97
CA ARG F 90 15.19 91.21 80.12
C ARG F 90 15.76 90.85 78.76
N LEU F 91 16.86 90.11 78.78
CA LEU F 91 17.56 89.70 77.57
C LEU F 91 17.41 88.20 77.33
N VAL F 92 17.55 87.81 76.07
CA VAL F 92 17.49 86.42 75.67
C VAL F 92 18.18 86.28 74.33
N TRP F 93 18.81 85.13 74.10
CA TRP F 93 19.53 84.87 72.86
C TRP F 93 18.58 84.35 71.79
N ALA F 94 18.87 84.70 70.55
CA ALA F 94 18.12 84.24 69.39
C ALA F 94 19.08 83.63 68.38
N CYS F 95 18.78 82.42 67.93
CA CYS F 95 19.65 81.70 67.02
C CYS F 95 19.38 82.14 65.58
N THR F 96 20.43 82.62 64.89
CA THR F 96 20.31 83.05 63.51
C THR F 96 21.19 82.28 62.54
N GLY F 97 22.22 81.60 63.02
CA GLY F 97 23.10 80.86 62.14
C GLY F 97 23.54 79.56 62.79
N LEU F 98 23.74 78.55 61.94
CA LEU F 98 24.11 77.22 62.40
C LEU F 98 24.86 76.48 61.30
N GLU F 99 25.94 75.80 61.68
CA GLU F 99 26.65 74.90 60.78
C GLU F 99 27.13 73.70 61.57
N VAL F 100 26.64 72.52 61.22
CA VAL F 100 27.03 71.27 61.87
C VAL F 100 28.08 70.62 60.99
N GLY F 101 29.34 70.70 61.41
CA GLY F 101 30.44 70.17 60.64
C GLY F 101 30.73 68.72 60.99
N ARG F 102 30.83 67.88 59.97
CA ARG F 102 31.20 66.48 60.12
C ARG F 102 32.60 66.26 59.57
N GLY F 103 33.41 65.50 60.31
CA GLY F 103 34.80 65.34 59.97
C GLY F 103 35.27 63.92 59.84
N GLN F 104 34.50 63.08 59.13
CA GLN F 104 34.87 61.70 58.88
C GLN F 104 34.62 61.36 57.42
N PRO F 105 35.32 60.36 56.88
CA PRO F 105 35.08 59.97 55.49
C PRO F 105 33.71 59.37 55.31
N LEU F 106 33.10 59.64 54.15
CA LEU F 106 31.82 59.03 53.83
C LEU F 106 31.99 57.53 53.68
N GLY F 107 30.97 56.78 54.08
CA GLY F 107 31.03 55.34 53.99
C GLY F 107 29.80 54.71 54.61
N VAL F 108 29.71 53.40 54.43
CA VAL F 108 28.57 52.61 54.91
C VAL F 108 29.09 51.55 55.86
N GLY F 109 28.46 51.46 57.03
CA GLY F 109 28.74 50.41 57.98
C GLY F 109 27.66 49.35 57.96
N VAL F 110 28.02 48.15 58.43
CA VAL F 110 27.11 47.02 58.38
C VAL F 110 26.86 46.51 59.79
N SER F 111 25.64 46.03 60.01
CA SER F 111 25.25 45.35 61.22
C SER F 111 24.78 43.95 60.87
N GLY F 112 24.77 43.06 61.86
CA GLY F 112 24.38 41.69 61.60
C GLY F 112 23.95 41.00 62.87
N HIS F 113 23.74 39.70 62.74
CA HIS F 113 23.33 38.87 63.85
C HIS F 113 23.78 37.44 63.60
N PRO F 114 24.63 36.87 64.46
CA PRO F 114 25.07 35.48 64.25
C PRO F 114 23.94 34.47 64.34
N PHE F 115 22.78 34.85 64.85
CA PHE F 115 21.61 33.98 64.92
C PHE F 115 20.36 34.76 64.49
N LEU F 116 20.37 35.24 63.25
CA LEU F 116 19.22 35.96 62.72
C LEU F 116 18.12 34.99 62.30
N ASN F 117 16.88 35.32 62.64
CA ASN F 117 15.74 34.44 62.36
C ASN F 117 15.39 34.52 60.87
N LYS F 118 16.27 33.94 60.06
CA LYS F 118 16.07 33.81 58.62
C LYS F 118 15.92 32.35 58.27
N TYR F 119 14.88 32.01 57.51
CA TYR F 119 14.63 30.62 57.14
C TYR F 119 15.11 30.37 55.72
N ASP F 120 14.30 30.70 54.73
CA ASP F 120 14.62 30.49 53.32
C ASP F 120 14.68 31.82 52.58
N ASP F 121 15.59 31.92 51.61
CA ASP F 121 15.65 33.06 50.70
C ASP F 121 14.43 32.99 49.80
N VAL F 122 13.41 33.80 50.12
CA VAL F 122 12.13 33.73 49.43
C VAL F 122 12.10 34.60 48.18
N GLU F 123 13.17 35.35 47.89
CA GLU F 123 13.18 36.22 46.72
C GLU F 123 13.09 35.43 45.42
N ASN F 124 13.84 34.33 45.32
CA ASN F 124 13.88 33.56 44.09
C ASN F 124 12.96 32.35 44.18
N SER F 125 13.32 31.37 44.99
CA SER F 125 12.53 30.14 45.16
C SER F 125 13.04 29.41 46.39
N GLY F 126 12.60 28.17 46.56
CA GLY F 126 13.01 27.37 47.70
C GLY F 126 12.38 27.79 49.00
N SER F 127 12.41 26.92 50.01
CA SER F 127 12.98 25.58 49.87
C SER F 127 12.06 24.56 50.54
N GLY F 128 12.08 23.34 50.02
CA GLY F 128 11.19 22.25 50.39
C GLY F 128 10.65 22.22 51.80
N GLY F 129 11.24 21.39 52.67
CA GLY F 129 10.73 21.24 54.01
C GLY F 129 11.76 20.91 55.06
N ASN F 130 12.41 21.95 55.62
CA ASN F 130 13.32 21.74 56.73
C ASN F 130 12.99 22.58 57.96
N PRO F 131 11.73 22.71 58.39
CA PRO F 131 11.46 23.46 59.62
C PRO F 131 11.86 22.62 60.83
N GLY F 132 12.68 23.21 61.69
CA GLY F 132 13.20 22.47 62.82
C GLY F 132 13.39 23.25 64.09
N GLN F 133 14.25 22.75 64.97
CA GLN F 133 14.53 23.37 66.26
C GLN F 133 15.02 24.79 66.09
N ASP F 134 16.20 24.96 65.49
CA ASP F 134 16.82 26.26 65.32
C ASP F 134 17.24 26.41 63.87
N ASN F 135 16.65 27.38 63.17
CA ASN F 135 16.99 27.68 61.80
C ASN F 135 17.65 29.04 61.66
N ARG F 136 18.10 29.64 62.75
CA ARG F 136 18.74 30.95 62.69
C ARG F 136 20.06 30.86 61.94
N VAL F 137 20.35 31.89 61.16
CA VAL F 137 21.54 31.94 60.33
C VAL F 137 22.32 33.21 60.65
N ASN F 138 23.63 33.15 60.49
CA ASN F 138 24.49 34.32 60.63
C ASN F 138 24.37 35.17 59.37
N VAL F 139 23.76 36.34 59.49
CA VAL F 139 23.46 37.20 58.36
C VAL F 139 23.90 38.63 58.69
N GLY F 140 24.51 39.29 57.72
CA GLY F 140 24.87 40.69 57.87
C GLY F 140 24.21 41.54 56.81
N MET F 141 24.13 42.84 57.03
CA MET F 141 23.40 43.71 56.12
C MET F 141 23.78 45.16 56.38
N ASP F 142 23.46 46.02 55.43
CA ASP F 142 23.61 47.46 55.60
C ASP F 142 22.25 48.08 55.83
N TYR F 143 22.23 49.17 56.61
CA TYR F 143 20.98 49.76 57.02
C TYR F 143 20.50 50.85 56.05
N LYS F 144 19.30 51.34 56.31
CA LYS F 144 18.73 52.41 55.51
C LYS F 144 19.43 53.73 55.79
N GLN F 145 19.71 54.48 54.72
CA GLN F 145 20.38 55.77 54.85
C GLN F 145 19.40 56.85 55.30
N THR F 146 19.79 57.59 56.33
CA THR F 146 18.94 58.64 56.91
C THR F 146 19.80 59.81 57.36
N GLN F 147 19.49 61.00 56.86
CA GLN F 147 20.11 62.24 57.30
C GLN F 147 19.03 63.17 57.82
N LEU F 148 19.29 63.81 58.97
CA LEU F 148 18.35 64.78 59.50
C LEU F 148 19.05 65.65 60.53
N CYS F 149 18.55 66.88 60.68
CA CYS F 149 19.03 67.80 61.70
C CYS F 149 17.90 68.75 62.08
N MET F 150 17.74 68.99 63.38
CA MET F 150 16.72 69.88 63.90
C MET F 150 17.33 70.83 64.92
N VAL F 151 16.64 71.94 65.14
CA VAL F 151 17.02 72.93 66.15
C VAL F 151 15.78 73.41 66.86
N GLY F 152 15.87 73.54 68.18
CA GLY F 152 14.80 74.13 68.97
C GLY F 152 15.31 74.44 70.36
N CYS F 153 14.47 75.14 71.12
CA CYS F 153 14.76 75.42 72.52
C CYS F 153 14.16 74.38 73.46
N ALA F 154 13.56 73.34 72.91
CA ALA F 154 13.02 72.21 73.66
C ALA F 154 13.42 70.92 72.96
N PRO F 155 13.57 69.82 73.71
CA PRO F 155 14.05 68.59 73.09
C PRO F 155 13.04 68.05 72.09
N PRO F 156 13.48 67.32 71.08
CA PRO F 156 12.56 66.84 70.04
C PRO F 156 11.72 65.66 70.52
N LEU F 157 10.64 65.41 69.78
CA LEU F 157 9.72 64.32 70.06
C LEU F 157 9.91 63.22 69.01
N GLY F 158 10.05 62.00 69.47
CA GLY F 158 10.11 60.84 68.60
C GLY F 158 8.94 59.92 68.84
N GLU F 159 8.55 59.18 67.80
CA GLU F 159 7.46 58.23 67.88
C GLU F 159 7.96 56.84 67.55
N HIS F 160 7.40 55.84 68.24
CA HIS F 160 7.75 54.45 68.01
C HIS F 160 6.59 53.58 68.48
N TRP F 161 6.52 52.38 67.91
CA TRP F 161 5.48 51.43 68.28
C TRP F 161 6.01 50.48 69.34
N GLY F 162 5.30 50.40 70.47
CA GLY F 162 5.70 49.56 71.57
C GLY F 162 4.54 48.68 72.02
N LYS F 163 4.87 47.75 72.92
CA LYS F 163 3.85 46.87 73.50
C LYS F 163 2.79 47.69 74.22
N GLY F 164 1.59 47.76 73.64
CA GLY F 164 0.58 48.66 74.14
C GLY F 164 -0.05 48.18 75.43
N LYS F 165 -0.72 49.13 76.10
CA LYS F 165 -1.45 48.82 77.32
C LYS F 165 -2.54 47.78 77.04
N GLN F 166 -2.61 46.78 77.90
CA GLN F 166 -3.53 45.67 77.72
C GLN F 166 -4.84 45.94 78.45
N CYS F 167 -5.97 45.75 77.76
CA CYS F 167 -5.98 45.35 76.35
C CYS F 167 -7.24 45.87 75.65
N THR F 168 -7.13 46.11 74.34
CA THR F 168 -8.30 46.33 73.51
C THR F 168 -8.95 44.99 73.19
N ASN F 169 -10.26 44.89 73.44
CA ASN F 169 -10.99 43.63 73.45
C ASN F 169 -10.53 42.75 74.61
N THR F 170 -11.12 41.56 74.74
CA THR F 170 -10.91 40.73 75.92
C THR F 170 -10.70 39.27 75.52
N PRO F 171 -10.22 38.40 76.44
CA PRO F 171 -9.63 38.67 77.75
C PRO F 171 -8.34 37.91 78.06
N VAL F 172 -7.90 37.02 77.16
CA VAL F 172 -7.05 35.91 77.56
C VAL F 172 -5.69 35.96 76.86
N GLN F 173 -4.73 35.30 77.50
CA GLN F 173 -3.38 35.02 77.01
C GLN F 173 -3.41 33.59 76.43
N ALA F 174 -2.28 33.03 75.99
CA ALA F 174 -0.91 33.55 76.00
C ALA F 174 -0.21 33.33 74.67
N GLY F 175 0.92 34.00 74.48
CA GLY F 175 1.64 33.94 73.23
C GLY F 175 0.96 34.64 72.08
N ASP F 176 -0.18 35.30 72.32
CA ASP F 176 -0.89 36.00 71.26
C ASP F 176 -0.14 37.26 70.85
N CYS F 177 -0.60 37.87 69.76
CA CYS F 177 0.02 39.09 69.27
C CYS F 177 -0.13 40.20 70.31
N PRO F 178 0.95 40.92 70.64
CA PRO F 178 0.81 41.97 71.65
C PRO F 178 0.10 43.19 71.07
N PRO F 179 -0.67 43.91 71.88
CA PRO F 179 -1.31 45.12 71.39
C PRO F 179 -0.29 46.20 71.07
N LEU F 180 -0.50 46.89 69.95
CA LEU F 180 0.41 47.94 69.50
C LEU F 180 -0.11 49.31 69.94
N GLU F 181 0.81 50.17 70.36
CA GLU F 181 0.48 51.54 70.76
C GLU F 181 1.56 52.48 70.26
N LEU F 182 1.14 53.57 69.63
CA LEU F 182 2.07 54.57 69.14
C LEU F 182 2.51 55.45 70.30
N ILE F 183 3.76 55.30 70.73
CA ILE F 183 4.28 55.99 71.90
C ILE F 183 5.11 57.18 71.42
N THR F 184 4.74 58.38 71.86
CA THR F 184 5.54 59.58 71.64
C THR F 184 6.40 59.84 72.86
N SER F 185 7.67 60.10 72.64
CA SER F 185 8.61 60.27 73.74
C SER F 185 9.66 61.30 73.35
N VAL F 186 10.56 61.59 74.28
CA VAL F 186 11.65 62.53 74.05
C VAL F 186 12.83 61.77 73.48
N ILE F 187 13.39 62.28 72.38
CA ILE F 187 14.53 61.64 71.74
C ILE F 187 15.78 61.97 72.55
N GLN F 188 16.38 60.94 73.14
CA GLN F 188 17.59 61.11 73.94
C GLN F 188 18.83 60.86 73.09
N ASP F 189 19.95 61.44 73.54
CA ASP F 189 21.23 61.19 72.89
C ASP F 189 21.63 59.73 73.12
N GLY F 190 21.80 59.00 72.03
CA GLY F 190 22.10 57.58 72.09
C GLY F 190 20.97 56.69 71.65
N ASP F 191 19.76 57.23 71.51
CA ASP F 191 18.66 56.45 70.99
C ASP F 191 18.92 56.07 69.55
N MET F 192 18.40 54.92 69.15
CA MET F 192 18.65 54.40 67.81
C MET F 192 17.68 55.03 66.83
N VAL F 193 18.19 55.38 65.65
CA VAL F 193 17.32 55.88 64.61
C VAL F 193 16.58 54.70 63.98
N ASP F 194 15.49 55.00 63.30
CA ASP F 194 14.77 53.94 62.62
C ASP F 194 15.64 53.35 61.53
N THR F 195 15.21 52.19 61.04
CA THR F 195 15.95 51.49 60.03
C THR F 195 14.95 50.74 59.18
N GLY F 196 15.42 49.74 58.44
CA GLY F 196 14.51 48.71 57.99
C GLY F 196 13.89 48.04 59.19
N PHE F 197 12.80 47.32 58.96
CA PHE F 197 11.97 46.69 59.99
C PHE F 197 11.17 47.69 60.80
N GLY F 198 11.15 48.96 60.42
CA GLY F 198 10.30 49.93 61.08
C GLY F 198 10.90 50.57 62.31
N ALA F 199 10.14 51.52 62.86
CA ALA F 199 10.49 52.18 64.12
C ALA F 199 9.62 51.54 65.20
N MET F 200 10.19 50.61 65.95
CA MET F 200 9.43 49.86 66.94
C MET F 200 10.33 49.50 68.12
N ASN F 201 9.69 49.05 69.20
CA ASN F 201 10.38 48.63 70.42
C ASN F 201 10.64 47.13 70.32
N PHE F 202 11.81 46.78 69.78
CA PHE F 202 12.16 45.39 69.57
C PHE F 202 12.32 44.61 70.86
N ALA F 203 12.59 45.29 71.98
CA ALA F 203 12.77 44.58 73.24
C ALA F 203 11.48 43.94 73.71
N ASP F 204 10.33 44.55 73.43
CA ASP F 204 9.04 44.04 73.88
C ASP F 204 8.28 43.31 72.79
N LEU F 205 8.36 43.78 71.55
CA LEU F 205 7.56 43.21 70.47
C LEU F 205 8.19 41.98 69.82
N GLN F 206 9.50 41.79 69.98
CA GLN F 206 10.19 40.62 69.42
C GLN F 206 10.89 39.92 70.58
N THR F 207 10.25 38.88 71.12
CA THR F 207 10.74 38.22 72.32
C THR F 207 11.86 37.22 72.06
N ASN F 208 12.12 36.88 70.81
CA ASN F 208 13.15 35.88 70.50
C ASN F 208 14.55 36.49 70.42
N LYS F 209 14.68 37.82 70.49
CA LYS F 209 15.98 38.49 70.47
C LYS F 209 16.79 38.10 69.24
N SER F 210 16.12 37.75 68.14
CA SER F 210 16.83 37.23 66.98
C SER F 210 16.18 37.59 65.66
N ASP F 211 15.19 38.49 65.62
CA ASP F 211 14.55 38.86 64.36
C ASP F 211 15.25 40.02 63.66
N VAL F 212 15.99 40.84 64.40
CA VAL F 212 16.70 41.97 63.81
C VAL F 212 18.15 41.93 64.30
N PRO F 213 19.06 42.61 63.62
CA PRO F 213 20.47 42.58 64.03
C PRO F 213 20.66 43.03 65.48
N ILE F 214 21.82 42.67 66.02
CA ILE F 214 22.05 42.79 67.46
C ILE F 214 22.08 44.22 67.95
N ASP F 215 22.37 45.19 67.10
CA ASP F 215 22.49 46.57 67.56
C ASP F 215 21.15 47.27 67.74
N ILE F 216 20.03 46.61 67.44
CA ILE F 216 18.72 47.22 67.60
C ILE F 216 17.76 46.22 68.24
N CYS F 217 18.19 44.96 68.36
CA CYS F 217 17.30 43.92 68.87
C CYS F 217 17.02 44.04 70.36
N GLY F 218 17.79 44.84 71.09
CA GLY F 218 17.57 45.01 72.51
C GLY F 218 17.28 46.44 72.90
N THR F 219 17.05 47.30 71.90
CA THR F 219 16.77 48.71 72.14
C THR F 219 15.48 49.08 71.40
N THR F 220 15.31 50.37 71.13
CA THR F 220 14.12 50.88 70.46
C THR F 220 14.53 51.85 69.37
N CYS F 221 13.97 51.69 68.18
CA CYS F 221 14.18 52.62 67.08
C CYS F 221 13.06 53.65 67.09
N LYS F 222 13.42 54.93 67.21
CA LYS F 222 12.46 56.02 67.27
C LYS F 222 12.53 56.85 66.00
N TYR F 223 11.37 57.27 65.51
CA TYR F 223 11.26 58.15 64.36
C TYR F 223 10.67 59.49 64.79
N PRO F 224 11.16 60.60 64.24
CA PRO F 224 10.66 61.91 64.68
C PRO F 224 9.18 62.09 64.35
N ASP F 225 8.44 62.60 65.35
CA ASP F 225 7.02 62.92 65.17
C ASP F 225 6.92 64.34 64.63
N TYR F 226 7.13 64.47 63.32
CA TYR F 226 7.08 65.78 62.69
C TYR F 226 5.70 66.40 62.80
N LEU F 227 4.65 65.59 62.71
CA LEU F 227 3.29 66.13 62.74
C LEU F 227 2.97 66.77 64.08
N GLN F 228 3.33 66.11 65.18
CA GLN F 228 3.01 66.65 66.50
C GLN F 228 3.85 67.89 66.81
N MET F 229 5.15 67.82 66.53
CA MET F 229 6.02 68.96 66.82
C MET F 229 5.66 70.18 65.98
N ALA F 230 5.10 69.98 64.79
CA ALA F 230 4.68 71.11 63.98
C ALA F 230 3.33 71.67 64.41
N ALA F 231 2.47 70.81 64.97
CA ALA F 231 1.11 71.22 65.34
C ALA F 231 1.00 71.75 66.77
N ASP F 232 2.07 71.70 67.56
CA ASP F 232 2.01 72.26 68.90
C ASP F 232 1.91 73.78 68.83
N PRO F 233 1.21 74.41 69.79
CA PRO F 233 0.96 75.86 69.71
C PRO F 233 2.22 76.71 69.60
N TYR F 234 3.09 76.65 70.61
CA TYR F 234 4.23 77.56 70.63
C TYR F 234 5.32 77.16 69.64
N GLY F 235 5.43 75.88 69.32
CA GLY F 235 6.46 75.43 68.39
C GLY F 235 7.86 75.62 68.90
N ASP F 236 8.11 75.31 70.16
CA ASP F 236 9.44 75.45 70.76
C ASP F 236 10.40 74.35 70.34
N ARG F 237 9.91 73.27 69.75
CA ARG F 237 10.74 72.11 69.43
C ARG F 237 11.26 72.10 68.00
N LEU F 238 10.61 72.82 67.09
CA LEU F 238 11.01 72.84 65.67
C LEU F 238 11.21 74.29 65.23
N PHE F 239 12.42 74.82 65.43
CA PHE F 239 12.80 76.04 64.72
C PHE F 239 12.85 75.77 63.22
N PHE F 240 13.47 74.66 62.84
CA PHE F 240 13.46 74.17 61.46
C PHE F 240 13.91 72.72 61.50
N PHE F 241 13.77 72.05 60.36
CA PHE F 241 14.30 70.70 60.24
C PHE F 241 14.66 70.44 58.79
N LEU F 242 15.64 69.56 58.59
CA LEU F 242 16.04 69.09 57.28
C LEU F 242 16.19 67.58 57.35
N ARG F 243 15.82 66.89 56.27
CA ARG F 243 15.82 65.43 56.29
C ARG F 243 16.04 64.87 54.90
N LYS F 244 16.64 63.69 54.84
CA LYS F 244 16.77 62.94 53.60
C LYS F 244 16.89 61.46 53.97
N GLU F 245 15.87 60.68 53.62
CA GLU F 245 15.85 59.24 53.87
C GLU F 245 15.77 58.51 52.54
N GLN F 246 16.48 57.39 52.44
CA GLN F 246 16.39 56.61 51.21
C GLN F 246 16.78 55.17 51.52
N MET F 247 16.12 54.23 50.85
CA MET F 247 16.38 52.80 51.01
C MET F 247 15.67 52.03 49.90
N PHE F 248 16.12 50.80 49.69
CA PHE F 248 15.45 49.89 48.77
C PHE F 248 15.50 48.49 49.36
N ALA F 249 14.73 47.58 48.76
CA ALA F 249 14.64 46.21 49.24
C ALA F 249 15.80 45.40 48.66
N ARG F 250 16.74 45.01 49.51
CA ARG F 250 17.88 44.22 49.06
C ARG F 250 17.48 42.77 48.79
N HIS F 251 17.11 42.04 49.84
CA HIS F 251 16.76 40.63 49.73
C HIS F 251 15.48 40.35 50.51
N PHE F 252 14.86 39.23 50.19
CA PHE F 252 13.62 38.81 50.82
C PHE F 252 13.81 37.45 51.47
N PHE F 253 13.12 37.24 52.60
CA PHE F 253 13.12 35.94 53.26
C PHE F 253 11.94 35.89 54.21
N ASN F 254 11.71 34.70 54.77
CA ASN F 254 10.62 34.46 55.69
C ASN F 254 11.17 34.06 57.06
N ARG F 255 10.33 34.23 58.08
CA ARG F 255 10.72 33.94 59.45
C ARG F 255 10.48 32.47 59.78
N ALA F 256 11.33 31.93 60.64
CA ALA F 256 11.12 30.60 61.17
C ALA F 256 10.23 30.67 62.41
N GLY F 257 9.53 29.58 62.67
CA GLY F 257 8.61 29.50 63.79
C GLY F 257 7.17 29.42 63.32
N GLU F 258 6.28 29.29 64.31
CA GLU F 258 4.87 29.11 64.01
C GLU F 258 4.24 30.42 63.55
N VAL F 259 3.37 30.32 62.55
CA VAL F 259 2.62 31.46 62.05
C VAL F 259 1.48 31.75 63.04
N GLY F 260 1.54 32.89 63.71
CA GLY F 260 0.50 33.22 64.67
C GLY F 260 -0.86 33.43 64.03
N GLU F 261 -0.88 34.00 62.82
CA GLU F 261 -2.11 34.24 62.08
C GLU F 261 -1.96 33.62 60.69
N PRO F 262 -2.55 32.46 60.45
CA PRO F 262 -2.34 31.76 59.19
C PRO F 262 -3.18 32.33 58.07
N VAL F 263 -2.79 32.01 56.84
CA VAL F 263 -3.55 32.46 55.68
C VAL F 263 -4.93 31.81 55.71
N PRO F 264 -6.00 32.56 55.47
CA PRO F 264 -7.34 31.96 55.47
C PRO F 264 -7.47 30.91 54.38
N ASP F 265 -8.41 29.99 54.60
CA ASP F 265 -8.67 28.93 53.62
C ASP F 265 -9.12 29.53 52.30
N THR F 266 -9.85 30.65 52.34
CA THR F 266 -10.37 31.27 51.13
C THR F 266 -9.27 31.80 50.22
N LEU F 267 -8.06 32.01 50.73
CA LEU F 267 -7.01 32.63 49.92
C LEU F 267 -6.00 31.64 49.38
N ILE F 268 -6.08 30.37 49.74
CA ILE F 268 -5.14 29.36 49.26
C ILE F 268 -5.88 28.05 49.03
N ILE F 269 -5.61 27.43 47.89
CA ILE F 269 -6.16 26.11 47.57
C ILE F 269 -5.23 25.06 48.15
N LYS F 270 -5.73 24.30 49.11
CA LYS F 270 -4.91 23.33 49.81
C LYS F 270 -4.51 22.20 48.88
N GLY F 271 -3.24 21.78 49.00
CA GLY F 271 -2.73 20.62 48.36
C GLY F 271 -2.21 19.61 49.37
N SER F 272 -1.37 18.68 48.89
CA SER F 272 -0.97 18.46 47.50
C SER F 272 -0.37 17.07 47.53
N GLY F 273 -0.45 16.47 48.72
CA GLY F 273 0.49 15.45 49.11
C GLY F 273 1.70 16.25 49.55
N ASN F 274 2.44 15.79 50.57
CA ASN F 274 3.68 16.46 50.95
C ASN F 274 3.40 17.89 51.41
N ARG F 275 3.40 18.84 50.47
CA ARG F 275 3.20 20.24 50.83
C ARG F 275 1.75 20.52 51.23
N THR F 276 1.28 19.79 52.24
CA THR F 276 -0.04 20.03 52.81
C THR F 276 0.02 21.13 53.86
N SER F 277 1.17 21.30 54.50
CA SER F 277 1.39 22.33 55.50
C SER F 277 1.86 23.61 54.83
N VAL F 278 1.14 24.69 55.12
CA VAL F 278 1.41 25.98 54.50
C VAL F 278 2.75 26.51 55.00
N GLY F 279 3.62 26.89 54.07
CA GLY F 279 4.92 27.45 54.41
C GLY F 279 4.79 28.73 55.22
N SER F 280 5.92 29.11 55.81
CA SER F 280 5.96 30.31 56.63
C SER F 280 5.61 31.53 55.79
N SER F 281 4.52 32.22 56.16
CA SER F 281 4.03 33.38 55.43
C SER F 281 4.32 34.69 56.16
N ILE F 282 5.43 34.75 56.89
CA ILE F 282 5.84 35.98 57.57
C ILE F 282 7.04 36.55 56.83
N TYR F 283 6.80 37.47 55.91
CA TYR F 283 7.82 38.01 55.04
C TYR F 283 8.33 39.34 55.56
N VAL F 284 9.66 39.52 55.54
CA VAL F 284 10.28 40.81 55.84
C VAL F 284 11.54 40.91 54.97
N ASN F 285 11.85 42.13 54.54
CA ASN F 285 12.94 42.37 53.61
C ASN F 285 14.08 43.12 54.29
N THR F 286 15.31 42.79 53.90
CA THR F 286 16.46 43.54 54.36
C THR F 286 16.54 44.88 53.63
N PRO F 287 16.84 45.97 54.33
CA PRO F 287 17.00 47.26 53.66
C PRO F 287 18.41 47.43 53.11
N SER F 288 18.57 48.53 52.36
CA SER F 288 19.89 48.92 51.87
C SER F 288 19.88 50.41 51.59
N GLY F 289 20.89 51.12 52.12
CA GLY F 289 20.95 52.57 51.97
C GLY F 289 21.36 53.06 50.60
N SER F 290 21.74 52.16 49.71
CA SER F 290 22.12 52.51 48.33
C SER F 290 23.35 53.43 48.38
N LEU F 291 23.46 54.32 47.40
CA LEU F 291 24.65 55.15 47.24
C LEU F 291 24.65 56.32 48.22
N VAL F 292 25.81 56.58 48.82
CA VAL F 292 26.05 57.78 49.59
C VAL F 292 26.99 58.66 48.79
N SER F 293 26.68 59.96 48.71
CA SER F 293 27.45 60.87 47.89
C SER F 293 27.60 62.22 48.59
N SER F 294 28.59 62.99 48.14
CA SER F 294 28.82 64.32 48.70
C SER F 294 27.72 65.29 48.30
N GLU F 295 27.14 65.13 47.10
CA GLU F 295 26.06 66.00 46.66
C GLU F 295 24.83 65.86 47.53
N ALA F 296 24.64 64.72 48.20
CA ALA F 296 23.50 64.49 49.07
C ALA F 296 23.74 64.92 50.50
N GLN F 297 24.92 65.48 50.79
CA GLN F 297 25.24 65.86 52.17
C GLN F 297 24.43 67.08 52.60
N LEU F 298 23.92 67.02 53.83
CA LEU F 298 23.24 68.14 54.45
C LEU F 298 24.14 69.00 55.31
N PHE F 299 25.30 68.48 55.71
CA PHE F 299 26.14 69.14 56.70
C PHE F 299 27.32 69.84 56.03
N ASN F 300 28.21 70.39 56.86
CA ASN F 300 29.36 71.17 56.42
C ASN F 300 28.96 72.40 55.61
N LYS F 301 27.72 72.84 55.75
CA LYS F 301 27.22 74.05 55.10
C LYS F 301 26.27 74.77 56.05
N PRO F 302 26.32 76.09 56.08
CA PRO F 302 25.51 76.85 57.05
C PRO F 302 24.04 76.90 56.68
N TYR F 303 23.22 77.03 57.71
CA TYR F 303 21.78 77.25 57.56
C TYR F 303 21.39 78.50 58.33
N TRP F 304 20.68 79.41 57.68
CA TRP F 304 20.25 80.66 58.28
C TRP F 304 18.75 80.62 58.50
N LEU F 305 18.34 80.78 59.76
CA LEU F 305 16.92 80.73 60.13
C LEU F 305 16.27 82.06 59.72
N GLN F 306 15.94 82.16 58.44
CA GLN F 306 15.28 83.36 57.95
C GLN F 306 13.87 83.50 58.51
N LYS F 307 13.06 82.44 58.39
CA LYS F 307 11.70 82.44 58.90
C LYS F 307 11.42 81.07 59.51
N ALA F 308 10.79 81.07 60.68
CA ALA F 308 10.45 79.83 61.36
C ALA F 308 9.05 79.36 60.99
N GLN F 309 8.87 78.05 61.00
CA GLN F 309 7.54 77.50 60.71
C GLN F 309 6.58 77.76 61.86
N GLY F 310 7.06 77.65 63.10
CA GLY F 310 6.26 77.93 64.27
C GLY F 310 6.28 79.41 64.63
N HIS F 311 5.65 79.70 65.77
CA HIS F 311 5.64 81.08 66.26
C HIS F 311 6.95 81.46 66.91
N ASN F 312 7.64 80.51 67.52
CA ASN F 312 8.97 80.75 68.10
C ASN F 312 9.98 80.90 66.96
N ASN F 313 10.36 82.13 66.67
CA ASN F 313 11.25 82.42 65.55
C ASN F 313 12.72 82.38 66.00
N GLY F 314 13.09 81.24 66.58
CA GLY F 314 14.48 81.03 66.96
C GLY F 314 14.88 81.61 68.30
N ILE F 315 13.94 81.84 69.20
CA ILE F 315 14.24 82.38 70.53
C ILE F 315 14.61 81.22 71.44
N CYS F 316 15.80 81.29 72.03
CA CYS F 316 16.31 80.22 72.88
C CYS F 316 15.89 80.49 74.33
N TRP F 317 14.66 80.09 74.64
CA TRP F 317 14.16 80.24 76.00
C TRP F 317 14.95 79.38 76.98
N GLY F 318 15.18 79.93 78.16
CA GLY F 318 15.99 79.25 79.16
C GLY F 318 17.47 79.23 78.88
N ASN F 319 17.93 79.99 77.89
CA ASN F 319 19.35 80.06 77.52
C ASN F 319 19.90 78.66 77.20
N GLN F 320 19.12 77.89 76.45
CA GLN F 320 19.53 76.56 76.03
C GLN F 320 19.02 76.31 74.62
N LEU F 321 19.67 75.37 73.93
CA LEU F 321 19.36 75.06 72.54
C LEU F 321 19.58 73.59 72.29
N PHE F 322 18.55 72.91 71.78
CA PHE F 322 18.63 71.48 71.47
C PHE F 322 18.86 71.32 69.97
N VAL F 323 19.97 70.67 69.61
CA VAL F 323 20.33 70.42 68.21
C VAL F 323 20.39 68.91 68.03
N THR F 324 19.48 68.37 67.23
CA THR F 324 19.42 66.94 66.94
C THR F 324 20.07 66.67 65.59
N VAL F 325 20.87 65.60 65.52
CA VAL F 325 21.59 65.25 64.31
C VAL F 325 21.56 63.75 64.12
N VAL F 326 21.20 63.30 62.92
CA VAL F 326 21.33 61.90 62.52
C VAL F 326 22.09 61.87 61.20
N ASP F 327 23.19 61.12 61.15
CA ASP F 327 24.03 61.07 59.96
C ASP F 327 24.54 59.64 59.80
N THR F 328 23.92 58.90 58.88
CA THR F 328 24.32 57.53 58.58
C THR F 328 25.27 57.45 57.40
N THR F 329 25.63 58.57 56.80
CA THR F 329 26.53 58.58 55.65
C THR F 329 27.99 58.44 56.05
N ARG F 330 28.30 58.42 57.35
CA ARG F 330 29.64 58.21 57.87
C ARG F 330 29.63 57.11 58.92
N SER F 331 28.93 56.01 58.63
CA SER F 331 28.72 54.93 59.58
C SER F 331 29.74 53.80 59.42
N THR F 332 30.81 54.02 58.66
CA THR F 332 31.80 52.96 58.43
C THR F 332 32.36 52.43 59.75
N ASN F 333 32.29 51.12 59.92
CA ASN F 333 32.78 50.45 61.13
C ASN F 333 34.18 49.92 60.86
N MET F 334 35.15 50.43 61.62
CA MET F 334 36.54 50.02 61.45
C MET F 334 36.80 48.67 62.10
N THR F 335 37.60 47.85 61.45
CA THR F 335 37.97 46.54 61.96
C THR F 335 39.41 46.61 62.49
N LEU F 336 39.58 46.25 63.76
CA LEU F 336 40.88 46.21 64.39
C LEU F 336 41.30 44.77 64.61
N CYS F 337 42.60 44.51 64.47
CA CYS F 337 43.15 43.17 64.62
C CYS F 337 44.39 43.26 65.51
N ALA F 338 44.31 42.66 66.69
CA ALA F 338 45.42 42.62 67.64
C ALA F 338 45.97 41.21 67.70
N SER F 339 47.29 41.10 67.72
CA SER F 339 47.97 39.80 67.71
C SER F 339 48.20 39.32 69.13
N VAL F 340 47.71 38.11 69.42
CA VAL F 340 48.03 37.48 70.69
C VAL F 340 49.39 36.81 70.62
N THR F 341 49.68 36.16 69.50
CA THR F 341 50.99 35.57 69.23
C THR F 341 51.24 35.64 67.74
N THR F 342 52.44 35.21 67.33
CA THR F 342 52.83 35.16 65.92
C THR F 342 53.46 33.78 65.68
N SER F 343 52.61 32.82 65.31
CA SER F 343 53.08 31.47 65.03
C SER F 343 53.92 31.46 63.75
N SER F 344 54.61 30.33 63.55
CA SER F 344 55.43 30.18 62.34
C SER F 344 54.58 30.29 61.08
N THR F 345 53.40 29.70 61.10
CA THR F 345 52.43 29.83 60.00
C THR F 345 51.29 30.74 60.43
N TYR F 346 50.33 30.93 59.52
CA TYR F 346 49.17 31.76 59.80
C TYR F 346 48.09 30.91 60.48
N THR F 347 47.69 31.33 61.67
CA THR F 347 46.65 30.64 62.44
C THR F 347 45.67 31.68 62.98
N ASN F 348 44.37 31.45 62.76
CA ASN F 348 43.36 32.40 63.20
C ASN F 348 43.36 32.54 64.71
N SER F 349 43.79 31.51 65.44
CA SER F 349 43.79 31.56 66.90
C SER F 349 44.78 32.58 67.45
N ASP F 350 45.67 33.13 66.62
CA ASP F 350 46.67 34.08 67.08
C ASP F 350 46.17 35.52 67.11
N TYR F 351 44.98 35.80 66.59
CA TYR F 351 44.51 37.17 66.43
C TYR F 351 43.15 37.35 67.08
N LYS F 352 42.91 38.56 67.58
CA LYS F 352 41.61 38.96 68.09
C LYS F 352 41.08 40.09 67.21
N GLU F 353 39.82 39.97 66.81
CA GLU F 353 39.19 40.98 65.96
C GLU F 353 38.23 41.83 66.79
N TYR F 354 38.25 43.14 66.55
CA TYR F 354 37.43 44.08 67.29
C TYR F 354 36.69 45.00 66.33
N MET F 355 35.55 45.50 66.79
CA MET F 355 34.75 46.45 66.05
C MET F 355 34.84 47.82 66.73
N ARG F 356 35.10 48.86 65.94
CA ARG F 356 35.21 50.21 66.47
C ARG F 356 34.61 51.20 65.49
N HIS F 357 33.88 52.17 66.03
CA HIS F 357 33.27 53.22 65.24
C HIS F 357 33.56 54.58 65.89
N VAL F 358 33.67 55.61 65.05
CA VAL F 358 34.02 56.95 65.51
C VAL F 358 33.06 57.96 64.90
N GLU F 359 32.87 59.07 65.60
CA GLU F 359 32.04 60.17 65.14
C GLU F 359 32.71 61.48 65.49
N GLU F 360 32.85 62.36 64.51
CA GLU F 360 33.50 63.65 64.68
C GLU F 360 32.53 64.77 64.32
N TYR F 361 32.35 65.72 65.24
CA TYR F 361 31.42 66.82 65.05
C TYR F 361 32.12 68.14 65.35
N ASP F 362 31.58 69.21 64.74
CA ASP F 362 32.03 70.57 65.03
C ASP F 362 30.79 71.46 64.91
N LEU F 363 30.21 71.81 66.06
CA LEU F 363 28.99 72.59 66.10
C LEU F 363 29.34 74.08 66.11
N GLN F 364 28.81 74.82 65.14
CA GLN F 364 29.05 76.24 65.01
C GLN F 364 27.72 76.99 65.02
N PHE F 365 27.62 78.00 65.89
CA PHE F 365 26.40 78.76 66.05
C PHE F 365 26.70 80.25 65.96
N ILE F 366 25.67 81.02 65.60
CA ILE F 366 25.73 82.47 65.60
C ILE F 366 24.41 83.00 66.15
N PHE F 367 24.45 83.67 67.30
CA PHE F 367 23.26 84.12 68.00
C PHE F 367 23.12 85.63 67.91
N GLN F 368 21.89 86.09 68.09
CA GLN F 368 21.55 87.50 68.08
C GLN F 368 20.96 87.88 69.44
N LEU F 369 21.49 88.94 70.04
CA LEU F 369 20.98 89.40 71.32
C LEU F 369 19.63 90.08 71.13
N CYS F 370 18.71 89.82 72.06
CA CYS F 370 17.36 90.36 72.00
C CYS F 370 16.90 90.78 73.38
N SER F 371 16.08 91.83 73.42
CA SER F 371 15.51 92.34 74.65
C SER F 371 13.99 92.20 74.59
N ILE F 372 13.38 92.11 75.77
CA ILE F 372 11.93 91.94 75.89
C ILE F 372 11.42 92.96 76.89
N THR F 373 10.57 93.88 76.43
CA THR F 373 9.92 94.84 77.30
C THR F 373 8.79 94.14 78.04
N LEU F 374 8.91 94.01 79.36
CA LEU F 374 7.98 93.23 80.17
C LEU F 374 6.86 94.14 80.66
N SER F 375 5.82 94.25 79.84
CA SER F 375 4.60 94.93 80.28
C SER F 375 3.72 93.94 81.06
N ALA F 376 2.58 94.43 81.54
CA ALA F 376 1.66 93.56 82.26
C ALA F 376 1.14 92.45 81.36
N GLU F 377 0.85 92.76 80.10
CA GLU F 377 0.37 91.74 79.18
C GLU F 377 1.48 90.76 78.82
N VAL F 378 2.70 91.25 78.64
CA VAL F 378 3.81 90.38 78.28
C VAL F 378 4.12 89.41 79.42
N VAL F 379 4.16 89.91 80.66
CA VAL F 379 4.41 89.06 81.81
C VAL F 379 3.31 88.01 81.95
N ALA F 380 2.07 88.39 81.67
CA ALA F 380 0.97 87.42 81.72
C ALA F 380 1.12 86.36 80.65
N TYR F 381 1.46 86.77 79.42
CA TYR F 381 1.63 85.81 78.33
C TYR F 381 2.83 84.90 78.56
N ILE F 382 3.84 85.38 79.28
CA ILE F 382 5.02 84.57 79.55
C ILE F 382 4.84 83.70 80.80
N HIS F 383 3.91 84.05 81.69
CA HIS F 383 3.59 83.15 82.80
C HIS F 383 3.00 81.84 82.27
N THR F 384 1.96 81.94 81.44
CA THR F 384 1.60 80.83 80.58
C THR F 384 2.76 80.55 79.62
N MET F 385 2.67 79.42 78.91
CA MET F 385 3.83 78.87 78.20
C MET F 385 4.83 78.44 79.26
N ASN F 386 6.12 78.72 79.08
CA ASN F 386 7.13 78.36 80.07
C ASN F 386 7.14 79.38 81.21
N PRO F 387 6.73 78.99 82.42
CA PRO F 387 6.77 79.94 83.54
C PRO F 387 8.16 80.12 84.13
N SER F 388 9.05 79.14 83.96
CA SER F 388 10.41 79.25 84.48
C SER F 388 11.18 80.40 83.83
N VAL F 389 10.76 80.84 82.64
CA VAL F 389 11.43 81.96 81.98
C VAL F 389 11.36 83.21 82.86
N LEU F 390 10.22 83.43 83.53
CA LEU F 390 10.12 84.56 84.45
C LEU F 390 10.83 84.28 85.76
N GLU F 391 10.80 83.04 86.24
CA GLU F 391 11.45 82.71 87.50
C GLU F 391 12.97 82.82 87.38
N ASP F 392 13.54 82.33 86.28
CA ASP F 392 14.98 82.45 86.08
C ASP F 392 15.41 83.88 85.82
N TRP F 393 14.50 84.74 85.35
CA TRP F 393 14.79 86.15 85.17
C TRP F 393 14.70 86.94 86.47
N ASN F 394 14.22 86.33 87.55
CA ASN F 394 14.00 86.99 88.83
C ASN F 394 13.11 88.22 88.66
N PHE F 395 12.01 88.03 87.95
CA PHE F 395 11.08 89.12 87.65
C PHE F 395 9.67 88.72 88.04
N PRO F 429 15.83 70.41 90.04
CA PRO F 429 14.58 71.00 89.59
C PRO F 429 14.30 70.80 88.10
N ASP F 430 15.35 70.72 87.30
CA ASP F 430 15.21 70.56 85.86
C ASP F 430 14.56 69.22 85.53
N PRO F 431 13.41 69.20 84.87
CA PRO F 431 12.77 67.92 84.52
C PRO F 431 13.52 67.12 83.46
N TYR F 432 14.49 67.72 82.77
CA TYR F 432 15.25 67.03 81.73
C TYR F 432 16.51 66.37 82.28
N LYS F 433 16.70 66.36 83.59
CA LYS F 433 17.86 65.69 84.18
C LYS F 433 17.69 64.18 84.27
N ASN F 434 16.48 63.66 84.01
CA ASN F 434 16.27 62.23 83.91
C ASN F 434 16.59 61.67 82.53
N LEU F 435 16.65 62.53 81.52
CA LEU F 435 17.00 62.14 80.16
C LEU F 435 18.51 62.21 79.98
N SER F 436 18.97 61.97 78.75
CA SER F 436 20.41 61.93 78.46
C SER F 436 20.67 62.70 77.18
N PHE F 437 21.43 63.79 77.29
CA PHE F 437 21.80 64.60 76.14
C PHE F 437 23.32 64.81 76.15
N TRP F 438 23.85 65.15 74.98
CA TRP F 438 25.27 65.49 74.86
C TRP F 438 25.44 66.95 75.27
N GLU F 439 25.98 67.17 76.47
CA GLU F 439 26.13 68.51 76.99
C GLU F 439 27.22 69.27 76.22
N VAL F 440 26.85 70.43 75.69
CA VAL F 440 27.78 71.29 74.95
C VAL F 440 27.78 72.63 75.67
N ASN F 441 28.79 72.86 76.50
CA ASN F 441 28.90 74.08 77.29
C ASN F 441 29.51 75.17 76.43
N LEU F 442 28.67 76.10 75.96
CA LEU F 442 29.14 77.22 75.16
C LEU F 442 29.29 78.51 75.97
N LYS F 443 29.12 78.44 77.28
CA LYS F 443 29.54 79.56 78.12
C LYS F 443 31.06 79.68 78.07
N GLU F 444 31.53 80.92 78.18
CA GLU F 444 32.94 81.27 77.98
C GLU F 444 33.42 80.96 76.57
N LYS F 445 32.52 80.65 75.65
CA LYS F 445 32.85 80.39 74.25
C LYS F 445 32.28 81.42 73.30
N PHE F 446 31.45 82.34 73.78
CA PHE F 446 30.90 83.38 72.94
C PHE F 446 31.97 84.40 72.58
N SER F 447 31.94 84.86 71.34
CA SER F 447 32.89 85.87 70.85
C SER F 447 32.16 86.86 69.96
N SER F 448 32.50 88.14 70.13
CA SER F 448 31.89 89.20 69.33
C SER F 448 32.67 89.49 68.04
N GLU F 449 33.85 88.91 67.88
CA GLU F 449 34.67 89.10 66.68
C GLU F 449 34.26 88.03 65.67
N LEU F 450 33.28 88.36 64.83
CA LEU F 450 32.70 87.37 63.93
C LEU F 450 33.68 86.94 62.85
N ASP F 451 34.48 87.87 62.33
CA ASP F 451 35.38 87.58 61.21
C ASP F 451 36.53 86.66 61.59
N GLN F 452 36.67 86.29 62.87
CA GLN F 452 37.74 85.42 63.31
C GLN F 452 37.37 83.94 63.22
N TYR F 453 36.22 83.61 62.64
CA TYR F 453 35.74 82.24 62.60
C TYR F 453 35.12 81.94 61.25
N PRO F 454 35.11 80.67 60.82
CA PRO F 454 34.55 80.36 59.49
C PRO F 454 33.08 80.71 59.37
N LEU F 455 32.25 80.29 60.33
CA LEU F 455 30.82 80.59 60.25
C LEU F 455 30.58 82.09 60.35
N GLY F 456 31.38 82.79 61.15
CA GLY F 456 31.24 84.24 61.22
C GLY F 456 31.60 84.92 59.92
N ARG F 457 32.66 84.45 59.26
CA ARG F 457 33.02 85.00 57.95
C ARG F 457 31.91 84.79 56.94
N LYS F 458 31.31 83.59 56.92
CA LYS F 458 30.19 83.34 56.02
C LYS F 458 28.97 84.19 56.37
N PHE F 459 28.80 84.51 57.66
CA PHE F 459 27.65 85.30 58.08
C PHE F 459 27.77 86.75 57.61
N LEU F 460 28.97 87.33 57.71
CA LEU F 460 29.16 88.71 57.30
C LEU F 460 28.90 88.89 55.81
N LEU F 461 29.30 87.91 55.00
CA LEU F 461 29.17 87.99 53.56
C LEU F 461 27.83 87.45 53.06
N GLN F 462 26.87 87.24 53.95
CA GLN F 462 25.58 86.67 53.57
C GLN F 462 24.51 87.27 54.47
N SER F 463 23.27 86.82 54.25
CA SER F 463 22.11 87.28 55.02
C SER F 463 21.97 88.79 55.01
N LYS G 15 -22.13 74.98 26.68
CA LYS G 15 -23.25 74.58 27.52
C LYS G 15 -22.84 74.49 28.99
N VAL G 16 -21.65 73.95 29.23
CA VAL G 16 -21.09 73.85 30.58
C VAL G 16 -20.12 75.01 30.76
N VAL G 17 -20.32 75.77 31.83
CA VAL G 17 -19.50 76.95 32.12
C VAL G 17 -18.76 76.71 33.42
N ALA G 18 -17.62 77.41 33.56
CA ALA G 18 -16.82 77.30 34.76
C ALA G 18 -17.53 77.92 35.95
N THR G 19 -17.14 77.47 37.14
CA THR G 19 -17.74 78.01 38.37
C THR G 19 -17.43 79.48 38.57
N ASP G 20 -16.37 79.98 37.94
CA ASP G 20 -16.01 81.38 38.09
C ASP G 20 -17.08 82.31 37.53
N ALA G 21 -17.99 81.80 36.70
CA ALA G 21 -19.01 82.65 36.11
C ALA G 21 -20.20 82.87 37.04
N TYR G 22 -20.52 81.90 37.90
CA TYR G 22 -21.70 82.00 38.74
C TYR G 22 -21.40 81.81 40.23
N VAL G 23 -20.14 81.70 40.61
CA VAL G 23 -19.76 81.55 42.02
C VAL G 23 -18.82 82.70 42.36
N THR G 24 -19.32 83.65 43.15
CA THR G 24 -18.51 84.79 43.55
C THR G 24 -17.66 84.45 44.76
N ARG G 25 -16.41 84.93 44.75
CA ARG G 25 -15.47 84.65 45.81
C ARG G 25 -15.54 85.73 46.89
N THR G 26 -15.16 85.36 48.11
CA THR G 26 -15.12 86.27 49.25
C THR G 26 -13.71 86.33 49.82
N ASN G 27 -13.55 87.04 50.93
CA ASN G 27 -12.27 87.16 51.63
C ASN G 27 -12.23 86.31 52.89
N ILE G 28 -13.25 85.51 53.14
CA ILE G 28 -13.35 84.72 54.37
C ILE G 28 -12.69 83.36 54.12
N PHE G 29 -11.63 83.07 54.88
CA PHE G 29 -10.92 81.81 54.79
C PHE G 29 -10.98 81.09 56.13
N TYR G 30 -11.01 79.76 56.08
CA TYR G 30 -11.07 78.93 57.26
C TYR G 30 -10.06 77.79 57.17
N HIS G 31 -9.55 77.37 58.33
CA HIS G 31 -8.66 76.23 58.44
C HIS G 31 -9.37 75.08 59.13
N ALA G 32 -9.05 73.87 58.70
CA ALA G 32 -9.65 72.67 59.29
C ALA G 32 -8.65 71.52 59.20
N SER G 33 -8.33 70.93 60.34
CA SER G 33 -7.37 69.82 60.41
C SER G 33 -8.06 68.58 60.97
N SER G 34 -7.76 67.43 60.38
CA SER G 34 -8.32 66.15 60.83
C SER G 34 -7.59 65.57 62.03
N SER G 35 -6.56 66.25 62.53
CA SER G 35 -5.69 65.72 63.58
C SER G 35 -5.03 64.42 63.12
N ARG G 36 -4.47 63.65 64.07
CA ARG G 36 -3.78 62.42 63.71
C ARG G 36 -4.79 61.31 63.42
N LEU G 37 -4.63 60.66 62.27
CA LEU G 37 -5.45 59.52 61.87
C LEU G 37 -4.54 58.31 61.77
N LEU G 38 -4.87 57.26 62.53
CA LEU G 38 -4.05 56.06 62.62
C LEU G 38 -4.83 54.84 62.15
N ALA G 39 -4.18 54.00 61.36
CA ALA G 39 -4.76 52.75 60.89
C ALA G 39 -3.75 51.64 61.14
N VAL G 40 -4.12 50.69 62.00
CA VAL G 40 -3.25 49.59 62.38
C VAL G 40 -3.95 48.28 62.05
N GLY G 41 -3.28 47.42 61.31
CA GLY G 41 -3.87 46.15 60.96
C GLY G 41 -2.85 45.20 60.35
N HIS G 42 -3.38 44.25 59.56
CA HIS G 42 -2.59 43.21 58.90
C HIS G 42 -2.38 43.57 57.43
N PRO G 43 -1.15 43.54 56.92
CA PRO G 43 -0.92 44.01 55.54
C PRO G 43 -1.41 43.04 54.47
N TYR G 44 -1.82 41.83 54.83
CA TYR G 44 -2.19 40.82 53.84
C TYR G 44 -3.67 40.50 53.80
N PHE G 45 -4.31 40.32 54.95
CA PHE G 45 -5.71 39.91 54.98
C PHE G 45 -6.32 40.30 56.31
N SER G 46 -7.64 40.42 56.32
CA SER G 46 -8.36 40.70 57.54
C SER G 46 -8.38 39.47 58.45
N ILE G 47 -8.46 39.72 59.76
CA ILE G 47 -8.42 38.69 60.77
C ILE G 47 -9.80 38.57 61.39
N LYS G 48 -10.47 37.46 61.15
CA LYS G 48 -11.84 37.24 61.61
C LYS G 48 -11.84 36.12 62.65
N ARG G 49 -12.21 36.45 63.88
CA ARG G 49 -12.48 35.46 64.91
C ARG G 49 -13.67 35.92 65.73
N ALA G 50 -14.75 35.14 65.71
CA ALA G 50 -14.85 33.99 64.82
C ALA G 50 -15.70 34.36 63.62
N ASN G 51 -16.46 35.45 63.75
CA ASN G 51 -17.38 35.90 62.70
C ASN G 51 -16.92 37.19 62.04
N LYS G 52 -16.75 38.26 62.80
CA LYS G 52 -16.40 39.56 62.24
C LYS G 52 -14.92 39.86 62.47
N THR G 53 -14.42 40.82 61.71
CA THR G 53 -13.01 41.16 61.76
C THR G 53 -12.64 41.75 63.12
N VAL G 54 -11.50 41.31 63.64
CA VAL G 54 -10.95 41.86 64.87
C VAL G 54 -9.76 42.77 64.58
N VAL G 55 -8.97 42.42 63.57
CA VAL G 55 -7.86 43.23 63.10
C VAL G 55 -8.09 43.51 61.63
N PRO G 56 -8.17 44.77 61.21
CA PRO G 56 -8.48 45.07 59.81
C PRO G 56 -7.28 44.85 58.91
N LYS G 57 -7.55 44.80 57.61
CA LYS G 57 -6.51 44.69 56.60
C LYS G 57 -5.99 46.09 56.30
N VAL G 58 -4.78 46.39 56.75
CA VAL G 58 -4.15 47.69 56.55
C VAL G 58 -2.84 47.47 55.81
N SER G 59 -2.81 47.88 54.54
CA SER G 59 -1.62 47.73 53.70
C SER G 59 -1.30 49.06 53.03
N GLY G 60 0.00 49.29 52.81
CA GLY G 60 0.43 50.50 52.14
C GLY G 60 -0.01 50.59 50.70
N TYR G 61 -0.43 49.47 50.11
CA TYR G 61 -0.89 49.43 48.72
C TYR G 61 -2.42 49.52 48.62
N GLN G 62 -3.07 50.16 49.59
CA GLN G 62 -4.50 50.37 49.59
C GLN G 62 -4.83 51.81 49.25
N TYR G 63 -5.98 52.02 48.64
CA TYR G 63 -6.50 53.36 48.40
C TYR G 63 -7.05 53.94 49.69
N ARG G 64 -6.63 55.16 50.01
CA ARG G 64 -7.15 55.90 51.15
C ARG G 64 -8.07 57.00 50.61
N VAL G 65 -9.37 56.72 50.59
CA VAL G 65 -10.37 57.64 50.06
C VAL G 65 -11.07 58.27 51.25
N PHE G 66 -10.69 59.51 51.56
CA PHE G 66 -11.24 60.23 52.70
C PHE G 66 -12.47 61.02 52.26
N LYS G 67 -13.60 60.78 52.92
CA LYS G 67 -14.82 61.55 52.70
C LYS G 67 -14.85 62.65 53.74
N VAL G 68 -14.37 63.83 53.38
CA VAL G 68 -14.31 64.96 54.30
C VAL G 68 -15.65 65.67 54.29
N VAL G 69 -16.33 65.65 55.43
CA VAL G 69 -17.64 66.29 55.57
C VAL G 69 -17.45 67.71 56.08
N LEU G 70 -17.99 68.67 55.36
CA LEU G 70 -17.87 70.06 55.75
C LEU G 70 -19.17 70.57 56.35
N PRO G 71 -19.11 71.47 57.32
CA PRO G 71 -20.35 72.04 57.88
C PRO G 71 -21.03 72.94 56.86
N ASP G 72 -22.36 72.89 56.86
CA ASP G 72 -23.15 73.66 55.93
C ASP G 72 -22.94 75.16 56.18
N PRO G 73 -22.37 75.91 55.23
CA PRO G 73 -22.17 77.34 55.46
C PRO G 73 -23.47 78.13 55.55
N ASN G 74 -24.57 77.61 54.99
CA ASN G 74 -25.85 78.29 55.14
C ASN G 74 -26.40 78.17 56.56
N LYS G 75 -25.96 77.17 57.32
CA LYS G 75 -26.31 77.03 58.72
C LYS G 75 -25.11 77.23 59.63
N PHE G 76 -24.02 77.80 59.11
CA PHE G 76 -22.80 77.96 59.88
C PHE G 76 -22.87 79.23 60.71
N ALA G 77 -22.20 79.20 61.86
CA ALA G 77 -22.16 80.34 62.77
C ALA G 77 -21.13 81.36 62.27
N LEU G 78 -21.48 81.99 61.15
CA LEU G 78 -20.63 83.01 60.57
C LEU G 78 -20.62 84.26 61.44
N PRO G 79 -19.55 85.07 61.36
CA PRO G 79 -19.52 86.29 62.16
C PRO G 79 -20.61 87.28 61.78
N ASP G 80 -20.90 87.42 60.49
CA ASP G 80 -21.93 88.34 60.03
C ASP G 80 -22.69 87.70 58.86
N SER G 81 -24.01 87.83 58.90
CA SER G 81 -24.88 87.21 57.90
C SER G 81 -25.12 88.06 56.65
N SER G 82 -24.57 89.27 56.55
CA SER G 82 -24.77 90.06 55.34
C SER G 82 -23.88 89.63 54.18
N LEU G 83 -23.02 88.62 54.37
CA LEU G 83 -22.24 88.13 53.26
C LEU G 83 -23.15 87.67 52.13
N PHE G 84 -24.30 87.12 52.49
CA PHE G 84 -25.29 86.65 51.54
C PHE G 84 -26.66 87.06 52.07
N ASP G 85 -27.61 87.08 51.19
CA ASP G 85 -28.99 87.27 51.62
C ASP G 85 -29.63 85.90 51.75
N PRO G 86 -30.34 85.60 52.85
CA PRO G 86 -31.00 84.28 52.96
C PRO G 86 -31.85 83.96 51.75
N THR G 87 -32.48 84.97 51.16
CA THR G 87 -33.12 84.85 49.86
C THR G 87 -32.12 85.24 48.78
N THR G 88 -32.31 84.68 47.59
CA THR G 88 -31.54 84.97 46.38
C THR G 88 -30.10 84.46 46.43
N GLN G 89 -29.57 84.13 47.60
CA GLN G 89 -28.19 83.72 47.70
C GLN G 89 -28.03 82.51 48.61
N ARG G 90 -27.07 81.65 48.25
CA ARG G 90 -26.70 80.48 49.03
C ARG G 90 -25.18 80.41 49.13
N LEU G 91 -24.70 79.69 50.12
CA LEU G 91 -23.27 79.58 50.39
C LEU G 91 -22.76 78.18 50.08
N VAL G 92 -21.46 78.10 49.81
CA VAL G 92 -20.79 76.84 49.52
C VAL G 92 -19.31 77.03 49.76
N TRP G 93 -18.65 75.98 50.22
CA TRP G 93 -17.21 76.03 50.48
C TRP G 93 -16.41 75.76 49.22
N ALA G 94 -15.25 76.41 49.13
CA ALA G 94 -14.32 76.21 48.02
C ALA G 94 -12.95 75.90 48.57
N CYS G 95 -12.33 74.84 48.06
CA CYS G 95 -11.04 74.39 48.57
C CYS G 95 -9.92 75.20 47.90
N THR G 96 -9.09 75.85 48.72
CA THR G 96 -7.97 76.62 48.23
C THR G 96 -6.62 76.13 48.71
N GLY G 97 -6.57 75.36 49.78
CA GLY G 97 -5.31 74.85 50.29
C GLY G 97 -5.45 73.44 50.81
N LEU G 98 -4.39 72.66 50.65
CA LEU G 98 -4.39 71.26 51.05
C LEU G 98 -2.98 70.80 51.34
N GLU G 99 -2.82 70.05 52.43
CA GLU G 99 -1.57 69.37 52.75
C GLU G 99 -1.91 68.04 53.41
N VAL G 100 -1.50 66.95 52.77
CA VAL G 100 -1.73 65.60 53.28
C VAL G 100 -0.43 65.18 53.98
N GLY G 101 -0.44 65.20 55.31
CA GLY G 101 0.75 64.88 56.08
C GLY G 101 0.83 63.40 56.40
N ARG G 102 1.99 62.81 56.16
CA ARG G 102 2.27 61.42 56.49
C ARG G 102 3.28 61.37 57.63
N GLY G 103 3.03 60.48 58.59
CA GLY G 103 3.84 60.44 59.79
C GLY G 103 4.45 59.10 60.12
N GLN G 104 5.01 58.43 59.13
CA GLN G 104 5.68 57.16 59.32
C GLN G 104 7.01 57.16 58.59
N PRO G 105 7.97 56.33 59.02
CA PRO G 105 9.26 56.28 58.33
C PRO G 105 9.11 55.70 56.93
N LEU G 106 9.91 56.22 56.01
CA LEU G 106 9.92 55.69 54.65
C LEU G 106 10.46 54.26 54.65
N GLY G 107 9.92 53.45 53.76
CA GLY G 107 10.35 52.07 53.67
C GLY G 107 9.50 51.31 52.67
N VAL G 108 9.93 50.07 52.41
CA VAL G 108 9.28 49.19 51.45
C VAL G 108 8.84 47.93 52.17
N GLY G 109 7.58 47.54 51.97
CA GLY G 109 7.06 46.30 52.51
C GLY G 109 6.97 45.24 51.42
N VAL G 110 6.93 43.99 51.86
CA VAL G 110 6.94 42.87 50.93
C VAL G 110 5.68 42.04 51.12
N SER G 111 5.19 41.50 50.00
CA SER G 111 4.10 40.55 49.99
C SER G 111 4.58 39.24 49.37
N GLY G 112 3.85 38.17 49.64
CA GLY G 112 4.27 36.88 49.14
C GLY G 112 3.12 35.90 49.09
N HIS G 113 3.48 34.65 48.79
CA HIS G 113 2.50 33.57 48.71
C HIS G 113 3.21 32.25 48.97
N PRO G 114 2.80 31.52 50.02
CA PRO G 114 3.44 30.22 50.29
C PRO G 114 3.24 29.20 49.20
N PHE G 115 2.30 29.42 48.28
CA PHE G 115 2.08 28.54 47.14
C PHE G 115 1.89 29.38 45.88
N LEU G 116 2.91 30.15 45.52
CA LEU G 116 2.84 30.96 44.31
C LEU G 116 3.10 30.08 43.10
N ASN G 117 2.32 30.30 42.04
CA ASN G 117 2.40 29.50 40.83
C ASN G 117 3.64 29.90 40.02
N LYS G 118 4.79 29.53 40.56
CA LYS G 118 6.08 29.74 39.91
C LYS G 118 6.68 28.38 39.58
N TYR G 119 7.12 28.22 38.33
CA TYR G 119 7.71 26.95 37.91
C TYR G 119 9.23 27.02 37.92
N ASP G 120 9.82 27.57 36.86
CA ASP G 120 11.27 27.69 36.74
C ASP G 120 11.66 29.15 36.62
N ASP G 121 12.79 29.51 37.21
CA ASP G 121 13.38 30.83 37.04
C ASP G 121 13.84 30.94 35.59
N VAL G 122 13.05 31.63 34.76
CA VAL G 122 13.31 31.69 33.33
C VAL G 122 14.24 32.83 32.95
N GLU G 123 14.68 33.64 33.93
CA GLU G 123 15.55 34.77 33.62
C GLU G 123 16.90 34.31 33.09
N ASN G 124 17.48 33.28 33.71
CA ASN G 124 18.80 32.82 33.31
C ASN G 124 18.70 31.61 32.39
N SER G 125 18.28 30.47 32.93
CA SER G 125 18.15 29.24 32.16
C SER G 125 17.35 28.24 32.99
N GLY G 126 17.32 26.98 32.55
CA GLY G 126 16.60 25.94 33.25
C GLY G 126 15.09 26.04 33.10
N SER G 127 14.37 24.95 33.36
CA SER G 127 14.98 23.68 33.77
C SER G 127 14.31 22.54 33.01
N GLY G 128 15.07 21.47 32.78
CA GLY G 128 14.67 20.33 31.97
C GLY G 128 13.21 19.93 31.94
N GLY G 129 12.81 18.98 32.77
CA GLY G 129 11.45 18.48 32.74
C GLY G 129 10.91 17.99 34.07
N ASN G 130 10.35 18.90 34.88
CA ASN G 130 9.69 18.48 36.10
C ASN G 130 8.24 18.96 36.21
N PRO G 131 7.42 18.89 35.16
CA PRO G 131 6.01 19.27 35.33
C PRO G 131 5.25 18.16 36.06
N GLY G 132 4.56 18.53 37.13
CA GLY G 132 3.89 17.54 37.95
C GLY G 132 2.59 18.02 38.56
N GLN G 133 2.17 17.35 39.64
CA GLN G 133 0.93 17.68 40.33
C GLN G 133 0.92 19.13 40.80
N ASP G 134 1.79 19.45 41.75
CA ASP G 134 1.86 20.78 42.34
C ASP G 134 3.30 21.25 42.34
N ASN G 135 3.57 22.34 41.62
CA ASN G 135 4.90 22.93 41.57
C ASN G 135 4.94 24.32 42.20
N ARG G 136 3.92 24.67 42.98
CA ARG G 136 3.87 25.98 43.61
C ARG G 136 4.99 26.13 44.62
N VAL G 137 5.57 27.32 44.68
CA VAL G 137 6.71 27.62 45.55
C VAL G 137 6.36 28.81 46.41
N ASN G 138 6.95 28.85 47.60
CA ASN G 138 6.81 30.00 48.50
C ASN G 138 7.74 31.10 48.02
N VAL G 139 7.16 32.19 47.52
CA VAL G 139 7.92 33.28 46.91
C VAL G 139 7.42 34.60 47.48
N GLY G 140 8.35 35.51 47.79
CA GLY G 140 8.02 36.84 48.24
C GLY G 140 8.62 37.89 47.32
N MET G 141 8.08 39.11 47.37
CA MET G 141 8.51 40.16 46.46
C MET G 141 8.03 41.51 46.99
N ASP G 142 8.61 42.57 46.45
CA ASP G 142 8.16 43.93 46.71
C ASP G 142 7.43 44.46 45.49
N TYR G 143 6.46 45.33 45.74
CA TYR G 143 5.58 45.82 44.68
C TYR G 143 6.13 47.10 44.05
N LYS G 144 5.44 47.56 43.01
CA LYS G 144 5.81 48.79 42.33
C LYS G 144 5.48 50.00 43.20
N GLN G 145 6.39 50.98 43.21
CA GLN G 145 6.20 52.19 43.99
C GLN G 145 5.20 53.10 43.28
N THR G 146 4.19 53.56 44.03
CA THR G 146 3.14 54.40 43.46
C THR G 146 2.72 55.44 44.49
N GLN G 147 2.80 56.71 44.10
CA GLN G 147 2.29 57.81 44.90
C GLN G 147 1.27 58.59 44.09
N LEU G 148 0.16 58.94 44.72
CA LEU G 148 -0.86 59.75 44.05
C LEU G 148 -1.79 60.35 45.09
N CYS G 149 -2.37 61.50 44.73
CA CYS G 149 -3.38 62.15 45.55
C CYS G 149 -4.31 62.94 44.65
N MET G 150 -5.61 62.85 44.93
CA MET G 150 -6.63 63.56 44.17
C MET G 150 -7.58 64.28 45.12
N VAL G 151 -8.25 65.29 44.59
CA VAL G 151 -9.25 66.04 45.33
C VAL G 151 -10.43 66.32 44.39
N GLY G 152 -11.64 66.14 44.92
CA GLY G 152 -12.84 66.52 44.19
C GLY G 152 -14.03 66.51 45.13
N CYS G 153 -15.15 66.99 44.61
CA CYS G 153 -16.41 66.94 45.35
C CYS G 153 -17.21 65.70 45.01
N ALA G 154 -16.66 64.80 44.21
CA ALA G 154 -17.25 63.52 43.88
C ALA G 154 -16.18 62.45 43.97
N PRO G 155 -16.54 61.20 44.29
CA PRO G 155 -15.53 60.17 44.47
C PRO G 155 -14.83 59.85 43.16
N PRO G 156 -13.59 59.40 43.20
CA PRO G 156 -12.84 59.15 41.97
C PRO G 156 -13.29 57.87 41.28
N LEU G 157 -12.92 57.78 40.01
CA LEU G 157 -13.24 56.62 39.17
C LEU G 157 -11.99 55.79 38.95
N GLY G 158 -12.12 54.48 39.14
CA GLY G 158 -11.05 53.55 38.86
C GLY G 158 -11.45 52.57 37.78
N GLU G 159 -10.44 52.08 37.05
CA GLU G 159 -10.64 51.12 35.97
C GLU G 159 -9.87 49.84 36.27
N HIS G 160 -10.46 48.70 35.90
CA HIS G 160 -9.81 47.41 36.07
C HIS G 160 -10.42 46.43 35.08
N TRP G 161 -9.66 45.38 34.77
CA TRP G 161 -10.11 44.35 33.85
C TRP G 161 -10.74 43.22 34.63
N GLY G 162 -11.99 42.88 34.30
CA GLY G 162 -12.71 41.83 34.99
C GLY G 162 -13.29 40.83 34.00
N LYS G 163 -13.83 39.75 34.56
CA LYS G 163 -14.49 38.74 33.76
C LYS G 163 -15.66 39.35 33.01
N GLY G 164 -15.51 39.51 31.70
CA GLY G 164 -16.50 40.26 30.94
C GLY G 164 -17.79 39.48 30.74
N LYS G 165 -18.83 40.22 30.38
CA LYS G 165 -20.12 39.61 30.06
C LYS G 165 -19.96 38.63 28.91
N GLN G 166 -20.53 37.45 29.06
CA GLN G 166 -20.39 36.38 28.07
C GLN G 166 -21.56 36.42 27.10
N CYS G 167 -21.24 36.39 25.80
CA CYS G 167 -19.87 36.36 25.31
C CYS G 167 -19.78 37.03 23.94
N THR G 168 -18.60 37.57 23.62
CA THR G 168 -18.31 37.96 22.25
C THR G 168 -17.99 36.71 21.44
N ASN G 169 -18.72 36.53 20.34
CA ASN G 169 -18.78 35.27 19.59
C ASN G 169 -19.45 34.20 20.43
N THR G 170 -19.59 33.00 19.88
CA THR G 170 -20.39 31.95 20.51
C THR G 170 -19.68 30.60 20.36
N PRO G 171 -20.10 29.54 21.08
CA PRO G 171 -21.05 29.51 22.19
C PRO G 171 -20.63 28.67 23.40
N VAL G 172 -19.44 28.06 23.40
CA VAL G 172 -19.21 26.88 24.22
C VAL G 172 -18.12 27.12 25.26
N GLN G 173 -18.20 26.33 26.32
CA GLN G 173 -17.24 26.19 27.41
C GLN G 173 -16.38 24.94 27.11
N ALA G 174 -15.48 24.51 28.00
CA ALA G 174 -15.16 25.05 29.33
C ALA G 174 -13.65 25.16 29.54
N GLY G 175 -13.27 25.87 30.59
CA GLY G 175 -11.86 26.11 30.85
C GLY G 175 -11.20 27.06 29.89
N ASP G 176 -11.93 27.63 28.94
CA ASP G 176 -11.37 28.56 27.97
C ASP G 176 -11.05 29.90 28.64
N CYS G 177 -10.37 30.74 27.88
CA CYS G 177 -10.02 32.06 28.38
C CYS G 177 -11.29 32.87 28.65
N PRO G 178 -11.39 33.51 29.82
CA PRO G 178 -12.59 34.29 30.11
C PRO G 178 -12.60 35.58 29.32
N PRO G 179 -13.78 36.07 28.93
CA PRO G 179 -13.84 37.35 28.21
C PRO G 179 -13.42 38.50 29.12
N LEU G 180 -12.66 39.43 28.55
CA LEU G 180 -12.15 40.58 29.29
C LEU G 180 -13.04 41.80 29.02
N GLU G 181 -13.27 42.58 30.08
CA GLU G 181 -14.05 43.80 29.99
C GLU G 181 -13.42 44.86 30.89
N LEU G 182 -13.21 46.05 30.34
CA LEU G 182 -12.67 47.17 31.11
C LEU G 182 -13.80 47.78 31.93
N ILE G 183 -13.78 47.56 33.25
CA ILE G 183 -14.84 47.97 34.14
C ILE G 183 -14.41 49.24 34.86
N THR G 184 -15.20 50.30 34.71
CA THR G 184 -15.01 51.53 35.46
C THR G 184 -15.91 51.51 36.69
N SER G 185 -15.36 51.86 37.84
CA SER G 185 -16.09 51.79 39.09
C SER G 185 -15.62 52.91 40.01
N VAL G 186 -16.26 53.00 41.18
CA VAL G 186 -15.89 53.99 42.17
C VAL G 186 -14.83 53.40 43.09
N ILE G 187 -13.76 54.14 43.30
CA ILE G 187 -12.67 53.69 44.15
C ILE G 187 -13.08 53.86 45.61
N GLN G 188 -13.22 52.75 46.32
CA GLN G 188 -13.59 52.78 47.73
C GLN G 188 -12.34 52.73 48.60
N ASP G 189 -12.49 53.20 49.84
CA ASP G 189 -11.40 53.12 50.80
C ASP G 189 -11.11 51.66 51.14
N GLY G 190 -9.88 51.24 50.88
CA GLY G 190 -9.46 49.88 51.10
C GLY G 190 -9.20 49.09 49.83
N ASP G 191 -9.58 49.60 48.67
CA ASP G 191 -9.29 48.93 47.41
C ASP G 191 -7.79 48.91 47.17
N MET G 192 -7.32 47.87 46.49
CA MET G 192 -5.90 47.70 46.25
C MET G 192 -5.47 48.47 45.00
N VAL G 193 -4.33 49.13 45.10
CA VAL G 193 -3.76 49.79 43.93
C VAL G 193 -3.06 48.74 43.07
N ASP G 194 -2.78 49.12 41.82
CA ASP G 194 -2.04 48.21 40.96
C ASP G 194 -0.69 47.89 41.57
N THR G 195 -0.18 46.70 41.27
CA THR G 195 1.06 46.26 41.89
C THR G 195 2.09 46.09 40.77
N GLY G 196 2.51 44.86 40.50
CA GLY G 196 3.25 44.60 39.30
C GLY G 196 2.61 43.57 38.38
N PHE G 197 1.30 43.65 38.21
CA PHE G 197 0.60 42.65 37.43
C PHE G 197 -0.66 43.22 36.80
N GLY G 198 -0.82 44.54 36.76
CA GLY G 198 -1.96 45.16 36.12
C GLY G 198 -3.11 45.38 37.08
N ALA G 199 -4.12 46.08 36.57
CA ALA G 199 -5.34 46.37 37.32
C ALA G 199 -6.40 45.40 36.82
N MET G 200 -6.63 44.33 37.57
CA MET G 200 -7.56 43.30 37.16
C MET G 200 -8.20 42.66 38.37
N ASN G 201 -9.30 41.94 38.14
CA ASN G 201 -10.03 41.24 39.19
C ASN G 201 -9.48 39.83 39.29
N PHE G 202 -8.48 39.67 40.16
CA PHE G 202 -7.80 38.38 40.29
C PHE G 202 -8.71 37.28 40.83
N ALA G 203 -9.80 37.65 41.52
CA ALA G 203 -10.71 36.64 42.07
C ALA G 203 -11.45 35.89 40.97
N ASP G 204 -11.72 36.55 39.84
CA ASP G 204 -12.46 35.95 38.74
C ASP G 204 -11.56 35.48 37.61
N LEU G 205 -10.50 36.24 37.31
CA LEU G 205 -9.65 35.94 36.17
C LEU G 205 -8.55 34.92 36.49
N GLN G 206 -8.23 34.72 37.76
CA GLN G 206 -7.23 33.74 38.19
C GLN G 206 -7.89 32.81 39.19
N THR G 207 -8.35 31.65 38.70
CA THR G 207 -9.15 30.74 39.52
C THR G 207 -8.31 29.85 40.43
N ASN G 208 -7.00 29.82 40.25
CA ASN G 208 -6.16 28.93 41.06
C ASN G 208 -5.76 29.56 42.39
N LYS G 209 -6.12 30.82 42.64
CA LYS G 209 -5.83 31.49 43.90
C LYS G 209 -4.34 31.44 44.25
N SER G 210 -3.49 31.38 43.21
CA SER G 210 -2.07 31.18 43.46
C SER G 210 -1.16 31.85 42.44
N ASP G 211 -1.67 32.71 41.56
CA ASP G 211 -0.82 33.36 40.57
C ASP G 211 -0.22 34.66 41.07
N VAL G 212 -0.84 35.30 42.05
CA VAL G 212 -0.33 36.56 42.60
C VAL G 212 -0.27 36.42 44.12
N PRO G 213 0.53 37.26 44.78
CA PRO G 213 0.64 37.16 46.25
C PRO G 213 -0.70 37.25 46.96
N ILE G 214 -0.71 36.79 48.21
CA ILE G 214 -1.95 36.56 48.93
C ILE G 214 -2.71 37.85 49.21
N ASP G 215 -2.04 38.99 49.22
CA ASP G 215 -2.70 40.24 49.56
C ASP G 215 -3.50 40.83 48.40
N ILE G 216 -3.49 40.19 47.23
CA ILE G 216 -4.24 40.70 46.08
C ILE G 216 -4.93 39.55 45.36
N CYS G 217 -4.63 38.32 45.76
CA CYS G 217 -5.16 37.15 45.05
C CYS G 217 -6.66 36.95 45.28
N GLY G 218 -7.25 37.61 46.26
CA GLY G 218 -8.67 37.45 46.50
C GLY G 218 -9.43 38.75 46.39
N THR G 219 -8.77 39.80 45.89
CA THR G 219 -9.38 41.12 45.76
C THR G 219 -9.22 41.60 44.33
N THR G 220 -9.31 42.91 44.14
CA THR G 220 -9.22 43.53 42.82
C THR G 220 -8.29 44.74 42.90
N CYS G 221 -7.37 44.82 41.94
CA CYS G 221 -6.49 45.98 41.81
C CYS G 221 -7.13 46.98 40.85
N LYS G 222 -7.36 48.20 41.32
CA LYS G 222 -7.97 49.25 40.52
C LYS G 222 -6.94 50.32 40.21
N TYR G 223 -6.97 50.81 38.97
CA TYR G 223 -6.13 51.91 38.53
C TYR G 223 -6.99 53.12 38.20
N PRO G 224 -6.56 54.33 38.54
CA PRO G 224 -7.38 55.51 38.30
C PRO G 224 -7.64 55.72 36.81
N ASP G 225 -8.90 55.97 36.46
CA ASP G 225 -9.27 56.26 35.08
C ASP G 225 -9.15 57.77 34.87
N TYR G 226 -7.90 58.21 34.66
CA TYR G 226 -7.63 59.63 34.46
C TYR G 226 -8.32 60.17 33.22
N LEU G 227 -8.40 59.34 32.16
CA LEU G 227 -8.95 59.82 30.90
C LEU G 227 -10.42 60.17 31.04
N GLN G 228 -11.20 59.32 31.69
CA GLN G 228 -12.63 59.58 31.82
C GLN G 228 -12.90 60.74 32.77
N MET G 229 -12.22 60.75 33.93
CA MET G 229 -12.44 61.82 34.89
C MET G 229 -11.99 63.17 34.35
N ALA G 230 -11.02 63.19 33.45
CA ALA G 230 -10.61 64.45 32.83
C ALA G 230 -11.60 64.88 31.76
N ALA G 231 -12.29 63.93 31.14
CA ALA G 231 -13.24 64.19 30.07
C ALA G 231 -14.63 64.49 30.61
N ASP G 232 -14.79 64.46 31.93
CA ASP G 232 -16.08 64.79 32.54
C ASP G 232 -16.40 66.26 32.29
N PRO G 233 -17.65 66.59 31.92
CA PRO G 233 -17.99 67.99 31.63
C PRO G 233 -17.76 68.92 32.83
N TYR G 234 -18.47 68.65 33.93
CA TYR G 234 -18.38 69.54 35.08
C TYR G 234 -17.05 69.39 35.82
N GLY G 235 -16.43 68.21 35.73
CA GLY G 235 -15.17 67.98 36.41
C GLY G 235 -15.26 67.98 37.91
N ASP G 236 -16.30 67.34 38.47
CA ASP G 236 -16.48 67.28 39.91
C ASP G 236 -15.55 66.29 40.60
N ARG G 237 -14.91 65.40 39.84
CA ARG G 237 -14.06 64.36 40.42
C ARG G 237 -12.58 64.70 40.44
N LEU G 238 -12.13 65.62 39.58
CA LEU G 238 -10.71 65.98 39.49
C LEU G 238 -10.56 67.49 39.62
N PHE G 239 -10.47 67.98 40.86
CA PHE G 239 -9.98 69.34 41.07
C PHE G 239 -8.52 69.43 40.63
N PHE G 240 -7.71 68.45 41.01
CA PHE G 240 -6.34 68.31 40.55
C PHE G 240 -5.89 66.88 40.86
N PHE G 241 -4.72 66.52 40.34
CA PHE G 241 -4.12 65.24 40.65
C PHE G 241 -2.60 65.35 40.58
N LEU G 242 -1.94 64.53 41.38
CA LEU G 242 -0.49 64.36 41.36
C LEU G 242 -0.21 62.87 41.40
N ARG G 243 0.84 62.44 40.70
CA ARG G 243 1.11 61.01 40.61
C ARG G 243 2.59 60.77 40.39
N LYS G 244 3.07 59.62 40.87
CA LYS G 244 4.42 59.15 40.58
C LYS G 244 4.42 57.63 40.68
N GLU G 245 4.62 56.97 39.54
CA GLU G 245 4.70 55.52 39.47
C GLU G 245 6.07 55.13 38.94
N GLN G 246 6.65 54.07 39.50
CA GLN G 246 7.93 53.62 38.98
C GLN G 246 8.09 52.15 39.35
N MET G 247 8.73 51.39 38.47
CA MET G 247 8.98 49.97 38.70
C MET G 247 9.96 49.47 37.66
N PHE G 248 10.58 48.32 37.96
CA PHE G 248 11.42 47.62 37.00
C PHE G 248 11.23 46.12 37.18
N ALA G 249 11.73 45.35 36.22
CA ALA G 249 11.57 43.90 36.22
C ALA G 249 12.66 43.26 37.09
N ARG G 250 12.26 42.72 38.22
CA ARG G 250 13.22 42.08 39.13
C ARG G 250 13.64 40.70 38.60
N HIS G 251 12.70 39.76 38.56
CA HIS G 251 12.99 38.40 38.15
C HIS G 251 11.93 37.93 37.16
N PHE G 252 12.28 36.87 36.42
CA PHE G 252 11.39 36.29 35.42
C PHE G 252 11.14 34.83 35.75
N PHE G 253 9.93 34.35 35.44
CA PHE G 253 9.58 32.95 35.59
C PHE G 253 8.35 32.65 34.75
N ASN G 254 8.02 31.36 34.66
CA ASN G 254 6.89 30.88 33.89
C ASN G 254 5.87 30.20 34.81
N ARG G 255 4.64 30.10 34.32
CA ARG G 255 3.54 29.52 35.09
C ARG G 255 3.48 28.01 34.90
N ALA G 256 3.07 27.32 35.95
CA ALA G 256 2.75 25.91 35.88
C ALA G 256 1.29 25.72 35.50
N GLY G 257 0.99 24.56 34.93
CA GLY G 257 -0.36 24.27 34.49
C GLY G 257 -0.43 24.15 32.97
N GLU G 258 -1.64 23.89 32.50
CA GLU G 258 -1.86 23.65 31.08
C GLU G 258 -1.74 24.93 30.29
N VAL G 259 -1.10 24.85 29.13
CA VAL G 259 -0.98 25.98 28.21
C VAL G 259 -2.31 26.14 27.49
N GLY G 260 -3.02 27.23 27.78
CA GLY G 260 -4.30 27.45 27.13
C GLY G 260 -4.17 27.78 25.65
N GLU G 261 -3.15 28.54 25.29
CA GLU G 261 -2.91 28.90 23.89
C GLU G 261 -1.46 28.57 23.52
N PRO G 262 -1.23 27.49 22.79
CA PRO G 262 0.14 27.06 22.52
C PRO G 262 0.78 27.86 21.40
N VAL G 263 2.10 27.79 21.36
CA VAL G 263 2.86 28.50 20.31
C VAL G 263 2.54 27.87 18.96
N PRO G 264 2.28 28.65 17.92
CA PRO G 264 2.00 28.06 16.61
C PRO G 264 3.19 27.28 16.08
N ASP G 265 2.90 26.32 15.21
CA ASP G 265 3.94 25.51 14.60
C ASP G 265 4.88 26.37 13.77
N THR G 266 4.35 27.43 13.15
CA THR G 266 5.16 28.31 12.31
C THR G 266 6.23 29.05 13.09
N LEU G 267 6.11 29.16 14.41
CA LEU G 267 7.04 29.97 15.19
C LEU G 267 8.09 29.15 15.94
N ILE G 268 8.00 27.82 15.91
CA ILE G 268 8.97 26.98 16.61
C ILE G 268 9.25 25.73 15.77
N ILE G 269 10.53 25.39 15.65
CA ILE G 269 10.95 24.16 15.00
C ILE G 269 10.94 23.04 16.04
N LYS G 270 10.07 22.06 15.84
CA LYS G 270 9.85 21.01 16.83
C LYS G 270 11.07 20.11 16.93
N GLY G 271 11.45 19.79 18.16
CA GLY G 271 12.45 18.77 18.42
C GLY G 271 11.87 17.65 19.27
N SER G 272 12.71 16.78 19.83
CA SER G 272 14.16 16.80 19.65
C SER G 272 14.76 15.45 20.00
N GLY G 273 14.05 14.36 19.69
CA GLY G 273 14.41 13.13 20.34
C GLY G 273 13.87 13.21 21.75
N ASN G 274 14.66 13.80 22.63
CA ASN G 274 14.20 14.18 23.96
C ASN G 274 13.41 15.49 23.83
N ARG G 275 13.24 16.22 24.93
CA ARG G 275 12.45 17.46 24.94
C ARG G 275 11.05 17.21 24.41
N THR G 276 10.83 17.58 23.15
CA THR G 276 9.60 17.35 22.41
C THR G 276 8.38 18.04 23.02
N SER G 277 8.35 18.21 24.34
CA SER G 277 7.26 18.94 24.99
C SER G 277 7.66 20.41 25.07
N VAL G 278 6.81 21.26 24.49
CA VAL G 278 7.10 22.68 24.47
C VAL G 278 6.97 23.23 25.89
N GLY G 279 8.00 23.91 26.36
CA GLY G 279 7.97 24.45 27.70
C GLY G 279 6.85 25.44 27.91
N SER G 280 6.57 25.72 29.17
CA SER G 280 5.51 26.66 29.52
C SER G 280 5.85 28.04 28.98
N SER G 281 4.98 28.56 28.11
CA SER G 281 5.22 29.85 27.46
C SER G 281 4.35 30.94 28.07
N ILE G 282 4.02 30.84 29.35
CA ILE G 282 3.28 31.88 30.06
C ILE G 282 4.24 32.57 31.02
N TYR G 283 4.84 33.67 30.57
CA TYR G 283 5.87 34.35 31.33
C TYR G 283 5.28 35.56 32.06
N VAL G 284 5.71 35.74 33.29
CA VAL G 284 5.35 36.90 34.11
C VAL G 284 6.54 37.26 34.98
N ASN G 285 6.75 38.56 35.19
CA ASN G 285 7.90 39.09 35.90
C ASN G 285 7.48 39.71 37.23
N THR G 286 8.32 39.54 38.23
CA THR G 286 8.11 40.20 39.52
C THR G 286 8.47 41.68 39.41
N PRO G 287 7.67 42.55 40.00
CA PRO G 287 7.98 43.98 39.99
C PRO G 287 8.93 44.34 41.12
N SER G 288 9.36 45.60 41.10
CA SER G 288 10.15 46.13 42.20
C SER G 288 10.03 47.65 42.19
N GLY G 289 9.71 48.23 43.35
CA GLY G 289 9.52 49.67 43.46
C GLY G 289 10.78 50.49 43.44
N SER G 290 11.94 49.85 43.45
CA SER G 290 13.25 50.51 43.38
C SER G 290 13.40 51.40 44.63
N LEU G 291 14.14 52.50 44.49
CA LEU G 291 14.48 53.35 45.62
C LEU G 291 13.33 54.27 45.99
N VAL G 292 13.08 54.38 47.29
CA VAL G 292 12.18 55.40 47.84
C VAL G 292 13.04 56.44 48.54
N SER G 293 12.76 57.72 48.28
CA SER G 293 13.58 58.79 48.82
C SER G 293 12.70 59.96 49.23
N SER G 294 13.26 60.83 50.07
CA SER G 294 12.53 62.03 50.49
C SER G 294 12.37 63.01 49.34
N GLU G 295 13.33 63.05 48.43
CA GLU G 295 13.23 63.95 47.27
C GLU G 295 12.07 63.57 46.37
N ALA G 296 11.63 62.31 46.39
CA ALA G 296 10.52 61.84 45.57
C ALA G 296 9.17 61.96 46.26
N GLN G 297 9.13 62.49 47.48
CA GLN G 297 7.89 62.56 48.23
C GLN G 297 6.96 63.60 47.65
N LEU G 298 5.67 63.25 47.57
CA LEU G 298 4.62 64.18 47.17
C LEU G 298 3.91 64.83 48.34
N PHE G 299 4.05 64.27 49.54
CA PHE G 299 3.29 64.67 50.70
C PHE G 299 4.15 65.53 51.63
N ASN G 300 3.59 65.88 52.79
CA ASN G 300 4.23 66.73 53.80
C ASN G 300 4.60 68.10 53.26
N LYS G 301 3.97 68.53 52.18
CA LYS G 301 4.18 69.85 51.62
C LYS G 301 2.85 70.38 51.11
N PRO G 302 2.57 71.66 51.29
CA PRO G 302 1.27 72.20 50.88
C PRO G 302 1.19 72.35 49.37
N TYR G 303 -0.02 72.23 48.85
CA TYR G 303 -0.29 72.45 47.44
C TYR G 303 -1.44 73.44 47.32
N TRP G 304 -1.25 74.50 46.53
CA TRP G 304 -2.24 75.54 46.35
C TRP G 304 -2.85 75.43 44.95
N LEU G 305 -4.16 75.24 44.91
CA LEU G 305 -4.94 75.05 43.68
C LEU G 305 -5.16 76.40 43.01
N GLN G 306 -4.15 76.82 42.25
CA GLN G 306 -4.26 78.08 41.53
C GLN G 306 -5.31 78.02 40.43
N LYS G 307 -5.25 76.99 39.58
CA LYS G 307 -6.23 76.81 38.51
C LYS G 307 -6.58 75.34 38.40
N ALA G 308 -7.87 75.05 38.23
CA ALA G 308 -8.35 73.69 38.09
C ALA G 308 -8.39 73.28 36.63
N GLN G 309 -8.19 71.99 36.37
CA GLN G 309 -8.23 71.48 35.01
C GLN G 309 -9.65 71.47 34.46
N GLY G 310 -10.63 71.08 35.29
CA GLY G 310 -12.01 71.06 34.89
C GLY G 310 -12.69 72.39 35.08
N HIS G 311 -14.01 72.39 34.85
CA HIS G 311 -14.80 73.59 35.05
C HIS G 311 -15.10 73.85 36.52
N ASN G 312 -15.21 72.78 37.32
CA ASN G 312 -15.37 72.92 38.76
C ASN G 312 -14.05 73.37 39.35
N ASN G 313 -13.94 74.66 39.68
CA ASN G 313 -12.69 75.23 40.17
C ASN G 313 -12.62 75.13 41.69
N GLY G 314 -12.76 73.90 42.18
CA GLY G 314 -12.61 73.63 43.60
C GLY G 314 -13.82 73.89 44.45
N ILE G 315 -15.02 73.90 43.86
CA ILE G 315 -16.25 74.12 44.60
C ILE G 315 -16.72 72.78 45.16
N CYS G 316 -16.88 72.71 46.49
CA CYS G 316 -17.28 71.47 47.16
C CYS G 316 -18.80 71.44 47.25
N TRP G 317 -19.42 70.99 46.16
CA TRP G 317 -20.87 70.87 46.13
C TRP G 317 -21.32 69.82 47.15
N GLY G 318 -22.45 70.10 47.79
CA GLY G 318 -22.91 69.22 48.84
C GLY G 318 -22.15 69.33 50.14
N ASN G 319 -21.25 70.31 50.26
CA ASN G 319 -20.45 70.52 51.47
C ASN G 319 -19.66 69.27 51.84
N GLN G 320 -19.06 68.63 50.84
CA GLN G 320 -18.25 67.45 51.07
C GLN G 320 -17.06 67.48 50.12
N LEU G 321 -16.01 66.73 50.48
CA LEU G 321 -14.78 66.71 49.71
C LEU G 321 -14.17 65.32 49.77
N PHE G 322 -13.89 64.75 48.60
CA PHE G 322 -13.27 63.44 48.49
C PHE G 322 -11.77 63.62 48.22
N VAL G 323 -10.95 63.09 49.11
CA VAL G 323 -9.50 63.17 48.98
C VAL G 323 -8.98 61.74 48.91
N THR G 324 -8.44 61.37 47.76
CA THR G 324 -7.86 60.05 47.54
C THR G 324 -6.35 60.13 47.65
N VAL G 325 -5.76 59.14 48.33
CA VAL G 325 -4.32 59.11 48.58
C VAL G 325 -3.82 57.69 48.43
N VAL G 326 -2.73 57.52 47.69
CA VAL G 326 -1.99 56.26 47.62
C VAL G 326 -0.54 56.57 47.91
N ASP G 327 0.03 55.86 48.90
CA ASP G 327 1.40 56.11 49.35
C ASP G 327 2.04 54.76 49.69
N THR G 328 2.86 54.25 48.77
CA THR G 328 3.57 52.99 48.98
C THR G 328 4.98 53.20 49.50
N THR G 329 5.40 54.45 49.71
CA THR G 329 6.74 54.74 50.19
C THR G 329 6.89 54.53 51.70
N ARG G 330 5.81 54.23 52.39
CA ARG G 330 5.82 53.94 53.82
C ARG G 330 5.11 52.62 54.10
N SER G 331 5.43 51.61 53.29
CA SER G 331 4.77 50.32 53.34
C SER G 331 5.48 49.31 54.21
N THR G 332 6.44 49.75 55.02
CA THR G 332 7.21 48.82 55.85
C THR G 332 6.30 48.00 56.76
N ASN G 333 6.42 46.69 56.67
CA ASN G 333 5.63 45.77 57.47
C ASN G 333 6.44 45.33 58.69
N MET G 334 5.94 45.65 59.87
CA MET G 334 6.62 45.30 61.11
C MET G 334 6.39 43.83 61.46
N THR G 335 7.45 43.18 61.95
CA THR G 335 7.40 41.78 62.36
C THR G 335 7.37 41.72 63.88
N LEU G 336 6.34 41.07 64.43
CA LEU G 336 6.20 40.90 65.86
C LEU G 336 6.46 39.45 66.23
N CYS G 337 7.09 39.23 67.39
CA CYS G 337 7.42 37.90 67.87
C CYS G 337 7.04 37.80 69.33
N ALA G 338 6.06 36.95 69.64
CA ALA G 338 5.60 36.73 71.00
C ALA G 338 5.99 35.32 71.44
N SER G 339 6.46 35.20 72.67
CA SER G 339 6.92 33.93 73.21
C SER G 339 5.78 33.19 73.87
N VAL G 340 5.55 31.95 73.43
CA VAL G 340 4.58 31.09 74.11
C VAL G 340 5.20 30.43 75.32
N THR G 341 6.45 30.00 75.18
CA THR G 341 7.22 29.45 76.30
C THR G 341 8.68 29.83 76.09
N THR G 342 9.51 29.48 77.08
CA THR G 342 10.95 29.75 77.04
C THR G 342 11.67 28.47 77.45
N SER G 343 11.98 27.63 76.47
CA SER G 343 12.72 26.41 76.75
C SER G 343 14.14 26.75 77.17
N SER G 344 14.84 25.74 77.71
CA SER G 344 16.23 25.94 78.13
C SER G 344 17.09 26.37 76.96
N THR G 345 16.85 25.79 75.79
CA THR G 345 17.52 26.16 74.55
C THR G 345 16.56 26.92 73.65
N TYR G 346 17.05 27.33 72.49
CA TYR G 346 16.24 28.05 71.51
C TYR G 346 15.49 27.05 70.64
N THR G 347 14.17 27.14 70.64
CA THR G 347 13.31 26.27 69.85
C THR G 347 12.26 27.12 69.14
N ASN G 348 12.12 26.92 67.83
CA ASN G 348 11.18 27.70 67.04
C ASN G 348 9.74 27.50 67.51
N SER G 349 9.43 26.35 68.09
CA SER G 349 8.08 26.09 68.57
C SER G 349 7.67 27.00 69.71
N ASP G 350 8.61 27.72 70.32
CA ASP G 350 8.30 28.57 71.45
C ASP G 350 7.81 29.97 71.05
N TYR G 351 7.85 30.31 69.78
CA TYR G 351 7.57 31.68 69.35
C TYR G 351 6.49 31.69 68.26
N LYS G 352 5.70 32.76 68.26
CA LYS G 352 4.72 33.02 67.23
C LYS G 352 5.10 34.29 66.49
N GLU G 353 5.07 34.26 65.17
CA GLU G 353 5.39 35.41 64.35
C GLU G 353 4.13 36.03 63.78
N TYR G 354 4.06 37.37 63.82
CA TYR G 354 2.90 38.11 63.36
C TYR G 354 3.33 39.21 62.40
N MET G 355 2.40 39.59 61.53
CA MET G 355 2.59 40.68 60.59
C MET G 355 1.71 41.86 61.00
N ARG G 356 2.31 43.06 61.04
CA ARG G 356 1.58 44.26 61.41
C ARG G 356 2.06 45.42 60.55
N HIS G 357 1.11 46.23 60.10
CA HIS G 357 1.39 47.42 59.31
C HIS G 357 0.60 48.60 59.86
N VAL G 358 1.17 49.80 59.72
CA VAL G 358 0.57 51.01 60.27
C VAL G 358 0.58 52.10 59.20
N GLU G 359 -0.39 53.00 59.31
CA GLU G 359 -0.50 54.15 58.42
C GLU G 359 -0.93 55.37 59.23
N GLU G 360 -0.19 56.47 59.09
CA GLU G 360 -0.45 57.70 59.82
C GLU G 360 -0.73 58.84 58.86
N TYR G 361 -1.86 59.51 59.05
CA TYR G 361 -2.27 60.61 58.19
C TYR G 361 -2.63 61.83 59.03
N ASP G 362 -2.49 63.01 58.42
CA ASP G 362 -2.94 64.26 59.02
C ASP G 362 -3.41 65.16 57.88
N LEU G 363 -4.73 65.23 57.69
CA LEU G 363 -5.32 66.00 56.60
C LEU G 363 -5.54 67.44 57.07
N GLN G 364 -4.97 68.39 56.34
CA GLN G 364 -5.11 69.81 56.64
C GLN G 364 -5.68 70.51 55.42
N PHE G 365 -6.75 71.28 55.63
CA PHE G 365 -7.43 71.98 54.56
C PHE G 365 -7.60 73.45 54.92
N ILE G 366 -7.73 74.27 53.88
CA ILE G 366 -8.06 75.69 54.03
C ILE G 366 -9.06 76.04 52.95
N PHE G 367 -10.27 76.40 53.36
CA PHE G 367 -11.38 76.64 52.45
C PHE G 367 -11.69 78.13 52.38
N GLN G 368 -12.32 78.53 51.27
CA GLN G 368 -12.74 79.90 51.04
C GLN G 368 -14.26 79.92 50.88
N LEU G 369 -14.93 80.77 51.66
CA LEU G 369 -16.37 80.87 51.58
C LEU G 369 -16.79 81.58 50.30
N CYS G 370 -17.86 81.08 49.68
CA CYS G 370 -18.35 81.64 48.43
C CYS G 370 -19.86 81.71 48.45
N SER G 371 -20.40 82.73 47.79
CA SER G 371 -21.84 82.93 47.66
C SER G 371 -22.24 82.82 46.20
N ILE G 372 -23.50 82.44 45.97
CA ILE G 372 -24.04 82.26 44.62
C ILE G 372 -25.35 83.01 44.53
N THR G 373 -25.40 84.02 43.65
CA THR G 373 -26.64 84.74 43.36
C THR G 373 -27.49 83.88 42.45
N LEU G 374 -28.63 83.41 42.96
CA LEU G 374 -29.47 82.45 42.25
C LEU G 374 -30.50 83.19 41.41
N SER G 375 -30.11 83.50 40.16
CA SER G 375 -31.05 84.04 39.20
C SER G 375 -31.82 82.89 38.54
N ALA G 376 -32.75 83.25 37.66
CA ALA G 376 -33.52 82.22 36.95
C ALA G 376 -32.61 81.34 36.10
N GLU G 377 -31.61 81.94 35.45
CA GLU G 377 -30.69 81.15 34.64
C GLU G 377 -29.79 80.29 35.53
N VAL G 378 -29.36 80.84 36.67
CA VAL G 378 -28.52 80.08 37.59
C VAL G 378 -29.31 78.91 38.17
N VAL G 379 -30.56 79.15 38.55
CA VAL G 379 -31.41 78.09 39.08
C VAL G 379 -31.61 76.99 38.03
N ALA G 380 -31.75 77.38 36.77
CA ALA G 380 -31.91 76.40 35.70
C ALA G 380 -30.62 75.59 35.51
N TYR G 381 -29.47 76.27 35.48
CA TYR G 381 -28.21 75.59 35.28
C TYR G 381 -27.85 74.67 36.44
N ILE G 382 -28.28 75.01 37.65
CA ILE G 382 -27.96 74.17 38.81
C ILE G 382 -28.99 73.07 39.02
N HIS G 383 -30.20 73.20 38.46
CA HIS G 383 -31.14 72.09 38.48
C HIS G 383 -30.60 70.92 37.67
N THR G 384 -30.21 71.17 36.43
CA THR G 384 -29.31 70.26 35.73
C THR G 384 -27.99 70.21 36.50
N MET G 385 -27.12 69.26 36.11
CA MET G 385 -25.98 68.89 36.93
C MET G 385 -26.54 68.24 38.20
N ASN G 386 -25.98 68.56 39.36
CA ASN G 386 -26.50 68.00 40.61
C ASN G 386 -27.74 68.77 41.07
N PRO G 387 -28.93 68.13 41.05
CA PRO G 387 -30.12 68.83 41.53
C PRO G 387 -30.21 68.90 43.05
N SER G 388 -29.56 67.98 43.76
CA SER G 388 -29.60 67.99 45.22
C SER G 388 -28.94 69.24 45.80
N VAL G 389 -28.05 69.90 45.05
CA VAL G 389 -27.44 71.13 45.52
C VAL G 389 -28.51 72.19 45.77
N LEU G 390 -29.50 72.24 44.88
CA LEU G 390 -30.63 73.16 45.08
C LEU G 390 -31.59 72.62 46.12
N GLU G 391 -31.77 71.29 46.16
CA GLU G 391 -32.69 70.70 47.13
C GLU G 391 -32.17 70.85 48.56
N ASP G 392 -30.88 70.62 48.77
CA ASP G 392 -30.32 70.77 50.11
C ASP G 392 -30.32 72.23 50.57
N TRP G 393 -30.36 73.17 49.64
CA TRP G 393 -30.44 74.59 49.96
C TRP G 393 -31.85 75.03 50.33
N ASN G 394 -32.85 74.16 50.16
CA ASN G 394 -34.26 74.49 50.40
C ASN G 394 -34.66 75.70 49.57
N PHE G 395 -34.33 75.66 48.28
CA PHE G 395 -34.58 76.78 47.38
C PHE G 395 -35.35 76.31 46.16
N PRO G 429 -30.97 57.97 51.71
CA PRO G 429 -31.13 58.65 50.41
C PRO G 429 -29.81 58.81 49.66
N ASP G 430 -28.71 58.96 50.39
CA ASP G 430 -27.39 59.16 49.78
C ASP G 430 -26.99 57.93 48.97
N PRO G 431 -26.76 58.07 47.66
CA PRO G 431 -26.31 56.90 46.86
C PRO G 431 -24.93 56.40 47.22
N TYR G 432 -24.15 57.15 47.99
CA TYR G 432 -22.81 56.76 48.38
C TYR G 432 -22.78 55.98 49.69
N LYS G 433 -23.94 55.64 50.26
CA LYS G 433 -23.98 54.86 51.48
C LYS G 433 -23.75 53.37 51.24
N ASN G 434 -23.76 52.91 49.99
CA ASN G 434 -23.40 51.54 49.67
C ASN G 434 -21.91 51.34 49.49
N LEU G 435 -21.16 52.43 49.26
CA LEU G 435 -19.72 52.35 49.12
C LEU G 435 -19.07 52.48 50.49
N SER G 436 -17.74 52.54 50.50
CA SER G 436 -16.98 52.58 51.75
C SER G 436 -15.90 53.64 51.66
N PHE G 437 -15.99 54.66 52.49
CA PHE G 437 -14.99 55.73 52.55
C PHE G 437 -14.56 55.93 54.00
N TRP G 438 -13.38 56.52 54.17
CA TRP G 438 -12.90 56.90 55.49
C TRP G 438 -13.53 58.24 55.86
N GLU G 439 -14.50 58.21 56.77
CA GLU G 439 -15.22 59.42 57.15
C GLU G 439 -14.31 60.34 57.95
N VAL G 440 -14.18 61.59 57.49
CA VAL G 440 -13.40 62.61 58.16
C VAL G 440 -14.36 63.74 58.47
N ASN G 441 -14.84 63.79 59.70
CA ASN G 441 -15.83 64.79 60.13
C ASN G 441 -15.10 66.07 60.48
N LEU G 442 -15.18 67.07 59.61
CA LEU G 442 -14.57 68.37 59.85
C LEU G 442 -15.58 69.41 60.33
N LYS G 443 -16.82 69.01 60.59
CA LYS G 443 -17.73 69.89 61.32
C LYS G 443 -17.22 70.07 62.75
N GLU G 444 -17.49 71.23 63.32
CA GLU G 444 -16.97 71.67 64.60
C GLU G 444 -15.45 71.77 64.61
N LYS G 445 -14.81 71.71 63.44
CA LYS G 445 -13.37 71.84 63.31
C LYS G 445 -12.93 73.08 62.56
N PHE G 446 -13.86 73.84 61.98
CA PHE G 446 -13.49 75.05 61.28
C PHE G 446 -13.07 76.14 62.25
N SER G 447 -12.02 76.89 61.88
CA SER G 447 -11.51 77.97 62.68
C SER G 447 -11.13 79.14 61.78
N SER G 448 -11.44 80.36 62.23
CA SER G 448 -11.10 81.56 61.48
C SER G 448 -9.73 82.11 61.82
N GLU G 449 -9.08 81.58 62.86
CA GLU G 449 -7.74 82.04 63.27
C GLU G 449 -6.73 81.19 62.49
N LEU G 450 -6.36 81.68 61.31
CA LEU G 450 -5.51 80.91 60.42
C LEU G 450 -4.10 80.75 60.97
N ASP G 451 -3.57 81.80 61.59
CA ASP G 451 -2.17 81.79 62.04
C ASP G 451 -1.91 80.84 63.21
N GLN G 452 -2.93 80.18 63.74
CA GLN G 452 -2.77 79.26 64.85
C GLN G 452 -2.48 77.83 64.38
N TYR G 453 -2.23 77.63 63.10
CA TYR G 453 -2.04 76.29 62.54
C TYR G 453 -0.93 76.34 61.49
N PRO G 454 -0.22 75.23 61.27
CA PRO G 454 0.88 75.25 60.29
C PRO G 454 0.43 75.61 58.88
N LEU G 455 -0.61 74.94 58.38
CA LEU G 455 -1.07 75.23 57.02
C LEU G 455 -1.59 76.65 56.91
N GLY G 456 -2.25 77.14 57.97
CA GLY G 456 -2.72 78.52 57.95
C GLY G 456 -1.57 79.51 57.90
N ARG G 457 -0.51 79.26 58.66
CA ARG G 457 0.68 80.11 58.60
C ARG G 457 1.29 80.07 57.21
N LYS G 458 1.38 78.88 56.59
CA LYS G 458 1.90 78.78 55.24
C LYS G 458 1.02 79.49 54.24
N PHE G 459 -0.29 79.55 54.49
CA PHE G 459 -1.20 80.22 53.56
C PHE G 459 -1.02 81.73 53.59
N LEU G 460 -0.84 82.30 54.79
CA LEU G 460 -0.70 83.75 54.90
C LEU G 460 0.54 84.25 54.18
N LEU G 461 1.64 83.50 54.25
CA LEU G 461 2.91 83.90 53.66
C LEU G 461 3.05 83.44 52.22
N GLN G 462 1.98 82.98 51.58
CA GLN G 462 2.06 82.47 50.22
C GLN G 462 0.75 82.78 49.49
N SER G 463 0.68 82.35 48.24
CA SER G 463 -0.49 82.54 47.39
C SER G 463 -0.91 84.00 47.32
N LYS H 15 13.52 76.03 -4.40
CA LYS H 15 12.50 75.40 -5.23
C LYS H 15 11.31 74.96 -4.38
N VAL H 16 11.58 74.41 -3.21
CA VAL H 16 10.55 74.01 -2.26
C VAL H 16 10.41 75.11 -1.22
N VAL H 17 9.18 75.59 -1.05
CA VAL H 17 8.90 76.70 -0.13
C VAL H 17 7.99 76.20 0.99
N ALA H 18 8.08 76.88 2.13
CA ALA H 18 7.25 76.52 3.26
C ALA H 18 5.79 76.86 2.98
N THR H 19 4.90 76.17 3.71
CA THR H 19 3.47 76.41 3.54
C THR H 19 3.05 77.81 4.00
N ASP H 20 3.87 78.45 4.84
CA ASP H 20 3.52 79.78 5.33
C ASP H 20 3.48 80.82 4.22
N ALA H 21 4.06 80.53 3.06
CA ALA H 21 4.09 81.49 1.97
C ALA H 21 2.81 81.49 1.15
N TYR H 22 2.14 80.34 1.04
CA TYR H 22 0.96 80.22 0.19
C TYR H 22 -0.27 79.68 0.92
N VAL H 23 -0.19 79.48 2.23
CA VAL H 23 -1.32 79.02 3.02
C VAL H 23 -1.59 80.06 4.09
N THR H 24 -2.70 80.80 3.95
CA THR H 24 -3.05 81.83 4.91
C THR H 24 -3.80 81.22 6.09
N ARG H 25 -3.49 81.72 7.29
CA ARG H 25 -4.08 81.22 8.52
C ARG H 25 -5.34 82.00 8.87
N THR H 26 -6.23 81.35 9.61
CA THR H 26 -7.47 81.95 10.08
C THR H 26 -7.52 81.91 11.60
N ASN H 27 -8.65 82.34 12.16
CA ASN H 27 -8.88 82.33 13.60
C ASN H 27 -9.83 81.22 14.01
N ILE H 28 -10.22 80.34 13.10
CA ILE H 28 -11.20 79.29 13.37
C ILE H 28 -10.45 78.06 13.85
N PHE H 29 -10.72 77.64 15.08
CA PHE H 29 -10.12 76.45 15.67
C PHE H 29 -11.21 75.45 16.02
N TYR H 30 -10.88 74.17 15.90
CA TYR H 30 -11.79 73.09 16.19
C TYR H 30 -11.13 72.06 17.08
N HIS H 31 -11.92 71.40 17.90
CA HIS H 31 -11.48 70.30 18.74
C HIS H 31 -12.05 69.00 18.19
N ALA H 32 -11.26 67.94 18.27
CA ALA H 32 -11.69 66.63 17.79
C ALA H 32 -11.02 65.57 18.63
N SER H 33 -11.82 64.70 19.24
CA SER H 33 -11.33 63.63 20.09
C SER H 33 -11.75 62.30 19.50
N SER H 34 -10.83 61.33 19.54
CA SER H 34 -11.13 59.99 19.04
C SER H 34 -11.91 59.15 20.04
N SER H 35 -12.21 59.69 21.23
CA SER H 35 -12.74 58.98 22.37
C SER H 35 -11.77 57.86 22.74
N ARG H 36 -12.23 56.94 23.58
CA ARG H 36 -11.36 55.87 24.07
C ARG H 36 -11.23 54.76 23.03
N LEU H 37 -9.99 54.37 22.75
CA LEU H 37 -9.68 53.29 21.83
C LEU H 37 -9.01 52.17 22.62
N LEU H 38 -9.59 50.98 22.57
CA LEU H 38 -9.12 49.83 23.33
C LEU H 38 -8.69 48.72 22.40
N ALA H 39 -7.55 48.10 22.70
CA ALA H 39 -7.03 46.97 21.96
C ALA H 39 -6.65 45.86 22.93
N VAL H 40 -7.33 44.73 22.84
CA VAL H 40 -7.13 43.61 23.74
C VAL H 40 -6.77 42.39 22.90
N GLY H 41 -5.67 41.73 23.25
CA GLY H 41 -5.24 40.57 22.50
C GLY H 41 -4.14 39.82 23.21
N HIS H 42 -3.37 39.07 22.39
CA HIS H 42 -2.27 38.22 22.87
C HIS H 42 -0.94 38.92 22.62
N PRO H 43 -0.08 39.04 23.64
CA PRO H 43 1.15 39.83 23.46
C PRO H 43 2.21 39.14 22.61
N TYR H 44 2.04 37.87 22.26
CA TYR H 44 3.07 37.12 21.55
C TYR H 44 2.70 36.77 20.13
N PHE H 45 1.47 36.30 19.89
CA PHE H 45 1.09 35.83 18.56
C PHE H 45 -0.42 35.90 18.42
N SER H 46 -0.87 35.99 17.17
CA SER H 46 -2.29 35.97 16.88
C SER H 46 -2.85 34.56 17.06
N ILE H 47 -4.13 34.47 17.39
CA ILE H 47 -4.81 33.22 17.66
C ILE H 47 -5.78 32.94 16.52
N LYS H 48 -5.47 31.92 15.73
CA LYS H 48 -6.28 31.56 14.55
C LYS H 48 -6.93 30.20 14.77
N ARG H 49 -8.26 30.19 14.83
CA ARG H 49 -9.02 28.94 14.82
C ARG H 49 -10.26 29.12 13.96
N ALA H 50 -10.36 28.33 12.89
CA ALA H 50 -9.28 27.43 12.48
C ALA H 50 -8.51 28.05 11.31
N ASN H 51 -9.15 29.03 10.66
CA ASN H 51 -8.58 29.69 9.49
C ASN H 51 -8.19 31.13 9.78
N LYS H 52 -9.12 31.94 10.27
CA LYS H 52 -8.89 33.36 10.49
C LYS H 52 -8.66 33.63 11.98
N THR H 53 -8.07 34.79 12.25
CA THR H 53 -7.73 35.17 13.62
C THR H 53 -8.98 35.38 14.46
N VAL H 54 -8.95 34.88 15.68
CA VAL H 54 -10.02 35.09 16.64
C VAL H 54 -9.62 36.09 17.72
N VAL H 55 -8.35 36.06 18.15
CA VAL H 55 -7.80 37.01 19.10
C VAL H 55 -6.58 37.65 18.45
N PRO H 56 -6.55 38.98 18.29
CA PRO H 56 -5.43 39.62 17.60
C PRO H 56 -4.19 39.69 18.49
N LYS H 57 -3.06 39.95 17.85
CA LYS H 57 -1.79 40.14 18.53
C LYS H 57 -1.68 41.60 18.98
N VAL H 58 -1.76 41.83 20.28
CA VAL H 58 -1.68 43.17 20.85
C VAL H 58 -0.50 43.17 21.80
N SER H 59 0.57 43.87 21.43
CA SER H 59 1.78 43.94 22.23
C SER H 59 2.21 45.39 22.41
N GLY H 60 2.77 45.68 23.58
CA GLY H 60 3.27 47.02 23.86
C GLY H 60 4.45 47.42 23.00
N TYR H 61 5.12 46.46 22.36
CA TYR H 61 6.25 46.74 21.49
C TYR H 61 5.85 46.82 20.03
N GLN H 62 4.61 47.20 19.76
CA GLN H 62 4.09 47.37 18.41
C GLN H 62 3.95 48.85 18.09
N TYR H 63 4.09 49.18 16.81
CA TYR H 63 3.82 50.53 16.35
C TYR H 63 2.31 50.76 16.27
N ARG H 64 1.86 51.87 16.84
CA ARG H 64 0.46 52.29 16.74
C ARG H 64 0.41 53.46 15.77
N VAL H 65 0.09 53.15 14.51
CA VAL H 65 0.03 54.15 13.44
C VAL H 65 -1.44 54.42 13.18
N PHE H 66 -1.93 55.55 13.70
CA PHE H 66 -3.33 55.92 13.56
C PHE H 66 -3.52 56.75 12.31
N LYS H 67 -4.41 56.31 11.42
CA LYS H 67 -4.77 57.08 10.23
C LYS H 67 -6.02 57.88 10.57
N VAL H 68 -5.83 59.14 10.96
CA VAL H 68 -6.91 60.01 11.37
C VAL H 68 -7.51 60.66 10.14
N VAL H 69 -8.79 60.37 9.88
CA VAL H 69 -9.51 60.91 8.73
C VAL H 69 -10.22 62.18 9.17
N LEU H 70 -9.96 63.29 8.45
CA LEU H 70 -10.57 64.57 8.76
C LEU H 70 -11.68 64.89 7.75
N PRO H 71 -12.74 65.56 8.20
CA PRO H 71 -13.80 65.96 7.26
C PRO H 71 -13.30 67.04 6.30
N ASP H 72 -13.76 66.96 5.06
CA ASP H 72 -13.35 67.90 4.04
C ASP H 72 -13.85 69.30 4.38
N PRO H 73 -12.96 70.27 4.62
CA PRO H 73 -13.43 71.63 4.92
C PRO H 73 -14.11 72.31 3.75
N ASN H 74 -13.84 71.88 2.52
CA ASN H 74 -14.53 72.44 1.36
C ASN H 74 -15.98 72.00 1.29
N LYS H 75 -16.34 70.89 1.92
CA LYS H 75 -17.72 70.44 2.03
C LYS H 75 -18.24 70.50 3.46
N PHE H 76 -17.53 71.20 4.34
CA PHE H 76 -17.90 71.25 5.75
C PHE H 76 -18.96 72.31 5.98
N ALA H 77 -19.82 72.05 6.98
CA ALA H 77 -20.90 72.97 7.33
C ALA H 77 -20.34 74.10 8.22
N LEU H 78 -19.58 74.98 7.57
CA LEU H 78 -19.01 76.12 8.28
C LEU H 78 -20.10 77.11 8.65
N PRO H 79 -19.86 77.93 9.68
CA PRO H 79 -20.90 78.91 10.08
C PRO H 79 -21.20 79.93 9.00
N ASP H 80 -20.18 80.40 8.28
CA ASP H 80 -20.38 81.38 7.22
C ASP H 80 -19.47 81.03 6.04
N SER H 81 -20.03 81.05 4.84
CA SER H 81 -19.29 80.74 3.63
C SER H 81 -18.58 81.94 3.03
N SER H 82 -18.70 83.12 3.66
CA SER H 82 -18.03 84.32 3.19
C SER H 82 -16.55 84.35 3.54
N LEU H 83 -16.05 83.33 4.25
CA LEU H 83 -14.62 83.29 4.56
C LEU H 83 -13.79 83.20 3.29
N PHE H 84 -14.25 82.44 2.30
CA PHE H 84 -13.50 82.23 1.08
C PHE H 84 -14.45 82.24 -0.11
N ASP H 85 -13.87 82.39 -1.29
CA ASP H 85 -14.60 82.28 -2.55
C ASP H 85 -14.48 80.85 -3.07
N PRO H 86 -15.60 80.21 -3.44
CA PRO H 86 -15.50 78.85 -3.98
C PRO H 86 -14.55 78.72 -5.15
N THR H 87 -14.43 79.74 -5.98
CA THR H 87 -13.43 79.77 -7.02
C THR H 87 -12.13 80.38 -6.49
N THR H 88 -11.01 79.93 -7.07
CA THR H 88 -9.68 80.45 -6.80
C THR H 88 -9.16 80.16 -5.39
N GLN H 89 -10.04 79.71 -4.49
CA GLN H 89 -9.64 79.43 -3.12
C GLN H 89 -10.15 78.07 -2.67
N ARG H 90 -9.34 77.38 -1.87
CA ARG H 90 -9.69 76.10 -1.30
C ARG H 90 -9.28 76.08 0.17
N LEU H 91 -9.89 75.18 0.93
CA LEU H 91 -9.64 75.06 2.36
C LEU H 91 -8.90 73.78 2.68
N VAL H 92 -8.19 73.81 3.82
CA VAL H 92 -7.44 72.65 4.29
C VAL H 92 -7.21 72.83 5.78
N TRP H 93 -7.18 71.71 6.51
CA TRP H 93 -6.97 71.74 7.95
C TRP H 93 -5.48 71.75 8.27
N ALA H 94 -5.14 72.43 9.37
CA ALA H 94 -3.77 72.50 9.86
C ALA H 94 -3.75 72.10 11.33
N CYS H 95 -2.85 71.18 11.68
CA CYS H 95 -2.78 70.66 13.04
C CYS H 95 -1.95 71.60 13.91
N THR H 96 -2.55 72.07 15.00
CA THR H 96 -1.88 72.97 15.94
C THR H 96 -1.76 72.42 17.35
N GLY H 97 -2.57 71.44 17.72
CA GLY H 97 -2.52 70.88 19.06
C GLY H 97 -2.75 69.39 19.03
N LEU H 98 -2.09 68.69 19.95
CA LEU H 98 -2.16 67.24 20.02
C LEU H 98 -1.87 66.77 21.43
N GLU H 99 -2.66 65.82 21.92
CA GLU H 99 -2.39 65.14 23.18
C GLU H 99 -2.78 63.68 23.03
N VAL H 100 -1.81 62.79 23.17
CA VAL H 100 -2.02 61.35 23.09
C VAL H 100 -2.15 60.83 24.50
N GLY H 101 -3.38 60.52 24.92
CA GLY H 101 -3.64 60.05 26.27
C GLY H 101 -3.54 58.55 26.37
N ARG H 102 -2.80 58.08 27.37
CA ARG H 102 -2.66 56.65 27.66
C ARG H 102 -3.41 56.34 28.95
N GLY H 103 -4.15 55.24 28.95
CA GLY H 103 -5.01 54.94 30.09
C GLY H 103 -4.80 53.56 30.69
N GLN H 104 -3.55 53.17 30.89
CA GLN H 104 -3.21 51.90 31.52
C GLN H 104 -2.12 52.13 32.55
N PRO H 105 -2.02 51.24 33.54
CA PRO H 105 -0.95 51.39 34.55
C PRO H 105 0.41 51.18 33.94
N LEU H 106 1.39 51.95 34.42
CA LEU H 106 2.76 51.77 33.98
C LEU H 106 3.27 50.40 34.43
N GLY H 107 4.12 49.81 33.60
CA GLY H 107 4.66 48.50 33.92
C GLY H 107 5.52 47.98 32.79
N VAL H 108 6.17 46.85 33.05
CA VAL H 108 7.08 46.22 32.12
C VAL H 108 6.56 44.82 31.83
N GLY H 109 6.46 44.49 30.54
CA GLY H 109 6.07 43.16 30.11
C GLY H 109 7.28 42.35 29.63
N VAL H 110 7.12 41.03 29.65
CA VAL H 110 8.21 40.14 29.31
C VAL H 110 7.82 39.29 28.11
N SER H 111 8.82 39.00 27.28
CA SER H 111 8.69 38.06 26.18
C SER H 111 9.70 36.93 26.38
N GLY H 112 9.45 35.80 25.72
CA GLY H 112 10.32 34.66 25.89
C GLY H 112 10.21 33.69 24.73
N HIS H 113 10.87 32.55 24.89
CA HIS H 113 10.90 31.49 23.89
C HIS H 113 11.18 30.18 24.59
N PRO H 114 10.26 29.21 24.51
CA PRO H 114 10.51 27.90 25.17
C PRO H 114 11.71 27.16 24.61
N PHE H 115 12.23 27.56 23.45
CA PHE H 115 13.41 26.93 22.86
C PHE H 115 14.35 28.03 22.33
N LEU H 116 14.83 28.88 23.23
CA LEU H 116 15.76 29.93 22.84
C LEU H 116 17.16 29.37 22.67
N ASN H 117 17.84 29.80 21.61
CA ASN H 117 19.16 29.29 21.26
C ASN H 117 20.21 29.91 22.21
N LYS H 118 20.16 29.46 23.46
CA LYS H 118 21.12 29.84 24.48
C LYS H 118 21.92 28.63 24.88
N TYR H 119 23.24 28.76 24.89
CA TYR H 119 24.12 27.65 25.25
C TYR H 119 24.60 27.77 26.68
N ASP H 120 25.65 28.57 26.90
CA ASP H 120 26.21 28.77 28.23
C ASP H 120 26.11 30.24 28.62
N ASP H 121 25.88 30.49 29.90
CA ASP H 121 25.93 31.84 30.46
C ASP H 121 27.38 32.30 30.43
N VAL H 122 27.73 33.12 29.43
CA VAL H 122 29.11 33.51 29.19
C VAL H 122 29.51 34.73 30.02
N GLU H 123 28.59 35.30 30.78
CA GLU H 123 28.91 36.48 31.57
C GLU H 123 29.93 36.18 32.65
N ASN H 124 29.79 35.04 33.33
CA ASN H 124 30.70 34.71 34.43
C ASN H 124 31.79 33.74 33.96
N SER H 125 31.41 32.50 33.68
CA SER H 125 32.36 31.48 33.24
C SER H 125 31.56 30.30 32.69
N GLY H 126 32.24 29.19 32.46
CA GLY H 126 31.60 27.99 31.95
C GLY H 126 31.22 28.10 30.48
N SER H 127 30.97 26.95 29.84
CA SER H 127 31.09 25.64 30.47
C SER H 127 31.81 24.69 29.54
N GLY H 128 32.52 23.71 30.14
CA GLY H 128 33.39 22.77 29.47
C GLY H 128 33.06 22.38 28.04
N GLY H 129 32.40 21.24 27.87
CA GLY H 129 32.12 20.74 26.53
C GLY H 129 30.86 19.93 26.41
N ASN H 130 29.72 20.60 26.23
CA ASN H 130 28.47 19.88 25.98
C ASN H 130 27.75 20.31 24.70
N PRO H 131 28.45 20.51 23.57
CA PRO H 131 27.71 20.81 22.34
C PRO H 131 27.05 19.55 21.79
N GLY H 132 25.75 19.63 21.55
CA GLY H 132 25.00 18.46 21.13
C GLY H 132 23.90 18.73 20.14
N GLN H 133 22.92 17.82 20.09
CA GLN H 133 21.81 17.92 19.15
C GLN H 133 21.04 19.22 19.36
N ASP H 134 20.38 19.34 20.51
CA ASP H 134 19.56 20.50 20.82
C ASP H 134 19.94 21.00 22.20
N ASN H 135 20.45 22.24 22.26
CA ASN H 135 20.82 22.88 23.52
C ASN H 135 19.92 24.08 23.83
N ARG H 136 18.80 24.20 23.15
CA ARG H 136 17.90 25.33 23.38
C ARG H 136 17.30 25.24 24.78
N VAL H 137 17.14 26.40 25.40
CA VAL H 137 16.64 26.51 26.77
C VAL H 137 15.43 27.44 26.76
N ASN H 138 14.52 27.20 27.71
CA ASN H 138 13.37 28.07 27.91
C ASN H 138 13.84 29.31 28.66
N VAL H 139 13.84 30.46 27.99
CA VAL H 139 14.37 31.70 28.54
C VAL H 139 13.37 32.82 28.31
N GLY H 140 13.18 33.65 29.33
CA GLY H 140 12.35 34.83 29.21
C GLY H 140 13.13 36.10 29.52
N MET H 141 12.62 37.25 29.10
CA MET H 141 13.35 38.50 29.27
C MET H 141 12.39 39.66 29.03
N ASP H 142 12.82 40.85 29.48
CA ASP H 142 12.12 42.09 29.19
C ASP H 142 12.91 42.86 28.14
N TYR H 143 12.18 43.62 27.32
CA TYR H 143 12.78 44.31 26.18
C TYR H 143 13.24 45.71 26.56
N LYS H 144 13.87 46.37 25.61
CA LYS H 144 14.33 47.74 25.79
C LYS H 144 13.15 48.70 25.82
N GLN H 145 13.22 49.69 26.73
CA GLN H 145 12.17 50.68 26.86
C GLN H 145 12.26 51.70 25.73
N THR H 146 11.13 51.94 25.07
CA THR H 146 11.09 52.84 23.92
C THR H 146 9.79 53.61 23.93
N GLN H 147 9.89 54.94 23.93
CA GLN H 147 8.74 55.83 23.78
C GLN H 147 8.98 56.73 22.58
N LEU H 148 7.97 56.89 21.74
CA LEU H 148 8.08 57.80 20.61
C LEU H 148 6.69 58.13 20.08
N CYS H 149 6.58 59.31 19.47
CA CYS H 149 5.34 59.72 18.80
C CYS H 149 5.69 60.68 17.67
N MET H 150 5.02 60.48 16.52
CA MET H 150 5.22 61.31 15.36
C MET H 150 3.87 61.73 14.79
N VAL H 151 3.89 62.82 14.02
CA VAL H 151 2.71 63.32 13.33
C VAL H 151 3.12 63.77 11.93
N GLY H 152 2.30 63.44 10.94
CA GLY H 152 2.50 63.93 9.59
C GLY H 152 1.25 63.67 8.77
N CYS H 153 1.25 64.23 7.57
CA CYS H 153 0.18 63.98 6.61
C CYS H 153 0.49 62.82 5.68
N ALA H 154 1.61 62.14 5.89
CA ALA H 154 2.01 60.96 5.16
C ALA H 154 2.53 59.93 6.15
N PRO H 155 2.40 58.64 5.84
CA PRO H 155 2.80 57.62 6.80
C PRO H 155 4.31 57.65 7.03
N PRO H 156 4.77 57.23 8.20
CA PRO H 156 6.21 57.32 8.50
C PRO H 156 7.02 56.24 7.79
N LEU H 157 8.32 56.47 7.74
CA LEU H 157 9.27 55.55 7.13
C LEU H 157 10.07 54.85 8.22
N GLY H 158 10.16 53.52 8.12
CA GLY H 158 10.98 52.74 9.03
C GLY H 158 12.08 52.03 8.26
N GLU H 159 13.18 51.76 8.96
CA GLU H 159 14.33 51.09 8.37
C GLU H 159 14.61 49.79 9.12
N HIS H 160 15.03 48.77 8.37
CA HIS H 160 15.39 47.50 8.96
C HIS H 160 16.32 46.77 8.01
N TRP H 161 17.10 45.85 8.55
CA TRP H 161 18.03 45.06 7.77
C TRP H 161 17.39 43.73 7.39
N GLY H 162 17.36 43.44 6.08
CA GLY H 162 16.76 42.23 5.58
C GLY H 162 17.70 41.47 4.67
N LYS H 163 17.27 40.26 4.30
CA LYS H 163 18.03 39.43 3.37
C LYS H 163 18.17 40.16 2.05
N GLY H 164 19.38 40.64 1.75
CA GLY H 164 19.57 41.52 0.62
C GLY H 164 19.49 40.79 -0.71
N LYS H 165 19.32 41.58 -1.77
CA LYS H 165 19.32 41.04 -3.12
C LYS H 165 20.66 40.36 -3.40
N GLN H 166 20.59 39.17 -3.98
CA GLN H 166 21.78 38.38 -4.22
C GLN H 166 22.32 38.64 -5.63
N CYS H 167 23.62 38.91 -5.73
CA CYS H 167 24.52 39.03 -4.59
C CYS H 167 25.66 39.98 -4.91
N THR H 168 26.21 40.61 -3.88
CA THR H 168 27.48 41.31 -4.03
C THR H 168 28.60 40.28 -4.04
N ASN H 169 29.44 40.32 -5.08
CA ASN H 169 30.40 39.26 -5.40
C ASN H 169 29.66 37.99 -5.83
N THR H 170 30.40 36.93 -6.16
CA THR H 170 29.84 35.73 -6.76
C THR H 170 30.51 34.49 -6.17
N PRO H 171 29.97 33.28 -6.40
CA PRO H 171 28.67 32.92 -6.99
C PRO H 171 27.87 31.84 -6.26
N VAL H 172 28.39 31.27 -5.18
CA VAL H 172 27.97 29.94 -4.76
C VAL H 172 27.33 29.96 -3.38
N GLN H 173 26.50 28.95 -3.14
CA GLN H 173 25.85 28.59 -1.89
C GLN H 173 26.70 27.49 -1.22
N ALA H 174 26.27 26.91 -0.09
CA ALA H 174 25.03 27.13 0.66
C ALA H 174 25.28 27.25 2.15
N GLY H 175 24.28 27.73 2.89
CA GLY H 175 24.41 27.96 4.31
C GLY H 175 25.29 29.11 4.69
N ASP H 176 25.81 29.85 3.71
CA ASP H 176 26.68 30.99 4.00
C ASP H 176 25.85 32.15 4.57
N CYS H 177 26.57 33.17 5.03
CA CYS H 177 25.91 34.35 5.57
C CYS H 177 25.10 35.04 4.47
N PRO H 178 23.84 35.37 4.73
CA PRO H 178 23.01 36.03 3.72
C PRO H 178 23.43 37.48 3.56
N PRO H 179 23.31 38.04 2.35
CA PRO H 179 23.64 39.44 2.15
C PRO H 179 22.66 40.35 2.88
N LEU H 180 23.19 41.40 3.52
CA LEU H 180 22.38 42.34 4.27
C LEU H 180 22.07 43.56 3.40
N GLU H 181 20.85 44.06 3.52
CA GLU H 181 20.43 45.26 2.81
C GLU H 181 19.54 46.09 3.73
N LEU H 182 19.83 47.38 3.80
CA LEU H 182 19.03 48.30 4.61
C LEU H 182 17.77 48.65 3.84
N ILE H 183 16.63 48.14 4.28
CA ILE H 183 15.36 48.30 3.59
C ILE H 183 14.56 49.38 4.30
N THR H 184 14.19 50.42 3.57
CA THR H 184 13.28 51.45 4.06
C THR H 184 11.88 51.11 3.59
N SER H 185 10.91 51.18 4.52
CA SER H 185 9.55 50.78 4.22
C SER H 185 8.59 51.65 5.01
N VAL H 186 7.30 51.43 4.79
CA VAL H 186 6.26 52.16 5.51
C VAL H 186 5.89 51.40 6.77
N ILE H 187 5.89 52.10 7.90
CA ILE H 187 5.56 51.49 9.18
C ILE H 187 4.04 51.35 9.27
N GLN H 188 3.55 50.11 9.32
CA GLN H 188 2.13 49.84 9.44
C GLN H 188 1.76 49.63 10.90
N ASP H 189 0.48 49.81 11.20
CA ASP H 189 -0.03 49.56 12.54
C ASP H 189 0.09 48.07 12.85
N GLY H 190 0.82 47.74 13.90
CA GLY H 190 1.06 46.36 14.28
C GLY H 190 2.48 45.88 14.05
N ASP H 191 3.28 46.64 13.30
CA ASP H 191 4.67 46.28 13.10
C ASP H 191 5.43 46.35 14.42
N MET H 192 6.45 45.49 14.54
CA MET H 192 7.20 45.42 15.79
C MET H 192 8.29 46.47 15.83
N VAL H 193 8.42 47.12 16.98
CA VAL H 193 9.51 48.05 17.20
C VAL H 193 10.78 47.26 17.55
N ASP H 194 11.91 47.94 17.47
CA ASP H 194 13.16 47.30 17.86
C ASP H 194 13.10 46.88 19.32
N THR H 195 13.83 45.82 19.65
CA THR H 195 13.77 45.30 21.00
C THR H 195 15.15 45.47 21.61
N GLY H 196 15.85 44.39 21.90
CA GLY H 196 17.26 44.48 22.19
C GLY H 196 18.12 43.65 21.27
N PHE H 197 17.83 43.68 19.96
CA PHE H 197 18.54 42.82 19.02
C PHE H 197 18.58 43.44 17.63
N GLY H 198 18.29 44.73 17.50
CA GLY H 198 18.38 45.43 16.25
C GLY H 198 17.09 45.42 15.47
N ALA H 199 17.11 46.17 14.38
CA ALA H 199 16.00 46.25 13.45
C ALA H 199 16.35 45.37 12.25
N MET H 200 15.81 44.16 12.24
CA MET H 200 16.14 43.20 11.20
C MET H 200 14.94 42.29 10.94
N ASN H 201 14.99 41.59 9.82
CA ASN H 201 13.95 40.65 9.41
C ASN H 201 14.36 39.27 9.93
N PHE H 202 13.88 38.94 11.13
CA PHE H 202 14.25 37.68 11.76
C PHE H 202 13.71 36.47 11.01
N ALA H 203 12.66 36.65 10.20
CA ALA H 203 12.11 35.52 9.45
C ALA H 203 13.08 35.03 8.38
N ASP H 204 13.87 35.93 7.79
CA ASP H 204 14.81 35.58 6.73
C ASP H 204 16.24 35.45 7.22
N LEU H 205 16.67 36.30 8.16
CA LEU H 205 18.05 36.31 8.60
C LEU H 205 18.35 35.28 9.68
N GLN H 206 17.32 34.80 10.38
CA GLN H 206 17.47 33.79 11.42
C GLN H 206 16.55 32.62 11.05
N THR H 207 17.11 31.61 10.40
CA THR H 207 16.32 30.51 9.84
C THR H 207 15.97 29.44 10.85
N ASN H 208 16.58 29.45 12.05
CA ASN H 208 16.33 28.42 13.04
C ASN H 208 15.10 28.69 13.90
N LYS H 209 14.46 29.86 13.74
CA LYS H 209 13.26 30.21 14.49
C LYS H 209 13.47 30.11 16.00
N SER H 210 14.71 30.34 16.46
CA SER H 210 15.00 30.14 17.87
C SER H 210 16.06 31.07 18.44
N ASP H 211 16.49 32.10 17.73
CA ASP H 211 17.50 33.02 18.25
C ASP H 211 16.92 34.17 19.04
N VAL H 212 15.65 34.54 18.79
CA VAL H 212 15.01 35.63 19.52
C VAL H 212 13.66 35.13 20.02
N PRO H 213 13.09 35.79 21.02
CA PRO H 213 11.80 35.34 21.56
C PRO H 213 10.71 35.25 20.50
N ILE H 214 9.66 34.52 20.84
CA ILE H 214 8.65 34.11 19.87
C ILE H 214 7.86 35.29 19.30
N ASP H 215 7.82 36.42 20.01
CA ASP H 215 7.03 37.55 19.55
C ASP H 215 7.72 38.38 18.48
N ILE H 216 8.95 38.04 18.09
CA ILE H 216 9.67 38.79 17.07
C ILE H 216 10.38 37.85 16.11
N CYS H 217 10.40 36.55 16.44
CA CYS H 217 11.14 35.59 15.66
C CYS H 217 10.51 35.29 14.30
N GLY H 218 9.25 35.66 14.09
CA GLY H 218 8.61 35.40 12.82
C GLY H 218 8.13 36.66 12.12
N THR H 219 8.54 37.81 12.62
CA THR H 219 8.15 39.10 12.03
C THR H 219 9.42 39.91 11.79
N THR H 220 9.26 41.23 11.70
CA THR H 220 10.36 42.15 11.44
C THR H 220 10.28 43.32 12.39
N CYS H 221 11.40 43.66 13.02
CA CYS H 221 11.49 44.85 13.88
C CYS H 221 11.99 46.02 13.02
N LYS H 222 11.19 47.09 12.98
CA LYS H 222 11.53 48.26 12.20
C LYS H 222 11.88 49.43 13.12
N TYR H 223 12.89 50.20 12.71
CA TYR H 223 13.30 51.40 13.40
C TYR H 223 13.06 52.62 12.52
N PRO H 224 12.59 53.73 13.09
CA PRO H 224 12.28 54.91 12.27
C PRO H 224 13.52 55.45 11.58
N ASP H 225 13.38 55.75 10.28
CA ASP H 225 14.45 56.37 9.51
C ASP H 225 14.32 57.88 9.66
N TYR H 226 14.81 58.38 10.80
CA TYR H 226 14.72 59.82 11.08
C TYR H 226 15.50 60.63 10.05
N LEU H 227 16.66 60.12 9.62
CA LEU H 227 17.50 60.87 8.69
C LEU H 227 16.82 61.07 7.34
N GLN H 228 16.20 60.01 6.80
CA GLN H 228 15.56 60.12 5.50
C GLN H 228 14.30 60.98 5.57
N MET H 229 13.47 60.77 6.59
CA MET H 229 12.23 61.53 6.72
C MET H 229 12.50 63.01 6.94
N ALA H 230 13.62 63.35 7.58
CA ALA H 230 13.95 64.75 7.78
C ALA H 230 14.56 65.39 6.54
N ALA H 231 15.24 64.62 5.70
CA ALA H 231 15.92 65.17 4.53
C ALA H 231 15.06 65.24 3.27
N ASP H 232 13.84 64.73 3.30
CA ASP H 232 12.97 64.85 2.14
C ASP H 232 12.56 66.31 1.94
N PRO H 233 12.36 66.74 0.69
CA PRO H 233 12.09 68.16 0.43
C PRO H 233 10.88 68.72 1.15
N TYR H 234 9.70 68.17 0.89
CA TYR H 234 8.48 68.77 1.44
C TYR H 234 8.33 68.49 2.94
N GLY H 235 8.87 67.39 3.43
CA GLY H 235 8.74 67.06 4.83
C GLY H 235 7.32 66.76 5.26
N ASP H 236 6.58 66.00 4.46
CA ASP H 236 5.21 65.64 4.77
C ASP H 236 5.09 64.57 5.84
N ARG H 237 6.19 63.88 6.16
CA ARG H 237 6.15 62.75 7.09
C ARG H 237 6.52 63.13 8.52
N LEU H 238 7.24 64.24 8.72
CA LEU H 238 7.67 64.65 10.05
C LEU H 238 7.24 66.09 10.32
N PHE H 239 6.02 66.26 10.82
CA PHE H 239 5.66 67.52 11.45
C PHE H 239 6.51 67.75 12.70
N PHE H 240 6.63 66.71 13.52
CA PHE H 240 7.53 66.71 14.67
C PHE H 240 7.69 65.26 15.12
N PHE H 241 8.64 65.04 16.03
CA PHE H 241 8.79 63.73 16.63
C PHE H 241 9.37 63.89 18.03
N LEU H 242 9.03 62.96 18.89
CA LEU H 242 9.58 62.86 20.24
C LEU H 242 9.96 61.41 20.49
N ARG H 243 11.05 61.21 21.23
CA ARG H 243 11.55 59.85 21.42
C ARG H 243 12.30 59.73 22.73
N LYS H 244 12.29 58.52 23.29
CA LYS H 244 13.10 58.19 24.45
C LYS H 244 13.37 56.68 24.41
N GLU H 245 14.63 56.31 24.19
CA GLU H 245 15.07 54.93 24.18
C GLU H 245 16.07 54.70 25.29
N GLN H 246 15.98 53.56 25.96
CA GLN H 246 16.97 53.27 26.99
C GLN H 246 17.02 51.76 27.19
N MET H 247 18.22 51.25 27.47
CA MET H 247 18.42 49.83 27.71
C MET H 247 19.82 49.61 28.28
N PHE H 248 20.01 48.45 28.90
CA PHE H 248 21.34 48.04 29.36
C PHE H 248 21.48 46.54 29.15
N ALA H 249 22.70 46.04 29.29
CA ALA H 249 23.00 44.64 29.07
C ALA H 249 22.70 43.84 30.34
N ARG H 250 21.65 43.03 30.29
CA ARG H 250 21.28 42.22 31.45
C ARG H 250 22.24 41.03 31.62
N HIS H 251 22.20 40.08 30.68
CA HIS H 251 23.01 38.89 30.74
C HIS H 251 23.68 38.64 29.39
N PHE H 252 24.72 37.82 29.41
CA PHE H 252 25.48 37.46 28.22
C PHE H 252 25.44 35.96 28.01
N PHE H 253 25.43 35.54 26.75
CA PHE H 253 25.52 34.13 26.42
C PHE H 253 25.95 34.00 24.96
N ASN H 254 26.23 32.76 24.55
CA ASN H 254 26.65 32.44 23.20
C ASN H 254 25.62 31.53 22.53
N ARG H 255 25.65 31.51 21.21
CA ARG H 255 24.72 30.72 20.43
C ARG H 255 25.25 29.30 20.23
N ALA H 256 24.33 28.35 20.17
CA ALA H 256 24.67 26.98 19.82
C ALA H 256 24.66 26.80 18.31
N GLY H 257 25.44 25.85 17.84
CA GLY H 257 25.59 25.58 16.43
C GLY H 257 26.98 25.91 15.92
N GLU H 258 27.18 25.64 14.64
CA GLU H 258 28.49 25.82 14.03
C GLU H 258 28.80 27.30 13.83
N VAL H 259 30.05 27.67 14.11
CA VAL H 259 30.52 29.03 13.88
C VAL H 259 30.79 29.18 12.38
N GLY H 260 30.01 30.03 11.71
CA GLY H 260 30.20 30.21 10.28
C GLY H 260 31.52 30.88 9.94
N GLU H 261 31.97 31.80 10.78
CA GLU H 261 33.24 32.50 10.57
C GLU H 261 34.07 32.36 11.84
N PRO H 262 35.07 31.49 11.83
CA PRO H 262 35.83 31.19 13.04
C PRO H 262 36.88 32.25 13.33
N VAL H 263 37.34 32.25 14.58
CA VAL H 263 38.37 33.20 14.98
C VAL H 263 39.66 32.89 14.23
N PRO H 264 40.34 33.88 13.65
CA PRO H 264 41.59 33.60 12.95
C PRO H 264 42.66 33.02 13.87
N ASP H 265 43.59 32.28 13.25
CA ASP H 265 44.69 31.69 14.01
C ASP H 265 45.55 32.77 14.65
N THR H 266 45.66 33.93 13.99
CA THR H 266 46.49 35.02 14.50
C THR H 266 45.97 35.60 15.82
N LEU H 267 44.70 35.37 16.16
CA LEU H 267 44.10 35.99 17.34
C LEU H 267 43.97 35.04 18.52
N ILE H 268 44.29 33.76 18.35
CA ILE H 268 44.18 32.79 19.45
C ILE H 268 45.33 31.80 19.38
N ILE H 269 45.92 31.54 20.53
CA ILE H 269 46.95 30.50 20.68
C ILE H 269 46.26 29.18 20.98
N LYS H 270 46.37 28.23 20.06
CA LYS H 270 45.64 26.97 20.15
C LYS H 270 46.15 26.11 21.30
N GLY H 271 45.21 25.51 22.03
CA GLY H 271 45.49 24.51 23.03
C GLY H 271 44.80 23.20 22.70
N SER H 272 44.69 22.27 23.65
CA SER H 272 45.20 22.42 25.00
C SER H 272 45.36 21.07 25.69
N GLY H 273 45.70 20.03 24.94
CA GLY H 273 45.46 18.72 25.49
C GLY H 273 43.98 18.47 25.34
N ASN H 274 43.22 18.89 26.36
CA ASN H 274 41.77 18.97 26.29
C ASN H 274 41.41 20.26 25.56
N ARG H 275 40.17 20.74 25.73
CA ARG H 275 39.69 21.95 25.04
C ARG H 275 39.80 21.77 23.53
N THR H 276 40.93 22.17 22.94
CA THR H 276 41.24 22.00 21.52
C THR H 276 40.17 22.49 20.55
N SER H 277 38.90 22.33 20.89
CA SER H 277 37.82 22.85 20.06
C SER H 277 37.46 24.24 20.57
N VAL H 278 37.54 25.22 19.69
CA VAL H 278 37.28 26.60 20.08
C VAL H 278 35.81 26.73 20.41
N GLY H 279 35.51 27.27 21.58
CA GLY H 279 34.13 27.46 22.00
C GLY H 279 33.37 28.39 21.07
N SER H 280 32.04 28.35 21.21
CA SER H 280 31.19 29.20 20.38
C SER H 280 31.47 30.66 20.65
N SER H 281 31.90 31.37 19.61
CA SER H 281 32.28 32.78 19.71
C SER H 281 31.23 33.70 19.10
N ILE H 282 29.95 33.31 19.18
CA ILE H 282 28.85 34.14 18.71
C ILE H 282 28.11 34.68 19.92
N TYR H 283 28.47 35.87 20.37
CA TYR H 283 27.93 36.43 21.59
C TYR H 283 26.83 37.44 21.29
N VAL H 284 25.75 37.37 22.06
CA VAL H 284 24.69 38.38 22.02
C VAL H 284 24.14 38.52 23.44
N ASN H 285 23.73 39.73 23.79
CA ASN H 285 23.29 40.02 25.16
C ASN H 285 21.79 40.29 25.19
N THR H 286 21.17 39.86 26.29
CA THR H 286 19.76 40.17 26.51
C THR H 286 19.62 41.63 26.94
N PRO H 287 18.62 42.33 26.42
CA PRO H 287 18.39 43.72 26.84
C PRO H 287 17.54 43.78 28.10
N SER H 288 17.40 45.00 28.61
CA SER H 288 16.50 45.27 29.72
C SER H 288 16.12 46.75 29.70
N GLY H 289 14.83 47.03 29.79
CA GLY H 289 14.35 48.39 29.72
C GLY H 289 14.60 49.21 30.97
N SER H 290 15.09 48.58 32.03
CA SER H 290 15.43 49.27 33.29
C SER H 290 14.16 49.88 33.86
N LEU H 291 14.30 51.00 34.57
CA LEU H 291 13.19 51.61 35.29
C LEU H 291 12.29 52.39 34.36
N VAL H 292 10.97 52.23 34.55
CA VAL H 292 9.96 53.07 33.92
C VAL H 292 9.38 53.95 35.02
N SER H 293 9.21 55.24 34.72
CA SER H 293 8.75 56.19 35.72
C SER H 293 7.79 57.18 35.10
N SER H 294 7.01 57.83 35.97
CA SER H 294 6.07 58.85 35.48
C SER H 294 6.80 60.09 35.00
N GLU H 295 7.96 60.40 35.58
CA GLU H 295 8.74 61.55 35.13
C GLU H 295 9.26 61.37 33.72
N ALA H 296 9.40 60.13 33.26
CA ALA H 296 9.88 59.84 31.92
C ALA H 296 8.78 59.77 30.87
N GLN H 297 7.53 60.00 31.25
CA GLN H 297 6.42 59.86 30.32
C GLN H 297 6.42 60.97 29.29
N LEU H 298 6.16 60.61 28.04
CA LEU H 298 5.97 61.57 26.97
C LEU H 298 4.51 61.90 26.72
N PHE H 299 3.59 61.09 27.21
CA PHE H 299 2.18 61.21 26.89
C PHE H 299 1.42 61.88 28.03
N ASN H 300 0.09 61.94 27.88
CA ASN H 300 -0.82 62.57 28.82
C ASN H 300 -0.52 64.05 29.04
N LYS H 301 0.19 64.68 28.10
CA LYS H 301 0.48 66.10 28.14
C LYS H 301 0.41 66.64 26.71
N PRO H 302 -0.12 67.84 26.53
CA PRO H 302 -0.32 68.36 25.18
C PRO H 302 0.98 68.83 24.53
N TYR H 303 0.99 68.76 23.19
CA TYR H 303 2.09 69.27 22.38
C TYR H 303 1.52 70.24 21.36
N TRP H 304 2.11 71.42 21.27
CA TRP H 304 1.68 72.47 20.36
C TRP H 304 2.72 72.60 19.25
N LEU H 305 2.30 72.39 18.00
CA LEU H 305 3.21 72.48 16.86
C LEU H 305 3.46 73.95 16.56
N GLN H 306 4.37 74.54 17.34
CA GLN H 306 4.73 75.94 17.13
C GLN H 306 5.47 76.12 15.80
N LYS H 307 6.52 75.33 15.58
CA LYS H 307 7.30 75.40 14.35
C LYS H 307 7.67 74.00 13.92
N ALA H 308 7.51 73.73 12.62
CA ALA H 308 7.83 72.42 12.07
C ALA H 308 9.27 72.38 11.58
N GLN H 309 9.86 71.18 11.65
CA GLN H 309 11.22 71.00 11.17
C GLN H 309 11.28 71.06 9.65
N GLY H 310 10.29 70.47 8.97
CA GLY H 310 10.21 70.51 7.53
C GLY H 310 9.52 71.75 7.02
N HIS H 311 9.31 71.78 5.70
CA HIS H 311 8.60 72.91 5.10
C HIS H 311 7.10 72.83 5.33
N ASN H 312 6.55 71.63 5.42
CA ASN H 312 5.13 71.45 5.73
C ASN H 312 4.93 71.78 7.20
N ASN H 313 4.38 72.95 7.48
CA ASN H 313 4.22 73.43 8.85
C ASN H 313 2.87 72.98 9.44
N GLY H 314 2.66 71.67 9.41
CA GLY H 314 1.48 71.08 10.00
C GLY H 314 0.24 71.09 9.13
N ILE H 315 0.38 71.18 7.82
CA ILE H 315 -0.75 71.18 6.91
C ILE H 315 -1.14 69.74 6.61
N CYS H 316 -2.39 69.39 6.88
CA CYS H 316 -2.89 68.03 6.68
C CYS H 316 -3.45 67.91 5.27
N TRP H 317 -2.55 67.67 4.32
CA TRP H 317 -2.97 67.49 2.94
C TRP H 317 -3.82 66.23 2.80
N GLY H 318 -4.84 66.31 1.95
CA GLY H 318 -5.77 65.20 1.79
C GLY H 318 -6.73 65.01 2.93
N ASN H 319 -6.79 65.95 3.88
CA ASN H 319 -7.68 65.88 5.03
C ASN H 319 -7.47 64.59 5.82
N GLN H 320 -6.20 64.25 6.04
CA GLN H 320 -5.84 63.06 6.80
C GLN H 320 -4.60 63.37 7.62
N LEU H 321 -4.40 62.60 8.68
CA LEU H 321 -3.28 62.82 9.58
C LEU H 321 -2.79 61.48 10.12
N PHE H 322 -1.51 61.21 9.95
CA PHE H 322 -0.90 59.98 10.43
C PHE H 322 -0.18 60.25 11.74
N VAL H 323 -0.59 59.56 12.81
CA VAL H 323 0.00 59.71 14.13
C VAL H 323 0.57 58.36 14.53
N THR H 324 1.89 58.28 14.65
CA THR H 324 2.57 57.07 15.06
C THR H 324 2.94 57.17 16.54
N VAL H 325 2.73 56.08 17.28
CA VAL H 325 2.97 56.05 18.72
C VAL H 325 3.60 54.72 19.09
N VAL H 326 4.67 54.76 19.87
CA VAL H 326 5.26 53.58 20.49
C VAL H 326 5.37 53.84 21.99
N ASP H 327 4.81 52.95 22.79
CA ASP H 327 4.80 53.13 24.25
C ASP H 327 5.00 51.76 24.90
N THR H 328 6.23 51.51 25.35
CA THR H 328 6.55 50.27 26.04
C THR H 328 6.50 50.39 27.56
N THR H 329 6.14 51.56 28.07
CA THR H 329 6.05 51.78 29.50
C THR H 329 4.77 51.23 30.12
N ARG H 330 3.85 50.72 29.29
CA ARG H 330 2.61 50.09 29.75
C ARG H 330 2.44 48.73 29.09
N SER H 331 3.53 47.95 29.07
CA SER H 331 3.57 46.68 28.38
C SER H 331 3.25 45.48 29.28
N THR H 332 2.75 45.72 30.49
CA THR H 332 2.47 44.63 31.42
C THR H 332 1.49 43.64 30.81
N ASN H 333 1.88 42.37 30.80
CA ASN H 333 1.06 41.29 30.24
C ASN H 333 0.30 40.60 31.37
N MET H 334 -1.02 40.64 31.31
CA MET H 334 -1.84 40.02 32.35
C MET H 334 -1.92 38.52 32.14
N THR H 335 -1.87 37.78 33.25
CA THR H 335 -1.96 36.33 33.23
C THR H 335 -3.35 35.90 33.70
N LEU H 336 -4.04 35.13 32.86
CA LEU H 336 -5.36 34.62 33.19
C LEU H 336 -5.28 33.12 33.47
N CYS H 337 -6.09 32.66 34.40
CA CYS H 337 -6.12 31.25 34.80
C CYS H 337 -7.56 30.78 34.87
N ALA H 338 -7.92 29.85 33.99
CA ALA H 338 -9.26 29.28 33.96
C ALA H 338 -9.21 27.83 34.41
N SER H 339 -10.18 27.46 35.24
CA SER H 339 -10.23 26.12 35.82
C SER H 339 -11.04 25.18 34.93
N VAL H 340 -10.43 24.06 34.55
CA VAL H 340 -11.17 23.03 33.84
C VAL H 340 -11.93 22.16 34.82
N THR H 341 -11.33 21.85 35.96
CA THR H 341 -11.98 21.13 37.03
C THR H 341 -11.40 21.62 38.36
N THR H 342 -11.95 21.11 39.46
CA THR H 342 -11.51 21.46 40.81
C THR H 342 -11.33 20.15 41.58
N SER H 343 -10.13 19.59 41.53
CA SER H 343 -9.84 18.35 42.25
C SER H 343 -9.86 18.60 43.76
N SER H 344 -9.89 17.51 44.52
CA SER H 344 -9.89 17.61 45.97
C SER H 344 -8.64 18.33 46.46
N THR H 345 -7.50 18.05 45.85
CA THR H 345 -6.25 18.72 46.12
C THR H 345 -5.91 19.65 44.95
N TYR H 346 -4.77 20.32 45.06
CA TYR H 346 -4.32 21.21 43.99
C TYR H 346 -3.58 20.40 42.94
N THR H 347 -4.06 20.44 41.71
CA THR H 347 -3.47 19.72 40.59
C THR H 347 -3.34 20.66 39.40
N ASN H 348 -2.13 20.74 38.83
CA ASN H 348 -1.89 21.66 37.72
C ASN H 348 -2.73 21.33 36.50
N SER H 349 -3.11 20.06 36.33
CA SER H 349 -3.90 19.67 35.16
C SER H 349 -5.30 20.29 35.17
N ASP H 350 -5.72 20.90 36.27
CA ASP H 350 -7.05 21.48 36.38
C ASP H 350 -7.13 22.90 35.85
N TYR H 351 -6.02 23.53 35.49
CA TYR H 351 -6.01 24.93 35.14
C TYR H 351 -5.36 25.15 33.78
N LYS H 352 -5.85 26.17 33.08
CA LYS H 352 -5.25 26.63 31.83
C LYS H 352 -4.76 28.06 32.03
N GLU H 353 -3.55 28.33 31.57
CA GLU H 353 -2.96 29.66 31.68
C GLU H 353 -2.99 30.36 30.33
N TYR H 354 -3.33 31.64 30.35
CA TYR H 354 -3.46 32.44 29.14
C TYR H 354 -2.68 33.73 29.29
N MET H 355 -2.26 34.28 28.15
CA MET H 355 -1.57 35.56 28.08
C MET H 355 -2.48 36.58 27.43
N ARG H 356 -2.58 37.75 28.04
CA ARG H 356 -3.41 38.83 27.52
C ARG H 356 -2.71 40.17 27.76
N HIS H 357 -2.78 41.04 26.75
CA HIS H 357 -2.23 42.38 26.85
C HIS H 357 -3.26 43.38 26.33
N VAL H 358 -3.24 44.58 26.90
CA VAL H 358 -4.24 45.59 26.59
C VAL H 358 -3.54 46.93 26.34
N GLU H 359 -4.18 47.76 25.52
CA GLU H 359 -3.69 49.09 25.21
C GLU H 359 -4.86 50.06 25.17
N GLU H 360 -4.75 51.16 25.91
CA GLU H 360 -5.81 52.15 25.99
C GLU H 360 -5.26 53.50 25.50
N TYR H 361 -5.96 54.09 24.54
CA TYR H 361 -5.54 55.34 23.93
C TYR H 361 -6.69 56.33 23.93
N ASP H 362 -6.34 57.62 23.91
CA ASP H 362 -7.33 58.69 23.74
C ASP H 362 -6.63 59.79 22.93
N LEU H 363 -6.91 59.84 21.63
CA LEU H 363 -6.27 60.80 20.74
C LEU H 363 -7.08 62.09 20.74
N GLN H 364 -6.43 63.19 21.09
CA GLN H 364 -7.07 64.50 21.14
C GLN H 364 -6.31 65.45 20.21
N PHE H 365 -7.04 66.12 19.33
CA PHE H 365 -6.45 67.01 18.34
C PHE H 365 -7.16 68.36 18.39
N ILE H 366 -6.43 69.39 17.94
CA ILE H 366 -6.99 70.73 17.75
C ILE H 366 -6.44 71.29 16.45
N PHE H 367 -7.32 71.53 15.49
CA PHE H 367 -6.94 71.94 14.15
C PHE H 367 -7.30 73.40 13.91
N GLN H 368 -6.60 74.01 12.96
CA GLN H 368 -6.82 75.38 12.55
C GLN H 368 -7.20 75.41 11.07
N LEU H 369 -8.32 76.07 10.76
CA LEU H 369 -8.75 76.17 9.37
C LEU H 369 -7.87 77.14 8.60
N CYS H 370 -7.55 76.77 7.36
CA CYS H 370 -6.67 77.57 6.52
C CYS H 370 -7.20 77.60 5.10
N SER H 371 -6.97 78.71 4.41
CA SER H 371 -7.38 78.88 3.03
C SER H 371 -6.14 79.09 2.15
N ILE H 372 -6.27 78.73 0.88
CA ILE H 372 -5.19 78.82 -0.09
C ILE H 372 -5.71 79.54 -1.33
N THR H 373 -5.14 80.70 -1.64
CA THR H 373 -5.47 81.41 -2.87
C THR H 373 -4.76 80.73 -4.03
N LEU H 374 -5.52 80.13 -4.93
CA LEU H 374 -4.96 79.31 -6.01
C LEU H 374 -4.72 80.18 -7.23
N SER H 375 -3.53 80.77 -7.30
CA SER H 375 -3.10 81.45 -8.52
C SER H 375 -2.52 80.44 -9.50
N ALA H 376 -2.12 80.92 -10.68
CA ALA H 376 -1.50 80.03 -11.66
C ALA H 376 -0.21 79.42 -11.11
N GLU H 377 0.57 80.22 -10.38
CA GLU H 377 1.80 79.72 -9.79
C GLU H 377 1.51 78.74 -8.65
N VAL H 378 0.47 79.02 -7.85
CA VAL H 378 0.12 78.13 -6.76
C VAL H 378 -0.38 76.79 -7.30
N VAL H 379 -1.23 76.82 -8.33
CA VAL H 379 -1.72 75.59 -8.92
C VAL H 379 -0.56 74.78 -9.52
N ALA H 380 0.41 75.47 -10.11
CA ALA H 380 1.57 74.79 -10.67
C ALA H 380 2.40 74.12 -9.56
N TYR H 381 2.64 74.84 -8.47
CA TYR H 381 3.42 74.27 -7.37
C TYR H 381 2.69 73.12 -6.70
N ILE H 382 1.36 73.15 -6.68
CA ILE H 382 0.59 72.08 -6.05
C ILE H 382 0.32 70.92 -7.02
N HIS H 383 0.39 71.15 -8.33
CA HIS H 383 0.32 70.02 -9.26
C HIS H 383 1.53 69.11 -9.10
N THR H 384 2.73 69.68 -9.15
CA THR H 384 3.89 69.00 -8.59
C THR H 384 3.67 68.81 -7.08
N MET H 385 4.54 68.02 -6.46
CA MET H 385 4.28 67.50 -5.12
C MET H 385 3.09 66.55 -5.24
N ASN H 386 2.13 66.60 -4.32
CA ASN H 386 0.96 65.74 -4.39
C ASN H 386 -0.05 66.31 -5.39
N PRO H 387 -0.28 65.65 -6.53
CA PRO H 387 -1.26 66.16 -7.49
C PRO H 387 -2.70 65.86 -7.10
N SER H 388 -2.94 64.81 -6.30
CA SER H 388 -4.29 64.48 -5.88
C SER H 388 -4.95 65.57 -5.05
N VAL H 389 -4.14 66.45 -4.42
CA VAL H 389 -4.71 67.56 -3.66
C VAL H 389 -5.55 68.46 -4.55
N LEU H 390 -5.10 68.68 -5.78
CA LEU H 390 -5.88 69.47 -6.72
C LEU H 390 -7.05 68.67 -7.30
N GLU H 391 -6.86 67.36 -7.51
CA GLU H 391 -7.93 66.55 -8.08
C GLU H 391 -9.10 66.42 -7.11
N ASP H 392 -8.81 66.21 -5.82
CA ASP H 392 -9.87 66.12 -4.82
C ASP H 392 -10.57 67.45 -4.59
N TRP H 393 -9.91 68.56 -4.90
CA TRP H 393 -10.53 69.88 -4.81
C TRP H 393 -11.44 70.20 -5.98
N ASN H 394 -11.44 69.37 -7.02
CA ASN H 394 -12.21 69.63 -8.25
C ASN H 394 -11.83 70.98 -8.86
N PHE H 395 -10.53 71.23 -8.96
CA PHE H 395 -10.02 72.50 -9.47
C PHE H 395 -9.03 72.24 -10.60
N PRO H 429 -8.47 53.61 -5.49
CA PRO H 429 -7.46 54.53 -6.02
C PRO H 429 -6.35 54.84 -5.01
N ASP H 430 -6.70 54.82 -3.71
CA ASP H 430 -5.75 55.15 -2.66
C ASP H 430 -4.61 54.13 -2.61
N PRO H 431 -3.35 54.55 -2.81
CA PRO H 431 -2.24 53.59 -2.71
C PRO H 431 -2.01 53.08 -1.29
N TYR H 432 -2.60 53.70 -0.28
CA TYR H 432 -2.43 53.28 1.10
C TYR H 432 -3.47 52.25 1.55
N LYS H 433 -4.30 51.76 0.63
CA LYS H 433 -5.27 50.72 0.96
C LYS H 433 -4.65 49.34 1.02
N ASN H 434 -3.40 49.19 0.57
CA ASN H 434 -2.68 47.92 0.71
C ASN H 434 -1.99 47.79 2.05
N LEU H 435 -1.77 48.90 2.76
CA LEU H 435 -1.14 48.88 4.07
C LEU H 435 -2.21 48.69 5.15
N SER H 436 -1.78 48.75 6.41
CA SER H 436 -2.68 48.52 7.54
C SER H 436 -2.43 49.58 8.61
N PHE H 437 -3.43 50.42 8.86
CA PHE H 437 -3.36 51.44 9.89
C PHE H 437 -4.60 51.34 10.77
N TRP H 438 -4.50 51.91 11.97
CA TRP H 438 -5.64 51.99 12.86
C TRP H 438 -6.50 53.17 12.44
N GLU H 439 -7.63 52.88 11.80
CA GLU H 439 -8.49 53.94 11.27
C GLU H 439 -9.14 54.71 12.41
N VAL H 440 -8.96 56.02 12.41
CA VAL H 440 -9.56 56.91 13.40
C VAL H 440 -10.43 57.90 12.64
N ASN H 441 -11.73 57.64 12.60
CA ASN H 441 -12.68 58.46 11.86
C ASN H 441 -13.08 59.64 12.73
N LEU H 442 -12.54 60.82 12.42
CA LEU H 442 -12.87 62.04 13.14
C LEU H 442 -13.89 62.90 12.41
N LYS H 443 -14.45 62.41 11.31
CA LYS H 443 -15.63 63.05 10.74
C LYS H 443 -16.79 62.91 11.71
N GLU H 444 -17.67 63.90 11.72
CA GLU H 444 -18.76 64.03 12.70
C GLU H 444 -18.24 64.17 14.12
N LYS H 445 -16.93 64.40 14.30
CA LYS H 445 -16.34 64.59 15.61
C LYS H 445 -15.77 65.98 15.84
N PHE H 446 -15.74 66.83 14.81
CA PHE H 446 -15.23 68.19 14.98
C PHE H 446 -16.22 69.03 15.77
N SER H 447 -15.70 69.87 16.65
CA SER H 447 -16.51 70.76 17.48
C SER H 447 -15.84 72.11 17.57
N SER H 448 -16.64 73.17 17.48
CA SER H 448 -16.15 74.54 17.60
C SER H 448 -16.14 75.05 19.03
N GLU H 449 -16.76 74.34 19.96
CA GLU H 449 -16.80 74.74 21.37
C GLU H 449 -15.58 74.15 22.05
N LEU H 450 -14.48 74.91 22.05
CA LEU H 450 -13.21 74.40 22.54
C LEU H 450 -13.22 74.18 24.05
N ASP H 451 -13.86 75.10 24.79
CA ASP H 451 -13.82 75.04 26.25
C ASP H 451 -14.59 73.86 26.84
N GLN H 452 -15.28 73.07 26.01
CA GLN H 452 -16.04 71.92 26.50
C GLN H 452 -15.20 70.65 26.56
N TYR H 453 -13.89 70.74 26.34
CA TYR H 453 -13.04 69.57 26.27
C TYR H 453 -11.72 69.86 26.96
N PRO H 454 -11.04 68.83 27.48
CA PRO H 454 -9.79 69.07 28.20
C PRO H 454 -8.71 69.72 27.35
N LEU H 455 -8.44 69.18 26.15
CA LEU H 455 -7.41 69.76 25.30
C LEU H 455 -7.78 71.15 24.84
N GLY H 456 -9.07 71.39 24.59
CA GLY H 456 -9.51 72.72 24.23
C GLY H 456 -9.30 73.73 25.34
N ARG H 457 -9.62 73.34 26.59
CA ARG H 457 -9.37 74.21 27.73
C ARG H 457 -7.88 74.53 27.86
N LYS H 458 -7.02 73.52 27.70
CA LYS H 458 -5.58 73.77 27.75
C LYS H 458 -5.14 74.67 26.61
N PHE H 459 -5.81 74.60 25.45
CA PHE H 459 -5.43 75.43 24.31
C PHE H 459 -5.79 76.90 24.55
N LEU H 460 -6.96 77.16 25.14
CA LEU H 460 -7.38 78.52 25.39
C LEU H 460 -6.43 79.23 26.36
N LEU H 461 -5.96 78.50 27.37
CA LEU H 461 -5.10 79.07 28.40
C LEU H 461 -3.62 78.99 28.04
N GLN H 462 -3.29 78.69 26.79
CA GLN H 462 -1.91 78.53 26.37
C GLN H 462 -1.77 78.97 24.91
N SER H 463 -0.56 78.84 24.39
CA SER H 463 -0.25 79.20 23.01
C SER H 463 -0.67 80.63 22.67
N LYS I 15 53.35 85.89 19.34
CA LYS I 15 53.86 85.38 18.07
C LYS I 15 52.76 84.69 17.28
N VAL I 16 51.92 83.92 17.98
CA VAL I 16 50.79 83.24 17.37
C VAL I 16 49.54 84.07 17.61
N VAL I 17 48.84 84.42 16.54
CA VAL I 17 47.66 85.26 16.61
C VAL I 17 46.45 84.46 16.13
N ALA I 18 45.28 84.85 16.60
CA ALA I 18 44.05 84.19 16.19
C ALA I 18 43.73 84.52 14.74
N THR I 19 42.96 83.63 14.11
CA THR I 19 42.57 83.83 12.73
C THR I 19 41.67 85.05 12.55
N ASP I 20 41.00 85.50 13.61
CA ASP I 20 40.12 86.65 13.52
C ASP I 20 40.87 87.93 13.18
N ALA I 21 42.19 87.95 13.36
CA ALA I 21 42.97 89.15 13.09
C ALA I 21 43.32 89.32 11.62
N TYR I 22 43.48 88.22 10.88
CA TYR I 22 43.93 88.30 9.49
C TYR I 22 43.01 87.57 8.51
N VAL I 23 41.87 87.07 8.96
CA VAL I 23 40.90 86.40 8.10
C VAL I 23 39.58 87.16 8.21
N THR I 24 39.21 87.87 7.15
CA THR I 24 37.98 88.64 7.14
C THR I 24 36.80 87.75 6.77
N ARG I 25 35.68 87.96 7.47
CA ARG I 25 34.47 87.18 7.27
C ARG I 25 33.57 87.82 6.22
N THR I 26 32.76 86.98 5.57
CA THR I 26 31.79 87.41 4.57
C THR I 26 30.38 87.01 5.03
N ASN I 27 29.40 87.25 4.16
CA ASN I 27 28.01 86.89 4.42
C ASN I 27 27.57 85.68 3.61
N ILE I 28 28.48 85.03 2.90
CA ILE I 28 28.15 83.91 2.03
C ILE I 28 28.26 82.62 2.82
N PHE I 29 27.14 81.90 2.93
CA PHE I 29 27.09 80.62 3.62
C PHE I 29 26.66 79.52 2.65
N TYR I 30 27.19 78.32 2.86
CA TYR I 30 26.90 77.18 2.01
C TYR I 30 26.58 75.96 2.87
N HIS I 31 25.72 75.09 2.36
CA HIS I 31 25.38 73.83 3.00
C HIS I 31 25.96 72.67 2.19
N ALA I 32 26.41 71.63 2.90
CA ALA I 32 26.98 70.45 2.25
C ALA I 32 26.70 69.24 3.13
N SER I 33 26.04 68.23 2.57
CA SER I 33 25.70 67.01 3.29
C SER I 33 26.34 65.81 2.60
N SER I 34 26.85 64.89 3.40
CA SER I 34 27.47 63.68 2.88
C SER I 34 26.46 62.61 2.49
N SER I 35 25.16 62.88 2.66
CA SER I 35 24.11 61.89 2.48
C SER I 35 24.32 60.72 3.42
N ARG I 36 23.63 59.59 3.18
CA ARG I 36 23.73 58.45 4.06
C ARG I 36 25.03 57.69 3.81
N LEU I 37 25.78 57.44 4.87
CA LEU I 37 27.02 56.68 4.82
C LEU I 37 26.83 55.40 5.63
N LEU I 38 27.02 54.25 4.99
CA LEU I 38 26.78 52.96 5.62
C LEU I 38 28.06 52.15 5.66
N ALA I 39 28.30 51.51 6.80
CA ALA I 39 29.43 50.61 6.99
C ALA I 39 28.91 49.32 7.60
N VAL I 40 29.03 48.21 6.87
CA VAL I 40 28.53 46.92 7.30
C VAL I 40 29.69 45.93 7.31
N GLY I 41 29.87 45.24 8.43
CA GLY I 41 30.96 44.29 8.53
C GLY I 41 30.83 43.40 9.74
N HIS I 42 31.98 42.87 10.18
CA HIS I 42 32.07 41.95 11.32
C HIS I 42 32.55 42.71 12.54
N PRO I 43 31.87 42.59 13.69
CA PRO I 43 32.23 43.40 14.86
C PRO I 43 33.50 42.97 15.56
N TYR I 44 34.09 41.83 15.21
CA TYR I 44 35.25 41.30 15.93
C TYR I 44 36.52 41.30 15.12
N PHE I 45 36.47 40.88 13.85
CA PHE I 45 37.69 40.77 13.06
C PHE I 45 37.33 40.84 11.58
N SER I 46 38.31 41.22 10.77
CA SER I 46 38.13 41.24 9.33
C SER I 46 38.11 39.83 8.77
N ILE I 47 37.41 39.67 7.65
CA ILE I 47 37.23 38.37 7.01
C ILE I 47 38.04 38.39 5.72
N LYS I 48 39.10 37.60 5.68
CA LYS I 48 40.01 37.54 4.53
C LYS I 48 39.91 36.16 3.89
N ARG I 49 39.44 36.12 2.64
CA ARG I 49 39.48 34.90 1.85
C ARG I 49 39.83 35.23 0.41
N ALA I 50 40.96 34.70 -0.06
CA ALA I 50 41.88 33.96 0.80
C ALA I 50 43.04 34.86 1.17
N ASN I 51 43.20 35.94 0.40
CA ASN I 51 44.30 36.88 0.57
C ASN I 51 43.83 38.22 1.08
N LYS I 52 42.88 38.86 0.39
CA LYS I 52 42.42 40.20 0.75
C LYS I 52 41.08 40.12 1.47
N THR I 53 40.76 41.21 2.16
CA THR I 53 39.54 41.26 2.97
C THR I 53 38.30 41.23 2.09
N VAL I 54 37.31 40.43 2.51
CA VAL I 54 36.02 40.36 1.84
C VAL I 54 34.94 41.07 2.65
N VAL I 55 34.98 40.96 3.97
CA VAL I 55 34.07 41.65 4.87
C VAL I 55 34.90 42.46 5.87
N PRO I 56 34.73 43.77 5.92
CA PRO I 56 35.57 44.59 6.81
C PRO I 56 35.16 44.44 8.27
N LYS I 57 36.05 44.89 9.15
CA LYS I 57 35.80 44.93 10.58
C LYS I 57 35.08 46.23 10.92
N VAL I 58 33.80 46.14 11.25
CA VAL I 58 32.97 47.29 11.58
C VAL I 58 32.47 47.09 13.00
N SER I 59 32.99 47.89 13.93
CA SER I 59 32.60 47.82 15.33
C SER I 59 32.25 49.21 15.84
N GLY I 60 31.29 49.25 16.76
CA GLY I 60 30.92 50.51 17.37
C GLY I 60 32.00 51.15 18.21
N TYR I 61 33.02 50.37 18.59
CA TYR I 61 34.14 50.86 19.38
C TYR I 61 35.33 51.27 18.52
N GLN I 62 35.08 51.67 17.28
CA GLN I 62 36.11 52.13 16.37
C GLN I 62 36.02 53.64 16.19
N TYR I 63 37.17 54.27 15.92
CA TYR I 63 37.20 55.69 15.59
C TYR I 63 36.72 55.89 14.16
N ARG I 64 35.80 56.84 13.98
CA ARG I 64 35.31 57.23 12.66
C ARG I 64 35.92 58.58 12.34
N VAL I 65 37.03 58.57 11.60
CA VAL I 65 37.76 59.78 11.25
C VAL I 65 37.44 60.11 9.80
N PHE I 66 36.57 61.09 9.60
CA PHE I 66 36.14 61.49 8.26
C PHE I 66 37.04 62.60 7.74
N LYS I 67 37.65 62.37 6.58
CA LYS I 67 38.45 63.39 5.90
C LYS I 67 37.54 64.06 4.87
N VAL I 68 36.98 65.20 5.26
CA VAL I 68 36.03 65.94 4.40
C VAL I 68 36.83 66.83 3.47
N VAL I 69 36.72 66.57 2.16
CA VAL I 69 37.42 67.36 1.15
C VAL I 69 36.48 68.45 0.67
N LEU I 70 36.93 69.71 0.74
CA LEU I 70 36.17 70.88 0.34
C LEU I 70 36.66 71.41 -0.99
N PRO I 71 35.76 71.95 -1.82
CA PRO I 71 36.18 72.56 -3.08
C PRO I 71 36.96 73.84 -2.84
N ASP I 72 37.97 74.07 -3.67
CA ASP I 72 38.81 75.26 -3.55
C ASP I 72 37.98 76.51 -3.86
N PRO I 73 37.79 77.41 -2.89
CA PRO I 73 37.02 78.63 -3.19
C PRO I 73 37.68 79.55 -4.19
N ASN I 74 39.00 79.45 -4.37
CA ASN I 74 39.67 80.24 -5.39
C ASN I 74 39.36 79.75 -6.80
N LYS I 75 38.93 78.50 -6.93
CA LYS I 75 38.48 77.95 -8.21
C LYS I 75 36.99 77.65 -8.20
N PHE I 76 36.25 78.15 -7.22
CA PHE I 76 34.83 77.86 -7.08
C PHE I 76 34.00 78.78 -7.96
N ALA I 77 32.86 78.25 -8.43
CA ALA I 77 31.95 78.99 -9.29
C ALA I 77 31.05 79.90 -8.44
N LEU I 78 31.67 80.95 -7.91
CA LEU I 78 30.95 81.92 -7.09
C LEU I 78 30.01 82.74 -7.97
N PRO I 79 28.95 83.30 -7.39
CA PRO I 79 28.03 84.11 -8.19
C PRO I 79 28.67 85.36 -8.77
N ASP I 80 29.54 86.03 -8.01
CA ASP I 80 30.22 87.23 -8.48
C ASP I 80 31.67 87.21 -8.00
N SER I 81 32.59 87.50 -8.91
CA SER I 81 34.02 87.50 -8.61
C SER I 81 34.51 88.83 -8.08
N SER I 82 33.63 89.82 -7.92
CA SER I 82 34.00 91.13 -7.39
C SER I 82 34.18 91.12 -5.88
N LEU I 83 33.94 89.98 -5.22
CA LEU I 83 34.14 89.91 -3.77
C LEU I 83 35.59 90.15 -3.40
N PHE I 84 36.52 89.63 -4.21
CA PHE I 84 37.94 89.75 -3.91
C PHE I 84 38.71 90.02 -5.20
N ASP I 85 39.96 90.47 -5.02
CA ASP I 85 40.91 90.66 -6.11
C ASP I 85 41.76 89.41 -6.25
N PRO I 86 41.91 88.85 -7.45
CA PRO I 86 42.76 87.66 -7.62
C PRO I 86 44.17 87.82 -7.09
N THR I 87 44.74 89.01 -7.18
CA THR I 87 46.02 89.30 -6.56
C THR I 87 45.82 89.80 -5.14
N THR I 88 46.80 89.53 -4.28
CA THR I 88 46.88 90.01 -2.91
C THR I 88 45.82 89.41 -1.99
N GLN I 89 44.81 88.73 -2.55
CA GLN I 89 43.74 88.16 -1.76
C GLN I 89 43.49 86.72 -2.17
N ARG I 90 43.17 85.88 -1.18
CA ARG I 90 42.82 84.49 -1.40
C ARG I 90 41.61 84.14 -0.54
N LEU I 91 40.92 83.07 -0.92
CA LEU I 91 39.72 82.63 -0.24
C LEU I 91 39.96 81.33 0.51
N VAL I 92 39.16 81.10 1.54
CA VAL I 92 39.26 79.88 2.35
C VAL I 92 37.92 79.68 3.05
N TRP I 93 37.57 78.42 3.26
CA TRP I 93 36.31 78.10 3.93
C TRP I 93 36.48 78.10 5.44
N ALA I 94 35.42 78.49 6.13
CA ALA I 94 35.39 78.49 7.59
C ALA I 94 34.17 77.72 8.06
N CYS I 95 34.38 76.77 8.97
CA CYS I 95 33.30 75.93 9.47
C CYS I 95 32.53 76.64 10.58
N THR I 96 31.23 76.81 10.40
CA THR I 96 30.38 77.45 11.40
C THR I 96 29.26 76.57 11.92
N GLY I 97 28.89 75.51 11.22
CA GLY I 97 27.82 74.64 11.66
C GLY I 97 28.14 73.19 11.33
N LEU I 98 27.69 72.30 12.21
CA LEU I 98 27.95 70.88 12.06
C LEU I 98 26.86 70.08 12.78
N GLU I 99 26.39 69.01 12.13
CA GLU I 99 25.50 68.05 12.76
C GLU I 99 25.85 66.66 12.25
N VAL I 100 26.26 65.80 13.18
CA VAL I 100 26.60 64.41 12.86
C VAL I 100 25.39 63.57 13.21
N GLY I 101 24.65 63.14 12.19
CA GLY I 101 23.44 62.36 12.38
C GLY I 101 23.73 60.87 12.43
N ARG I 102 23.18 60.20 13.44
CA ARG I 102 23.28 58.75 13.58
C ARG I 102 21.92 58.12 13.28
N GLY I 103 21.93 57.04 12.51
CA GLY I 103 20.68 56.45 12.05
C GLY I 103 20.52 54.98 12.36
N GLN I 104 20.82 54.59 13.60
CA GLN I 104 20.64 53.22 14.05
C GLN I 104 19.99 53.22 15.42
N PRO I 105 19.32 52.14 15.80
CA PRO I 105 18.72 52.07 17.13
C PRO I 105 19.78 52.05 18.21
N LEU I 106 19.49 52.70 19.33
CA LEU I 106 20.39 52.66 20.47
C LEU I 106 20.47 51.24 21.03
N GLY I 107 21.65 50.86 21.50
CA GLY I 107 21.83 49.53 22.05
C GLY I 107 23.28 49.31 22.41
N VAL I 108 23.53 48.18 23.06
CA VAL I 108 24.85 47.80 23.54
C VAL I 108 25.24 46.48 22.90
N GLY I 109 26.45 46.43 22.33
CA GLY I 109 26.99 45.20 21.80
C GLY I 109 28.02 44.59 22.73
N VAL I 110 28.24 43.29 22.56
CA VAL I 110 29.14 42.55 23.45
C VAL I 110 30.29 41.98 22.65
N SER I 111 31.45 41.93 23.29
CA SER I 111 32.63 41.27 22.78
C SER I 111 33.05 40.18 23.74
N GLY I 112 33.85 39.24 23.25
CA GLY I 112 34.24 38.13 24.08
C GLY I 112 35.49 37.46 23.56
N HIS I 113 35.82 36.33 24.19
CA HIS I 113 36.99 35.55 23.84
C HIS I 113 36.76 34.11 24.26
N PRO I 114 36.76 33.16 23.32
CA PRO I 114 36.58 31.74 23.70
C PRO I 114 37.69 31.20 24.59
N PHE I 115 38.82 31.91 24.70
CA PHE I 115 39.92 31.51 25.58
C PHE I 115 40.43 32.73 26.32
N LEU I 116 39.56 33.35 27.12
CA LEU I 116 39.96 34.50 27.91
C LEU I 116 40.71 34.06 29.16
N ASN I 117 41.78 34.77 29.48
CA ASN I 117 42.65 34.42 30.60
C ASN I 117 41.96 34.79 31.92
N LYS I 118 40.93 34.02 32.25
CA LYS I 118 40.21 34.15 33.51
C LYS I 118 40.44 32.90 34.35
N TYR I 119 40.83 33.09 35.61
CA TYR I 119 41.08 31.95 36.48
C TYR I 119 39.89 31.71 37.41
N ASP I 120 39.82 32.48 38.50
CA ASP I 120 38.75 32.36 39.47
C ASP I 120 37.98 33.67 39.56
N ASP I 121 36.68 33.56 39.77
CA ASP I 121 35.84 34.73 40.04
C ASP I 121 36.23 35.26 41.42
N VAL I 122 37.06 36.31 41.43
CA VAL I 122 37.63 36.81 42.68
C VAL I 122 36.72 37.81 43.38
N GLU I 123 35.57 38.15 42.78
CA GLU I 123 34.67 39.11 43.39
C GLU I 123 34.10 38.59 44.70
N ASN I 124 33.72 37.32 44.73
CA ASN I 124 33.10 36.75 45.92
C ASN I 124 34.12 35.97 46.76
N SER I 125 34.55 34.83 46.26
CA SER I 125 35.52 33.98 46.97
C SER I 125 36.04 32.94 45.99
N GLY I 126 36.73 31.93 46.51
CA GLY I 126 37.28 30.87 45.69
C GLY I 126 38.49 31.29 44.88
N SER I 127 39.26 30.32 44.38
CA SER I 127 39.00 28.91 44.62
C SER I 127 40.30 28.19 44.97
N GLY I 128 40.19 27.13 45.77
CA GLY I 128 41.30 26.38 46.33
C GLY I 128 42.59 26.33 45.55
N GLY I 129 42.80 25.26 44.80
CA GLY I 129 44.04 25.09 44.09
C GLY I 129 43.92 24.32 42.78
N ASN I 130 43.58 25.02 41.70
CA ASN I 130 43.57 24.37 40.40
C ASN I 130 44.44 25.06 39.35
N PRO I 131 45.67 25.51 39.67
CA PRO I 131 46.51 26.08 38.62
C PRO I 131 47.08 24.95 37.76
N GLY I 132 46.87 25.05 36.45
CA GLY I 132 47.27 23.99 35.56
C GLY I 132 47.77 24.49 34.23
N GLN I 133 47.77 23.62 33.23
CA GLN I 133 48.24 23.97 31.90
C GLN I 133 47.44 25.12 31.29
N ASP I 134 46.17 24.92 31.01
CA ASP I 134 45.35 25.95 30.36
C ASP I 134 44.07 26.12 31.17
N ASN I 135 43.88 27.30 31.73
CA ASN I 135 42.69 27.63 32.50
C ASN I 135 41.84 28.70 31.82
N ARG I 136 42.08 28.94 30.54
CA ARG I 136 41.30 29.95 29.81
C ARG I 136 39.85 29.51 29.69
N VAL I 137 38.95 30.48 29.82
CA VAL I 137 37.51 30.22 29.81
C VAL I 137 36.88 31.08 28.73
N ASN I 138 35.77 30.61 28.19
CA ASN I 138 34.98 31.38 27.23
C ASN I 138 34.14 32.41 28.01
N VAL I 139 34.48 33.68 27.86
CA VAL I 139 33.86 34.76 28.62
C VAL I 139 33.48 35.88 27.66
N GLY I 140 32.29 36.45 27.86
CA GLY I 140 31.85 37.60 27.10
C GLY I 140 31.52 38.78 27.99
N MET I 141 31.48 39.99 27.44
CA MET I 141 31.27 41.19 28.24
C MET I 141 30.90 42.34 27.32
N ASP I 142 30.36 43.40 27.92
CA ASP I 142 30.10 44.65 27.23
C ASP I 142 31.12 45.70 27.65
N TYR I 143 31.45 46.59 26.73
CA TYR I 143 32.51 47.55 26.95
C TYR I 143 31.98 48.85 27.58
N LYS I 144 32.91 49.74 27.91
CA LYS I 144 32.56 51.03 28.47
C LYS I 144 31.92 51.92 27.41
N GLN I 145 30.89 52.65 27.81
CA GLN I 145 30.19 53.55 26.91
C GLN I 145 31.02 54.82 26.71
N THR I 146 31.23 55.21 25.45
CA THR I 146 32.05 56.36 25.12
C THR I 146 31.44 57.07 23.91
N GLN I 147 31.16 58.37 24.08
CA GLN I 147 30.73 59.24 22.98
C GLN I 147 31.69 60.41 22.87
N LEU I 148 32.09 60.74 21.65
CA LEU I 148 32.94 61.90 21.44
C LEU I 148 32.90 62.30 19.98
N CYS I 149 33.14 63.59 19.72
CA CYS I 149 33.26 64.11 18.37
C CYS I 149 34.16 65.33 18.38
N MET I 150 35.05 65.40 17.38
CA MET I 150 35.98 66.51 17.24
C MET I 150 35.97 67.01 15.80
N VAL I 151 36.43 68.24 15.63
CA VAL I 151 36.56 68.87 14.32
C VAL I 151 37.86 69.65 14.27
N GLY I 152 38.57 69.54 13.15
CA GLY I 152 39.75 70.35 12.92
C GLY I 152 40.16 70.26 11.47
N CYS I 153 41.12 71.10 11.11
CA CYS I 153 41.71 71.06 9.77
C CYS I 153 42.94 70.17 9.71
N ALA I 154 43.27 69.49 10.80
CA ALA I 154 44.36 68.54 10.88
C ALA I 154 43.87 67.31 11.62
N PRO I 155 44.43 66.13 11.32
CA PRO I 155 43.92 64.91 11.95
C PRO I 155 44.19 64.91 13.45
N PRO I 156 43.37 64.23 14.23
CA PRO I 156 43.53 64.27 15.68
C PRO I 156 44.71 63.44 16.16
N LEU I 157 45.12 63.72 17.40
CA LEU I 157 46.23 63.03 18.04
C LEU I 157 45.67 62.09 19.11
N GLY I 158 46.12 60.85 19.08
CA GLY I 158 45.77 59.88 20.11
C GLY I 158 47.01 59.43 20.86
N GLU I 159 46.81 59.05 22.12
CA GLU I 159 47.88 58.56 22.96
C GLU I 159 47.57 57.15 23.43
N HIS I 160 48.61 56.33 23.54
CA HIS I 160 48.45 54.96 24.01
C HIS I 160 49.78 54.48 24.55
N TRP I 161 49.72 53.49 25.43
CA TRP I 161 50.92 52.91 26.03
C TRP I 161 51.35 51.70 25.22
N GLY I 162 52.61 51.72 24.76
CA GLY I 162 53.14 50.64 23.97
C GLY I 162 54.47 50.15 24.53
N LYS I 163 54.96 49.06 23.96
CA LYS I 163 56.25 48.51 24.34
C LYS I 163 57.34 49.55 24.07
N GLY I 164 57.88 50.13 25.13
CA GLY I 164 58.79 51.24 24.98
C GLY I 164 60.15 50.83 24.48
N LYS I 165 60.90 51.83 24.00
CA LYS I 165 62.26 51.61 23.55
C LYS I 165 63.10 51.06 24.70
N GLN I 166 63.88 50.03 24.41
CA GLN I 166 64.67 49.36 25.43
C GLN I 166 66.08 49.96 25.49
N CYS I 167 66.52 50.31 26.70
CA CYS I 167 65.73 50.16 27.92
C CYS I 167 66.14 51.22 28.94
N THR I 168 65.20 51.60 29.81
CA THR I 168 65.54 52.35 31.00
C THR I 168 66.16 51.40 32.01
N ASN I 169 67.36 51.73 32.50
CA ASN I 169 68.22 50.84 33.25
C ASN I 169 68.71 49.70 32.35
N THR I 170 69.52 48.80 32.89
CA THR I 170 70.19 47.78 32.09
C THR I 170 70.19 46.44 32.82
N PRO I 171 70.52 45.32 32.16
CA PRO I 171 70.70 45.11 30.73
C PRO I 171 70.03 43.87 30.12
N VAL I 172 69.36 43.05 30.92
CA VAL I 172 69.17 41.66 30.58
C VAL I 172 67.68 41.32 30.42
N GLN I 173 67.45 40.27 29.65
CA GLN I 173 66.18 39.59 29.43
C GLN I 173 66.12 38.38 30.37
N ALA I 174 65.10 37.51 30.31
CA ALA I 174 63.95 37.50 29.39
C ALA I 174 62.64 37.26 30.12
N GLY I 175 61.53 37.52 29.43
CA GLY I 175 60.22 37.40 30.02
C GLY I 175 59.87 38.45 31.05
N ASP I 176 60.77 39.40 31.29
CA ASP I 176 60.51 40.45 32.27
C ASP I 176 59.46 41.42 31.73
N CYS I 177 59.01 42.32 32.60
CA CYS I 177 58.02 43.31 32.20
C CYS I 177 58.59 44.21 31.11
N PRO I 178 57.86 44.43 30.02
CA PRO I 178 58.38 45.28 28.96
C PRO I 178 58.33 46.74 29.36
N PRO I 179 59.28 47.55 28.89
CA PRO I 179 59.25 48.98 29.23
C PRO I 179 58.04 49.65 28.59
N LEU I 180 57.40 50.53 29.36
CA LEU I 180 56.22 51.25 28.92
C LEU I 180 56.61 52.63 28.42
N GLU I 181 55.99 53.06 27.32
CA GLU I 181 56.21 54.38 26.76
C GLU I 181 54.90 54.94 26.26
N LEU I 182 54.60 56.19 26.62
CA LEU I 182 53.39 56.86 26.15
C LEU I 182 53.64 57.36 24.73
N ILE I 183 53.01 56.71 23.76
CA ILE I 183 53.21 57.02 22.35
C ILE I 183 52.05 57.85 21.85
N THR I 184 52.36 59.04 21.31
CA THR I 184 51.37 59.88 20.66
C THR I 184 51.41 59.62 19.16
N SER I 185 50.24 59.43 18.56
CA SER I 185 50.15 59.09 17.15
C SER I 185 48.88 59.71 16.57
N VAL I 186 48.70 59.53 15.26
CA VAL I 186 47.53 60.05 14.57
C VAL I 186 46.42 59.00 14.60
N ILE I 187 45.22 59.42 14.99
CA ILE I 187 44.08 58.52 15.07
C ILE I 187 43.56 58.29 13.66
N GLN I 188 43.64 57.05 13.18
CA GLN I 188 43.15 56.68 11.87
C GLN I 188 41.73 56.14 11.96
N ASP I 189 41.02 56.19 10.83
CA ASP I 189 39.69 55.62 10.75
C ASP I 189 39.79 54.10 10.90
N GLY I 190 39.14 53.56 11.92
CA GLY I 190 39.19 52.15 12.22
C GLY I 190 39.96 51.80 13.47
N ASP I 191 40.70 52.74 14.04
CA ASP I 191 41.40 52.49 15.30
C ASP I 191 40.40 52.25 16.42
N MET I 192 40.81 51.42 17.38
CA MET I 192 39.94 51.06 18.49
C MET I 192 40.00 52.11 19.59
N VAL I 193 38.84 52.46 20.13
CA VAL I 193 38.78 53.32 21.29
C VAL I 193 39.07 52.50 22.53
N ASP I 194 39.38 53.18 23.63
CA ASP I 194 39.59 52.47 24.89
C ASP I 194 38.32 51.73 25.27
N THR I 195 38.49 50.61 25.98
CA THR I 195 37.33 49.79 26.31
C THR I 195 37.19 49.79 27.82
N GLY I 196 37.40 48.64 28.45
CA GLY I 196 37.57 48.64 29.88
C GLY I 196 38.88 48.08 30.36
N PHE I 197 39.98 48.44 29.70
CA PHE I 197 41.29 47.87 30.03
C PHE I 197 42.42 48.83 29.69
N GLY I 198 42.10 50.10 29.46
CA GLY I 198 43.09 51.12 29.20
C GLY I 198 43.38 51.27 27.71
N ALA I 199 44.16 52.29 27.42
CA ALA I 199 44.61 52.58 26.06
C ALA I 199 46.05 52.07 25.94
N MET I 200 46.19 50.89 25.36
CA MET I 200 47.51 50.27 25.25
C MET I 200 47.56 49.42 23.99
N ASN I 201 48.77 49.04 23.61
CA ASN I 201 49.01 48.20 22.44
C ASN I 201 49.04 46.75 22.90
N PHE I 202 47.86 46.11 22.85
CA PHE I 202 47.74 44.74 23.33
C PHE I 202 48.53 43.74 22.50
N ALA I 203 48.86 44.09 21.25
CA ALA I 203 49.64 43.18 20.41
C ALA I 203 51.05 43.00 20.93
N ASP I 204 51.63 44.03 21.56
CA ASP I 204 53.00 43.98 22.06
C ASP I 204 53.09 43.73 23.56
N LEU I 205 52.18 44.31 24.34
CA LEU I 205 52.24 44.21 25.79
C LEU I 205 51.60 42.95 26.35
N GLN I 206 50.72 42.31 25.58
CA GLN I 206 50.08 41.06 26.01
C GLN I 206 50.36 40.01 24.93
N THR I 207 51.39 39.20 25.15
CA THR I 207 51.87 38.26 24.15
C THR I 207 51.08 36.96 24.10
N ASN I 208 50.21 36.70 25.06
CA ASN I 208 49.47 35.44 25.10
C ASN I 208 48.20 35.46 24.26
N LYS I 209 47.86 36.61 23.68
CA LYS I 209 46.69 36.75 22.79
C LYS I 209 45.41 36.28 23.48
N SER I 210 45.34 36.41 24.81
CA SER I 210 44.19 35.86 25.53
C SER I 210 43.81 36.66 26.78
N ASP I 211 44.36 37.85 27.00
CA ASP I 211 44.01 38.63 28.18
C ASP I 211 42.81 39.55 27.96
N VAL I 212 42.54 39.93 26.71
CA VAL I 212 41.40 40.80 26.40
C VAL I 212 40.63 40.15 25.26
N PRO I 213 39.36 40.54 25.06
CA PRO I 213 38.57 39.93 23.99
C PRO I 213 39.23 40.06 22.63
N ILE I 214 38.77 39.23 21.70
CA ILE I 214 39.46 39.03 20.42
C ILE I 214 39.47 40.27 19.55
N ASP I 215 38.54 41.19 19.74
CA ASP I 215 38.45 42.36 18.88
C ASP I 215 39.44 43.46 19.24
N ILE I 216 40.25 43.27 20.30
CA ILE I 216 41.22 44.28 20.71
C ILE I 216 42.54 43.61 21.05
N CYS I 217 42.56 42.28 21.12
CA CYS I 217 43.76 41.56 21.55
C CYS I 217 44.87 41.58 20.51
N GLY I 218 44.56 41.95 19.26
CA GLY I 218 45.58 41.99 18.23
C GLY I 218 45.76 43.37 17.61
N THR I 219 45.16 44.38 18.23
CA THR I 219 45.24 45.75 17.72
C THR I 219 45.71 46.66 18.84
N THR I 220 45.42 47.96 18.72
CA THR I 220 45.84 48.96 19.67
C THR I 220 44.66 49.88 19.99
N CYS I 221 44.43 50.11 21.28
CA CYS I 221 43.42 51.06 21.74
C CYS I 221 44.07 52.42 21.96
N LYS I 222 43.58 53.43 21.25
CA LYS I 222 44.11 54.79 21.35
C LYS I 222 43.11 55.69 22.04
N TYR I 223 43.61 56.56 22.91
CA TYR I 223 42.79 57.57 23.56
C TYR I 223 43.24 58.96 23.14
N PRO I 224 42.30 59.88 22.92
CA PRO I 224 42.69 61.21 22.45
C PRO I 224 43.55 61.96 23.46
N ASP I 225 44.63 62.57 22.96
CA ASP I 225 45.52 63.38 23.80
C ASP I 225 44.98 64.81 23.81
N TYR I 226 43.98 65.03 24.66
CA TYR I 226 43.35 66.35 24.76
C TYR I 226 44.36 67.40 25.21
N LEU I 227 45.25 67.03 26.11
CA LEU I 227 46.20 68.00 26.66
C LEU I 227 47.14 68.52 25.58
N GLN I 228 47.68 67.63 24.76
CA GLN I 228 48.62 68.06 23.73
C GLN I 228 47.91 68.83 22.63
N MET I 229 46.76 68.34 22.16
CA MET I 229 46.04 69.03 21.09
C MET I 229 45.54 70.39 21.52
N ALA I 230 45.25 70.58 22.81
CA ALA I 230 44.84 71.90 23.28
C ALA I 230 46.01 72.84 23.49
N ALA I 231 47.19 72.31 23.80
CA ALA I 231 48.36 73.13 24.10
C ALA I 231 49.21 73.48 22.89
N ASP I 232 48.89 72.94 21.71
CA ASP I 232 49.65 73.30 20.52
C ASP I 232 49.38 74.76 20.14
N PRO I 233 50.37 75.45 19.58
CA PRO I 233 50.21 76.89 19.30
C PRO I 233 49.02 77.25 18.42
N TYR I 234 49.00 76.74 17.19
CA TYR I 234 47.97 77.15 16.24
C TYR I 234 46.61 76.54 16.56
N GLY I 235 46.60 75.36 17.19
CA GLY I 235 45.34 74.71 17.50
C GLY I 235 44.56 74.26 16.28
N ASP I 236 45.24 73.70 15.28
CA ASP I 236 44.59 73.23 14.06
C ASP I 236 43.86 71.91 14.24
N ARG I 237 44.10 71.20 15.34
CA ARG I 237 43.53 69.88 15.54
C ARG I 237 42.26 69.89 16.39
N LEU I 238 42.04 70.93 17.19
CA LEU I 238 40.86 71.03 18.06
C LEU I 238 40.14 72.35 17.80
N PHE I 239 39.24 72.36 16.81
CA PHE I 239 38.27 73.44 16.73
C PHE I 239 37.34 73.38 17.93
N PHE I 240 36.85 72.19 18.26
CA PHE I 240 36.08 71.94 19.47
C PHE I 240 36.04 70.44 19.70
N PHE I 241 35.56 70.05 20.87
CA PHE I 241 35.36 68.64 21.17
C PHE I 241 34.21 68.49 22.16
N LEU I 242 33.53 67.36 22.08
CA LEU I 242 32.50 66.98 23.03
C LEU I 242 32.74 65.53 23.41
N ARG I 243 32.47 65.19 24.68
CA ARG I 243 32.77 63.85 25.14
C ARG I 243 31.83 63.44 26.26
N LYS I 244 31.62 62.13 26.36
CA LYS I 244 30.90 61.53 27.49
C LYS I 244 31.40 60.10 27.63
N GLU I 245 32.10 59.81 28.72
CA GLU I 245 32.62 58.49 29.00
C GLU I 245 31.99 57.97 30.28
N GLN I 246 31.64 56.69 30.31
CA GLN I 246 31.08 56.16 31.55
C GLN I 246 31.28 54.66 31.59
N MET I 247 31.54 54.14 32.78
CA MET I 247 31.73 52.69 32.99
C MET I 247 31.72 52.42 34.49
N PHE I 248 31.49 51.15 34.83
CA PHE I 248 31.61 50.68 36.20
C PHE I 248 32.20 49.28 36.19
N ALA I 249 32.59 48.81 37.38
CA ALA I 249 33.22 47.49 37.50
C ALA I 249 32.15 46.41 37.58
N ARG I 250 32.04 45.59 36.53
CA ARG I 250 31.04 44.52 36.50
C ARG I 250 31.47 43.35 37.39
N HIS I 251 32.56 42.67 37.00
CA HIS I 251 33.02 41.50 37.72
C HIS I 251 34.53 41.60 37.93
N PHE I 252 35.03 40.81 38.88
CA PHE I 252 36.44 40.76 39.21
C PHE I 252 36.97 39.34 39.05
N PHE I 253 38.22 39.23 38.62
CA PHE I 253 38.88 37.93 38.51
C PHE I 253 40.40 38.16 38.45
N ASN I 254 41.14 37.06 38.52
CA ASN I 254 42.59 37.08 38.49
C ASN I 254 43.10 36.33 37.27
N ARG I 255 44.34 36.65 36.90
CA ARG I 255 44.98 36.06 35.72
C ARG I 255 45.66 34.75 36.07
N ALA I 256 45.66 33.84 35.10
CA ALA I 256 46.43 32.61 35.20
C ALA I 256 47.84 32.84 34.69
N GLY I 257 48.78 32.05 35.19
CA GLY I 257 50.18 32.17 34.83
C GLY I 257 51.02 32.65 36.00
N GLU I 258 52.32 32.74 35.74
CA GLU I 258 53.27 33.10 36.78
C GLU I 258 53.18 34.59 37.08
N VAL I 259 53.24 34.93 38.38
CA VAL I 259 53.27 36.32 38.81
C VAL I 259 54.70 36.82 38.60
N GLY I 260 54.87 37.77 37.67
CA GLY I 260 56.20 38.28 37.38
C GLY I 260 56.82 39.02 38.54
N GLU I 261 56.00 39.76 39.29
CA GLU I 261 56.46 40.51 40.46
C GLU I 261 55.59 40.07 41.62
N PRO I 262 56.08 39.21 42.50
CA PRO I 262 55.24 38.69 43.58
C PRO I 262 55.08 39.74 44.67
N VAL I 263 54.09 39.50 45.52
CA VAL I 263 53.80 40.44 46.61
C VAL I 263 55.03 40.55 47.50
N PRO I 264 55.42 41.74 47.95
CA PRO I 264 56.57 41.82 48.84
C PRO I 264 56.31 41.00 50.09
N ASP I 265 57.39 40.58 50.75
CA ASP I 265 57.25 39.77 51.95
C ASP I 265 56.44 40.50 53.00
N THR I 266 57.01 41.58 53.53
CA THR I 266 56.44 42.41 54.57
C THR I 266 54.92 42.59 54.54
N LEU I 267 54.27 42.30 53.40
CA LEU I 267 52.85 42.59 53.22
C LEU I 267 51.95 41.36 53.36
N ILE I 268 52.51 40.16 53.51
CA ILE I 268 51.71 38.95 53.64
C ILE I 268 52.34 38.02 54.67
N ILE I 269 51.53 37.50 55.58
CA ILE I 269 51.97 36.48 56.54
C ILE I 269 51.75 35.13 55.88
N LYS I 270 52.86 34.46 55.55
CA LYS I 270 52.84 33.21 54.81
C LYS I 270 52.27 32.08 55.66
N GLY I 271 51.43 31.26 55.05
CA GLY I 271 51.02 30.01 55.66
C GLY I 271 51.40 28.86 54.74
N SER I 272 50.84 27.67 54.94
CA SER I 272 49.95 27.34 56.04
C SER I 272 49.86 25.83 56.16
N GLY I 273 50.87 25.12 55.67
CA GLY I 273 50.67 23.73 55.33
C GLY I 273 49.94 23.66 54.01
N ASN I 274 48.67 24.05 54.01
CA ASN I 274 47.95 24.31 52.76
C ASN I 274 48.26 25.75 52.34
N ARG I 275 47.42 26.32 51.45
CA ARG I 275 47.70 27.64 50.90
C ARG I 275 49.14 27.64 50.39
N THR I 276 50.08 27.93 51.28
CA THR I 276 51.52 27.88 51.02
C THR I 276 51.99 28.54 49.73
N SER I 277 51.24 28.39 48.67
CA SER I 277 51.48 29.08 47.41
C SER I 277 50.61 30.32 47.37
N VAL I 278 51.22 31.49 47.16
CA VAL I 278 50.44 32.72 47.11
C VAL I 278 49.59 32.71 45.85
N GLY I 279 48.30 32.93 46.01
CA GLY I 279 47.39 32.95 44.87
C GLY I 279 47.77 34.01 43.87
N SER I 280 47.19 33.87 42.68
CA SER I 280 47.46 34.84 41.62
C SER I 280 46.96 36.21 42.03
N SER I 281 47.89 37.17 42.12
CA SER I 281 47.58 38.52 42.56
C SER I 281 47.56 39.52 41.41
N ILE I 282 47.17 39.06 40.22
CA ILE I 282 47.04 39.95 39.07
C ILE I 282 45.56 40.15 38.79
N TYR I 283 44.99 41.22 39.34
CA TYR I 283 43.56 41.46 39.27
C TYR I 283 43.23 42.45 38.17
N VAL I 284 42.17 42.15 37.42
CA VAL I 284 41.61 43.05 36.42
C VAL I 284 40.10 42.83 36.39
N ASN I 285 39.35 43.92 36.16
CA ASN I 285 37.90 43.90 36.24
C ASN I 285 37.28 44.10 34.86
N THR I 286 36.17 43.42 34.63
CA THR I 286 35.41 43.62 33.40
C THR I 286 34.64 44.94 33.47
N PRO I 287 34.62 45.72 32.39
CA PRO I 287 33.86 46.96 32.37
C PRO I 287 32.40 46.72 32.03
N SER I 288 31.62 47.78 32.13
CA SER I 288 30.23 47.75 31.70
C SER I 288 29.78 49.17 31.41
N GLY I 289 29.18 49.37 30.23
CA GLY I 289 28.76 50.69 29.83
C GLY I 289 27.53 51.22 30.53
N SER I 290 26.88 50.39 31.33
CA SER I 290 25.69 50.76 32.10
C SER I 290 24.59 51.17 31.12
N LEU I 291 23.72 52.10 31.54
CA LEU I 291 22.55 52.45 30.76
C LEU I 291 22.89 53.40 29.63
N VAL I 292 22.32 53.15 28.45
CA VAL I 292 22.37 54.07 27.32
C VAL I 292 20.98 54.68 27.17
N SER I 293 20.92 55.99 26.97
CA SER I 293 19.64 56.69 26.91
C SER I 293 19.70 57.78 25.85
N SER I 294 18.52 58.21 25.41
CA SER I 294 18.45 59.29 24.42
C SER I 294 18.87 60.62 25.02
N GLU I 295 18.63 60.82 26.33
CA GLU I 295 19.04 62.06 26.97
C GLU I 295 20.55 62.23 27.00
N ALA I 296 21.30 61.13 26.92
CA ALA I 296 22.76 61.17 26.93
C ALA I 296 23.35 61.29 25.53
N GLN I 297 22.52 61.39 24.50
CA GLN I 297 23.02 61.43 23.14
C GLN I 297 23.70 62.76 22.85
N LEU I 298 24.85 62.70 22.17
CA LEU I 298 25.54 63.89 21.70
C LEU I 298 25.21 64.24 20.26
N PHE I 299 24.65 63.31 19.50
CA PHE I 299 24.45 63.47 18.08
C PHE I 299 22.99 63.81 17.78
N ASN I 300 22.67 63.87 16.48
CA ASN I 300 21.35 64.24 15.98
C ASN I 300 20.92 65.64 16.43
N LYS I 301 21.88 66.47 16.82
CA LYS I 301 21.62 67.85 17.21
C LYS I 301 22.77 68.71 16.68
N PRO I 302 22.48 69.92 16.21
CA PRO I 302 23.52 70.75 15.60
C PRO I 302 24.44 71.37 16.64
N TYR I 303 25.67 71.62 16.20
CA TYR I 303 26.66 72.34 17.00
C TYR I 303 27.17 73.53 16.20
N TRP I 304 27.14 74.71 16.81
CA TRP I 304 27.58 75.94 16.18
C TRP I 304 28.88 76.38 16.84
N LEU I 305 29.94 76.49 16.04
CA LEU I 305 31.26 76.88 16.54
C LEU I 305 31.26 78.39 16.77
N GLN I 306 30.72 78.79 17.92
CA GLN I 306 30.70 80.20 18.27
C GLN I 306 32.10 80.72 18.53
N LYS I 307 32.85 80.04 19.40
CA LYS I 307 34.22 80.43 19.71
C LYS I 307 35.07 79.17 19.84
N ALA I 308 36.25 79.20 19.25
CA ALA I 308 37.17 78.08 19.31
C ALA I 308 38.11 78.22 20.51
N GLN I 309 38.52 77.07 21.05
CA GLN I 309 39.45 77.09 22.18
C GLN I 309 40.84 77.51 21.74
N GLY I 310 41.28 77.06 20.56
CA GLY I 310 42.56 77.43 20.03
C GLY I 310 42.51 78.75 19.27
N HIS I 311 43.64 79.08 18.63
CA HIS I 311 43.70 80.30 17.83
C HIS I 311 43.03 80.12 16.47
N ASN I 312 43.06 78.91 15.92
CA ASN I 312 42.35 78.61 14.67
C ASN I 312 40.87 78.56 14.96
N ASN I 313 40.14 79.62 14.60
CA ASN I 313 38.72 79.73 14.90
C ASN I 313 37.88 79.13 13.79
N GLY I 314 38.15 77.86 13.49
CA GLY I 314 37.35 77.12 12.53
C GLY I 314 37.71 77.33 11.08
N ILE I 315 38.93 77.76 10.79
CA ILE I 315 39.37 77.97 9.41
C ILE I 315 39.88 76.64 8.87
N CYS I 316 39.29 76.21 7.74
CA CYS I 316 39.63 74.92 7.14
C CYS I 316 40.78 75.13 6.16
N TRP I 317 42.00 75.16 6.71
CA TRP I 317 43.18 75.30 5.88
C TRP I 317 43.34 74.10 4.96
N GLY I 318 43.79 74.35 3.73
CA GLY I 318 43.92 73.30 2.74
C GLY I 318 42.61 72.80 2.17
N ASN I 319 41.50 73.48 2.45
CA ASN I 319 40.18 73.09 1.96
C ASN I 319 39.84 71.66 2.36
N GLN I 320 40.12 71.32 3.62
CA GLN I 320 39.82 70.00 4.15
C GLN I 320 39.39 70.14 5.60
N LEU I 321 38.66 69.13 6.09
CA LEU I 321 38.13 69.16 7.45
C LEU I 321 38.11 67.74 7.99
N PHE I 322 38.73 67.55 9.16
CA PHE I 322 38.77 66.25 9.82
C PHE I 322 37.73 66.21 10.94
N VAL I 323 36.79 65.28 10.83
CA VAL I 323 35.75 65.09 11.83
C VAL I 323 35.90 63.69 12.40
N THR I 324 36.24 63.61 13.68
CA THR I 324 36.39 62.35 14.38
C THR I 324 35.14 62.08 15.22
N VAL I 325 34.66 60.84 15.20
CA VAL I 325 33.44 60.47 15.90
C VAL I 325 33.63 59.10 16.55
N VAL I 326 33.25 59.00 17.82
CA VAL I 326 33.16 57.72 18.53
C VAL I 326 31.79 57.62 19.15
N ASP I 327 31.06 56.54 18.84
CA ASP I 327 29.69 56.35 19.32
C ASP I 327 29.50 54.88 19.64
N THR I 328 29.54 54.55 20.94
CA THR I 328 29.31 53.19 21.40
C THR I 328 27.88 52.94 21.82
N THR I 329 27.00 53.95 21.71
CA THR I 329 25.61 53.80 22.10
C THR I 329 24.76 53.07 21.07
N ARG I 330 25.32 52.73 19.91
CA ARG I 330 24.63 51.97 18.87
C ARG I 330 25.49 50.80 18.42
N SER I 331 26.02 50.07 19.39
CA SER I 331 26.95 48.97 19.13
C SER I 331 26.28 47.61 19.02
N THR I 332 24.95 47.58 18.91
CA THR I 332 24.23 46.31 18.86
C THR I 332 24.73 45.44 17.71
N ASN I 333 25.12 44.21 18.04
CA ASN I 333 25.63 43.25 17.07
C ASN I 333 24.50 42.31 16.67
N MET I 334 24.14 42.31 15.39
CA MET I 334 23.07 41.45 14.90
C MET I 334 23.56 40.02 14.74
N THR I 335 22.71 39.06 15.10
CA THR I 335 23.02 37.66 15.00
C THR I 335 22.27 37.08 13.80
N LEU I 336 23.01 36.49 12.86
CA LEU I 336 22.43 35.87 11.69
C LEU I 336 22.55 34.36 11.78
N CYS I 337 21.53 33.66 11.30
CA CYS I 337 21.48 32.20 11.34
C CYS I 337 21.03 31.68 9.98
N ALA I 338 21.92 30.99 9.28
CA ALA I 338 21.64 30.40 7.99
C ALA I 338 21.57 28.89 8.11
N SER I 339 20.60 28.29 7.43
CA SER I 339 20.39 26.84 7.51
C SER I 339 21.20 26.14 6.42
N VAL I 340 22.02 25.18 6.83
CA VAL I 340 22.72 24.34 5.86
C VAL I 340 21.82 23.20 5.41
N THR I 341 21.06 22.62 6.35
CA THR I 341 20.08 21.59 6.03
C THR I 341 18.91 21.74 7.00
N THR I 342 17.88 20.92 6.79
CA THR I 342 16.68 20.92 7.63
C THR I 342 16.35 19.48 7.98
N SER I 343 16.92 18.99 9.09
CA SER I 343 16.65 17.64 9.54
C SER I 343 15.21 17.52 10.04
N SER I 344 14.77 16.28 10.22
CA SER I 344 13.41 16.04 10.71
C SER I 344 13.21 16.64 12.10
N THR I 345 14.22 16.55 12.96
CA THR I 345 14.22 17.17 14.28
C THR I 345 15.17 18.36 14.28
N TYR I 346 15.29 19.01 15.43
CA TYR I 346 16.18 20.16 15.57
C TYR I 346 17.58 19.67 15.88
N THR I 347 18.54 20.03 15.04
CA THR I 347 19.94 19.67 15.21
C THR I 347 20.81 20.90 15.00
N ASN I 348 21.71 21.16 15.95
CA ASN I 348 22.56 22.35 15.87
C ASN I 348 23.46 22.32 14.65
N SER I 349 23.79 21.12 14.15
CA SER I 349 24.66 21.00 12.98
C SER I 349 24.04 21.55 11.70
N ASP I 350 22.75 21.89 11.71
CA ASP I 350 22.07 22.36 10.51
C ASP I 350 22.23 23.85 10.28
N TYR I 351 22.80 24.60 11.22
CA TYR I 351 22.82 26.04 11.12
C TYR I 351 24.23 26.59 11.31
N LYS I 352 24.50 27.71 10.65
CA LYS I 352 25.73 28.47 10.85
C LYS I 352 25.36 29.83 11.41
N GLU I 353 26.05 30.25 12.45
CA GLU I 353 25.79 31.54 13.10
C GLU I 353 26.87 32.54 12.71
N TYR I 354 26.45 33.77 12.44
CA TYR I 354 27.34 34.83 11.98
C TYR I 354 27.14 36.08 12.84
N MET I 355 28.20 36.89 12.92
CA MET I 355 28.17 38.16 13.61
C MET I 355 28.23 39.29 12.60
N ARG I 356 27.34 40.28 12.75
CA ARG I 356 27.29 41.42 11.86
C ARG I 356 26.98 42.68 12.66
N HIS I 357 27.67 43.77 12.31
CA HIS I 357 27.44 45.07 12.92
C HIS I 357 27.35 46.12 11.82
N VAL I 358 26.56 47.15 12.07
CA VAL I 358 26.29 48.19 11.08
C VAL I 358 26.45 49.57 11.72
N GLU I 359 26.81 50.55 10.90
CA GLU I 359 26.95 51.93 11.33
C GLU I 359 26.39 52.84 10.26
N GLU I 360 25.49 53.75 10.64
CA GLU I 360 24.84 54.66 9.72
C GLU I 360 25.14 56.10 10.15
N TYR I 361 25.66 56.89 9.21
CA TYR I 361 26.04 58.27 9.49
C TYR I 361 25.45 59.21 8.45
N ASP I 362 25.28 60.47 8.85
CA ASP I 362 24.85 61.53 7.93
C ASP I 362 25.55 62.81 8.39
N LEU I 363 26.63 63.17 7.70
CA LEU I 363 27.43 64.34 8.06
C LEU I 363 26.87 65.57 7.37
N GLN I 364 26.52 66.59 8.15
CA GLN I 364 25.97 67.84 7.65
C GLN I 364 26.86 69.00 8.09
N PHE I 365 27.25 69.84 7.14
CA PHE I 365 28.14 70.96 7.42
C PHE I 365 27.54 72.24 6.84
N ILE I 366 27.95 73.36 7.42
CA ILE I 366 27.61 74.69 6.92
C ILE I 366 28.83 75.57 7.04
N PHE I 367 29.37 76.02 5.90
CA PHE I 367 30.61 76.78 5.87
C PHE I 367 30.34 78.24 5.54
N GLN I 368 31.29 79.09 5.94
CA GLN I 368 31.24 80.52 5.68
C GLN I 368 32.46 80.91 4.86
N LEU I 369 32.21 81.60 3.75
CA LEU I 369 33.32 82.05 2.90
C LEU I 369 34.09 83.17 3.56
N CYS I 370 35.41 83.12 3.43
CA CYS I 370 36.29 84.11 4.04
C CYS I 370 37.41 84.47 3.08
N SER I 371 37.85 85.72 3.14
CA SER I 371 38.94 86.22 2.33
C SER I 371 40.10 86.64 3.22
N ILE I 372 41.32 86.58 2.67
CA ILE I 372 42.53 86.92 3.39
C ILE I 372 43.33 87.90 2.55
N THR I 373 43.53 89.11 3.06
CA THR I 373 44.38 90.10 2.39
C THR I 373 45.84 89.74 2.68
N LEU I 374 46.58 89.35 1.63
CA LEU I 374 47.93 88.84 1.77
C LEU I 374 48.91 90.01 1.66
N SER I 375 49.19 90.65 2.79
CA SER I 375 50.26 91.63 2.86
C SER I 375 51.59 90.93 3.06
N ALA I 376 52.67 91.71 3.13
CA ALA I 376 53.99 91.13 3.36
C ALA I 376 54.05 90.44 4.72
N GLU I 377 53.43 91.02 5.74
CA GLU I 377 53.40 90.39 7.05
C GLU I 377 52.52 89.15 7.05
N VAL I 378 51.39 89.20 6.35
CA VAL I 378 50.49 88.05 6.31
C VAL I 378 51.14 86.88 5.57
N VAL I 379 51.78 87.15 4.43
CA VAL I 379 52.46 86.09 3.69
C VAL I 379 53.57 85.48 4.52
N ALA I 380 54.29 86.31 5.29
CA ALA I 380 55.34 85.79 6.16
C ALA I 380 54.76 84.91 7.26
N TYR I 381 53.66 85.36 7.89
CA TYR I 381 53.03 84.58 8.94
C TYR I 381 52.44 83.28 8.40
N ILE I 382 52.01 83.27 7.14
CA ILE I 382 51.44 82.06 6.55
C ILE I 382 52.51 81.15 5.94
N HIS I 383 53.68 81.69 5.59
CA HIS I 383 54.78 80.82 5.17
C HIS I 383 55.22 79.92 6.31
N THR I 384 55.52 80.51 7.47
CA THR I 384 55.54 79.73 8.71
C THR I 384 54.15 79.15 8.96
N MET I 385 54.07 78.23 9.93
CA MET I 385 52.90 77.36 10.07
C MET I 385 52.88 76.45 8.85
N ASN I 386 51.72 76.25 8.24
CA ASN I 386 51.64 75.42 7.04
C ASN I 386 52.08 76.22 5.81
N PRO I 387 53.22 75.87 5.20
CA PRO I 387 53.65 76.59 3.99
C PRO I 387 52.90 76.19 2.74
N SER I 388 52.33 74.98 2.71
CA SER I 388 51.59 74.53 1.54
C SER I 388 50.35 75.38 1.26
N VAL I 389 49.85 76.10 2.27
CA VAL I 389 48.69 76.98 2.06
C VAL I 389 49.02 78.03 1.01
N LEU I 390 50.25 78.55 1.02
CA LEU I 390 50.67 79.50 0.00
C LEU I 390 50.99 78.80 -1.31
N GLU I 391 51.56 77.59 -1.24
CA GLU I 391 51.92 76.87 -2.46
C GLU I 391 50.68 76.44 -3.23
N ASP I 392 49.65 75.95 -2.52
CA ASP I 392 48.41 75.58 -3.20
C ASP I 392 47.64 76.79 -3.71
N TRP I 393 47.88 77.97 -3.13
CA TRP I 393 47.27 79.20 -3.62
C TRP I 393 48.00 79.77 -4.83
N ASN I 394 49.17 79.23 -5.18
CA ASN I 394 50.00 79.75 -6.27
C ASN I 394 50.32 81.23 -6.04
N PHE I 395 50.74 81.54 -4.82
CA PHE I 395 51.02 82.91 -4.42
C PHE I 395 52.42 83.02 -3.83
N PRO I 429 52.56 63.49 -2.71
CA PRO I 429 53.15 64.56 -1.90
C PRO I 429 52.50 64.71 -0.53
N ASP I 430 51.21 64.39 -0.43
CA ASP I 430 50.47 64.53 0.82
C ASP I 430 51.04 63.58 1.87
N PRO I 431 51.53 64.09 3.01
CA PRO I 431 52.04 63.19 4.06
C PRO I 431 50.95 62.35 4.73
N TYR I 432 49.68 62.67 4.50
CA TYR I 432 48.58 61.93 5.09
C TYR I 432 48.10 60.78 4.20
N LYS I 433 48.81 60.51 3.10
CA LYS I 433 48.47 59.40 2.23
C LYS I 433 48.93 58.05 2.76
N ASN I 434 49.76 58.04 3.81
CA ASN I 434 50.13 56.80 4.46
C ASN I 434 49.12 56.37 5.52
N LEU I 435 48.27 57.30 5.98
CA LEU I 435 47.24 56.99 6.94
C LEU I 435 45.97 56.55 6.21
N SER I 436 44.90 56.31 6.97
CA SER I 436 43.65 55.82 6.41
C SER I 436 42.50 56.58 7.04
N PHE I 437 41.75 57.33 6.23
CA PHE I 437 40.59 58.06 6.68
C PHE I 437 39.40 57.72 5.79
N TRP I 438 38.20 57.97 6.32
CA TRP I 438 36.99 57.80 5.54
C TRP I 438 36.79 59.03 4.67
N GLU I 439 37.06 58.89 3.38
CA GLU I 439 36.99 60.02 2.45
C GLU I 439 35.54 60.45 2.25
N VAL I 440 35.27 61.73 2.50
CA VAL I 440 33.95 62.32 2.30
C VAL I 440 34.12 63.44 1.29
N ASN I 441 33.80 63.16 0.03
CA ASN I 441 33.97 64.12 -1.05
C ASN I 441 32.76 65.04 -1.07
N LEU I 442 32.94 66.27 -0.58
CA LEU I 442 31.89 67.27 -0.58
C LEU I 442 32.01 68.26 -1.72
N LYS I 443 32.97 68.06 -2.62
CA LYS I 443 32.96 68.81 -3.87
C LYS I 443 31.74 68.41 -4.69
N GLU I 444 31.22 69.37 -5.46
CA GLU I 444 29.98 69.23 -6.22
C GLU I 444 28.76 69.00 -5.32
N LYS I 445 28.92 69.18 -4.00
CA LYS I 445 27.84 69.04 -3.05
C LYS I 445 27.47 70.33 -2.35
N PHE I 446 28.25 71.40 -2.55
CA PHE I 446 27.93 72.68 -1.93
C PHE I 446 26.69 73.30 -2.57
N SER I 447 25.85 73.92 -1.74
CA SER I 447 24.65 74.58 -2.21
C SER I 447 24.46 75.88 -1.45
N SER I 448 24.05 76.92 -2.17
CA SER I 448 23.79 78.21 -1.57
C SER I 448 22.36 78.37 -1.08
N GLU I 449 21.48 77.43 -1.40
CA GLU I 449 20.08 77.46 -0.97
C GLU I 449 20.00 76.76 0.39
N LEU I 450 20.17 77.55 1.46
CA LEU I 450 20.25 76.97 2.79
C LEU I 450 18.92 76.37 3.23
N ASP I 451 17.81 77.03 2.91
CA ASP I 451 16.50 76.60 3.39
C ASP I 451 16.03 75.27 2.79
N GLN I 452 16.78 74.70 1.84
CA GLN I 452 16.39 73.44 1.21
C GLN I 452 16.92 72.22 1.96
N TYR I 453 17.52 72.40 3.13
CA TYR I 453 18.13 71.31 3.85
C TYR I 453 17.86 71.47 5.35
N PRO I 454 17.86 70.36 6.09
CA PRO I 454 17.54 70.46 7.53
C PRO I 454 18.51 71.33 8.32
N LEU I 455 19.81 71.10 8.18
CA LEU I 455 20.78 71.91 8.93
C LEU I 455 20.74 73.36 8.49
N GLY I 456 20.51 73.61 7.20
CA GLY I 456 20.39 74.98 6.74
C GLY I 456 19.18 75.69 7.33
N ARG I 457 18.05 74.99 7.41
CA ARG I 457 16.86 75.56 8.04
C ARG I 457 17.13 75.89 9.50
N LYS I 458 17.80 74.99 10.21
CA LYS I 458 18.15 75.26 11.60
C LYS I 458 19.14 76.42 11.73
N PHE I 459 19.99 76.62 10.73
CA PHE I 459 20.96 77.70 10.78
C PHE I 459 20.29 79.06 10.61
N LEU I 460 19.31 79.15 9.71
CA LEU I 460 18.62 80.43 9.49
C LEU I 460 17.89 80.89 10.74
N LEU I 461 17.29 79.96 11.48
CA LEU I 461 16.51 80.28 12.65
C LEU I 461 17.34 80.30 13.93
N GLN I 462 18.66 80.31 13.82
CA GLN I 462 19.53 80.27 14.99
C GLN I 462 20.79 81.06 14.70
N SER I 463 21.70 81.08 15.68
CA SER I 463 22.97 81.79 15.58
C SER I 463 22.80 83.26 15.19
N LYS J 15 42.89 89.59 66.09
CA LYS J 15 44.27 89.13 65.99
C LYS J 15 44.69 88.93 64.52
N VAL J 16 43.78 88.34 63.74
CA VAL J 16 44.00 88.07 62.32
C VAL J 16 43.19 89.00 61.42
N VAL J 17 43.84 89.58 60.42
CA VAL J 17 43.21 90.41 59.39
C VAL J 17 43.42 89.71 58.04
N ALA J 18 42.53 90.00 57.10
CA ALA J 18 42.62 89.45 55.76
C ALA J 18 43.79 90.08 55.00
N THR J 19 44.28 89.34 54.00
CA THR J 19 45.39 89.83 53.18
C THR J 19 45.01 91.03 52.33
N ASP J 20 43.72 91.23 52.06
CA ASP J 20 43.30 92.36 51.26
C ASP J 20 43.58 93.69 51.94
N ALA J 21 43.84 93.68 53.24
CA ALA J 21 44.09 94.93 53.97
C ALA J 21 45.53 95.42 53.82
N TYR J 22 46.50 94.51 53.66
CA TYR J 22 47.90 94.89 53.63
C TYR J 22 48.64 94.38 52.39
N VAL J 23 47.96 93.77 51.43
CA VAL J 23 48.56 93.30 50.19
C VAL J 23 47.85 93.98 49.04
N THR J 24 48.53 94.92 48.37
CA THR J 24 47.95 95.64 47.26
C THR J 24 48.09 94.85 45.96
N ARG J 25 47.03 94.87 45.16
CA ARG J 25 46.99 94.13 43.91
C ARG J 25 47.49 95.00 42.76
N THR J 26 48.01 94.35 41.73
CA THR J 26 48.48 95.03 40.52
C THR J 26 47.70 94.53 39.31
N ASN J 27 48.11 94.99 38.13
CA ASN J 27 47.50 94.56 36.88
C ASN J 27 48.39 93.60 36.10
N ILE J 28 49.50 93.16 36.69
CA ILE J 28 50.45 92.29 36.02
C ILE J 28 50.08 90.84 36.29
N PHE J 29 49.76 90.10 35.24
CA PHE J 29 49.40 88.69 35.34
C PHE J 29 50.40 87.85 34.57
N TYR J 30 50.64 86.64 35.06
CA TYR J 30 51.58 85.71 34.46
C TYR J 30 50.95 84.33 34.35
N HIS J 31 51.35 83.60 33.32
CA HIS J 31 50.94 82.20 33.11
C HIS J 31 52.13 81.28 33.33
N ALA J 32 51.86 80.11 33.90
CA ALA J 32 52.89 79.11 34.15
C ALA J 32 52.26 77.73 34.09
N SER J 33 52.79 76.87 33.22
CA SER J 33 52.29 75.51 33.05
C SER J 33 53.41 74.53 33.37
N SER J 34 53.05 73.45 34.07
CA SER J 34 54.02 72.42 34.42
C SER J 34 54.30 71.45 33.27
N SER J 35 53.65 71.63 32.12
CA SER J 35 53.72 70.69 31.01
C SER J 35 53.22 69.31 31.47
N ARG J 36 53.51 68.28 30.68
CA ARG J 36 53.03 66.94 30.99
C ARG J 36 53.88 66.32 32.09
N LEU J 37 53.21 65.82 33.13
CA LEU J 37 53.86 65.11 34.24
C LEU J 37 53.35 63.68 34.23
N LEU J 38 54.27 62.72 34.14
CA LEU J 38 53.92 61.31 34.02
C LEU J 38 54.46 60.53 35.21
N ALA J 39 53.63 59.64 35.75
CA ALA J 39 54.01 58.75 36.83
C ALA J 39 53.56 57.34 36.46
N VAL J 40 54.53 56.44 36.28
CA VAL J 40 54.28 55.07 35.87
C VAL J 40 54.86 54.15 36.92
N GLY J 41 54.05 53.22 37.42
CA GLY J 41 54.54 52.31 38.42
C GLY J 41 53.58 51.16 38.66
N HIS J 42 53.69 50.57 39.84
CA HIS J 42 52.88 49.44 40.25
C HIS J 42 51.77 49.89 41.17
N PRO J 43 50.52 49.52 40.90
CA PRO J 43 49.39 50.05 41.70
C PRO J 43 49.29 49.46 43.10
N TYR J 44 50.08 48.43 43.43
CA TYR J 44 49.94 47.73 44.71
C TYR J 44 51.12 47.96 45.64
N PHE J 45 52.35 47.90 45.14
CA PHE J 45 53.52 48.00 46.01
C PHE J 45 54.73 48.44 45.20
N SER J 46 55.70 49.01 45.90
CA SER J 46 56.96 49.37 45.26
C SER J 46 57.80 48.13 44.97
N ILE J 47 58.63 48.22 43.94
CA ILE J 47 59.45 47.10 43.48
C ILE J 47 60.90 47.42 43.82
N LYS J 48 61.46 46.67 44.76
CA LYS J 48 62.82 46.89 45.24
C LYS J 48 63.71 45.70 44.87
N ARG J 49 64.71 45.94 44.02
CA ARG J 49 65.75 44.96 43.75
C ARG J 49 67.08 45.70 43.66
N ALA J 50 68.02 45.36 44.55
CA ALA J 50 67.75 44.43 45.64
C ALA J 50 67.55 45.21 46.93
N ASN J 51 68.02 46.46 46.92
CA ASN J 51 67.97 47.33 48.08
C ASN J 51 67.00 48.50 47.88
N LYS J 52 67.19 49.28 46.83
CA LYS J 52 66.40 50.48 46.59
C LYS J 52 65.34 50.22 45.52
N THR J 53 64.34 51.10 45.49
CA THR J 53 63.21 50.93 44.59
C THR J 53 63.64 51.07 43.13
N VAL J 54 63.11 50.18 42.29
CA VAL J 54 63.33 50.24 40.86
C VAL J 54 62.08 50.72 40.12
N VAL J 55 60.90 50.31 40.59
CA VAL J 55 59.62 50.75 40.04
C VAL J 55 58.80 51.33 41.18
N PRO J 56 58.39 52.59 41.12
CA PRO J 56 57.66 53.19 42.23
C PRO J 56 56.22 52.68 42.30
N LYS J 57 55.61 52.93 43.46
CA LYS J 57 54.21 52.59 43.68
C LYS J 57 53.35 53.76 43.18
N VAL J 58 52.66 53.54 42.07
CA VAL J 58 51.81 54.56 41.45
C VAL J 58 50.39 54.00 41.40
N SER J 59 49.51 54.56 42.24
CA SER J 59 48.12 54.11 42.32
C SER J 59 47.20 55.31 42.24
N GLY J 60 46.02 55.10 41.64
CA GLY J 60 45.03 56.15 41.54
C GLY J 60 44.47 56.59 42.88
N TYR J 61 44.65 55.78 43.93
CA TYR J 61 44.16 56.09 45.26
C TYR J 61 45.24 56.72 46.14
N GLN J 62 46.21 57.39 45.53
CA GLN J 62 47.27 58.09 46.25
C GLN J 62 47.04 59.59 46.19
N TYR J 63 47.51 60.29 47.22
CA TYR J 63 47.48 61.75 47.22
C TYR J 63 48.58 62.28 46.31
N ARG J 64 48.22 63.20 45.43
CA ARG J 64 49.17 63.90 44.56
C ARG J 64 49.32 65.32 45.10
N VAL J 65 50.37 65.53 45.90
CA VAL J 65 50.62 66.80 46.55
C VAL J 65 51.77 67.47 45.79
N PHE J 66 51.44 68.43 44.95
CA PHE J 66 52.43 69.13 44.13
C PHE J 66 52.94 70.36 44.88
N LYS J 67 54.25 70.42 45.07
CA LYS J 67 54.92 71.58 45.66
C LYS J 67 55.41 72.45 44.52
N VAL J 68 54.62 73.45 44.14
CA VAL J 68 54.95 74.33 43.03
C VAL J 68 55.85 75.45 43.53
N VAL J 69 57.08 75.49 43.03
CA VAL J 69 58.05 76.51 43.44
C VAL J 69 57.97 77.67 42.45
N LEU J 70 57.75 78.88 42.98
CA LEU J 70 57.64 80.07 42.18
C LEU J 70 58.91 80.92 42.28
N PRO J 71 59.29 81.60 41.20
CA PRO J 71 60.45 82.48 41.27
C PRO J 71 60.17 83.69 42.14
N ASP J 72 61.19 84.13 42.88
CA ASP J 72 61.07 85.26 43.78
C ASP J 72 60.78 86.53 42.99
N PRO J 73 59.63 87.17 43.17
CA PRO J 73 59.35 88.41 42.43
C PRO J 73 60.25 89.57 42.81
N ASN J 74 60.86 89.53 43.99
CA ASN J 74 61.80 90.58 44.36
C ASN J 74 63.10 90.49 43.58
N LYS J 75 63.43 89.32 43.03
CA LYS J 75 64.57 89.14 42.16
C LYS J 75 64.14 88.82 40.73
N PHE J 76 62.88 89.04 40.40
CA PHE J 76 62.36 88.69 39.08
C PHE J 76 62.65 89.78 38.07
N ALA J 77 62.82 89.36 36.80
CA ALA J 77 63.11 90.28 35.70
C ALA J 77 61.81 90.92 35.22
N LEU J 78 61.29 91.82 36.04
CA LEU J 78 60.08 92.55 35.69
C LEU J 78 60.36 93.54 34.55
N PRO J 79 59.33 93.91 33.79
CA PRO J 79 59.56 94.86 32.68
C PRO J 79 60.05 96.22 33.15
N ASP J 80 59.51 96.72 34.27
CA ASP J 80 59.91 98.01 34.81
C ASP J 80 59.97 97.91 36.33
N SER J 81 61.06 98.43 36.91
CA SER J 81 61.27 98.39 38.35
C SER J 81 60.62 99.56 39.08
N SER J 82 59.95 100.45 38.36
CA SER J 82 59.27 101.59 38.97
C SER J 82 57.94 101.20 39.62
N LEU J 83 57.54 99.93 39.52
CA LEU J 83 56.29 99.49 40.16
C LEU J 83 56.36 99.65 41.67
N PHE J 84 57.51 99.36 42.27
CA PHE J 84 57.66 99.41 43.72
C PHE J 84 59.01 100.00 44.07
N ASP J 85 59.15 100.41 45.33
CA ASP J 85 60.43 100.85 45.87
C ASP J 85 61.13 99.68 46.54
N PRO J 86 62.41 99.43 46.22
CA PRO J 86 63.12 98.31 46.86
C PRO J 86 63.10 98.37 48.37
N THR J 87 63.12 99.56 48.97
CA THR J 87 62.95 99.71 50.41
C THR J 87 61.48 99.87 50.74
N THR J 88 61.11 99.41 51.95
CA THR J 88 59.78 99.57 52.52
C THR J 88 58.71 98.75 51.79
N GLN J 89 59.02 98.21 50.61
CA GLN J 89 58.04 97.46 49.82
C GLN J 89 58.64 96.15 49.36
N ARG J 90 57.82 95.10 49.34
CA ARG J 90 58.22 93.79 48.86
C ARG J 90 57.12 93.21 47.98
N LEU J 91 57.51 92.25 47.15
CA LEU J 91 56.60 91.60 46.20
C LEU J 91 56.33 90.16 46.61
N VAL J 92 55.19 89.65 46.16
CA VAL J 92 54.79 88.27 46.42
C VAL J 92 53.75 87.88 45.38
N TRP J 93 53.74 86.61 45.01
CA TRP J 93 52.79 86.12 44.02
C TRP J 93 51.46 85.75 44.65
N ALA J 94 50.38 85.97 43.90
CA ALA J 94 49.03 85.62 44.32
C ALA J 94 48.37 84.78 43.25
N CYS J 95 47.79 83.65 43.65
CA CYS J 95 47.19 82.73 42.71
C CYS J 95 45.77 83.18 42.35
N THR J 96 45.51 83.37 41.06
CA THR J 96 44.20 83.78 40.58
C THR J 96 43.55 82.77 39.64
N GLY J 97 44.31 81.88 39.03
CA GLY J 97 43.74 80.91 38.10
C GLY J 97 44.44 79.58 38.25
N LEU J 98 43.67 78.50 38.05
CA LEU J 98 44.17 77.16 38.19
C LEU J 98 43.36 76.21 37.33
N GLU J 99 44.05 75.30 36.64
CA GLU J 99 43.41 74.21 35.92
C GLU J 99 44.29 72.97 36.02
N VAL J 100 43.75 71.92 36.63
CA VAL J 100 44.46 70.64 36.77
C VAL J 100 43.94 69.73 35.66
N GLY J 101 44.75 69.56 34.62
CA GLY J 101 44.35 68.74 33.49
C GLY J 101 44.77 67.29 33.66
N ARG J 102 43.82 66.38 33.42
CA ARG J 102 44.08 64.94 33.44
C ARG J 102 44.04 64.39 32.03
N GLY J 103 45.00 63.53 31.70
CA GLY J 103 45.13 63.04 30.34
C GLY J 103 45.15 61.53 30.22
N GLN J 104 44.23 60.86 30.90
CA GLN J 104 44.09 59.41 30.83
C GLN J 104 42.63 59.05 30.68
N PRO J 105 42.33 57.89 30.10
CA PRO J 105 40.92 57.48 29.98
C PRO J 105 40.30 57.20 31.34
N LEU J 106 39.03 57.56 31.48
CA LEU J 106 38.31 57.26 32.70
C LEU J 106 38.17 55.77 32.88
N GLY J 107 38.21 55.33 34.14
CA GLY J 107 38.08 53.91 34.43
C GLY J 107 38.27 53.63 35.90
N VAL J 108 38.02 52.38 36.27
CA VAL J 108 38.10 51.94 37.65
C VAL J 108 39.12 50.81 37.74
N GLY J 109 40.04 50.92 38.70
CA GLY J 109 41.00 49.86 38.97
C GLY J 109 40.61 49.08 40.21
N VAL J 110 41.15 47.87 40.30
CA VAL J 110 40.80 46.97 41.39
C VAL J 110 42.04 46.64 42.20
N SER J 111 41.84 46.47 43.51
CA SER J 111 42.85 45.99 44.42
C SER J 111 42.35 44.71 45.08
N GLY J 112 43.29 43.92 45.60
CA GLY J 112 42.90 42.66 46.19
C GLY J 112 43.95 42.17 47.16
N HIS J 113 43.75 40.93 47.61
CA HIS J 113 44.64 40.27 48.55
C HIS J 113 44.51 38.76 48.39
N PRO J 114 45.59 38.07 48.02
CA PRO J 114 45.50 36.61 47.88
C PRO J 114 45.19 35.89 49.18
N PHE J 115 45.28 36.57 50.32
CA PHE J 115 44.94 35.97 51.61
C PHE J 115 44.11 36.99 52.42
N LEU J 116 42.95 37.37 51.90
CA LEU J 116 42.08 38.29 52.60
C LEU J 116 41.30 37.57 53.69
N ASN J 117 41.18 38.21 54.85
CA ASN J 117 40.51 37.61 56.01
C ASN J 117 39.00 37.68 55.81
N LYS J 118 38.52 36.85 54.89
CA LYS J 118 37.10 36.70 54.62
C LYS J 118 36.68 35.29 54.98
N TYR J 119 35.61 35.15 55.76
CA TYR J 119 35.15 33.84 56.18
C TYR J 119 33.98 33.36 55.33
N ASP J 120 32.78 33.79 55.65
CA ASP J 120 31.57 33.41 54.92
C ASP J 120 30.90 34.64 54.33
N ASP J 121 30.32 34.47 53.14
CA ASP J 121 29.48 35.51 52.53
C ASP J 121 28.23 35.67 53.38
N VAL J 122 28.22 36.70 54.23
CA VAL J 122 27.15 36.86 55.20
C VAL J 122 25.97 37.64 54.65
N GLU J 123 26.03 38.11 53.40
CA GLU J 123 24.95 38.89 52.84
C GLU J 123 23.66 38.08 52.71
N ASN J 124 23.78 36.83 52.28
CA ASN J 124 22.60 36.01 52.06
C ASN J 124 22.37 35.09 53.25
N SER J 125 23.25 34.10 53.43
CA SER J 125 23.14 33.14 54.52
C SER J 125 24.46 32.38 54.60
N GLY J 126 24.47 31.30 55.37
CA GLY J 126 25.66 30.50 55.53
C GLY J 126 26.72 31.15 56.40
N SER J 127 27.67 30.36 56.89
CA SER J 127 27.70 28.91 56.65
C SER J 127 28.02 28.17 57.94
N GLY J 128 27.50 26.95 58.05
CA GLY J 128 27.55 26.11 59.24
C GLY J 128 28.69 26.30 60.21
N GLY J 129 29.70 25.44 60.13
CA GLY J 129 30.80 25.50 61.08
C GLY J 129 32.13 25.03 60.53
N ASN J 130 32.87 25.93 59.87
CA ASN J 130 34.22 25.59 59.42
C ASN J 130 35.30 26.54 59.92
N PRO J 131 35.31 26.95 61.19
CA PRO J 131 36.44 27.79 61.66
C PRO J 131 37.66 26.91 61.88
N GLY J 132 38.78 27.30 61.26
CA GLY J 132 39.97 26.49 61.30
C GLY J 132 41.26 27.26 61.35
N GLN J 133 42.36 26.63 60.93
CA GLN J 133 43.68 27.25 60.94
C GLN J 133 43.70 28.53 60.12
N ASP J 134 43.53 28.40 58.81
CA ASP J 134 43.59 29.53 57.89
C ASP J 134 42.37 29.50 56.99
N ASN J 135 41.54 30.53 57.07
CA ASN J 135 40.36 30.66 56.23
C ASN J 135 40.46 31.83 55.28
N ARG J 136 41.67 32.38 55.10
CA ARG J 136 41.83 33.51 54.19
C ARG J 136 41.57 33.09 52.76
N VAL J 137 40.96 33.99 51.99
CA VAL J 137 40.57 33.71 50.61
C VAL J 137 41.17 34.79 49.72
N ASN J 138 41.46 34.43 48.48
CA ASN J 138 41.91 35.39 47.48
C ASN J 138 40.69 36.16 46.99
N VAL J 139 40.62 37.44 47.32
CA VAL J 139 39.46 38.28 47.03
C VAL J 139 39.94 39.60 46.44
N GLY J 140 39.26 40.06 45.40
CA GLY J 140 39.53 41.36 44.81
C GLY J 140 38.31 42.26 44.85
N MET J 141 38.52 43.57 44.72
CA MET J 141 37.43 44.52 44.84
C MET J 141 37.87 45.87 44.29
N ASP J 142 36.89 46.73 44.03
CA ASP J 142 37.14 48.11 43.65
C ASP J 142 36.82 49.03 44.82
N TYR J 143 37.55 50.14 44.89
CA TYR J 143 37.47 51.05 46.02
C TYR J 143 36.40 52.12 45.79
N LYS J 144 36.19 52.93 46.82
CA LYS J 144 35.24 54.04 46.74
C LYS J 144 35.78 55.14 45.83
N GLN J 145 34.90 55.72 45.02
CA GLN J 145 35.27 56.79 44.11
C GLN J 145 35.45 58.09 44.89
N THR J 146 36.57 58.77 44.68
CA THR J 146 36.90 59.99 45.40
C THR J 146 37.62 60.96 44.48
N GLN J 147 37.08 62.17 44.35
CA GLN J 147 37.73 63.27 43.64
C GLN J 147 37.86 64.45 44.59
N LEU J 148 39.04 65.07 44.60
CA LEU J 148 39.25 66.26 45.42
C LEU J 148 40.47 67.00 44.93
N CYS J 149 40.48 68.31 45.17
CA CYS J 149 41.62 69.15 44.86
C CYS J 149 41.65 70.34 45.81
N MET J 150 42.84 70.67 46.31
CA MET J 150 43.04 71.78 47.21
C MET J 150 44.21 72.64 46.74
N VAL J 151 44.21 73.89 47.20
CA VAL J 151 45.30 74.83 46.94
C VAL J 151 45.57 75.61 48.22
N GLY J 152 46.85 75.81 48.53
CA GLY J 152 47.25 76.67 49.63
C GLY J 152 48.72 76.95 49.56
N CYS J 153 49.16 77.87 50.42
CA CYS J 153 50.58 78.19 50.55
C CYS J 153 51.25 77.35 51.64
N ALA J 154 50.52 76.43 52.26
CA ALA J 154 51.04 75.51 53.25
C ALA J 154 50.49 74.12 52.95
N PRO J 155 51.23 73.06 53.29
CA PRO J 155 50.78 71.72 52.94
C PRO J 155 49.51 71.37 53.68
N PRO J 156 48.67 70.50 53.12
CA PRO J 156 47.39 70.19 53.76
C PRO J 156 47.55 69.27 54.95
N LEU J 157 46.50 69.24 55.77
CA LEU J 157 46.44 68.40 56.96
C LEU J 157 45.49 67.24 56.71
N GLY J 158 45.94 66.03 57.03
CA GLY J 158 45.11 64.85 56.95
C GLY J 158 44.93 64.24 58.33
N GLU J 159 43.81 63.55 58.51
CA GLU J 159 43.49 62.89 59.77
C GLU J 159 43.35 61.39 59.54
N HIS J 160 43.81 60.63 60.53
CA HIS J 160 43.69 59.17 60.48
C HIS J 160 43.77 58.63 61.90
N TRP J 161 43.19 57.45 62.10
CA TRP J 161 43.18 56.81 63.40
C TRP J 161 44.36 55.84 63.49
N GLY J 162 45.18 56.01 64.53
CA GLY J 162 46.34 55.17 64.71
C GLY J 162 46.37 54.58 66.11
N LYS J 163 47.32 53.67 66.33
CA LYS J 163 47.51 53.06 67.64
C LYS J 163 47.84 54.15 68.64
N GLY J 164 46.90 54.45 69.54
CA GLY J 164 47.03 55.59 70.40
C GLY J 164 48.06 55.37 71.50
N LYS J 165 48.47 56.48 72.10
CA LYS J 165 49.39 56.44 73.24
C LYS J 165 48.77 55.65 74.38
N GLN J 166 49.55 54.76 74.97
CA GLN J 166 49.06 53.88 76.02
C GLN J 166 49.33 54.50 77.38
N CYS J 167 48.29 54.56 78.23
CA CYS J 167 46.94 54.11 77.87
C CYS J 167 45.90 54.89 78.64
N THR J 168 44.70 55.03 78.07
CA THR J 168 43.56 55.49 78.83
C THR J 168 43.05 54.33 79.68
N ASN J 169 42.93 54.56 80.98
CA ASN J 169 42.72 53.50 81.98
C ASN J 169 43.96 52.60 82.04
N THR J 170 43.92 51.58 82.90
CA THR J 170 45.09 50.76 83.20
C THR J 170 44.69 49.29 83.31
N PRO J 171 45.65 48.35 83.32
CA PRO J 171 47.09 48.46 83.05
C PRO J 171 47.70 47.39 82.15
N VAL J 172 46.94 46.39 81.70
CA VAL J 172 47.52 45.12 81.33
C VAL J 172 47.28 44.80 79.85
N GLN J 173 48.17 43.97 79.32
CA GLN J 173 48.13 43.35 78.01
C GLN J 173 47.55 41.93 78.18
N ALA J 174 47.49 41.09 77.13
CA ALA J 174 47.95 41.29 75.75
C ALA J 174 46.91 40.84 74.74
N GLY J 175 47.10 41.24 73.48
CA GLY J 175 46.15 40.94 72.43
C GLY J 175 44.85 41.70 72.52
N ASP J 176 44.70 42.59 73.50
CA ASP J 176 43.46 43.36 73.64
C ASP J 176 43.37 44.42 72.56
N CYS J 177 42.21 45.06 72.49
CA CYS J 177 41.99 46.10 71.51
C CYS J 177 42.94 47.27 71.75
N PRO J 178 43.63 47.76 70.73
CA PRO J 178 44.55 48.89 70.93
C PRO J 178 43.79 50.19 71.09
N PRO J 179 44.31 51.13 71.88
CA PRO J 179 43.64 52.43 72.01
C PRO J 179 43.70 53.21 70.71
N LEU J 180 42.59 53.87 70.38
CA LEU J 180 42.46 54.65 69.16
C LEU J 180 42.76 56.11 69.45
N GLU J 181 43.47 56.76 68.54
CA GLU J 181 43.80 58.18 68.66
C GLU J 181 43.70 58.83 67.29
N LEU J 182 43.02 59.96 67.21
CA LEU J 182 42.88 60.70 65.97
C LEU J 182 44.15 61.52 65.75
N ILE J 183 44.96 61.10 64.78
CA ILE J 183 46.25 61.72 64.51
C ILE J 183 46.10 62.64 63.30
N THR J 184 46.40 63.92 63.50
CA THR J 184 46.47 64.88 62.40
C THR J 184 47.91 65.02 61.96
N SER J 185 48.13 64.97 60.65
CA SER J 185 49.49 65.00 60.11
C SER J 185 49.48 65.74 58.78
N VAL J 186 50.65 65.87 58.19
CA VAL J 186 50.80 66.54 56.90
C VAL J 186 50.63 65.50 55.79
N ILE J 187 49.80 65.82 54.81
CA ILE J 187 49.55 64.90 53.70
C ILE J 187 50.73 65.00 52.73
N GLN J 188 51.47 63.91 52.60
CA GLN J 188 52.60 63.86 51.68
C GLN J 188 52.17 63.27 50.34
N ASP J 189 52.96 63.58 49.30
CA ASP J 189 52.71 63.01 47.99
C ASP J 189 52.98 61.51 48.04
N GLY J 190 51.96 60.72 47.71
CA GLY J 190 52.05 59.28 47.76
C GLY J 190 51.25 58.64 48.88
N ASP J 191 50.76 59.43 49.83
CA ASP J 191 49.92 58.88 50.89
C ASP J 191 48.62 58.34 50.32
N MET J 192 48.10 57.30 50.97
CA MET J 192 46.89 56.65 50.47
C MET J 192 45.64 57.40 50.95
N VAL J 193 44.69 57.59 50.05
CA VAL J 193 43.40 58.16 50.41
C VAL J 193 42.56 57.07 51.04
N ASP J 194 41.48 57.47 51.73
CA ASP J 194 40.57 56.49 52.29
C ASP J 194 39.98 55.63 51.17
N THR J 195 39.63 54.40 51.50
CA THR J 195 39.14 53.47 50.49
C THR J 195 37.69 53.13 50.83
N GLY J 196 37.40 51.91 51.21
CA GLY J 196 36.12 51.63 51.82
C GLY J 196 36.21 51.08 53.22
N PHE J 197 37.10 51.65 54.05
CA PHE J 197 37.31 51.08 55.38
C PHE J 197 37.79 52.14 56.37
N GLY J 198 37.66 53.42 56.05
CA GLY J 198 38.02 54.49 56.95
C GLY J 198 39.46 54.94 56.79
N ALA J 199 39.78 56.01 57.51
CA ALA J 199 41.13 56.58 57.53
C ALA J 199 41.80 56.10 58.81
N MET J 200 42.63 55.07 58.68
CA MET J 200 43.29 54.47 59.83
C MET J 200 44.65 53.94 59.42
N ASN J 201 45.47 53.64 60.44
CA ASN J 201 46.81 53.10 60.24
C ASN J 201 46.71 51.58 60.30
N PHE J 202 46.53 50.95 59.13
CA PHE J 202 46.36 49.50 59.08
C PHE J 202 47.61 48.76 59.50
N ALA J 203 48.78 49.40 59.44
CA ALA J 203 50.02 48.73 59.83
C ALA J 203 50.05 48.45 61.33
N ASP J 204 49.45 49.31 62.14
CA ASP J 204 49.45 49.16 63.59
C ASP J 204 48.16 48.56 64.14
N LEU J 205 47.01 48.93 63.56
CA LEU J 205 45.73 48.49 64.10
C LEU J 205 45.31 47.12 63.60
N GLN J 206 45.86 46.65 62.49
CA GLN J 206 45.56 45.33 61.94
C GLN J 206 46.88 44.58 61.77
N THR J 207 47.21 43.75 62.77
CA THR J 207 48.50 43.09 62.82
C THR J 207 48.58 41.84 61.96
N ASN J 208 47.46 41.35 61.44
CA ASN J 208 47.49 40.13 60.64
C ASN J 208 47.83 40.37 59.18
N LYS J 209 47.95 41.63 58.76
CA LYS J 209 48.33 41.98 57.39
C LYS J 209 47.43 41.32 56.36
N SER J 210 46.18 41.08 56.74
CA SER J 210 45.29 40.31 55.86
C SER J 210 43.83 40.74 55.94
N ASP J 211 43.52 41.86 56.60
CA ASP J 211 42.13 42.31 56.71
C ASP J 211 41.73 43.24 55.56
N VAL J 212 42.69 43.89 54.93
CA VAL J 212 42.40 44.79 53.81
C VAL J 212 43.34 44.42 52.66
N PRO J 213 43.01 44.84 51.44
CA PRO J 213 43.86 44.50 50.30
C PRO J 213 45.30 44.95 50.48
N ILE J 214 46.18 44.35 49.68
CA ILE J 214 47.61 44.46 49.90
C ILE J 214 48.16 45.88 49.73
N ASP J 215 47.47 46.73 48.98
CA ASP J 215 47.99 48.07 48.71
C ASP J 215 47.74 49.04 49.85
N ILE J 216 47.07 48.62 50.92
CA ILE J 216 46.78 49.50 52.05
C ILE J 216 47.04 48.77 53.36
N CYS J 217 47.29 47.47 53.28
CA CYS J 217 47.46 46.67 54.50
C CYS J 217 48.76 46.96 55.22
N GLY J 218 49.71 47.63 54.57
CA GLY J 218 50.97 47.95 55.22
C GLY J 218 51.24 49.44 55.27
N THR J 219 50.25 50.25 54.95
CA THR J 219 50.40 51.70 54.94
C THR J 219 49.27 52.31 55.76
N THR J 220 48.99 53.59 55.52
CA THR J 220 47.98 54.34 56.25
C THR J 220 47.14 55.14 55.27
N CYS J 221 45.82 55.06 55.43
CA CYS J 221 44.89 55.87 54.66
C CYS J 221 44.57 57.14 55.44
N LYS J 222 44.83 58.30 54.83
CA LYS J 222 44.59 59.58 55.47
C LYS J 222 43.41 60.29 54.81
N TYR J 223 42.58 60.93 55.63
CA TYR J 223 41.46 61.72 55.17
C TYR J 223 41.68 63.19 55.52
N PRO J 224 41.31 64.11 54.64
CA PRO J 224 41.57 65.53 54.91
C PRO J 224 40.79 66.02 56.12
N ASP J 225 41.50 66.75 56.99
CA ASP J 225 40.89 67.39 58.16
C ASP J 225 40.39 68.77 57.73
N TYR J 226 39.23 68.78 57.08
CA TYR J 226 38.65 70.03 56.60
C TYR J 226 38.31 70.97 57.74
N LEU J 227 37.84 70.43 58.86
CA LEU J 227 37.41 71.26 59.97
C LEU J 227 38.59 72.05 60.56
N GLN J 228 39.72 71.38 60.77
CA GLN J 228 40.87 72.07 61.36
C GLN J 228 41.48 73.06 60.37
N MET J 229 41.64 72.66 59.11
CA MET J 229 42.24 73.54 58.11
C MET J 229 41.37 74.77 57.85
N ALA J 230 40.05 74.65 58.01
CA ALA J 230 39.18 75.81 57.86
C ALA J 230 39.16 76.68 59.12
N ALA J 231 39.35 76.09 60.29
CA ALA J 231 39.25 76.82 61.55
C ALA J 231 40.58 77.43 62.01
N ASP J 232 41.68 77.17 61.32
CA ASP J 232 42.93 77.81 61.69
C ASP J 232 42.85 79.31 61.40
N PRO J 233 43.53 80.13 62.19
CA PRO J 233 43.40 81.59 62.04
C PRO J 233 43.74 82.11 60.66
N TYR J 234 44.99 81.92 60.22
CA TYR J 234 45.41 82.53 58.95
C TYR J 234 44.83 81.81 57.74
N GLY J 235 44.54 80.52 57.87
CA GLY J 235 44.00 79.78 56.72
C GLY J 235 44.97 79.64 55.57
N ASP J 236 46.24 79.33 55.87
CA ASP J 236 47.26 79.18 54.83
C ASP J 236 47.15 77.87 54.07
N ARG J 237 46.37 76.90 54.57
CA ARG J 237 46.30 75.58 53.97
C ARG J 237 45.10 75.40 53.04
N LEU J 238 44.06 76.22 53.16
CA LEU J 238 42.86 76.11 52.33
C LEU J 238 42.56 77.45 51.65
N PHE J 239 43.16 77.67 50.48
CA PHE J 239 42.66 78.72 49.61
C PHE J 239 41.26 78.38 49.12
N PHE J 240 41.07 77.13 48.69
CA PHE J 240 39.76 76.59 48.35
C PHE J 240 39.89 75.08 48.29
N PHE J 241 38.74 74.41 48.21
CA PHE J 241 38.75 72.96 48.03
C PHE J 241 37.50 72.55 47.28
N LEU J 242 37.61 71.45 46.54
CA LEU J 242 36.49 70.81 45.86
C LEU J 242 36.58 69.32 46.13
N ARG J 243 35.42 68.66 46.27
CA ARG J 243 35.42 67.26 46.65
C ARG J 243 34.17 66.57 46.12
N LYS J 244 34.30 65.27 45.87
CA LYS J 244 33.17 64.41 45.51
C LYS J 244 33.52 62.99 45.93
N GLU J 245 32.80 62.46 46.92
CA GLU J 245 32.98 61.09 47.38
C GLU J 245 31.69 60.32 47.17
N GLN J 246 31.81 59.06 46.75
CA GLN J 246 30.62 58.25 46.58
C GLN J 246 31.00 56.79 46.67
N MET J 247 30.12 55.98 47.26
CA MET J 247 30.35 54.54 47.41
C MET J 247 29.05 53.88 47.87
N PHE J 248 28.98 52.56 47.69
CA PHE J 248 27.88 51.77 48.23
C PHE J 248 28.43 50.43 48.70
N ALA J 249 27.59 49.68 49.41
CA ALA J 249 27.98 48.39 49.98
C ALA J 249 27.81 47.30 48.92
N ARG J 250 28.92 46.75 48.43
CA ARG J 250 28.87 45.70 47.43
C ARG J 250 28.44 44.37 48.04
N HIS J 251 29.29 43.80 48.90
CA HIS J 251 29.04 42.50 49.51
C HIS J 251 29.33 42.59 51.01
N PHE J 252 28.78 41.63 51.75
CA PHE J 252 28.95 41.55 53.19
C PHE J 252 29.63 40.23 53.55
N PHE J 253 30.45 40.26 54.59
CA PHE J 253 31.10 39.07 55.11
C PHE J 253 31.60 39.35 56.51
N ASN J 254 32.06 38.30 57.18
CA ASN J 254 32.60 38.38 58.53
C ASN J 254 34.06 37.97 58.55
N ARG J 255 34.76 38.38 59.60
CA ARG J 255 36.18 38.09 59.76
C ARG J 255 36.38 36.74 60.43
N ALA J 256 37.47 36.07 60.05
CA ALA J 256 37.88 34.85 60.72
C ALA J 256 38.75 35.19 61.92
N GLY J 257 38.75 34.29 62.90
CA GLY J 257 39.51 34.49 64.13
C GLY J 257 38.57 34.68 65.32
N GLU J 258 39.21 34.82 66.49
CA GLU J 258 38.47 34.93 67.73
C GLU J 258 37.82 36.30 67.86
N VAL J 259 36.60 36.32 68.36
CA VAL J 259 35.88 37.56 68.62
C VAL J 259 36.43 38.15 69.92
N GLY J 260 37.10 39.30 69.82
CA GLY J 260 37.67 39.92 71.00
C GLY J 260 36.62 40.42 71.97
N GLU J 261 35.50 40.93 71.45
CA GLU J 261 34.41 41.42 72.28
C GLU J 261 33.13 40.70 71.82
N PRO J 262 32.68 39.71 72.58
CA PRO J 262 31.55 38.89 72.14
C PRO J 262 30.21 39.57 72.42
N VAL J 263 29.19 39.07 71.73
CA VAL J 263 27.83 39.60 71.93
C VAL J 263 27.39 39.30 73.36
N PRO J 264 26.81 40.26 74.08
CA PRO J 264 26.36 39.97 75.44
C PRO J 264 25.26 38.91 75.47
N ASP J 265 25.17 38.24 76.62
CA ASP J 265 24.15 37.21 76.79
C ASP J 265 22.75 37.80 76.65
N THR J 266 22.58 39.06 77.05
CA THR J 266 21.28 39.70 77.00
C THR J 266 20.77 39.88 75.58
N LEU J 267 21.63 39.82 74.57
CA LEU J 267 21.24 40.10 73.19
C LEU J 267 21.06 38.85 72.34
N ILE J 268 21.35 37.66 72.86
CA ILE J 268 21.19 36.42 72.09
C ILE J 268 20.68 35.31 73.00
N ILE J 269 19.71 34.56 72.49
CA ILE J 269 19.20 33.37 73.15
C ILE J 269 20.04 32.18 72.70
N LYS J 270 20.77 31.58 73.66
CA LYS J 270 21.76 30.56 73.34
C LYS J 270 21.14 29.27 72.82
N GLY J 271 21.79 28.70 71.81
CA GLY J 271 21.48 27.32 71.44
C GLY J 271 22.45 26.80 70.39
N SER J 272 22.21 25.57 69.94
CA SER J 272 21.10 24.72 70.40
C SER J 272 21.34 23.22 70.24
N GLY J 273 22.13 22.61 71.12
CA GLY J 273 22.61 21.28 70.83
C GLY J 273 23.72 21.34 69.81
N ASN J 274 23.33 21.58 68.56
CA ASN J 274 24.26 21.95 67.51
C ASN J 274 24.50 23.42 67.71
N ARG J 275 25.00 24.13 66.68
CA ARG J 275 25.24 25.55 66.82
C ARG J 275 26.16 25.82 68.00
N THR J 276 25.57 26.20 69.11
CA THR J 276 26.24 26.41 70.40
C THR J 276 27.42 27.35 70.34
N SER J 277 28.18 27.34 69.25
CA SER J 277 29.28 28.29 69.08
C SER J 277 28.75 29.49 68.33
N VAL J 278 28.87 30.67 68.93
CA VAL J 278 28.37 31.88 68.29
C VAL J 278 29.24 32.21 67.09
N GLY J 279 28.62 32.40 65.93
CA GLY J 279 29.38 32.71 64.73
C GLY J 279 30.16 34.01 64.88
N SER J 280 31.11 34.20 63.96
CA SER J 280 31.93 35.40 63.97
C SER J 280 31.06 36.63 63.76
N SER J 281 31.08 37.54 64.73
CA SER J 281 30.25 38.74 64.70
C SER J 281 31.07 39.99 64.37
N ILE J 282 32.11 39.85 63.55
CA ILE J 282 32.90 40.99 63.09
C ILE J 282 32.59 41.20 61.61
N TYR J 283 31.64 42.08 61.32
CA TYR J 283 31.15 42.28 59.97
C TYR J 283 31.78 43.52 59.33
N VAL J 284 32.18 43.38 58.06
CA VAL J 284 32.64 44.50 57.26
C VAL J 284 32.23 44.26 55.81
N ASN J 285 31.94 45.34 55.11
CA ASN J 285 31.43 45.29 53.74
C ASN J 285 32.46 45.81 52.75
N THR J 286 32.49 45.20 51.57
CA THR J 286 33.34 45.70 50.49
C THR J 286 32.69 46.94 49.86
N PRO J 287 33.48 47.97 49.58
CA PRO J 287 32.95 49.16 48.92
C PRO J 287 32.92 49.00 47.40
N SER J 288 32.28 49.98 46.75
CA SER J 288 32.27 50.07 45.30
C SER J 288 31.96 51.51 44.89
N GLY J 289 32.78 52.06 43.99
CA GLY J 289 32.65 53.44 43.56
C GLY J 289 31.52 53.73 42.59
N SER J 290 30.81 52.71 42.12
CA SER J 290 29.69 52.86 41.19
C SER J 290 30.20 53.45 39.86
N LEU J 291 29.34 54.19 39.18
CA LEU J 291 29.64 54.69 37.84
C LEU J 291 30.55 55.90 37.91
N VAL J 292 31.55 55.94 37.02
CA VAL J 292 32.37 57.12 36.80
C VAL J 292 31.97 57.72 35.46
N SER J 293 31.78 59.04 35.43
CA SER J 293 31.29 59.70 34.23
C SER J 293 32.00 61.03 34.05
N SER J 294 31.94 61.55 32.82
CA SER J 294 32.55 62.84 32.52
C SER J 294 31.79 63.98 33.19
N GLU J 295 30.48 63.83 33.37
CA GLU J 295 29.68 64.86 34.03
C GLU J 295 30.08 65.05 35.48
N ALA J 296 30.66 64.02 36.12
CA ALA J 296 31.10 64.09 37.51
C ALA J 296 32.53 64.56 37.66
N GLN J 297 33.22 64.88 36.56
CA GLN J 297 34.62 65.25 36.64
C GLN J 297 34.79 66.63 37.28
N LEU J 298 35.79 66.75 38.15
CA LEU J 298 36.16 68.02 38.73
C LEU J 298 37.30 68.71 37.98
N PHE J 299 38.03 67.96 37.15
CA PHE J 299 39.24 68.45 36.51
C PHE J 299 38.96 68.84 35.06
N ASN J 300 40.03 69.20 34.35
CA ASN J 300 39.97 69.65 32.96
C ASN J 300 39.10 70.88 32.79
N LYS J 301 38.86 71.63 33.87
CA LYS J 301 38.12 72.88 33.83
C LYS J 301 38.77 73.87 34.78
N PRO J 302 38.83 75.14 34.41
CA PRO J 302 39.54 76.12 35.23
C PRO J 302 38.75 76.52 36.47
N TYR J 303 39.49 76.91 37.51
CA TYR J 303 38.91 77.45 38.73
C TYR J 303 39.54 78.81 39.00
N TRP J 304 38.70 79.81 39.25
CA TRP J 304 39.16 81.16 39.53
C TRP J 304 38.89 81.46 40.99
N LEU J 305 39.96 81.77 41.74
CA LEU J 305 39.84 82.06 43.17
C LEU J 305 39.31 83.47 43.35
N GLN J 306 38.00 83.61 43.21
CA GLN J 306 37.37 84.92 43.40
C GLN J 306 37.46 85.37 44.85
N LYS J 307 37.03 84.52 45.78
CA LYS J 307 37.07 84.83 47.20
C LYS J 307 37.50 83.59 47.96
N ALA J 308 38.40 83.78 48.92
CA ALA J 308 38.88 82.67 49.75
C ALA J 308 38.04 82.55 51.01
N GLN J 309 37.94 81.31 51.50
CA GLN J 309 37.19 81.07 52.72
C GLN J 309 37.95 81.61 53.93
N GLY J 310 39.27 81.45 53.94
CA GLY J 310 40.10 81.97 55.00
C GLY J 310 40.49 83.42 54.76
N HIS J 311 41.36 83.93 55.63
CA HIS J 311 41.85 85.28 55.48
C HIS J 311 42.92 85.39 54.41
N ASN J 312 43.70 84.33 54.19
CA ASN J 312 44.68 84.31 53.12
C ASN J 312 43.94 84.18 51.79
N ASN J 313 43.83 85.28 51.06
CA ASN J 313 43.07 85.32 49.81
C ASN J 313 43.96 84.96 48.62
N GLY J 314 44.59 83.80 48.71
CA GLY J 314 45.38 83.28 47.61
C GLY J 314 46.79 83.81 47.53
N ILE J 315 47.34 84.31 48.64
CA ILE J 315 48.72 84.83 48.65
C ILE J 315 49.67 83.66 48.89
N CYS J 316 50.62 83.49 47.96
CA CYS J 316 51.57 82.39 48.02
C CYS J 316 52.80 82.84 48.80
N TRP J 317 52.68 82.77 50.14
CA TRP J 317 53.80 83.14 50.99
C TRP J 317 54.97 82.18 50.78
N GLY J 318 56.18 82.72 50.80
CA GLY J 318 57.36 81.93 50.53
C GLY J 318 57.56 81.57 49.09
N ASN J 319 56.78 82.15 48.17
CA ASN J 319 56.88 81.88 46.74
C ASN J 319 56.73 80.38 46.44
N GLN J 320 55.76 79.75 47.09
CA GLN J 320 55.47 78.34 46.89
C GLN J 320 53.96 78.13 46.93
N LEU J 321 53.53 77.03 46.34
CA LEU J 321 52.11 76.71 46.25
C LEU J 321 51.92 75.21 46.34
N PHE J 322 51.10 74.76 47.28
CA PHE J 322 50.79 73.36 47.47
C PHE J 322 49.45 73.05 46.85
N VAL J 323 49.44 72.16 45.87
CA VAL J 323 48.22 71.74 45.18
C VAL J 323 48.05 70.26 45.42
N THR J 324 47.01 69.88 46.15
CA THR J 324 46.71 68.49 46.44
C THR J 324 45.61 68.01 45.50
N VAL J 325 45.78 66.80 44.98
CA VAL J 325 44.85 66.23 44.02
C VAL J 325 44.63 64.75 44.33
N VAL J 326 43.38 64.33 44.38
CA VAL J 326 43.00 62.93 44.44
C VAL J 326 42.02 62.65 43.32
N ASP J 327 42.33 61.66 42.48
CA ASP J 327 41.50 61.35 41.32
C ASP J 327 41.49 59.83 41.15
N THR J 328 40.40 59.20 41.58
CA THR J 328 40.22 57.77 41.46
C THR J 328 39.41 57.39 40.22
N THR J 329 39.00 58.37 39.42
CA THR J 329 38.22 58.09 38.22
C THR J 329 39.07 57.61 37.06
N ARG J 330 40.39 57.59 37.20
CA ARG J 330 41.30 57.10 36.18
C ARG J 330 42.27 56.09 36.79
N SER J 331 41.73 55.18 37.60
CA SER J 331 42.53 54.23 38.34
C SER J 331 42.70 52.89 37.62
N THR J 332 42.34 52.82 36.35
CA THR J 332 42.42 51.56 35.61
C THR J 332 43.84 51.02 35.61
N ASN J 333 43.98 49.76 36.02
CA ASN J 333 45.28 49.10 36.09
C ASN J 333 45.47 48.26 34.83
N MET J 334 46.49 48.59 34.04
CA MET J 334 46.77 47.87 32.82
C MET J 334 47.48 46.56 33.13
N THR J 335 47.11 45.51 32.40
CA THR J 335 47.69 44.19 32.57
C THR J 335 48.67 43.91 31.44
N LEU J 336 49.92 43.61 31.80
CA LEU J 336 50.96 43.30 30.84
C LEU J 336 51.29 41.82 30.90
N CYS J 337 51.59 41.24 29.73
CA CYS J 337 51.91 39.82 29.62
C CYS J 337 53.13 39.66 28.73
N ALA J 338 54.22 39.17 29.31
CA ALA J 338 55.46 38.92 28.59
C ALA J 338 55.69 37.42 28.47
N SER J 339 56.10 36.98 27.28
CA SER J 339 56.30 35.57 27.00
C SER J 339 57.74 35.17 27.33
N VAL J 340 57.90 34.17 28.18
CA VAL J 340 59.22 33.61 28.43
C VAL J 340 59.59 32.59 27.37
N THR J 341 58.62 31.78 26.95
CA THR J 341 58.80 30.83 25.87
C THR J 341 57.47 30.68 25.12
N THR J 342 57.50 29.90 24.04
CA THR J 342 56.32 29.65 23.22
C THR J 342 56.23 28.15 22.95
N SER J 343 55.53 27.44 23.84
CA SER J 343 55.35 26.00 23.68
C SER J 343 54.44 25.71 22.47
N SER J 344 54.43 24.44 22.06
CA SER J 344 53.59 24.04 20.95
C SER J 344 52.12 24.30 21.25
N THR J 345 51.69 24.03 22.48
CA THR J 345 50.35 24.33 22.95
C THR J 345 50.40 25.52 23.90
N TYR J 346 49.23 25.90 24.41
CA TYR J 346 49.13 27.01 25.35
C TYR J 346 49.41 26.52 26.76
N THR J 347 50.40 27.10 27.40
CA THR J 347 50.78 26.76 28.78
C THR J 347 51.00 28.03 29.58
N ASN J 348 50.37 28.10 30.75
CA ASN J 348 50.48 29.28 31.59
C ASN J 348 51.92 29.53 32.05
N SER J 349 52.72 28.47 32.14
CA SER J 349 54.10 28.63 32.59
C SER J 349 54.96 29.42 31.61
N ASP J 350 54.48 29.65 30.38
CA ASP J 350 55.25 30.36 29.38
C ASP J 350 55.11 31.87 29.46
N TYR J 351 54.21 32.38 30.30
CA TYR J 351 53.88 33.80 30.33
C TYR J 351 54.00 34.33 31.75
N LYS J 352 54.38 35.60 31.86
CA LYS J 352 54.41 36.32 33.12
C LYS J 352 53.41 37.47 33.05
N GLU J 353 52.62 37.63 34.10
CA GLU J 353 51.64 38.69 34.18
C GLU J 353 52.13 39.78 35.11
N TYR J 354 51.96 41.04 34.70
CA TYR J 354 52.41 42.20 35.46
C TYR J 354 51.29 43.20 35.62
N MET J 355 51.37 43.99 36.70
CA MET J 355 50.43 45.06 36.96
C MET J 355 51.13 46.40 36.79
N ARG J 356 50.51 47.31 36.05
CA ARG J 356 51.06 48.63 35.81
C ARG J 356 49.94 49.66 35.83
N HIS J 357 50.22 50.80 36.45
CA HIS J 357 49.28 51.91 36.51
C HIS J 357 50.00 53.20 36.14
N VAL J 358 49.26 54.13 35.53
CA VAL J 358 49.83 55.37 35.03
C VAL J 358 48.96 56.54 35.47
N GLU J 359 49.59 57.71 35.59
CA GLU J 359 48.92 58.95 35.93
C GLU J 359 49.51 60.07 35.10
N GLU J 360 48.64 60.82 34.42
CA GLU J 360 49.05 61.93 33.55
C GLU J 360 48.44 63.22 34.06
N TYR J 361 49.28 64.22 34.30
CA TYR J 361 48.84 65.50 34.84
C TYR J 361 49.39 66.64 33.99
N ASP J 362 48.69 67.77 34.03
CA ASP J 362 49.17 69.00 33.41
C ASP J 362 48.66 70.17 34.27
N LEU J 363 49.54 70.70 35.11
CA LEU J 363 49.19 71.76 36.03
C LEU J 363 49.38 73.11 35.36
N GLN J 364 48.32 73.92 35.31
CA GLN J 364 48.35 75.24 34.70
C GLN J 364 47.92 76.26 35.75
N PHE J 365 48.72 77.32 35.90
CA PHE J 365 48.48 78.36 36.89
C PHE J 365 48.52 79.73 36.23
N ILE J 366 47.85 80.68 36.87
CA ILE J 366 47.90 82.08 36.46
C ILE J 366 47.99 82.92 37.73
N PHE J 367 49.11 83.63 37.90
CA PHE J 367 49.38 84.38 39.11
C PHE J 367 49.28 85.88 38.84
N GLN J 368 49.03 86.63 39.92
CA GLN J 368 48.94 88.08 39.88
C GLN J 368 50.02 88.67 40.78
N LEU J 369 50.80 89.60 40.25
CA LEU J 369 51.83 90.25 41.03
C LEU J 369 51.22 91.20 42.05
N CYS J 370 51.77 91.20 43.27
CA CYS J 370 51.27 92.04 44.35
C CYS J 370 52.43 92.62 45.12
N SER J 371 52.23 93.83 45.63
CA SER J 371 53.23 94.52 46.44
C SER J 371 52.71 94.72 47.85
N ILE J 372 53.62 94.82 48.81
CA ILE J 372 53.28 95.00 50.22
C ILE J 372 54.12 96.15 50.76
N THR J 373 53.46 97.23 51.16
CA THR J 373 54.13 98.35 51.80
C THR J 373 54.40 97.97 53.25
N LEU J 374 55.67 97.85 53.62
CA LEU J 374 56.07 97.34 54.93
C LEU J 374 56.17 98.51 55.91
N SER J 375 55.04 98.84 56.54
CA SER J 375 55.06 99.79 57.65
C SER J 375 55.43 99.05 58.94
N ALA J 376 55.49 99.80 60.03
CA ALA J 376 55.80 99.18 61.32
C ALA J 376 54.73 98.17 61.72
N GLU J 377 53.46 98.48 61.46
CA GLU J 377 52.39 97.54 61.79
C GLU J 377 52.43 96.32 60.87
N VAL J 378 52.73 96.53 59.58
CA VAL J 378 52.79 95.41 58.65
C VAL J 378 53.93 94.47 59.02
N VAL J 379 55.10 95.01 59.36
CA VAL J 379 56.22 94.18 59.75
C VAL J 379 55.88 93.38 61.00
N ALA J 380 55.14 93.99 61.92
CA ALA J 380 54.73 93.27 63.13
C ALA J 380 53.78 92.13 62.82
N TYR J 381 52.78 92.37 61.97
CA TYR J 381 51.84 91.32 61.62
C TYR J 381 52.50 90.21 60.84
N ILE J 382 53.54 90.52 60.06
CA ILE J 382 54.24 89.51 59.28
C ILE J 382 55.37 88.84 60.07
N HIS J 383 55.88 89.48 61.12
CA HIS J 383 56.83 88.78 61.99
C HIS J 383 56.14 87.65 62.73
N THR J 384 55.03 87.94 63.41
CA THR J 384 54.11 86.89 63.78
C THR J 384 53.56 86.26 62.49
N MET J 385 52.86 85.13 62.66
CA MET J 385 52.56 84.26 61.52
C MET J 385 53.89 83.68 61.04
N ASN J 386 54.13 83.64 59.74
CA ASN J 386 55.40 83.13 59.23
C ASN J 386 56.48 84.21 59.33
N PRO J 387 57.48 84.04 60.19
CA PRO J 387 58.54 85.04 60.29
C PRO J 387 59.56 84.95 59.16
N SER J 388 59.72 83.78 58.54
CA SER J 388 60.66 83.62 57.44
C SER J 388 60.33 84.51 56.25
N VAL J 389 59.07 84.95 56.12
CA VAL J 389 58.70 85.83 55.03
C VAL J 389 59.52 87.11 55.08
N LEU J 390 59.78 87.63 56.28
CA LEU J 390 60.63 88.81 56.42
C LEU J 390 62.11 88.45 56.27
N GLU J 391 62.51 87.27 56.74
CA GLU J 391 63.91 86.86 56.64
C GLU J 391 64.32 86.61 55.20
N ASP J 392 63.45 85.94 54.43
CA ASP J 392 63.75 85.70 53.02
C ASP J 392 63.71 86.97 52.19
N TRP J 393 63.00 87.99 52.65
CA TRP J 393 62.99 89.28 51.97
C TRP J 393 64.22 90.13 52.28
N ASN J 394 65.05 89.71 53.23
CA ASN J 394 66.20 90.48 53.69
C ASN J 394 65.77 91.87 54.16
N PHE J 395 64.73 91.89 54.98
CA PHE J 395 64.14 93.15 55.45
C PHE J 395 64.04 93.12 56.97
N PRO J 429 67.53 74.08 56.34
CA PRO J 429 66.72 74.93 57.22
C PRO J 429 65.22 74.72 57.04
N ASP J 430 64.79 74.37 55.83
CA ASP J 430 63.38 74.17 55.54
C ASP J 430 62.81 73.01 56.34
N PRO J 431 61.81 73.23 57.18
CA PRO J 431 61.21 72.11 57.94
C PRO J 431 60.45 71.12 57.07
N TYR J 432 60.17 71.45 55.81
CA TYR J 432 59.46 70.55 54.91
C TYR J 432 60.39 69.65 54.11
N LYS J 433 61.69 69.66 54.42
CA LYS J 433 62.64 68.78 53.74
C LYS J 433 62.61 67.36 54.27
N ASN J 434 61.91 67.12 55.39
CA ASN J 434 61.72 65.76 55.88
C ASN J 434 60.53 65.07 55.24
N LEU J 435 59.61 65.83 54.64
CA LEU J 435 58.47 65.26 53.95
C LEU J 435 58.82 64.98 52.49
N SER J 436 57.82 64.53 51.73
CA SER J 436 58.03 64.17 50.33
C SER J 436 56.88 64.72 49.50
N PHE J 437 57.20 65.63 48.57
CA PHE J 437 56.22 66.21 47.67
C PHE J 437 56.70 66.08 46.24
N TRP J 438 55.76 66.18 45.30
CA TRP J 438 56.08 66.19 43.88
C TRP J 438 56.54 67.59 43.51
N GLU J 439 57.85 67.75 43.34
CA GLU J 439 58.41 69.06 43.06
C GLU J 439 58.03 69.51 41.65
N VAL J 440 57.43 70.68 41.56
CA VAL J 440 57.06 71.28 40.28
C VAL J 440 57.77 72.63 40.21
N ASN J 441 58.91 72.67 39.51
CA ASN J 441 59.71 73.87 39.40
C ASN J 441 59.14 74.73 38.29
N LEU J 442 58.43 75.79 38.65
CA LEU J 442 57.86 76.72 37.69
C LEU J 442 58.70 77.96 37.50
N LYS J 443 59.88 78.03 38.11
CA LYS J 443 60.84 79.05 37.75
C LYS J 443 61.29 78.82 36.31
N GLU J 444 61.60 79.92 35.62
CA GLU J 444 61.89 79.93 34.18
C GLU J 444 60.71 79.47 33.34
N LYS J 445 59.52 79.34 33.95
CA LYS J 445 58.32 78.95 33.23
C LYS J 445 57.27 80.05 33.20
N PHE J 446 57.48 81.16 33.90
CA PHE J 446 56.53 82.27 33.87
C PHE J 446 56.58 82.98 32.53
N SER J 447 55.40 83.37 32.04
CA SER J 447 55.29 84.07 30.77
C SER J 447 54.26 85.18 30.89
N SER J 448 54.56 86.34 30.31
CA SER J 448 53.65 87.46 30.33
C SER J 448 52.68 87.47 29.15
N GLU J 449 52.89 86.60 28.16
CA GLU J 449 52.01 86.50 27.00
C GLU J 449 50.91 85.51 27.33
N LEU J 450 49.81 86.02 27.89
CA LEU J 450 48.75 85.15 28.39
C LEU J 450 48.03 84.44 27.25
N ASP J 451 47.82 85.14 26.13
CA ASP J 451 47.04 84.59 25.02
C ASP J 451 47.72 83.44 24.29
N GLN J 452 48.97 83.10 24.64
CA GLN J 452 49.69 82.03 23.99
C GLN J 452 49.47 80.67 24.64
N TYR J 453 48.55 80.58 25.60
CA TYR J 453 48.33 79.35 26.35
C TYR J 453 46.85 79.15 26.58
N PRO J 454 46.40 77.90 26.76
CA PRO J 454 44.96 77.65 26.93
C PRO J 454 44.37 78.33 28.16
N LEU J 455 44.99 78.17 29.33
CA LEU J 455 44.45 78.78 30.53
C LEU J 455 44.50 80.30 30.46
N GLY J 456 45.54 80.85 29.83
CA GLY J 456 45.61 82.28 29.64
C GLY J 456 44.50 82.80 28.75
N ARG J 457 44.21 82.09 27.66
CA ARG J 457 43.09 82.46 26.80
C ARG J 457 41.77 82.42 27.56
N LYS J 458 41.57 81.38 28.38
CA LYS J 458 40.36 81.30 29.19
C LYS J 458 40.29 82.42 30.22
N PHE J 459 41.43 82.89 30.70
CA PHE J 459 41.45 83.97 31.68
C PHE J 459 41.05 85.30 31.06
N LEU J 460 41.53 85.58 29.84
CA LEU J 460 41.21 86.85 29.20
C LEU J 460 39.70 86.96 28.93
N LEU J 461 39.06 85.87 28.54
CA LEU J 461 37.65 85.87 28.19
C LEU J 461 36.73 85.61 29.37
N GLN J 462 37.25 85.68 30.60
CA GLN J 462 36.45 85.38 31.78
C GLN J 462 36.93 86.24 32.93
N SER J 463 36.28 86.07 34.09
CA SER J 463 36.59 86.80 35.31
C SER J 463 36.56 88.31 35.09
N GLU K 1 -35.86 -10.42 1.99
CA GLU K 1 -34.69 -10.83 2.76
C GLU K 1 -33.45 -10.91 1.89
N VAL K 2 -33.51 -10.26 0.73
CA VAL K 2 -32.40 -10.24 -0.22
C VAL K 2 -31.97 -8.79 -0.39
N GLN K 3 -31.11 -8.32 0.51
CA GLN K 3 -30.54 -6.99 0.43
C GLN K 3 -29.03 -7.09 0.51
N LEU K 4 -28.35 -6.11 -0.08
CA LEU K 4 -26.90 -6.11 -0.20
C LEU K 4 -26.32 -4.95 0.60
N GLN K 5 -25.47 -5.26 1.56
CA GLN K 5 -24.83 -4.26 2.41
C GLN K 5 -23.41 -3.99 1.90
N GLN K 6 -23.04 -2.71 1.85
CA GLN K 6 -21.75 -2.32 1.30
C GLN K 6 -20.82 -1.85 2.43
N SER K 7 -19.73 -1.19 2.03
CA SER K 7 -18.69 -0.77 2.98
C SER K 7 -19.08 0.48 3.73
N GLY K 8 -19.57 1.50 3.02
CA GLY K 8 -19.85 2.78 3.63
C GLY K 8 -19.12 3.91 2.96
N ALA K 9 -19.64 5.14 3.09
CA ALA K 9 -19.05 6.29 2.43
C ALA K 9 -17.64 6.55 2.97
N GLU K 10 -16.79 7.08 2.11
CA GLU K 10 -15.41 7.36 2.47
C GLU K 10 -14.94 8.61 1.74
N VAL K 11 -14.23 9.47 2.47
CA VAL K 11 -13.60 10.67 1.90
C VAL K 11 -12.12 10.40 1.79
N VAL K 12 -11.59 10.45 0.57
CA VAL K 12 -10.20 10.10 0.29
C VAL K 12 -9.53 11.26 -0.41
N ARG K 13 -8.26 11.49 -0.07
CA ARG K 13 -7.45 12.43 -0.81
C ARG K 13 -7.07 11.85 -2.17
N SER K 14 -6.71 12.75 -3.09
CA SER K 14 -6.33 12.32 -4.43
C SER K 14 -5.02 11.55 -4.39
N GLY K 15 -4.95 10.49 -5.20
CA GLY K 15 -3.75 9.68 -5.28
C GLY K 15 -3.68 8.51 -4.34
N ALA K 16 -4.76 8.20 -3.63
CA ALA K 16 -4.82 7.07 -2.72
C ALA K 16 -5.88 6.08 -3.19
N SER K 17 -5.72 4.82 -2.80
CA SER K 17 -6.64 3.78 -3.19
C SER K 17 -7.76 3.62 -2.16
N VAL K 18 -8.90 3.12 -2.62
CA VAL K 18 -10.04 2.84 -1.77
C VAL K 18 -10.61 1.48 -2.17
N LYS K 19 -11.12 0.75 -1.17
CA LYS K 19 -11.65 -0.59 -1.39
C LYS K 19 -13.09 -0.64 -0.91
N LEU K 20 -14.00 -0.96 -1.82
CA LEU K 20 -15.42 -1.08 -1.51
C LEU K 20 -15.78 -2.55 -1.39
N SER K 21 -16.74 -2.85 -0.51
CA SER K 21 -17.16 -4.22 -0.28
C SER K 21 -18.66 -4.36 -0.49
N CYS K 22 -19.09 -5.58 -0.76
CA CYS K 22 -20.49 -5.95 -0.86
C CYS K 22 -20.74 -7.14 0.06
N THR K 23 -22.00 -7.55 0.18
CA THR K 23 -22.34 -8.62 1.12
C THR K 23 -23.54 -9.40 0.60
N ALA K 24 -23.58 -10.68 0.96
CA ALA K 24 -24.72 -11.57 0.72
C ALA K 24 -24.97 -11.82 -0.76
N SER K 25 -23.98 -11.57 -1.62
CA SER K 25 -24.06 -11.90 -3.03
C SER K 25 -22.73 -12.56 -3.41
N GLY K 26 -22.78 -13.86 -3.71
CA GLY K 26 -21.56 -14.60 -3.94
C GLY K 26 -21.36 -15.69 -2.92
N PHE K 27 -21.98 -16.85 -3.16
CA PHE K 27 -21.94 -17.99 -2.28
C PHE K 27 -21.41 -19.20 -3.04
N ASN K 28 -21.01 -20.23 -2.30
CA ASN K 28 -20.71 -21.50 -2.95
C ASN K 28 -22.01 -22.08 -3.53
N ILE K 29 -21.87 -22.69 -4.71
CA ILE K 29 -22.89 -23.44 -5.45
C ILE K 29 -23.85 -22.44 -6.11
N LYS K 30 -24.02 -21.27 -5.49
CA LYS K 30 -24.85 -20.19 -6.03
C LYS K 30 -24.08 -18.88 -5.97
N ASP K 31 -23.86 -18.22 -7.11
CA ASP K 31 -23.48 -18.61 -8.49
C ASP K 31 -23.80 -17.34 -9.25
N TYR K 32 -24.15 -16.31 -8.46
CA TYR K 32 -24.66 -15.04 -8.99
C TYR K 32 -23.73 -14.43 -10.02
N ALA K 33 -24.23 -13.45 -10.76
CA ALA K 33 -23.39 -12.66 -11.65
C ALA K 33 -23.40 -11.23 -11.12
N ILE K 34 -22.33 -10.86 -10.40
CA ILE K 34 -22.25 -9.58 -9.72
C ILE K 34 -21.75 -8.52 -10.69
N HIS K 35 -22.42 -7.37 -10.70
CA HIS K 35 -22.04 -6.22 -11.49
C HIS K 35 -21.83 -5.02 -10.58
N TRP K 36 -21.02 -4.08 -11.05
CA TRP K 36 -20.78 -2.83 -10.34
C TRP K 36 -21.11 -1.67 -11.26
N VAL K 37 -21.82 -0.68 -10.71
CA VAL K 37 -22.28 0.47 -11.47
C VAL K 37 -21.82 1.75 -10.77
N LYS K 38 -21.31 2.69 -11.56
CA LYS K 38 -20.88 3.99 -11.08
C LYS K 38 -21.91 5.04 -11.46
N GLN K 39 -22.24 5.92 -10.51
CA GLN K 39 -23.24 6.96 -10.74
C GLN K 39 -22.60 8.31 -10.45
N ARG K 40 -22.23 9.02 -11.52
CA ARG K 40 -21.71 10.38 -11.49
C ARG K 40 -22.84 11.38 -11.72
N PRO K 41 -22.89 12.45 -10.93
CA PRO K 41 -23.98 13.43 -11.09
C PRO K 41 -24.10 14.02 -12.50
N GLU K 42 -23.15 13.79 -13.39
CA GLU K 42 -23.21 14.30 -14.75
C GLU K 42 -23.39 13.23 -15.80
N LYS K 43 -22.80 12.05 -15.62
CA LYS K 43 -22.81 11.01 -16.64
C LYS K 43 -23.87 9.93 -16.41
N GLY K 44 -24.70 10.06 -15.37
CA GLY K 44 -25.73 9.07 -15.15
C GLY K 44 -25.14 7.77 -14.61
N LEU K 45 -25.52 6.66 -15.21
CA LEU K 45 -25.04 5.34 -14.81
C LEU K 45 -23.99 4.83 -15.79
N GLU K 46 -22.94 4.22 -15.24
CA GLU K 46 -21.87 3.63 -16.03
C GLU K 46 -21.57 2.24 -15.48
N TRP K 47 -21.61 1.24 -16.36
CA TRP K 47 -21.31 -0.12 -15.96
C TRP K 47 -19.80 -0.31 -15.83
N ILE K 48 -19.38 -0.96 -14.74
CA ILE K 48 -17.96 -1.13 -14.44
C ILE K 48 -17.49 -2.49 -14.93
N GLY K 49 -18.06 -3.56 -14.37
CA GLY K 49 -17.65 -4.90 -14.76
C GLY K 49 -18.59 -5.93 -14.19
N ALA K 50 -18.42 -7.17 -14.67
CA ALA K 50 -19.24 -8.29 -14.27
C ALA K 50 -18.33 -9.38 -13.71
N ILE K 51 -18.56 -9.75 -12.46
CA ILE K 51 -17.80 -10.79 -11.77
C ILE K 51 -18.76 -11.90 -11.34
N ASP K 52 -18.30 -13.13 -11.53
CA ASP K 52 -19.08 -14.33 -11.22
C ASP K 52 -18.47 -15.05 -10.02
N PRO K 53 -19.11 -15.05 -8.86
CA PRO K 53 -18.64 -15.90 -7.77
C PRO K 53 -18.64 -17.36 -8.18
N GLU K 54 -18.08 -18.20 -7.31
CA GLU K 54 -17.78 -19.58 -7.63
C GLU K 54 -16.65 -19.63 -8.66
N TYR K 55 -16.99 -19.51 -9.96
CA TYR K 55 -15.94 -19.56 -10.99
C TYR K 55 -14.94 -18.43 -10.85
N GLY K 56 -15.36 -17.26 -10.39
CA GLY K 56 -14.44 -16.15 -10.24
C GLY K 56 -14.09 -15.45 -11.54
N ASP K 57 -14.92 -15.55 -12.56
CA ASP K 57 -14.66 -14.89 -13.84
C ASP K 57 -14.66 -13.38 -13.66
N THR K 58 -14.02 -12.70 -14.61
CA THR K 58 -13.87 -11.25 -14.55
C THR K 58 -14.03 -10.66 -15.94
N GLU K 59 -14.85 -9.63 -16.04
CA GLU K 59 -14.99 -8.84 -17.26
C GLU K 59 -15.01 -7.37 -16.87
N TYR K 60 -14.39 -6.53 -17.71
CA TYR K 60 -14.24 -5.11 -17.39
C TYR K 60 -14.65 -4.26 -18.60
N VAL K 61 -14.62 -2.95 -18.40
CA VAL K 61 -14.81 -1.97 -19.47
C VAL K 61 -13.44 -1.38 -19.81
N PRO K 62 -13.11 -1.20 -21.09
CA PRO K 62 -11.82 -0.58 -21.43
C PRO K 62 -11.61 0.79 -20.79
N LYS K 63 -12.69 1.51 -20.44
CA LYS K 63 -12.53 2.77 -19.75
C LYS K 63 -11.97 2.57 -18.34
N PHE K 64 -12.39 1.49 -17.68
CA PHE K 64 -12.05 1.28 -16.28
C PHE K 64 -10.93 0.27 -16.08
N GLN K 65 -10.43 -0.35 -17.14
CA GLN K 65 -9.31 -1.27 -17.02
C GLN K 65 -8.06 -0.52 -16.55
N GLY K 66 -7.47 -1.01 -15.46
CA GLY K 66 -6.37 -0.32 -14.82
C GLY K 66 -6.77 0.67 -13.74
N LYS K 67 -8.05 1.05 -13.72
CA LYS K 67 -8.61 1.91 -12.68
C LYS K 67 -9.35 1.12 -11.61
N ALA K 68 -10.17 0.15 -12.01
CA ALA K 68 -10.94 -0.66 -11.08
C ALA K 68 -10.40 -2.08 -11.08
N THR K 69 -10.20 -2.62 -9.88
CA THR K 69 -9.77 -4.01 -9.70
C THR K 69 -10.85 -4.75 -8.94
N MET K 70 -11.22 -5.92 -9.44
CA MET K 70 -12.31 -6.70 -8.87
C MET K 70 -11.78 -8.00 -8.27
N THR K 71 -12.27 -8.33 -7.09
CA THR K 71 -11.90 -9.56 -6.40
C THR K 71 -13.16 -10.19 -5.82
N ALA K 72 -13.10 -11.49 -5.61
CA ALA K 72 -14.23 -12.24 -5.07
C ALA K 72 -13.75 -13.28 -4.08
N ASP K 73 -14.32 -13.26 -2.88
CA ASP K 73 -14.06 -14.26 -1.85
C ASP K 73 -15.21 -15.26 -1.86
N THR K 74 -14.90 -16.51 -2.21
CA THR K 74 -15.96 -17.50 -2.43
C THR K 74 -16.73 -17.80 -1.15
N SER K 75 -16.02 -17.99 -0.03
CA SER K 75 -16.70 -18.14 1.26
C SER K 75 -17.35 -16.81 1.64
N SER K 76 -18.40 -16.89 2.45
CA SER K 76 -19.25 -15.75 2.82
C SER K 76 -19.68 -15.09 1.50
N ASN K 77 -19.76 -13.76 1.27
CA ASN K 77 -18.89 -12.60 1.47
C ASN K 77 -18.99 -11.83 0.16
N THR K 78 -18.01 -10.97 -0.11
CA THR K 78 -17.79 -10.38 -1.43
C THR K 78 -18.92 -9.45 -1.88
N ALA K 79 -18.60 -8.42 -2.66
CA ALA K 79 -17.65 -8.46 -3.77
C ALA K 79 -16.82 -7.20 -3.67
N TYR K 80 -15.51 -7.34 -3.60
CA TYR K 80 -14.66 -6.20 -3.33
C TYR K 80 -14.30 -5.49 -4.64
N LEU K 81 -14.51 -4.18 -4.66
CA LEU K 81 -14.14 -3.32 -5.78
C LEU K 81 -13.21 -2.24 -5.26
N GLN K 82 -12.01 -2.18 -5.83
CA GLN K 82 -10.99 -1.22 -5.39
C GLN K 82 -10.55 -0.37 -6.58
N LEU K 83 -10.35 0.92 -6.32
CA LEU K 83 -9.91 1.86 -7.33
C LEU K 83 -8.54 2.40 -6.93
N SER K 84 -7.65 2.55 -7.92
CA SER K 84 -6.27 2.90 -7.65
C SER K 84 -6.08 4.41 -7.52
N SER K 85 -5.41 5.02 -8.50
CA SER K 85 -5.17 6.45 -8.46
C SER K 85 -6.49 7.20 -8.54
N LEU K 86 -6.99 7.67 -7.39
CA LEU K 86 -8.27 8.33 -7.35
C LEU K 86 -8.12 9.79 -7.76
N THR K 87 -8.99 10.23 -8.66
CA THR K 87 -9.02 11.61 -9.15
C THR K 87 -10.40 12.21 -8.87
N SER K 88 -10.58 13.46 -9.30
CA SER K 88 -11.84 14.16 -9.07
C SER K 88 -12.99 13.54 -9.85
N GLU K 89 -12.72 12.82 -10.94
CA GLU K 89 -13.77 12.20 -11.73
C GLU K 89 -14.29 10.91 -11.13
N ASP K 90 -13.70 10.41 -10.05
CA ASP K 90 -14.16 9.20 -9.40
C ASP K 90 -15.13 9.49 -8.25
N THR K 91 -15.38 10.75 -7.92
CA THR K 91 -16.36 11.11 -6.91
C THR K 91 -17.74 10.71 -7.42
N ALA K 92 -18.27 9.61 -6.90
CA ALA K 92 -19.53 9.08 -7.40
C ALA K 92 -20.10 8.10 -6.38
N VAL K 93 -21.31 7.64 -6.66
CA VAL K 93 -21.97 6.62 -5.85
C VAL K 93 -21.84 5.30 -6.60
N TYR K 94 -21.28 4.29 -5.93
CA TYR K 94 -21.03 3.00 -6.53
C TYR K 94 -22.00 1.97 -5.96
N TYR K 95 -22.56 1.14 -6.86
CA TYR K 95 -23.55 0.15 -6.48
C TYR K 95 -23.06 -1.25 -6.82
N CYS K 96 -23.38 -2.19 -5.94
CA CYS K 96 -23.18 -3.61 -6.19
C CYS K 96 -24.55 -4.23 -6.41
N ASN K 97 -24.86 -4.59 -7.66
CA ASN K 97 -26.15 -5.16 -8.01
C ASN K 97 -25.95 -6.54 -8.62
N ALA K 98 -26.89 -7.44 -8.34
CA ALA K 98 -26.82 -8.81 -8.84
C ALA K 98 -28.19 -9.25 -9.33
N GLY K 99 -28.32 -9.47 -10.64
CA GLY K 99 -29.49 -10.18 -11.13
C GLY K 99 -29.53 -11.58 -10.54
N HIS K 100 -30.75 -12.06 -10.27
CA HIS K 100 -30.86 -13.33 -9.57
C HIS K 100 -30.26 -14.45 -10.41
N ASP K 101 -29.20 -15.06 -9.86
CA ASP K 101 -28.42 -16.17 -10.39
C ASP K 101 -27.45 -15.82 -11.52
N TYR K 102 -27.84 -15.02 -12.50
CA TYR K 102 -26.91 -14.84 -13.61
C TYR K 102 -27.30 -13.67 -14.52
N ASP K 103 -26.33 -13.32 -15.38
CA ASP K 103 -26.41 -12.52 -16.60
C ASP K 103 -26.38 -11.02 -16.31
N ARG K 104 -26.46 -10.23 -17.39
CA ARG K 104 -26.09 -8.82 -17.38
C ARG K 104 -27.27 -7.89 -17.18
N GLY K 105 -28.18 -7.82 -18.15
CA GLY K 105 -29.31 -6.90 -18.07
C GLY K 105 -29.91 -6.75 -16.69
N ARG K 106 -30.20 -7.87 -16.04
CA ARG K 106 -31.09 -7.86 -14.90
C ARG K 106 -30.31 -7.34 -13.68
N PHE K 107 -30.76 -6.23 -13.10
CA PHE K 107 -30.38 -5.80 -11.75
C PHE K 107 -31.65 -5.58 -10.93
N PRO K 108 -32.24 -6.64 -10.39
CA PRO K 108 -33.34 -6.44 -9.41
C PRO K 108 -32.88 -6.30 -7.98
N TYR K 109 -31.64 -6.67 -7.67
CA TYR K 109 -31.14 -6.63 -6.31
C TYR K 109 -29.92 -5.70 -6.28
N TRP K 110 -30.12 -4.48 -5.80
CA TRP K 110 -29.07 -3.47 -5.76
C TRP K 110 -28.52 -3.32 -4.36
N GLY K 111 -27.26 -2.89 -4.28
CA GLY K 111 -26.66 -2.53 -3.02
C GLY K 111 -27.20 -1.21 -2.49
N GLN K 112 -26.81 -0.90 -1.26
CA GLN K 112 -27.28 0.33 -0.63
C GLN K 112 -26.68 1.58 -1.26
N GLY K 113 -25.54 1.45 -1.93
CA GLY K 113 -24.83 2.60 -2.48
C GLY K 113 -23.73 3.08 -1.56
N THR K 114 -22.57 3.39 -2.15
CA THR K 114 -21.41 3.86 -1.39
C THR K 114 -20.88 5.13 -2.04
N LEU K 115 -20.87 6.22 -1.29
CA LEU K 115 -20.45 7.53 -1.80
C LEU K 115 -18.96 7.73 -1.54
N VAL K 116 -18.19 7.86 -2.61
CA VAL K 116 -16.75 8.13 -2.54
C VAL K 116 -16.52 9.57 -2.95
N THR K 117 -15.81 10.33 -2.11
CA THR K 117 -15.49 11.72 -2.40
C THR K 117 -13.97 11.89 -2.42
N VAL K 118 -13.45 12.21 -3.60
CA VAL K 118 -12.03 12.42 -3.84
C VAL K 118 -11.82 13.91 -4.11
N SER K 119 -11.16 14.60 -3.19
CA SER K 119 -10.96 16.03 -3.38
C SER K 119 -9.73 16.48 -2.59
N ALA K 120 -9.24 17.67 -2.95
CA ALA K 120 -8.03 18.22 -2.34
C ALA K 120 -8.13 18.31 -0.83
N ALA K 121 -9.34 18.55 -0.29
CA ALA K 121 -9.51 19.05 1.07
C ALA K 121 -8.73 20.38 1.17
N LYS K 122 -8.39 20.94 2.34
CA LYS K 122 -8.63 20.52 3.73
C LYS K 122 -10.03 20.87 4.18
N THR K 123 -10.39 20.39 5.36
CA THR K 123 -11.73 20.56 5.92
C THR K 123 -11.85 21.93 6.56
N THR K 124 -12.61 22.81 5.90
CA THR K 124 -12.82 24.18 6.31
C THR K 124 -14.22 24.34 6.87
N PRO K 125 -14.37 24.93 8.06
CA PRO K 125 -15.71 25.14 8.63
C PRO K 125 -16.47 26.17 7.83
N PRO K 126 -17.80 26.16 7.92
CA PRO K 126 -18.60 27.07 7.10
C PRO K 126 -18.67 28.49 7.68
N SER K 127 -18.86 29.44 6.78
CA SER K 127 -19.07 30.84 7.15
C SER K 127 -20.56 31.15 6.96
N VAL K 128 -21.25 31.45 8.05
CA VAL K 128 -22.68 31.69 8.04
C VAL K 128 -22.93 33.18 8.01
N TYR K 129 -23.81 33.62 7.11
CA TYR K 129 -24.13 35.03 6.93
C TYR K 129 -25.64 35.22 6.97
N PRO K 130 -26.15 36.11 7.81
CA PRO K 130 -27.60 36.35 7.83
C PRO K 130 -28.06 37.10 6.60
N LEU K 131 -29.33 36.87 6.23
CA LEU K 131 -29.97 37.51 5.09
C LEU K 131 -31.26 38.13 5.58
N ALA K 132 -31.19 39.42 5.99
CA ALA K 132 -32.28 40.18 6.57
C ALA K 132 -32.87 41.12 5.52
N PRO K 133 -34.15 41.51 5.66
CA PRO K 133 -34.75 42.44 4.70
C PRO K 133 -34.11 43.82 4.79
N GLY K 134 -34.49 44.67 3.84
CA GLY K 134 -33.88 45.98 3.72
C GLY K 134 -34.79 47.14 4.11
N SER K 135 -34.51 47.75 5.26
CA SER K 135 -35.18 48.97 5.74
C SER K 135 -36.67 48.67 5.91
N ALA K 136 -37.57 49.53 5.45
CA ALA K 136 -39.01 49.40 5.70
C ALA K 136 -39.81 49.37 4.40
N ALA K 137 -39.21 48.88 3.32
CA ALA K 137 -39.84 48.85 2.00
C ALA K 137 -40.59 47.55 1.74
N GLN K 138 -41.05 46.86 2.79
CA GLN K 138 -41.73 45.58 2.63
C GLN K 138 -43.11 45.61 3.28
N THR K 139 -43.18 45.72 4.61
CA THR K 139 -44.41 45.67 5.39
C THR K 139 -45.19 44.39 5.14
N ASN K 140 -46.47 44.39 5.53
CA ASN K 140 -47.32 43.22 5.45
C ASN K 140 -47.55 42.82 3.99
N SER K 141 -47.76 41.52 3.75
CA SER K 141 -47.79 40.49 4.78
C SER K 141 -46.76 39.39 4.55
N MET K 142 -46.28 38.81 5.66
CA MET K 142 -45.30 37.72 5.68
C MET K 142 -43.92 38.19 5.24
N VAL K 143 -42.88 37.60 5.84
CA VAL K 143 -41.50 38.01 5.58
C VAL K 143 -40.66 36.76 5.35
N THR K 144 -39.76 36.84 4.37
CA THR K 144 -38.80 35.78 4.09
C THR K 144 -37.48 36.11 4.75
N LEU K 145 -36.88 35.12 5.41
CA LEU K 145 -35.56 35.25 6.00
C LEU K 145 -34.66 34.15 5.45
N GLY K 146 -33.35 34.40 5.51
CA GLY K 146 -32.40 33.45 4.94
C GLY K 146 -31.07 33.47 5.67
N CYS K 147 -30.34 32.36 5.52
CA CYS K 147 -28.99 32.22 6.03
C CYS K 147 -28.11 31.64 4.94
N LEU K 148 -26.99 32.30 4.66
CA LEU K 148 -26.11 31.91 3.56
C LEU K 148 -24.89 31.21 4.13
N VAL K 149 -24.64 29.98 3.67
CA VAL K 149 -23.52 29.17 4.11
C VAL K 149 -22.53 29.08 2.95
N LYS K 150 -21.34 29.65 3.14
CA LYS K 150 -20.36 29.77 2.06
C LYS K 150 -19.00 29.28 2.51
N GLY K 151 -18.27 28.67 1.58
CA GLY K 151 -16.89 28.30 1.79
C GLY K 151 -16.67 27.22 2.81
N TYR K 152 -17.31 26.07 2.63
CA TYR K 152 -17.16 24.94 3.53
C TYR K 152 -16.85 23.69 2.72
N PHE K 153 -16.32 22.67 3.43
CA PHE K 153 -15.98 21.38 2.85
C PHE K 153 -15.84 20.39 3.99
N PRO K 154 -16.37 19.17 3.86
CA PRO K 154 -17.12 18.74 2.68
C PRO K 154 -18.63 18.73 2.90
N GLU K 155 -19.35 18.25 1.88
CA GLU K 155 -20.78 18.02 2.02
C GLU K 155 -21.02 16.91 3.05
N PRO K 156 -22.11 16.97 3.82
CA PRO K 156 -23.14 18.02 3.86
C PRO K 156 -23.12 18.89 5.11
N VAL K 157 -24.06 19.82 5.18
CA VAL K 157 -24.32 20.61 6.37
C VAL K 157 -25.81 20.52 6.67
N THR K 158 -26.14 20.58 7.96
CA THR K 158 -27.52 20.51 8.42
C THR K 158 -27.95 21.88 8.92
N VAL K 159 -28.93 22.48 8.24
CA VAL K 159 -29.41 23.80 8.56
C VAL K 159 -30.81 23.67 9.16
N THR K 160 -30.96 24.10 10.41
CA THR K 160 -32.24 24.17 11.08
C THR K 160 -32.47 25.60 11.55
N TRP K 161 -33.75 25.93 11.84
CA TRP K 161 -34.12 27.27 12.24
C TRP K 161 -34.51 27.26 13.71
N ASN K 162 -35.79 27.33 14.07
CA ASN K 162 -36.18 27.47 15.47
C ASN K 162 -35.98 26.19 16.26
N SER K 163 -34.73 25.69 16.29
CA SER K 163 -34.35 24.53 17.09
C SER K 163 -35.24 23.32 16.77
N GLY K 164 -35.52 23.12 15.49
CA GLY K 164 -36.39 22.05 15.03
C GLY K 164 -37.84 22.43 14.88
N SER K 165 -38.31 23.42 15.63
CA SER K 165 -39.68 23.89 15.49
C SER K 165 -39.87 24.63 14.17
N LEU K 166 -41.12 24.67 13.71
CA LEU K 166 -41.49 25.30 12.45
C LEU K 166 -40.76 24.67 11.28
N SER K 167 -41.39 23.68 10.64
CA SER K 167 -40.82 23.01 9.49
C SER K 167 -41.50 23.39 8.18
N SER K 168 -42.62 24.09 8.23
CA SER K 168 -43.31 24.53 7.02
C SER K 168 -42.79 25.88 6.56
N GLY K 169 -42.81 26.09 5.25
CA GLY K 169 -42.34 27.33 4.67
C GLY K 169 -40.84 27.47 4.61
N VAL K 170 -40.10 26.36 4.65
CA VAL K 170 -38.65 26.38 4.57
C VAL K 170 -38.23 25.87 3.20
N HIS K 171 -37.07 26.32 2.74
CA HIS K 171 -36.51 25.91 1.46
C HIS K 171 -35.02 25.74 1.59
N THR K 172 -34.53 24.52 1.37
CA THR K 172 -33.11 24.23 1.40
C THR K 172 -32.62 24.06 -0.04
N PHE K 173 -31.68 24.93 -0.46
CA PHE K 173 -31.23 24.88 -1.83
C PHE K 173 -29.98 24.01 -1.96
N PRO K 174 -29.87 23.26 -3.06
CA PRO K 174 -28.71 22.38 -3.23
C PRO K 174 -27.40 23.16 -3.24
N ALA K 175 -26.35 22.50 -2.76
CA ALA K 175 -25.05 23.15 -2.66
C ALA K 175 -24.42 23.31 -4.04
N VAL K 176 -23.60 24.35 -4.18
CA VAL K 176 -22.90 24.65 -5.42
C VAL K 176 -21.40 24.65 -5.12
N LEU K 177 -20.63 23.96 -5.96
CA LEU K 177 -19.19 23.84 -5.78
C LEU K 177 -18.50 24.88 -6.65
N GLN K 178 -17.73 25.76 -6.01
CA GLN K 178 -16.95 26.76 -6.72
C GLN K 178 -15.65 26.98 -5.98
N SER K 179 -14.54 27.02 -6.72
CA SER K 179 -13.20 27.17 -6.14
C SER K 179 -12.91 26.07 -5.11
N ASP K 180 -13.36 24.86 -5.42
CA ASP K 180 -13.17 23.68 -4.58
C ASP K 180 -13.80 23.82 -3.20
N LEU K 181 -14.79 24.70 -3.06
CA LEU K 181 -15.51 24.89 -1.82
C LEU K 181 -17.00 24.95 -2.09
N TYR K 182 -17.79 24.52 -1.12
CA TYR K 182 -19.23 24.43 -1.27
C TYR K 182 -19.92 25.69 -0.73
N THR K 183 -21.15 25.92 -1.20
CA THR K 183 -21.95 27.05 -0.79
C THR K 183 -23.42 26.62 -0.75
N LEU K 184 -24.06 26.82 0.39
CA LEU K 184 -25.46 26.44 0.58
C LEU K 184 -26.30 27.66 0.93
N SER K 185 -27.58 27.60 0.59
CA SER K 185 -28.53 28.66 0.89
C SER K 185 -29.79 28.05 1.47
N SER K 186 -30.40 28.75 2.43
CA SER K 186 -31.62 28.30 3.07
C SER K 186 -32.51 29.49 3.35
N SER K 187 -33.82 29.34 3.11
CA SER K 187 -34.78 30.40 3.32
C SER K 187 -35.96 29.90 4.12
N VAL K 188 -36.59 30.81 4.86
CA VAL K 188 -37.76 30.50 5.67
C VAL K 188 -38.71 31.71 5.62
N THR K 189 -40.00 31.43 5.59
CA THR K 189 -41.02 32.47 5.49
C THR K 189 -41.91 32.43 6.71
N VAL K 190 -42.01 33.55 7.43
CA VAL K 190 -42.83 33.65 8.63
C VAL K 190 -43.71 34.88 8.51
N PRO K 191 -44.85 34.89 9.21
CA PRO K 191 -45.72 36.07 9.17
C PRO K 191 -45.04 37.30 9.77
N SER K 192 -45.53 38.46 9.36
CA SER K 192 -44.94 39.72 9.82
C SER K 192 -45.15 39.93 11.32
N SER K 193 -46.23 39.36 11.87
CA SER K 193 -46.46 39.45 13.31
C SER K 193 -45.49 38.58 14.11
N THR K 194 -44.73 37.70 13.45
CA THR K 194 -43.76 36.84 14.11
C THR K 194 -42.38 37.50 14.20
N TRP K 195 -41.89 38.04 13.08
CA TRP K 195 -40.59 38.67 13.05
C TRP K 195 -40.74 40.16 12.77
N PRO K 196 -39.99 41.02 13.48
CA PRO K 196 -39.02 40.69 14.53
C PRO K 196 -39.62 40.63 15.93
N SER K 197 -40.89 40.25 16.03
CA SER K 197 -41.54 40.17 17.34
C SER K 197 -40.84 39.12 18.21
N GLU K 198 -40.77 37.89 17.73
CA GLU K 198 -40.05 36.82 18.40
C GLU K 198 -38.80 36.47 17.60
N THR K 199 -37.77 36.00 18.31
CA THR K 199 -36.46 35.78 17.70
C THR K 199 -36.51 34.64 16.68
N VAL K 200 -35.75 34.80 15.61
CA VAL K 200 -35.58 33.77 14.58
C VAL K 200 -34.09 33.52 14.42
N THR K 201 -33.68 32.28 14.65
CA THR K 201 -32.28 31.90 14.63
C THR K 201 -32.08 30.69 13.73
N CYS K 202 -31.02 30.70 12.93
CA CYS K 202 -30.67 29.58 12.07
C CYS K 202 -29.44 28.89 12.63
N ASN K 203 -29.46 27.56 12.60
CA ASN K 203 -28.38 26.73 13.13
C ASN K 203 -27.76 25.95 11.97
N VAL K 204 -26.44 26.04 11.85
CA VAL K 204 -25.70 25.37 10.79
C VAL K 204 -24.74 24.37 11.44
N ALA K 205 -25.02 23.09 11.24
CA ALA K 205 -24.21 22.02 11.81
C ALA K 205 -23.35 21.42 10.70
N HIS K 206 -22.05 21.43 10.90
CA HIS K 206 -21.12 20.81 9.96
C HIS K 206 -20.41 19.67 10.68
N PRO K 207 -20.73 18.42 10.37
CA PRO K 207 -20.20 17.31 11.19
C PRO K 207 -18.69 17.23 11.24
N ALA K 208 -18.00 17.53 10.13
CA ALA K 208 -16.55 17.43 10.10
C ALA K 208 -15.85 18.64 10.74
N SER K 209 -16.58 19.71 11.05
CA SER K 209 -15.99 20.85 11.73
C SER K 209 -16.76 21.21 13.01
N SER K 210 -17.53 22.29 12.96
CA SER K 210 -18.16 22.78 14.18
C SER K 210 -19.53 23.35 13.87
N THR K 211 -20.41 23.25 14.87
CA THR K 211 -21.75 23.81 14.80
C THR K 211 -21.72 25.31 15.05
N LYS K 212 -22.56 26.05 14.31
CA LYS K 212 -22.67 27.49 14.47
C LYS K 212 -24.13 27.89 14.63
N VAL K 213 -24.35 29.00 15.36
CA VAL K 213 -25.68 29.51 15.67
C VAL K 213 -25.66 31.02 15.45
N ASP K 214 -26.61 31.51 14.65
CA ASP K 214 -26.66 32.94 14.29
C ASP K 214 -28.12 33.40 14.28
N LYS K 215 -28.42 34.41 15.09
CA LYS K 215 -29.76 34.98 15.16
C LYS K 215 -29.88 36.14 14.19
N LYS K 216 -31.09 36.34 13.67
CA LYS K 216 -31.36 37.34 12.66
C LYS K 216 -31.94 38.59 13.29
N ILE K 217 -31.32 39.74 13.02
CA ILE K 217 -31.74 41.04 13.54
C ILE K 217 -31.89 41.99 12.36
N VAL K 218 -32.83 42.92 12.49
CA VAL K 218 -33.09 43.94 11.47
C VAL K 218 -31.81 44.64 11.01
N ASP L 1 -19.35 0.16 -28.67
CA ASP L 1 -20.08 0.86 -27.63
C ASP L 1 -21.46 1.30 -28.13
N ILE L 2 -22.50 0.59 -27.68
CA ILE L 2 -23.87 0.90 -28.09
C ILE L 2 -24.37 2.06 -27.25
N VAL L 3 -24.75 3.15 -27.91
CA VAL L 3 -25.17 4.37 -27.24
C VAL L 3 -26.67 4.32 -27.00
N MET L 4 -27.09 4.56 -25.76
CA MET L 4 -28.50 4.63 -25.39
C MET L 4 -28.91 6.10 -25.35
N THR L 5 -29.79 6.49 -26.27
CA THR L 5 -30.23 7.88 -26.38
C THR L 5 -31.72 7.95 -26.03
N GLN L 6 -32.02 8.58 -24.90
CA GLN L 6 -33.40 8.84 -24.51
C GLN L 6 -33.84 10.21 -25.01
N SER L 7 -35.09 10.30 -25.46
CA SER L 7 -35.60 11.49 -26.11
C SER L 7 -35.46 12.75 -25.25
N GLN L 8 -36.26 12.86 -24.19
CA GLN L 8 -36.29 14.05 -23.37
C GLN L 8 -35.70 13.77 -21.99
N LYS L 9 -35.06 14.81 -21.43
CA LYS L 9 -34.51 14.70 -20.08
C LYS L 9 -35.61 14.86 -19.02
N PHE L 10 -36.63 15.66 -19.30
CA PHE L 10 -37.73 15.86 -18.38
C PHE L 10 -39.05 15.61 -19.12
N MET L 11 -40.07 15.23 -18.37
CA MET L 11 -41.37 14.93 -18.94
C MET L 11 -42.46 15.34 -17.97
N SER L 12 -43.45 16.07 -18.46
CA SER L 12 -44.57 16.54 -17.65
C SER L 12 -45.82 15.71 -17.92
N THR L 13 -46.64 15.56 -16.89
CA THR L 13 -47.87 14.77 -16.93
C THR L 13 -48.59 14.98 -15.62
N SER L 14 -49.81 14.42 -15.54
CA SER L 14 -50.61 14.50 -14.33
C SER L 14 -51.09 13.11 -13.95
N VAL L 15 -51.54 12.98 -12.70
CA VAL L 15 -52.04 11.70 -12.20
C VAL L 15 -53.21 11.24 -13.06
N GLY L 16 -53.18 9.97 -13.44
CA GLY L 16 -54.22 9.38 -14.27
C GLY L 16 -53.91 9.38 -15.75
N ASP L 17 -52.98 10.20 -16.21
CA ASP L 17 -52.67 10.29 -17.63
C ASP L 17 -51.84 9.10 -18.08
N ARG L 18 -51.44 9.11 -19.35
CA ARG L 18 -50.68 8.04 -19.97
C ARG L 18 -49.35 8.61 -20.47
N VAL L 19 -48.24 7.98 -20.06
CA VAL L 19 -46.90 8.46 -20.36
C VAL L 19 -46.15 7.39 -21.13
N SER L 20 -45.33 7.80 -22.10
CA SER L 20 -44.52 6.90 -22.90
C SER L 20 -43.11 7.47 -23.00
N ILE L 21 -42.12 6.71 -22.51
CA ILE L 21 -40.72 7.10 -22.57
C ILE L 21 -40.04 6.28 -23.65
N THR L 22 -39.28 6.94 -24.51
CA THR L 22 -38.65 6.28 -25.65
C THR L 22 -37.15 6.13 -25.41
N CYS L 23 -36.60 5.03 -25.94
CA CYS L 23 -35.18 4.71 -25.82
C CYS L 23 -34.70 4.20 -27.17
N LYS L 24 -33.77 4.91 -27.78
CA LYS L 24 -33.28 4.58 -29.11
C LYS L 24 -31.86 4.05 -29.04
N ALA L 25 -31.63 2.90 -29.67
CA ALA L 25 -30.33 2.25 -29.68
C ALA L 25 -29.56 2.60 -30.94
N SER L 26 -28.24 2.70 -30.80
CA SER L 26 -27.37 2.92 -31.94
C SER L 26 -27.06 1.64 -32.71
N GLN L 27 -27.52 0.49 -32.22
CA GLN L 27 -27.30 -0.78 -32.87
C GLN L 27 -28.50 -1.67 -32.60
N ASN L 28 -28.62 -2.73 -33.41
CA ASN L 28 -29.68 -3.71 -33.19
C ASN L 28 -29.34 -4.53 -31.95
N VAL L 29 -30.26 -4.56 -30.99
CA VAL L 29 -30.02 -5.26 -29.73
C VAL L 29 -31.14 -6.26 -29.49
N GLY L 30 -31.93 -6.54 -30.52
CA GLY L 30 -33.03 -7.47 -30.40
C GLY L 30 -34.03 -7.03 -29.36
N THR L 31 -34.15 -7.81 -28.28
CA THR L 31 -35.00 -7.46 -27.16
C THR L 31 -34.22 -7.38 -25.86
N ALA L 32 -32.89 -7.25 -25.94
CA ALA L 32 -32.02 -7.17 -24.77
C ALA L 32 -31.99 -5.74 -24.24
N VAL L 33 -33.14 -5.30 -23.73
CA VAL L 33 -33.30 -3.98 -23.14
C VAL L 33 -34.04 -4.11 -21.81
N ALA L 34 -33.54 -3.41 -20.79
CA ALA L 34 -34.16 -3.40 -19.47
C ALA L 34 -34.43 -1.96 -19.05
N TRP L 35 -35.45 -1.80 -18.22
CA TRP L 35 -35.85 -0.50 -17.70
C TRP L 35 -35.76 -0.50 -16.18
N TYR L 36 -35.34 0.63 -15.61
CA TYR L 36 -35.20 0.77 -14.18
C TYR L 36 -35.88 2.05 -13.71
N GLN L 37 -36.29 2.03 -12.44
CA GLN L 37 -36.87 3.20 -11.78
C GLN L 37 -36.00 3.55 -10.58
N GLN L 38 -35.65 4.83 -10.46
CA GLN L 38 -34.81 5.30 -9.36
C GLN L 38 -35.42 6.56 -8.77
N LYS L 39 -35.75 6.50 -7.49
CA LYS L 39 -36.23 7.65 -6.74
C LYS L 39 -35.06 8.37 -6.08
N PRO L 40 -35.19 9.66 -5.80
CA PRO L 40 -34.09 10.41 -5.18
C PRO L 40 -33.68 9.81 -3.84
N GLY L 41 -32.37 9.70 -3.64
CA GLY L 41 -31.83 9.18 -2.40
C GLY L 41 -32.02 7.69 -2.20
N GLN L 42 -32.30 6.94 -3.25
CA GLN L 42 -32.48 5.50 -3.17
C GLN L 42 -31.73 4.81 -4.30
N SER L 43 -31.62 3.51 -4.19
CA SER L 43 -31.00 2.70 -5.24
C SER L 43 -32.03 2.34 -6.30
N PRO L 44 -31.59 2.20 -7.55
CA PRO L 44 -32.52 1.85 -8.62
C PRO L 44 -33.21 0.51 -8.38
N LYS L 45 -34.43 0.39 -8.89
CA LYS L 45 -35.22 -0.83 -8.80
C LYS L 45 -35.53 -1.30 -10.21
N LEU L 46 -35.33 -2.59 -10.47
CA LEU L 46 -35.63 -3.14 -11.78
C LEU L 46 -37.14 -3.14 -12.03
N MET L 47 -37.51 -2.75 -13.25
CA MET L 47 -38.92 -2.72 -13.65
C MET L 47 -39.20 -3.74 -14.74
N ILE L 48 -38.64 -3.56 -15.93
CA ILE L 48 -38.88 -4.44 -17.07
C ILE L 48 -37.55 -4.96 -17.57
N TYR L 49 -37.53 -6.22 -18.01
CA TYR L 49 -36.34 -6.79 -18.63
C TYR L 49 -36.77 -7.70 -19.77
N PHE L 50 -35.88 -7.84 -20.76
CA PHE L 50 -36.17 -8.57 -21.99
C PHE L 50 -37.23 -7.82 -22.80
N ALA L 51 -37.08 -6.49 -22.85
CA ALA L 51 -37.94 -5.56 -23.59
C ALA L 51 -39.32 -5.39 -22.96
N SER L 52 -40.03 -6.49 -22.71
CA SER L 52 -41.42 -6.35 -22.32
C SER L 52 -41.87 -7.30 -21.20
N ASN L 53 -40.97 -7.76 -20.34
CA ASN L 53 -41.32 -8.68 -19.25
C ASN L 53 -41.20 -7.94 -17.93
N ARG L 54 -42.28 -7.92 -17.15
CA ARG L 54 -42.26 -7.26 -15.86
C ARG L 54 -41.58 -8.14 -14.81
N TYR L 55 -40.79 -7.51 -13.95
CA TYR L 55 -40.14 -8.21 -12.87
C TYR L 55 -41.11 -8.42 -11.71
N THR L 56 -40.83 -9.45 -10.90
CA THR L 56 -41.61 -9.74 -9.71
C THR L 56 -41.71 -8.51 -8.82
N GLY L 57 -42.94 -8.03 -8.61
CA GLY L 57 -43.06 -6.73 -7.98
C GLY L 57 -43.90 -5.75 -8.77
N VAL L 58 -43.58 -5.61 -10.06
CA VAL L 58 -43.99 -4.43 -10.81
C VAL L 58 -45.44 -4.60 -11.24
N PRO L 59 -46.29 -3.59 -11.02
CA PRO L 59 -47.71 -3.72 -11.36
C PRO L 59 -47.92 -3.77 -12.86
N ASP L 60 -49.08 -4.34 -13.25
CA ASP L 60 -49.51 -4.34 -14.65
C ASP L 60 -49.64 -2.94 -15.22
N ARG L 61 -49.56 -1.90 -14.38
CA ARG L 61 -49.59 -0.52 -14.85
C ARG L 61 -48.46 -0.22 -15.83
N PHE L 62 -47.29 -0.83 -15.63
CA PHE L 62 -46.14 -0.60 -16.48
C PHE L 62 -46.10 -1.63 -17.61
N THR L 63 -45.86 -1.16 -18.83
CA THR L 63 -45.78 -2.03 -19.99
C THR L 63 -44.59 -1.60 -20.84
N GLY L 64 -43.73 -2.55 -21.18
CA GLY L 64 -42.62 -2.32 -22.06
C GLY L 64 -42.88 -2.84 -23.45
N SER L 65 -42.17 -2.28 -24.43
CA SER L 65 -42.38 -2.65 -25.82
C SER L 65 -41.16 -2.24 -26.63
N GLY L 66 -41.11 -2.74 -27.87
CA GLY L 66 -40.05 -2.43 -28.80
C GLY L 66 -39.13 -3.61 -29.03
N SER L 67 -38.32 -3.46 -30.09
CA SER L 67 -37.35 -4.47 -30.48
C SER L 67 -36.40 -3.84 -31.49
N GLY L 68 -35.18 -4.38 -31.55
CA GLY L 68 -34.18 -3.90 -32.49
C GLY L 68 -33.48 -2.63 -32.04
N THR L 69 -34.10 -1.48 -32.30
CA THR L 69 -33.47 -0.20 -31.98
C THR L 69 -34.41 0.84 -31.38
N ASP L 70 -35.72 0.62 -31.37
CA ASP L 70 -36.67 1.55 -30.77
C ASP L 70 -37.41 0.84 -29.65
N PHE L 71 -37.30 1.37 -28.44
CA PHE L 71 -37.93 0.79 -27.26
C PHE L 71 -38.71 1.85 -26.51
N THR L 72 -39.78 1.43 -25.84
CA THR L 72 -40.70 2.35 -25.20
C THR L 72 -41.21 1.77 -23.89
N LEU L 73 -41.29 2.62 -22.87
CA LEU L 73 -41.94 2.30 -21.60
C LEU L 73 -43.22 3.10 -21.50
N THR L 74 -44.33 2.42 -21.20
CA THR L 74 -45.65 3.04 -21.16
C THR L 74 -46.25 2.87 -19.77
N ILE L 75 -46.80 3.95 -19.23
CA ILE L 75 -47.43 3.93 -17.91
C ILE L 75 -48.89 4.31 -18.10
N SER L 76 -49.74 3.29 -18.27
CA SER L 76 -51.18 3.42 -18.48
C SER L 76 -51.88 3.73 -17.16
N ASN L 77 -52.11 5.01 -16.90
CA ASN L 77 -52.75 5.56 -15.70
C ASN L 77 -51.71 5.61 -14.59
N MET L 78 -51.57 6.79 -13.98
CA MET L 78 -50.45 7.10 -13.10
C MET L 78 -50.88 7.23 -11.65
N GLN L 79 -49.87 7.18 -10.78
CA GLN L 79 -50.00 7.47 -9.37
C GLN L 79 -48.87 8.41 -8.97
N SER L 80 -49.01 9.03 -7.81
CA SER L 80 -47.97 9.94 -7.33
C SER L 80 -46.66 9.20 -7.09
N GLU L 81 -46.73 7.91 -6.75
CA GLU L 81 -45.54 7.12 -6.47
C GLU L 81 -44.69 6.84 -7.70
N ASP L 82 -45.16 7.19 -8.89
CA ASP L 82 -44.43 6.93 -10.12
C ASP L 82 -43.51 8.07 -10.52
N LEU L 83 -43.46 9.15 -9.74
CA LEU L 83 -42.59 10.28 -10.05
C LEU L 83 -41.17 9.92 -9.65
N ALA L 84 -40.32 9.63 -10.64
CA ALA L 84 -38.94 9.24 -10.40
C ALA L 84 -38.19 9.26 -11.74
N ASP L 85 -36.94 8.85 -11.70
CA ASP L 85 -36.13 8.72 -12.91
C ASP L 85 -36.32 7.34 -13.52
N TYR L 86 -36.19 7.28 -14.85
CA TYR L 86 -36.35 6.04 -15.59
C TYR L 86 -35.19 5.88 -16.56
N PHE L 87 -34.49 4.75 -16.46
CA PHE L 87 -33.34 4.46 -17.28
C PHE L 87 -33.61 3.22 -18.14
N CYS L 88 -33.04 3.22 -19.34
CA CYS L 88 -33.02 2.02 -20.19
C CYS L 88 -31.59 1.52 -20.32
N GLN L 89 -31.46 0.20 -20.43
CA GLN L 89 -30.14 -0.43 -20.43
C GLN L 89 -30.07 -1.43 -21.56
N GLN L 90 -28.90 -1.50 -22.20
CA GLN L 90 -28.63 -2.46 -23.25
C GLN L 90 -27.69 -3.53 -22.73
N TYR L 91 -28.00 -4.79 -23.03
CA TYR L 91 -27.14 -5.91 -22.65
C TYR L 91 -27.03 -6.90 -23.79
N SER L 92 -26.94 -6.40 -25.02
CA SER L 92 -26.70 -7.26 -26.17
C SER L 92 -25.22 -7.62 -26.30
N SER L 93 -24.34 -6.67 -26.01
CA SER L 93 -22.90 -6.91 -26.06
C SER L 93 -22.19 -5.97 -25.10
N TYR L 94 -21.02 -6.39 -24.65
CA TYR L 94 -20.22 -5.57 -23.77
C TYR L 94 -19.56 -4.43 -24.53
N PRO L 95 -19.37 -3.26 -23.88
CA PRO L 95 -19.76 -2.98 -22.50
C PRO L 95 -21.24 -2.60 -22.36
N LEU L 96 -21.80 -2.88 -21.18
CA LEU L 96 -23.18 -2.50 -20.90
C LEU L 96 -23.28 -0.98 -20.79
N THR L 97 -24.36 -0.44 -21.36
CA THR L 97 -24.56 1.01 -21.38
C THR L 97 -25.96 1.35 -20.89
N PHE L 98 -26.10 2.57 -20.36
CA PHE L 98 -27.37 3.08 -19.87
C PHE L 98 -27.73 4.36 -20.62
N GLY L 99 -29.01 4.72 -20.53
CA GLY L 99 -29.47 5.96 -21.12
C GLY L 99 -29.43 7.12 -20.16
N ALA L 100 -29.62 8.32 -20.70
CA ALA L 100 -29.65 9.53 -19.89
C ALA L 100 -30.89 9.55 -18.99
N GLY L 101 -30.83 10.38 -17.95
CA GLY L 101 -31.93 10.45 -17.01
C GLY L 101 -33.19 11.02 -17.64
N THR L 102 -34.33 10.59 -17.10
CA THR L 102 -35.64 11.07 -17.53
C THR L 102 -36.50 11.28 -16.30
N LYS L 103 -36.80 12.54 -15.99
CA LYS L 103 -37.59 12.88 -14.81
C LYS L 103 -39.07 13.02 -15.18
N LEU L 104 -39.92 12.32 -14.44
CA LEU L 104 -41.37 12.42 -14.61
C LEU L 104 -41.93 13.33 -13.51
N GLU L 105 -42.60 14.40 -13.93
CA GLU L 105 -43.12 15.42 -13.04
C GLU L 105 -44.63 15.58 -13.19
N LEU L 106 -45.24 16.14 -12.15
CA LEU L 106 -46.66 16.42 -12.08
C LEU L 106 -46.91 17.84 -12.61
N LYS L 107 -48.15 18.09 -13.03
CA LYS L 107 -48.45 19.37 -13.66
C LYS L 107 -48.70 20.51 -12.69
N ARG L 108 -49.51 20.34 -11.64
CA ARG L 108 -49.70 21.44 -10.71
C ARG L 108 -50.36 22.59 -11.45
N ALA L 109 -50.70 23.67 -10.77
CA ALA L 109 -51.31 24.81 -11.42
C ALA L 109 -50.32 25.98 -11.40
N ASP L 110 -50.56 26.95 -12.28
CA ASP L 110 -49.51 27.92 -12.61
C ASP L 110 -49.37 28.88 -11.45
N ALA L 111 -48.25 28.80 -10.75
CA ALA L 111 -47.98 29.71 -9.64
C ALA L 111 -46.98 30.77 -10.05
N ALA L 112 -47.12 31.96 -9.46
CA ALA L 112 -46.13 32.99 -9.68
C ALA L 112 -45.04 32.90 -8.60
N PRO L 113 -43.78 33.17 -8.93
CA PRO L 113 -42.73 33.07 -7.91
C PRO L 113 -42.88 34.17 -6.88
N THR L 114 -42.26 33.94 -5.73
CA THR L 114 -42.17 34.94 -4.68
C THR L 114 -40.71 35.34 -4.58
N VAL L 115 -40.43 36.61 -4.87
CA VAL L 115 -39.08 37.10 -5.04
C VAL L 115 -38.72 37.98 -3.85
N SER L 116 -37.59 37.69 -3.22
CA SER L 116 -37.10 38.47 -2.09
C SER L 116 -35.61 38.66 -2.27
N ILE L 117 -35.16 39.92 -2.27
CA ILE L 117 -33.76 40.26 -2.45
C ILE L 117 -33.21 40.67 -1.08
N PHE L 118 -31.96 40.32 -0.83
CA PHE L 118 -31.32 40.58 0.46
C PHE L 118 -29.94 41.18 0.22
N PRO L 119 -29.65 42.38 0.70
CA PRO L 119 -28.31 42.95 0.57
C PRO L 119 -27.33 42.21 1.44
N PRO L 120 -26.02 42.39 1.22
CA PRO L 120 -25.03 41.74 2.08
C PRO L 120 -25.19 42.20 3.52
N SER L 121 -25.01 41.26 4.45
CA SER L 121 -25.12 41.58 5.86
C SER L 121 -23.94 42.44 6.30
N SER L 122 -24.16 43.18 7.40
CA SER L 122 -23.08 43.99 7.96
C SER L 122 -21.94 43.11 8.44
N GLU L 123 -22.23 41.86 8.82
CA GLU L 123 -21.19 40.96 9.30
C GLU L 123 -20.29 40.52 8.16
N GLN L 124 -20.87 40.19 7.00
CA GLN L 124 -20.05 39.75 5.87
C GLN L 124 -19.21 40.89 5.31
N LEU L 125 -19.70 42.13 5.42
CA LEU L 125 -18.93 43.28 4.96
C LEU L 125 -17.70 43.54 5.80
N THR L 126 -17.60 42.91 6.98
CA THR L 126 -16.38 43.00 7.78
C THR L 126 -15.29 42.07 7.27
N SER L 127 -15.64 41.07 6.45
CA SER L 127 -14.69 40.13 5.89
C SER L 127 -14.15 40.57 4.54
N GLY L 128 -14.58 41.71 4.03
CA GLY L 128 -14.14 42.15 2.72
C GLY L 128 -14.93 41.61 1.56
N GLY L 129 -16.00 40.87 1.82
CA GLY L 129 -16.82 40.32 0.75
C GLY L 129 -18.27 40.78 0.85
N ALA L 130 -19.00 40.69 -0.26
CA ALA L 130 -20.38 41.14 -0.33
C ALA L 130 -21.16 40.21 -1.25
N SER L 131 -22.17 39.55 -0.69
CA SER L 131 -23.03 38.64 -1.43
C SER L 131 -24.46 39.14 -1.39
N VAL L 132 -25.07 39.29 -2.56
CA VAL L 132 -26.47 39.69 -2.69
C VAL L 132 -27.24 38.46 -3.15
N VAL L 133 -28.24 38.07 -2.36
CA VAL L 133 -29.01 36.87 -2.65
C VAL L 133 -30.41 37.27 -3.11
N CYS L 134 -31.05 36.37 -3.84
CA CYS L 134 -32.38 36.61 -4.35
C CYS L 134 -33.12 35.28 -4.40
N PHE L 135 -34.13 35.12 -3.54
CA PHE L 135 -34.88 33.87 -3.45
C PHE L 135 -36.12 33.93 -4.34
N LEU L 136 -36.31 32.89 -5.14
CA LEU L 136 -37.49 32.73 -5.98
C LEU L 136 -38.17 31.44 -5.53
N ASN L 137 -39.24 31.57 -4.74
CA ASN L 137 -39.85 30.43 -4.06
C ASN L 137 -41.24 30.14 -4.60
N ASN L 138 -41.55 28.84 -4.73
CA ASN L 138 -42.89 28.36 -5.01
C ASN L 138 -43.43 28.88 -6.34
N PHE L 139 -42.75 28.50 -7.42
CA PHE L 139 -43.19 28.82 -8.76
C PHE L 139 -43.34 27.54 -9.59
N TYR L 140 -44.13 27.66 -10.66
CA TYR L 140 -44.31 26.57 -11.62
C TYR L 140 -44.76 27.18 -12.93
N PRO L 141 -44.21 26.75 -14.09
CA PRO L 141 -43.22 25.67 -14.27
C PRO L 141 -41.78 26.03 -13.95
N LYS L 142 -40.86 25.11 -14.31
CA LYS L 142 -39.46 25.29 -13.96
C LYS L 142 -38.81 26.42 -14.74
N ASP L 143 -39.27 26.66 -15.96
CA ASP L 143 -38.61 27.64 -16.82
C ASP L 143 -38.72 29.03 -16.21
N ILE L 144 -37.58 29.59 -15.84
CA ILE L 144 -37.54 30.92 -15.24
C ILE L 144 -36.14 31.48 -15.47
N ASN L 145 -36.05 32.80 -15.59
CA ASN L 145 -34.78 33.48 -15.85
C ASN L 145 -34.61 34.61 -14.84
N VAL L 146 -33.40 34.69 -14.27
CA VAL L 146 -33.06 35.73 -13.31
C VAL L 146 -32.06 36.66 -13.95
N LYS L 147 -32.28 37.97 -13.80
CA LYS L 147 -31.40 38.98 -14.35
C LYS L 147 -30.93 39.90 -13.23
N TRP L 148 -29.61 40.03 -13.08
CA TRP L 148 -29.02 40.92 -12.09
C TRP L 148 -28.66 42.25 -12.74
N LYS L 149 -29.04 43.34 -12.09
CA LYS L 149 -28.74 44.68 -12.56
C LYS L 149 -27.98 45.44 -11.47
N ILE L 150 -26.84 46.01 -11.84
CA ILE L 150 -26.06 46.86 -10.95
C ILE L 150 -26.05 48.25 -11.57
N ASP L 151 -26.73 49.20 -10.91
CA ASP L 151 -26.94 50.53 -11.47
C ASP L 151 -27.61 50.45 -12.84
N GLY L 152 -28.55 49.53 -13.00
CA GLY L 152 -29.28 49.35 -14.23
C GLY L 152 -28.58 48.52 -15.29
N SER L 153 -27.31 48.18 -15.10
CA SER L 153 -26.53 47.43 -16.06
C SER L 153 -26.55 45.94 -15.70
N GLU L 154 -26.79 45.09 -16.68
CA GLU L 154 -26.84 43.65 -16.43
C GLU L 154 -25.46 43.13 -16.03
N ARG L 155 -25.43 42.31 -14.99
CA ARG L 155 -24.19 41.74 -14.46
C ARG L 155 -24.18 40.24 -14.70
N GLN L 156 -23.16 39.75 -15.39
CA GLN L 156 -23.03 38.34 -15.72
C GLN L 156 -22.06 37.59 -14.81
N ASN L 157 -20.88 38.16 -14.57
CA ASN L 157 -19.88 37.49 -13.75
C ASN L 157 -20.24 37.59 -12.27
N GLY L 158 -19.92 36.53 -11.54
CA GLY L 158 -20.13 36.51 -10.10
C GLY L 158 -21.47 35.99 -9.64
N VAL L 159 -22.29 35.44 -10.53
CA VAL L 159 -23.61 34.93 -10.18
C VAL L 159 -23.50 33.42 -9.95
N LEU L 160 -24.16 32.95 -8.90
CA LEU L 160 -24.26 31.52 -8.61
C LEU L 160 -25.72 31.17 -8.44
N ASN L 161 -26.20 30.23 -9.24
CA ASN L 161 -27.59 29.81 -9.24
C ASN L 161 -27.70 28.37 -8.75
N SER L 162 -28.77 28.09 -8.02
CA SER L 162 -29.04 26.74 -7.50
C SER L 162 -30.53 26.49 -7.65
N ALA L 163 -30.91 25.65 -8.61
CA ALA L 163 -32.31 25.35 -8.85
C ALA L 163 -32.73 24.15 -8.02
N THR L 164 -33.86 24.28 -7.33
CA THR L 164 -34.40 23.22 -6.51
C THR L 164 -35.33 22.33 -7.32
N ASP L 165 -35.41 21.06 -6.91
CA ASP L 165 -36.32 20.11 -7.52
C ASP L 165 -37.76 20.37 -7.04
N GLN L 166 -38.69 19.59 -7.59
CA GLN L 166 -40.10 19.75 -7.26
C GLN L 166 -40.36 19.43 -5.79
N ASP L 167 -41.06 20.32 -5.11
CA ASP L 167 -41.38 20.11 -3.70
C ASP L 167 -42.35 18.95 -3.54
N SER L 168 -42.08 18.10 -2.54
CA SER L 168 -42.89 16.91 -2.32
C SER L 168 -44.28 17.23 -1.77
N LYS L 169 -44.51 18.44 -1.27
CA LYS L 169 -45.77 18.78 -0.63
C LYS L 169 -46.73 19.55 -1.52
N ASP L 170 -46.24 20.55 -2.27
CA ASP L 170 -47.10 21.38 -3.10
C ASP L 170 -46.67 21.41 -4.57
N SER L 171 -45.68 20.59 -4.95
CA SER L 171 -45.28 20.42 -6.35
C SER L 171 -44.75 21.70 -6.98
N THR L 172 -44.24 22.62 -6.17
CA THR L 172 -43.67 23.86 -6.67
C THR L 172 -42.14 23.77 -6.70
N TYR L 173 -41.53 24.78 -7.32
CA TYR L 173 -40.08 24.85 -7.44
C TYR L 173 -39.55 26.11 -6.78
N SER L 174 -38.26 26.08 -6.45
CA SER L 174 -37.59 27.21 -5.82
C SER L 174 -36.21 27.38 -6.44
N MET L 175 -35.69 28.60 -6.34
CA MET L 175 -34.39 28.92 -6.92
C MET L 175 -33.72 30.01 -6.10
N SER L 176 -32.40 29.87 -5.90
CA SER L 176 -31.61 30.86 -5.20
C SER L 176 -30.52 31.38 -6.12
N SER L 177 -30.36 32.69 -6.17
CA SER L 177 -29.35 33.33 -6.99
C SER L 177 -28.52 34.25 -6.11
N THR L 178 -27.19 34.05 -6.11
CA THR L 178 -26.28 34.78 -5.25
C THR L 178 -25.25 35.50 -6.10
N LEU L 179 -25.23 36.83 -6.02
CA LEU L 179 -24.23 37.65 -6.68
C LEU L 179 -23.17 38.03 -5.65
N THR L 180 -21.96 37.50 -5.80
CA THR L 180 -20.89 37.71 -4.84
C THR L 180 -19.86 38.67 -5.44
N LEU L 181 -19.66 39.80 -4.78
CA LEU L 181 -18.68 40.80 -5.20
C LEU L 181 -17.77 41.12 -4.02
N THR L 182 -16.65 41.78 -4.33
CA THR L 182 -15.80 42.32 -3.28
C THR L 182 -16.48 43.53 -2.65
N LYS L 183 -16.11 43.81 -1.39
CA LYS L 183 -16.67 44.97 -0.70
C LYS L 183 -16.30 46.26 -1.41
N ASP L 184 -15.07 46.36 -1.91
CA ASP L 184 -14.67 47.55 -2.64
C ASP L 184 -15.55 47.77 -3.86
N GLU L 185 -15.82 46.72 -4.62
CA GLU L 185 -16.67 46.85 -5.80
C GLU L 185 -18.14 47.05 -5.43
N TYR L 186 -18.58 46.43 -4.33
CA TYR L 186 -19.96 46.62 -3.89
C TYR L 186 -20.23 48.07 -3.50
N GLU L 187 -19.25 48.72 -2.87
CA GLU L 187 -19.40 50.10 -2.42
C GLU L 187 -19.22 51.13 -3.53
N ARG L 188 -18.88 50.70 -4.75
CA ARG L 188 -18.72 51.63 -5.86
C ARG L 188 -20.00 51.80 -6.68
N HIS L 189 -21.08 51.11 -6.32
CA HIS L 189 -22.36 51.24 -7.00
C HIS L 189 -23.46 51.40 -5.97
N ASN L 190 -24.61 51.91 -6.43
CA ASN L 190 -25.72 52.23 -5.55
C ASN L 190 -26.93 51.33 -5.73
N SER L 191 -27.35 51.10 -6.97
CA SER L 191 -28.58 50.38 -7.26
C SER L 191 -28.29 48.91 -7.56
N TYR L 192 -29.00 48.03 -6.87
CA TYR L 192 -28.92 46.59 -7.11
C TYR L 192 -30.34 46.07 -7.32
N THR L 193 -30.53 45.29 -8.37
CA THR L 193 -31.86 44.87 -8.79
C THR L 193 -31.86 43.41 -9.18
N CYS L 194 -32.85 42.67 -8.70
CA CYS L 194 -33.08 41.28 -9.07
C CYS L 194 -34.42 41.18 -9.77
N GLU L 195 -34.41 40.78 -11.04
CA GLU L 195 -35.63 40.69 -11.84
C GLU L 195 -35.92 39.24 -12.17
N ALA L 196 -37.14 38.81 -11.90
CA ALA L 196 -37.59 37.44 -12.17
C ALA L 196 -38.66 37.49 -13.25
N THR L 197 -38.40 36.81 -14.36
CA THR L 197 -39.35 36.68 -15.45
C THR L 197 -39.87 35.25 -15.51
N HIS L 198 -41.19 35.10 -15.53
CA HIS L 198 -41.80 33.78 -15.51
C HIS L 198 -43.05 33.82 -16.39
N LYS L 199 -43.43 32.66 -16.91
CA LYS L 199 -44.54 32.61 -17.86
C LYS L 199 -45.88 33.00 -17.23
N THR L 200 -45.96 33.06 -15.89
CA THR L 200 -47.21 33.43 -15.24
C THR L 200 -47.49 34.92 -15.30
N SER L 201 -46.55 35.72 -15.80
CA SER L 201 -46.76 37.16 -15.95
C SER L 201 -45.97 37.64 -17.15
N THR L 202 -46.57 38.56 -17.91
CA THR L 202 -45.91 39.11 -19.09
C THR L 202 -44.95 40.24 -18.76
N SER L 203 -44.84 40.62 -17.49
CA SER L 203 -43.87 41.60 -17.04
C SER L 203 -43.02 41.01 -15.93
N PRO L 204 -41.73 41.32 -15.88
CA PRO L 204 -40.86 40.71 -14.86
C PRO L 204 -41.16 41.24 -13.47
N ILE L 205 -40.97 40.37 -12.49
CA ILE L 205 -41.09 40.75 -11.08
C ILE L 205 -39.77 41.34 -10.63
N VAL L 206 -39.81 42.60 -10.18
CA VAL L 206 -38.61 43.38 -9.91
C VAL L 206 -38.52 43.62 -8.40
N LYS L 207 -37.40 43.22 -7.80
CA LYS L 207 -37.08 43.54 -6.42
C LYS L 207 -35.72 44.21 -6.41
N SER L 208 -35.63 45.37 -5.75
CA SER L 208 -34.41 46.18 -5.79
C SER L 208 -34.19 46.86 -4.45
N PHE L 209 -32.97 47.36 -4.28
CA PHE L 209 -32.62 48.19 -3.13
C PHE L 209 -31.49 49.11 -3.54
N ASN L 210 -31.32 50.20 -2.78
CA ASN L 210 -30.24 51.14 -2.98
C ASN L 210 -29.26 51.04 -1.81
N ARG L 211 -27.96 51.02 -2.14
CA ARG L 211 -26.94 50.89 -1.10
C ARG L 211 -26.98 52.08 -0.13
N ASN L 212 -27.14 53.29 -0.66
CA ASN L 212 -27.15 54.46 0.20
C ASN L 212 -28.40 54.49 1.08
N GLU L 213 -29.56 54.23 0.49
CA GLU L 213 -30.81 54.26 1.24
C GLU L 213 -30.96 53.07 2.19
N CYS L 214 -30.14 52.05 2.04
CA CYS L 214 -30.17 50.90 2.94
C CYS L 214 -28.79 50.26 3.07
N GLU M 1 17.07 -21.28 -19.06
CA GLU M 1 18.02 -22.10 -19.79
C GLU M 1 17.63 -22.21 -21.26
N VAL M 2 16.79 -21.29 -21.71
CA VAL M 2 16.31 -21.26 -23.10
C VAL M 2 16.77 -19.93 -23.69
N GLN M 3 18.00 -19.90 -24.19
CA GLN M 3 18.54 -18.73 -24.87
C GLN M 3 19.08 -19.15 -26.24
N LEU M 4 19.08 -18.21 -27.17
CA LEU M 4 19.46 -18.47 -28.55
C LEU M 4 20.72 -17.69 -28.88
N GLN M 5 21.76 -18.40 -29.30
CA GLN M 5 23.03 -17.79 -29.67
C GLN M 5 23.14 -17.69 -31.18
N GLN M 6 23.62 -16.54 -31.66
CA GLN M 6 23.68 -16.27 -33.09
C GLN M 6 25.13 -16.32 -33.58
N SER M 7 25.36 -15.80 -34.79
CA SER M 7 26.66 -15.90 -35.42
C SER M 7 27.63 -14.83 -34.89
N GLY M 8 27.18 -13.59 -34.82
CA GLY M 8 28.05 -12.49 -34.44
C GLY M 8 28.10 -11.41 -35.49
N ALA M 9 28.45 -10.19 -35.08
CA ALA M 9 28.47 -9.07 -36.02
C ALA M 9 29.49 -9.29 -37.12
N GLU M 10 29.19 -8.74 -38.29
CA GLU M 10 30.06 -8.88 -39.46
C GLU M 10 30.00 -7.62 -40.30
N VAL M 11 31.15 -7.16 -40.77
CA VAL M 11 31.25 -6.04 -41.69
C VAL M 11 31.53 -6.60 -43.08
N VAL M 12 30.63 -6.32 -44.03
CA VAL M 12 30.71 -6.89 -45.37
C VAL M 12 30.68 -5.75 -46.38
N ARG M 13 31.48 -5.89 -47.43
CA ARG M 13 31.40 -4.97 -48.56
C ARG M 13 30.13 -5.23 -49.36
N SER M 14 29.73 -4.21 -50.12
CA SER M 14 28.52 -4.31 -50.92
C SER M 14 28.70 -5.31 -52.05
N GLY M 15 27.64 -6.09 -52.30
CA GLY M 15 27.66 -7.07 -53.37
C GLY M 15 28.11 -8.46 -52.97
N ALA M 16 28.29 -8.72 -51.69
CA ALA M 16 28.70 -10.03 -51.20
C ALA M 16 27.62 -10.60 -50.29
N SER M 17 27.61 -11.92 -50.17
CA SER M 17 26.63 -12.61 -49.36
C SER M 17 27.14 -12.81 -47.94
N VAL M 18 26.20 -12.92 -47.00
CA VAL M 18 26.51 -13.19 -45.60
C VAL M 18 25.55 -14.25 -45.10
N LYS M 19 26.04 -15.09 -44.20
CA LYS M 19 25.26 -16.21 -43.66
C LYS M 19 25.20 -16.07 -42.15
N LEU M 20 23.99 -15.96 -41.61
CA LEU M 20 23.76 -15.86 -40.17
C LEU M 20 23.30 -17.21 -39.64
N SER M 21 23.67 -17.49 -38.40
CA SER M 21 23.32 -18.74 -37.75
C SER M 21 22.58 -18.47 -36.45
N CYS M 22 21.82 -19.47 -36.02
CA CYS M 22 21.13 -19.48 -34.74
C CYS M 22 21.50 -20.77 -34.01
N THR M 23 21.02 -20.93 -32.78
CA THR M 23 21.40 -22.08 -31.99
C THR M 23 20.28 -22.46 -31.05
N ALA M 24 20.18 -23.76 -30.74
CA ALA M 24 19.28 -24.31 -29.74
C ALA M 24 17.81 -24.15 -30.11
N SER M 25 17.52 -23.93 -31.39
CA SER M 25 16.14 -23.88 -31.89
C SER M 25 16.08 -24.71 -33.17
N GLY M 26 15.39 -25.84 -33.11
CA GLY M 26 15.39 -26.78 -34.21
C GLY M 26 15.98 -28.13 -33.84
N PHE M 27 15.15 -28.99 -33.24
CA PHE M 27 15.54 -30.31 -32.80
C PHE M 27 14.63 -31.34 -33.48
N ASN M 28 15.05 -32.60 -33.45
CA ASN M 28 14.13 -33.66 -33.87
C ASN M 28 12.98 -33.75 -32.88
N ILE M 29 11.78 -33.98 -33.43
CA ILE M 29 10.53 -34.28 -32.73
C ILE M 29 9.98 -33.00 -32.12
N LYS M 30 10.84 -32.00 -31.95
CA LYS M 30 10.42 -30.69 -31.46
C LYS M 30 11.03 -29.62 -32.36
N ASP M 31 10.21 -28.85 -33.11
CA ASP M 31 8.77 -28.87 -33.43
C ASP M 31 8.51 -27.42 -33.81
N TYR M 32 9.17 -26.55 -33.04
CA TYR M 32 9.22 -25.09 -33.11
C TYR M 32 8.86 -24.48 -34.46
N ALA M 33 8.45 -23.21 -34.44
CA ALA M 33 8.27 -22.39 -35.64
C ALA M 33 9.23 -21.21 -35.52
N ILE M 34 10.34 -21.27 -36.24
CA ILE M 34 11.39 -20.26 -36.12
C ILE M 34 11.06 -19.08 -37.04
N HIS M 35 11.18 -17.87 -36.50
CA HIS M 35 10.98 -16.65 -37.27
C HIS M 35 12.24 -15.81 -37.23
N TRP M 36 12.41 -14.96 -38.24
CA TRP M 36 13.51 -14.03 -38.31
C TRP M 36 12.98 -12.62 -38.47
N VAL M 37 13.55 -11.68 -37.73
CA VAL M 37 13.11 -10.30 -37.70
C VAL M 37 14.28 -9.38 -38.01
N LYS M 38 14.04 -8.40 -38.88
CA LYS M 38 15.03 -7.39 -39.23
C LYS M 38 14.70 -6.08 -38.52
N GLN M 39 15.71 -5.43 -37.95
CA GLN M 39 15.53 -4.18 -37.22
C GLN M 39 16.40 -3.11 -37.84
N ARG M 40 15.77 -2.23 -38.64
CA ARG M 40 16.41 -1.07 -39.27
C ARG M 40 16.18 0.16 -38.39
N PRO M 41 17.21 0.98 -38.16
CA PRO M 41 17.02 2.19 -37.31
C PRO M 41 15.93 3.13 -37.80
N GLU M 42 15.39 2.94 -39.00
CA GLU M 42 14.33 3.80 -39.53
C GLU M 42 12.99 3.11 -39.66
N LYS M 43 12.98 1.81 -39.99
CA LYS M 43 11.74 1.09 -40.27
C LYS M 43 11.26 0.25 -39.08
N GLY M 44 11.95 0.29 -37.96
CA GLY M 44 11.50 -0.49 -36.81
C GLY M 44 11.77 -1.96 -37.01
N LEU M 45 10.75 -2.79 -36.76
CA LEU M 45 10.86 -4.23 -36.91
C LEU M 45 10.18 -4.69 -38.19
N GLU M 46 10.81 -5.62 -38.89
CA GLU M 46 10.28 -6.22 -40.11
C GLU M 46 10.41 -7.73 -40.03
N TRP M 47 9.28 -8.42 -40.23
CA TRP M 47 9.30 -9.88 -40.23
C TRP M 47 9.84 -10.39 -41.55
N ILE M 48 10.72 -11.38 -41.48
CA ILE M 48 11.40 -11.92 -42.66
C ILE M 48 10.67 -13.16 -43.15
N GLY M 49 10.64 -14.21 -42.32
CA GLY M 49 10.01 -15.45 -42.71
C GLY M 49 9.89 -16.38 -41.53
N ALA M 50 9.13 -17.45 -41.74
CA ALA M 50 8.87 -18.46 -40.70
C ALA M 50 9.30 -19.82 -41.22
N ILE M 51 10.25 -20.44 -40.51
CA ILE M 51 10.73 -21.77 -40.85
C ILE M 51 10.47 -22.71 -39.68
N ASP M 52 10.01 -23.90 -40.02
CA ASP M 52 9.64 -24.97 -39.11
C ASP M 52 10.60 -26.14 -39.24
N PRO M 53 11.44 -26.43 -38.22
CA PRO M 53 12.24 -27.65 -38.23
C PRO M 53 11.40 -28.91 -38.27
N GLU M 54 12.06 -30.07 -38.33
CA GLU M 54 11.41 -31.37 -38.52
C GLU M 54 10.77 -31.52 -39.88
N TYR M 55 9.97 -30.53 -40.30
CA TYR M 55 9.35 -30.60 -41.60
C TYR M 55 10.13 -29.78 -42.63
N GLY M 56 10.74 -28.69 -42.18
CA GLY M 56 11.50 -27.86 -43.08
C GLY M 56 10.64 -26.94 -43.93
N ASP M 57 9.43 -26.62 -43.47
CA ASP M 57 8.55 -25.72 -44.22
C ASP M 57 9.20 -24.34 -44.30
N THR M 58 8.78 -23.58 -45.30
CA THR M 58 9.36 -22.26 -45.55
C THR M 58 8.27 -21.29 -45.98
N GLU M 59 8.23 -20.12 -45.35
CA GLU M 59 7.37 -19.03 -45.75
C GLU M 59 8.18 -17.75 -45.70
N TYR M 60 7.93 -16.86 -46.65
CA TYR M 60 8.72 -15.63 -46.79
C TYR M 60 7.78 -14.43 -46.94
N VAL M 61 8.40 -13.26 -47.02
CA VAL M 61 7.69 -12.01 -47.33
C VAL M 61 8.01 -11.64 -48.77
N PRO M 62 7.02 -11.21 -49.56
CA PRO M 62 7.33 -10.79 -50.95
C PRO M 62 8.40 -9.71 -51.03
N LYS M 63 8.58 -8.91 -49.98
CA LYS M 63 9.65 -7.93 -49.99
C LYS M 63 11.02 -8.59 -49.95
N PHE M 64 11.13 -9.70 -49.22
CA PHE M 64 12.43 -10.35 -48.99
C PHE M 64 12.63 -11.59 -49.85
N GLN M 65 11.64 -11.98 -50.65
CA GLN M 65 11.82 -13.13 -51.53
C GLN M 65 12.87 -12.82 -52.58
N GLY M 66 13.88 -13.68 -52.67
CA GLY M 66 15.02 -13.45 -53.51
C GLY M 66 16.17 -12.73 -52.84
N LYS M 67 15.94 -12.12 -51.69
CA LYS M 67 16.98 -11.49 -50.89
C LYS M 67 17.45 -12.36 -49.74
N ALA M 68 16.52 -13.00 -49.03
CA ALA M 68 16.83 -13.85 -47.89
C ALA M 68 16.54 -15.30 -48.23
N THR M 69 17.50 -16.18 -47.93
CA THR M 69 17.36 -17.61 -48.13
C THR M 69 17.47 -18.31 -46.79
N MET M 70 16.54 -19.22 -46.51
CA MET M 70 16.45 -19.89 -45.23
C MET M 70 16.72 -21.39 -45.39
N THR M 71 17.52 -21.93 -44.48
CA THR M 71 17.84 -23.35 -44.47
C THR M 71 17.76 -23.88 -43.04
N ALA M 72 17.53 -25.18 -42.91
CA ALA M 72 17.39 -25.80 -41.59
C ALA M 72 18.08 -27.16 -41.56
N ASP M 73 18.95 -27.35 -40.58
CA ASP M 73 19.61 -28.63 -40.34
C ASP M 73 18.90 -29.33 -39.18
N THR M 74 18.27 -30.48 -39.47
CA THR M 74 17.43 -31.12 -38.47
C THR M 74 18.22 -31.64 -37.27
N SER M 75 19.35 -32.30 -37.51
CA SER M 75 20.20 -32.69 -36.39
C SER M 75 20.84 -31.46 -35.77
N SER M 76 20.99 -31.50 -34.43
CA SER M 76 21.60 -30.39 -33.66
C SER M 76 21.03 -29.03 -34.06
N ASN M 77 21.90 -28.03 -34.06
CA ASN M 77 21.95 -26.98 -35.08
C ASN M 77 20.79 -26.01 -35.28
N THR M 78 20.79 -25.38 -36.46
CA THR M 78 19.78 -24.47 -37.00
C THR M 78 19.81 -23.19 -36.17
N ALA M 79 19.71 -22.02 -36.82
CA ALA M 79 18.92 -21.76 -38.02
C ALA M 79 19.66 -20.79 -38.92
N TYR M 80 19.97 -21.23 -40.13
CA TYR M 80 20.79 -20.43 -41.03
C TYR M 80 19.94 -19.50 -41.88
N LEU M 81 20.30 -18.21 -41.87
CA LEU M 81 19.69 -17.19 -42.71
C LEU M 81 20.79 -16.50 -43.49
N GLN M 82 20.68 -16.52 -44.82
CA GLN M 82 21.69 -15.91 -45.68
C GLN M 82 21.05 -14.89 -46.60
N LEU M 83 21.76 -13.77 -46.81
CA LEU M 83 21.32 -12.70 -47.68
C LEU M 83 22.32 -12.57 -48.83
N SER M 84 21.80 -12.35 -50.04
CA SER M 84 22.64 -12.37 -51.23
C SER M 84 23.30 -11.02 -51.49
N SER M 85 22.87 -10.33 -52.54
CA SER M 85 23.43 -9.02 -52.88
C SER M 85 23.14 -8.01 -51.78
N LEU M 86 24.13 -7.77 -50.93
CA LEU M 86 23.94 -6.86 -49.80
C LEU M 86 24.09 -5.41 -50.25
N THR M 87 23.15 -4.57 -49.86
CA THR M 87 23.15 -3.15 -50.15
C THR M 87 23.13 -2.36 -48.85
N SER M 88 23.10 -1.03 -48.99
CA SER M 88 23.10 -0.18 -47.80
C SER M 88 21.82 -0.32 -46.97
N GLU M 89 20.73 -0.76 -47.57
CA GLU M 89 19.47 -0.93 -46.84
C GLU M 89 19.43 -2.22 -46.04
N ASP M 90 20.45 -3.06 -46.13
CA ASP M 90 20.50 -4.30 -45.37
C ASP M 90 21.28 -4.15 -44.06
N THR M 91 21.87 -2.98 -43.81
CA THR M 91 22.54 -2.71 -42.55
C THR M 91 21.51 -2.68 -41.43
N ALA M 92 21.43 -3.75 -40.65
CA ALA M 92 20.40 -3.86 -39.62
C ALA M 92 20.81 -4.93 -38.62
N VAL M 93 20.02 -5.04 -37.55
CA VAL M 93 20.20 -6.08 -36.55
C VAL M 93 19.17 -7.16 -36.79
N TYR M 94 19.62 -8.39 -36.95
CA TYR M 94 18.75 -9.51 -37.28
C TYR M 94 18.63 -10.44 -36.08
N TYR M 95 17.40 -10.88 -35.81
CA TYR M 95 17.10 -11.75 -34.69
C TYR M 95 16.50 -13.06 -35.18
N CYS M 96 16.86 -14.15 -34.53
CA CYS M 96 16.22 -15.45 -34.76
C CYS M 96 15.34 -15.73 -33.55
N ASN M 97 14.03 -15.76 -33.76
CA ASN M 97 13.07 -15.92 -32.69
C ASN M 97 12.28 -17.21 -32.90
N ALA M 98 11.95 -17.88 -31.80
CA ALA M 98 11.18 -19.12 -31.84
C ALA M 98 10.13 -19.07 -30.74
N GLY M 99 8.86 -18.97 -31.11
CA GLY M 99 7.80 -19.21 -30.14
C GLY M 99 7.84 -20.64 -29.65
N HIS M 100 7.62 -20.82 -28.35
CA HIS M 100 7.72 -22.13 -27.74
C HIS M 100 6.60 -23.05 -28.23
N ASP M 101 6.97 -24.24 -28.69
CA ASP M 101 6.11 -25.35 -29.07
C ASP M 101 5.50 -25.22 -30.48
N TYR M 102 5.51 -24.03 -31.10
CA TYR M 102 4.95 -23.70 -32.42
C TYR M 102 4.63 -22.21 -32.42
N ASP M 103 3.38 -21.86 -32.76
CA ASP M 103 2.84 -20.51 -32.60
C ASP M 103 3.41 -19.62 -33.67
N ARG M 104 2.98 -18.36 -33.69
CA ARG M 104 3.38 -17.44 -34.75
C ARG M 104 3.20 -16.02 -34.21
N GLY M 105 3.85 -15.08 -34.88
CA GLY M 105 3.92 -13.71 -34.41
C GLY M 105 4.71 -13.62 -33.12
N ARG M 106 4.26 -14.31 -32.07
CA ARG M 106 5.13 -14.71 -30.97
C ARG M 106 5.87 -15.99 -31.37
N PHE M 107 7.20 -16.07 -31.19
CA PHE M 107 8.08 -15.45 -30.17
C PHE M 107 7.59 -15.96 -28.80
N PRO M 108 8.17 -15.51 -27.65
CA PRO M 108 9.24 -14.64 -27.12
C PRO M 108 10.64 -15.15 -26.85
N TYR M 109 11.20 -16.07 -27.60
CA TYR M 109 12.56 -16.52 -27.32
C TYR M 109 13.38 -15.98 -28.48
N TRP M 110 14.08 -14.88 -28.20
CA TRP M 110 14.82 -14.13 -29.19
C TRP M 110 16.30 -14.46 -29.12
N GLY M 111 16.97 -14.33 -30.25
CA GLY M 111 18.40 -14.44 -30.28
C GLY M 111 19.08 -13.23 -29.68
N GLN M 112 20.39 -13.32 -29.55
CA GLN M 112 21.17 -12.21 -29.00
C GLN M 112 21.20 -11.01 -29.93
N GLY M 113 20.90 -11.21 -31.21
CA GLY M 113 20.98 -10.14 -32.19
C GLY M 113 22.28 -10.16 -32.96
N THR M 114 22.21 -9.96 -34.27
CA THR M 114 23.39 -9.96 -35.13
C THR M 114 23.40 -8.68 -35.94
N LEU M 115 24.44 -7.87 -35.77
CA LEU M 115 24.56 -6.59 -36.43
C LEU M 115 25.32 -6.77 -37.74
N VAL M 116 24.66 -6.50 -38.86
CA VAL M 116 25.27 -6.58 -40.18
C VAL M 116 25.46 -5.16 -40.69
N THR M 117 26.69 -4.85 -41.10
CA THR M 117 27.03 -3.53 -41.63
C THR M 117 27.55 -3.72 -43.05
N VAL M 118 26.83 -3.17 -44.03
CA VAL M 118 27.17 -3.29 -45.43
C VAL M 118 27.71 -1.94 -45.91
N SER M 119 29.02 -1.87 -46.12
CA SER M 119 29.68 -0.67 -46.60
C SER M 119 31.02 -1.08 -47.18
N ALA M 120 31.60 -0.19 -47.99
CA ALA M 120 32.86 -0.47 -48.64
C ALA M 120 34.06 0.19 -47.95
N ALA M 121 33.82 0.93 -46.88
CA ALA M 121 34.89 1.71 -46.27
C ALA M 121 35.73 0.85 -45.37
N LYS M 122 37.04 1.12 -45.37
CA LYS M 122 37.99 0.34 -44.59
C LYS M 122 37.96 0.83 -43.14
N THR M 123 38.62 0.08 -42.28
CA THR M 123 38.57 0.35 -40.84
C THR M 123 39.63 1.39 -40.48
N THR M 124 39.16 2.60 -40.16
CA THR M 124 40.00 3.75 -39.84
C THR M 124 39.99 4.01 -38.34
N PRO M 125 41.15 4.15 -37.70
CA PRO M 125 41.19 4.43 -36.26
C PRO M 125 40.67 5.83 -35.97
N PRO M 126 40.23 6.08 -34.74
CA PRO M 126 39.65 7.38 -34.41
C PRO M 126 40.70 8.44 -34.13
N SER M 127 40.31 9.70 -34.39
CA SER M 127 41.12 10.86 -34.07
C SER M 127 40.51 11.54 -32.84
N VAL M 128 41.24 11.55 -31.74
CA VAL M 128 40.76 12.09 -30.48
C VAL M 128 41.30 13.50 -30.30
N TYR M 129 40.42 14.44 -29.97
CA TYR M 129 40.79 15.84 -29.81
C TYR M 129 40.27 16.35 -28.47
N PRO M 130 41.13 16.95 -27.64
CA PRO M 130 40.66 17.47 -26.36
C PRO M 130 39.81 18.72 -26.53
N LEU M 131 38.90 18.93 -25.58
CA LEU M 131 38.00 20.08 -25.56
C LEU M 131 38.15 20.75 -24.19
N ALA M 132 39.07 21.73 -24.11
CA ALA M 132 39.42 22.46 -22.89
C ALA M 132 38.74 23.83 -22.87
N PRO M 133 38.52 24.40 -21.69
CA PRO M 133 37.89 25.72 -21.62
C PRO M 133 38.79 26.81 -22.19
N GLY M 134 38.23 28.00 -22.32
CA GLY M 134 38.92 29.10 -22.96
C GLY M 134 39.36 30.20 -22.01
N SER M 135 40.68 30.28 -21.77
CA SER M 135 41.32 31.35 -20.99
C SER M 135 40.75 31.30 -19.57
N ALA M 136 40.39 32.44 -18.98
CA ALA M 136 39.97 32.50 -17.58
C ALA M 136 38.59 33.14 -17.43
N ALA M 137 37.72 32.98 -18.43
CA ALA M 137 36.40 33.58 -18.41
C ALA M 137 35.32 32.66 -17.84
N GLN M 138 35.71 31.68 -17.00
CA GLN M 138 34.74 30.74 -16.44
C GLN M 138 34.80 30.72 -14.92
N THR M 139 35.87 30.20 -14.31
CA THR M 139 36.01 30.08 -12.87
C THR M 139 34.83 29.35 -12.23
N ASN M 140 34.66 29.52 -10.93
CA ASN M 140 33.64 28.80 -10.18
C ASN M 140 32.24 29.19 -10.67
N SER M 141 31.31 28.23 -10.60
CA SER M 141 31.57 26.90 -10.05
C SER M 141 31.32 25.79 -11.07
N MET M 142 32.12 24.73 -10.94
CA MET M 142 32.09 23.53 -11.78
C MET M 142 32.52 23.82 -13.21
N VAL M 143 33.18 22.85 -13.84
CA VAL M 143 33.74 23.00 -15.17
C VAL M 143 33.36 21.78 -16.00
N THR M 144 32.99 22.02 -17.25
CA THR M 144 32.71 20.96 -18.21
C THR M 144 33.94 20.70 -19.07
N LEU M 145 34.27 19.42 -19.24
CA LEU M 145 35.36 19.01 -20.12
C LEU M 145 34.82 18.02 -21.15
N GLY M 146 35.53 17.92 -22.27
CA GLY M 146 35.06 17.09 -23.36
C GLY M 146 36.19 16.51 -24.18
N CYS M 147 35.87 15.41 -24.88
CA CYS M 147 36.78 14.77 -25.81
C CYS M 147 36.01 14.47 -27.09
N LEU M 148 36.55 14.89 -28.23
CA LEU M 148 35.88 14.77 -29.52
C LEU M 148 36.53 13.64 -30.30
N VAL M 149 35.71 12.67 -30.73
CA VAL M 149 36.16 11.52 -31.49
C VAL M 149 35.60 11.65 -32.89
N LYS M 150 36.47 11.84 -33.87
CA LYS M 150 36.07 12.13 -35.24
C LYS M 150 36.78 11.22 -36.22
N GLY M 151 36.07 10.84 -37.28
CA GLY M 151 36.66 10.12 -38.40
C GLY M 151 37.07 8.70 -38.07
N TYR M 152 36.15 7.90 -37.56
CA TYR M 152 36.42 6.51 -37.24
C TYR M 152 35.37 5.61 -37.89
N PHE M 153 35.71 4.33 -37.99
CA PHE M 153 34.82 3.32 -38.55
C PHE M 153 35.35 1.97 -38.13
N PRO M 154 34.49 1.03 -37.71
CA PRO M 154 33.05 1.22 -37.57
C PRO M 154 32.59 1.47 -36.13
N GLU M 155 31.27 1.55 -35.95
CA GLU M 155 30.69 1.60 -34.62
C GLU M 155 30.95 0.28 -33.90
N PRO M 156 31.14 0.32 -32.56
CA PRO M 156 31.18 1.47 -31.67
C PRO M 156 32.55 1.78 -31.10
N VAL M 157 32.61 2.81 -30.26
CA VAL M 157 33.80 3.14 -29.47
C VAL M 157 33.39 3.28 -28.02
N THR M 158 34.29 2.93 -27.12
CA THR M 158 34.05 2.99 -25.68
C THR M 158 34.87 4.13 -25.10
N VAL M 159 34.18 5.15 -24.58
CA VAL M 159 34.82 6.34 -24.02
C VAL M 159 34.68 6.31 -22.51
N THR M 160 35.80 6.27 -21.80
CA THR M 160 35.86 6.37 -20.36
C THR M 160 36.76 7.53 -19.98
N TRP M 161 36.63 8.00 -18.72
CA TRP M 161 37.39 9.14 -18.23
C TRP M 161 38.42 8.66 -17.22
N ASN M 162 38.22 8.89 -15.92
CA ASN M 162 39.24 8.59 -14.92
C ASN M 162 39.39 7.08 -14.68
N SER M 163 39.73 6.35 -15.75
CA SER M 163 40.02 4.91 -15.66
C SER M 163 38.88 4.15 -15.01
N GLY M 164 37.64 4.51 -15.37
CA GLY M 164 36.46 3.91 -14.80
C GLY M 164 35.89 4.64 -13.59
N SER M 165 36.73 5.35 -12.85
CA SER M 165 36.25 6.12 -11.72
C SER M 165 35.45 7.33 -12.18
N LEU M 166 34.57 7.81 -11.29
CA LEU M 166 33.68 8.94 -11.56
C LEU M 166 32.77 8.67 -12.75
N SER M 167 31.56 8.17 -12.48
CA SER M 167 30.59 7.89 -13.52
C SER M 167 29.45 8.89 -13.56
N SER M 168 29.33 9.76 -12.57
CA SER M 168 28.28 10.77 -12.54
C SER M 168 28.73 12.03 -13.26
N GLY M 169 27.75 12.73 -13.85
CA GLY M 169 28.05 13.95 -14.58
C GLY M 169 28.66 13.75 -15.94
N VAL M 170 28.50 12.57 -16.55
CA VAL M 170 29.03 12.29 -17.87
C VAL M 170 27.88 12.25 -18.87
N HIS M 171 28.20 12.56 -20.12
CA HIS M 171 27.21 12.56 -21.20
C HIS M 171 27.88 12.02 -22.46
N THR M 172 27.38 10.89 -22.95
CA THR M 172 27.86 10.29 -24.19
C THR M 172 26.84 10.56 -25.29
N PHE M 173 27.28 11.26 -26.33
CA PHE M 173 26.35 11.65 -27.39
C PHE M 173 26.39 10.63 -28.53
N PRO M 174 25.24 10.35 -29.14
CA PRO M 174 25.20 9.36 -30.23
C PRO M 174 26.08 9.77 -31.39
N ALA M 175 26.60 8.78 -32.09
CA ALA M 175 27.50 9.02 -33.21
C ALA M 175 26.73 9.56 -34.41
N VAL M 176 27.40 10.37 -35.22
CA VAL M 176 26.84 10.96 -36.42
C VAL M 176 27.67 10.51 -37.61
N LEU M 177 27.01 10.05 -38.67
CA LEU M 177 27.68 9.54 -39.86
C LEU M 177 27.76 10.65 -40.90
N GLN M 178 28.98 11.01 -41.30
CA GLN M 178 29.20 11.99 -42.35
C GLN M 178 30.43 11.60 -43.14
N SER M 179 30.33 11.66 -44.48
CA SER M 179 31.42 11.27 -45.37
C SER M 179 31.86 9.83 -45.11
N ASP M 180 30.89 8.96 -44.85
CA ASP M 180 31.11 7.54 -44.58
C ASP M 180 32.00 7.31 -43.36
N LEU M 181 32.08 8.28 -42.45
CA LEU M 181 32.84 8.16 -41.21
C LEU M 181 32.00 8.68 -40.06
N TYR M 182 32.23 8.11 -38.88
CA TYR M 182 31.46 8.43 -37.69
C TYR M 182 32.18 9.49 -36.86
N THR M 183 31.40 10.16 -36.01
CA THR M 183 31.91 11.21 -35.12
C THR M 183 31.15 11.13 -33.81
N LEU M 184 31.89 11.00 -32.71
CA LEU M 184 31.30 10.89 -31.38
C LEU M 184 31.78 12.03 -30.50
N SER M 185 30.95 12.39 -29.52
CA SER M 185 31.27 13.44 -28.57
C SER M 185 30.95 12.95 -27.16
N SER M 186 31.78 13.36 -26.20
CA SER M 186 31.59 12.99 -24.81
C SER M 186 31.97 14.16 -23.92
N SER M 187 31.17 14.40 -22.89
CA SER M 187 31.39 15.50 -21.96
C SER M 187 31.32 15.01 -20.53
N VAL M 188 32.04 15.70 -19.65
CA VAL M 188 32.06 15.39 -18.22
C VAL M 188 32.15 16.69 -17.46
N THR M 189 31.47 16.77 -16.32
CA THR M 189 31.43 17.98 -15.51
C THR M 189 32.02 17.67 -14.13
N VAL M 190 33.06 18.41 -13.76
CA VAL M 190 33.72 18.22 -12.47
C VAL M 190 33.83 19.58 -11.78
N PRO M 191 33.93 19.59 -10.44
CA PRO M 191 34.07 20.87 -9.74
C PRO M 191 35.39 21.56 -10.09
N SER M 192 35.38 22.89 -9.91
CA SER M 192 36.56 23.68 -10.25
C SER M 192 37.74 23.38 -9.34
N SER M 193 37.47 22.93 -8.12
CA SER M 193 38.55 22.53 -7.21
C SER M 193 39.21 21.24 -7.63
N THR M 194 38.63 20.51 -8.59
CA THR M 194 39.19 19.26 -9.09
C THR M 194 40.12 19.50 -10.29
N TRP M 195 39.66 20.29 -11.27
CA TRP M 195 40.42 20.58 -12.47
C TRP M 195 40.77 22.06 -12.52
N PRO M 196 42.01 22.42 -12.90
CA PRO M 196 43.11 21.54 -13.26
C PRO M 196 43.98 21.11 -12.09
N SER M 197 43.40 20.99 -10.90
CA SER M 197 44.16 20.57 -9.73
C SER M 197 44.72 19.16 -9.92
N GLU M 198 43.84 18.20 -10.19
CA GLU M 198 44.24 16.83 -10.50
C GLU M 198 43.97 16.54 -11.97
N THR M 199 44.74 15.62 -12.53
CA THR M 199 44.67 15.35 -13.95
C THR M 199 43.33 14.71 -14.31
N VAL M 200 42.82 15.05 -15.50
CA VAL M 200 41.61 14.48 -16.05
C VAL M 200 41.95 13.95 -17.43
N THR M 201 41.74 12.65 -17.64
CA THR M 201 42.13 11.98 -18.89
C THR M 201 40.95 11.19 -19.43
N CYS M 202 40.75 11.27 -20.73
CA CYS M 202 39.71 10.51 -21.41
C CYS M 202 40.34 9.38 -22.23
N ASN M 203 39.72 8.21 -22.18
CA ASN M 203 40.22 7.03 -22.86
C ASN M 203 39.21 6.63 -23.93
N VAL M 204 39.69 6.44 -25.15
CA VAL M 204 38.84 6.08 -26.29
C VAL M 204 39.32 4.73 -26.80
N ALA M 205 38.49 3.70 -26.62
CA ALA M 205 38.81 2.35 -27.05
C ALA M 205 38.01 2.03 -28.31
N HIS M 206 38.71 1.67 -29.38
CA HIS M 206 38.06 1.27 -30.63
C HIS M 206 38.44 -0.18 -30.90
N PRO M 207 37.51 -1.12 -30.74
CA PRO M 207 37.89 -2.54 -30.80
C PRO M 207 38.51 -2.96 -32.11
N ALA M 208 38.06 -2.42 -33.24
CA ALA M 208 38.61 -2.83 -34.52
C ALA M 208 39.91 -2.14 -34.88
N SER M 209 40.32 -1.10 -34.13
CA SER M 209 41.58 -0.42 -34.39
C SER M 209 42.38 -0.41 -33.10
N SER M 210 42.48 0.73 -32.41
CA SER M 210 43.41 0.87 -31.31
C SER M 210 42.84 1.77 -30.21
N THR M 211 43.26 1.50 -28.98
CA THR M 211 42.91 2.33 -27.83
C THR M 211 43.78 3.57 -27.79
N LYS M 212 43.18 4.70 -27.42
CA LYS M 212 43.92 5.96 -27.29
C LYS M 212 43.65 6.59 -25.93
N VAL M 213 44.65 7.33 -25.44
CA VAL M 213 44.59 7.98 -24.13
C VAL M 213 45.09 9.41 -24.30
N ASP M 214 44.29 10.38 -23.84
CA ASP M 214 44.62 11.79 -24.01
C ASP M 214 44.24 12.53 -22.73
N LYS M 215 45.22 13.19 -22.11
CA LYS M 215 45.00 13.98 -20.92
C LYS M 215 44.67 15.42 -21.28
N LYS M 216 43.85 16.06 -20.44
CA LYS M 216 43.35 17.40 -20.70
C LYS M 216 44.18 18.42 -19.93
N ILE M 217 44.71 19.40 -20.65
CA ILE M 217 45.52 20.47 -20.07
C ILE M 217 44.94 21.81 -20.52
N VAL M 218 45.06 22.81 -19.66
CA VAL M 218 44.59 24.17 -19.94
C VAL M 218 45.05 24.67 -21.30
N ASP N 1 -1.40 -6.63 -46.97
CA ASP N 1 -0.50 -6.12 -45.94
C ASP N 1 -1.25 -5.30 -44.90
N ILE N 2 -1.44 -5.88 -43.72
CA ILE N 2 -2.15 -5.20 -42.64
C ILE N 2 -1.19 -4.23 -41.97
N VAL N 3 -1.54 -2.95 -41.97
CA VAL N 3 -0.68 -1.90 -41.44
C VAL N 3 -1.00 -1.70 -39.96
N MET N 4 0.03 -1.71 -39.12
CA MET N 4 -0.10 -1.45 -37.70
C MET N 4 0.27 0.01 -37.44
N THR N 5 -0.71 0.81 -37.03
CA THR N 5 -0.52 2.24 -36.82
C THR N 5 -0.67 2.53 -35.32
N GLN N 6 0.43 2.90 -34.69
CA GLN N 6 0.40 3.32 -33.29
C GLN N 6 0.26 4.84 -33.22
N SER N 7 -0.53 5.31 -32.26
CA SER N 7 -0.90 6.72 -32.14
C SER N 7 0.32 7.64 -32.06
N GLN N 8 1.02 7.64 -30.93
CA GLN N 8 2.12 8.57 -30.69
C GLN N 8 3.45 7.83 -30.68
N LYS N 9 4.49 8.52 -31.13
CA LYS N 9 5.84 7.96 -31.09
C LYS N 9 6.46 8.09 -29.71
N PHE N 10 6.12 9.15 -28.97
CA PHE N 10 6.61 9.36 -27.62
C PHE N 10 5.45 9.60 -26.68
N MET N 11 5.65 9.28 -25.41
CA MET N 11 4.60 9.44 -24.40
C MET N 11 5.26 9.80 -23.07
N SER N 12 4.72 10.83 -22.42
CA SER N 12 5.23 11.29 -21.14
C SER N 12 4.32 10.85 -20.00
N THR N 13 4.93 10.60 -18.85
CA THR N 13 4.24 10.13 -17.66
C THR N 13 5.24 10.13 -16.51
N SER N 14 4.74 9.83 -15.31
CA SER N 14 5.60 9.74 -14.14
C SER N 14 5.35 8.42 -13.42
N VAL N 15 6.28 8.07 -12.52
CA VAL N 15 6.18 6.83 -11.78
C VAL N 15 4.88 6.81 -10.98
N GLY N 16 4.17 5.68 -11.05
CA GLY N 16 2.91 5.53 -10.36
C GLY N 16 1.69 5.85 -11.19
N ASP N 17 1.84 6.58 -12.30
CA ASP N 17 0.71 6.96 -13.12
C ASP N 17 0.22 5.78 -13.96
N ARG N 18 -0.78 6.04 -14.80
CA ARG N 18 -1.41 5.03 -15.63
C ARG N 18 -1.25 5.42 -17.10
N VAL N 19 -0.73 4.50 -17.91
CA VAL N 19 -0.43 4.76 -19.31
C VAL N 19 -1.23 3.79 -20.17
N SER N 20 -1.70 4.27 -21.32
CA SER N 20 -2.44 3.47 -22.27
C SER N 20 -1.91 3.73 -23.68
N ILE N 21 -1.40 2.68 -24.31
CA ILE N 21 -0.86 2.76 -25.67
C ILE N 21 -1.86 2.12 -26.62
N THR N 22 -2.15 2.81 -27.73
CA THR N 22 -3.15 2.36 -28.68
C THR N 22 -2.48 1.84 -29.96
N CYS N 23 -3.11 0.83 -30.56
CA CYS N 23 -2.63 0.21 -31.78
C CYS N 23 -3.83 -0.02 -32.69
N LYS N 24 -3.84 0.60 -33.86
CA LYS N 24 -4.97 0.54 -34.78
C LYS N 24 -4.59 -0.31 -35.99
N ALA N 25 -5.45 -1.27 -36.32
CA ALA N 25 -5.24 -2.17 -37.44
C ALA N 25 -5.98 -1.68 -38.67
N SER N 26 -5.37 -1.92 -39.84
CA SER N 26 -6.01 -1.59 -41.11
C SER N 26 -7.01 -2.65 -41.54
N GLN N 27 -7.10 -3.77 -40.82
CA GLN N 27 -8.04 -4.83 -41.13
C GLN N 27 -8.48 -5.48 -39.82
N ASN N 28 -9.57 -6.24 -39.89
CA ASN N 28 -10.03 -7.00 -38.73
C ASN N 28 -9.09 -8.17 -38.51
N VAL N 29 -8.53 -8.27 -37.31
CA VAL N 29 -7.56 -9.31 -37.00
C VAL N 29 -8.02 -10.08 -35.77
N GLY N 30 -9.28 -9.92 -35.39
CA GLY N 30 -9.82 -10.60 -34.23
C GLY N 30 -9.05 -10.23 -32.97
N THR N 31 -8.38 -11.22 -32.38
CA THR N 31 -7.54 -11.00 -31.22
C THR N 31 -6.11 -11.46 -31.44
N ALA N 32 -5.70 -11.63 -32.69
CA ALA N 32 -4.34 -12.08 -33.03
C ALA N 32 -3.39 -10.88 -33.03
N VAL N 33 -3.20 -10.33 -31.83
CA VAL N 33 -2.32 -9.19 -31.61
C VAL N 33 -1.44 -9.47 -30.41
N ALA N 34 -0.15 -9.16 -30.53
CA ALA N 34 0.81 -9.34 -29.45
C ALA N 34 1.53 -8.02 -29.18
N TRP N 35 1.97 -7.86 -27.93
CA TRP N 35 2.69 -6.67 -27.49
C TRP N 35 4.08 -7.06 -27.00
N TYR N 36 5.06 -6.21 -27.29
CA TYR N 36 6.45 -6.48 -26.91
C TYR N 36 7.06 -5.25 -26.24
N GLN N 37 8.06 -5.51 -25.40
CA GLN N 37 8.84 -4.47 -24.74
C GLN N 37 10.30 -4.63 -25.15
N GLN N 38 10.92 -3.52 -25.55
CA GLN N 38 12.32 -3.54 -25.97
C GLN N 38 13.05 -2.38 -25.30
N LYS N 39 14.06 -2.72 -24.51
CA LYS N 39 14.94 -1.74 -23.90
C LYS N 39 16.15 -1.48 -24.79
N PRO N 40 16.76 -0.30 -24.67
CA PRO N 40 17.93 0.00 -25.52
C PRO N 40 19.05 -0.99 -25.32
N GLY N 41 19.64 -1.42 -26.45
CA GLY N 41 20.74 -2.36 -26.40
C GLY N 41 20.38 -3.77 -26.00
N GLN N 42 19.11 -4.14 -26.07
CA GLN N 42 18.66 -5.47 -25.72
C GLN N 42 17.69 -5.98 -26.76
N SER N 43 17.39 -7.30 -26.69
CA SER N 43 16.41 -7.89 -27.59
C SER N 43 15.00 -7.74 -27.01
N PRO N 44 13.99 -7.62 -27.88
CA PRO N 44 12.62 -7.45 -27.40
C PRO N 44 12.14 -8.65 -26.58
N LYS N 45 11.27 -8.35 -25.62
CA LYS N 45 10.65 -9.35 -24.76
C LYS N 45 9.14 -9.27 -24.94
N LEU N 46 8.50 -10.43 -25.12
CA LEU N 46 7.05 -10.45 -25.25
C LEU N 46 6.40 -10.11 -23.92
N MET N 47 5.32 -9.33 -24.00
CA MET N 47 4.56 -8.92 -22.84
C MET N 47 3.17 -9.57 -22.86
N ILE N 48 2.35 -9.23 -23.85
CA ILE N 48 1.01 -9.78 -24.00
C ILE N 48 0.94 -10.45 -25.36
N TYR N 49 0.22 -11.58 -25.43
CA TYR N 49 -0.02 -12.25 -26.70
C TYR N 49 -1.47 -12.75 -26.70
N PHE N 50 -2.06 -12.83 -27.89
CA PHE N 50 -3.48 -13.12 -28.04
C PHE N 50 -4.32 -11.99 -27.44
N ALA N 51 -3.89 -10.75 -27.70
CA ALA N 51 -4.55 -9.50 -27.33
C ALA N 51 -4.50 -9.23 -25.82
N SER N 52 -4.95 -10.17 -24.99
CA SER N 52 -5.12 -9.86 -23.57
C SER N 52 -4.66 -10.97 -22.63
N ASN N 53 -3.75 -11.85 -23.04
CA ASN N 53 -3.25 -12.92 -22.19
C ASN N 53 -1.78 -12.66 -21.89
N ARG N 54 -1.42 -12.63 -20.61
CA ARG N 54 -0.04 -12.42 -20.23
C ARG N 54 0.77 -13.70 -20.40
N TYR N 55 2.01 -13.54 -20.86
CA TYR N 55 2.97 -14.60 -21.06
C TYR N 55 3.56 -15.02 -19.70
N THR N 56 4.12 -16.22 -19.66
CA THR N 56 4.79 -16.67 -18.44
C THR N 56 5.81 -15.63 -17.99
N GLY N 57 5.71 -15.23 -16.74
CA GLY N 57 6.26 -14.01 -16.17
C GLY N 57 5.04 -13.51 -15.44
N VAL N 58 4.39 -12.41 -15.81
CA VAL N 58 4.87 -11.16 -16.38
C VAL N 58 3.94 -10.37 -15.48
N PRO N 59 4.39 -9.29 -14.85
CA PRO N 59 3.56 -8.72 -13.78
C PRO N 59 2.18 -8.31 -14.28
N ASP N 60 1.19 -8.48 -13.40
CA ASP N 60 -0.18 -8.07 -13.65
C ASP N 60 -0.31 -6.58 -13.89
N ARG N 61 0.77 -5.83 -13.68
CA ARG N 61 0.80 -4.40 -13.96
C ARG N 61 0.42 -4.11 -15.41
N PHE N 62 0.80 -4.99 -16.33
CA PHE N 62 0.50 -4.81 -17.74
C PHE N 62 -0.80 -5.53 -18.09
N THR N 63 -1.68 -4.84 -18.80
CA THR N 63 -2.97 -5.41 -19.21
C THR N 63 -3.22 -5.05 -20.66
N GLY N 64 -3.55 -6.05 -21.47
CA GLY N 64 -3.92 -5.83 -22.85
C GLY N 64 -5.43 -5.92 -23.02
N SER N 65 -5.92 -5.27 -24.08
CA SER N 65 -7.35 -5.23 -24.35
C SER N 65 -7.57 -4.87 -25.81
N GLY N 66 -8.80 -5.05 -26.26
CA GLY N 66 -9.19 -4.73 -27.62
C GLY N 66 -9.45 -5.98 -28.46
N SER N 67 -10.07 -5.73 -29.61
CA SER N 67 -10.41 -6.79 -30.54
C SER N 67 -10.80 -6.15 -31.87
N GLY N 68 -10.61 -6.91 -32.95
CA GLY N 68 -10.96 -6.43 -34.28
C GLY N 68 -9.92 -5.51 -34.88
N THR N 69 -9.97 -4.23 -34.53
CA THR N 69 -9.07 -3.25 -35.12
C THR N 69 -8.51 -2.23 -34.15
N ASP N 70 -9.00 -2.15 -32.92
CA ASP N 70 -8.48 -1.25 -31.90
C ASP N 70 -7.97 -2.06 -30.72
N PHE N 71 -6.69 -1.92 -30.40
CA PHE N 71 -6.05 -2.66 -29.32
C PHE N 71 -5.30 -1.68 -28.43
N THR N 72 -5.20 -2.03 -27.14
CA THR N 72 -4.65 -1.12 -26.15
C THR N 72 -3.84 -1.89 -25.11
N LEU N 73 -2.68 -1.34 -24.77
CA LEU N 73 -1.87 -1.82 -23.66
C LEU N 73 -1.92 -0.81 -22.52
N THR N 74 -2.23 -1.27 -21.32
CA THR N 74 -2.42 -0.42 -20.15
C THR N 74 -1.42 -0.82 -19.07
N ILE N 75 -0.77 0.17 -18.47
CA ILE N 75 0.19 -0.05 -17.39
C ILE N 75 -0.34 0.67 -16.16
N SER N 76 -1.09 -0.06 -15.34
CA SER N 76 -1.71 0.43 -14.10
C SER N 76 -0.67 0.55 -13.00
N ASN N 77 -0.11 1.75 -12.83
CA ASN N 77 0.92 2.11 -11.86
C ASN N 77 2.28 1.64 -12.38
N MET N 78 3.24 2.55 -12.40
CA MET N 78 4.48 2.36 -13.13
C MET N 78 5.68 2.18 -12.20
N GLN N 79 6.75 1.67 -12.79
CA GLN N 79 8.06 1.58 -12.16
C GLN N 79 9.10 2.11 -13.14
N SER N 80 10.29 2.40 -12.62
CA SER N 80 11.36 2.88 -13.48
C SER N 80 11.74 1.86 -14.54
N GLU N 81 11.59 0.57 -14.24
CA GLU N 81 11.96 -0.49 -15.18
C GLU N 81 11.04 -0.57 -16.39
N ASP N 82 9.97 0.21 -16.44
CA ASP N 82 9.03 0.16 -17.55
C ASP N 82 9.36 1.15 -18.66
N LEU N 83 10.43 1.92 -18.53
CA LEU N 83 10.81 2.88 -19.56
C LEU N 83 11.51 2.14 -20.69
N ALA N 84 10.81 1.96 -21.81
CA ALA N 84 11.34 1.22 -22.95
C ALA N 84 10.39 1.44 -24.13
N ASP N 85 10.68 0.78 -25.25
CA ASP N 85 9.83 0.81 -26.42
C ASP N 85 8.77 -0.28 -26.33
N TYR N 86 7.61 -0.01 -26.93
CA TYR N 86 6.50 -0.93 -26.93
C TYR N 86 5.96 -1.09 -28.34
N PHE N 87 5.90 -2.33 -28.82
CA PHE N 87 5.45 -2.65 -30.17
C PHE N 87 4.20 -3.52 -30.11
N CYS N 88 3.32 -3.33 -31.08
CA CYS N 88 2.20 -4.23 -31.31
C CYS N 88 2.41 -4.97 -32.63
N GLN N 89 1.99 -6.22 -32.68
CA GLN N 89 2.23 -7.05 -33.85
C GLN N 89 0.96 -7.81 -34.22
N GLN N 90 0.73 -7.95 -35.52
CA GLN N 90 -0.40 -8.69 -36.05
C GLN N 90 0.06 -10.03 -36.61
N TYR N 91 -0.68 -11.09 -36.31
CA TYR N 91 -0.42 -12.41 -36.86
C TYR N 91 -1.71 -13.09 -37.28
N SER N 92 -2.63 -12.31 -37.86
CA SER N 92 -3.86 -12.88 -38.41
C SER N 92 -3.61 -13.48 -39.79
N SER N 93 -2.78 -12.84 -40.59
CA SER N 93 -2.45 -13.33 -41.92
C SER N 93 -1.06 -12.84 -42.31
N TYR N 94 -0.41 -13.59 -43.19
CA TYR N 94 0.90 -13.21 -43.68
C TYR N 94 0.79 -12.07 -44.69
N PRO N 95 1.79 -11.18 -44.75
CA PRO N 95 3.00 -11.19 -43.90
C PRO N 95 2.77 -10.56 -42.53
N LEU N 96 3.54 -11.00 -41.54
CA LEU N 96 3.46 -10.42 -40.21
C LEU N 96 4.01 -9.00 -40.22
N THR N 97 3.33 -8.10 -39.51
CA THR N 97 3.70 -6.70 -39.47
C THR N 97 3.74 -6.20 -38.04
N PHE N 98 4.57 -5.18 -37.80
CA PHE N 98 4.72 -4.56 -36.51
C PHE N 98 4.34 -3.09 -36.60
N GLY N 99 4.10 -2.49 -35.43
CA GLY N 99 3.81 -1.07 -35.37
C GLY N 99 5.05 -0.23 -35.17
N ALA N 100 4.88 1.07 -35.33
CA ALA N 100 5.98 2.01 -35.12
C ALA N 100 6.38 2.04 -33.64
N GLY N 101 7.58 2.54 -33.38
CA GLY N 101 8.08 2.59 -32.03
C GLY N 101 7.29 3.56 -31.16
N THR N 102 7.24 3.24 -29.86
CA THR N 102 6.57 4.09 -28.87
C THR N 102 7.43 4.15 -27.63
N LYS N 103 8.02 5.32 -27.36
CA LYS N 103 8.90 5.51 -26.22
C LYS N 103 8.12 6.05 -25.03
N LEU N 104 8.26 5.40 -23.88
CA LEU N 104 7.66 5.85 -22.64
C LEU N 104 8.74 6.57 -21.82
N GLU N 105 8.50 7.84 -21.53
CA GLU N 105 9.46 8.71 -20.86
C GLU N 105 8.90 9.29 -19.57
N LEU N 106 9.81 9.70 -18.69
CA LEU N 106 9.45 10.34 -17.44
C LEU N 106 9.44 11.85 -17.63
N LYS N 107 8.46 12.52 -17.01
CA LYS N 107 8.27 13.96 -17.17
C LYS N 107 8.68 14.81 -15.97
N ARG N 108 9.83 14.56 -15.35
CA ARG N 108 10.21 15.44 -14.24
C ARG N 108 10.78 16.72 -14.83
N ALA N 109 9.94 17.74 -14.94
CA ALA N 109 10.25 18.99 -15.60
C ALA N 109 10.35 20.14 -14.58
N ASP N 110 11.07 21.21 -14.95
CA ASP N 110 11.97 21.28 -16.11
C ASP N 110 13.21 22.11 -15.78
N ALA N 111 14.35 21.71 -16.32
CA ALA N 111 15.62 22.41 -16.15
C ALA N 111 15.97 23.20 -17.40
N ALA N 112 16.75 24.30 -17.21
CA ALA N 112 17.32 25.07 -18.30
C ALA N 112 18.67 24.46 -18.70
N PRO N 113 19.02 24.49 -19.97
CA PRO N 113 20.27 23.83 -20.39
C PRO N 113 21.49 24.52 -19.83
N THR N 114 22.59 23.77 -19.80
CA THR N 114 23.90 24.29 -19.42
C THR N 114 24.77 24.26 -20.66
N VAL N 115 25.22 25.45 -21.08
CA VAL N 115 25.87 25.63 -22.36
C VAL N 115 27.35 25.90 -22.11
N SER N 116 28.21 25.15 -22.79
CA SER N 116 29.66 25.32 -22.69
C SER N 116 30.23 25.23 -24.10
N ILE N 117 30.96 26.25 -24.51
CA ILE N 117 31.58 26.30 -25.83
C ILE N 117 33.06 26.04 -25.66
N PHE N 118 33.64 25.34 -26.63
CA PHE N 118 35.05 24.96 -26.59
C PHE N 118 35.69 25.25 -27.94
N PRO N 119 36.72 26.10 -27.99
CA PRO N 119 37.42 26.34 -29.26
C PRO N 119 38.20 25.11 -29.67
N PRO N 120 38.65 25.05 -30.93
CA PRO N 120 39.47 23.92 -31.36
C PRO N 120 40.75 23.84 -30.54
N SER N 121 41.16 22.61 -30.21
CA SER N 121 42.37 22.41 -29.46
C SER N 121 43.59 22.73 -30.31
N SER N 122 44.70 23.04 -29.62
CA SER N 122 45.96 23.30 -30.32
C SER N 122 46.44 22.08 -31.09
N GLU N 123 46.08 20.88 -30.62
CA GLU N 123 46.51 19.66 -31.29
C GLU N 123 45.77 19.47 -32.62
N GLN N 124 44.46 19.74 -32.64
CA GLN N 124 43.70 19.58 -33.87
C GLN N 124 44.10 20.61 -34.92
N LEU N 125 44.53 21.80 -34.49
CA LEU N 125 45.00 22.81 -35.43
C LEU N 125 46.30 22.43 -36.12
N THR N 126 47.00 21.40 -35.64
CA THR N 126 48.18 20.91 -36.34
C THR N 126 47.83 20.02 -37.53
N SER N 127 46.61 19.51 -37.59
CA SER N 127 46.16 18.65 -38.67
C SER N 127 45.51 19.42 -39.81
N GLY N 128 45.41 20.74 -39.70
CA GLY N 128 44.74 21.54 -40.71
C GLY N 128 43.24 21.65 -40.55
N GLY N 129 42.67 21.13 -39.46
CA GLY N 129 41.26 21.23 -39.22
C GLY N 129 40.93 21.92 -37.91
N ALA N 130 39.70 22.41 -37.79
CA ALA N 130 39.29 23.15 -36.59
C ALA N 130 37.83 22.84 -36.31
N SER N 131 37.57 22.27 -35.13
CA SER N 131 36.22 21.92 -34.71
C SER N 131 35.85 22.70 -33.46
N VAL N 132 34.73 23.42 -33.51
CA VAL N 132 34.20 24.14 -32.37
C VAL N 132 32.98 23.39 -31.87
N VAL N 133 32.99 22.98 -30.61
CA VAL N 133 31.92 22.19 -30.04
C VAL N 133 31.13 23.04 -29.06
N CYS N 134 29.88 22.63 -28.83
CA CYS N 134 28.99 23.35 -27.91
C CYS N 134 28.08 22.32 -27.27
N PHE N 135 28.26 22.10 -25.96
CA PHE N 135 27.48 21.11 -25.23
C PHE N 135 26.28 21.77 -24.56
N LEU N 136 25.12 21.16 -24.73
CA LEU N 136 23.88 21.60 -24.08
C LEU N 136 23.42 20.43 -23.21
N ASN N 137 23.66 20.54 -21.91
CA ASN N 137 23.49 19.41 -21.00
C ASN N 137 22.34 19.68 -20.03
N ASN N 138 21.56 18.62 -19.77
CA ASN N 138 20.56 18.60 -18.70
C ASN N 138 19.49 19.67 -18.91
N PHE N 139 18.75 19.54 -20.01
CA PHE N 139 17.63 20.40 -20.29
C PHE N 139 16.37 19.57 -20.51
N TYR N 140 15.22 20.24 -20.34
CA TYR N 140 13.91 19.65 -20.59
C TYR N 140 12.94 20.79 -20.83
N PRO N 141 12.05 20.69 -21.82
CA PRO N 141 11.81 19.54 -22.72
C PRO N 141 12.84 19.40 -23.84
N LYS N 142 12.54 18.50 -24.79
CA LYS N 142 13.47 18.19 -25.86
C LYS N 142 13.63 19.34 -26.84
N ASP N 143 12.57 20.13 -27.05
CA ASP N 143 12.60 21.18 -28.06
C ASP N 143 13.62 22.25 -27.71
N ILE N 144 14.65 22.38 -28.55
CA ILE N 144 15.70 23.37 -28.35
C ILE N 144 16.36 23.63 -29.70
N ASN N 145 16.84 24.85 -29.88
CA ASN N 145 17.46 25.27 -31.13
C ASN N 145 18.81 25.90 -30.85
N VAL N 146 19.83 25.51 -31.62
CA VAL N 146 21.18 26.02 -31.48
C VAL N 146 21.49 26.87 -32.70
N LYS N 147 22.09 28.04 -32.48
CA LYS N 147 22.46 28.95 -33.54
C LYS N 147 23.95 29.25 -33.44
N TRP N 148 24.67 29.02 -34.53
CA TRP N 148 26.09 29.32 -34.60
C TRP N 148 26.31 30.67 -35.26
N LYS N 149 27.13 31.51 -34.65
CA LYS N 149 27.48 32.82 -35.19
C LYS N 149 28.99 32.92 -35.36
N ILE N 150 29.43 33.30 -36.55
CA ILE N 150 30.83 33.55 -36.84
C ILE N 150 30.95 35.02 -37.19
N ASP N 151 31.60 35.79 -36.31
CA ASP N 151 31.66 37.25 -36.43
C ASP N 151 30.27 37.86 -36.52
N GLY N 152 29.35 37.30 -35.73
CA GLY N 152 27.97 37.76 -35.70
C GLY N 152 27.08 37.26 -36.81
N SER N 153 27.63 36.59 -37.82
CA SER N 153 26.86 36.08 -38.94
C SER N 153 26.51 34.62 -38.71
N GLU N 154 25.24 34.27 -38.95
CA GLU N 154 24.80 32.90 -38.75
C GLU N 154 25.45 31.96 -39.76
N ARG N 155 25.94 30.82 -39.26
CA ARG N 155 26.63 29.83 -40.09
C ARG N 155 25.79 28.57 -40.15
N GLN N 156 25.45 28.14 -41.37
CA GLN N 156 24.61 26.97 -41.59
C GLN N 156 25.41 25.73 -41.97
N ASN N 157 26.35 25.87 -42.91
CA ASN N 157 27.12 24.74 -43.38
C ASN N 157 28.19 24.33 -42.37
N GLY N 158 28.44 23.04 -42.27
CA GLY N 158 29.48 22.52 -41.40
C GLY N 158 29.07 22.18 -39.99
N VAL N 159 27.77 22.19 -39.68
CA VAL N 159 27.29 21.89 -38.34
C VAL N 159 26.87 20.43 -38.28
N LEU N 160 27.23 19.76 -37.18
CA LEU N 160 26.82 18.39 -36.92
C LEU N 160 26.20 18.34 -35.53
N ASN N 161 24.96 17.87 -35.45
CA ASN N 161 24.21 17.81 -34.20
C ASN N 161 23.99 16.36 -33.79
N SER N 162 24.04 16.11 -32.49
CA SER N 162 23.82 14.77 -31.92
C SER N 162 23.02 14.93 -30.64
N ALA N 163 21.75 14.57 -30.69
CA ALA N 163 20.86 14.69 -29.53
C ALA N 163 20.84 13.38 -28.75
N THR N 164 20.96 13.48 -27.43
CA THR N 164 20.92 12.32 -26.55
C THR N 164 19.49 12.01 -26.15
N ASP N 165 19.22 10.75 -25.87
CA ASP N 165 17.92 10.34 -25.36
C ASP N 165 17.78 10.75 -23.91
N GLN N 166 16.59 10.50 -23.34
CA GLN N 166 16.34 10.89 -21.96
C GLN N 166 17.24 10.12 -21.01
N ASP N 167 17.89 10.84 -20.10
CA ASP N 167 18.78 10.22 -19.13
C ASP N 167 17.98 9.36 -18.16
N SER N 168 18.50 8.16 -17.88
CA SER N 168 17.79 7.22 -17.03
C SER N 168 17.79 7.63 -15.57
N LYS N 169 18.61 8.59 -15.17
CA LYS N 169 18.74 8.96 -13.77
C LYS N 169 17.94 10.21 -13.39
N ASP N 170 18.00 11.27 -14.20
CA ASP N 170 17.33 12.52 -13.87
C ASP N 170 16.36 12.99 -14.94
N SER N 171 16.08 12.17 -15.96
CA SER N 171 15.07 12.44 -16.97
C SER N 171 15.37 13.70 -17.78
N THR N 172 16.64 14.09 -17.88
CA THR N 172 17.03 15.25 -18.67
C THR N 172 17.59 14.82 -20.02
N TYR N 173 17.78 15.80 -20.90
CA TYR N 173 18.31 15.56 -22.23
C TYR N 173 19.59 16.34 -22.44
N SER N 174 20.37 15.90 -23.42
CA SER N 174 21.64 16.55 -23.75
C SER N 174 21.79 16.60 -25.27
N MET N 175 22.59 17.56 -25.73
CA MET N 175 22.80 17.75 -27.15
C MET N 175 24.21 18.31 -27.39
N SER N 176 24.87 17.82 -28.42
CA SER N 176 26.20 18.29 -28.81
C SER N 176 26.14 18.84 -30.23
N SER N 177 26.73 20.02 -30.43
CA SER N 177 26.78 20.66 -31.73
C SER N 177 28.23 20.97 -32.05
N THR N 178 28.70 20.49 -33.20
CA THR N 178 30.10 20.63 -33.59
C THR N 178 30.17 21.34 -34.94
N LEU N 179 30.83 22.50 -34.96
CA LEU N 179 31.08 23.25 -36.18
C LEU N 179 32.51 22.98 -36.61
N THR N 180 32.66 22.27 -37.73
CA THR N 180 33.96 21.86 -38.24
C THR N 180 34.33 22.69 -39.46
N LEU N 181 35.43 23.42 -39.37
CA LEU N 181 35.95 24.23 -40.45
C LEU N 181 37.41 23.88 -40.70
N THR N 182 37.92 24.31 -41.85
CA THR N 182 39.35 24.20 -42.10
C THR N 182 40.10 25.21 -41.24
N LYS N 183 41.38 24.91 -40.98
CA LYS N 183 42.19 25.82 -40.18
C LYS N 183 42.33 27.17 -40.85
N ASP N 184 42.45 27.19 -42.17
CA ASP N 184 42.52 28.45 -42.90
C ASP N 184 41.28 29.28 -42.66
N GLU N 185 40.10 28.65 -42.70
CA GLU N 185 38.86 29.38 -42.49
C GLU N 185 38.69 29.78 -41.03
N TYR N 186 39.13 28.94 -40.11
CA TYR N 186 39.01 29.27 -38.69
C TYR N 186 39.85 30.49 -38.32
N GLU N 187 41.05 30.61 -38.89
CA GLU N 187 41.96 31.71 -38.56
C GLU N 187 41.59 33.01 -39.26
N ARG N 188 40.59 32.99 -40.12
CA ARG N 188 40.13 34.18 -40.84
C ARG N 188 38.98 34.90 -40.16
N HIS N 189 38.53 34.41 -38.99
CA HIS N 189 37.50 35.06 -38.20
C HIS N 189 37.95 35.16 -36.75
N ASN N 190 37.32 36.06 -36.02
CA ASN N 190 37.69 36.35 -34.64
C ASN N 190 36.62 35.90 -33.65
N SER N 191 35.35 36.23 -33.90
CA SER N 191 34.28 35.99 -32.95
C SER N 191 33.53 34.71 -33.31
N TYR N 192 33.40 33.81 -32.34
CA TYR N 192 32.62 32.59 -32.48
C TYR N 192 31.62 32.51 -31.33
N THR N 193 30.36 32.23 -31.66
CA THR N 193 29.29 32.32 -30.67
C THR N 193 28.34 31.14 -30.84
N CYS N 194 27.98 30.52 -29.71
CA CYS N 194 26.99 29.45 -29.67
C CYS N 194 25.81 29.93 -28.82
N GLU N 195 24.64 30.04 -29.44
CA GLU N 195 23.44 30.52 -28.78
C GLU N 195 22.41 29.41 -28.70
N ALA N 196 21.90 29.17 -27.50
CA ALA N 196 20.87 28.16 -27.25
C ALA N 196 19.59 28.85 -26.81
N THR N 197 18.52 28.64 -27.56
CA THR N 197 17.20 29.16 -27.21
C THR N 197 16.31 28.01 -26.76
N HIS N 198 15.71 28.16 -25.58
CA HIS N 198 14.90 27.12 -24.97
C HIS N 198 13.71 27.76 -24.28
N LYS N 199 12.63 26.98 -24.13
CA LYS N 199 11.39 27.54 -23.59
C LYS N 199 11.52 27.95 -22.12
N THR N 200 12.57 27.54 -21.43
CA THR N 200 12.75 27.91 -20.02
C THR N 200 13.23 29.35 -19.85
N SER N 201 13.55 30.05 -20.92
CA SER N 201 13.96 31.43 -20.85
C SER N 201 13.56 32.14 -22.13
N THR N 202 13.10 33.39 -21.99
CA THR N 202 12.68 34.16 -23.16
C THR N 202 13.84 34.83 -23.88
N SER N 203 15.06 34.68 -23.39
CA SER N 203 16.26 35.16 -24.06
C SER N 203 17.25 34.01 -24.22
N PRO N 204 17.97 33.95 -25.35
CA PRO N 204 18.88 32.83 -25.58
C PRO N 204 20.09 32.89 -24.67
N ILE N 205 20.59 31.70 -24.31
CA ILE N 205 21.82 31.59 -23.54
C ILE N 205 23.00 31.65 -24.50
N VAL N 206 23.87 32.64 -24.30
CA VAL N 206 24.93 32.95 -25.25
C VAL N 206 26.27 32.61 -24.61
N LYS N 207 27.05 31.79 -25.29
CA LYS N 207 28.44 31.49 -24.93
C LYS N 207 29.32 31.79 -26.13
N SER N 208 30.38 32.57 -25.91
CA SER N 208 31.21 33.05 -27.00
C SER N 208 32.66 33.11 -26.58
N PHE N 209 33.54 33.22 -27.58
CA PHE N 209 34.96 33.45 -27.36
C PHE N 209 35.52 34.16 -28.59
N ASN N 210 36.66 34.81 -28.40
CA ASN N 210 37.37 35.46 -29.48
C ASN N 210 38.66 34.72 -29.78
N ARG N 211 38.94 34.52 -31.07
CA ARG N 211 40.13 33.76 -31.47
C ARG N 211 41.40 34.47 -31.03
N ASN N 212 41.46 35.80 -31.17
CA ASN N 212 42.65 36.54 -30.77
C ASN N 212 42.85 36.51 -29.27
N GLU N 213 41.77 36.75 -28.50
CA GLU N 213 41.88 36.76 -27.05
C GLU N 213 42.05 35.38 -26.45
N CYS N 214 41.84 34.32 -27.23
CA CYS N 214 42.05 32.96 -26.75
C CYS N 214 42.45 32.04 -27.89
N GLU O 1 11.54 -35.95 -75.18
CA GLU O 1 10.90 -36.70 -76.26
C GLU O 1 9.42 -36.36 -76.37
N VAL O 2 9.02 -35.22 -75.81
CA VAL O 2 7.63 -34.76 -75.82
C VAL O 2 7.64 -33.41 -76.56
N GLN O 3 7.57 -33.46 -77.88
CA GLN O 3 7.47 -32.27 -78.71
C GLN O 3 6.27 -32.42 -79.64
N LEU O 4 5.71 -31.28 -80.04
CA LEU O 4 4.51 -31.24 -80.86
C LEU O 4 4.82 -30.63 -82.21
N GLN O 5 4.58 -31.38 -83.28
CA GLN O 5 4.81 -30.94 -84.64
C GLN O 5 3.50 -30.50 -85.28
N GLN O 6 3.51 -29.37 -85.99
CA GLN O 6 2.31 -28.80 -86.56
C GLN O 6 2.32 -28.98 -88.08
N SER O 7 1.42 -28.24 -88.74
CA SER O 7 1.24 -28.40 -90.18
C SER O 7 2.32 -27.68 -90.98
N GLY O 8 2.60 -26.43 -90.64
CA GLY O 8 3.53 -25.63 -91.41
C GLY O 8 2.90 -24.34 -91.90
N ALA O 9 3.74 -23.35 -92.19
CA ALA O 9 3.24 -22.04 -92.62
C ALA O 9 2.48 -22.14 -93.94
N GLU O 10 1.49 -21.27 -94.10
CA GLU O 10 0.65 -21.27 -95.28
C GLU O 10 0.25 -19.85 -95.63
N VAL O 11 0.29 -19.52 -96.92
CA VAL O 11 -0.15 -18.24 -97.44
C VAL O 11 -1.51 -18.44 -98.10
N VAL O 12 -2.53 -17.76 -97.59
CA VAL O 12 -3.90 -17.93 -98.06
C VAL O 12 -4.46 -16.58 -98.46
N ARG O 13 -5.21 -16.56 -99.56
CA ARG O 13 -5.97 -15.38 -99.93
C ARG O 13 -7.16 -15.19 -99.01
N SER O 14 -7.67 -13.97 -98.97
CA SER O 14 -8.81 -13.66 -98.11
C SER O 14 -10.06 -14.38 -98.61
N GLY O 15 -10.84 -14.89 -97.67
CA GLY O 15 -12.08 -15.57 -97.99
C GLY O 15 -11.96 -17.07 -98.15
N ALA O 16 -10.82 -17.65 -97.84
CA ALA O 16 -10.62 -19.09 -97.95
C ALA O 16 -10.30 -19.66 -96.57
N SER O 17 -10.58 -20.95 -96.40
CA SER O 17 -10.35 -21.63 -95.14
C SER O 17 -8.97 -22.27 -95.11
N VAL O 18 -8.45 -22.46 -93.89
CA VAL O 18 -7.16 -23.12 -93.67
C VAL O 18 -7.33 -24.08 -92.50
N LYS O 19 -6.62 -25.20 -92.58
CA LYS O 19 -6.69 -26.24 -91.56
C LYS O 19 -5.30 -26.49 -91.00
N LEU O 20 -5.15 -26.31 -89.69
CA LEU O 20 -3.90 -26.56 -89.00
C LEU O 20 -3.99 -27.89 -88.25
N SER O 21 -2.86 -28.58 -88.15
CA SER O 21 -2.80 -29.88 -87.51
C SER O 21 -1.75 -29.87 -86.39
N CYS O 22 -1.93 -30.79 -85.45
CA CYS O 22 -0.98 -31.03 -84.38
C CYS O 22 -0.63 -32.52 -84.36
N THR O 23 0.32 -32.90 -83.51
CA THR O 23 0.80 -34.28 -83.49
C THR O 23 1.26 -34.64 -82.09
N ALA O 24 1.13 -35.93 -81.76
CA ALA O 24 1.64 -36.54 -80.53
C ALA O 24 0.96 -36.00 -79.28
N SER O 25 -0.22 -35.40 -79.43
CA SER O 25 -1.06 -34.97 -78.31
C SER O 25 -2.48 -35.40 -78.62
N GLY O 26 -2.99 -36.38 -77.86
CA GLY O 26 -4.27 -36.97 -78.16
C GLY O 26 -4.18 -38.45 -78.50
N PHE O 27 -4.17 -39.28 -77.46
CA PHE O 27 -4.04 -40.72 -77.58
C PHE O 27 -5.24 -41.39 -76.91
N ASN O 28 -5.45 -42.66 -77.20
CA ASN O 28 -6.43 -43.40 -76.45
C ASN O 28 -5.95 -43.57 -75.01
N ILE O 29 -6.90 -43.48 -74.07
CA ILE O 29 -6.76 -43.72 -72.63
C ILE O 29 -6.00 -42.55 -72.02
N LYS O 30 -5.22 -41.83 -72.84
CA LYS O 30 -4.48 -40.65 -72.41
C LYS O 30 -4.75 -39.52 -73.39
N ASP O 31 -5.42 -38.42 -72.98
CA ASP O 31 -6.18 -38.08 -71.75
C ASP O 31 -6.18 -36.56 -71.77
N TYR O 32 -5.02 -36.05 -72.20
CA TYR O 32 -4.62 -34.66 -72.38
C TYR O 32 -5.75 -33.66 -72.52
N ALA O 33 -5.47 -32.40 -72.21
CA ALA O 33 -6.37 -31.28 -72.47
C ALA O 33 -5.63 -30.34 -73.41
N ILE O 34 -5.97 -30.39 -74.70
CA ILE O 34 -5.25 -29.65 -75.73
C ILE O 34 -5.85 -28.24 -75.84
N HIS O 35 -4.96 -27.24 -75.87
CA HIS O 35 -5.35 -25.85 -76.05
C HIS O 35 -4.67 -25.28 -77.28
N TRP O 36 -5.28 -24.24 -77.84
CA TRP O 36 -4.74 -23.50 -78.97
C TRP O 36 -4.63 -22.03 -78.61
N VAL O 37 -3.51 -21.42 -78.96
CA VAL O 37 -3.22 -20.03 -78.63
C VAL O 37 -2.85 -19.29 -79.91
N LYS O 38 -3.43 -18.10 -80.09
CA LYS O 38 -3.12 -17.23 -81.21
C LYS O 38 -2.22 -16.09 -80.76
N GLN O 39 -1.20 -15.80 -81.56
CA GLN O 39 -0.22 -14.75 -81.24
C GLN O 39 -0.21 -13.71 -82.35
N ARG O 40 -0.87 -12.58 -82.10
CA ARG O 40 -0.88 -11.43 -83.00
C ARG O 40 0.21 -10.45 -82.58
N PRO O 41 1.00 -9.92 -83.52
CA PRO O 41 2.06 -8.97 -83.16
C PRO O 41 1.59 -7.76 -82.38
N GLU O 42 0.28 -7.52 -82.26
CA GLU O 42 -0.24 -6.38 -81.53
C GLU O 42 -0.99 -6.76 -80.27
N LYS O 43 -1.70 -7.89 -80.26
CA LYS O 43 -2.53 -8.28 -79.14
C LYS O 43 -1.88 -9.30 -78.22
N GLY O 44 -0.64 -9.68 -78.48
CA GLY O 44 0.03 -10.64 -77.60
C GLY O 44 -0.52 -12.04 -77.81
N LEU O 45 -0.86 -12.70 -76.71
CA LEU O 45 -1.39 -14.06 -76.75
C LEU O 45 -2.90 -14.03 -76.50
N GLU O 46 -3.63 -14.85 -77.27
CA GLU O 46 -5.06 -15.00 -77.12
C GLU O 46 -5.41 -16.48 -77.11
N TRP O 47 -6.14 -16.91 -76.08
CA TRP O 47 -6.57 -18.29 -75.98
C TRP O 47 -7.75 -18.55 -76.91
N ILE O 48 -7.71 -19.68 -77.62
CA ILE O 48 -8.72 -20.01 -78.61
C ILE O 48 -9.76 -20.95 -78.01
N GLY O 49 -9.33 -22.15 -77.60
CA GLY O 49 -10.25 -23.13 -77.06
C GLY O 49 -9.51 -24.31 -76.47
N ALA O 50 -10.26 -25.14 -75.75
CA ALA O 50 -9.73 -26.31 -75.07
C ALA O 50 -10.49 -27.55 -75.53
N ILE O 51 -9.75 -28.51 -76.10
CA ILE O 51 -10.29 -29.78 -76.58
C ILE O 51 -9.62 -30.92 -75.86
N ASP O 52 -10.42 -31.92 -75.49
CA ASP O 52 -9.98 -33.09 -74.75
C ASP O 52 -10.09 -34.33 -75.63
N PRO O 53 -8.99 -34.91 -76.08
CA PRO O 53 -9.06 -36.23 -76.72
C PRO O 53 -9.58 -37.25 -75.73
N GLU O 54 -9.93 -38.43 -76.23
CA GLU O 54 -10.61 -39.49 -75.49
C GLU O 54 -12.03 -39.09 -75.08
N TYR O 55 -12.46 -37.86 -75.36
CA TYR O 55 -13.84 -37.45 -75.11
C TYR O 55 -14.34 -36.55 -76.22
N GLY O 56 -13.45 -35.74 -76.79
CA GLY O 56 -13.87 -34.85 -77.84
C GLY O 56 -14.65 -33.67 -77.31
N ASP O 57 -14.50 -33.37 -76.02
CA ASP O 57 -15.17 -32.20 -75.49
C ASP O 57 -14.61 -30.97 -76.17
N THR O 58 -15.42 -29.91 -76.17
CA THR O 58 -15.05 -28.70 -76.89
C THR O 58 -15.49 -27.49 -76.08
N GLU O 59 -14.57 -26.55 -75.92
CA GLU O 59 -14.87 -25.25 -75.32
C GLU O 59 -14.18 -24.21 -76.18
N TYR O 60 -14.85 -23.08 -76.36
CA TYR O 60 -14.38 -22.02 -77.24
C TYR O 60 -14.42 -20.69 -76.52
N VAL O 61 -13.96 -19.66 -77.22
CA VAL O 61 -14.06 -18.27 -76.76
C VAL O 61 -15.17 -17.60 -77.57
N PRO O 62 -16.04 -16.82 -76.95
CA PRO O 62 -17.08 -16.11 -77.74
C PRO O 62 -16.52 -15.26 -78.86
N LYS O 63 -15.27 -14.81 -78.74
CA LYS O 63 -14.67 -14.05 -79.84
C LYS O 63 -14.43 -14.94 -81.07
N PHE O 64 -14.06 -16.20 -80.85
CA PHE O 64 -13.66 -17.09 -81.93
C PHE O 64 -14.75 -18.08 -82.33
N GLN O 65 -15.88 -18.10 -81.62
CA GLN O 65 -16.97 -18.98 -82.01
C GLN O 65 -17.53 -18.57 -83.36
N GLY O 66 -17.57 -19.53 -84.29
CA GLY O 66 -17.92 -19.27 -85.66
C GLY O 66 -16.74 -18.95 -86.55
N LYS O 67 -15.59 -18.61 -85.95
CA LYS O 67 -14.35 -18.39 -86.68
C LYS O 67 -13.42 -19.59 -86.65
N ALA O 68 -13.26 -20.22 -85.49
CA ALA O 68 -12.40 -21.38 -85.32
C ALA O 68 -13.23 -22.62 -85.06
N THR O 69 -12.92 -23.71 -85.78
CA THR O 69 -13.56 -24.99 -85.60
C THR O 69 -12.51 -26.01 -85.18
N MET O 70 -12.80 -26.78 -84.13
CA MET O 70 -11.86 -27.72 -83.57
C MET O 70 -12.32 -29.15 -83.73
N THR O 71 -11.40 -30.03 -84.13
CA THR O 71 -11.68 -31.44 -84.30
C THR O 71 -10.53 -32.25 -83.72
N ALA O 72 -10.83 -33.49 -83.35
CA ALA O 72 -9.85 -34.40 -82.74
C ALA O 72 -10.05 -35.80 -83.28
N ASP O 73 -8.97 -36.40 -83.78
CA ASP O 73 -8.98 -37.78 -84.25
C ASP O 73 -8.35 -38.67 -83.17
N THR O 74 -9.15 -39.58 -82.62
CA THR O 74 -8.69 -40.37 -81.47
C THR O 74 -7.51 -41.28 -81.84
N SER O 75 -7.58 -41.95 -82.99
CA SER O 75 -6.42 -42.69 -83.48
C SER O 75 -5.32 -41.69 -83.83
N SER O 76 -4.08 -42.15 -83.74
CA SER O 76 -2.89 -41.28 -83.89
C SER O 76 -3.09 -40.15 -82.85
N ASN O 77 -2.74 -38.86 -83.07
CA ASN O 77 -2.99 -37.89 -84.13
C ASN O 77 -3.23 -36.59 -83.37
N THR O 78 -4.22 -35.81 -83.81
CA THR O 78 -4.80 -34.70 -83.03
C THR O 78 -3.78 -33.58 -82.80
N ALA O 79 -4.10 -32.34 -83.15
CA ALA O 79 -5.43 -31.73 -83.00
C ALA O 79 -5.66 -30.75 -84.12
N TYR O 80 -6.73 -30.93 -84.89
CA TYR O 80 -6.96 -30.08 -86.05
C TYR O 80 -7.71 -28.80 -85.66
N LEU O 81 -7.18 -27.66 -86.08
CA LEU O 81 -7.81 -26.36 -85.90
C LEU O 81 -7.96 -25.72 -87.27
N GLN O 82 -9.20 -25.39 -87.64
CA GLN O 82 -9.49 -24.79 -88.95
C GLN O 82 -10.23 -23.48 -88.76
N LEU O 83 -9.87 -22.49 -89.59
CA LEU O 83 -10.49 -21.18 -89.58
C LEU O 83 -11.20 -20.94 -90.90
N SER O 84 -12.39 -20.34 -90.83
CA SER O 84 -13.24 -20.20 -92.01
C SER O 84 -12.89 -18.96 -92.82
N SER O 85 -13.78 -17.96 -92.81
CA SER O 85 -13.54 -16.73 -93.56
C SER O 85 -12.32 -16.01 -93.00
N LEU O 86 -11.19 -16.16 -93.67
CA LEU O 86 -9.94 -15.57 -93.19
C LEU O 86 -9.86 -14.11 -93.60
N THR O 87 -9.52 -13.25 -92.64
CA THR O 87 -9.35 -11.82 -92.87
C THR O 87 -7.95 -11.41 -92.46
N SER O 88 -7.68 -10.10 -92.56
CA SER O 88 -6.36 -9.58 -92.23
C SER O 88 -6.04 -9.71 -90.75
N GLU O 89 -7.06 -9.79 -89.88
CA GLU O 89 -6.84 -9.91 -88.44
C GLU O 89 -6.48 -11.33 -88.02
N ASP O 90 -6.51 -12.30 -88.94
CA ASP O 90 -6.14 -13.67 -88.63
C ASP O 90 -4.68 -13.98 -88.93
N THR O 91 -3.94 -13.04 -89.51
CA THR O 91 -2.51 -13.22 -89.76
C THR O 91 -1.80 -13.30 -88.42
N ALA O 92 -1.43 -14.50 -88.01
CA ALA O 92 -0.83 -14.70 -86.69
C ALA O 92 -0.13 -16.05 -86.67
N VAL O 93 0.58 -16.30 -85.57
CA VAL O 93 1.23 -17.58 -85.31
C VAL O 93 0.38 -18.35 -84.31
N TYR O 94 -0.01 -19.56 -84.68
CA TYR O 94 -0.89 -20.39 -83.86
C TYR O 94 -0.09 -21.53 -83.24
N TYR O 95 -0.36 -21.79 -81.96
CA TYR O 95 0.36 -22.82 -81.21
C TYR O 95 -0.62 -23.87 -80.71
N CYS O 96 -0.17 -25.12 -80.73
CA CYS O 96 -0.89 -26.25 -80.15
C CYS O 96 -0.18 -26.62 -78.85
N ASN O 97 -0.86 -26.40 -77.73
CA ASN O 97 -0.28 -26.62 -76.41
C ASN O 97 -1.06 -27.69 -75.67
N ALA O 98 -0.35 -28.50 -74.88
CA ALA O 98 -0.96 -29.54 -74.06
C ALA O 98 -0.30 -29.52 -72.69
N GLY O 99 -1.03 -29.09 -71.68
CA GLY O 99 -0.60 -29.35 -70.31
C GLY O 99 -0.56 -30.85 -70.07
N HIS O 100 0.41 -31.30 -69.29
CA HIS O 100 0.59 -32.74 -69.16
C HIS O 100 -0.64 -33.37 -68.52
N ASP O 101 -1.29 -34.24 -69.30
CA ASP O 101 -2.45 -35.07 -68.95
C ASP O 101 -3.78 -34.31 -68.88
N TYR O 102 -3.80 -33.11 -68.32
CA TYR O 102 -5.08 -32.42 -68.09
C TYR O 102 -4.79 -30.97 -67.74
N ASP O 103 -5.87 -30.24 -67.47
CA ASP O 103 -5.91 -28.90 -66.89
C ASP O 103 -5.73 -27.81 -67.93
N ARG O 104 -5.86 -26.55 -67.49
CA ARG O 104 -5.93 -25.39 -68.36
C ARG O 104 -4.61 -24.65 -68.33
N GLY O 105 -4.37 -24.01 -67.18
CA GLY O 105 -3.24 -23.14 -66.89
C GLY O 105 -1.96 -23.66 -67.49
N ARG O 106 -1.69 -24.95 -67.31
CA ARG O 106 -0.39 -25.49 -67.65
C ARG O 106 -0.30 -25.62 -69.16
N PHE O 107 0.66 -24.91 -69.77
CA PHE O 107 1.18 -25.22 -71.10
C PHE O 107 2.68 -25.40 -70.96
N PRO O 108 3.13 -26.59 -70.53
CA PRO O 108 4.58 -26.86 -70.55
C PRO O 108 5.07 -27.45 -71.86
N TYR O 109 4.15 -27.93 -72.70
CA TYR O 109 4.50 -28.56 -73.96
C TYR O 109 3.83 -27.76 -75.09
N TRP O 110 4.62 -26.94 -75.77
CA TRP O 110 4.13 -26.09 -76.84
C TRP O 110 4.47 -26.68 -78.19
N GLY O 111 3.64 -26.37 -79.18
CA GLY O 111 3.95 -26.73 -80.55
C GLY O 111 5.06 -25.86 -81.12
N GLN O 112 5.51 -26.23 -82.32
CA GLN O 112 6.58 -25.50 -82.97
C GLN O 112 6.13 -24.11 -83.44
N GLY O 113 4.82 -23.90 -83.60
CA GLY O 113 4.31 -22.66 -84.11
C GLY O 113 4.03 -22.72 -85.60
N THR O 114 2.88 -22.18 -86.02
CA THR O 114 2.49 -22.16 -87.43
C THR O 114 2.09 -20.75 -87.79
N LEU O 115 2.80 -20.16 -88.74
CA LEU O 115 2.56 -18.79 -89.17
C LEU O 115 1.58 -18.79 -90.34
N VAL O 116 0.41 -18.20 -90.13
CA VAL O 116 -0.61 -18.09 -91.16
C VAL O 116 -0.66 -16.64 -91.61
N THR O 117 -0.57 -16.42 -92.92
CA THR O 117 -0.63 -15.09 -93.51
C THR O 117 -1.83 -15.02 -94.43
N VAL O 118 -2.80 -14.19 -94.09
CA VAL O 118 -4.02 -14.01 -94.88
C VAL O 118 -3.89 -12.66 -95.56
N SER O 119 -3.59 -12.70 -96.86
CA SER O 119 -3.41 -11.49 -97.65
C SER O 119 -3.49 -11.88 -99.11
N ALA O 120 -3.54 -10.86 -99.98
CA ALA O 120 -3.57 -11.10 -101.40
C ALA O 120 -2.13 -11.01 -101.89
N ALA O 121 -1.93 -10.67 -103.16
CA ALA O 121 -0.69 -10.98 -103.86
C ALA O 121 -0.29 -12.44 -103.68
N LYS O 122 0.99 -12.74 -103.88
CA LYS O 122 1.46 -14.11 -104.01
C LYS O 122 2.88 -14.19 -103.49
N THR O 123 3.34 -15.43 -103.28
CA THR O 123 4.64 -15.69 -102.68
C THR O 123 5.76 -15.28 -103.63
N THR O 124 6.50 -14.23 -103.27
CA THR O 124 7.58 -13.77 -104.13
C THR O 124 8.90 -14.27 -103.55
N PRO O 125 9.74 -14.93 -104.35
CA PRO O 125 11.00 -15.45 -103.82
C PRO O 125 11.97 -14.32 -103.50
N PRO O 126 12.92 -14.58 -102.60
CA PRO O 126 13.85 -13.53 -102.18
C PRO O 126 14.98 -13.33 -103.18
N SER O 127 15.50 -12.10 -103.21
CA SER O 127 16.68 -11.76 -104.00
C SER O 127 17.83 -11.61 -103.02
N VAL O 128 18.83 -12.49 -103.12
CA VAL O 128 19.97 -12.50 -102.22
C VAL O 128 21.13 -11.78 -102.89
N TYR O 129 21.75 -10.85 -102.17
CA TYR O 129 22.83 -10.05 -102.71
C TYR O 129 24.01 -10.10 -101.74
N PRO O 130 25.21 -10.44 -102.20
CA PRO O 130 26.37 -10.46 -101.31
C PRO O 130 26.81 -9.06 -100.92
N LEU O 131 27.41 -8.96 -99.73
CA LEU O 131 27.91 -7.71 -99.18
C LEU O 131 29.37 -7.93 -98.80
N ALA O 132 30.29 -7.65 -99.75
CA ALA O 132 31.72 -7.84 -99.62
C ALA O 132 32.42 -6.52 -99.30
N PRO O 133 33.60 -6.56 -98.68
CA PRO O 133 34.32 -5.32 -98.37
C PRO O 133 34.81 -4.63 -99.65
N GLY O 134 35.32 -3.42 -99.46
CA GLY O 134 35.72 -2.58 -100.58
C GLY O 134 37.21 -2.42 -100.76
N SER O 135 37.75 -3.05 -101.80
CA SER O 135 39.15 -2.89 -102.23
C SER O 135 40.05 -3.38 -101.09
N ALA O 136 41.11 -2.63 -100.76
CA ALA O 136 42.10 -3.08 -99.79
C ALA O 136 42.27 -2.09 -98.64
N ALA O 137 41.22 -1.34 -98.32
CA ALA O 137 41.27 -0.34 -97.26
C ALA O 137 40.80 -0.89 -95.92
N GLN O 138 40.86 -2.21 -95.72
CA GLN O 138 40.37 -2.82 -94.49
C GLN O 138 41.45 -3.67 -93.81
N THR O 139 41.79 -4.83 -94.37
CA THR O 139 42.78 -5.75 -93.80
C THR O 139 42.48 -6.11 -92.34
N ASN O 140 43.50 -6.62 -91.65
CA ASN O 140 43.36 -7.08 -90.27
C ASN O 140 43.02 -5.91 -89.34
N SER O 141 42.29 -6.20 -88.26
CA SER O 141 41.90 -7.56 -87.91
C SER O 141 40.39 -7.75 -87.86
N MET O 142 39.99 -8.96 -88.25
CA MET O 142 38.60 -9.41 -88.32
C MET O 142 37.88 -8.66 -89.44
N VAL O 143 36.96 -9.35 -90.12
CA VAL O 143 36.24 -8.79 -91.26
C VAL O 143 34.77 -9.08 -91.10
N THR O 144 33.94 -8.10 -91.43
CA THR O 144 32.49 -8.25 -91.43
C THR O 144 32.02 -8.60 -92.83
N LEU O 145 31.17 -9.61 -92.94
CA LEU O 145 30.54 -10.00 -94.19
C LEU O 145 29.03 -9.99 -94.02
N GLY O 146 28.31 -9.84 -95.13
CA GLY O 146 26.87 -9.72 -95.06
C GLY O 146 26.18 -10.27 -96.29
N CYS O 147 24.91 -10.60 -96.11
CA CYS O 147 24.05 -11.03 -97.20
C CYS O 147 22.72 -10.28 -97.07
N LEU O 148 22.29 -9.66 -98.16
CA LEU O 148 21.10 -8.80 -98.17
C LEU O 148 19.97 -9.55 -98.85
N VAL O 149 18.84 -9.70 -98.15
CA VAL O 149 17.67 -10.38 -98.65
C VAL O 149 16.59 -9.33 -98.88
N LYS O 150 16.21 -9.12 -100.14
CA LYS O 150 15.31 -8.05 -100.51
C LYS O 150 14.19 -8.57 -101.39
N GLY O 151 13.00 -7.98 -101.22
CA GLY O 151 11.88 -8.24 -102.11
C GLY O 151 11.32 -9.64 -102.02
N TYR O 152 10.95 -10.08 -100.82
CA TYR O 152 10.36 -11.40 -100.63
C TYR O 152 9.06 -11.27 -99.85
N PHE O 153 8.26 -12.34 -99.93
CA PHE O 153 6.98 -12.42 -99.23
C PHE O 153 6.57 -13.88 -99.18
N PRO O 154 6.10 -14.38 -98.03
CA PRO O 154 5.99 -13.63 -96.78
C PRO O 154 7.10 -13.95 -95.79
N GLU O 155 7.00 -13.37 -94.59
CA GLU O 155 7.87 -13.74 -93.49
C GLU O 155 7.62 -15.19 -93.11
N PRO O 156 8.65 -15.93 -92.66
CA PRO O 156 10.06 -15.53 -92.52
C PRO O 156 11.01 -16.19 -93.52
N VAL O 157 12.30 -15.87 -93.38
CA VAL O 157 13.37 -16.54 -94.11
C VAL O 157 14.41 -16.98 -93.10
N THR O 158 15.07 -18.09 -93.40
CA THR O 158 16.09 -18.67 -92.54
C THR O 158 17.46 -18.45 -93.17
N VAL O 159 18.30 -17.65 -92.52
CA VAL O 159 19.61 -17.30 -93.03
C VAL O 159 20.66 -18.00 -92.18
N THR O 160 21.45 -18.87 -92.82
CA THR O 160 22.56 -19.54 -92.18
C THR O 160 23.83 -19.28 -92.99
N TRP O 161 24.98 -19.51 -92.36
CA TRP O 161 26.22 -19.26 -93.06
C TRP O 161 26.94 -20.56 -93.40
N ASN O 162 27.98 -20.90 -92.65
CA ASN O 162 28.77 -22.08 -93.02
C ASN O 162 28.03 -23.39 -92.76
N SER O 163 26.85 -23.55 -93.38
CA SER O 163 26.08 -24.79 -93.30
C SER O 163 25.80 -25.18 -91.85
N GLY O 164 25.46 -24.19 -91.02
CA GLY O 164 25.22 -24.40 -89.62
C GLY O 164 26.43 -24.18 -88.74
N SER O 165 27.63 -24.37 -89.29
CA SER O 165 28.85 -24.12 -88.53
C SER O 165 29.04 -22.62 -88.31
N LEU O 166 29.79 -22.28 -87.26
CA LEU O 166 30.07 -20.91 -86.88
C LEU O 166 28.78 -20.14 -86.58
N SER O 167 28.38 -20.14 -85.30
CA SER O 167 27.18 -19.43 -84.87
C SER O 167 27.50 -18.17 -84.08
N SER O 168 28.75 -17.97 -83.69
CA SER O 168 29.15 -16.77 -82.95
C SER O 168 29.53 -15.66 -83.91
N GLY O 169 29.30 -14.43 -83.49
CA GLY O 169 29.61 -13.28 -84.31
C GLY O 169 28.66 -13.04 -85.45
N VAL O 170 27.44 -13.56 -85.37
CA VAL O 170 26.43 -13.38 -86.41
C VAL O 170 25.38 -12.41 -85.88
N HIS O 171 24.73 -11.71 -86.80
CA HIS O 171 23.67 -10.75 -86.46
C HIS O 171 22.58 -10.83 -87.50
N THR O 172 21.38 -11.22 -87.07
CA THR O 172 20.21 -11.28 -87.94
C THR O 172 19.32 -10.09 -87.63
N PHE O 173 19.10 -9.23 -88.62
CA PHE O 173 18.33 -8.02 -88.37
C PHE O 173 16.86 -8.24 -88.72
N PRO O 174 15.95 -7.66 -87.95
CA PRO O 174 14.51 -7.86 -88.22
C PRO O 174 14.13 -7.34 -89.60
N ALA O 175 13.13 -7.96 -90.18
CA ALA O 175 12.68 -7.60 -91.52
C ALA O 175 11.94 -6.27 -91.50
N VAL O 176 12.02 -5.56 -92.62
CA VAL O 176 11.34 -4.28 -92.80
C VAL O 176 10.41 -4.40 -94.00
N LEU O 177 9.17 -3.95 -93.83
CA LEU O 177 8.14 -4.05 -94.86
C LEU O 177 8.08 -2.73 -95.63
N GLN O 178 8.32 -2.80 -96.94
CA GLN O 178 8.21 -1.63 -97.81
C GLN O 178 7.69 -2.09 -99.17
N SER O 179 6.72 -1.34 -99.69
CA SER O 179 6.09 -1.66 -100.98
C SER O 179 5.51 -3.07 -100.97
N ASP O 180 4.92 -3.46 -99.85
CA ASP O 180 4.29 -4.77 -99.65
C ASP O 180 5.28 -5.91 -99.81
N LEU O 181 6.58 -5.64 -99.64
CA LEU O 181 7.61 -6.66 -99.70
C LEU O 181 8.56 -6.48 -98.54
N TYR O 182 9.13 -7.59 -98.08
CA TYR O 182 10.02 -7.60 -96.92
C TYR O 182 11.47 -7.51 -97.34
N THR O 183 12.32 -7.09 -96.40
CA THR O 183 13.74 -6.95 -96.62
C THR O 183 14.47 -7.32 -95.34
N LEU O 184 15.38 -8.28 -95.43
CA LEU O 184 16.14 -8.76 -94.28
C LEU O 184 17.63 -8.54 -94.52
N SER O 185 18.37 -8.40 -93.43
CA SER O 185 19.81 -8.22 -93.46
C SER O 185 20.47 -9.15 -92.45
N SER O 186 21.65 -9.66 -92.80
CA SER O 186 22.39 -10.57 -91.94
C SER O 186 23.87 -10.28 -92.08
N SER O 187 24.59 -10.27 -90.97
CA SER O 187 26.01 -9.98 -90.95
C SER O 187 26.74 -11.04 -90.11
N VAL O 188 28.01 -11.27 -90.47
CA VAL O 188 28.85 -12.21 -89.75
C VAL O 188 30.27 -11.65 -89.73
N THR O 189 30.96 -11.87 -88.61
CA THR O 189 32.32 -11.35 -88.42
C THR O 189 33.27 -12.52 -88.22
N VAL O 190 34.29 -12.60 -89.08
CA VAL O 190 35.28 -13.67 -89.01
C VAL O 190 36.67 -13.03 -89.04
N PRO O 191 37.67 -13.73 -88.51
CA PRO O 191 39.04 -13.17 -88.55
C PRO O 191 39.54 -13.04 -89.98
N SER O 192 40.51 -12.13 -90.15
CA SER O 192 41.04 -11.86 -91.48
C SER O 192 41.81 -13.06 -92.03
N SER O 193 42.37 -13.90 -91.15
CA SER O 193 43.05 -15.11 -91.60
C SER O 193 42.08 -16.17 -92.10
N THR O 194 40.78 -15.99 -91.89
CA THR O 194 39.77 -16.92 -92.36
C THR O 194 39.28 -16.58 -93.76
N TRP O 195 38.92 -15.31 -93.99
CA TRP O 195 38.44 -14.86 -95.28
C TRP O 195 39.42 -13.87 -95.90
N PRO O 196 39.71 -13.99 -97.21
CA PRO O 196 39.17 -14.99 -98.13
C PRO O 196 39.98 -16.27 -98.21
N SER O 197 40.63 -16.65 -97.11
CA SER O 197 41.42 -17.88 -97.11
C SER O 197 40.54 -19.09 -97.36
N GLU O 198 39.52 -19.28 -96.52
CA GLU O 198 38.52 -20.33 -96.72
C GLU O 198 37.18 -19.70 -97.09
N THR O 199 36.39 -20.46 -97.85
CA THR O 199 35.16 -19.92 -98.41
C THR O 199 34.14 -19.61 -97.32
N VAL O 200 33.38 -18.54 -97.55
CA VAL O 200 32.28 -18.15 -96.68
C VAL O 200 31.03 -18.01 -97.53
N THR O 201 30.00 -18.80 -97.21
CA THR O 201 28.78 -18.86 -98.00
C THR O 201 27.58 -18.68 -97.08
N CYS O 202 26.60 -17.89 -97.54
CA CYS O 202 25.36 -17.68 -96.80
C CYS O 202 24.22 -18.39 -97.51
N ASN O 203 23.36 -19.04 -96.73
CA ASN O 203 22.23 -19.79 -97.24
C ASN O 203 20.94 -19.12 -96.78
N VAL O 204 20.05 -18.84 -97.72
CA VAL O 204 18.77 -18.19 -97.44
C VAL O 204 17.66 -19.15 -97.84
N ALA O 205 16.94 -19.67 -96.85
CA ALA O 205 15.85 -20.61 -97.07
C ALA O 205 14.53 -19.88 -96.88
N HIS O 206 13.69 -19.91 -97.89
CA HIS O 206 12.36 -19.31 -97.82
C HIS O 206 11.32 -20.41 -97.98
N PRO O 207 10.62 -20.81 -96.92
CA PRO O 207 9.75 -21.98 -97.01
C PRO O 207 8.65 -21.87 -98.07
N ALA O 208 8.07 -20.68 -98.24
CA ALA O 208 7.01 -20.55 -99.23
C ALA O 208 7.54 -20.39 -100.66
N SER O 209 8.84 -20.14 -100.83
CA SER O 209 9.42 -20.09 -102.16
C SER O 209 10.62 -21.02 -102.25
N SER O 210 11.84 -20.48 -102.28
CA SER O 210 12.99 -21.27 -102.66
C SER O 210 14.21 -20.98 -101.81
N THR O 211 15.02 -22.01 -101.61
CA THR O 211 16.30 -21.89 -100.93
C THR O 211 17.36 -21.37 -101.89
N LYS O 212 18.24 -20.50 -101.40
CA LYS O 212 19.34 -19.97 -102.19
C LYS O 212 20.66 -20.12 -101.45
N VAL O 213 21.73 -20.26 -102.22
CA VAL O 213 23.09 -20.41 -101.71
C VAL O 213 23.98 -19.47 -102.50
N ASP O 214 24.72 -18.61 -101.79
CA ASP O 214 25.55 -17.59 -102.43
C ASP O 214 26.86 -17.48 -101.67
N LYS O 215 27.97 -17.72 -102.36
CA LYS O 215 29.30 -17.61 -101.77
C LYS O 215 29.84 -16.20 -101.95
N LYS O 216 30.64 -15.76 -100.99
CA LYS O 216 31.16 -14.40 -100.97
C LYS O 216 32.58 -14.38 -101.53
N ILE O 217 32.80 -13.53 -102.54
CA ILE O 217 34.10 -13.39 -103.19
C ILE O 217 34.48 -11.92 -103.19
N VAL O 218 35.78 -11.65 -103.11
CA VAL O 218 36.33 -10.30 -103.13
C VAL O 218 35.75 -9.47 -104.27
N ASP P 1 -14.87 -11.67 -68.56
CA ASP P 1 -13.52 -11.58 -69.09
C ASP P 1 -12.57 -10.94 -68.08
N ILE P 2 -11.72 -11.76 -67.48
CA ILE P 2 -10.76 -11.28 -66.48
C ILE P 2 -9.57 -10.66 -67.21
N VAL P 3 -9.31 -9.39 -66.95
CA VAL P 3 -8.25 -8.66 -67.64
C VAL P 3 -6.95 -8.80 -66.86
N MET P 4 -5.89 -9.20 -67.56
CA MET P 4 -4.55 -9.31 -66.98
C MET P 4 -3.77 -8.05 -67.36
N THR P 5 -3.45 -7.24 -66.36
CA THR P 5 -2.75 -5.97 -66.58
C THR P 5 -1.37 -6.04 -65.96
N GLN P 6 -0.34 -6.06 -66.82
CA GLN P 6 1.04 -6.01 -66.35
C GLN P 6 1.51 -4.56 -66.32
N SER P 7 2.29 -4.23 -65.30
CA SER P 7 2.71 -2.87 -65.03
C SER P 7 3.41 -2.22 -66.22
N GLN P 8 4.63 -2.64 -66.51
CA GLN P 8 5.45 -2.03 -67.55
C GLN P 8 5.61 -2.96 -68.74
N LYS P 9 5.69 -2.36 -69.93
CA LYS P 9 5.95 -3.12 -71.15
C LYS P 9 7.42 -3.48 -71.29
N PHE P 10 8.31 -2.63 -70.79
CA PHE P 10 9.74 -2.88 -70.81
C PHE P 10 10.27 -2.73 -69.39
N MET P 11 11.39 -3.39 -69.11
CA MET P 11 11.97 -3.38 -67.77
C MET P 11 13.49 -3.38 -67.87
N SER P 12 14.11 -2.49 -67.11
CA SER P 12 15.55 -2.34 -67.07
C SER P 12 16.13 -2.96 -65.79
N THR P 13 17.34 -3.48 -65.92
CA THR P 13 18.06 -4.15 -64.84
C THR P 13 19.45 -4.46 -65.36
N SER P 14 20.30 -4.97 -64.47
CA SER P 14 21.66 -5.33 -64.83
C SER P 14 21.94 -6.76 -64.38
N VAL P 15 23.02 -7.33 -64.92
CA VAL P 15 23.40 -8.70 -64.61
C VAL P 15 23.62 -8.85 -63.11
N GLY P 16 23.03 -9.88 -62.52
CA GLY P 16 23.18 -10.16 -61.10
C GLY P 16 22.11 -9.55 -60.21
N ASP P 17 21.39 -8.54 -60.69
CA ASP P 17 20.42 -7.84 -59.87
C ASP P 17 19.15 -8.68 -59.68
N ARG P 18 18.17 -8.07 -59.02
CA ARG P 18 16.90 -8.71 -58.68
C ARG P 18 15.77 -7.95 -59.35
N VAL P 19 14.93 -8.68 -60.07
CA VAL P 19 13.85 -8.11 -60.86
C VAL P 19 12.52 -8.67 -60.36
N SER P 20 11.50 -7.82 -60.35
CA SER P 20 10.15 -8.22 -59.93
C SER P 20 9.14 -7.71 -60.93
N ILE P 21 8.42 -8.62 -61.57
CA ILE P 21 7.38 -8.28 -62.54
C ILE P 21 6.03 -8.48 -61.90
N THR P 22 5.15 -7.49 -62.03
CA THR P 22 3.84 -7.52 -61.39
C THR P 22 2.74 -7.79 -62.40
N CYS P 23 1.71 -8.50 -61.94
CA CYS P 23 0.56 -8.86 -62.76
C CYS P 23 -0.69 -8.66 -61.92
N LYS P 24 -1.56 -7.75 -62.36
CA LYS P 24 -2.75 -7.38 -61.61
C LYS P 24 -3.99 -7.93 -62.30
N ALA P 25 -4.83 -8.61 -61.53
CA ALA P 25 -6.05 -9.22 -62.03
C ALA P 25 -7.24 -8.30 -61.79
N SER P 26 -8.19 -8.34 -62.73
CA SER P 26 -9.43 -7.59 -62.58
C SER P 26 -10.44 -8.30 -61.69
N GLN P 27 -10.15 -9.53 -61.28
CA GLN P 27 -11.04 -10.30 -60.41
C GLN P 27 -10.19 -11.20 -59.52
N ASN P 28 -10.81 -11.71 -58.47
CA ASN P 28 -10.13 -12.66 -57.59
C ASN P 28 -10.01 -14.00 -58.31
N VAL P 29 -8.78 -14.51 -58.42
CA VAL P 29 -8.53 -15.75 -59.14
C VAL P 29 -7.79 -16.72 -58.23
N GLY P 30 -7.79 -16.41 -56.94
CA GLY P 30 -7.09 -17.26 -55.98
C GLY P 30 -5.62 -17.37 -56.30
N THR P 31 -5.18 -18.58 -56.65
CA THR P 31 -3.81 -18.83 -57.06
C THR P 31 -3.72 -19.45 -58.45
N ALA P 32 -4.80 -19.32 -59.23
CA ALA P 32 -4.84 -19.87 -60.59
C ALA P 32 -4.18 -18.90 -61.56
N VAL P 33 -2.87 -18.74 -61.40
CA VAL P 33 -2.06 -17.87 -62.24
C VAL P 33 -0.80 -18.63 -62.63
N ALA P 34 -0.45 -18.53 -63.91
CA ALA P 34 0.76 -19.17 -64.43
C ALA P 34 1.62 -18.13 -65.14
N TRP P 35 2.93 -18.37 -65.15
CA TRP P 35 3.89 -17.49 -65.78
C TRP P 35 4.62 -18.23 -66.89
N TYR P 36 4.92 -17.53 -67.99
CA TYR P 36 5.61 -18.13 -69.12
C TYR P 36 6.77 -17.23 -69.55
N GLN P 37 7.75 -17.86 -70.18
CA GLN P 37 8.91 -17.20 -70.76
C GLN P 37 8.95 -17.48 -72.25
N GLN P 38 9.12 -16.43 -73.05
CA GLN P 38 9.16 -16.56 -74.50
C GLN P 38 10.35 -15.77 -75.04
N LYS P 39 11.28 -16.46 -75.68
CA LYS P 39 12.41 -15.84 -76.36
C LYS P 39 12.05 -15.56 -77.81
N PRO P 40 12.72 -14.58 -78.43
CA PRO P 40 12.41 -14.25 -79.83
C PRO P 40 12.63 -15.44 -80.76
N GLY P 41 11.67 -15.65 -81.66
CA GLY P 41 11.76 -16.73 -82.62
C GLY P 41 11.58 -18.11 -82.02
N GLN P 42 11.01 -18.21 -80.83
CA GLN P 42 10.78 -19.49 -80.18
C GLN P 42 9.38 -19.53 -79.60
N SER P 43 8.95 -20.73 -79.22
CA SER P 43 7.66 -20.88 -78.56
C SER P 43 7.81 -20.66 -77.06
N PRO P 44 6.77 -20.17 -76.39
CA PRO P 44 6.86 -19.92 -74.95
C PRO P 44 7.13 -21.21 -74.18
N LYS P 45 7.83 -21.05 -73.06
CA LYS P 45 8.15 -22.15 -72.15
C LYS P 45 7.52 -21.87 -70.80
N LEU P 46 6.86 -22.87 -70.22
CA LEU P 46 6.24 -22.69 -68.92
C LEU P 46 7.30 -22.54 -67.84
N MET P 47 7.09 -21.58 -66.95
CA MET P 47 8.00 -21.32 -65.84
C MET P 47 7.35 -21.65 -64.51
N ILE P 48 6.31 -20.90 -64.12
CA ILE P 48 5.62 -21.09 -62.86
C ILE P 48 4.15 -21.34 -63.17
N TYR P 49 3.54 -22.23 -62.40
CA TYR P 49 2.11 -22.48 -62.50
C TYR P 49 1.57 -22.71 -61.09
N PHE P 50 0.31 -22.34 -60.88
CA PHE P 50 -0.31 -22.34 -59.55
C PHE P 50 0.34 -21.28 -58.66
N ALA P 51 0.59 -20.09 -59.24
CA ALA P 51 1.11 -18.92 -58.55
C ALA P 51 2.58 -19.04 -58.14
N SER P 52 2.94 -20.10 -57.42
CA SER P 52 4.28 -20.16 -56.83
C SER P 52 4.93 -21.54 -56.94
N ASN P 53 4.57 -22.35 -57.92
CA ASN P 53 5.15 -23.68 -58.09
C ASN P 53 5.97 -23.68 -59.37
N ARG P 54 7.25 -24.05 -59.26
CA ARG P 54 8.11 -24.12 -60.42
C ARG P 54 7.86 -25.42 -61.18
N TYR P 55 7.87 -25.32 -62.50
CA TYR P 55 7.72 -26.50 -63.34
C TYR P 55 9.04 -27.26 -63.44
N THR P 56 8.94 -28.56 -63.70
CA THR P 56 10.13 -29.39 -63.90
C THR P 56 11.02 -28.78 -64.97
N GLY P 57 12.24 -28.43 -64.59
CA GLY P 57 13.05 -27.63 -65.49
C GLY P 57 13.57 -26.36 -64.86
N VAL P 58 12.68 -25.59 -64.25
CA VAL P 58 12.95 -24.17 -63.99
C VAL P 58 13.82 -24.06 -62.73
N PRO P 59 14.90 -23.28 -62.78
CA PRO P 59 15.79 -23.17 -61.63
C PRO P 59 15.14 -22.45 -60.47
N ASP P 60 15.67 -22.71 -59.27
CA ASP P 60 15.26 -21.98 -58.07
C ASP P 60 15.47 -20.48 -58.18
N ARG P 61 16.19 -20.03 -59.22
CA ARG P 61 16.38 -18.60 -59.45
C ARG P 61 15.04 -17.88 -59.60
N PHE P 62 14.06 -18.53 -60.22
CA PHE P 62 12.76 -17.93 -60.44
C PHE P 62 11.81 -18.31 -59.30
N THR P 63 11.11 -17.31 -58.77
CA THR P 63 10.16 -17.51 -57.67
C THR P 63 8.89 -16.73 -57.96
N GLY P 64 7.75 -17.40 -57.86
CA GLY P 64 6.47 -16.77 -58.01
C GLY P 64 5.81 -16.52 -56.67
N SER P 65 4.90 -15.54 -56.63
CA SER P 65 4.23 -15.17 -55.40
C SER P 65 2.96 -14.41 -55.73
N GLY P 66 2.12 -14.24 -54.73
CA GLY P 66 0.88 -13.51 -54.86
C GLY P 66 -0.33 -14.43 -54.79
N SER P 67 -1.49 -13.80 -54.61
CA SER P 67 -2.76 -14.50 -54.53
C SER P 67 -3.89 -13.49 -54.67
N GLY P 68 -5.04 -13.98 -55.15
CA GLY P 68 -6.21 -13.15 -55.32
C GLY P 68 -6.18 -12.30 -56.57
N THR P 69 -5.52 -11.14 -56.50
CA THR P 69 -5.49 -10.22 -57.62
C THR P 69 -4.13 -9.59 -57.88
N ASP P 70 -3.15 -9.75 -57.00
CA ASP P 70 -1.80 -9.21 -57.20
C ASP P 70 -0.82 -10.37 -57.22
N PHE P 71 -0.11 -10.52 -58.33
CA PHE P 71 0.85 -11.60 -58.51
C PHE P 71 2.18 -11.04 -58.99
N THR P 72 3.27 -11.71 -58.62
CA THR P 72 4.61 -11.18 -58.87
C THR P 72 5.57 -12.32 -59.20
N LEU P 73 6.40 -12.11 -60.22
CA LEU P 73 7.50 -13.00 -60.56
C LEU P 73 8.81 -12.30 -60.21
N THR P 74 9.68 -13.01 -59.47
CA THR P 74 10.93 -12.46 -58.98
C THR P 74 12.10 -13.30 -59.51
N ILE P 75 13.14 -12.62 -60.01
CA ILE P 75 14.33 -13.28 -60.53
C ILE P 75 15.51 -12.84 -59.67
N SER P 76 15.82 -13.65 -58.66
CA SER P 76 16.91 -13.41 -57.70
C SER P 76 18.26 -13.74 -58.33
N ASN P 77 18.95 -12.70 -58.82
CA ASN P 77 20.26 -12.80 -59.47
C ASN P 77 20.04 -13.34 -60.88
N MET P 78 20.58 -12.62 -61.86
CA MET P 78 20.23 -12.82 -63.25
C MET P 78 21.38 -13.41 -64.06
N GLN P 79 21.02 -13.93 -65.22
CA GLN P 79 21.96 -14.39 -66.23
C GLN P 79 21.56 -13.81 -67.56
N SER P 80 22.47 -13.87 -68.52
CA SER P 80 22.18 -13.36 -69.86
C SER P 80 21.04 -14.13 -70.53
N GLU P 81 20.89 -15.42 -70.20
CA GLU P 81 19.87 -16.27 -70.79
C GLU P 81 18.45 -15.92 -70.34
N ASP P 82 18.29 -14.99 -69.39
CA ASP P 82 16.97 -14.64 -68.88
C ASP P 82 16.32 -13.50 -69.65
N LEU P 83 16.97 -13.00 -70.70
CA LEU P 83 16.43 -11.92 -71.50
C LEU P 83 15.38 -12.47 -72.46
N ALA P 84 14.12 -12.20 -72.17
CA ALA P 84 13.00 -12.69 -72.96
C ALA P 84 11.74 -11.97 -72.49
N ASP P 85 10.61 -12.35 -73.09
CA ASP P 85 9.31 -11.84 -72.68
C ASP P 85 8.75 -12.72 -71.58
N TYR P 86 7.95 -12.12 -70.70
CA TYR P 86 7.35 -12.82 -69.57
C TYR P 86 5.86 -12.50 -69.53
N PHE P 87 5.03 -13.54 -69.55
CA PHE P 87 3.59 -13.40 -69.56
C PHE P 87 2.98 -14.04 -68.32
N CYS P 88 1.90 -13.46 -67.83
CA CYS P 88 1.08 -14.07 -66.80
C CYS P 88 -0.26 -14.47 -67.37
N GLN P 89 -0.82 -15.56 -66.86
CA GLN P 89 -2.03 -16.15 -67.40
C GLN P 89 -3.01 -16.45 -66.28
N GLN P 90 -4.29 -16.22 -66.54
CA GLN P 90 -5.36 -16.53 -65.60
C GLN P 90 -6.11 -17.75 -66.10
N TYR P 91 -6.37 -18.70 -65.20
CA TYR P 91 -7.16 -19.88 -65.53
C TYR P 91 -8.16 -20.19 -64.42
N SER P 92 -8.75 -19.15 -63.83
CA SER P 92 -9.79 -19.36 -62.84
C SER P 92 -11.14 -19.62 -63.50
N SER P 93 -11.41 -18.95 -64.62
CA SER P 93 -12.66 -19.14 -65.35
C SER P 93 -12.44 -18.80 -66.81
N TYR P 94 -13.27 -19.40 -67.66
CA TYR P 94 -13.19 -19.13 -69.09
C TYR P 94 -13.80 -17.76 -69.41
N PRO P 95 -13.27 -17.07 -70.44
CA PRO P 95 -12.14 -17.50 -71.27
C PRO P 95 -10.79 -17.22 -70.62
N LEU P 96 -9.78 -18.02 -70.97
CA LEU P 96 -8.44 -17.80 -70.46
C LEU P 96 -7.85 -16.53 -71.08
N THR P 97 -7.16 -15.75 -70.27
CA THR P 97 -6.59 -14.49 -70.71
C THR P 97 -5.13 -14.40 -70.30
N PHE P 98 -4.36 -13.61 -71.07
CA PHE P 98 -2.96 -13.38 -70.80
C PHE P 98 -2.71 -11.89 -70.58
N GLY P 99 -1.56 -11.57 -70.01
CA GLY P 99 -1.16 -10.20 -69.83
C GLY P 99 -0.36 -9.66 -71.00
N ALA P 100 -0.16 -8.35 -71.00
CA ALA P 100 0.63 -7.72 -72.04
C ALA P 100 2.09 -8.13 -71.93
N GLY P 101 2.82 -7.94 -73.02
CA GLY P 101 4.23 -8.33 -73.05
C GLY P 101 5.07 -7.50 -72.10
N THR P 102 6.15 -8.12 -71.62
CA THR P 102 7.10 -7.45 -70.73
C THR P 102 8.51 -7.84 -71.16
N LYS P 103 9.25 -6.89 -71.71
CA LYS P 103 10.61 -7.15 -72.19
C LYS P 103 11.61 -6.80 -71.09
N LEU P 104 12.49 -7.74 -70.79
CA LEU P 104 13.56 -7.54 -69.83
C LEU P 104 14.87 -7.26 -70.56
N GLU P 105 15.47 -6.12 -70.28
CA GLU P 105 16.73 -5.71 -70.91
C GLU P 105 17.79 -5.51 -69.84
N LEU P 106 19.04 -5.68 -70.24
CA LEU P 106 20.17 -5.57 -69.33
C LEU P 106 20.82 -4.20 -69.41
N LYS P 107 21.29 -3.71 -68.25
CA LYS P 107 21.94 -2.42 -68.12
C LYS P 107 23.46 -2.49 -68.26
N ARG P 108 23.99 -3.66 -68.64
CA ARG P 108 25.42 -3.90 -68.86
C ARG P 108 26.12 -2.71 -69.52
N ALA P 109 27.42 -2.54 -69.22
CA ALA P 109 28.22 -1.39 -69.63
C ALA P 109 28.20 -1.07 -71.13
N ASP P 110 28.59 0.16 -71.48
CA ASP P 110 28.29 0.77 -72.76
C ASP P 110 29.50 0.69 -73.68
N ALA P 111 29.36 -0.06 -74.78
CA ALA P 111 30.40 -0.23 -75.77
C ALA P 111 30.14 0.66 -76.99
N ALA P 112 31.22 0.99 -77.71
CA ALA P 112 31.09 1.77 -78.93
C ALA P 112 30.82 0.85 -80.12
N PRO P 113 30.01 1.30 -81.08
CA PRO P 113 29.64 0.43 -82.20
C PRO P 113 30.80 0.14 -83.12
N THR P 114 30.63 -0.92 -83.92
CA THR P 114 31.55 -1.30 -84.97
C THR P 114 30.83 -1.10 -86.30
N VAL P 115 31.37 -0.21 -87.13
CA VAL P 115 30.68 0.26 -88.33
C VAL P 115 31.41 -0.31 -89.55
N SER P 116 30.64 -0.93 -90.45
CA SER P 116 31.18 -1.48 -91.68
C SER P 116 30.24 -1.13 -92.82
N ILE P 117 30.77 -0.49 -93.85
CA ILE P 117 29.99 -0.07 -95.01
C ILE P 117 30.31 -1.01 -96.16
N PHE P 118 29.31 -1.31 -96.98
CA PHE P 118 29.45 -2.24 -98.10
C PHE P 118 28.80 -1.62 -99.34
N PRO P 119 29.55 -1.42 -100.41
CA PRO P 119 28.95 -0.91 -101.66
C PRO P 119 28.07 -1.97 -102.29
N PRO P 120 27.22 -1.60 -103.25
CA PRO P 120 26.41 -2.61 -103.94
C PRO P 120 27.28 -3.64 -104.63
N SER P 121 26.85 -4.89 -104.58
CA SER P 121 27.59 -5.96 -105.23
C SER P 121 27.53 -5.83 -106.74
N SER P 122 28.51 -6.43 -107.41
CA SER P 122 28.51 -6.43 -108.87
C SER P 122 27.29 -7.16 -109.42
N GLU P 123 26.76 -8.13 -108.67
CA GLU P 123 25.59 -8.86 -109.14
C GLU P 123 24.33 -8.00 -109.09
N GLN P 124 24.15 -7.24 -108.00
CA GLN P 124 22.96 -6.40 -107.89
C GLN P 124 23.00 -5.23 -108.87
N LEU P 125 24.20 -4.73 -109.20
CA LEU P 125 24.30 -3.65 -110.18
C LEU P 125 23.97 -4.10 -111.59
N THR P 126 23.91 -5.41 -111.83
CA THR P 126 23.46 -5.92 -113.12
C THR P 126 21.94 -5.93 -113.23
N SER P 127 21.22 -5.81 -112.11
CA SER P 127 19.77 -5.80 -112.10
C SER P 127 19.17 -4.41 -112.23
N GLY P 128 20.00 -3.38 -112.35
CA GLY P 128 19.50 -2.02 -112.41
C GLY P 128 19.26 -1.38 -111.07
N GLY P 129 19.61 -2.05 -109.97
CA GLY P 129 19.44 -1.49 -108.64
C GLY P 129 20.74 -1.43 -107.88
N ALA P 130 20.80 -0.59 -106.85
CA ALA P 130 22.03 -0.42 -106.08
C ALA P 130 21.66 -0.20 -104.62
N SER P 131 22.11 -1.09 -103.74
CA SER P 131 21.86 -0.99 -102.31
C SER P 131 23.20 -0.86 -101.59
N VAL P 132 23.32 0.19 -100.77
CA VAL P 132 24.50 0.40 -99.93
C VAL P 132 24.08 0.13 -98.49
N VAL P 133 24.75 -0.81 -97.84
CA VAL P 133 24.40 -1.22 -96.49
C VAL P 133 25.46 -0.70 -95.53
N CYS P 134 25.06 -0.56 -94.26
CA CYS P 134 25.95 -0.08 -93.22
C CYS P 134 25.56 -0.77 -91.92
N PHE P 135 26.42 -1.65 -91.42
CA PHE P 135 26.14 -2.41 -90.21
C PHE P 135 26.74 -1.71 -88.99
N LEU P 136 25.94 -1.57 -87.95
CA LEU P 136 26.36 -1.02 -86.66
C LEU P 136 26.16 -2.12 -85.62
N ASN P 137 27.24 -2.78 -85.23
CA ASN P 137 27.18 -3.99 -84.42
C ASN P 137 27.76 -3.76 -83.03
N ASN P 138 27.11 -4.34 -82.03
CA ASN P 138 27.61 -4.43 -80.66
C ASN P 138 27.84 -3.04 -80.05
N PHE P 139 26.74 -2.31 -79.91
CA PHE P 139 26.76 -1.01 -79.25
C PHE P 139 25.75 -0.98 -78.11
N TYR P 140 25.98 -0.05 -77.18
CA TYR P 140 25.10 0.21 -76.05
C TYR P 140 25.39 1.62 -75.57
N PRO P 141 24.37 2.43 -75.26
CA PRO P 141 22.93 2.11 -75.25
C PRO P 141 22.28 2.10 -76.63
N LYS P 142 20.95 2.03 -76.65
CA LYS P 142 20.22 1.90 -77.90
C LYS P 142 20.25 3.17 -78.72
N ASP P 143 20.31 4.33 -78.07
CA ASP P 143 20.23 5.61 -78.77
C ASP P 143 21.41 5.79 -79.70
N ILE P 144 21.15 5.85 -81.00
CA ILE P 144 22.20 6.04 -82.00
C ILE P 144 21.54 6.62 -83.25
N ASN P 145 22.31 7.40 -84.00
CA ASN P 145 21.83 8.06 -85.20
C ASN P 145 22.78 7.77 -86.36
N VAL P 146 22.22 7.40 -87.51
CA VAL P 146 22.99 7.12 -88.71
C VAL P 146 22.70 8.22 -89.74
N LYS P 147 23.76 8.71 -90.37
CA LYS P 147 23.65 9.75 -91.38
C LYS P 147 24.30 9.27 -92.68
N TRP P 148 23.53 9.32 -93.76
CA TRP P 148 24.02 8.96 -95.09
C TRP P 148 24.44 10.22 -95.85
N LYS P 149 25.62 10.18 -96.44
CA LYS P 149 26.13 11.27 -97.25
C LYS P 149 26.47 10.76 -98.64
N ILE P 150 25.95 11.45 -99.66
CA ILE P 150 26.25 11.18 -101.05
C ILE P 150 26.96 12.41 -101.60
N ASP P 151 28.26 12.27 -101.90
CA ASP P 151 29.10 13.40 -102.30
C ASP P 151 29.06 14.50 -101.25
N GLY P 152 29.04 14.11 -99.97
CA GLY P 152 29.01 15.04 -98.87
C GLY P 152 27.65 15.60 -98.52
N SER P 153 26.63 15.35 -99.33
CA SER P 153 25.28 15.87 -99.10
C SER P 153 24.44 14.81 -98.39
N GLU P 154 23.73 15.22 -97.35
CA GLU P 154 22.90 14.29 -96.59
C GLU P 154 21.74 13.77 -97.44
N ARG P 155 21.52 12.46 -97.41
CA ARG P 155 20.47 11.82 -98.18
C ARG P 155 19.42 11.26 -97.23
N GLN P 156 18.18 11.69 -97.41
CA GLN P 156 17.07 11.29 -96.55
C GLN P 156 16.21 10.19 -97.16
N ASN P 157 15.83 10.34 -98.43
CA ASN P 157 14.96 9.37 -99.08
C ASN P 157 15.72 8.10 -99.45
N GLY P 158 15.04 6.97 -99.35
CA GLY P 158 15.61 5.70 -99.76
C GLY P 158 16.34 4.93 -98.67
N VAL P 159 16.25 5.36 -97.42
CA VAL P 159 16.92 4.69 -96.31
C VAL P 159 15.95 3.75 -95.61
N LEU P 160 16.42 2.56 -95.29
CA LEU P 160 15.64 1.59 -94.52
C LEU P 160 16.49 1.14 -93.34
N ASN P 161 15.94 1.28 -92.14
CA ASN P 161 16.64 0.95 -90.91
C ASN P 161 15.98 -0.25 -90.23
N SER P 162 16.80 -1.10 -89.63
CA SER P 162 16.32 -2.29 -88.92
C SER P 162 17.17 -2.46 -87.67
N ALA P 163 16.59 -2.14 -86.52
CA ALA P 163 17.29 -2.25 -85.25
C ALA P 163 17.04 -3.61 -84.63
N THR P 164 18.10 -4.25 -84.14
CA THR P 164 17.99 -5.53 -83.48
C THR P 164 17.71 -5.33 -82.00
N ASP P 165 17.04 -6.31 -81.40
CA ASP P 165 16.81 -6.26 -79.96
C ASP P 165 18.12 -6.59 -79.24
N GLN P 166 18.08 -6.51 -77.90
CA GLN P 166 19.28 -6.76 -77.13
C GLN P 166 19.74 -8.20 -77.29
N ASP P 167 21.03 -8.38 -77.55
CA ASP P 167 21.58 -9.71 -77.74
C ASP P 167 21.54 -10.49 -76.44
N SER P 168 21.12 -11.75 -76.53
CA SER P 168 20.97 -12.58 -75.35
C SER P 168 22.29 -12.99 -74.72
N LYS P 169 23.41 -12.80 -75.42
CA LYS P 169 24.70 -13.27 -74.93
C LYS P 169 25.57 -12.17 -74.31
N ASP P 170 25.65 -11.01 -74.94
CA ASP P 170 26.53 -9.94 -74.46
C ASP P 170 25.81 -8.62 -74.23
N SER P 171 24.47 -8.62 -74.29
CA SER P 171 23.65 -7.46 -73.94
C SER P 171 23.91 -6.25 -74.84
N THR P 172 24.40 -6.47 -76.05
CA THR P 172 24.64 -5.39 -76.99
C THR P 172 23.50 -5.31 -78.00
N TYR P 173 23.51 -4.24 -78.78
CA TYR P 173 22.51 -3.98 -79.80
C TYR P 173 23.17 -3.88 -81.17
N SER P 174 22.38 -4.09 -82.22
CA SER P 174 22.87 -4.02 -83.58
C SER P 174 21.83 -3.30 -84.45
N MET P 175 22.30 -2.73 -85.55
CA MET P 175 21.44 -1.96 -86.44
C MET P 175 21.97 -2.06 -87.86
N SER P 176 21.06 -2.21 -88.82
CA SER P 176 21.39 -2.25 -90.23
C SER P 176 20.68 -1.11 -90.94
N SER P 177 21.42 -0.39 -91.78
CA SER P 177 20.87 0.73 -92.56
C SER P 177 21.18 0.48 -94.02
N THR P 178 20.13 0.49 -94.85
CA THR P 178 20.26 0.18 -96.27
C THR P 178 19.75 1.35 -97.09
N LEU P 179 20.63 1.95 -97.90
CA LEU P 179 20.26 3.00 -98.84
C LEU P 179 20.13 2.38 -100.22
N THR P 180 18.90 2.33 -100.73
CA THR P 180 18.60 1.68 -102.01
C THR P 180 18.34 2.75 -103.07
N LEU P 181 19.15 2.76 -104.11
CA LEU P 181 19.00 3.68 -105.23
C LEU P 181 18.97 2.90 -106.53
N THR P 182 18.54 3.57 -107.59
CA THR P 182 18.65 3.00 -108.93
C THR P 182 20.10 3.01 -109.38
N LYS P 183 20.43 2.12 -110.31
CA LYS P 183 21.79 2.07 -110.83
C LYS P 183 22.17 3.37 -111.53
N ASP P 184 21.23 3.96 -112.25
CA ASP P 184 21.50 5.23 -112.93
C ASP P 184 21.89 6.31 -111.93
N GLU P 185 21.16 6.41 -110.83
CA GLU P 185 21.47 7.43 -109.82
C GLU P 185 22.74 7.08 -109.05
N TYR P 186 22.98 5.79 -108.82
CA TYR P 186 24.19 5.38 -108.12
C TYR P 186 25.45 5.74 -108.91
N GLU P 187 25.39 5.60 -110.24
CA GLU P 187 26.54 5.88 -111.09
C GLU P 187 26.73 7.37 -111.37
N ARG P 188 25.84 8.23 -110.90
CA ARG P 188 25.98 9.67 -111.10
C ARG P 188 26.70 10.36 -109.94
N HIS P 189 27.10 9.62 -108.91
CA HIS P 189 27.82 10.18 -107.78
C HIS P 189 29.01 9.29 -107.46
N ASN P 190 29.98 9.87 -106.75
CA ASN P 190 31.24 9.19 -106.46
C ASN P 190 31.42 8.83 -104.99
N SER P 191 31.15 9.77 -104.09
CA SER P 191 31.44 9.59 -102.67
C SER P 191 30.19 9.13 -101.92
N TYR P 192 30.32 8.03 -101.17
CA TYR P 192 29.27 7.52 -100.32
C TYR P 192 29.82 7.34 -98.92
N THR P 193 29.09 7.84 -97.92
CA THR P 193 29.59 7.89 -96.55
C THR P 193 28.50 7.51 -95.57
N CYS P 194 28.85 6.65 -94.61
CA CYS P 194 27.96 6.26 -93.52
C CYS P 194 28.58 6.72 -92.21
N GLU P 195 27.90 7.62 -91.52
CA GLU P 195 28.40 8.19 -90.27
C GLU P 195 27.49 7.78 -89.12
N ALA P 196 28.10 7.23 -88.07
CA ALA P 196 27.38 6.80 -86.87
C ALA P 196 27.82 7.67 -85.69
N THR P 197 26.86 8.35 -85.08
CA THR P 197 27.10 9.16 -83.89
C THR P 197 26.47 8.47 -82.69
N HIS P 198 27.28 8.27 -81.64
CA HIS P 198 26.85 7.55 -80.45
C HIS P 198 27.47 8.22 -79.23
N LYS P 199 26.81 8.05 -78.07
CA LYS P 199 27.24 8.74 -76.87
C LYS P 199 28.61 8.28 -76.37
N THR P 200 29.13 7.17 -76.86
CA THR P 200 30.44 6.69 -76.43
C THR P 200 31.60 7.45 -77.05
N SER P 201 31.32 8.37 -77.98
CA SER P 201 32.36 9.19 -78.59
C SER P 201 31.77 10.53 -78.98
N THR P 202 32.55 11.59 -78.78
CA THR P 202 32.08 12.94 -79.11
C THR P 202 32.28 13.28 -80.58
N SER P 203 32.85 12.37 -81.38
CA SER P 203 32.97 12.53 -82.81
C SER P 203 32.37 11.32 -83.51
N PRO P 204 31.71 11.51 -84.65
CA PRO P 204 31.06 10.38 -85.32
C PRO P 204 32.07 9.43 -85.93
N ILE P 205 31.70 8.15 -85.97
CA ILE P 205 32.50 7.13 -86.63
C ILE P 205 32.15 7.14 -88.11
N VAL P 206 33.14 7.38 -88.96
CA VAL P 206 32.92 7.62 -90.39
C VAL P 206 33.51 6.45 -91.17
N LYS P 207 32.67 5.82 -91.99
CA LYS P 207 33.10 4.82 -92.96
C LYS P 207 32.61 5.23 -94.33
N SER P 208 33.52 5.26 -95.31
CA SER P 208 33.20 5.79 -96.62
C SER P 208 33.93 4.99 -97.69
N PHE P 209 33.48 5.18 -98.94
CA PHE P 209 34.13 4.63 -100.10
C PHE P 209 33.83 5.52 -101.30
N ASN P 210 34.67 5.40 -102.32
CA ASN P 210 34.47 6.12 -103.58
C ASN P 210 34.12 5.14 -104.68
N ARG P 211 33.12 5.50 -105.49
CA ARG P 211 32.67 4.61 -106.56
C ARG P 211 33.77 4.35 -107.59
N ASN P 212 34.53 5.40 -107.95
CA ASN P 212 35.58 5.25 -108.94
C ASN P 212 36.72 4.39 -108.40
N GLU P 213 37.16 4.68 -107.16
CA GLU P 213 38.26 3.93 -106.57
C GLU P 213 37.87 2.52 -106.17
N CYS P 214 36.58 2.20 -106.13
CA CYS P 214 36.13 0.85 -105.81
C CYS P 214 34.81 0.53 -106.51
N GLU Q 1 -45.50 -35.00 -88.75
CA GLU Q 1 -46.89 -35.15 -88.35
C GLU Q 1 -47.19 -34.44 -87.04
N VAL Q 2 -46.35 -33.48 -86.66
CA VAL Q 2 -46.58 -32.72 -85.44
C VAL Q 2 -46.78 -31.26 -85.81
N GLN Q 3 -48.01 -30.93 -86.20
CA GLN Q 3 -48.42 -29.57 -86.51
C GLN Q 3 -49.69 -29.26 -85.73
N LEU Q 4 -49.89 -27.97 -85.44
CA LEU Q 4 -50.99 -27.52 -84.61
C LEU Q 4 -51.93 -26.68 -85.46
N GLN Q 5 -53.19 -27.10 -85.53
CA GLN Q 5 -54.21 -26.41 -86.30
C GLN Q 5 -55.07 -25.57 -85.36
N GLN Q 6 -55.37 -24.33 -85.76
CA GLN Q 6 -56.10 -23.41 -84.92
C GLN Q 6 -57.52 -23.21 -85.46
N SER Q 7 -58.18 -22.16 -84.96
CA SER Q 7 -59.58 -21.92 -85.30
C SER Q 7 -59.73 -21.27 -86.67
N GLY Q 8 -58.93 -20.23 -86.94
CA GLY Q 8 -59.08 -19.47 -88.17
C GLY Q 8 -59.30 -18.00 -87.90
N ALA Q 9 -58.98 -17.15 -88.88
CA ALA Q 9 -59.09 -15.71 -88.70
C ALA Q 9 -60.54 -15.32 -88.46
N GLU Q 10 -60.72 -14.25 -87.69
CA GLU Q 10 -62.05 -13.77 -87.34
C GLU Q 10 -62.05 -12.26 -87.24
N VAL Q 11 -63.08 -11.63 -87.80
CA VAL Q 11 -63.30 -10.19 -87.70
C VAL Q 11 -64.41 -9.95 -86.69
N VAL Q 12 -64.10 -9.24 -85.61
CA VAL Q 12 -65.03 -9.02 -84.51
C VAL Q 12 -65.18 -7.53 -84.26
N ARG Q 13 -66.40 -7.09 -83.98
CA ARG Q 13 -66.61 -5.73 -83.52
C ARG Q 13 -66.11 -5.56 -82.08
N SER Q 14 -65.87 -4.30 -81.73
CA SER Q 14 -65.37 -3.99 -80.39
C SER Q 14 -66.43 -4.27 -79.34
N GLY Q 15 -65.99 -4.81 -78.21
CA GLY Q 15 -66.88 -5.11 -77.10
C GLY Q 15 -67.47 -6.51 -77.10
N ALA Q 16 -67.00 -7.38 -77.98
CA ALA Q 16 -67.47 -8.75 -78.05
C ALA Q 16 -66.32 -9.71 -77.79
N SER Q 17 -66.65 -10.91 -77.33
CA SER Q 17 -65.66 -11.92 -77.02
C SER Q 17 -65.39 -12.81 -78.23
N VAL Q 18 -64.19 -13.38 -78.26
CA VAL Q 18 -63.78 -14.32 -79.31
C VAL Q 18 -63.08 -15.50 -78.65
N LYS Q 19 -63.25 -16.69 -79.22
CA LYS Q 19 -62.69 -17.92 -78.67
C LYS Q 19 -61.83 -18.58 -79.72
N LEU Q 20 -60.54 -18.77 -79.41
CA LEU Q 20 -59.60 -19.43 -80.30
C LEU Q 20 -59.36 -20.85 -79.83
N SER Q 21 -59.12 -21.75 -80.78
CA SER Q 21 -58.90 -23.16 -80.48
C SER Q 21 -57.57 -23.62 -81.07
N CYS Q 22 -57.02 -24.69 -80.48
CA CYS Q 22 -55.83 -25.36 -80.97
C CYS Q 22 -56.13 -26.85 -81.09
N THR Q 23 -55.17 -27.61 -81.61
CA THR Q 23 -55.40 -29.03 -81.86
C THR Q 23 -54.09 -29.81 -81.73
N ALA Q 24 -54.21 -31.08 -81.33
CA ALA Q 24 -53.14 -32.08 -81.32
C ALA Q 24 -52.02 -31.77 -80.33
N SER Q 25 -52.25 -30.93 -79.34
CA SER Q 25 -51.29 -30.72 -78.25
C SER Q 25 -52.07 -30.74 -76.94
N GLY Q 26 -51.89 -31.78 -76.14
CA GLY Q 26 -52.71 -31.95 -74.96
C GLY Q 26 -53.55 -33.22 -75.01
N PHE Q 27 -52.96 -34.32 -74.60
CA PHE Q 27 -53.57 -35.64 -74.60
C PHE Q 27 -53.56 -36.18 -73.19
N ASN Q 28 -54.34 -37.22 -72.94
CA ASN Q 28 -54.21 -37.90 -71.66
C ASN Q 28 -52.85 -38.59 -71.61
N ILE Q 29 -52.23 -38.53 -70.41
CA ILE Q 29 -51.00 -39.21 -70.01
C ILE Q 29 -49.80 -38.47 -70.60
N LYS Q 30 -50.07 -37.49 -71.45
CA LYS Q 30 -49.05 -36.61 -72.02
C LYS Q 30 -49.51 -35.18 -71.81
N ASP Q 31 -48.80 -34.43 -70.98
CA ASP Q 31 -49.38 -33.15 -70.57
C ASP Q 31 -48.93 -31.98 -71.44
N TYR Q 32 -47.64 -31.90 -71.78
CA TYR Q 32 -47.11 -30.79 -72.56
C TYR Q 32 -47.20 -29.51 -71.73
N ALA Q 33 -46.46 -28.49 -72.10
CA ALA Q 33 -46.62 -27.17 -71.51
C ALA Q 33 -47.07 -26.27 -72.65
N ILE Q 34 -48.37 -26.01 -72.72
CA ILE Q 34 -48.94 -25.24 -73.82
C ILE Q 34 -48.84 -23.76 -73.46
N HIS Q 35 -48.32 -22.96 -74.39
CA HIS Q 35 -48.20 -21.52 -74.20
C HIS Q 35 -48.90 -20.81 -75.36
N TRP Q 36 -49.30 -19.58 -75.10
CA TRP Q 36 -49.90 -18.73 -76.12
C TRP Q 36 -49.09 -17.44 -76.25
N VAL Q 37 -48.85 -17.04 -77.48
CA VAL Q 37 -48.03 -15.88 -77.79
C VAL Q 37 -48.85 -14.93 -78.66
N LYS Q 38 -48.82 -13.65 -78.33
CA LYS Q 38 -49.48 -12.61 -79.11
C LYS Q 38 -48.45 -11.83 -79.91
N GLN Q 39 -48.77 -11.57 -81.17
CA GLN Q 39 -47.86 -10.86 -82.08
C GLN Q 39 -48.58 -9.63 -82.61
N ARG Q 40 -48.25 -8.47 -82.05
CA ARG Q 40 -48.69 -7.14 -82.47
C ARG Q 40 -47.65 -6.53 -83.40
N PRO Q 41 -48.10 -5.94 -84.52
CA PRO Q 41 -47.14 -5.33 -85.47
C PRO Q 41 -46.23 -4.28 -84.85
N GLU Q 42 -46.48 -3.84 -83.62
CA GLU Q 42 -45.65 -2.85 -82.96
C GLU Q 42 -44.87 -3.39 -81.77
N LYS Q 43 -45.44 -4.32 -81.01
CA LYS Q 43 -44.82 -4.81 -79.78
C LYS Q 43 -44.09 -6.13 -79.95
N GLY Q 44 -44.03 -6.67 -81.16
CA GLY Q 44 -43.31 -7.93 -81.36
C GLY Q 44 -44.08 -9.10 -80.79
N LEU Q 45 -43.39 -9.93 -80.02
CA LEU Q 45 -44.00 -11.11 -79.39
C LEU Q 45 -44.25 -10.85 -77.91
N GLU Q 46 -45.41 -11.29 -77.44
CA GLU Q 46 -45.78 -11.19 -76.03
C GLU Q 46 -46.32 -12.53 -75.56
N TRP Q 47 -45.76 -13.03 -74.47
CA TRP Q 47 -46.24 -14.29 -73.89
C TRP Q 47 -47.52 -14.05 -73.10
N ILE Q 48 -48.50 -14.93 -73.29
CA ILE Q 48 -49.81 -14.79 -72.68
C ILE Q 48 -49.88 -15.61 -71.41
N GLY Q 49 -49.72 -16.92 -71.53
CA GLY Q 49 -49.81 -17.80 -70.37
C GLY Q 49 -49.37 -19.20 -70.70
N ALA Q 50 -49.22 -20.00 -69.65
CA ALA Q 50 -48.77 -21.38 -69.76
C ALA Q 50 -49.83 -22.28 -69.13
N ILE Q 51 -50.36 -23.20 -69.92
CA ILE Q 51 -51.37 -24.15 -69.45
C ILE Q 51 -50.84 -25.56 -69.61
N ASP Q 52 -51.01 -26.36 -68.57
CA ASP Q 52 -50.57 -27.76 -68.53
C ASP Q 52 -51.84 -28.59 -68.43
N PRO Q 53 -52.31 -29.24 -69.53
CA PRO Q 53 -53.45 -30.17 -69.44
C PRO Q 53 -53.14 -31.36 -68.55
N GLU Q 54 -53.99 -32.39 -68.58
CA GLU Q 54 -53.89 -33.47 -67.58
C GLU Q 54 -54.24 -32.81 -66.25
N TYR Q 55 -53.27 -32.08 -65.68
CA TYR Q 55 -53.50 -31.36 -64.44
C TYR Q 55 -54.44 -30.18 -64.62
N GLY Q 56 -54.35 -29.49 -65.76
CA GLY Q 56 -55.15 -28.29 -65.94
C GLY Q 56 -54.60 -27.06 -65.25
N ASP Q 57 -53.30 -27.02 -64.95
CA ASP Q 57 -52.72 -25.86 -64.30
C ASP Q 57 -52.79 -24.64 -65.21
N THR Q 58 -52.71 -23.46 -64.59
CA THR Q 58 -52.86 -22.21 -65.32
C THR Q 58 -51.90 -21.17 -64.75
N GLU Q 59 -51.19 -20.49 -65.64
CA GLU Q 59 -50.36 -19.34 -65.29
C GLU Q 59 -50.59 -18.27 -66.33
N TYR Q 60 -50.61 -17.02 -65.89
CA TYR Q 60 -50.93 -15.89 -66.75
C TYR Q 60 -49.90 -14.79 -66.57
N VAL Q 61 -50.06 -13.72 -67.35
CA VAL Q 61 -49.28 -12.50 -67.20
C VAL Q 61 -50.17 -11.45 -66.55
N PRO Q 62 -49.66 -10.69 -65.58
CA PRO Q 62 -50.50 -9.62 -64.99
C PRO Q 62 -51.05 -8.65 -66.01
N LYS Q 63 -50.38 -8.50 -67.16
CA LYS Q 63 -50.93 -7.65 -68.21
C LYS Q 63 -52.20 -8.24 -68.80
N PHE Q 64 -52.25 -9.57 -68.93
CA PHE Q 64 -53.35 -10.25 -69.61
C PHE Q 64 -54.35 -10.88 -68.66
N GLN Q 65 -54.09 -10.83 -67.35
CA GLN Q 65 -55.05 -11.36 -66.40
C GLN Q 65 -56.34 -10.57 -66.45
N GLY Q 66 -57.45 -11.28 -66.66
CA GLY Q 66 -58.73 -10.64 -66.87
C GLY Q 66 -59.06 -10.35 -68.31
N LYS Q 67 -58.07 -10.39 -69.20
CA LYS Q 67 -58.28 -10.23 -70.63
C LYS Q 67 -58.30 -11.56 -71.36
N ALA Q 68 -57.40 -12.48 -71.02
CA ALA Q 68 -57.31 -13.79 -71.64
C ALA Q 68 -57.74 -14.85 -70.65
N THR Q 69 -58.62 -15.75 -71.08
CA THR Q 69 -59.07 -16.87 -70.29
C THR Q 69 -58.67 -18.15 -71.00
N MET Q 70 -58.06 -19.08 -70.26
CA MET Q 70 -57.53 -20.31 -70.84
C MET Q 70 -58.27 -21.53 -70.31
N THR Q 71 -58.61 -22.43 -71.23
CA THR Q 71 -59.26 -23.68 -70.90
C THR Q 71 -58.62 -24.80 -71.69
N ALA Q 72 -58.72 -26.02 -71.17
CA ALA Q 72 -58.16 -27.20 -71.81
C ALA Q 72 -59.12 -28.36 -71.63
N ASP Q 73 -59.46 -29.03 -72.72
CA ASP Q 73 -60.31 -30.20 -72.70
C ASP Q 73 -59.43 -31.44 -72.80
N THR Q 74 -59.44 -32.28 -71.75
CA THR Q 74 -58.55 -33.43 -71.72
C THR Q 74 -58.88 -34.42 -72.82
N SER Q 75 -60.17 -34.64 -73.07
CA SER Q 75 -60.59 -35.43 -74.23
C SER Q 75 -60.21 -34.69 -75.52
N SER Q 76 -59.98 -35.45 -76.60
CA SER Q 76 -59.45 -34.84 -77.82
C SER Q 76 -58.18 -34.12 -77.35
N ASN Q 77 -57.85 -32.82 -77.55
CA ASN Q 77 -58.40 -31.61 -78.20
C ASN Q 77 -57.36 -30.57 -77.84
N THR Q 78 -57.81 -29.68 -76.93
CA THR Q 78 -57.05 -28.74 -76.08
C THR Q 78 -56.95 -27.31 -76.57
N ALA Q 79 -56.74 -26.43 -75.59
CA ALA Q 79 -56.10 -25.14 -75.74
C ALA Q 79 -57.04 -24.07 -76.28
N TYR Q 80 -58.17 -23.90 -75.61
CA TYR Q 80 -59.13 -22.87 -76.01
C TYR Q 80 -58.72 -21.59 -75.30
N LEU Q 81 -58.57 -20.52 -76.07
CA LEU Q 81 -58.21 -19.21 -75.53
C LEU Q 81 -59.29 -18.22 -75.95
N GLN Q 82 -59.90 -17.57 -74.96
CA GLN Q 82 -60.96 -16.61 -75.22
C GLN Q 82 -60.59 -15.27 -74.62
N LEU Q 83 -60.89 -14.21 -75.35
CA LEU Q 83 -60.64 -12.84 -74.91
C LEU Q 83 -61.98 -12.13 -74.78
N SER Q 84 -62.12 -11.34 -73.71
CA SER Q 84 -63.42 -10.74 -73.40
C SER Q 84 -63.62 -9.44 -74.15
N SER Q 85 -63.59 -8.31 -73.44
CA SER Q 85 -63.78 -7.01 -74.06
C SER Q 85 -62.67 -6.73 -75.06
N LEU Q 86 -62.94 -6.95 -76.34
CA LEU Q 86 -61.94 -6.75 -77.37
C LEU Q 86 -61.83 -5.28 -77.73
N THR Q 87 -60.60 -4.78 -77.78
CA THR Q 87 -60.30 -3.40 -78.14
C THR Q 87 -59.37 -3.39 -79.35
N SER Q 88 -58.99 -2.17 -79.77
CA SER Q 88 -58.11 -2.03 -80.93
C SER Q 88 -56.72 -2.58 -80.66
N GLU Q 89 -56.30 -2.65 -79.39
CA GLU Q 89 -54.98 -3.17 -79.06
C GLU Q 89 -54.92 -4.69 -79.07
N ASP Q 90 -56.05 -5.37 -79.27
CA ASP Q 90 -56.05 -6.83 -79.34
C ASP Q 90 -55.95 -7.35 -80.76
N THR Q 91 -55.96 -6.48 -81.77
CA THR Q 91 -55.78 -6.88 -83.16
C THR Q 91 -54.37 -7.42 -83.33
N ALA Q 92 -54.23 -8.74 -83.40
CA ALA Q 92 -52.91 -9.37 -83.46
C ALA Q 92 -53.06 -10.79 -83.98
N VAL Q 93 -51.92 -11.43 -84.20
CA VAL Q 93 -51.87 -12.84 -84.58
C VAL Q 93 -51.48 -13.64 -83.35
N TYR Q 94 -52.30 -14.63 -83.01
CA TYR Q 94 -52.11 -15.44 -81.81
C TYR Q 94 -51.64 -16.84 -82.19
N TYR Q 95 -50.65 -17.34 -81.45
CA TYR Q 95 -50.05 -18.64 -81.71
C TYR Q 95 -50.25 -19.56 -80.52
N CYS Q 96 -50.50 -20.84 -80.81
CA CYS Q 96 -50.55 -21.90 -79.82
C CYS Q 96 -49.29 -22.73 -79.96
N ASN Q 97 -48.42 -22.67 -78.95
CA ASN Q 97 -47.12 -23.33 -78.99
C ASN Q 97 -47.01 -24.38 -77.89
N ALA Q 98 -46.31 -25.48 -78.20
CA ALA Q 98 -46.08 -26.54 -77.24
C ALA Q 98 -44.63 -27.01 -77.35
N GLY Q 99 -43.82 -26.73 -76.34
CA GLY Q 99 -42.54 -27.40 -76.24
C GLY Q 99 -42.75 -28.90 -76.06
N HIS Q 100 -41.85 -29.69 -76.63
CA HIS Q 100 -42.08 -31.13 -76.62
C HIS Q 100 -42.10 -31.66 -75.19
N ASP Q 101 -43.27 -32.19 -74.81
CA ASP Q 101 -43.58 -32.84 -73.54
C ASP Q 101 -43.72 -31.88 -72.36
N TYR Q 102 -42.82 -30.89 -72.22
CA TYR Q 102 -42.84 -30.03 -71.04
C TYR Q 102 -41.88 -28.87 -71.24
N ASP Q 103 -41.93 -27.95 -70.27
CA ASP Q 103 -40.99 -26.88 -69.95
C ASP Q 103 -41.31 -25.62 -70.74
N ARG Q 104 -41.19 -24.49 -70.05
CA ARG Q 104 -41.74 -23.22 -70.50
C ARG Q 104 -41.00 -22.67 -71.72
N GLY Q 105 -39.70 -22.43 -71.58
CA GLY Q 105 -38.91 -21.81 -72.64
C GLY Q 105 -39.21 -22.25 -74.06
N ARG Q 106 -39.22 -23.55 -74.31
CA ARG Q 106 -39.11 -24.08 -75.67
C ARG Q 106 -40.44 -24.00 -76.41
N PHE Q 107 -40.41 -23.37 -77.58
CA PHE Q 107 -41.47 -23.50 -78.58
C PHE Q 107 -40.85 -24.01 -79.89
N PRO Q 108 -40.67 -25.34 -80.02
CA PRO Q 108 -40.33 -25.89 -81.34
C PRO Q 108 -41.53 -26.24 -82.21
N TYR Q 109 -42.72 -26.31 -81.62
CA TYR Q 109 -43.93 -26.67 -82.36
C TYR Q 109 -44.93 -25.52 -82.24
N TRP Q 110 -45.05 -24.72 -83.28
CA TRP Q 110 -45.93 -23.55 -83.29
C TRP Q 110 -47.22 -23.86 -84.05
N GLY Q 111 -48.28 -23.15 -83.66
CA GLY Q 111 -49.51 -23.21 -84.41
C GLY Q 111 -49.42 -22.46 -85.73
N GLN Q 112 -50.48 -22.61 -86.53
CA GLN Q 112 -50.52 -21.96 -87.84
C GLN Q 112 -50.68 -20.45 -87.73
N GLY Q 113 -51.17 -19.94 -86.61
CA GLY Q 113 -51.43 -18.52 -86.47
C GLY Q 113 -52.88 -18.17 -86.76
N THR Q 114 -53.47 -17.33 -85.92
CA THR Q 114 -54.85 -16.89 -86.06
C THR Q 114 -54.89 -15.36 -85.99
N LEU Q 115 -55.37 -14.73 -87.05
CA LEU Q 115 -55.42 -13.28 -87.14
C LEU Q 115 -56.77 -12.78 -86.64
N VAL Q 116 -56.75 -12.01 -85.56
CA VAL Q 116 -57.95 -11.40 -84.99
C VAL Q 116 -57.92 -9.90 -85.30
N THR Q 117 -58.99 -9.41 -85.89
CA THR Q 117 -59.14 -8.00 -86.24
C THR Q 117 -60.35 -7.42 -85.53
N VAL Q 118 -60.12 -6.46 -84.65
CA VAL Q 118 -61.20 -5.84 -83.88
C VAL Q 118 -61.42 -4.44 -84.44
N SER Q 119 -62.53 -4.28 -85.16
CA SER Q 119 -62.92 -3.00 -85.74
C SER Q 119 -64.40 -3.05 -86.05
N ALA Q 120 -65.01 -1.87 -86.23
CA ALA Q 120 -66.45 -1.74 -86.49
C ALA Q 120 -66.66 -0.78 -87.65
N ALA Q 121 -66.40 -1.24 -88.87
CA ALA Q 121 -66.38 -0.38 -90.04
C ALA Q 121 -67.39 -0.78 -91.12
N LYS Q 122 -68.08 -1.90 -90.95
CA LYS Q 122 -68.85 -2.56 -92.01
C LYS Q 122 -67.92 -3.02 -93.13
N THR Q 123 -68.40 -3.93 -93.98
CA THR Q 123 -67.59 -4.46 -95.06
C THR Q 123 -67.83 -3.60 -96.29
N THR Q 124 -66.84 -2.77 -96.61
CA THR Q 124 -66.96 -1.83 -97.72
C THR Q 124 -66.13 -2.30 -98.91
N PRO Q 125 -66.70 -2.34 -100.10
CA PRO Q 125 -65.93 -2.75 -101.28
C PRO Q 125 -64.89 -1.69 -101.63
N PRO Q 126 -63.84 -2.07 -102.35
CA PRO Q 126 -62.78 -1.12 -102.66
C PRO Q 126 -63.12 -0.20 -103.81
N SER Q 127 -62.54 0.99 -103.79
CA SER Q 127 -62.64 1.95 -104.88
C SER Q 127 -61.32 1.93 -105.64
N VAL Q 128 -61.36 1.50 -106.90
CA VAL Q 128 -60.18 1.36 -107.73
C VAL Q 128 -60.07 2.59 -108.63
N TYR Q 129 -58.87 3.19 -108.67
CA TYR Q 129 -58.63 4.38 -109.45
C TYR Q 129 -57.38 4.19 -110.30
N PRO Q 130 -57.46 4.40 -111.62
CA PRO Q 130 -56.28 4.25 -112.46
C PRO Q 130 -55.28 5.38 -112.23
N LEU Q 131 -54.00 5.05 -112.46
CA LEU Q 131 -52.90 6.00 -112.32
C LEU Q 131 -52.11 5.98 -113.63
N ALA Q 132 -52.47 6.89 -114.56
CA ALA Q 132 -51.91 7.01 -115.90
C ALA Q 132 -50.90 8.15 -115.95
N PRO Q 133 -49.94 8.11 -116.88
CA PRO Q 133 -48.95 9.20 -116.98
C PRO Q 133 -49.59 10.50 -117.43
N GLY Q 134 -48.79 11.56 -117.37
CA GLY Q 134 -49.27 12.89 -117.66
C GLY Q 134 -48.79 13.48 -118.98
N SER Q 135 -49.69 13.57 -119.94
CA SER Q 135 -49.46 14.23 -121.24
C SER Q 135 -48.33 13.49 -121.97
N ALA Q 136 -47.38 14.20 -122.58
CA ALA Q 136 -46.36 13.57 -123.42
C ALA Q 136 -44.95 13.93 -122.98
N ALA Q 137 -44.76 14.22 -121.68
CA ALA Q 137 -43.47 14.63 -121.15
C ALA Q 137 -42.64 13.46 -120.59
N GLN Q 138 -42.86 12.24 -121.09
CA GLN Q 138 -42.17 11.06 -120.58
C GLN Q 138 -41.35 10.39 -121.68
N THR Q 139 -42.00 9.82 -122.70
CA THR Q 139 -41.38 9.11 -123.82
C THR Q 139 -40.43 8.01 -123.33
N ASN Q 140 -39.58 7.52 -124.22
CA ASN Q 140 -38.68 6.42 -123.89
C ASN Q 140 -37.69 6.83 -122.80
N SER Q 141 -37.28 5.86 -121.98
CA SER Q 141 -37.70 4.47 -122.10
C SER Q 141 -38.42 3.93 -120.88
N MET Q 142 -39.36 3.01 -121.14
CA MET Q 142 -40.17 2.31 -120.13
C MET Q 142 -41.15 3.25 -119.43
N VAL Q 143 -42.31 2.71 -119.05
CA VAL Q 143 -43.38 3.49 -118.45
C VAL Q 143 -43.89 2.75 -117.22
N THR Q 144 -44.15 3.49 -116.16
CA THR Q 144 -44.74 2.96 -114.94
C THR Q 144 -46.25 3.22 -114.95
N LEU Q 145 -47.03 2.19 -114.59
CA LEU Q 145 -48.47 2.31 -114.45
C LEU Q 145 -48.87 1.86 -113.05
N GLY Q 146 -50.03 2.36 -112.60
CA GLY Q 146 -50.47 2.07 -111.25
C GLY Q 146 -51.97 2.04 -111.13
N CYS Q 147 -52.44 1.35 -110.09
CA CYS Q 147 -53.85 1.31 -109.71
C CYS Q 147 -53.96 1.53 -108.22
N LEU Q 148 -54.81 2.48 -107.82
CA LEU Q 148 -54.95 2.89 -106.43
C LEU Q 148 -56.23 2.30 -105.85
N VAL Q 149 -56.10 1.56 -104.76
CA VAL Q 149 -57.22 0.92 -104.08
C VAL Q 149 -57.41 1.63 -102.75
N LYS Q 150 -58.54 2.32 -102.58
CA LYS Q 150 -58.78 3.17 -101.43
C LYS Q 150 -60.14 2.86 -100.81
N GLY Q 151 -60.20 2.96 -99.49
CA GLY Q 151 -61.45 2.86 -98.77
C GLY Q 151 -62.11 1.50 -98.79
N TYR Q 152 -61.37 0.47 -98.38
CA TYR Q 152 -61.89 -0.89 -98.34
C TYR Q 152 -61.66 -1.49 -96.95
N PHE Q 153 -62.42 -2.55 -96.66
CA PHE Q 153 -62.32 -3.27 -95.41
C PHE Q 153 -62.98 -4.63 -95.59
N PRO Q 154 -62.39 -5.72 -95.10
CA PRO Q 154 -61.09 -5.72 -94.41
C PRO Q 154 -59.94 -6.19 -95.29
N GLU Q 155 -58.75 -6.30 -94.69
CA GLU Q 155 -57.62 -6.90 -95.35
C GLU Q 155 -57.88 -8.38 -95.60
N PRO Q 156 -57.36 -8.95 -96.71
CA PRO Q 156 -56.58 -8.32 -97.77
C PRO Q 156 -57.32 -8.18 -99.11
N VAL Q 157 -56.61 -7.64 -100.11
CA VAL Q 157 -57.09 -7.60 -101.48
C VAL Q 157 -56.00 -8.17 -102.37
N THR Q 158 -56.43 -8.81 -103.46
CA THR Q 158 -55.51 -9.43 -104.42
C THR Q 158 -55.51 -8.61 -105.70
N VAL Q 159 -54.35 -8.02 -106.02
CA VAL Q 159 -54.20 -7.15 -107.18
C VAL Q 159 -53.35 -7.87 -108.21
N THR Q 160 -53.93 -8.11 -109.38
CA THR Q 160 -53.23 -8.71 -110.51
C THR Q 160 -53.34 -7.78 -111.71
N TRP Q 161 -52.46 -8.00 -112.69
CA TRP Q 161 -52.48 -7.14 -113.86
C TRP Q 161 -52.97 -7.91 -115.09
N ASN Q 162 -52.06 -8.30 -115.97
CA ASN Q 162 -52.47 -8.93 -117.23
C ASN Q 162 -53.00 -10.33 -117.02
N SER Q 163 -54.03 -10.48 -116.18
CA SER Q 163 -54.71 -11.77 -115.96
C SER Q 163 -53.72 -12.85 -115.54
N GLY Q 164 -52.78 -12.49 -114.67
CA GLY Q 164 -51.75 -13.39 -114.21
C GLY Q 164 -50.46 -13.33 -115.01
N SER Q 165 -50.54 -12.93 -116.28
CA SER Q 165 -49.34 -12.80 -117.10
C SER Q 165 -48.52 -11.59 -116.64
N LEU Q 166 -47.22 -11.65 -116.95
CA LEU Q 166 -46.26 -10.60 -116.60
C LEU Q 166 -46.19 -10.39 -115.08
N SER Q 167 -45.26 -11.08 -114.43
CA SER Q 167 -45.08 -10.95 -112.99
C SER Q 167 -43.84 -10.16 -112.60
N SER Q 168 -42.96 -9.86 -113.55
CA SER Q 168 -41.76 -9.07 -113.27
C SER Q 168 -42.05 -7.59 -113.40
N GLY Q 169 -41.33 -6.79 -112.61
CA GLY Q 169 -41.50 -5.36 -112.62
C GLY Q 169 -42.73 -4.85 -111.92
N VAL Q 170 -43.30 -5.64 -111.01
CA VAL Q 170 -44.48 -5.24 -110.25
C VAL Q 170 -44.07 -4.93 -108.82
N HIS Q 171 -44.84 -4.05 -108.18
CA HIS Q 171 -44.59 -3.66 -106.80
C HIS Q 171 -45.92 -3.51 -106.08
N THR Q 172 -46.13 -4.33 -105.06
CA THR Q 172 -47.34 -4.26 -104.24
C THR Q 172 -46.99 -3.61 -102.90
N PHE Q 173 -47.61 -2.48 -102.62
CA PHE Q 173 -47.26 -1.74 -101.40
C PHE Q 173 -48.20 -2.13 -100.26
N PRO Q 174 -47.67 -2.21 -99.03
CA PRO Q 174 -48.50 -2.60 -97.89
C PRO Q 174 -49.64 -1.61 -97.68
N ALA Q 175 -50.75 -2.13 -97.15
CA ALA Q 175 -51.93 -1.31 -96.93
C ALA Q 175 -51.71 -0.37 -95.74
N VAL Q 176 -52.38 0.78 -95.79
CA VAL Q 176 -52.32 1.80 -94.75
C VAL Q 176 -53.73 2.01 -94.22
N LEU Q 177 -53.87 2.02 -92.90
CA LEU Q 177 -55.17 2.17 -92.24
C LEU Q 177 -55.37 3.63 -91.86
N GLN Q 178 -56.43 4.24 -92.38
CA GLN Q 178 -56.80 5.61 -92.05
C GLN Q 178 -58.31 5.73 -92.06
N SER Q 179 -58.86 6.38 -91.03
CA SER Q 179 -60.32 6.54 -90.88
C SER Q 179 -61.02 5.19 -90.89
N ASP Q 180 -60.41 4.20 -90.24
CA ASP Q 180 -60.94 2.84 -90.14
C ASP Q 180 -61.13 2.17 -91.50
N LEU Q 181 -60.42 2.64 -92.52
CA LEU Q 181 -60.46 2.06 -93.85
C LEU Q 181 -59.05 1.90 -94.38
N TYR Q 182 -58.84 0.89 -95.21
CA TYR Q 182 -57.53 0.56 -95.74
C TYR Q 182 -57.32 1.19 -97.11
N THR Q 183 -56.05 1.33 -97.48
CA THR Q 183 -55.66 1.90 -98.76
C THR Q 183 -54.42 1.17 -99.26
N LEU Q 184 -54.51 0.61 -100.47
CA LEU Q 184 -53.41 -0.15 -101.07
C LEU Q 184 -52.98 0.52 -102.37
N SER Q 185 -51.71 0.31 -102.72
CA SER Q 185 -51.15 0.83 -103.96
C SER Q 185 -50.37 -0.27 -104.67
N SER Q 186 -50.43 -0.25 -106.01
CA SER Q 186 -49.74 -1.24 -106.82
C SER Q 186 -49.23 -0.56 -108.08
N SER Q 187 -47.99 -0.88 -108.47
CA SER Q 187 -47.36 -0.30 -109.64
C SER Q 187 -46.75 -1.39 -110.51
N VAL Q 188 -46.67 -1.11 -111.81
CA VAL Q 188 -46.07 -2.03 -112.77
C VAL Q 188 -45.33 -1.20 -113.82
N THR Q 189 -44.20 -1.72 -114.29
CA THR Q 189 -43.36 -1.03 -115.25
C THR Q 189 -43.25 -1.87 -116.52
N VAL Q 190 -43.63 -1.29 -117.64
CA VAL Q 190 -43.60 -1.98 -118.93
C VAL Q 190 -42.88 -1.09 -119.94
N PRO Q 191 -42.30 -1.68 -120.98
CA PRO Q 191 -41.63 -0.87 -122.00
C PRO Q 191 -42.62 0.03 -122.74
N SER Q 192 -42.08 1.11 -123.32
CA SER Q 192 -42.91 2.09 -124.01
C SER Q 192 -43.53 1.50 -125.27
N SER Q 193 -42.88 0.50 -125.89
CA SER Q 193 -43.45 -0.17 -127.05
C SER Q 193 -44.63 -1.06 -126.69
N THR Q 194 -44.88 -1.30 -125.41
CA THR Q 194 -46.00 -2.11 -124.94
C THR Q 194 -47.25 -1.27 -124.70
N TRP Q 195 -47.11 -0.17 -123.97
CA TRP Q 195 -48.22 0.70 -123.64
C TRP Q 195 -48.04 2.07 -124.29
N PRO Q 196 -49.10 2.65 -124.88
CA PRO Q 196 -50.46 2.09 -124.97
C PRO Q 196 -50.70 1.23 -126.21
N SER Q 197 -49.65 0.56 -126.70
CA SER Q 197 -49.81 -0.30 -127.87
C SER Q 197 -50.78 -1.44 -127.60
N GLU Q 198 -50.51 -2.23 -126.57
CA GLU Q 198 -51.42 -3.28 -126.13
C GLU Q 198 -52.01 -2.92 -124.78
N THR Q 199 -53.22 -3.41 -124.52
CA THR Q 199 -53.98 -3.01 -123.35
C THR Q 199 -53.31 -3.50 -122.07
N VAL Q 200 -53.40 -2.68 -121.02
CA VAL Q 200 -52.93 -3.02 -119.69
C VAL Q 200 -54.07 -2.81 -118.72
N THR Q 201 -54.46 -3.87 -118.01
CA THR Q 201 -55.62 -3.85 -117.13
C THR Q 201 -55.22 -4.40 -115.77
N CYS Q 202 -55.69 -3.76 -114.71
CA CYS Q 202 -55.45 -4.21 -113.35
C CYS Q 202 -56.74 -4.77 -112.75
N ASN Q 203 -56.61 -5.89 -112.04
CA ASN Q 203 -57.74 -6.58 -111.44
C ASN Q 203 -57.58 -6.54 -109.92
N VAL Q 204 -58.63 -6.11 -109.23
CA VAL Q 204 -58.61 -6.00 -107.77
C VAL Q 204 -59.69 -6.92 -107.23
N ALA Q 205 -59.29 -7.99 -106.56
CA ALA Q 205 -60.21 -8.97 -105.99
C ALA Q 205 -60.28 -8.75 -104.48
N HIS Q 206 -61.49 -8.52 -103.98
CA HIS Q 206 -61.73 -8.37 -102.55
C HIS Q 206 -62.65 -9.49 -102.09
N PRO Q 207 -62.14 -10.48 -101.34
CA PRO Q 207 -62.95 -11.68 -101.07
C PRO Q 207 -64.24 -11.40 -100.32
N ALA Q 208 -64.24 -10.45 -99.38
CA ALA Q 208 -65.45 -10.15 -98.62
C ALA Q 208 -66.43 -9.26 -99.36
N SER Q 209 -66.05 -8.68 -100.49
CA SER Q 209 -66.97 -7.89 -101.30
C SER Q 209 -67.02 -8.36 -102.75
N SER Q 210 -66.40 -7.62 -103.66
CA SER Q 210 -66.56 -7.93 -105.08
C SER Q 210 -65.27 -7.66 -105.83
N THR Q 211 -65.08 -8.44 -106.90
CA THR Q 211 -63.95 -8.27 -107.80
C THR Q 211 -64.22 -7.11 -108.77
N LYS Q 212 -63.17 -6.34 -109.07
CA LYS Q 212 -63.26 -5.23 -110.00
C LYS Q 212 -62.16 -5.31 -111.05
N VAL Q 213 -62.46 -4.79 -112.23
CA VAL Q 213 -61.56 -4.80 -113.38
C VAL Q 213 -61.57 -3.41 -114.01
N ASP Q 214 -60.38 -2.82 -114.20
CA ASP Q 214 -60.26 -1.47 -114.73
C ASP Q 214 -59.07 -1.42 -115.68
N LYS Q 215 -59.32 -1.03 -116.93
CA LYS Q 215 -58.29 -0.89 -117.93
C LYS Q 215 -57.72 0.53 -117.91
N LYS Q 216 -56.44 0.64 -118.26
CA LYS Q 216 -55.72 1.90 -118.20
C LYS Q 216 -55.68 2.56 -119.58
N ILE Q 217 -56.12 3.82 -119.65
CA ILE Q 217 -56.15 4.59 -120.89
C ILE Q 217 -55.44 5.91 -120.65
N VAL Q 218 -54.79 6.40 -121.71
CA VAL Q 218 -54.07 7.68 -121.66
C VAL Q 218 -54.92 8.80 -121.07
N ASP R 1 -40.21 -8.16 -64.18
CA ASP R 1 -40.24 -8.22 -65.63
C ASP R 1 -38.83 -8.02 -66.20
N ILE R 2 -38.25 -9.12 -66.69
CA ILE R 2 -36.90 -9.07 -67.25
C ILE R 2 -36.99 -8.55 -68.68
N VAL R 3 -36.31 -7.45 -68.96
CA VAL R 3 -36.38 -6.80 -70.26
C VAL R 3 -35.30 -7.38 -71.18
N MET R 4 -35.70 -7.80 -72.37
CA MET R 4 -34.79 -8.31 -73.39
C MET R 4 -34.50 -7.17 -74.36
N THR R 5 -33.26 -6.72 -74.39
CA THR R 5 -32.85 -5.59 -75.22
C THR R 5 -31.88 -6.09 -76.29
N GLN R 6 -32.32 -6.09 -77.54
CA GLN R 6 -31.46 -6.43 -78.66
C GLN R 6 -30.85 -5.15 -79.23
N SER R 7 -29.57 -5.24 -79.60
CA SER R 7 -28.78 -4.08 -80.03
C SER R 7 -29.44 -3.33 -81.19
N GLN R 8 -29.41 -3.90 -82.38
CA GLN R 8 -29.89 -3.23 -83.59
C GLN R 8 -31.16 -3.87 -84.10
N LYS R 9 -32.03 -3.04 -84.69
CA LYS R 9 -33.25 -3.54 -85.30
C LYS R 9 -32.99 -4.13 -86.68
N PHE R 10 -32.01 -3.61 -87.41
CA PHE R 10 -31.65 -4.12 -88.72
C PHE R 10 -30.16 -4.40 -88.77
N MET R 11 -29.77 -5.34 -89.64
CA MET R 11 -28.38 -5.73 -89.76
C MET R 11 -28.07 -6.09 -91.21
N SER R 12 -26.98 -5.56 -91.73
CA SER R 12 -26.56 -5.80 -93.10
C SER R 12 -25.40 -6.79 -93.14
N THR R 13 -25.36 -7.58 -94.21
CA THR R 13 -24.35 -8.61 -94.41
C THR R 13 -24.53 -9.19 -95.80
N SER R 14 -23.61 -10.07 -96.19
CA SER R 14 -23.68 -10.73 -97.49
C SER R 14 -23.53 -12.24 -97.30
N VAL R 15 -23.91 -12.98 -98.35
CA VAL R 15 -23.81 -14.43 -98.33
C VAL R 15 -22.36 -14.83 -98.09
N GLY R 16 -22.15 -15.78 -97.17
CA GLY R 16 -20.84 -16.24 -96.84
C GLY R 16 -20.20 -15.55 -95.65
N ASP R 17 -20.67 -14.37 -95.27
CA ASP R 17 -20.08 -13.62 -94.18
C ASP R 17 -20.49 -14.23 -92.83
N ARG R 18 -20.05 -13.58 -91.75
CA ARG R 18 -20.31 -14.04 -90.40
C ARG R 18 -21.07 -12.94 -89.65
N VAL R 19 -22.19 -13.32 -89.04
CA VAL R 19 -23.09 -12.37 -88.38
C VAL R 19 -23.22 -12.77 -86.91
N SER R 20 -23.29 -11.76 -86.05
CA SER R 20 -23.47 -11.97 -84.60
C SER R 20 -24.53 -11.02 -84.09
N ILE R 21 -25.60 -11.59 -83.53
CA ILE R 21 -26.71 -10.83 -82.96
C ILE R 21 -26.59 -10.89 -81.45
N THR R 22 -26.72 -9.75 -80.78
CA THR R 22 -26.56 -9.67 -79.34
C THR R 22 -27.90 -9.47 -78.66
N CYS R 23 -28.02 -10.05 -77.46
CA CYS R 23 -29.23 -9.96 -76.66
C CYS R 23 -28.81 -9.71 -75.22
N LYS R 24 -29.22 -8.58 -74.66
CA LYS R 24 -28.81 -8.18 -73.33
C LYS R 24 -29.99 -8.27 -72.36
N ALA R 25 -29.78 -8.93 -71.23
CA ALA R 25 -30.80 -9.13 -70.23
C ALA R 25 -30.70 -8.07 -69.13
N SER R 26 -31.86 -7.69 -68.60
CA SER R 26 -31.89 -6.77 -67.47
C SER R 26 -31.65 -7.46 -66.13
N GLN R 27 -31.55 -8.79 -66.13
CA GLN R 27 -31.30 -9.54 -64.91
C GLN R 27 -30.49 -10.78 -65.27
N ASN R 28 -29.89 -11.39 -64.25
CA ASN R 28 -29.18 -12.65 -64.45
C ASN R 28 -30.18 -13.77 -64.69
N VAL R 29 -30.03 -14.47 -65.81
CA VAL R 29 -30.97 -15.53 -66.18
C VAL R 29 -30.20 -16.84 -66.41
N GLY R 30 -28.95 -16.87 -65.97
CA GLY R 30 -28.14 -18.07 -66.14
C GLY R 30 -27.97 -18.39 -67.61
N THR R 31 -28.52 -19.54 -68.02
CA THR R 31 -28.51 -19.95 -69.42
C THR R 31 -29.92 -20.21 -69.95
N ALA R 32 -30.94 -19.67 -69.28
CA ALA R 32 -32.32 -19.86 -69.69
C ALA R 32 -32.68 -18.82 -70.76
N VAL R 33 -32.05 -18.97 -71.92
CA VAL R 33 -32.27 -18.11 -73.08
C VAL R 33 -32.44 -18.96 -74.32
N ALA R 34 -33.45 -18.63 -75.13
CA ALA R 34 -33.72 -19.32 -76.38
C ALA R 34 -33.75 -18.33 -77.53
N TRP R 35 -33.43 -18.82 -78.72
CA TRP R 35 -33.42 -18.02 -79.94
C TRP R 35 -34.41 -18.61 -80.94
N TYR R 36 -35.09 -17.74 -81.69
CA TYR R 36 -36.06 -18.19 -82.67
C TYR R 36 -35.83 -17.48 -84.00
N GLN R 37 -36.26 -18.12 -85.08
CA GLN R 37 -36.23 -17.56 -86.43
C GLN R 37 -37.65 -17.48 -86.97
N GLN R 38 -38.02 -16.33 -87.51
CA GLN R 38 -39.35 -16.12 -88.07
C GLN R 38 -39.22 -15.46 -89.44
N LYS R 39 -39.74 -16.15 -90.47
CA LYS R 39 -39.81 -15.60 -91.81
C LYS R 39 -41.14 -14.90 -92.03
N PRO R 40 -41.20 -13.93 -92.94
CA PRO R 40 -42.46 -13.21 -93.16
C PRO R 40 -43.58 -14.14 -93.59
N GLY R 41 -44.76 -13.92 -93.00
CA GLY R 41 -45.92 -14.73 -93.33
C GLY R 41 -45.87 -16.15 -92.82
N GLN R 42 -45.00 -16.44 -91.86
CA GLN R 42 -44.87 -17.79 -91.31
C GLN R 42 -44.79 -17.70 -89.80
N SER R 43 -44.92 -18.85 -89.15
CA SER R 43 -44.78 -18.93 -87.70
C SER R 43 -43.32 -19.10 -87.32
N PRO R 44 -42.92 -18.57 -86.16
CA PRO R 44 -41.52 -18.70 -85.73
C PRO R 44 -41.10 -20.16 -85.58
N LYS R 45 -39.82 -20.41 -85.82
CA LYS R 45 -39.23 -21.73 -85.67
C LYS R 45 -38.12 -21.67 -84.62
N LEU R 46 -38.12 -22.64 -83.71
CA LEU R 46 -37.10 -22.67 -82.66
C LEU R 46 -35.74 -23.00 -83.27
N MET R 47 -34.72 -22.27 -82.81
CA MET R 47 -33.35 -22.48 -83.28
C MET R 47 -32.45 -22.98 -82.15
N ILE R 48 -32.18 -22.13 -81.16
CA ILE R 48 -31.29 -22.47 -80.05
C ILE R 48 -32.05 -22.28 -78.75
N TYR R 49 -31.80 -23.18 -77.80
CA TYR R 49 -32.39 -23.07 -76.47
C TYR R 49 -31.39 -23.57 -75.45
N PHE R 50 -31.50 -23.05 -74.22
CA PHE R 50 -30.54 -23.31 -73.14
C PHE R 50 -29.19 -22.68 -73.50
N ALA R 51 -29.26 -21.45 -74.04
CA ALA R 51 -28.11 -20.63 -74.40
C ALA R 51 -27.38 -21.15 -75.64
N SER R 52 -26.97 -22.42 -75.63
CA SER R 52 -26.08 -22.89 -76.69
C SER R 52 -26.40 -24.29 -77.20
N ASN R 53 -27.65 -24.75 -77.13
CA ASN R 53 -28.02 -26.08 -77.58
C ASN R 53 -28.90 -25.94 -78.81
N ARG R 54 -28.50 -26.57 -79.91
CA ARG R 54 -29.28 -26.54 -81.14
C ARG R 54 -30.44 -27.52 -81.06
N TYR R 55 -31.59 -27.11 -81.57
CA TYR R 55 -32.75 -27.97 -81.63
C TYR R 55 -32.64 -28.93 -82.82
N THR R 56 -33.33 -30.08 -82.70
CA THR R 56 -33.38 -31.05 -83.77
C THR R 56 -33.87 -30.40 -85.05
N GLY R 57 -33.03 -30.42 -86.09
CA GLY R 57 -33.35 -29.61 -87.25
C GLY R 57 -32.23 -28.68 -87.65
N VAL R 58 -31.73 -27.91 -86.69
CA VAL R 58 -30.98 -26.69 -87.00
C VAL R 58 -29.55 -27.07 -87.36
N PRO R 59 -29.02 -26.55 -88.47
CA PRO R 59 -27.67 -26.91 -88.90
C PRO R 59 -26.60 -26.38 -87.95
N ASP R 60 -25.43 -27.03 -88.00
CA ASP R 60 -24.28 -26.57 -87.25
C ASP R 60 -23.85 -25.15 -87.63
N ARG R 61 -24.42 -24.59 -88.69
CA ARG R 61 -24.14 -23.22 -89.08
C ARG R 61 -24.48 -22.24 -87.97
N PHE R 62 -25.54 -22.51 -87.20
CA PHE R 62 -25.97 -21.62 -86.14
C PHE R 62 -25.34 -22.04 -84.81
N THR R 63 -24.81 -21.06 -84.08
CA THR R 63 -24.19 -21.31 -82.78
C THR R 63 -24.64 -20.24 -81.80
N GLY R 64 -25.12 -20.66 -80.64
CA GLY R 64 -25.50 -19.75 -79.58
C GLY R 64 -24.43 -19.69 -78.50
N SER R 65 -24.41 -18.58 -77.76
CA SER R 65 -23.39 -18.39 -76.75
C SER R 65 -23.87 -17.34 -75.75
N GLY R 66 -23.16 -17.25 -74.64
CA GLY R 66 -23.44 -16.29 -73.59
C GLY R 66 -23.99 -16.96 -72.34
N SER R 67 -24.02 -16.18 -71.27
CA SER R 67 -24.52 -16.63 -69.97
C SER R 67 -24.70 -15.41 -69.08
N GLY R 68 -25.62 -15.52 -68.13
CA GLY R 68 -25.89 -14.46 -67.19
C GLY R 68 -26.76 -13.36 -67.76
N THR R 69 -26.15 -12.42 -68.47
CA THR R 69 -26.89 -11.28 -69.02
C THR R 69 -26.51 -10.89 -70.44
N ASP R 70 -25.45 -11.45 -71.01
CA ASP R 70 -25.05 -11.17 -72.38
C ASP R 70 -25.09 -12.47 -73.17
N PHE R 71 -25.91 -12.50 -74.22
CA PHE R 71 -26.07 -13.68 -75.07
C PHE R 71 -25.92 -13.28 -76.52
N THR R 72 -25.43 -14.22 -77.33
CA THR R 72 -25.09 -13.93 -78.72
C THR R 72 -25.42 -15.10 -79.62
N LEU R 73 -26.00 -14.82 -80.78
CA LEU R 73 -26.23 -15.79 -81.83
C LEU R 73 -25.28 -15.50 -82.99
N THR R 74 -24.54 -16.51 -83.43
CA THR R 74 -23.53 -16.36 -84.47
C THR R 74 -23.88 -17.26 -85.65
N ILE R 75 -23.79 -16.72 -86.86
CA ILE R 75 -24.07 -17.46 -88.09
C ILE R 75 -22.78 -17.49 -88.91
N SER R 76 -22.00 -18.55 -88.73
CA SER R 76 -20.73 -18.77 -89.42
C SER R 76 -20.96 -19.22 -90.85
N ASN R 77 -20.93 -18.26 -91.79
CA ASN R 77 -21.14 -18.45 -93.22
C ASN R 77 -22.64 -18.59 -93.47
N MET R 78 -23.14 -17.80 -94.41
CA MET R 78 -24.56 -17.57 -94.58
C MET R 78 -25.10 -18.17 -95.87
N GLN R 79 -26.42 -18.30 -95.91
CA GLN R 79 -27.16 -18.68 -97.11
C GLN R 79 -28.33 -17.71 -97.27
N SER R 80 -28.91 -17.71 -98.47
CA SER R 80 -30.05 -16.83 -98.72
C SER R 80 -31.23 -17.18 -97.83
N GLU R 81 -31.37 -18.44 -97.44
CA GLU R 81 -32.49 -18.89 -96.62
C GLU R 81 -32.42 -18.38 -95.18
N ASP R 82 -31.34 -17.72 -94.80
CA ASP R 82 -31.18 -17.23 -93.44
C ASP R 82 -31.70 -15.80 -93.25
N LEU R 83 -32.22 -15.18 -94.31
CA LEU R 83 -32.76 -13.83 -94.21
C LEU R 83 -34.14 -13.89 -93.57
N ALA R 84 -34.23 -13.48 -92.31
CA ALA R 84 -35.48 -13.51 -91.56
C ALA R 84 -35.27 -12.73 -90.26
N ASP R 85 -36.31 -12.73 -89.41
CA ASP R 85 -36.23 -12.11 -88.11
C ASP R 85 -35.69 -13.10 -87.08
N TYR R 86 -35.00 -12.57 -86.08
CA TYR R 86 -34.40 -13.38 -85.03
C TYR R 86 -34.74 -12.79 -83.68
N PHE R 87 -35.34 -13.61 -82.80
CA PHE R 87 -35.76 -13.20 -81.48
C PHE R 87 -35.02 -13.98 -80.41
N CYS R 88 -34.75 -13.33 -79.28
CA CYS R 88 -34.25 -14.00 -78.09
C CYS R 88 -35.32 -13.99 -77.01
N GLN R 89 -35.35 -15.04 -76.20
CA GLN R 89 -36.40 -15.23 -75.21
C GLN R 89 -35.79 -15.61 -73.88
N GLN R 90 -36.35 -15.07 -72.81
CA GLN R 90 -35.93 -15.39 -71.45
C GLN R 90 -36.98 -16.27 -70.79
N TYR R 91 -36.54 -17.32 -70.11
CA TYR R 91 -37.45 -18.19 -69.37
C TYR R 91 -36.87 -18.56 -68.01
N SER R 92 -36.22 -17.59 -67.36
CA SER R 92 -35.74 -17.81 -66.00
C SER R 92 -36.85 -17.64 -64.97
N SER R 93 -37.75 -16.68 -65.19
CA SER R 93 -38.87 -16.45 -64.29
C SER R 93 -40.01 -15.82 -65.07
N TYR R 94 -41.23 -16.01 -64.57
CA TYR R 94 -42.41 -15.44 -65.19
C TYR R 94 -42.49 -13.95 -64.90
N PRO R 95 -43.04 -13.15 -65.84
CA PRO R 95 -43.55 -13.58 -67.15
C PRO R 95 -42.45 -13.75 -68.19
N LEU R 96 -42.69 -14.62 -69.17
CA LEU R 96 -41.75 -14.80 -70.26
C LEU R 96 -41.72 -13.56 -71.15
N THR R 97 -40.52 -13.17 -71.57
CA THR R 97 -40.34 -11.98 -72.36
C THR R 97 -39.50 -12.28 -73.59
N PHE R 98 -39.70 -11.49 -74.64
CA PHE R 98 -38.97 -11.60 -75.88
C PHE R 98 -38.23 -10.31 -76.18
N GLY R 99 -37.25 -10.41 -77.07
CA GLY R 99 -36.52 -9.23 -77.52
C GLY R 99 -37.14 -8.58 -78.73
N ALA R 100 -36.66 -7.38 -79.04
CA ALA R 100 -37.14 -6.66 -80.20
C ALA R 100 -36.71 -7.38 -81.48
N GLY R 101 -37.40 -7.06 -82.57
CA GLY R 101 -37.09 -7.70 -83.84
C GLY R 101 -35.72 -7.31 -84.35
N THR R 102 -35.12 -8.23 -85.11
CA THR R 102 -33.81 -8.00 -85.73
C THR R 102 -33.86 -8.57 -87.14
N LYS R 103 -33.83 -7.70 -88.14
CA LYS R 103 -33.89 -8.12 -89.53
C LYS R 103 -32.49 -8.26 -90.09
N LEU R 104 -32.20 -9.42 -90.70
CA LEU R 104 -30.94 -9.66 -91.37
C LEU R 104 -31.15 -9.47 -92.87
N GLU R 105 -30.42 -8.52 -93.45
CA GLU R 105 -30.58 -8.15 -94.85
C GLU R 105 -29.29 -8.29 -95.65
N LEU R 106 -29.47 -8.42 -96.95
CA LEU R 106 -28.39 -8.45 -97.92
C LEU R 106 -28.19 -7.03 -98.46
N LYS R 107 -26.92 -6.69 -98.74
CA LYS R 107 -26.60 -5.33 -99.14
C LYS R 107 -26.68 -5.09 -100.65
N ARG R 108 -26.30 -6.06 -101.47
CA ARG R 108 -26.39 -5.94 -102.92
C ARG R 108 -25.55 -4.78 -103.47
N ALA R 109 -26.17 -3.65 -103.75
CA ALA R 109 -25.50 -2.55 -104.45
C ALA R 109 -26.42 -1.33 -104.44
N ASP R 110 -25.84 -0.18 -104.76
CA ASP R 110 -26.43 1.11 -104.45
C ASP R 110 -27.16 1.61 -105.69
N ALA R 111 -28.48 1.62 -105.64
CA ALA R 111 -29.31 2.10 -106.74
C ALA R 111 -29.92 3.45 -106.39
N ALA R 112 -30.16 4.27 -107.41
CA ALA R 112 -30.91 5.49 -107.24
C ALA R 112 -32.39 5.21 -107.46
N PRO R 113 -33.30 5.86 -106.74
CA PRO R 113 -34.73 5.53 -106.90
C PRO R 113 -35.24 5.97 -108.27
N THR R 114 -36.35 5.37 -108.66
CA THR R 114 -37.07 5.74 -109.88
C THR R 114 -38.39 6.35 -109.47
N VAL R 115 -38.58 7.62 -109.82
CA VAL R 115 -39.69 8.41 -109.31
C VAL R 115 -40.67 8.66 -110.44
N SER R 116 -41.94 8.37 -110.20
CA SER R 116 -43.01 8.60 -111.18
C SER R 116 -44.20 9.20 -110.44
N ILE R 117 -44.65 10.36 -110.89
CA ILE R 117 -45.78 11.06 -110.30
C ILE R 117 -46.99 10.89 -111.20
N PHE R 118 -48.17 10.76 -110.59
CA PHE R 118 -49.41 10.52 -111.33
C PHE R 118 -50.49 11.45 -110.80
N PRO R 119 -51.07 12.31 -111.63
CA PRO R 119 -52.17 13.17 -111.18
C PRO R 119 -53.42 12.34 -110.95
N PRO R 120 -54.43 12.90 -110.27
CA PRO R 120 -55.68 12.16 -110.09
C PRO R 120 -56.34 11.84 -111.42
N SER R 121 -56.92 10.64 -111.50
CA SER R 121 -57.58 10.22 -112.72
C SER R 121 -58.88 11.02 -112.92
N SER R 122 -59.33 11.07 -114.18
CA SER R 122 -60.59 11.74 -114.48
C SER R 122 -61.77 11.04 -113.81
N GLU R 123 -61.65 9.73 -113.56
CA GLU R 123 -62.73 8.99 -112.92
C GLU R 123 -62.86 9.36 -111.45
N GLN R 124 -61.73 9.49 -110.75
CA GLN R 124 -61.78 9.84 -109.33
C GLN R 124 -62.27 11.26 -109.12
N LEU R 125 -62.01 12.15 -110.07
CA LEU R 125 -62.50 13.53 -109.97
C LEU R 125 -64.00 13.62 -110.11
N THR R 126 -64.68 12.57 -110.54
CA THR R 126 -66.13 12.55 -110.56
C THR R 126 -66.73 12.28 -109.19
N SER R 127 -65.94 11.74 -108.26
CA SER R 127 -66.41 11.44 -106.92
C SER R 127 -66.17 12.59 -105.93
N GLY R 128 -65.61 13.70 -106.39
CA GLY R 128 -65.30 14.80 -105.51
C GLY R 128 -63.98 14.71 -104.79
N GLY R 129 -63.15 13.70 -105.10
CA GLY R 129 -61.86 13.55 -104.47
C GLY R 129 -60.72 13.55 -105.47
N ALA R 130 -59.50 13.82 -105.00
CA ALA R 130 -58.33 13.89 -105.87
C ALA R 130 -57.13 13.35 -105.12
N SER R 131 -56.53 12.28 -105.64
CA SER R 131 -55.35 11.67 -105.05
C SER R 131 -54.19 11.74 -106.01
N VAL R 132 -53.07 12.29 -105.55
CA VAL R 132 -51.83 12.36 -106.32
C VAL R 132 -50.86 11.35 -105.72
N VAL R 133 -50.40 10.41 -106.54
CA VAL R 133 -49.52 9.35 -106.08
C VAL R 133 -48.11 9.59 -106.61
N CYS R 134 -47.13 9.02 -105.93
CA CYS R 134 -45.73 9.15 -106.31
C CYS R 134 -45.02 7.86 -105.94
N PHE R 135 -44.59 7.11 -106.94
CA PHE R 135 -43.94 5.82 -106.72
C PHE R 135 -42.42 5.99 -106.71
N LEU R 136 -41.78 5.43 -105.70
CA LEU R 136 -40.31 5.41 -105.58
C LEU R 136 -39.90 3.94 -105.58
N ASN R 137 -39.41 3.45 -106.72
CA ASN R 137 -39.18 2.03 -106.91
C ASN R 137 -37.69 1.72 -107.04
N ASN R 138 -37.29 0.59 -106.44
CA ASN R 138 -35.97 0.01 -106.64
C ASN R 138 -34.84 0.96 -106.19
N PHE R 139 -34.84 1.27 -104.90
CA PHE R 139 -33.79 2.07 -104.30
C PHE R 139 -33.15 1.32 -103.13
N TYR R 140 -31.92 1.73 -102.81
CA TYR R 140 -31.17 1.20 -101.67
C TYR R 140 -30.14 2.23 -101.29
N PRO R 141 -29.94 2.52 -99.98
CA PRO R 141 -30.58 1.90 -98.82
C PRO R 141 -32.01 2.39 -98.55
N LYS R 142 -32.54 2.00 -97.39
CA LYS R 142 -33.93 2.31 -97.05
C LYS R 142 -34.15 3.79 -96.78
N ASP R 143 -33.14 4.49 -96.26
CA ASP R 143 -33.31 5.88 -95.85
C ASP R 143 -33.61 6.77 -97.05
N ILE R 144 -34.81 7.35 -97.07
CA ILE R 144 -35.22 8.23 -98.16
C ILE R 144 -36.32 9.13 -97.62
N ASN R 145 -36.42 10.34 -98.17
CA ASN R 145 -37.40 11.32 -97.74
C ASN R 145 -38.14 11.86 -98.96
N VAL R 146 -39.47 11.93 -98.85
CA VAL R 146 -40.32 12.45 -99.90
C VAL R 146 -40.91 13.78 -99.45
N LYS R 147 -40.91 14.76 -100.34
CA LYS R 147 -41.43 16.09 -100.06
C LYS R 147 -42.48 16.45 -101.10
N TRP R 148 -43.69 16.80 -100.64
CA TRP R 148 -44.77 17.23 -101.51
C TRP R 148 -44.81 18.75 -101.57
N LYS R 149 -44.91 19.29 -102.78
CA LYS R 149 -45.02 20.73 -103.00
C LYS R 149 -46.27 21.04 -103.79
N ILE R 150 -47.08 21.97 -103.29
CA ILE R 150 -48.27 22.46 -103.97
C ILE R 150 -48.03 23.93 -104.25
N ASP R 151 -47.86 24.28 -105.53
CA ASP R 151 -47.48 25.63 -105.95
C ASP R 151 -46.19 26.07 -105.26
N GLY R 152 -45.25 25.13 -105.12
CA GLY R 152 -43.98 25.41 -104.49
C GLY R 152 -43.97 25.37 -102.98
N SER R 153 -45.14 25.29 -102.34
CA SER R 153 -45.24 25.28 -100.89
C SER R 153 -45.34 23.85 -100.38
N GLU R 154 -44.55 23.53 -99.35
CA GLU R 154 -44.55 22.18 -98.79
C GLU R 154 -45.89 21.87 -98.15
N ARG R 155 -46.42 20.68 -98.45
CA ARG R 155 -47.71 20.24 -97.94
C ARG R 155 -47.48 19.05 -96.99
N GLN R 156 -47.94 19.19 -95.75
CA GLN R 156 -47.76 18.18 -94.72
C GLN R 156 -49.01 17.33 -94.51
N ASN R 157 -50.17 17.96 -94.40
CA ASN R 157 -51.41 17.22 -94.13
C ASN R 157 -51.89 16.52 -95.39
N GLY R 158 -52.48 15.33 -95.20
CA GLY R 158 -53.05 14.58 -96.29
C GLY R 158 -52.14 13.60 -96.99
N VAL R 159 -50.95 13.34 -96.45
CA VAL R 159 -49.99 12.43 -97.06
C VAL R 159 -50.11 11.06 -96.39
N LEU R 160 -50.09 10.01 -97.21
CA LEU R 160 -50.09 8.63 -96.74
C LEU R 160 -48.93 7.91 -97.38
N ASN R 161 -48.06 7.33 -96.57
CA ASN R 161 -46.86 6.65 -97.05
C ASN R 161 -46.96 5.16 -96.77
N SER R 162 -46.45 4.35 -97.70
CA SER R 162 -46.44 2.90 -97.57
C SER R 162 -45.11 2.38 -98.11
N ALA R 163 -44.23 1.97 -97.21
CA ALA R 163 -42.91 1.47 -97.59
C ALA R 163 -42.94 -0.03 -97.75
N THR R 164 -42.34 -0.53 -98.83
CA THR R 164 -42.25 -1.95 -99.09
C THR R 164 -41.01 -2.53 -98.43
N ASP R 165 -41.09 -3.82 -98.08
CA ASP R 165 -39.94 -4.52 -97.53
C ASP R 165 -38.95 -4.85 -98.63
N GLN R 166 -37.82 -5.45 -98.26
CA GLN R 166 -36.78 -5.77 -99.21
C GLN R 166 -37.28 -6.79 -100.23
N ASP R 167 -37.06 -6.48 -101.51
CA ASP R 167 -37.50 -7.39 -102.57
C ASP R 167 -36.68 -8.67 -102.54
N SER R 168 -37.37 -9.81 -102.68
CA SER R 168 -36.72 -11.11 -102.61
C SER R 168 -35.85 -11.41 -103.82
N LYS R 169 -35.99 -10.64 -104.91
CA LYS R 169 -35.28 -10.93 -106.15
C LYS R 169 -34.05 -10.07 -106.37
N ASP R 170 -34.13 -8.75 -106.11
CA ASP R 170 -33.02 -7.85 -106.37
C ASP R 170 -32.61 -7.04 -105.15
N SER R 171 -33.17 -7.33 -103.97
CA SER R 171 -32.78 -6.71 -102.71
C SER R 171 -32.99 -5.21 -102.68
N THR R 172 -33.92 -4.70 -103.50
CA THR R 172 -34.23 -3.28 -103.52
C THR R 172 -35.49 -3.00 -102.70
N TYR R 173 -35.76 -1.72 -102.49
CA TYR R 173 -36.91 -1.26 -101.72
C TYR R 173 -37.80 -0.37 -102.58
N SER R 174 -39.06 -0.25 -102.18
CA SER R 174 -40.03 0.57 -102.89
C SER R 174 -40.88 1.33 -101.87
N MET R 175 -41.44 2.45 -102.32
CA MET R 175 -42.25 3.31 -101.46
C MET R 175 -43.30 4.01 -102.30
N SER R 176 -44.51 4.12 -101.76
CA SER R 176 -45.62 4.82 -102.41
C SER R 176 -46.08 5.94 -101.50
N SER R 177 -46.26 7.13 -102.08
CA SER R 177 -46.73 8.30 -101.33
C SER R 177 -47.96 8.86 -102.05
N THR R 178 -49.06 8.99 -101.30
CA THR R 178 -50.33 9.43 -101.86
C THR R 178 -50.80 10.67 -101.14
N LEU R 179 -50.96 11.77 -101.87
CA LEU R 179 -51.51 13.02 -101.34
C LEU R 179 -52.97 13.09 -101.77
N THR R 180 -53.88 12.99 -100.80
CA THR R 180 -55.31 12.96 -101.05
C THR R 180 -55.93 14.28 -100.62
N LEU R 181 -56.52 14.99 -101.58
CA LEU R 181 -57.19 16.27 -101.33
C LEU R 181 -58.61 16.21 -101.88
N THR R 182 -59.43 17.16 -101.46
CA THR R 182 -60.73 17.33 -102.08
C THR R 182 -60.58 17.89 -103.49
N LYS R 183 -61.59 17.63 -104.33
CA LYS R 183 -61.55 18.15 -105.70
C LYS R 183 -61.55 19.67 -105.70
N ASP R 184 -62.31 20.29 -104.79
CA ASP R 184 -62.35 21.74 -104.70
C ASP R 184 -60.96 22.31 -104.41
N GLU R 185 -60.24 21.70 -103.46
CA GLU R 185 -58.91 22.18 -103.13
C GLU R 185 -57.90 21.84 -104.22
N TYR R 186 -58.07 20.69 -104.87
CA TYR R 186 -57.16 20.31 -105.96
C TYR R 186 -57.25 21.31 -107.12
N GLU R 187 -58.45 21.80 -107.42
CA GLU R 187 -58.65 22.72 -108.53
C GLU R 187 -58.28 24.16 -108.20
N ARG R 188 -57.89 24.44 -106.96
CA ARG R 188 -57.48 25.79 -106.57
C ARG R 188 -55.99 26.02 -106.70
N HIS R 189 -55.23 25.01 -107.11
CA HIS R 189 -53.79 25.14 -107.30
C HIS R 189 -53.40 24.53 -108.64
N ASN R 190 -52.23 24.92 -109.12
CA ASN R 190 -51.75 24.53 -110.45
C ASN R 190 -50.57 23.59 -110.42
N SER R 191 -49.54 23.89 -109.61
CA SER R 191 -48.30 23.14 -109.61
C SER R 191 -48.30 22.10 -108.51
N TYR R 192 -48.00 20.86 -108.88
CA TYR R 192 -47.85 19.76 -107.93
C TYR R 192 -46.51 19.08 -108.18
N THR R 193 -45.73 18.87 -107.12
CA THR R 193 -44.36 18.39 -107.25
C THR R 193 -44.08 17.33 -106.20
N CYS R 194 -43.44 16.24 -106.63
CA CYS R 194 -42.97 15.18 -105.74
C CYS R 194 -41.45 15.11 -105.84
N GLU R 195 -40.77 15.39 -104.73
CA GLU R 195 -39.31 15.41 -104.69
C GLU R 195 -38.81 14.29 -103.79
N ALA R 196 -37.88 13.50 -104.31
CA ALA R 196 -37.27 12.40 -103.59
C ALA R 196 -35.79 12.69 -103.37
N THR R 197 -35.36 12.74 -102.11
CA THR R 197 -33.97 12.93 -101.76
C THR R 197 -33.42 11.63 -101.19
N HIS R 198 -32.30 11.18 -101.75
CA HIS R 198 -31.70 9.90 -101.38
C HIS R 198 -30.18 10.07 -101.40
N LYS R 199 -29.50 9.23 -100.62
CA LYS R 199 -28.06 9.37 -100.45
C LYS R 199 -27.27 9.09 -101.74
N THR R 200 -27.90 8.50 -102.75
CA THR R 200 -27.21 8.21 -104.00
C THR R 200 -27.05 9.45 -104.88
N SER R 201 -27.63 10.58 -104.50
CA SER R 201 -27.49 11.81 -105.26
C SER R 201 -27.56 12.99 -104.30
N THR R 202 -26.74 14.01 -104.55
CA THR R 202 -26.71 15.19 -103.71
C THR R 202 -27.77 16.21 -104.07
N SER R 203 -28.57 15.94 -105.11
CA SER R 203 -29.70 16.78 -105.48
C SER R 203 -30.96 15.92 -105.55
N PRO R 204 -32.10 16.45 -105.12
CA PRO R 204 -33.33 15.65 -105.11
C PRO R 204 -33.83 15.37 -106.53
N ILE R 205 -34.46 14.21 -106.68
CA ILE R 205 -35.10 13.84 -107.94
C ILE R 205 -36.50 14.45 -107.94
N VAL R 206 -36.77 15.30 -108.93
CA VAL R 206 -37.98 16.11 -108.96
C VAL R 206 -38.86 15.63 -110.10
N LYS R 207 -40.11 15.28 -109.79
CA LYS R 207 -41.14 14.98 -110.77
C LYS R 207 -42.34 15.86 -110.47
N SER R 208 -42.83 16.56 -111.49
CA SER R 208 -43.87 17.55 -111.30
C SER R 208 -44.81 17.56 -112.49
N PHE R 209 -45.98 18.19 -112.29
CA PHE R 209 -46.93 18.43 -113.36
C PHE R 209 -47.74 19.67 -113.00
N ASN R 210 -48.36 20.25 -114.02
CA ASN R 210 -49.25 21.39 -113.85
C ASN R 210 -50.68 20.97 -114.15
N ARG R 211 -51.61 21.40 -113.29
CA ARG R 211 -53.01 21.03 -113.46
C ARG R 211 -53.58 21.55 -114.77
N ASN R 212 -53.25 22.80 -115.12
CA ASN R 212 -53.77 23.38 -116.37
C ASN R 212 -53.19 22.68 -117.59
N GLU R 213 -51.87 22.45 -117.60
CA GLU R 213 -51.23 21.82 -118.75
C GLU R 213 -51.53 20.33 -118.84
N CYS R 214 -52.08 19.72 -117.79
CA CYS R 214 -52.45 18.32 -117.82
C CYS R 214 -53.64 18.04 -116.90
N GLU S 1 -74.17 -18.49 -41.23
CA GLU S 1 -74.44 -18.56 -39.79
C GLU S 1 -73.24 -18.19 -38.94
N VAL S 2 -72.27 -17.52 -39.54
CA VAL S 2 -71.05 -17.10 -38.85
C VAL S 2 -71.00 -15.58 -38.92
N GLN S 3 -71.67 -14.93 -37.98
CA GLN S 3 -71.65 -13.48 -37.86
C GLN S 3 -71.27 -13.14 -36.42
N LEU S 4 -70.70 -11.95 -36.24
CA LEU S 4 -70.20 -11.52 -34.94
C LEU S 4 -71.03 -10.33 -34.48
N GLN S 5 -71.67 -10.48 -33.33
CA GLN S 5 -72.50 -9.43 -32.75
C GLN S 5 -71.71 -8.69 -31.68
N GLN S 6 -71.78 -7.37 -31.69
CA GLN S 6 -70.99 -6.57 -30.78
C GLN S 6 -71.86 -5.94 -29.69
N SER S 7 -71.30 -4.97 -28.98
CA SER S 7 -71.97 -4.36 -27.84
C SER S 7 -73.01 -3.34 -28.28
N GLY S 8 -72.65 -2.46 -29.20
CA GLY S 8 -73.52 -1.37 -29.59
C GLY S 8 -72.88 -0.01 -29.42
N ALA S 9 -73.37 0.99 -30.15
CA ALA S 9 -72.79 2.32 -30.09
C ALA S 9 -72.93 2.91 -28.69
N GLU S 10 -71.96 3.76 -28.33
CA GLU S 10 -71.95 4.38 -27.02
C GLU S 10 -71.38 5.78 -27.13
N VAL S 11 -72.01 6.72 -26.43
CA VAL S 11 -71.55 8.10 -26.33
C VAL S 11 -70.92 8.27 -24.95
N VAL S 12 -69.64 8.60 -24.91
CA VAL S 12 -68.88 8.70 -23.67
C VAL S 12 -68.23 10.07 -23.57
N ARG S 13 -68.23 10.63 -22.37
CA ARG S 13 -67.46 11.85 -22.14
C ARG S 13 -65.97 11.53 -22.11
N SER S 14 -65.17 12.58 -22.33
CA SER S 14 -63.72 12.40 -22.35
C SER S 14 -63.21 12.06 -20.96
N GLY S 15 -62.26 11.14 -20.90
CA GLY S 15 -61.66 10.73 -19.64
C GLY S 15 -62.32 9.55 -18.95
N ALA S 16 -63.24 8.86 -19.61
CA ALA S 16 -63.91 7.70 -19.05
C ALA S 16 -63.62 6.48 -19.92
N SER S 17 -63.72 5.31 -19.30
CA SER S 17 -63.44 4.06 -19.99
C SER S 17 -64.71 3.49 -20.61
N VAL S 18 -64.51 2.70 -21.67
CA VAL S 18 -65.61 2.02 -22.36
C VAL S 18 -65.16 0.59 -22.65
N LYS S 19 -66.11 -0.34 -22.60
CA LYS S 19 -65.83 -1.76 -22.83
C LYS S 19 -66.72 -2.24 -23.96
N LEU S 20 -66.10 -2.73 -25.02
CA LEU S 20 -66.81 -3.27 -26.18
C LEU S 20 -66.78 -4.79 -26.13
N SER S 21 -67.84 -5.41 -26.64
CA SER S 21 -67.95 -6.86 -26.61
C SER S 21 -68.14 -7.40 -28.02
N CYS S 22 -67.80 -8.67 -28.19
CA CYS S 22 -68.04 -9.44 -29.42
C CYS S 22 -68.75 -10.73 -29.03
N THR S 23 -69.13 -11.54 -30.02
CA THR S 23 -69.90 -12.73 -29.73
C THR S 23 -69.63 -13.81 -30.78
N ALA S 24 -69.73 -15.07 -30.33
CA ALA S 24 -69.69 -16.26 -31.19
C ALA S 24 -68.34 -16.46 -31.87
N SER S 25 -67.29 -15.80 -31.39
CA SER S 25 -65.93 -16.03 -31.85
C SER S 25 -65.05 -16.12 -30.61
N GLY S 26 -64.54 -17.30 -30.32
CA GLY S 26 -63.83 -17.51 -29.08
C GLY S 26 -64.54 -18.50 -28.20
N PHE S 27 -64.28 -19.77 -28.45
CA PHE S 27 -64.85 -20.90 -27.73
C PHE S 27 -63.69 -21.69 -27.15
N ASN S 28 -63.98 -22.64 -26.26
CA ASN S 28 -62.92 -23.60 -25.98
C ASN S 28 -62.74 -24.41 -27.26
N ILE S 29 -62.18 -25.61 -27.17
CA ILE S 29 -62.14 -26.50 -28.34
C ILE S 29 -61.37 -25.81 -29.46
N LYS S 30 -61.96 -24.75 -30.00
CA LYS S 30 -61.42 -23.96 -31.10
C LYS S 30 -61.37 -22.51 -30.66
N ASP S 31 -60.19 -21.84 -30.68
CA ASP S 31 -58.90 -21.99 -31.41
C ASP S 31 -58.68 -20.71 -32.21
N TYR S 32 -59.79 -20.07 -32.59
CA TYR S 32 -59.79 -18.92 -33.50
C TYR S 32 -58.74 -17.89 -33.12
N ALA S 33 -58.36 -17.04 -34.07
CA ALA S 33 -57.47 -15.91 -33.81
C ALA S 33 -58.21 -14.61 -34.06
N ILE S 34 -58.66 -13.96 -32.99
CA ILE S 34 -59.50 -12.77 -33.08
C ILE S 34 -58.63 -11.54 -33.22
N HIS S 35 -59.01 -10.65 -34.14
CA HIS S 35 -58.34 -9.38 -34.35
C HIS S 35 -59.35 -8.25 -34.18
N TRP S 36 -58.84 -7.08 -33.81
CA TRP S 36 -59.66 -5.88 -33.67
C TRP S 36 -59.10 -4.78 -34.55
N VAL S 37 -60.00 -4.08 -35.26
CA VAL S 37 -59.62 -3.05 -36.20
C VAL S 37 -60.36 -1.76 -35.85
N LYS S 38 -59.62 -0.65 -35.87
CA LYS S 38 -60.17 0.67 -35.64
C LYS S 38 -60.29 1.40 -36.97
N GLN S 39 -61.43 2.06 -37.17
CA GLN S 39 -61.72 2.78 -38.42
C GLN S 39 -62.01 4.25 -38.10
N ARG S 40 -61.02 5.11 -38.30
CA ARG S 40 -61.10 6.56 -38.17
C ARG S 40 -61.42 7.18 -39.54
N PRO S 41 -62.37 8.13 -39.59
CA PRO S 41 -62.71 8.75 -40.88
C PRO S 41 -61.54 9.40 -41.60
N GLU S 42 -60.39 9.54 -40.96
CA GLU S 42 -59.21 10.14 -41.59
C GLU S 42 -58.08 9.15 -41.82
N LYS S 43 -57.87 8.18 -40.93
CA LYS S 43 -56.74 7.27 -41.00
C LYS S 43 -57.09 5.92 -41.62
N GLY S 44 -58.33 5.73 -42.07
CA GLY S 44 -58.69 4.47 -42.70
C GLY S 44 -58.82 3.37 -41.65
N LEU S 45 -58.18 2.23 -41.92
CA LEU S 45 -58.21 1.09 -41.02
C LEU S 45 -56.90 0.98 -40.26
N GLU S 46 -56.99 0.68 -38.97
CA GLU S 46 -55.84 0.48 -38.10
C GLU S 46 -56.02 -0.81 -37.32
N TRP S 47 -55.03 -1.69 -37.39
CA TRP S 47 -55.07 -2.93 -36.63
C TRP S 47 -54.71 -2.69 -35.18
N ILE S 48 -55.49 -3.29 -34.28
CA ILE S 48 -55.32 -3.06 -32.84
C ILE S 48 -54.47 -4.17 -32.25
N GLY S 49 -54.96 -5.41 -32.32
CA GLY S 49 -54.23 -6.53 -31.75
C GLY S 49 -54.85 -7.85 -32.14
N ALA S 50 -54.11 -8.92 -31.82
CA ALA S 50 -54.50 -10.29 -32.14
C ALA S 50 -54.55 -11.09 -30.84
N ILE S 51 -55.72 -11.64 -30.52
CA ILE S 51 -55.91 -12.47 -29.33
C ILE S 51 -56.38 -13.85 -29.76
N ASP S 52 -55.82 -14.87 -29.13
CA ASP S 52 -56.16 -16.25 -29.45
C ASP S 52 -56.88 -16.88 -28.26
N PRO S 53 -58.20 -17.08 -28.35
CA PRO S 53 -58.90 -17.83 -27.31
C PRO S 53 -58.35 -19.24 -27.17
N GLU S 54 -58.87 -19.95 -26.16
CA GLU S 54 -58.33 -21.22 -25.71
C GLU S 54 -56.96 -20.98 -25.07
N TYR S 55 -55.92 -20.78 -25.89
CA TYR S 55 -54.59 -20.48 -25.36
C TYR S 55 -54.54 -19.17 -24.59
N GLY S 56 -55.29 -18.16 -25.04
CA GLY S 56 -55.25 -16.87 -24.37
C GLY S 56 -54.07 -15.99 -24.71
N ASP S 57 -53.42 -16.21 -25.85
CA ASP S 57 -52.30 -15.38 -26.28
C ASP S 57 -52.77 -13.96 -26.57
N THR S 58 -51.84 -13.00 -26.50
CA THR S 58 -52.15 -11.60 -26.69
C THR S 58 -51.02 -10.89 -27.41
N GLU S 59 -51.37 -10.11 -28.43
CA GLU S 59 -50.44 -9.23 -29.15
C GLU S 59 -51.11 -7.90 -29.41
N TYR S 60 -50.32 -6.83 -29.35
CA TYR S 60 -50.83 -5.47 -29.48
C TYR S 60 -49.98 -4.68 -30.47
N VAL S 61 -50.39 -3.44 -30.70
CA VAL S 61 -49.62 -2.48 -31.50
C VAL S 61 -48.97 -1.48 -30.54
N PRO S 62 -47.70 -1.11 -30.73
CA PRO S 62 -47.09 -0.11 -29.85
C PRO S 62 -47.86 1.20 -29.79
N LYS S 63 -48.62 1.53 -30.82
CA LYS S 63 -49.45 2.73 -30.77
C LYS S 63 -50.56 2.60 -29.76
N PHE S 64 -51.14 1.41 -29.62
CA PHE S 64 -52.32 1.19 -28.80
C PHE S 64 -52.01 0.56 -27.45
N GLN S 65 -50.75 0.20 -27.20
CA GLN S 65 -50.38 -0.37 -25.91
C GLN S 65 -50.54 0.67 -24.80
N GLY S 66 -51.29 0.30 -23.77
CA GLY S 66 -51.67 1.21 -22.72
C GLY S 66 -52.98 1.93 -22.96
N LYS S 67 -53.46 1.93 -24.20
CA LYS S 67 -54.76 2.49 -24.56
C LYS S 67 -55.83 1.42 -24.69
N ALA S 68 -55.51 0.30 -25.33
CA ALA S 68 -56.47 -0.78 -25.52
C ALA S 68 -56.04 -1.99 -24.69
N THR S 69 -57.01 -2.55 -23.96
CA THR S 69 -56.80 -3.76 -23.16
C THR S 69 -57.73 -4.84 -23.69
N MET S 70 -57.17 -6.03 -23.90
CA MET S 70 -57.91 -7.13 -24.49
C MET S 70 -58.07 -8.27 -23.50
N THR S 71 -59.29 -8.82 -23.46
CA THR S 71 -59.61 -9.93 -22.59
C THR S 71 -60.44 -10.95 -23.39
N ALA S 72 -60.38 -12.20 -22.93
CA ALA S 72 -61.10 -13.29 -23.58
C ALA S 72 -61.69 -14.20 -22.52
N ASP S 73 -63.00 -14.47 -22.63
CA ASP S 73 -63.68 -15.40 -21.74
C ASP S 73 -63.85 -16.74 -22.46
N THR S 74 -63.23 -17.78 -21.91
CA THR S 74 -63.18 -19.07 -22.59
C THR S 74 -64.57 -19.68 -22.73
N SER S 75 -65.39 -19.63 -21.68
CA SER S 75 -66.77 -20.03 -21.80
C SER S 75 -67.50 -19.07 -22.72
N SER S 76 -68.53 -19.58 -23.42
CA SER S 76 -69.28 -18.81 -24.43
C SER S 76 -68.23 -18.24 -25.41
N ASN S 77 -68.28 -17.01 -25.94
CA ASN S 77 -68.46 -15.65 -25.42
C ASN S 77 -67.46 -14.80 -26.17
N THR S 78 -67.11 -13.64 -25.60
CA THR S 78 -65.96 -12.81 -25.98
C THR S 78 -66.11 -12.23 -27.38
N ALA S 79 -65.52 -11.06 -27.63
CA ALA S 79 -64.22 -10.64 -27.17
C ALA S 79 -64.28 -9.21 -26.69
N TYR S 80 -63.88 -9.01 -25.45
CA TYR S 80 -64.00 -7.72 -24.80
C TYR S 80 -62.79 -6.86 -25.13
N LEU S 81 -63.04 -5.65 -25.63
CA LEU S 81 -62.02 -4.65 -25.90
C LEU S 81 -62.39 -3.40 -25.12
N GLN S 82 -61.50 -2.96 -24.25
CA GLN S 82 -61.76 -1.79 -23.42
C GLN S 82 -60.66 -0.76 -23.61
N LEU S 83 -61.06 0.51 -23.67
CA LEU S 83 -60.16 1.63 -23.84
C LEU S 83 -60.24 2.52 -22.60
N SER S 84 -59.09 3.02 -22.14
CA SER S 84 -59.04 3.74 -20.88
C SER S 84 -59.36 5.22 -21.08
N SER S 85 -58.36 6.09 -20.94
CA SER S 85 -58.57 7.52 -21.09
C SER S 85 -59.01 7.83 -22.51
N LEU S 86 -60.30 8.02 -22.71
CA LEU S 86 -60.84 8.27 -24.03
C LEU S 86 -60.66 9.74 -24.40
N THR S 87 -60.14 9.99 -25.60
CA THR S 87 -59.94 11.32 -26.14
C THR S 87 -60.69 11.45 -27.45
N SER S 88 -60.56 12.62 -28.08
CA SER S 88 -61.23 12.87 -29.35
C SER S 88 -60.70 11.98 -30.48
N GLU S 89 -59.47 11.50 -30.36
CA GLU S 89 -58.89 10.65 -31.40
C GLU S 89 -59.38 9.21 -31.34
N ASP S 90 -60.15 8.84 -30.31
CA ASP S 90 -60.69 7.50 -30.20
C ASP S 90 -62.09 7.38 -30.78
N THR S 91 -62.69 8.48 -31.22
CA THR S 91 -63.99 8.46 -31.88
C THR S 91 -63.86 7.72 -33.20
N ALA S 92 -64.32 6.47 -33.23
CA ALA S 92 -64.15 5.63 -34.41
C ALA S 92 -65.11 4.46 -34.34
N VAL S 93 -65.14 3.69 -35.42
CA VAL S 93 -65.92 2.46 -35.50
C VAL S 93 -64.96 1.30 -35.30
N TYR S 94 -65.25 0.45 -34.31
CA TYR S 94 -64.38 -0.67 -33.95
C TYR S 94 -65.02 -1.98 -34.39
N TYR S 95 -64.21 -2.86 -34.97
CA TYR S 95 -64.67 -4.15 -35.46
C TYR S 95 -63.92 -5.27 -34.76
N CYS S 96 -64.63 -6.35 -34.47
CA CYS S 96 -64.03 -7.59 -33.99
C CYS S 96 -64.05 -8.58 -35.14
N ASN S 97 -62.87 -8.97 -35.59
CA ASN S 97 -62.73 -9.84 -36.76
C ASN S 97 -62.11 -11.16 -36.34
N ALA S 98 -62.52 -12.22 -37.06
CA ALA S 98 -62.00 -13.56 -36.85
C ALA S 98 -61.62 -14.06 -38.22
N GLY S 99 -60.32 -14.23 -38.44
CA GLY S 99 -59.86 -14.89 -39.63
C GLY S 99 -60.40 -16.29 -39.72
N HIS S 100 -60.65 -16.73 -40.96
CA HIS S 100 -61.27 -18.04 -41.13
C HIS S 100 -60.36 -19.07 -40.49
N ASP S 101 -60.86 -19.64 -39.40
CA ASP S 101 -60.23 -20.68 -38.59
C ASP S 101 -59.07 -20.14 -37.75
N TYR S 102 -58.17 -19.35 -38.34
CA TYR S 102 -56.96 -18.94 -37.64
C TYR S 102 -56.18 -17.89 -38.43
N ASP S 103 -55.20 -17.28 -37.74
CA ASP S 103 -54.08 -16.50 -38.27
C ASP S 103 -54.43 -15.05 -38.62
N ARG S 104 -53.44 -14.30 -39.10
CA ARG S 104 -53.50 -12.85 -39.18
C ARG S 104 -53.88 -12.32 -40.56
N GLY S 105 -54.08 -13.19 -41.54
CA GLY S 105 -54.27 -12.81 -42.92
C GLY S 105 -55.09 -11.56 -43.22
N ARG S 106 -56.40 -11.59 -43.53
CA ARG S 106 -57.43 -12.66 -43.68
C ARG S 106 -58.43 -12.47 -42.56
N PHE S 107 -59.40 -11.58 -42.81
CA PHE S 107 -60.55 -11.33 -41.93
C PHE S 107 -61.83 -11.53 -42.74
N PRO S 108 -62.29 -12.77 -42.89
CA PRO S 108 -63.50 -13.00 -43.69
C PRO S 108 -64.79 -12.88 -42.89
N TYR S 109 -64.68 -12.89 -41.57
CA TYR S 109 -65.85 -12.81 -40.69
C TYR S 109 -65.69 -11.56 -39.82
N TRP S 110 -66.43 -10.51 -40.17
CA TRP S 110 -66.35 -9.24 -39.47
C TRP S 110 -67.54 -9.06 -38.54
N GLY S 111 -67.32 -8.28 -37.49
CA GLY S 111 -68.42 -7.88 -36.62
C GLY S 111 -69.31 -6.84 -37.27
N GLN S 112 -70.41 -6.54 -36.59
CA GLN S 112 -71.36 -5.57 -37.10
C GLN S 112 -70.83 -4.15 -37.07
N GLY S 113 -69.82 -3.88 -36.24
CA GLY S 113 -69.31 -2.52 -36.08
C GLY S 113 -69.89 -1.82 -34.87
N THR S 114 -69.03 -1.13 -34.11
CA THR S 114 -69.45 -0.40 -32.93
C THR S 114 -68.90 1.02 -33.01
N LEU S 115 -69.81 2.00 -33.01
CA LEU S 115 -69.44 3.40 -33.14
C LEU S 115 -69.27 4.01 -31.75
N VAL S 116 -68.06 4.45 -31.44
CA VAL S 116 -67.75 5.11 -30.17
C VAL S 116 -67.54 6.59 -30.44
N THR S 117 -68.27 7.43 -29.70
CA THR S 117 -68.17 8.88 -29.83
C THR S 117 -67.72 9.46 -28.49
N VAL S 118 -66.54 10.06 -28.48
CA VAL S 118 -65.95 10.65 -27.28
C VAL S 118 -65.99 12.17 -27.43
N SER S 119 -66.85 12.81 -26.65
CA SER S 119 -66.97 14.26 -26.67
C SER S 119 -67.63 14.69 -25.37
N ALA S 120 -67.47 15.99 -25.05
CA ALA S 120 -67.98 16.56 -23.81
C ALA S 120 -69.29 17.31 -24.01
N ALA S 121 -70.03 17.00 -25.07
CA ALA S 121 -71.01 17.91 -25.65
C ALA S 121 -72.41 17.42 -25.31
N LYS S 122 -73.05 18.07 -24.34
CA LYS S 122 -74.48 17.93 -24.11
C LYS S 122 -75.29 18.00 -25.40
N THR S 123 -76.56 17.63 -25.35
CA THR S 123 -77.40 17.57 -26.55
C THR S 123 -78.03 18.93 -26.81
N THR S 124 -77.54 19.60 -27.84
CA THR S 124 -77.97 20.94 -28.24
C THR S 124 -78.84 20.86 -29.49
N PRO S 125 -80.02 21.47 -29.49
CA PRO S 125 -80.86 21.46 -30.69
C PRO S 125 -80.24 22.29 -31.79
N PRO S 126 -80.62 22.05 -33.05
CA PRO S 126 -80.00 22.76 -34.17
C PRO S 126 -80.59 24.15 -34.37
N SER S 127 -79.75 25.03 -34.93
CA SER S 127 -80.17 26.37 -35.33
C SER S 127 -80.30 26.38 -36.85
N VAL S 128 -81.53 26.58 -37.33
CA VAL S 128 -81.83 26.55 -38.76
C VAL S 128 -81.87 27.98 -39.28
N TYR S 129 -81.17 28.23 -40.39
CA TYR S 129 -81.08 29.55 -40.98
C TYR S 129 -81.41 29.46 -42.46
N PRO S 130 -82.34 30.26 -42.97
CA PRO S 130 -82.66 30.22 -44.40
C PRO S 130 -81.55 30.83 -45.23
N LEU S 131 -81.44 30.36 -46.48
CA LEU S 131 -80.45 30.84 -47.44
C LEU S 131 -81.19 31.24 -48.70
N ALA S 132 -81.57 32.53 -48.78
CA ALA S 132 -82.36 33.10 -49.86
C ALA S 132 -81.45 33.87 -50.83
N PRO S 133 -81.86 34.01 -52.09
CA PRO S 133 -81.04 34.77 -53.05
C PRO S 133 -80.99 36.25 -52.69
N GLY S 134 -80.14 36.97 -53.42
CA GLY S 134 -79.90 38.37 -53.12
C GLY S 134 -80.47 39.34 -54.14
N SER S 135 -81.54 40.03 -53.74
CA SER S 135 -82.15 41.12 -54.52
C SER S 135 -82.64 40.54 -55.86
N ALA S 136 -82.39 41.21 -56.99
CA ALA S 136 -82.94 40.80 -58.27
C ALA S 136 -81.86 40.59 -59.33
N ALA S 137 -80.67 40.17 -58.90
CA ALA S 137 -79.53 39.98 -59.79
C ALA S 137 -79.42 38.56 -60.34
N GLN S 138 -80.55 37.84 -60.42
CA GLN S 138 -80.53 36.44 -60.86
C GLN S 138 -81.45 36.23 -62.06
N THR S 139 -82.77 36.37 -61.87
CA THR S 139 -83.78 36.11 -62.89
C THR S 139 -83.69 34.69 -63.44
N ASN S 140 -84.34 34.46 -64.59
CA ASN S 140 -84.41 33.13 -65.19
C ASN S 140 -83.02 32.67 -65.66
N SER S 141 -82.80 31.36 -65.64
CA SER S 141 -83.80 30.37 -65.25
C SER S 141 -83.35 29.48 -64.09
N MET S 142 -84.32 29.04 -63.29
CA MET S 142 -84.14 28.17 -62.14
C MET S 142 -83.43 28.88 -60.99
N VAL S 143 -83.79 28.52 -59.76
CA VAL S 143 -83.27 29.17 -58.56
C VAL S 143 -82.85 28.10 -57.56
N THR S 144 -81.71 28.33 -56.91
CA THR S 144 -81.23 27.47 -55.84
C THR S 144 -81.63 28.05 -54.49
N LEU S 145 -82.15 27.21 -53.61
CA LEU S 145 -82.47 27.58 -52.24
C LEU S 145 -81.74 26.66 -51.28
N GLY S 146 -81.54 27.14 -50.06
CA GLY S 146 -80.77 26.37 -49.10
C GLY S 146 -81.22 26.63 -47.67
N CYS S 147 -80.90 25.67 -46.81
CA CYS S 147 -81.14 25.79 -45.38
C CYS S 147 -79.88 25.34 -44.64
N LEU S 148 -79.41 26.19 -43.73
CA LEU S 148 -78.16 25.96 -43.01
C LEU S 148 -78.47 25.51 -41.59
N VAL S 149 -77.94 24.35 -41.22
CA VAL S 149 -78.14 23.76 -39.89
C VAL S 149 -76.81 23.83 -39.16
N LYS S 150 -76.76 24.63 -38.09
CA LYS S 150 -75.51 24.90 -37.39
C LYS S 150 -75.68 24.69 -35.90
N GLY S 151 -74.61 24.22 -35.27
CA GLY S 151 -74.55 24.11 -33.82
C GLY S 151 -75.49 23.09 -33.21
N TYR S 152 -75.41 21.84 -33.66
CA TYR S 152 -76.23 20.78 -33.13
C TYR S 152 -75.35 19.60 -32.74
N PHE S 153 -75.91 18.72 -31.91
CA PHE S 153 -75.24 17.52 -31.44
C PHE S 153 -76.31 16.60 -30.89
N PRO S 154 -76.27 15.29 -31.18
CA PRO S 154 -75.28 14.68 -32.08
C PRO S 154 -75.82 14.41 -33.48
N GLU S 155 -75.00 13.77 -34.30
CA GLU S 155 -75.44 13.28 -35.60
C GLU S 155 -76.49 12.19 -35.40
N PRO S 156 -77.48 12.09 -36.31
CA PRO S 156 -77.73 12.92 -37.49
C PRO S 156 -78.96 13.82 -37.38
N VAL S 157 -79.22 14.56 -38.46
CA VAL S 157 -80.45 15.33 -38.62
C VAL S 157 -81.06 14.97 -39.97
N THR S 158 -82.39 15.01 -40.02
CA THR S 158 -83.14 14.68 -41.24
C THR S 158 -83.71 15.97 -41.82
N VAL S 159 -83.25 16.33 -43.01
CA VAL S 159 -83.66 17.56 -43.67
C VAL S 159 -84.55 17.20 -44.85
N THR S 160 -85.78 17.67 -44.82
CA THR S 160 -86.72 17.50 -45.92
C THR S 160 -87.23 18.86 -46.36
N TRP S 161 -87.78 18.90 -47.56
CA TRP S 161 -88.27 20.18 -48.07
C TRP S 161 -89.80 20.20 -48.12
N ASN S 162 -90.38 20.05 -49.31
CA ASN S 162 -91.83 20.19 -49.43
C ASN S 162 -92.57 19.01 -48.81
N SER S 163 -92.33 18.75 -47.51
CA SER S 163 -93.04 17.71 -46.77
C SER S 163 -92.92 16.35 -47.45
N GLY S 164 -91.73 16.04 -47.95
CA GLY S 164 -91.48 14.81 -48.67
C GLY S 164 -91.63 14.93 -50.18
N SER S 165 -92.46 15.85 -50.65
CA SER S 165 -92.61 16.05 -52.08
C SER S 165 -91.37 16.69 -52.67
N LEU S 166 -91.18 16.48 -53.98
CA LEU S 166 -90.04 16.98 -54.72
C LEU S 166 -88.72 16.45 -54.15
N SER S 167 -88.22 15.36 -54.71
CA SER S 167 -86.96 14.77 -54.28
C SER S 167 -85.83 14.99 -55.27
N SER S 168 -86.13 15.50 -56.46
CA SER S 168 -85.10 15.76 -57.46
C SER S 168 -84.54 17.17 -57.29
N GLY S 169 -83.27 17.33 -57.64
CA GLY S 169 -82.61 18.61 -57.52
C GLY S 169 -82.23 19.00 -56.11
N VAL S 170 -82.11 18.04 -55.19
CA VAL S 170 -81.74 18.31 -53.82
C VAL S 170 -80.31 17.82 -53.61
N HIS S 171 -79.62 18.46 -52.65
CA HIS S 171 -78.25 18.11 -52.33
C HIS S 171 -78.06 18.23 -50.82
N THR S 172 -77.75 17.11 -50.17
CA THR S 172 -77.49 17.08 -48.73
C THR S 172 -75.98 16.95 -48.52
N PHE S 173 -75.39 17.95 -47.87
CA PHE S 173 -73.94 17.94 -47.70
C PHE S 173 -73.56 17.32 -46.36
N PRO S 174 -72.47 16.57 -46.32
CA PRO S 174 -72.06 15.93 -45.06
C PRO S 174 -71.79 16.95 -43.98
N ALA S 175 -72.04 16.55 -42.74
CA ALA S 175 -71.86 17.45 -41.61
C ALA S 175 -70.38 17.69 -41.33
N VAL S 176 -70.08 18.87 -40.79
CA VAL S 176 -68.72 19.27 -40.42
C VAL S 176 -68.70 19.55 -38.93
N LEU S 177 -67.72 18.99 -38.24
CA LEU S 177 -67.58 19.14 -36.79
C LEU S 177 -66.60 20.27 -36.49
N GLN S 178 -67.07 21.29 -35.78
CA GLN S 178 -66.22 22.39 -35.35
C GLN S 178 -66.69 22.87 -33.98
N SER S 179 -65.74 23.09 -33.08
CA SER S 179 -66.02 23.50 -31.71
C SER S 179 -66.95 22.51 -31.02
N ASP S 180 -66.72 21.22 -31.28
CA ASP S 180 -67.49 20.12 -30.70
C ASP S 180 -68.97 20.19 -31.08
N LEU S 181 -69.30 20.88 -32.17
CA LEU S 181 -70.67 20.96 -32.66
C LEU S 181 -70.68 20.73 -34.16
N TYR S 182 -71.79 20.18 -34.65
CA TYR S 182 -71.91 19.83 -36.05
C TYR S 182 -72.58 20.94 -36.85
N THR S 183 -72.37 20.93 -38.16
CA THR S 183 -72.96 21.90 -39.07
C THR S 183 -73.30 21.22 -40.38
N LEU S 184 -74.56 21.31 -40.79
CA LEU S 184 -75.05 20.68 -42.01
C LEU S 184 -75.57 21.72 -42.98
N SER S 185 -75.51 21.40 -44.27
CA SER S 185 -76.01 22.27 -45.33
C SER S 185 -76.84 21.44 -46.29
N SER S 186 -77.90 22.05 -46.80
CA SER S 186 -78.80 21.40 -47.75
C SER S 186 -79.27 22.41 -48.78
N SER S 187 -79.31 22.01 -50.04
CA SER S 187 -79.72 22.89 -51.13
C SER S 187 -80.74 22.20 -52.01
N VAL S 188 -81.59 23.00 -52.63
CA VAL S 188 -82.62 22.51 -53.54
C VAL S 188 -82.76 23.51 -54.68
N THR S 189 -82.99 23.01 -55.89
CA THR S 189 -83.10 23.84 -57.09
C THR S 189 -84.47 23.65 -57.70
N VAL S 190 -85.20 24.76 -57.85
CA VAL S 190 -86.55 24.75 -58.42
C VAL S 190 -86.62 25.79 -59.52
N PRO S 191 -87.53 25.62 -60.47
CA PRO S 191 -87.68 26.62 -61.54
C PRO S 191 -88.14 27.97 -60.97
N SER S 192 -87.84 29.03 -61.73
CA SER S 192 -88.17 30.37 -61.28
C SER S 192 -89.68 30.59 -61.24
N SER S 193 -90.44 29.86 -62.05
CA SER S 193 -91.89 29.94 -61.99
C SER S 193 -92.48 29.30 -60.74
N THR S 194 -91.67 28.56 -59.98
CA THR S 194 -92.11 27.92 -58.75
C THR S 194 -91.91 28.82 -57.53
N TRP S 195 -90.72 29.39 -57.39
CA TRP S 195 -90.40 30.25 -56.26
C TRP S 195 -90.15 31.68 -56.74
N PRO S 196 -90.68 32.70 -56.04
CA PRO S 196 -91.50 32.58 -54.83
C PRO S 196 -93.00 32.49 -55.11
N SER S 197 -93.38 31.89 -56.25
CA SER S 197 -94.79 31.76 -56.59
C SER S 197 -95.51 30.91 -55.55
N GLU S 198 -95.04 29.67 -55.35
CA GLU S 198 -95.55 28.80 -54.30
C GLU S 198 -94.51 28.65 -53.21
N THR S 199 -94.99 28.40 -51.99
CA THR S 199 -94.12 28.41 -50.82
C THR S 199 -93.14 27.25 -50.87
N VAL S 200 -91.92 27.50 -50.37
CA VAL S 200 -90.88 26.48 -50.24
C VAL S 200 -90.41 26.50 -48.79
N THR S 201 -90.55 25.36 -48.12
CA THR S 201 -90.23 25.24 -46.70
C THR S 201 -89.32 24.05 -46.47
N CYS S 202 -88.31 24.22 -45.63
CA CYS S 202 -87.41 23.14 -45.27
C CYS S 202 -87.68 22.70 -43.83
N ASN S 203 -87.68 21.39 -43.61
CA ASN S 203 -87.96 20.81 -42.31
C ASN S 203 -86.71 20.11 -41.81
N VAL S 204 -86.30 20.44 -40.58
CA VAL S 204 -85.10 19.88 -39.97
C VAL S 204 -85.53 19.11 -38.73
N ALA S 205 -85.40 17.79 -38.77
CA ALA S 205 -85.78 16.93 -37.66
C ALA S 205 -84.51 16.45 -36.97
N HIS S 206 -84.41 16.70 -35.67
CA HIS S 206 -83.28 16.24 -34.87
C HIS S 206 -83.83 15.29 -33.82
N PRO S 207 -83.59 13.97 -33.95
CA PRO S 207 -84.28 13.02 -33.06
C PRO S 207 -83.97 13.23 -31.59
N ALA S 208 -82.74 13.62 -31.25
CA ALA S 208 -82.41 13.79 -29.84
C ALA S 208 -82.87 15.12 -29.27
N SER S 209 -83.32 16.06 -30.11
CA SER S 209 -83.83 17.33 -29.61
C SER S 209 -85.22 17.53 -30.19
N SER S 210 -85.39 18.42 -31.18
CA SER S 210 -86.70 18.83 -31.63
C SER S 210 -86.71 19.09 -33.13
N THR S 211 -87.87 18.88 -33.76
CA THR S 211 -88.07 19.17 -35.16
C THR S 211 -88.31 20.66 -35.38
N LYS S 212 -87.77 21.20 -36.47
CA LYS S 212 -87.96 22.61 -36.80
C LYS S 212 -88.45 22.76 -38.23
N VAL S 213 -89.22 23.82 -38.46
CA VAL S 213 -89.82 24.12 -39.76
C VAL S 213 -89.61 25.60 -40.05
N ASP S 214 -89.05 25.90 -41.22
CA ASP S 214 -88.73 27.27 -41.60
C ASP S 214 -89.05 27.49 -43.07
N LYS S 215 -89.92 28.46 -43.35
CA LYS S 215 -90.28 28.79 -44.71
C LYS S 215 -89.36 29.87 -45.26
N LYS S 216 -89.12 29.81 -46.58
CA LYS S 216 -88.18 30.70 -47.24
C LYS S 216 -88.92 31.86 -47.90
N ILE S 217 -88.51 33.08 -47.57
CA ILE S 217 -89.10 34.30 -48.10
C ILE S 217 -87.98 35.16 -48.68
N VAL S 218 -88.29 35.91 -49.73
CA VAL S 218 -87.35 36.80 -50.39
C VAL S 218 -86.63 37.71 -49.38
N ASP T 1 -42.52 -1.00 -39.17
CA ASP T 1 -43.85 -0.66 -39.67
C ASP T 1 -43.86 -0.60 -41.20
N ILE T 2 -44.45 -1.62 -41.81
CA ILE T 2 -44.51 -1.71 -43.27
C ILE T 2 -45.65 -0.83 -43.75
N VAL T 3 -45.33 0.15 -44.59
CA VAL T 3 -46.31 1.12 -45.07
C VAL T 3 -46.95 0.59 -46.35
N MET T 4 -48.29 0.59 -46.37
CA MET T 4 -49.06 0.19 -47.55
C MET T 4 -49.48 1.46 -48.29
N THR T 5 -48.94 1.65 -49.49
CA THR T 5 -49.19 2.85 -50.29
C THR T 5 -49.97 2.46 -51.54
N GLN T 6 -51.22 2.88 -51.60
CA GLN T 6 -52.04 2.69 -52.79
C GLN T 6 -51.94 3.92 -53.69
N SER T 7 -51.88 3.68 -55.00
CA SER T 7 -51.64 4.72 -55.98
C SER T 7 -52.63 5.87 -55.87
N GLN T 8 -53.88 5.65 -56.28
CA GLN T 8 -54.88 6.70 -56.32
C GLN T 8 -55.95 6.48 -55.24
N LYS T 9 -56.48 7.58 -54.73
CA LYS T 9 -57.55 7.51 -53.74
C LYS T 9 -58.90 7.24 -54.41
N PHE T 10 -59.10 7.72 -55.62
CA PHE T 10 -60.32 7.52 -56.38
C PHE T 10 -59.96 7.01 -57.77
N MET T 11 -60.91 6.28 -58.38
CA MET T 11 -60.70 5.72 -59.70
C MET T 11 -62.02 5.72 -60.45
N SER T 12 -62.00 6.20 -61.69
CA SER T 12 -63.20 6.27 -62.51
C SER T 12 -63.19 5.17 -63.56
N THR T 13 -64.38 4.70 -63.89
CA THR T 13 -64.58 3.62 -64.85
C THR T 13 -66.07 3.46 -65.07
N SER T 14 -66.43 2.60 -66.01
CA SER T 14 -67.83 2.31 -66.29
C SER T 14 -68.07 0.80 -66.29
N VAL T 15 -69.34 0.42 -66.22
CA VAL T 15 -69.72 -0.98 -66.19
C VAL T 15 -69.19 -1.69 -67.42
N GLY T 16 -68.61 -2.87 -67.21
CA GLY T 16 -68.04 -3.67 -68.28
C GLY T 16 -66.55 -3.47 -68.51
N ASP T 17 -65.98 -2.37 -68.02
CA ASP T 17 -64.58 -2.09 -68.25
C ASP T 17 -63.70 -2.96 -67.34
N ARG T 18 -62.39 -2.74 -67.43
CA ARG T 18 -61.41 -3.50 -66.67
C ARG T 18 -60.61 -2.54 -65.80
N VAL T 19 -60.54 -2.84 -64.50
CA VAL T 19 -59.91 -1.96 -63.52
C VAL T 19 -58.78 -2.70 -62.83
N SER T 20 -57.70 -1.98 -62.54
CA SER T 20 -56.54 -2.55 -61.85
C SER T 20 -56.11 -1.57 -60.75
N ILE T 21 -56.15 -2.02 -59.50
CA ILE T 21 -55.75 -1.22 -58.35
C ILE T 21 -54.40 -1.72 -57.88
N THR T 22 -53.48 -0.80 -57.65
CA THR T 22 -52.12 -1.14 -57.27
C THR T 22 -51.87 -0.86 -55.79
N CYS T 23 -51.04 -1.70 -55.18
CA CYS T 23 -50.68 -1.58 -53.77
C CYS T 23 -49.18 -1.83 -53.65
N LYS T 24 -48.44 -0.83 -53.18
CA LYS T 24 -46.99 -0.91 -53.11
C LYS T 24 -46.55 -1.01 -51.64
N ALA T 25 -45.70 -1.98 -51.35
CA ALA T 25 -45.20 -2.22 -50.01
C ALA T 25 -43.84 -1.56 -49.82
N SER T 26 -43.60 -1.08 -48.60
CA SER T 26 -42.30 -0.52 -48.25
C SER T 26 -41.27 -1.59 -47.91
N GLN T 27 -41.67 -2.85 -47.86
CA GLN T 27 -40.76 -3.95 -47.58
C GLN T 27 -41.23 -5.18 -48.34
N ASN T 28 -40.34 -6.16 -48.47
CA ASN T 28 -40.71 -7.42 -49.09
C ASN T 28 -41.61 -8.20 -48.16
N VAL T 29 -42.80 -8.58 -48.65
CA VAL T 29 -43.77 -9.28 -47.83
C VAL T 29 -44.16 -10.58 -48.51
N GLY T 30 -43.38 -10.99 -49.50
CA GLY T 30 -43.66 -12.21 -50.23
C GLY T 30 -45.02 -12.19 -50.89
N THR T 31 -45.92 -13.05 -50.44
CA THR T 31 -47.29 -13.09 -50.92
C THR T 31 -48.31 -12.91 -49.80
N ALA T 32 -47.87 -12.40 -48.65
CA ALA T 32 -48.74 -12.20 -47.49
C ALA T 32 -49.48 -10.87 -47.63
N VAL T 33 -50.37 -10.82 -48.63
CA VAL T 33 -51.19 -9.65 -48.91
C VAL T 33 -52.63 -10.10 -49.13
N ALA T 34 -53.57 -9.38 -48.51
CA ALA T 34 -54.99 -9.64 -48.66
C ALA T 34 -55.70 -8.38 -49.13
N TRP T 35 -56.81 -8.58 -49.84
CA TRP T 35 -57.63 -7.50 -50.35
C TRP T 35 -59.03 -7.57 -49.75
N TYR T 36 -59.61 -6.40 -49.47
CA TYR T 36 -60.95 -6.34 -48.90
C TYR T 36 -61.79 -5.34 -49.68
N GLN T 37 -63.11 -5.55 -49.62
CA GLN T 37 -64.11 -4.66 -50.20
C GLN T 37 -65.01 -4.15 -49.10
N GLN T 38 -65.23 -2.83 -49.07
CA GLN T 38 -66.08 -2.21 -48.06
C GLN T 38 -67.03 -1.24 -48.74
N LYS T 39 -68.33 -1.49 -48.58
CA LYS T 39 -69.37 -0.60 -49.05
C LYS T 39 -69.75 0.38 -47.95
N PRO T 40 -70.29 1.55 -48.31
CA PRO T 40 -70.65 2.53 -47.28
C PRO T 40 -71.68 1.98 -46.31
N GLY T 41 -71.46 2.25 -45.02
CA GLY T 41 -72.37 1.80 -43.99
C GLY T 41 -72.38 0.32 -43.72
N GLN T 42 -71.36 -0.41 -44.15
CA GLN T 42 -71.27 -1.84 -43.95
C GLN T 42 -69.87 -2.21 -43.48
N SER T 43 -69.72 -3.44 -43.02
CA SER T 43 -68.41 -3.93 -42.62
C SER T 43 -67.66 -4.49 -43.83
N PRO T 44 -66.33 -4.40 -43.82
CA PRO T 44 -65.56 -4.93 -44.95
C PRO T 44 -65.77 -6.43 -45.14
N LYS T 45 -65.67 -6.85 -46.40
CA LYS T 45 -65.79 -8.25 -46.78
C LYS T 45 -64.49 -8.69 -47.43
N LEU T 46 -63.99 -9.86 -47.02
CA LEU T 46 -62.75 -10.37 -47.59
C LEU T 46 -62.96 -10.76 -49.05
N MET T 47 -61.99 -10.40 -49.89
CA MET T 47 -62.04 -10.72 -51.31
C MET T 47 -60.92 -11.68 -51.68
N ILE T 48 -59.67 -11.24 -51.60
CA ILE T 48 -58.52 -12.05 -51.96
C ILE T 48 -57.59 -12.10 -50.75
N TYR T 49 -56.98 -13.25 -50.54
CA TYR T 49 -56.01 -13.43 -49.48
C TYR T 49 -54.90 -14.35 -49.99
N PHE T 50 -53.69 -14.16 -49.46
CA PHE T 50 -52.52 -14.90 -49.94
C PHE T 50 -52.18 -14.49 -51.38
N ALA T 51 -52.27 -13.19 -51.64
CA ALA T 51 -51.89 -12.57 -52.90
C ALA T 51 -52.88 -12.87 -54.03
N SER T 52 -53.16 -14.13 -54.31
CA SER T 52 -53.92 -14.46 -55.50
C SER T 52 -54.96 -15.57 -55.28
N ASN T 53 -55.44 -15.78 -54.07
CA ASN T 53 -56.43 -16.82 -53.79
C ASN T 53 -57.74 -16.15 -53.43
N ARG T 54 -58.81 -16.50 -54.15
CA ARG T 54 -60.12 -15.93 -53.86
C ARG T 54 -60.74 -16.64 -52.67
N TYR T 55 -61.41 -15.87 -51.82
CA TYR T 55 -62.11 -16.43 -50.68
C TYR T 55 -63.45 -17.02 -51.11
N THR T 56 -63.93 -18.00 -50.34
CA THR T 56 -65.23 -18.60 -50.60
C THR T 56 -66.30 -17.53 -50.67
N GLY T 57 -66.96 -17.43 -51.82
CA GLY T 57 -67.82 -16.28 -52.04
C GLY T 57 -67.52 -15.52 -53.31
N VAL T 58 -66.25 -15.18 -53.49
CA VAL T 58 -65.87 -14.11 -54.42
C VAL T 58 -65.87 -14.66 -55.84
N PRO T 59 -66.51 -13.99 -56.79
CA PRO T 59 -66.57 -14.49 -58.16
C PRO T 59 -65.22 -14.47 -58.84
N ASP T 60 -65.09 -15.30 -59.88
CA ASP T 60 -63.89 -15.30 -60.72
C ASP T 60 -63.65 -13.95 -61.38
N ARG T 61 -64.61 -13.03 -61.30
CA ARG T 61 -64.42 -11.68 -61.82
C ARG T 61 -63.23 -10.99 -61.18
N PHE T 62 -62.98 -11.24 -59.90
CA PHE T 62 -61.87 -10.61 -59.19
C PHE T 62 -60.63 -11.50 -59.25
N THR T 63 -59.49 -10.90 -59.57
CA THR T 63 -58.23 -11.62 -59.66
C THR T 63 -57.14 -10.79 -58.98
N GLY T 64 -56.39 -11.42 -58.08
CA GLY T 64 -55.27 -10.79 -57.45
C GLY T 64 -53.95 -11.26 -58.05
N SER T 65 -52.92 -10.43 -57.89
CA SER T 65 -51.63 -10.73 -58.48
C SER T 65 -50.56 -9.92 -57.77
N GLY T 66 -49.31 -10.29 -58.01
CA GLY T 66 -48.16 -9.60 -57.44
C GLY T 66 -47.46 -10.45 -56.39
N SER T 67 -46.26 -10.00 -56.05
CA SER T 67 -45.43 -10.67 -55.06
C SER T 67 -44.30 -9.74 -54.66
N GLY T 68 -43.79 -9.92 -53.45
CA GLY T 68 -42.69 -9.13 -52.97
C GLY T 68 -43.09 -7.76 -52.47
N THR T 69 -43.23 -6.81 -53.39
CA THR T 69 -43.54 -5.43 -53.01
C THR T 69 -44.56 -4.75 -53.91
N ASP T 70 -44.93 -5.32 -55.05
CA ASP T 70 -45.94 -4.75 -55.94
C ASP T 70 -47.09 -5.73 -56.07
N PHE T 71 -48.29 -5.30 -55.69
CA PHE T 71 -49.48 -6.13 -55.73
C PHE T 71 -50.60 -5.39 -56.44
N THR T 72 -51.48 -6.15 -57.10
CA THR T 72 -52.51 -5.57 -57.95
C THR T 72 -53.79 -6.37 -57.86
N LEU T 73 -54.92 -5.66 -57.79
CA LEU T 73 -56.25 -6.24 -57.87
C LEU T 73 -56.88 -5.87 -59.20
N THR T 74 -57.38 -6.86 -59.93
CA THR T 74 -57.93 -6.67 -61.27
C THR T 74 -59.39 -7.11 -61.29
N ILE T 75 -60.26 -6.27 -61.88
CA ILE T 75 -61.68 -6.57 -61.98
C ILE T 75 -62.03 -6.63 -63.47
N SER T 76 -61.99 -7.84 -64.04
CA SER T 76 -62.28 -8.11 -65.44
C SER T 76 -63.79 -8.07 -65.69
N ASN T 77 -64.25 -6.96 -66.27
CA ASN T 77 -65.66 -6.71 -66.58
C ASN T 77 -66.40 -6.45 -65.27
N MET T 78 -67.11 -5.33 -65.22
CA MET T 78 -67.63 -4.79 -63.99
C MET T 78 -69.14 -4.90 -63.92
N GLN T 79 -69.65 -4.74 -62.70
CA GLN T 79 -71.06 -4.64 -62.43
C GLN T 79 -71.28 -3.44 -61.50
N SER T 80 -72.54 -3.01 -61.41
CA SER T 80 -72.85 -1.89 -60.51
C SER T 80 -72.54 -2.23 -59.07
N GLU T 81 -72.66 -3.51 -58.69
CA GLU T 81 -72.42 -3.93 -57.31
C GLU T 81 -70.96 -3.87 -56.90
N ASP T 82 -70.05 -3.57 -57.81
CA ASP T 82 -68.62 -3.53 -57.50
C ASP T 82 -68.15 -2.13 -57.10
N LEU T 83 -69.04 -1.14 -57.06
CA LEU T 83 -68.67 0.20 -56.67
C LEU T 83 -68.56 0.27 -55.15
N ALA T 84 -67.34 0.32 -54.64
CA ALA T 84 -67.08 0.35 -53.20
C ALA T 84 -65.61 0.67 -52.99
N ASP T 85 -65.19 0.68 -51.73
CA ASP T 85 -63.80 0.89 -51.38
C ASP T 85 -63.04 -0.42 -51.39
N TYR T 86 -61.74 -0.35 -51.71
CA TYR T 86 -60.88 -1.51 -51.78
C TYR T 86 -59.60 -1.25 -51.00
N PHE T 87 -59.29 -2.13 -50.05
CA PHE T 87 -58.12 -2.01 -49.21
C PHE T 87 -57.18 -3.19 -49.43
N CYS T 88 -55.88 -2.93 -49.32
CA CYS T 88 -54.87 -3.98 -49.28
C CYS T 88 -54.24 -4.03 -47.89
N GLN T 89 -53.89 -5.24 -47.46
CA GLN T 89 -53.39 -5.45 -46.10
C GLN T 89 -52.15 -6.32 -46.15
N GLN T 90 -51.19 -6.01 -45.29
CA GLN T 90 -49.98 -6.79 -45.14
C GLN T 90 -50.01 -7.56 -43.84
N TYR T 91 -49.62 -8.83 -43.88
CA TYR T 91 -49.53 -9.66 -42.68
C TYR T 91 -48.26 -10.48 -42.70
N SER T 92 -47.16 -9.88 -43.16
CA SER T 92 -45.88 -10.56 -43.12
C SER T 92 -45.24 -10.45 -41.74
N SER T 93 -45.40 -9.31 -41.08
CA SER T 93 -44.86 -9.11 -39.75
C SER T 93 -45.70 -8.07 -39.03
N TYR T 94 -45.69 -8.14 -37.70
CA TYR T 94 -46.43 -7.19 -36.90
C TYR T 94 -45.71 -5.84 -36.87
N PRO T 95 -46.46 -4.73 -36.78
CA PRO T 95 -47.93 -4.68 -36.73
C PRO T 95 -48.57 -4.78 -38.12
N LEU T 96 -49.78 -5.31 -38.17
CA LEU T 96 -50.52 -5.38 -39.43
C LEU T 96 -50.92 -3.97 -39.87
N THR T 97 -50.79 -3.72 -41.17
CA THR T 97 -51.08 -2.41 -41.72
C THR T 97 -51.99 -2.53 -42.94
N PHE T 98 -52.75 -1.47 -43.20
CA PHE T 98 -53.65 -1.39 -44.33
C PHE T 98 -53.25 -0.21 -45.22
N GLY T 99 -53.75 -0.24 -46.46
CA GLY T 99 -53.51 0.85 -47.39
C GLY T 99 -54.61 1.91 -47.33
N ALA T 100 -54.34 3.02 -47.99
CA ALA T 100 -55.31 4.10 -48.06
C ALA T 100 -56.52 3.67 -48.87
N GLY T 101 -57.63 4.38 -48.70
CA GLY T 101 -58.85 4.04 -49.39
C GLY T 101 -58.73 4.22 -50.89
N THR T 102 -59.50 3.42 -51.63
CA THR T 102 -59.56 3.51 -53.09
C THR T 102 -61.02 3.34 -53.50
N LYS T 103 -61.61 4.43 -53.99
CA LYS T 103 -63.02 4.45 -54.39
C LYS T 103 -63.16 4.16 -55.88
N LEU T 104 -64.03 3.21 -56.22
CA LEU T 104 -64.36 2.93 -57.61
C LEU T 104 -65.68 3.63 -57.93
N GLU T 105 -65.62 4.54 -58.89
CA GLU T 105 -66.73 5.42 -59.26
C GLU T 105 -67.11 5.28 -60.73
N LEU T 106 -68.33 5.71 -61.05
CA LEU T 106 -68.81 5.68 -62.42
C LEU T 106 -68.47 7.00 -63.10
N LYS T 107 -68.07 6.91 -64.36
CA LYS T 107 -67.65 8.08 -65.14
C LYS T 107 -68.78 8.68 -65.93
N ARG T 108 -68.80 10.01 -66.00
CA ARG T 108 -69.75 10.77 -66.80
C ARG T 108 -68.96 11.67 -67.74
N ALA T 109 -69.47 12.86 -68.01
CA ALA T 109 -68.81 13.83 -68.90
C ALA T 109 -68.36 15.04 -68.09
N ASP T 110 -67.44 15.81 -68.66
CA ASP T 110 -66.88 16.94 -67.94
C ASP T 110 -67.93 18.04 -67.83
N ALA T 111 -68.45 18.25 -66.62
CA ALA T 111 -69.43 19.29 -66.36
C ALA T 111 -68.80 20.45 -65.59
N ALA T 112 -69.33 21.65 -65.81
CA ALA T 112 -68.96 22.84 -65.05
C ALA T 112 -69.90 23.00 -63.85
N PRO T 113 -69.39 23.48 -62.71
CA PRO T 113 -70.25 23.59 -61.52
C PRO T 113 -71.28 24.69 -61.68
N THR T 114 -72.31 24.61 -60.83
CA THR T 114 -73.32 25.66 -60.73
C THR T 114 -73.14 26.32 -59.37
N VAL T 115 -72.83 27.61 -59.40
CA VAL T 115 -72.41 28.35 -58.22
C VAL T 115 -73.52 29.30 -57.80
N SER T 116 -73.89 29.25 -56.53
CA SER T 116 -74.91 30.14 -55.97
C SER T 116 -74.42 30.62 -54.61
N ILE T 117 -74.35 31.93 -54.44
CA ILE T 117 -73.89 32.54 -53.19
C ILE T 117 -75.11 33.10 -52.46
N PHE T 118 -75.09 33.02 -51.14
CA PHE T 118 -76.21 33.46 -50.32
C PHE T 118 -75.70 34.28 -49.15
N PRO T 119 -76.11 35.54 -49.01
CA PRO T 119 -75.71 36.34 -47.85
C PRO T 119 -76.37 35.83 -46.59
N PRO T 120 -75.88 36.24 -45.42
CA PRO T 120 -76.55 35.82 -44.17
C PRO T 120 -77.99 36.31 -44.13
N SER T 121 -78.86 35.45 -43.59
CA SER T 121 -80.27 35.80 -43.48
C SER T 121 -80.46 36.88 -42.41
N SER T 122 -81.58 37.61 -42.54
CA SER T 122 -81.92 38.62 -41.55
C SER T 122 -82.15 37.99 -40.18
N GLU T 123 -82.58 36.73 -40.15
CA GLU T 123 -82.83 36.05 -38.88
C GLU T 123 -81.53 35.74 -38.15
N GLN T 124 -80.51 35.27 -38.89
CA GLN T 124 -79.23 34.95 -38.26
C GLN T 124 -78.51 36.19 -37.76
N LEU T 125 -78.71 37.33 -38.43
CA LEU T 125 -78.10 38.58 -37.98
C LEU T 125 -78.69 39.08 -36.67
N THR T 126 -79.82 38.53 -36.23
CA THR T 126 -80.35 38.87 -34.92
C THR T 126 -79.63 38.14 -33.79
N SER T 127 -78.91 37.07 -34.11
CA SER T 127 -78.17 36.30 -33.12
C SER T 127 -76.73 36.78 -32.95
N GLY T 128 -76.32 37.81 -33.68
CA GLY T 128 -74.96 38.28 -33.61
C GLY T 128 -73.97 37.55 -34.48
N GLY T 129 -74.44 36.63 -35.33
CA GLY T 129 -73.57 35.90 -36.23
C GLY T 129 -73.96 36.08 -37.69
N ALA T 130 -73.02 35.81 -38.60
CA ALA T 130 -73.25 35.98 -40.02
C ALA T 130 -72.52 34.89 -40.78
N SER T 131 -73.28 34.07 -41.51
CA SER T 131 -72.72 32.98 -42.30
C SER T 131 -73.05 33.21 -43.77
N VAL T 132 -72.03 33.20 -44.62
CA VAL T 132 -72.17 33.32 -46.06
C VAL T 132 -71.89 31.95 -46.66
N VAL T 133 -72.86 31.40 -47.39
CA VAL T 133 -72.73 30.07 -47.96
C VAL T 133 -72.55 30.20 -49.47
N CYS T 134 -71.97 29.15 -50.06
CA CYS T 134 -71.72 29.12 -51.49
C CYS T 134 -71.84 27.68 -51.95
N PHE T 135 -72.87 27.38 -52.73
CA PHE T 135 -73.11 26.01 -53.21
C PHE T 135 -72.50 25.82 -54.58
N LEU T 136 -71.75 24.72 -54.73
CA LEU T 136 -71.16 24.31 -56.00
C LEU T 136 -71.77 22.96 -56.34
N ASN T 137 -72.74 22.94 -57.24
CA ASN T 137 -73.56 21.76 -57.48
C ASN T 137 -73.32 21.19 -58.87
N ASN T 138 -73.26 19.87 -58.94
CA ASN T 138 -73.28 19.12 -60.21
C ASN T 138 -72.06 19.47 -61.07
N PHE T 139 -70.89 19.16 -60.57
CA PHE T 139 -69.65 19.34 -61.31
C PHE T 139 -68.90 18.02 -61.40
N TYR T 140 -68.01 17.93 -62.39
CA TYR T 140 -67.13 16.78 -62.58
C TYR T 140 -65.95 17.24 -63.41
N PRO T 141 -64.71 16.88 -63.06
CA PRO T 141 -64.36 15.99 -61.93
C PRO T 141 -64.38 16.67 -60.55
N LYS T 142 -63.86 15.96 -59.55
CA LYS T 142 -63.91 16.41 -58.16
C LYS T 142 -63.00 17.60 -57.90
N ASP T 143 -61.87 17.69 -58.60
CA ASP T 143 -60.88 18.70 -58.30
C ASP T 143 -61.43 20.09 -58.56
N ILE T 144 -61.56 20.88 -57.49
CA ILE T 144 -62.10 22.23 -57.58
C ILE T 144 -61.60 23.01 -56.38
N ASN T 145 -61.43 24.32 -56.56
CA ASN T 145 -60.93 25.19 -55.50
C ASN T 145 -61.87 26.38 -55.36
N VAL T 146 -62.22 26.71 -54.13
CA VAL T 146 -63.09 27.84 -53.82
C VAL T 146 -62.26 28.92 -53.14
N LYS T 147 -62.45 30.16 -53.57
CA LYS T 147 -61.73 31.31 -53.02
C LYS T 147 -62.74 32.33 -52.53
N TRP T 148 -62.62 32.71 -51.26
CA TRP T 148 -63.47 33.73 -50.67
C TRP T 148 -62.75 35.07 -50.69
N LYS T 149 -63.45 36.11 -51.14
CA LYS T 149 -62.91 37.47 -51.18
C LYS T 149 -63.81 38.39 -50.37
N ILE T 150 -63.22 39.14 -49.46
CA ILE T 150 -63.92 40.16 -48.69
C ILE T 150 -63.30 41.50 -49.07
N ASP T 151 -64.07 42.34 -49.77
CA ASP T 151 -63.58 43.59 -50.34
C ASP T 151 -62.37 43.33 -51.23
N GLY T 152 -62.41 42.24 -51.98
CA GLY T 152 -61.34 41.88 -52.88
C GLY T 152 -60.17 41.15 -52.24
N SER T 153 -60.13 41.08 -50.91
CA SER T 153 -59.03 40.44 -50.20
C SER T 153 -59.41 39.00 -49.86
N GLU T 154 -58.50 38.07 -50.12
CA GLU T 154 -58.76 36.66 -49.86
C GLU T 154 -58.87 36.41 -48.35
N ARG T 155 -59.90 35.67 -47.96
CA ARG T 155 -60.17 35.35 -46.57
C ARG T 155 -59.98 33.85 -46.36
N GLN T 156 -59.08 33.48 -45.45
CA GLN T 156 -58.77 32.09 -45.17
C GLN T 156 -59.44 31.57 -43.89
N ASN T 157 -59.37 32.35 -42.81
CA ASN T 157 -59.94 31.89 -41.55
C ASN T 157 -61.47 31.97 -41.58
N GLY T 158 -62.11 31.01 -40.94
CA GLY T 158 -63.56 30.99 -40.82
C GLY T 158 -64.30 30.26 -41.91
N VAL T 159 -63.60 29.54 -42.78
CA VAL T 159 -64.24 28.81 -43.88
C VAL T 159 -64.42 27.37 -43.47
N LEU T 160 -65.59 26.81 -43.79
CA LEU T 160 -65.89 25.40 -43.55
C LEU T 160 -66.37 24.79 -44.86
N ASN T 161 -65.71 23.73 -45.30
CA ASN T 161 -66.05 23.08 -46.57
C ASN T 161 -66.61 21.69 -46.31
N SER T 162 -67.59 21.30 -47.12
CA SER T 162 -68.20 19.98 -47.03
C SER T 162 -68.47 19.48 -48.43
N ALA T 163 -67.66 18.51 -48.88
CA ALA T 163 -67.79 17.96 -50.22
C ALA T 163 -68.68 16.73 -50.20
N THR T 164 -69.59 16.66 -51.18
CA THR T 164 -70.49 15.53 -51.31
C THR T 164 -69.82 14.43 -52.15
N ASP T 165 -70.22 13.19 -51.89
CA ASP T 165 -69.74 12.08 -52.68
C ASP T 165 -70.45 12.07 -54.03
N GLN T 166 -70.07 11.13 -54.90
CA GLN T 166 -70.65 11.07 -56.23
C GLN T 166 -72.14 10.75 -56.15
N ASP T 167 -72.94 11.54 -56.86
CA ASP T 167 -74.38 11.34 -56.86
C ASP T 167 -74.75 10.02 -57.52
N SER T 168 -75.67 9.28 -56.91
CA SER T 168 -76.04 7.97 -57.41
C SER T 168 -76.85 8.04 -58.70
N LYS T 169 -77.38 9.21 -59.06
CA LYS T 169 -78.26 9.34 -60.21
C LYS T 169 -77.57 9.88 -61.45
N ASP T 170 -76.75 10.93 -61.31
CA ASP T 170 -76.09 11.54 -62.47
C ASP T 170 -74.58 11.60 -62.32
N SER T 171 -74.03 10.97 -61.28
CA SER T 171 -72.59 10.81 -61.13
C SER T 171 -71.86 12.15 -61.00
N THR T 172 -72.55 13.18 -60.53
CA THR T 172 -71.95 14.49 -60.32
C THR T 172 -71.58 14.67 -58.85
N TYR T 173 -70.84 15.75 -58.58
CA TYR T 173 -70.39 16.05 -57.24
C TYR T 173 -70.92 17.43 -56.81
N SER T 174 -70.98 17.64 -55.50
CA SER T 174 -71.44 18.90 -54.94
C SER T 174 -70.56 19.29 -53.77
N MET T 175 -70.53 20.59 -53.49
CA MET T 175 -69.70 21.13 -52.42
C MET T 175 -70.36 22.36 -51.83
N SER T 176 -70.32 22.47 -50.50
CA SER T 176 -70.84 23.63 -49.79
C SER T 176 -69.70 24.28 -49.01
N SER T 177 -69.59 25.60 -49.13
CA SER T 177 -68.58 26.37 -48.43
C SER T 177 -69.26 27.48 -47.65
N THR T 178 -68.99 27.53 -46.34
CA THR T 178 -69.65 28.47 -45.44
C THR T 178 -68.59 29.32 -44.76
N LEU T 179 -68.65 30.63 -44.98
CA LEU T 179 -67.79 31.60 -44.31
C LEU T 179 -68.58 32.22 -43.16
N THR T 180 -68.18 31.91 -41.94
CA THR T 180 -68.90 32.34 -40.74
C THR T 180 -68.10 33.44 -40.05
N LEU T 181 -68.69 34.62 -39.94
CA LEU T 181 -68.09 35.76 -39.28
C LEU T 181 -69.04 36.30 -38.21
N THR T 182 -68.50 37.13 -37.33
CA THR T 182 -69.35 37.86 -36.40
C THR T 182 -70.12 38.94 -37.15
N LYS T 183 -71.26 39.33 -36.58
CA LYS T 183 -72.06 40.38 -37.20
C LYS T 183 -71.29 41.70 -37.25
N ASP T 184 -70.52 42.00 -36.20
CA ASP T 184 -69.72 43.21 -36.18
C ASP T 184 -68.73 43.22 -37.34
N GLU T 185 -68.04 42.10 -37.56
CA GLU T 185 -67.08 42.05 -38.65
C GLU T 185 -67.76 41.99 -40.02
N TYR T 186 -68.93 41.35 -40.11
CA TYR T 186 -69.66 41.30 -41.36
C TYR T 186 -70.09 42.70 -41.81
N GLU T 187 -70.50 43.54 -40.85
CA GLU T 187 -70.97 44.88 -41.17
C GLU T 187 -69.84 45.88 -41.40
N ARG T 188 -68.58 45.47 -41.24
CA ARG T 188 -67.45 46.36 -41.49
C ARG T 188 -66.91 46.25 -42.91
N HIS T 189 -67.49 45.39 -43.74
CA HIS T 189 -67.08 45.24 -45.13
C HIS T 189 -68.31 45.22 -46.01
N ASN T 190 -68.10 45.50 -47.30
CA ASN T 190 -69.18 45.65 -48.27
C ASN T 190 -69.22 44.53 -49.30
N SER T 191 -68.08 44.19 -49.90
CA SER T 191 -68.03 43.26 -51.02
C SER T 191 -67.67 41.85 -50.52
N TYR T 192 -68.50 40.88 -50.91
CA TYR T 192 -68.26 39.47 -50.62
C TYR T 192 -68.34 38.68 -51.91
N THR T 193 -67.35 37.83 -52.16
CA THR T 193 -67.21 37.15 -53.44
C THR T 193 -66.83 35.70 -53.22
N CYS T 194 -67.50 34.80 -53.94
CA CYS T 194 -67.19 33.38 -53.94
C CYS T 194 -66.78 32.98 -55.36
N GLU T 195 -65.52 32.56 -55.51
CA GLU T 195 -64.98 32.19 -56.82
C GLU T 195 -64.67 30.71 -56.86
N ALA T 196 -65.17 30.04 -57.89
CA ALA T 196 -64.95 28.62 -58.11
C ALA T 196 -64.11 28.43 -59.37
N THR T 197 -62.94 27.81 -59.24
CA THR T 197 -62.09 27.49 -60.36
C THR T 197 -62.11 25.98 -60.59
N HIS T 198 -62.39 25.58 -61.82
CA HIS T 198 -62.54 24.18 -62.18
C HIS T 198 -61.95 23.95 -63.57
N LYS T 199 -61.53 22.72 -63.84
CA LYS T 199 -60.83 22.43 -65.09
C LYS T 199 -61.71 22.58 -66.32
N THR T 200 -63.03 22.68 -66.16
CA THR T 200 -63.93 22.85 -67.30
C THR T 200 -63.94 24.27 -67.86
N SER T 201 -63.25 25.21 -67.20
CA SER T 201 -63.16 26.57 -67.69
C SER T 201 -61.83 27.16 -67.25
N THR T 202 -61.20 27.94 -68.13
CA THR T 202 -59.91 28.54 -67.83
C THR T 202 -60.05 29.84 -67.04
N SER T 203 -61.27 30.27 -66.73
CA SER T 203 -61.52 31.42 -65.88
C SER T 203 -62.46 31.01 -64.75
N PRO T 204 -62.25 31.55 -63.55
CA PRO T 204 -63.09 31.14 -62.41
C PRO T 204 -64.51 31.66 -62.54
N ILE T 205 -65.45 30.89 -62.00
CA ILE T 205 -66.85 31.30 -61.94
C ILE T 205 -67.04 32.16 -60.69
N VAL T 206 -67.46 33.41 -60.89
CA VAL T 206 -67.50 34.40 -59.83
C VAL T 206 -68.95 34.73 -59.50
N LYS T 207 -69.32 34.58 -58.23
CA LYS T 207 -70.61 35.02 -57.72
C LYS T 207 -70.34 35.94 -56.53
N SER T 208 -70.96 37.11 -56.54
CA SER T 208 -70.66 38.12 -55.54
C SER T 208 -71.93 38.91 -55.20
N PHE T 209 -71.86 39.64 -54.09
CA PHE T 209 -72.90 40.55 -53.68
C PHE T 209 -72.26 41.66 -52.84
N ASN T 210 -72.96 42.78 -52.74
CA ASN T 210 -72.55 43.90 -51.90
C ASN T 210 -73.51 44.03 -50.72
N ARG T 211 -72.94 44.24 -49.53
CA ARG T 211 -73.74 44.33 -48.32
C ARG T 211 -74.69 45.52 -48.38
N ASN T 212 -74.21 46.66 -48.87
CA ASN T 212 -75.07 47.84 -48.95
C ASN T 212 -76.18 47.67 -49.97
N GLU T 213 -75.85 47.16 -51.16
CA GLU T 213 -76.84 46.99 -52.21
C GLU T 213 -77.79 45.83 -51.93
N CYS T 214 -77.47 44.96 -50.97
CA CYS T 214 -78.36 43.86 -50.61
C CYS T 214 -78.19 43.48 -49.13
N GLU U 1 72.98 30.05 29.58
CA GLU U 1 73.57 30.84 30.65
C GLU U 1 72.83 30.65 31.97
N VAL U 2 72.06 29.57 32.05
CA VAL U 2 71.28 29.26 33.25
C VAL U 2 71.79 27.91 33.76
N GLN U 3 72.86 27.93 34.55
CA GLN U 3 73.40 26.75 35.18
C GLN U 3 73.55 27.00 36.67
N LEU U 4 73.49 25.91 37.44
CA LEU U 4 73.51 25.97 38.90
C LEU U 4 74.77 25.31 39.41
N GLN U 5 75.58 26.07 40.15
CA GLN U 5 76.82 25.57 40.73
C GLN U 5 76.59 25.25 42.20
N GLN U 6 77.12 24.09 42.64
CA GLN U 6 76.88 23.64 43.99
C GLN U 6 78.17 23.76 44.82
N SER U 7 78.16 23.10 45.97
CA SER U 7 79.29 23.21 46.91
C SER U 7 80.46 22.35 46.49
N GLY U 8 80.21 21.08 46.14
CA GLY U 8 81.28 20.16 45.84
C GLY U 8 81.21 18.91 46.70
N ALA U 9 81.81 17.82 46.24
CA ALA U 9 81.75 16.56 46.97
C ALA U 9 82.44 16.68 48.32
N GLU U 10 81.95 15.92 49.29
CA GLU U 10 82.50 15.96 50.64
C GLU U 10 82.44 14.57 51.26
N VAL U 11 83.52 14.21 51.95
CA VAL U 11 83.59 12.95 52.69
C VAL U 11 83.44 13.29 54.18
N VAL U 12 82.41 12.75 54.81
CA VAL U 12 82.07 13.07 56.18
C VAL U 12 81.99 11.78 57.00
N ARG U 13 82.50 11.83 58.23
CA ARG U 13 82.30 10.73 59.15
C ARG U 13 80.84 10.70 59.64
N SER U 14 80.45 9.53 60.13
CA SER U 14 79.09 9.37 60.63
C SER U 14 78.87 10.18 61.90
N GLY U 15 77.70 10.80 62.01
CA GLY U 15 77.35 11.59 63.17
C GLY U 15 77.69 13.05 63.09
N ALA U 16 78.13 13.55 61.93
CA ALA U 16 78.46 14.95 61.75
C ALA U 16 77.55 15.56 60.69
N SER U 17 77.39 16.87 60.76
CA SER U 17 76.53 17.59 59.83
C SER U 17 77.32 18.06 58.62
N VAL U 18 76.61 18.23 57.50
CA VAL U 18 77.19 18.74 56.27
C VAL U 18 76.22 19.75 55.67
N LYS U 19 76.77 20.77 55.03
CA LYS U 19 75.98 21.85 54.45
C LYS U 19 76.31 21.96 52.96
N LEU U 20 75.29 21.79 52.12
CA LEU U 20 75.43 21.91 50.67
C LEU U 20 74.88 23.25 50.22
N SER U 21 75.48 23.79 49.17
CA SER U 21 75.08 25.09 48.64
C SER U 21 74.71 24.98 47.17
N CYS U 22 73.90 25.93 46.71
CA CYS U 22 73.55 26.07 45.30
C CYS U 22 73.84 27.52 44.90
N THR U 23 73.65 27.84 43.61
CA THR U 23 74.01 29.16 43.12
C THR U 23 73.08 29.53 41.96
N ALA U 24 72.85 30.85 41.82
CA ALA U 24 72.13 31.44 40.70
C ALA U 24 70.65 31.04 40.66
N SER U 25 70.10 30.58 41.78
CA SER U 25 68.68 30.30 41.90
C SER U 25 68.20 30.88 43.23
N GLY U 26 67.40 31.93 43.17
CA GLY U 26 67.02 32.63 44.38
C GLY U 26 67.54 34.06 44.38
N PHE U 27 66.79 34.97 43.78
CA PHE U 27 67.16 36.37 43.64
C PHE U 27 66.09 37.26 44.27
N ASN U 28 66.41 38.53 44.43
CA ASN U 28 65.35 39.47 44.79
C ASN U 28 64.39 39.58 43.62
N ILE U 29 63.09 39.66 43.95
CA ILE U 29 61.95 39.97 43.10
C ILE U 29 61.63 38.73 42.28
N LYS U 30 62.52 37.73 42.36
CA LYS U 30 62.33 36.43 41.71
C LYS U 30 62.67 35.34 42.72
N ASP U 31 61.71 34.51 43.14
CA ASP U 31 60.34 34.14 42.69
C ASP U 31 60.36 32.62 42.63
N TYR U 32 61.46 32.12 42.05
CA TYR U 32 61.74 30.70 41.82
C TYR U 32 61.16 29.73 42.84
N ALA U 33 61.00 28.47 42.46
CA ALA U 33 60.64 27.40 43.38
C ALA U 33 61.77 26.38 43.35
N ILE U 34 62.64 26.44 44.35
CA ILE U 34 63.82 25.58 44.38
C ILE U 34 63.44 24.24 45.01
N HIS U 35 63.84 23.16 44.37
CA HIS U 35 63.63 21.81 44.89
C HIS U 35 64.98 21.11 45.04
N TRP U 36 65.01 20.13 45.94
CA TRP U 36 66.20 19.31 46.15
C TRP U 36 65.84 17.85 45.98
N VAL U 37 66.69 17.11 45.27
CA VAL U 37 66.46 15.72 44.96
C VAL U 37 67.65 14.90 45.42
N LYS U 38 67.37 13.78 46.07
CA LYS U 38 68.39 12.84 46.51
C LYS U 38 68.41 11.63 45.58
N GLN U 39 69.61 11.21 45.19
CA GLN U 39 69.77 10.08 44.27
C GLN U 39 70.62 9.01 44.94
N ARG U 40 69.96 7.97 45.42
CA ARG U 40 70.60 6.79 46.01
C ARG U 40 70.75 5.71 44.94
N PRO U 41 71.91 5.05 44.83
CA PRO U 41 72.08 4.01 43.80
C PRO U 41 71.05 2.89 43.87
N GLU U 42 70.24 2.81 44.92
CA GLU U 42 69.22 1.77 45.05
C GLU U 42 67.80 2.29 44.96
N LYS U 43 67.53 3.50 45.47
CA LYS U 43 66.17 4.03 45.54
C LYS U 43 65.84 4.99 44.41
N GLY U 44 66.76 5.20 43.47
CA GLY U 44 66.46 6.10 42.36
C GLY U 44 66.47 7.54 42.82
N LEU U 45 65.42 8.28 42.45
CA LEU U 45 65.29 9.69 42.81
C LEU U 45 64.28 9.85 43.95
N GLU U 46 64.61 10.72 44.90
CA GLU U 46 63.73 11.03 46.03
C GLU U 46 63.65 12.54 46.18
N TRP U 47 62.42 13.06 46.20
CA TRP U 47 62.22 14.48 46.40
C TRP U 47 62.39 14.84 47.87
N ILE U 48 63.11 15.93 48.13
CA ILE U 48 63.43 16.33 49.50
C ILE U 48 62.44 17.39 49.96
N GLY U 49 62.42 18.53 49.28
CA GLY U 49 61.54 19.61 49.69
C GLY U 49 61.54 20.71 48.66
N ALA U 50 60.58 21.63 48.84
CA ALA U 50 60.39 22.77 47.95
C ALA U 50 60.50 24.05 48.76
N ILE U 51 61.45 24.90 48.39
CA ILE U 51 61.67 26.19 49.02
C ILE U 51 61.49 27.29 47.98
N ASP U 52 60.82 28.36 48.39
CA ASP U 52 60.53 29.49 47.54
C ASP U 52 61.33 30.67 48.04
N PRO U 53 62.37 31.10 47.32
CA PRO U 53 63.09 32.32 47.71
C PRO U 53 62.12 33.49 47.74
N GLU U 54 62.36 34.40 48.68
CA GLU U 54 61.41 35.47 49.00
C GLU U 54 60.19 34.77 49.61
N TYR U 55 59.70 35.27 50.76
CA TYR U 55 58.57 34.73 51.53
C TYR U 55 59.14 33.67 52.47
N GLY U 56 60.15 32.92 52.02
CA GLY U 56 60.73 31.90 52.87
C GLY U 56 59.92 30.64 52.97
N ASP U 57 59.11 30.33 51.94
CA ASP U 57 58.25 29.18 51.99
C ASP U 57 59.06 27.91 52.19
N THR U 58 58.50 26.94 52.91
CA THR U 58 59.23 25.71 53.18
C THR U 58 58.26 24.55 53.20
N GLU U 59 58.58 23.50 52.45
CA GLU U 59 57.85 22.24 52.49
C GLU U 59 58.84 21.10 52.45
N TYR U 60 58.55 20.03 53.18
CA TYR U 60 59.44 18.89 53.33
C TYR U 60 58.67 17.60 53.08
N VAL U 61 59.39 16.49 53.13
CA VAL U 61 58.81 15.15 53.09
C VAL U 61 58.84 14.60 54.51
N PRO U 62 57.76 13.94 54.97
CA PRO U 62 57.77 13.35 56.32
C PRO U 62 58.95 12.40 56.55
N LYS U 63 59.46 11.83 55.46
CA LYS U 63 60.64 10.98 55.57
C LYS U 63 61.88 11.80 55.97
N PHE U 64 62.00 13.02 55.45
CA PHE U 64 63.20 13.83 55.62
C PHE U 64 63.05 14.91 56.69
N GLN U 65 61.88 15.07 57.27
CA GLN U 65 61.68 16.05 58.32
C GLN U 65 62.51 15.67 59.55
N GLY U 66 63.33 16.61 60.01
CA GLY U 66 64.27 16.36 61.08
C GLY U 66 65.64 15.89 60.62
N LYS U 67 65.76 15.46 59.37
CA LYS U 67 67.04 15.09 58.78
C LYS U 67 67.61 16.19 57.90
N ALA U 68 66.78 16.83 57.08
CA ALA U 68 67.23 17.88 56.17
C ALA U 68 66.66 19.21 56.64
N THR U 69 67.52 20.22 56.69
CA THR U 69 67.13 21.59 57.03
C THR U 69 67.42 22.49 55.85
N MET U 70 66.44 23.31 55.48
CA MET U 70 66.54 24.17 54.30
C MET U 70 66.54 25.64 54.71
N THR U 71 67.42 26.41 54.09
CA THR U 71 67.54 27.84 54.36
C THR U 71 67.66 28.59 53.04
N ALA U 72 67.31 29.87 53.07
CA ALA U 72 67.37 30.71 51.89
C ALA U 72 67.89 32.09 52.25
N ASP U 73 68.95 32.52 51.56
CA ASP U 73 69.53 33.85 51.70
C ASP U 73 69.06 34.71 50.53
N THR U 74 68.33 35.78 50.84
CA THR U 74 67.73 36.59 49.77
C THR U 74 68.80 37.27 48.92
N SER U 75 69.86 37.78 49.55
CA SER U 75 70.98 38.32 48.77
C SER U 75 71.67 37.19 48.01
N SER U 76 72.26 37.52 46.87
CA SER U 76 72.87 36.55 45.96
C SER U 76 71.84 35.43 45.75
N ASN U 77 72.12 34.10 45.68
CA ASN U 77 72.89 33.15 46.50
C ASN U 77 72.05 31.88 46.53
N THR U 78 72.33 31.00 47.49
CA THR U 78 71.45 29.89 47.90
C THR U 78 71.20 28.86 46.78
N ALA U 79 70.90 27.61 47.14
CA ALA U 79 70.05 27.19 48.24
C ALA U 79 70.82 26.22 49.11
N TYR U 80 70.82 26.49 50.42
CA TYR U 80 71.57 25.70 51.38
C TYR U 80 70.73 24.53 51.88
N LEU U 81 71.29 23.32 51.79
CA LEU U 81 70.68 22.11 52.31
C LEU U 81 71.67 21.47 53.28
N GLN U 82 71.27 21.29 54.54
CA GLN U 82 72.15 20.66 55.53
C GLN U 82 71.47 19.44 56.13
N LEU U 83 72.28 18.41 56.37
CA LEU U 83 71.83 17.16 56.93
C LEU U 83 72.49 16.93 58.28
N SER U 84 71.73 16.38 59.22
CA SER U 84 72.20 16.27 60.61
C SER U 84 73.05 15.04 60.87
N SER U 85 72.54 14.12 61.69
CA SER U 85 73.26 12.88 62.01
C SER U 85 73.37 12.06 60.73
N LEU U 86 74.52 12.14 60.08
CA LEU U 86 74.70 11.47 58.80
C LEU U 86 74.96 10.00 59.04
N THR U 87 74.25 9.16 58.31
CA THR U 87 74.37 7.71 58.39
C THR U 87 74.74 7.16 57.03
N SER U 88 74.85 5.83 56.94
CA SER U 88 75.22 5.19 55.68
C SER U 88 74.15 5.35 54.61
N GLU U 89 72.90 5.57 55.00
CA GLU U 89 71.82 5.74 54.04
C GLU U 89 71.78 7.12 53.42
N ASP U 90 72.62 8.05 53.87
CA ASP U 90 72.68 9.39 53.31
C ASP U 90 73.74 9.54 52.23
N THR U 91 74.54 8.51 51.99
CA THR U 91 75.53 8.52 50.92
C THR U 91 74.79 8.56 49.59
N ALA U 92 74.74 9.74 48.97
CA ALA U 92 73.97 9.92 47.73
C ALA U 92 74.45 11.19 47.04
N VAL U 93 73.92 11.40 45.83
CA VAL U 93 74.18 12.61 45.05
C VAL U 93 72.96 13.51 45.17
N TYR U 94 73.17 14.74 45.61
CA TYR U 94 72.10 15.71 45.84
C TYR U 94 72.11 16.79 44.77
N TYR U 95 70.93 17.12 44.26
CA TYR U 95 70.74 18.11 43.22
C TYR U 95 69.85 19.24 43.70
N CYS U 96 70.17 20.46 43.28
CA CYS U 96 69.29 21.61 43.51
C CYS U 96 68.65 21.96 42.16
N ASN U 97 67.33 21.81 42.08
CA ASN U 97 66.60 22.03 40.84
C ASN U 97 65.64 23.19 41.01
N ALA U 98 65.48 23.97 39.95
CA ALA U 98 64.56 25.10 39.95
C ALA U 98 63.83 25.11 38.61
N GLY U 99 62.54 24.81 38.63
CA GLY U 99 61.71 25.11 37.48
C GLY U 99 61.69 26.61 37.26
N HIS U 100 61.67 27.02 35.99
CA HIS U 100 61.80 28.45 35.73
C HIS U 100 60.60 29.18 36.34
N ASP U 101 60.93 30.02 37.33
CA ASP U 101 60.05 30.87 38.13
C ASP U 101 59.25 30.16 39.22
N TYR U 102 58.66 28.98 38.97
CA TYR U 102 57.83 28.42 40.02
C TYR U 102 57.42 26.98 39.69
N ASP U 103 56.78 26.37 40.69
CA ASP U 103 55.99 25.14 40.69
C ASP U 103 56.81 23.87 40.92
N ARG U 104 56.11 22.74 40.91
CA ARG U 104 56.67 21.49 41.45
C ARG U 104 57.24 20.63 40.32
N GLY U 105 56.38 20.13 39.43
CA GLY U 105 56.79 19.24 38.37
C GLY U 105 58.11 19.57 37.70
N ARG U 106 58.27 20.82 37.28
CA ARG U 106 59.33 21.17 36.34
C ARG U 106 60.65 21.26 37.08
N PHE U 107 61.61 20.44 36.65
CA PHE U 107 63.03 20.65 36.90
C PHE U 107 63.70 20.67 35.53
N PRO U 108 63.67 21.81 34.83
CA PRO U 108 64.47 21.92 33.60
C PRO U 108 65.89 22.42 33.83
N TYR U 109 66.13 22.98 35.02
CA TYR U 109 67.44 23.53 35.36
C TYR U 109 67.95 22.79 36.60
N TRP U 110 68.86 21.86 36.39
CA TRP U 110 69.41 21.05 37.47
C TRP U 110 70.79 21.54 37.86
N GLY U 111 71.15 21.29 39.12
CA GLY U 111 72.50 21.57 39.57
C GLY U 111 73.49 20.56 39.01
N GLN U 112 74.77 20.84 39.26
CA GLN U 112 75.83 19.97 38.78
C GLN U 112 75.85 18.63 39.50
N GLY U 113 75.26 18.55 40.70
CA GLY U 113 75.32 17.35 41.49
C GLY U 113 76.41 17.40 42.53
N THR U 114 76.10 16.98 43.75
CA THR U 114 77.05 16.97 44.85
C THR U 114 77.06 15.59 45.49
N LEU U 115 78.20 14.93 45.46
CA LEU U 115 78.33 13.57 45.98
C LEU U 115 78.75 13.63 47.45
N VAL U 116 77.88 13.12 48.33
CA VAL U 116 78.15 13.05 49.76
C VAL U 116 78.41 11.59 50.11
N THR U 117 79.54 11.34 50.76
CA THR U 117 79.93 10.01 51.19
C THR U 117 80.08 10.02 52.70
N VAL U 118 79.24 9.24 53.39
CA VAL U 118 79.22 9.17 54.84
C VAL U 118 79.81 7.82 55.25
N SER U 119 81.02 7.86 55.80
CA SER U 119 81.69 6.65 56.27
C SER U 119 82.75 7.06 57.29
N ALA U 120 83.19 6.09 58.08
CA ALA U 120 84.13 6.32 59.17
C ALA U 120 85.57 5.97 58.82
N ALA U 121 85.91 5.93 57.53
CA ALA U 121 87.11 5.23 57.07
C ALA U 121 88.33 6.13 57.23
N LYS U 122 89.38 5.82 56.47
CA LYS U 122 90.68 6.43 56.62
C LYS U 122 91.29 6.51 55.24
N THR U 123 92.32 7.32 55.06
CA THR U 123 92.90 7.50 53.73
C THR U 123 93.99 6.46 53.57
N THR U 124 93.66 5.36 52.90
CA THR U 124 94.54 4.25 52.66
C THR U 124 94.86 4.12 51.17
N PRO U 125 96.13 4.00 50.79
CA PRO U 125 96.45 3.78 49.37
C PRO U 125 96.01 2.39 48.94
N PRO U 126 95.82 2.16 47.65
CA PRO U 126 95.32 0.86 47.19
C PRO U 126 96.41 -0.21 47.13
N SER U 127 95.98 -1.46 47.27
CA SER U 127 96.85 -2.61 47.12
C SER U 127 96.57 -3.26 45.76
N VAL U 128 97.57 -3.21 44.89
CA VAL U 128 97.44 -3.71 43.52
C VAL U 128 98.03 -5.11 43.45
N TYR U 129 97.29 -6.04 42.83
CA TYR U 129 97.70 -7.43 42.72
C TYR U 129 97.59 -7.87 41.27
N PRO U 130 98.65 -8.42 40.69
CA PRO U 130 98.57 -8.90 39.30
C PRO U 130 97.72 -10.15 39.19
N LEU U 131 97.12 -10.33 38.01
CA LEU U 131 96.28 -11.48 37.70
C LEU U 131 96.80 -12.09 36.40
N ALA U 132 97.72 -13.06 36.53
CA ALA U 132 98.38 -13.72 35.43
C ALA U 132 97.74 -15.08 35.15
N PRO U 133 97.86 -15.59 33.94
CA PRO U 133 97.28 -16.92 33.63
C PRO U 133 97.99 -18.02 34.39
N GLY U 134 97.41 -19.21 34.31
CA GLY U 134 97.89 -20.35 35.07
C GLY U 134 98.60 -21.41 34.25
N SER U 135 99.93 -21.48 34.39
CA SER U 135 100.76 -22.53 33.80
C SER U 135 100.63 -22.43 32.27
N ALA U 136 100.45 -23.53 31.55
CA ALA U 136 100.46 -23.53 30.09
C ALA U 136 99.18 -24.15 29.52
N ALA U 137 98.07 -24.03 30.24
CA ALA U 137 96.81 -24.63 29.82
C ALA U 137 95.93 -23.67 29.02
N GLN U 138 96.51 -22.64 28.39
CA GLN U 138 95.73 -21.66 27.63
C GLN U 138 96.22 -21.57 26.19
N THR U 139 97.41 -21.00 25.97
CA THR U 139 97.98 -20.78 24.64
C THR U 139 97.03 -20.00 23.73
N ASN U 140 97.30 -20.04 22.42
CA ASN U 140 96.51 -19.28 21.44
C ASN U 140 95.08 -19.80 21.37
N SER U 141 94.15 -18.90 21.05
CA SER U 141 94.45 -17.52 20.69
C SER U 141 93.79 -16.48 21.60
N MET U 142 94.49 -15.35 21.74
CA MET U 142 94.13 -14.19 22.55
C MET U 142 94.21 -14.51 24.04
N VAL U 143 94.64 -13.53 24.84
CA VAL U 143 94.91 -13.74 26.26
C VAL U 143 94.29 -12.61 27.07
N THR U 144 93.67 -12.96 28.20
CA THR U 144 93.13 -12.00 29.14
C THR U 144 94.14 -11.78 30.27
N LEU U 145 94.39 -10.52 30.61
CA LEU U 145 95.21 -10.14 31.75
C LEU U 145 94.42 -9.22 32.65
N GLY U 146 94.80 -9.17 33.93
CA GLY U 146 94.05 -8.39 34.89
C GLY U 146 94.91 -7.84 36.02
N CYS U 147 94.41 -6.78 36.64
CA CYS U 147 95.00 -6.19 37.84
C CYS U 147 93.91 -5.93 38.85
N LEU U 148 94.11 -6.42 40.08
CA LEU U 148 93.11 -6.35 41.13
C LEU U 148 93.48 -5.25 42.12
N VAL U 149 92.57 -4.30 42.34
CA VAL U 149 92.77 -3.19 43.25
C VAL U 149 91.84 -3.39 44.44
N LYS U 150 92.41 -3.61 45.62
CA LYS U 150 91.64 -3.96 46.80
C LYS U 150 92.04 -3.08 47.98
N GLY U 151 91.05 -2.77 48.81
CA GLY U 151 91.29 -2.09 50.08
C GLY U 151 91.77 -0.66 49.95
N TYR U 152 91.03 0.18 49.24
CA TYR U 152 91.38 1.59 49.09
C TYR U 152 90.19 2.46 49.45
N PHE U 153 90.49 3.74 49.73
CA PHE U 153 89.47 4.73 50.05
C PHE U 153 90.07 6.11 49.87
N PRO U 154 89.35 7.06 49.26
CA PRO U 154 88.01 6.85 48.70
C PRO U 154 88.00 6.68 47.19
N GLU U 155 86.79 6.59 46.62
CA GLU U 155 86.62 6.60 45.18
C GLU U 155 87.04 7.96 44.62
N PRO U 156 87.61 7.99 43.40
CA PRO U 156 87.92 6.88 42.50
C PRO U 156 89.41 6.58 42.35
N VAL U 157 89.71 5.59 41.51
CA VAL U 157 91.07 5.28 41.09
C VAL U 157 91.10 5.22 39.58
N THR U 158 92.24 5.59 39.01
CA THR U 158 92.43 5.61 37.56
C THR U 158 93.37 4.49 37.17
N VAL U 159 92.85 3.52 36.41
CA VAL U 159 93.60 2.34 35.99
C VAL U 159 93.89 2.45 34.51
N THR U 160 95.18 2.50 34.16
CA THR U 160 95.64 2.48 32.78
C THR U 160 96.63 1.32 32.61
N TRP U 161 96.86 0.92 31.35
CA TRP U 161 97.72 -0.22 31.04
C TRP U 161 98.98 0.32 30.38
N ASN U 162 99.17 0.16 29.07
CA ASN U 162 100.42 0.51 28.41
C ASN U 162 100.62 2.03 28.31
N SER U 163 100.62 2.70 29.46
CA SER U 163 100.91 4.14 29.54
C SER U 163 100.00 4.94 28.62
N GLY U 164 98.72 4.56 28.58
CA GLY U 164 97.74 5.19 27.73
C GLY U 164 97.55 4.52 26.38
N SER U 165 98.58 3.85 25.87
CA SER U 165 98.45 3.13 24.61
C SER U 165 97.56 1.91 24.79
N LEU U 166 96.98 1.47 23.67
CA LEU U 166 96.08 0.32 23.62
C LEU U 166 94.86 0.54 24.52
N SER U 167 93.78 1.06 23.92
CA SER U 167 92.54 1.30 24.64
C SER U 167 91.43 0.32 24.30
N SER U 168 91.62 -0.51 23.28
CA SER U 168 90.62 -1.51 22.90
C SER U 168 90.84 -2.80 23.67
N GLY U 169 89.74 -3.51 23.93
CA GLY U 169 89.81 -4.76 24.65
C GLY U 169 90.02 -4.64 26.14
N VAL U 170 89.69 -3.47 26.72
CA VAL U 170 89.84 -3.25 28.15
C VAL U 170 88.46 -3.25 28.79
N HIS U 171 88.41 -3.61 30.07
CA HIS U 171 87.16 -3.64 30.82
C HIS U 171 87.44 -3.17 32.24
N THR U 172 86.81 -2.06 32.63
CA THR U 172 86.93 -1.53 33.98
C THR U 172 85.64 -1.82 34.73
N PHE U 173 85.75 -2.59 35.81
CA PHE U 173 84.55 -3.00 36.53
C PHE U 173 84.26 -2.03 37.67
N PRO U 174 82.98 -1.76 37.94
CA PRO U 174 82.63 -0.82 39.02
C PRO U 174 83.14 -1.30 40.36
N ALA U 175 83.44 -0.35 41.23
CA ALA U 175 83.98 -0.67 42.54
C ALA U 175 82.90 -1.25 43.45
N VAL U 176 83.32 -2.11 44.38
CA VAL U 176 82.44 -2.75 45.35
C VAL U 176 82.92 -2.36 46.74
N LEU U 177 81.98 -1.95 47.59
CA LEU U 177 82.29 -1.49 48.94
C LEU U 177 82.07 -2.63 49.91
N GLN U 178 83.12 -3.02 50.64
CA GLN U 178 83.03 -4.05 51.67
C GLN U 178 83.99 -3.70 52.79
N SER U 179 83.51 -3.81 54.02
CA SER U 179 84.30 -3.48 55.22
C SER U 179 84.81 -2.04 55.16
N ASP U 180 83.96 -1.14 54.67
CA ASP U 180 84.26 0.29 54.54
C ASP U 180 85.47 0.55 53.63
N LEU U 181 85.79 -0.40 52.75
CA LEU U 181 86.86 -0.23 51.79
C LEU U 181 86.39 -0.69 50.42
N TYR U 182 86.94 -0.07 49.38
CA TYR U 182 86.54 -0.33 48.00
C TYR U 182 87.45 -1.37 47.37
N THR U 183 86.93 -1.99 46.30
CA THR U 183 87.66 -3.00 45.55
C THR U 183 87.30 -2.87 44.08
N LEU U 184 88.32 -2.70 43.23
CA LEU U 184 88.14 -2.52 41.80
C LEU U 184 88.85 -3.63 41.05
N SER U 185 88.34 -3.93 39.85
CA SER U 185 88.92 -4.94 38.98
C SER U 185 89.04 -4.38 37.56
N SER U 186 90.11 -4.76 36.88
CA SER U 186 90.35 -4.30 35.51
C SER U 186 90.98 -5.43 34.71
N SER U 187 90.51 -5.61 33.48
CA SER U 187 90.99 -6.66 32.59
C SER U 187 91.32 -6.08 31.23
N VAL U 188 92.26 -6.73 30.55
CA VAL U 188 92.69 -6.33 29.21
C VAL U 188 92.98 -7.60 28.41
N THR U 189 92.64 -7.57 27.11
CA THR U 189 92.80 -8.71 26.23
C THR U 189 93.78 -8.37 25.12
N VAL U 190 94.85 -9.15 25.01
CA VAL U 190 95.88 -8.94 23.99
C VAL U 190 96.14 -10.27 23.30
N PRO U 191 96.62 -10.23 22.06
CA PRO U 191 96.96 -11.47 21.35
C PRO U 191 98.10 -12.21 22.03
N SER U 192 98.16 -13.52 21.78
CA SER U 192 99.19 -14.35 22.40
C SER U 192 100.59 -14.00 21.89
N SER U 193 100.69 -13.46 20.67
CA SER U 193 101.98 -13.02 20.16
C SER U 193 102.48 -11.74 20.83
N THR U 194 101.63 -11.08 21.62
CA THR U 194 102.02 -9.87 22.34
C THR U 194 102.58 -10.18 23.73
N TRP U 195 101.87 -11.01 24.50
CA TRP U 195 102.29 -11.37 25.84
C TRP U 195 102.62 -12.85 25.92
N PRO U 196 103.72 -13.23 26.59
CA PRO U 196 104.66 -12.34 27.28
C PRO U 196 105.81 -11.85 26.40
N SER U 197 105.56 -11.69 25.09
CA SER U 197 106.60 -11.22 24.19
C SER U 197 107.06 -9.82 24.57
N GLU U 198 106.13 -8.87 24.61
CA GLU U 198 106.40 -7.52 25.07
C GLU U 198 105.73 -7.28 26.41
N THR U 199 106.32 -6.39 27.21
CA THR U 199 105.87 -6.20 28.57
C THR U 199 104.47 -5.56 28.62
N VAL U 200 103.68 -5.98 29.60
CA VAL U 200 102.36 -5.42 29.86
C VAL U 200 102.31 -4.99 31.31
N THR U 201 102.06 -3.69 31.53
CA THR U 201 102.09 -3.10 32.86
C THR U 201 100.80 -2.33 33.09
N CYS U 202 100.23 -2.47 34.29
CA CYS U 202 99.04 -1.73 34.67
C CYS U 202 99.41 -0.65 35.68
N ASN U 203 98.82 0.53 35.51
CA ASN U 203 99.10 1.68 36.35
C ASN U 203 97.82 2.05 37.10
N VAL U 204 97.93 2.19 38.42
CA VAL U 204 96.79 2.51 39.27
C VAL U 204 97.08 3.83 39.97
N ALA U 205 96.31 4.86 39.61
CA ALA U 205 96.48 6.19 40.18
C ALA U 205 95.38 6.45 41.20
N HIS U 206 95.77 6.76 42.43
CA HIS U 206 94.82 7.10 43.49
C HIS U 206 95.08 8.53 43.94
N PRO U 207 94.19 9.47 43.59
CA PRO U 207 94.49 10.89 43.86
C PRO U 207 94.69 11.23 45.32
N ALA U 208 93.96 10.59 46.24
CA ALA U 208 94.10 10.96 47.64
C ALA U 208 95.36 10.40 48.28
N SER U 209 96.05 9.48 47.62
CA SER U 209 97.34 9.00 48.10
C SER U 209 98.38 9.13 47.00
N SER U 210 98.81 8.00 46.45
CA SER U 210 99.91 8.00 45.49
C SER U 210 99.71 6.87 44.48
N THR U 211 100.28 7.09 43.29
CA THR U 211 100.20 6.18 42.16
C THR U 211 101.12 4.97 42.31
N LYS U 212 100.67 3.83 41.80
CA LYS U 212 101.42 2.58 41.81
C LYS U 212 101.53 1.99 40.40
N VAL U 213 102.62 1.26 40.15
CA VAL U 213 102.92 0.67 38.85
C VAL U 213 103.36 -0.78 39.07
N ASP U 214 102.73 -1.71 38.35
CA ASP U 214 103.00 -3.13 38.52
C ASP U 214 103.00 -3.82 37.15
N LYS U 215 104.11 -4.48 36.81
CA LYS U 215 104.23 -5.21 35.57
C LYS U 215 103.83 -6.67 35.76
N LYS U 216 103.29 -7.27 34.70
CA LYS U 216 102.76 -8.63 34.74
C LYS U 216 103.79 -9.62 34.21
N ILE U 217 104.10 -10.65 35.00
CA ILE U 217 105.05 -11.68 34.64
C ILE U 217 104.38 -13.04 34.83
N VAL U 218 104.77 -14.00 33.99
CA VAL U 218 104.26 -15.37 34.04
C VAL U 218 104.29 -15.94 35.45
N ASP V 1 50.98 9.08 49.78
CA ASP V 1 52.14 8.83 48.95
C ASP V 1 51.77 8.12 47.66
N ILE V 2 51.78 8.86 46.55
CA ILE V 2 51.43 8.32 45.25
C ILE V 2 52.63 7.56 44.70
N VAL V 3 52.45 6.27 44.43
CA VAL V 3 53.53 5.40 43.98
C VAL V 3 53.58 5.42 42.46
N MET V 4 54.77 5.69 41.92
CA MET V 4 55.01 5.65 40.47
C MET V 4 55.64 4.31 40.13
N THR V 5 54.90 3.49 39.38
CA THR V 5 55.33 2.15 39.03
C THR V 5 55.55 2.08 37.52
N GLN V 6 56.81 1.95 37.11
CA GLN V 6 57.16 1.77 35.71
C GLN V 6 57.24 0.27 35.40
N SER V 7 56.76 -0.11 34.23
CA SER V 7 56.64 -1.51 33.84
C SER V 7 57.96 -2.27 33.96
N GLN V 8 58.90 -1.99 33.05
CA GLN V 8 60.15 -2.72 32.99
C GLN V 8 61.31 -1.82 33.41
N LYS V 9 62.31 -2.44 34.05
CA LYS V 9 63.51 -1.72 34.44
C LYS V 9 64.45 -1.53 33.26
N PHE V 10 64.47 -2.47 32.31
CA PHE V 10 65.30 -2.38 31.13
C PHE V 10 64.44 -2.62 29.89
N MET V 11 64.89 -2.07 28.77
CA MET V 11 64.14 -2.18 27.52
C MET V 11 65.12 -2.26 26.36
N SER V 12 64.90 -3.22 25.46
CA SER V 12 65.75 -3.42 24.30
C SER V 12 65.08 -2.89 23.05
N THR V 13 65.89 -2.39 22.13
CA THR V 13 65.45 -1.81 20.87
C THR V 13 66.69 -1.51 20.05
N SER V 14 66.46 -1.06 18.81
CA SER V 14 67.55 -0.69 17.92
C SER V 14 67.27 0.70 17.33
N VAL V 15 68.31 1.29 16.77
CA VAL V 15 68.18 2.62 16.18
C VAL V 15 67.13 2.59 15.08
N GLY V 16 66.24 3.58 15.10
CA GLY V 16 65.16 3.68 14.14
C GLY V 16 63.85 3.06 14.58
N ASP V 17 63.86 2.17 15.57
CA ASP V 17 62.64 1.52 16.00
C ASP V 17 61.80 2.46 16.86
N ARG V 18 60.67 1.97 17.35
CA ARG V 18 59.73 2.76 18.13
C ARG V 18 59.57 2.16 19.51
N VAL V 19 59.75 3.00 20.54
CA VAL V 19 59.74 2.56 21.93
C VAL V 19 58.65 3.31 22.68
N SER V 20 57.99 2.61 23.61
CA SER V 20 56.95 3.19 24.45
C SER V 20 57.19 2.75 25.88
N ILE V 21 57.41 3.71 26.77
CA ILE V 21 57.63 3.46 28.19
C ILE V 21 56.37 3.82 28.95
N THR V 22 55.93 2.93 29.83
CA THR V 22 54.68 3.11 30.56
C THR V 22 54.97 3.47 32.02
N CYS V 23 54.08 4.30 32.57
CA CYS V 23 54.18 4.76 33.95
C CYS V 23 52.79 4.72 34.54
N LYS V 24 52.61 3.91 35.58
CA LYS V 24 51.29 3.68 36.19
C LYS V 24 51.24 4.35 37.56
N ALA V 25 50.20 5.14 37.79
CA ALA V 25 50.01 5.86 39.03
C ALA V 25 49.08 5.09 39.96
N SER V 26 49.37 5.19 41.26
CA SER V 26 48.50 4.59 42.27
C SER V 26 47.28 5.45 42.59
N GLN V 27 47.20 6.66 42.03
CA GLN V 27 46.06 7.55 42.25
C GLN V 27 45.85 8.37 40.99
N ASN V 28 44.67 8.98 40.90
CA ASN V 28 44.38 9.88 39.79
C ASN V 28 45.18 11.16 39.97
N VAL V 29 45.98 11.50 38.96
CA VAL V 29 46.82 12.68 39.05
C VAL V 29 46.54 13.59 37.86
N GLY V 30 45.44 13.34 37.15
CA GLY V 30 45.08 14.10 35.99
C GLY V 30 46.14 14.02 34.91
N THR V 31 46.77 15.15 34.62
CA THR V 31 47.87 15.24 33.67
C THR V 31 49.14 15.81 34.30
N ALA V 32 49.22 15.80 35.64
CA ALA V 32 50.36 16.34 36.36
C ALA V 32 51.50 15.31 36.40
N VAL V 33 52.09 15.06 35.22
CA VAL V 33 53.18 14.11 35.07
C VAL V 33 54.30 14.76 34.26
N ALA V 34 55.55 14.56 34.70
CA ALA V 34 56.73 15.07 34.00
C ALA V 34 57.68 13.92 33.70
N TRP V 35 58.46 14.07 32.64
CA TRP V 35 59.41 13.07 32.19
C TRP V 35 60.83 13.64 32.17
N TYR V 36 61.80 12.78 32.50
CA TYR V 36 63.20 13.17 32.50
C TYR V 36 64.06 12.14 31.78
N GLN V 37 65.19 12.62 31.26
CA GLN V 37 66.20 11.77 30.64
C GLN V 37 67.50 12.00 31.41
N GLN V 38 68.17 10.92 31.82
CA GLN V 38 69.41 11.05 32.57
C GLN V 38 70.45 10.13 31.96
N LYS V 39 71.54 10.70 31.50
CA LYS V 39 72.67 9.94 30.99
C LYS V 39 73.65 9.64 32.12
N PRO V 40 74.45 8.58 32.01
CA PRO V 40 75.41 8.26 33.07
C PRO V 40 76.40 9.38 33.30
N GLY V 41 76.65 9.67 34.58
CA GLY V 41 77.59 10.72 34.94
C GLY V 41 77.13 12.13 34.66
N GLN V 42 75.82 12.34 34.47
CA GLN V 42 75.27 13.66 34.21
C GLN V 42 74.02 13.87 35.06
N SER V 43 73.57 15.13 35.10
CA SER V 43 72.34 15.47 35.80
C SER V 43 71.14 15.27 34.87
N PRO V 44 69.98 14.92 35.44
CA PRO V 44 68.79 14.71 34.60
C PRO V 44 68.40 15.98 33.84
N LYS V 45 67.81 15.77 32.67
CA LYS V 45 67.32 16.85 31.82
C LYS V 45 65.82 16.68 31.63
N LEU V 46 65.07 17.78 31.76
CA LEU V 46 63.64 17.72 31.57
C LEU V 46 63.31 17.47 30.10
N MET V 47 62.34 16.59 29.85
CA MET V 47 61.90 16.26 28.51
C MET V 47 60.47 16.73 28.27
N ILE V 48 59.50 16.13 28.95
CA ILE V 48 58.08 16.46 28.83
C ILE V 48 57.59 16.90 30.19
N TYR V 49 56.67 17.87 30.19
CA TYR V 49 56.01 18.32 31.40
C TYR V 49 54.53 18.51 31.10
N PHE V 50 53.71 18.32 32.13
CA PHE V 50 52.24 18.31 32.01
C PHE V 50 51.79 17.13 31.14
N ALA V 51 52.43 15.97 31.32
CA ALA V 51 52.06 14.74 30.62
C ALA V 51 52.40 14.78 29.14
N SER V 52 51.94 15.81 28.42
CA SER V 52 52.06 15.80 26.96
C SER V 52 52.53 17.16 26.42
N ASN V 53 53.52 17.79 27.05
CA ASN V 53 54.07 19.03 26.52
C ASN V 53 55.60 18.97 26.51
N ARG V 54 56.20 19.19 25.35
CA ARG V 54 57.67 19.15 25.24
C ARG V 54 58.29 20.44 25.78
N TYR V 55 59.39 20.28 26.51
CA TYR V 55 60.11 21.43 27.02
C TYR V 55 60.99 22.03 25.92
N THR V 56 61.28 23.33 26.08
CA THR V 56 62.18 24.03 25.15
C THR V 56 63.50 23.28 25.04
N GLY V 57 63.82 22.82 23.84
CA GLY V 57 64.93 21.90 23.71
C GLY V 57 64.57 20.62 23.00
N VAL V 58 63.51 19.98 23.45
CA VAL V 58 63.29 18.56 23.16
C VAL V 58 62.71 18.41 21.76
N PRO V 59 63.27 17.53 20.93
CA PRO V 59 62.79 17.38 19.56
C PRO V 59 61.40 16.77 19.51
N ASP V 60 60.71 17.02 18.38
CA ASP V 60 59.42 16.39 18.12
C ASP V 60 59.47 14.88 18.12
N ARG V 61 60.68 14.30 18.13
CA ARG V 61 60.83 12.85 18.21
C ARG V 61 60.18 12.28 19.47
N PHE V 62 60.21 13.02 20.57
CA PHE V 62 59.65 12.57 21.84
C PHE V 62 58.21 13.06 21.97
N THR V 63 57.31 12.15 22.35
CA THR V 63 55.90 12.48 22.54
C THR V 63 55.39 11.83 23.82
N GLY V 64 54.75 12.61 24.68
CA GLY V 64 54.14 12.09 25.87
C GLY V 64 52.63 11.98 25.71
N SER V 65 52.04 11.10 26.51
CA SER V 65 50.60 10.84 26.42
C SER V 65 50.12 10.23 27.72
N GLY V 66 48.81 10.18 27.86
CA GLY V 66 48.15 9.60 29.02
C GLY V 66 47.51 10.64 29.90
N SER V 67 46.66 10.14 30.81
CA SER V 67 45.95 10.98 31.76
C SER V 67 45.36 10.09 32.85
N GLY V 68 45.16 10.68 34.03
CA GLY V 68 44.59 9.97 35.15
C GLY V 68 45.57 9.08 35.88
N THR V 69 45.79 7.87 35.37
CA THR V 69 46.67 6.92 36.03
C THR V 69 47.57 6.14 35.08
N ASP V 70 47.38 6.22 33.77
CA ASP V 70 48.23 5.55 32.80
C ASP V 70 48.89 6.59 31.92
N PHE V 71 50.22 6.62 31.93
CA PHE V 71 50.99 7.59 31.15
C PHE V 71 52.07 6.87 30.36
N THR V 72 52.41 7.42 29.21
CA THR V 72 53.32 6.77 28.28
C THR V 72 54.22 7.78 27.60
N LEU V 73 55.50 7.43 27.48
CA LEU V 73 56.47 8.20 26.69
C LEU V 73 56.78 7.40 25.43
N THR V 74 56.67 8.06 24.28
CA THR V 74 56.85 7.43 22.99
C THR V 74 58.01 8.08 22.24
N ILE V 75 58.89 7.24 21.69
CA ILE V 75 60.04 7.69 20.93
C ILE V 75 59.88 7.13 19.52
N SER V 76 59.34 7.96 18.62
CA SER V 76 59.10 7.60 17.22
C SER V 76 60.19 6.71 16.64
N ASN V 77 61.44 7.20 16.67
CA ASN V 77 62.56 6.43 16.17
C ASN V 77 63.75 6.64 17.07
N MET V 78 64.51 5.57 17.32
CA MET V 78 65.53 5.69 18.34
C MET V 78 66.77 6.29 17.72
N GLN V 79 67.61 6.89 18.56
CA GLN V 79 68.90 7.40 18.11
C GLN V 79 69.97 6.98 19.11
N SER V 80 71.22 7.07 18.70
CA SER V 80 72.31 6.71 19.59
C SER V 80 72.36 7.63 20.81
N GLU V 81 72.02 8.90 20.62
CA GLU V 81 72.03 9.87 21.72
C GLU V 81 70.88 9.68 22.71
N ASP V 82 69.91 8.83 22.40
CA ASP V 82 68.74 8.64 23.25
C ASP V 82 68.90 7.50 24.25
N LEU V 83 70.06 6.83 24.27
CA LEU V 83 70.28 5.73 25.20
C LEU V 83 70.59 6.31 26.57
N ALA V 84 69.64 6.23 27.50
CA ALA V 84 69.80 6.79 28.83
C ALA V 84 68.64 6.27 29.69
N ASP V 85 68.59 6.76 30.93
CA ASP V 85 67.51 6.44 31.84
C ASP V 85 66.36 7.40 31.65
N TYR V 86 65.14 6.92 31.91
CA TYR V 86 63.93 7.72 31.75
C TYR V 86 63.07 7.57 32.99
N PHE V 87 62.72 8.69 33.61
CA PHE V 87 61.93 8.72 34.84
C PHE V 87 60.62 9.45 34.59
N CYS V 88 59.57 9.02 35.28
CA CYS V 88 58.31 9.73 35.34
C CYS V 88 58.09 10.26 36.74
N GLN V 89 57.45 11.42 36.84
CA GLN V 89 57.30 12.11 38.11
C GLN V 89 55.85 12.56 38.28
N GLN V 90 55.34 12.46 39.50
CA GLN V 90 53.99 12.91 39.83
C GLN V 90 54.10 14.18 40.66
N TYR V 91 53.28 15.18 40.33
CA TYR V 91 53.24 16.40 41.13
C TYR V 91 51.81 16.88 41.31
N SER V 92 50.90 15.93 41.54
CA SER V 92 49.51 16.27 41.84
C SER V 92 49.35 16.66 43.32
N SER V 93 50.08 15.98 44.20
CA SER V 93 50.03 16.29 45.62
C SER V 93 51.35 15.91 46.26
N TYR V 94 51.67 16.56 47.37
CA TYR V 94 52.88 16.26 48.10
C TYR V 94 52.73 14.96 48.89
N PRO V 95 53.81 14.19 49.06
CA PRO V 95 55.15 14.49 48.54
C PRO V 95 55.33 14.08 47.08
N LEU V 96 56.23 14.78 46.37
CA LEU V 96 56.52 14.43 44.99
C LEU V 96 57.26 13.10 44.94
N THR V 97 56.89 12.27 43.96
CA THR V 97 57.47 10.94 43.82
C THR V 97 57.92 10.70 42.39
N PHE V 98 58.90 9.81 42.25
CA PHE V 98 59.44 9.43 40.95
C PHE V 98 59.26 7.94 40.73
N GLY V 99 59.38 7.52 39.47
CA GLY V 99 59.31 6.12 39.13
C GLY V 99 60.69 5.45 39.14
N ALA V 100 60.66 4.12 39.06
CA ALA V 100 61.90 3.36 39.01
C ALA V 100 62.64 3.63 37.70
N GLY V 101 63.93 3.30 37.69
CA GLY V 101 64.74 3.54 36.51
C GLY V 101 64.32 2.67 35.34
N THR V 102 64.54 3.20 34.13
CA THR V 102 64.25 2.47 32.90
C THR V 102 65.39 2.72 31.92
N LYS V 103 66.17 1.68 31.65
CA LYS V 103 67.31 1.78 30.74
C LYS V 103 66.89 1.39 29.33
N LEU V 104 67.21 2.25 28.37
CA LEU V 104 66.96 1.97 26.95
C LEU V 104 68.26 1.49 26.33
N GLU V 105 68.24 0.28 25.78
CA GLU V 105 69.43 -0.37 25.26
C GLU V 105 69.30 -0.72 23.79
N LEU V 106 70.47 -0.87 23.16
CA LEU V 106 70.63 -1.24 21.77
C LEU V 106 70.81 -2.75 21.63
N LYS V 107 70.42 -3.29 20.49
CA LYS V 107 70.46 -4.73 20.25
C LYS V 107 71.85 -5.16 19.78
N ARG V 108 71.93 -6.33 19.13
CA ARG V 108 73.10 -7.00 18.57
C ARG V 108 73.57 -8.06 19.57
N ALA V 109 73.21 -9.31 19.29
CA ALA V 109 73.34 -10.47 20.18
C ALA V 109 72.83 -11.65 19.36
N ASP V 110 73.10 -12.89 19.80
CA ASP V 110 73.59 -13.34 21.12
C ASP V 110 75.04 -13.79 21.21
N ALA V 111 75.84 -13.12 22.04
CA ALA V 111 77.21 -13.54 22.24
C ALA V 111 77.33 -14.34 23.54
N ALA V 112 78.27 -15.30 23.55
CA ALA V 112 78.64 -16.10 24.71
C ALA V 112 79.75 -15.42 25.49
N PRO V 113 79.75 -15.51 26.82
CA PRO V 113 80.79 -14.83 27.59
C PRO V 113 82.15 -15.48 27.36
N THR V 114 83.19 -14.73 27.68
CA THR V 114 84.56 -15.22 27.64
C THR V 114 85.04 -15.29 29.09
N VAL V 115 85.33 -16.49 29.54
CA VAL V 115 85.60 -16.75 30.96
C VAL V 115 87.09 -17.04 31.12
N SER V 116 87.71 -16.32 32.05
CA SER V 116 89.12 -16.50 32.37
C SER V 116 89.26 -16.47 33.88
N ILE V 117 89.84 -17.52 34.45
CA ILE V 117 90.05 -17.63 35.88
C ILE V 117 91.52 -17.38 36.17
N PHE V 118 91.80 -16.73 37.30
CA PHE V 118 93.16 -16.37 37.67
C PHE V 118 93.39 -16.72 39.13
N PRO V 119 94.35 -17.59 39.44
CA PRO V 119 94.65 -17.88 40.84
C PRO V 119 95.29 -16.70 41.53
N PRO V 120 95.36 -16.70 42.86
CA PRO V 120 96.04 -15.59 43.56
C PRO V 120 97.50 -15.49 43.14
N SER V 121 97.97 -14.26 43.01
CA SER V 121 99.36 -14.03 42.63
C SER V 121 100.30 -14.41 43.77
N SER V 122 101.55 -14.70 43.41
CA SER V 122 102.56 -15.01 44.43
C SER V 122 102.80 -13.82 45.34
N GLU V 123 102.59 -12.60 44.84
CA GLU V 123 102.80 -11.41 45.66
C GLU V 123 101.72 -11.27 46.73
N GLN V 124 100.45 -11.53 46.36
CA GLN V 124 99.37 -11.40 47.33
C GLN V 124 99.45 -12.48 48.40
N LEU V 125 99.99 -13.66 48.06
CA LEU V 125 100.15 -14.72 49.05
C LEU V 125 101.21 -14.39 50.09
N THR V 126 102.01 -13.35 49.87
CA THR V 126 102.96 -12.91 50.91
C THR V 126 102.28 -12.07 51.98
N SER V 127 101.08 -11.56 51.71
CA SER V 127 100.34 -10.74 52.67
C SER V 127 99.39 -11.56 53.53
N GLY V 128 99.34 -12.87 53.35
CA GLY V 128 98.42 -13.71 54.09
C GLY V 128 97.03 -13.81 53.50
N GLY V 129 96.80 -13.24 52.32
CA GLY V 129 95.51 -13.31 51.69
C GLY V 129 95.57 -13.95 50.31
N ALA V 130 94.42 -14.41 49.81
CA ALA V 130 94.36 -15.10 48.52
C ALA V 130 93.04 -14.75 47.85
N SER V 131 93.13 -14.12 46.68
CA SER V 131 91.96 -13.73 45.90
C SER V 131 91.98 -14.45 44.56
N VAL V 132 90.89 -15.14 44.24
CA VAL V 132 90.71 -15.81 42.96
C VAL V 132 89.67 -15.01 42.17
N VAL V 133 90.06 -14.54 40.99
CA VAL V 133 89.20 -13.71 40.17
C VAL V 133 88.72 -14.52 38.96
N CYS V 134 87.60 -14.09 38.40
CA CYS V 134 87.01 -14.77 37.25
C CYS V 134 86.31 -13.71 36.40
N PHE V 135 86.86 -13.44 35.21
CA PHE V 135 86.31 -12.42 34.33
C PHE V 135 85.35 -13.04 33.32
N LEU V 136 84.17 -12.43 33.19
CA LEU V 136 83.17 -12.83 32.20
C LEU V 136 82.96 -11.62 31.28
N ASN V 137 83.55 -11.67 30.10
CA ASN V 137 83.62 -10.50 29.22
C ASN V 137 82.79 -10.71 27.96
N ASN V 138 82.11 -9.64 27.54
CA ASN V 138 81.45 -9.54 26.24
C ASN V 138 80.36 -10.61 26.07
N PHE V 139 79.35 -10.52 26.93
CA PHE V 139 78.18 -11.39 26.83
C PHE V 139 76.91 -10.57 26.74
N TYR V 140 75.85 -11.21 26.22
CA TYR V 140 74.52 -10.62 26.14
C TYR V 140 73.54 -11.77 26.02
N PRO V 141 72.42 -11.76 26.75
CA PRO V 141 71.98 -10.67 27.63
C PRO V 141 72.68 -10.64 28.98
N LYS V 142 72.18 -9.77 29.86
CA LYS V 142 72.80 -9.56 31.15
C LYS V 142 72.63 -10.76 32.07
N ASP V 143 71.51 -11.48 31.93
CA ASP V 143 71.21 -12.57 32.86
C ASP V 143 72.26 -13.65 32.78
N ILE V 144 73.02 -13.82 33.87
CA ILE V 144 74.08 -14.81 33.93
C ILE V 144 74.32 -15.13 35.40
N ASN V 145 74.75 -16.36 35.67
CA ASN V 145 74.99 -16.81 37.03
C ASN V 145 76.39 -17.41 37.11
N VAL V 146 77.13 -17.04 38.14
CA VAL V 146 78.48 -17.54 38.38
C VAL V 146 78.44 -18.43 39.61
N LYS V 147 79.10 -19.59 39.51
CA LYS V 147 79.16 -20.55 40.59
C LYS V 147 80.61 -20.85 40.91
N TRP V 148 80.99 -20.68 42.17
CA TRP V 148 82.34 -20.98 42.65
C TRP V 148 82.36 -22.37 43.27
N LYS V 149 83.34 -23.18 42.88
CA LYS V 149 83.51 -24.51 43.42
C LYS V 149 84.91 -24.64 44.01
N ILE V 150 84.99 -25.10 45.26
CA ILE V 150 86.25 -25.40 45.93
C ILE V 150 86.25 -26.89 46.22
N ASP V 151 87.12 -27.63 45.52
CA ASP V 151 87.14 -29.09 45.57
C ASP V 151 85.78 -29.67 45.22
N GLY V 152 85.11 -29.05 44.24
CA GLY V 152 83.81 -29.50 43.80
C GLY V 152 82.64 -29.02 44.62
N SER V 153 82.87 -28.41 45.78
CA SER V 153 81.80 -27.94 46.65
C SER V 153 81.53 -26.47 46.39
N GLU V 154 80.25 -26.11 46.28
CA GLU V 154 79.87 -24.73 46.02
C GLU V 154 80.21 -23.85 47.21
N ARG V 155 80.82 -22.70 46.94
CA ARG V 155 81.25 -21.76 47.97
C ARG V 155 80.42 -20.49 47.84
N GLN V 156 79.74 -20.12 48.94
CA GLN V 156 78.87 -18.95 48.97
C GLN V 156 79.52 -17.74 49.63
N ASN V 157 80.15 -17.93 50.78
CA ASN V 157 80.76 -16.82 51.51
C ASN V 157 82.07 -16.40 50.84
N GLY V 158 82.34 -15.09 50.88
CA GLY V 158 83.58 -14.56 50.36
C GLY V 158 83.57 -14.15 48.90
N VAL V 159 82.41 -14.13 48.25
CA VAL V 159 82.31 -13.76 46.84
C VAL V 159 81.92 -12.30 46.73
N LEU V 160 82.59 -11.59 45.82
CA LEU V 160 82.26 -10.21 45.50
C LEU V 160 82.08 -10.09 44.00
N ASN V 161 80.92 -9.59 43.58
CA ASN V 161 80.57 -9.48 42.17
C ASN V 161 80.47 -8.02 41.77
N SER V 162 80.91 -7.72 40.54
CA SER V 162 80.84 -6.37 40.00
C SER V 162 80.45 -6.47 38.53
N ALA V 163 79.21 -6.12 38.22
CA ALA V 163 78.69 -6.18 36.86
C ALA V 163 78.88 -4.84 36.17
N THR V 164 79.37 -4.87 34.94
CA THR V 164 79.56 -3.66 34.15
C THR V 164 78.29 -3.34 33.38
N ASP V 165 78.10 -2.05 33.10
CA ASP V 165 76.99 -1.61 32.27
C ASP V 165 77.29 -1.93 30.81
N GLN V 166 76.33 -1.63 29.94
CA GLN V 166 76.49 -1.93 28.52
C GLN V 166 77.64 -1.14 27.92
N ASP V 167 78.52 -1.83 27.20
CA ASP V 167 79.65 -1.17 26.56
C ASP V 167 79.17 -0.25 25.45
N SER V 168 79.76 0.95 25.40
CA SER V 168 79.33 1.95 24.43
C SER V 168 79.72 1.60 23.00
N LYS V 169 80.62 0.64 22.80
CA LYS V 169 81.13 0.33 21.47
C LYS V 169 80.47 -0.88 20.82
N ASP V 170 80.29 -1.98 21.56
CA ASP V 170 79.75 -3.21 20.99
C ASP V 170 78.51 -3.72 21.72
N SER V 171 77.96 -2.95 22.65
CA SER V 171 76.69 -3.26 23.32
C SER V 171 76.77 -4.56 24.13
N THR V 172 77.95 -4.96 24.56
CA THR V 172 78.12 -6.16 25.37
C THR V 172 78.26 -5.80 26.84
N TYR V 173 78.22 -6.82 27.69
CA TYR V 173 78.34 -6.66 29.13
C TYR V 173 79.52 -7.46 29.66
N SER V 174 79.99 -7.07 30.85
CA SER V 174 81.11 -7.73 31.50
C SER V 174 80.82 -7.86 32.99
N MET V 175 81.47 -8.84 33.61
CA MET V 175 81.27 -9.12 35.03
C MET V 175 82.55 -9.68 35.61
N SER V 176 82.90 -9.24 36.82
CA SER V 176 84.06 -9.73 37.55
C SER V 176 83.60 -10.33 38.87
N SER V 177 84.10 -11.52 39.18
CA SER V 177 83.78 -12.21 40.42
C SER V 177 85.07 -12.56 41.13
N THR V 178 85.21 -12.13 42.38
CA THR V 178 86.43 -12.31 43.16
C THR V 178 86.09 -13.08 44.44
N LEU V 179 86.70 -14.26 44.59
CA LEU V 179 86.58 -15.06 45.81
C LEU V 179 87.83 -14.82 46.64
N THR V 180 87.67 -14.16 47.78
CA THR V 180 88.78 -13.79 48.64
C THR V 180 88.78 -14.67 49.89
N LEU V 181 89.86 -15.43 50.07
CA LEU V 181 90.03 -16.29 51.23
C LEU V 181 91.35 -15.97 51.90
N THR V 182 91.51 -16.47 53.13
CA THR V 182 92.80 -16.41 53.79
C THR V 182 93.78 -17.37 53.13
N LYS V 183 95.06 -17.08 53.27
CA LYS V 183 96.08 -17.96 52.69
C LYS V 183 96.03 -19.34 53.33
N ASP V 184 95.79 -19.40 54.64
CA ASP V 184 95.69 -20.69 55.33
C ASP V 184 94.57 -21.54 54.74
N GLU V 185 93.40 -20.93 54.51
CA GLU V 185 92.29 -21.67 53.94
C GLU V 185 92.51 -21.98 52.46
N TYR V 186 93.17 -21.08 51.73
CA TYR V 186 93.45 -21.33 50.33
C TYR V 186 94.37 -22.54 50.15
N GLU V 187 95.34 -22.70 51.05
CA GLU V 187 96.29 -23.81 50.96
C GLU V 187 95.74 -25.13 51.48
N ARG V 188 94.52 -25.15 52.01
CA ARG V 188 93.92 -26.38 52.50
C ARG V 188 93.06 -27.08 51.44
N HIS V 189 92.95 -26.51 50.24
CA HIS V 189 92.18 -27.12 49.17
C HIS V 189 93.00 -27.06 47.89
N ASN V 190 92.63 -27.92 46.94
CA ASN V 190 93.39 -28.09 45.70
C ASN V 190 92.65 -27.59 44.47
N SER V 191 91.38 -27.96 44.31
CA SER V 191 90.64 -27.67 43.09
C SER V 191 89.80 -26.42 43.26
N TYR V 192 89.94 -25.48 42.33
CA TYR V 192 89.14 -24.26 42.28
C TYR V 192 88.52 -24.12 40.90
N THR V 193 87.22 -23.85 40.86
CA THR V 193 86.47 -23.88 39.61
C THR V 193 85.52 -22.69 39.54
N CYS V 194 85.49 -22.00 38.40
CA CYS V 194 84.56 -20.92 38.13
C CYS V 194 83.68 -21.34 36.95
N GLU V 195 82.37 -21.47 37.20
CA GLU V 195 81.42 -21.91 36.19
C GLU V 195 80.45 -20.79 35.86
N ALA V 196 80.31 -20.49 34.58
CA ALA V 196 79.39 -19.46 34.10
C ALA V 196 78.28 -20.12 33.27
N THR V 197 77.05 -19.93 33.70
CA THR V 197 75.89 -20.42 32.98
C THR V 197 75.15 -19.24 32.35
N HIS V 198 74.91 -19.33 31.04
CA HIS V 198 74.29 -18.24 30.29
C HIS V 198 73.37 -18.85 29.24
N LYS V 199 72.36 -18.07 28.83
CA LYS V 199 71.35 -18.60 27.91
C LYS V 199 71.90 -18.92 26.53
N THR V 200 73.11 -18.46 26.20
CA THR V 200 73.68 -18.75 24.89
C THR V 200 74.21 -20.17 24.77
N SER V 201 74.21 -20.94 25.85
CA SER V 201 74.65 -22.33 25.83
C SER V 201 73.89 -23.09 26.89
N THR V 202 73.50 -24.33 26.56
CA THR V 202 72.76 -25.15 27.51
C THR V 202 73.66 -25.86 28.50
N SER V 203 74.98 -25.69 28.40
CA SER V 203 75.92 -26.23 29.36
C SER V 203 76.81 -25.10 29.88
N PRO V 204 77.16 -25.12 31.16
CA PRO V 204 77.96 -24.02 31.72
C PRO V 204 79.39 -24.04 31.19
N ILE V 205 79.95 -22.83 31.07
CA ILE V 205 81.35 -22.67 30.69
C ILE V 205 82.20 -22.80 31.95
N VAL V 206 83.11 -23.78 31.94
CA VAL V 206 83.86 -24.17 33.14
C VAL V 206 85.32 -23.81 32.92
N LYS V 207 85.88 -23.01 33.84
CA LYS V 207 87.30 -22.72 33.89
C LYS V 207 87.80 -23.09 35.29
N SER V 208 88.87 -23.87 35.36
CA SER V 208 89.34 -24.40 36.64
C SER V 208 90.86 -24.47 36.65
N PHE V 209 91.40 -24.63 37.86
CA PHE V 209 92.81 -24.87 38.05
C PHE V 209 93.00 -25.65 39.34
N ASN V 210 94.15 -26.30 39.47
CA ASN V 210 94.52 -27.01 40.67
C ASN V 210 95.68 -26.29 41.36
N ARG V 211 95.58 -26.15 42.69
CA ARG V 211 96.61 -25.42 43.44
C ARG V 211 97.96 -26.11 43.33
N ASN V 212 97.98 -27.45 43.41
CA ASN V 212 99.25 -28.16 43.34
C ASN V 212 99.86 -28.08 41.95
N GLU V 213 99.05 -28.27 40.91
CA GLU V 213 99.56 -28.23 39.54
C GLU V 213 99.89 -26.82 39.07
N CYS V 214 99.46 -25.79 39.80
CA CYS V 214 99.79 -24.42 39.46
C CYS V 214 99.83 -23.54 40.70
N GLU W 1 51.82 34.08 84.10
CA GLU W 1 50.79 34.55 85.02
C GLU W 1 49.42 34.00 84.64
N VAL W 2 49.41 32.94 83.83
CA VAL W 2 48.19 32.31 83.37
C VAL W 2 48.23 30.86 83.85
N GLN W 3 47.78 30.63 85.08
CA GLN W 3 47.70 29.30 85.65
C GLN W 3 46.29 29.10 86.20
N LEU W 4 45.87 27.84 86.29
CA LEU W 4 44.54 27.49 86.75
C LEU W 4 44.66 26.73 88.05
N GLN W 5 44.06 27.25 89.11
CA GLN W 5 44.08 26.61 90.43
C GLN W 5 42.77 25.88 90.64
N GLN W 6 42.86 24.65 91.18
CA GLN W 6 41.67 23.83 91.32
C GLN W 6 41.24 23.72 92.78
N SER W 7 40.36 22.76 93.07
CA SER W 7 39.75 22.62 94.38
C SER W 7 40.69 21.95 95.37
N GLY W 8 41.35 20.87 94.97
CA GLY W 8 42.17 20.11 95.88
C GLY W 8 41.77 18.64 95.96
N ALA W 9 42.71 17.79 96.38
CA ALA W 9 42.44 16.36 96.44
C ALA W 9 41.35 16.06 97.46
N GLU W 10 40.59 14.99 97.22
CA GLU W 10 39.50 14.61 98.09
C GLU W 10 39.35 13.10 98.21
N VAL W 11 39.14 12.64 99.44
CA VAL W 11 38.81 11.25 99.72
C VAL W 11 37.32 11.21 100.05
N VAL W 12 36.56 10.48 99.23
CA VAL W 12 35.11 10.44 99.36
C VAL W 12 34.66 8.98 99.45
N ARG W 13 33.67 8.72 100.30
CA ARG W 13 33.04 7.41 100.30
C ARG W 13 32.18 7.24 99.06
N SER W 14 31.90 5.98 98.72
CA SER W 14 31.09 5.70 97.54
C SER W 14 29.65 6.13 97.78
N GLY W 15 29.04 6.70 96.74
CA GLY W 15 27.65 7.14 96.82
C GLY W 15 27.45 8.57 97.24
N ALA W 16 28.51 9.37 97.33
CA ALA W 16 28.41 10.77 97.70
C ALA W 16 28.91 11.64 96.56
N SER W 17 28.45 12.88 96.53
CA SER W 17 28.80 13.82 95.48
C SER W 17 30.05 14.60 95.85
N VAL W 18 30.76 15.07 94.82
CA VAL W 18 31.95 15.89 94.98
C VAL W 18 31.87 17.04 94.00
N LYS W 19 32.38 18.20 94.42
CA LYS W 19 32.35 19.41 93.60
C LYS W 19 33.78 19.93 93.45
N LEU W 20 34.26 20.00 92.22
CA LEU W 20 35.58 20.52 91.92
C LEU W 20 35.47 21.94 91.36
N SER W 21 36.47 22.75 91.66
CA SER W 21 36.51 24.13 91.22
C SER W 21 37.79 24.38 90.43
N CYS W 22 37.76 25.43 89.61
CA CYS W 22 38.90 25.93 88.86
C CYS W 22 39.04 27.41 89.19
N THR W 23 40.03 28.08 88.60
CA THR W 23 40.22 29.50 88.90
C THR W 23 40.89 30.18 87.71
N ALA W 24 40.58 31.48 87.56
CA ALA W 24 41.24 32.37 86.60
C ALA W 24 41.00 32.00 85.15
N SER W 25 39.98 31.21 84.86
CA SER W 25 39.57 30.92 83.48
C SER W 25 38.07 31.09 83.40
N GLY W 26 37.62 32.13 82.72
CA GLY W 26 36.22 32.44 82.70
C GLY W 26 35.94 33.79 83.33
N PHE W 27 36.09 34.86 82.55
CA PHE W 27 35.80 36.18 83.06
C PHE W 27 34.75 36.79 82.15
N ASN W 28 34.02 37.77 82.67
CA ASN W 28 33.16 38.54 81.78
C ASN W 28 34.05 39.37 80.87
N ILE W 29 33.68 39.41 79.60
CA ILE W 29 34.14 40.25 78.49
C ILE W 29 35.09 39.37 77.67
N LYS W 30 35.53 38.26 78.26
CA LYS W 30 36.37 37.28 77.57
C LYS W 30 35.77 35.90 77.77
N ASP W 31 35.31 35.31 76.68
CA ASP W 31 34.70 33.98 76.70
C ASP W 31 35.73 32.96 76.24
N TYR W 32 36.17 32.12 77.17
CA TYR W 32 37.08 31.03 76.91
C TYR W 32 36.27 29.79 76.61
N ALA W 33 36.92 28.77 76.08
CA ALA W 33 36.28 27.47 75.93
C ALA W 33 37.00 26.54 76.90
N ILE W 34 36.39 26.34 78.06
CA ILE W 34 37.00 25.57 79.14
C ILE W 34 36.63 24.10 78.93
N HIS W 35 37.63 23.24 79.04
CA HIS W 35 37.41 21.81 78.93
C HIS W 35 37.91 21.14 80.21
N TRP W 36 37.35 19.98 80.49
CA TRP W 36 37.75 19.18 81.63
C TRP W 36 38.17 17.81 81.14
N VAL W 37 39.29 17.31 81.66
CA VAL W 37 39.87 16.05 81.23
C VAL W 37 40.04 15.16 82.44
N LYS W 38 39.65 13.89 82.31
CA LYS W 38 39.82 12.89 83.35
C LYS W 38 41.00 11.99 83.00
N GLN W 39 41.83 11.71 83.99
CA GLN W 39 43.03 10.89 83.79
C GLN W 39 42.97 9.70 84.74
N ARG W 40 42.59 8.55 84.21
CA ARG W 40 42.58 7.27 84.93
C ARG W 40 43.88 6.53 84.66
N PRO W 41 44.53 5.94 85.68
CA PRO W 41 45.78 5.22 85.44
C PRO W 41 45.71 4.11 84.41
N GLU W 42 44.51 3.73 83.95
CA GLU W 42 44.36 2.68 82.96
C GLU W 42 43.87 3.17 81.61
N LYS W 43 43.00 4.18 81.58
CA LYS W 43 42.37 4.66 80.35
C LYS W 43 43.04 5.89 79.78
N GLY W 44 44.11 6.39 80.38
CA GLY W 44 44.78 7.55 79.85
C GLY W 44 43.95 8.81 80.09
N LEU W 45 43.77 9.61 79.04
CA LEU W 45 43.01 10.84 79.12
C LEU W 45 41.63 10.67 78.51
N GLU W 46 40.62 11.22 79.17
CA GLU W 46 39.24 11.22 78.68
C GLU W 46 38.67 12.62 78.78
N TRP W 47 38.15 13.12 77.66
CA TRP W 47 37.53 14.43 77.64
C TRP W 47 36.13 14.37 78.24
N ILE W 48 35.82 15.35 79.09
CA ILE W 48 34.54 15.36 79.80
C ILE W 48 33.55 16.25 79.07
N GLY W 49 33.85 17.54 78.95
CA GLY W 49 32.93 18.46 78.30
C GLY W 49 33.57 19.81 78.08
N ALA W 50 32.87 20.63 77.30
CA ALA W 50 33.33 21.97 76.95
C ALA W 50 32.28 23.00 77.38
N ILE W 51 32.70 23.92 78.23
CA ILE W 51 31.85 25.00 78.72
C ILE W 51 32.45 26.34 78.35
N ASP W 52 31.59 27.27 77.96
CA ASP W 52 31.99 28.60 77.54
C ASP W 52 31.52 29.64 78.55
N PRO W 53 32.41 30.24 79.33
CA PRO W 53 32.00 31.38 80.17
C PRO W 53 31.48 32.52 79.32
N GLU W 54 30.92 33.53 80.00
CA GLU W 54 30.17 34.61 79.35
C GLU W 54 28.86 34.05 78.78
N TYR W 55 28.91 33.44 77.59
CA TYR W 55 27.70 32.89 76.98
C TYR W 55 27.08 31.78 77.84
N GLY W 56 27.91 30.96 78.49
CA GLY W 56 27.41 29.87 79.31
C GLY W 56 26.99 28.63 78.55
N ASP W 57 27.50 28.40 77.35
CA ASP W 57 27.17 27.21 76.57
C ASP W 57 27.70 25.96 77.27
N THR W 58 27.11 24.80 76.91
CA THR W 58 27.44 23.52 77.56
C THR W 58 27.41 22.39 76.55
N GLU W 59 28.45 21.55 76.56
CA GLU W 59 28.52 20.32 75.79
C GLU W 59 29.14 19.23 76.64
N TYR W 60 28.66 17.99 76.47
CA TYR W 60 29.09 16.85 77.27
C TYR W 60 29.44 15.67 76.37
N VAL W 61 29.89 14.59 77.01
CA VAL W 61 30.12 13.31 76.36
C VAL W 61 28.99 12.37 76.77
N PRO W 62 28.42 11.58 75.84
CA PRO W 62 27.37 10.64 76.23
C PRO W 62 27.80 9.66 77.33
N LYS W 63 29.09 9.39 77.46
CA LYS W 63 29.55 8.54 78.55
C LYS W 63 29.35 9.21 79.90
N PHE W 64 29.54 10.53 79.96
CA PHE W 64 29.53 11.26 81.22
C PHE W 64 28.23 12.00 81.47
N GLN W 65 27.29 11.97 80.52
CA GLN W 65 26.00 12.62 80.73
C GLN W 65 25.24 11.94 81.87
N GLY W 66 24.82 12.74 82.85
CA GLY W 66 24.21 12.23 84.05
C GLY W 66 25.18 11.95 85.18
N LYS W 67 26.48 11.87 84.88
CA LYS W 67 27.53 11.71 85.88
C LYS W 67 28.22 13.02 86.23
N ALA W 68 28.53 13.83 85.22
CA ALA W 68 29.22 15.10 85.41
C ALA W 68 28.29 16.26 85.09
N THR W 69 28.25 17.24 85.99
CA THR W 69 27.49 18.48 85.79
C THR W 69 28.46 19.65 85.81
N MET W 70 28.35 20.53 84.82
CA MET W 70 29.28 21.63 84.65
C MET W 70 28.60 22.97 84.87
N THR W 71 29.26 23.85 85.62
CA THR W 71 28.73 25.18 85.89
C THR W 71 29.84 26.22 85.75
N ALA W 72 29.42 27.46 85.47
CA ALA W 72 30.35 28.58 85.28
C ALA W 72 29.76 29.83 85.91
N ASP W 73 30.56 30.50 86.74
CA ASP W 73 30.17 31.76 87.36
C ASP W 73 30.81 32.92 86.61
N THR W 74 29.97 33.78 86.02
CA THR W 74 30.45 34.86 85.17
C THR W 74 31.27 35.88 85.95
N SER W 75 30.82 36.23 87.15
CA SER W 75 31.64 37.06 88.03
C SER W 75 32.88 36.25 88.41
N SER W 76 33.96 36.95 88.73
CA SER W 76 35.25 36.33 89.02
C SER W 76 35.59 35.35 87.88
N ASN W 77 35.66 33.99 87.99
CA ASN W 77 35.43 32.99 89.04
C ASN W 77 35.77 31.67 88.42
N THR W 78 34.74 30.84 88.23
CA THR W 78 34.80 29.59 87.47
C THR W 78 35.75 28.65 88.17
N ALA W 79 35.71 27.33 87.93
CA ALA W 79 34.87 26.60 86.97
C ALA W 79 34.51 25.30 87.66
N TYR W 80 33.22 25.11 87.88
CA TYR W 80 32.72 24.03 88.70
C TYR W 80 32.42 22.76 87.89
N LEU W 81 32.98 21.64 88.34
CA LEU W 81 32.65 20.32 87.83
C LEU W 81 32.25 19.45 89.02
N GLN W 82 31.02 18.92 88.99
CA GLN W 82 30.53 18.12 90.10
C GLN W 82 30.09 16.75 89.60
N LEU W 83 30.37 15.72 90.38
CA LEU W 83 29.98 14.35 90.09
C LEU W 83 29.05 13.85 91.18
N SER W 84 28.01 13.12 90.77
CA SER W 84 26.96 12.68 91.69
C SER W 84 27.34 11.35 92.33
N SER W 85 26.64 10.28 91.92
CA SER W 85 26.87 8.94 92.45
C SER W 85 28.27 8.42 92.10
N LEU W 86 29.18 8.47 93.07
CA LEU W 86 30.56 8.07 92.86
C LEU W 86 30.76 6.56 93.02
N THR W 87 31.51 5.98 92.07
CA THR W 87 31.90 4.59 92.08
C THR W 87 33.42 4.51 92.05
N SER W 88 33.95 3.28 92.04
CA SER W 88 35.40 3.07 92.02
C SER W 88 36.05 3.53 90.73
N GLU W 89 35.31 3.60 89.63
CA GLU W 89 35.87 3.99 88.34
C GLU W 89 36.08 5.49 88.20
N ASP W 90 35.67 6.28 89.19
CA ASP W 90 35.85 7.73 89.15
C ASP W 90 37.13 8.18 89.86
N THR W 91 37.85 7.28 90.49
CA THR W 91 39.13 7.61 91.12
C THR W 91 40.12 8.01 90.02
N ALA W 92 40.36 9.30 89.87
CA ALA W 92 41.20 9.80 88.80
C ALA W 92 41.66 11.22 89.13
N VAL W 93 42.53 11.75 88.27
CA VAL W 93 42.99 13.12 88.36
C VAL W 93 42.24 13.94 87.31
N TYR W 94 41.58 15.01 87.74
CA TYR W 94 40.77 15.84 86.86
C TYR W 94 41.44 17.18 86.63
N TYR W 95 41.43 17.62 85.37
CA TYR W 95 42.07 18.86 84.96
C TYR W 95 41.04 19.79 84.34
N CYS W 96 41.19 21.09 84.61
CA CYS W 96 40.41 22.12 83.93
C CYS W 96 41.34 22.84 82.95
N ASN W 97 41.06 22.71 81.67
CA ASN W 97 41.91 23.26 80.62
C ASN W 97 41.15 24.32 79.83
N ALA W 98 41.87 25.36 79.41
CA ALA W 98 41.30 26.43 78.60
C ALA W 98 42.29 26.79 77.51
N GLY W 99 41.98 26.46 76.26
CA GLY W 99 42.73 27.03 75.16
C GLY W 99 42.55 28.53 75.12
N HIS W 100 43.60 29.24 74.71
CA HIS W 100 43.53 30.69 74.76
C HIS W 100 42.43 31.18 73.82
N ASP W 101 41.42 31.81 74.43
CA ASP W 101 40.21 32.41 73.86
C ASP W 101 39.14 31.41 73.43
N TYR W 102 39.46 30.33 72.72
CA TYR W 102 38.35 29.52 72.23
C TYR W 102 38.80 28.16 71.69
N ASP W 103 37.80 27.30 71.50
CA ASP W 103 37.79 26.06 70.73
C ASP W 103 38.41 24.90 71.51
N ARG W 104 38.47 23.73 70.90
CA ARG W 104 38.70 22.47 71.62
C ARG W 104 40.16 22.06 71.65
N GLY W 105 40.71 21.69 70.49
CA GLY W 105 42.05 21.13 70.39
C GLY W 105 43.09 21.70 71.32
N ARG W 106 43.19 23.02 71.40
CA ARG W 106 44.28 23.64 72.15
C ARG W 106 43.96 23.55 73.64
N PHE W 107 44.84 22.89 74.39
CA PHE W 107 44.93 23.04 75.85
C PHE W 107 46.36 23.46 76.17
N PRO W 108 46.68 24.75 76.04
CA PRO W 108 48.00 25.21 76.48
C PRO W 108 48.04 25.64 77.93
N TYR W 109 46.89 25.83 78.55
CA TYR W 109 46.80 26.28 79.93
C TYR W 109 46.02 25.23 80.72
N TRP W 110 46.75 24.41 81.48
CA TRP W 110 46.17 23.33 82.26
C TRP W 110 46.07 23.72 83.73
N GLY W 111 45.10 23.12 84.42
CA GLY W 111 45.01 23.26 85.85
C GLY W 111 46.09 22.47 86.57
N GLN W 112 46.15 22.68 87.88
CA GLN W 112 47.16 22.00 88.68
C GLN W 112 46.89 20.50 88.81
N GLY W 113 45.65 20.07 88.57
CA GLY W 113 45.27 18.69 88.76
C GLY W 113 44.63 18.45 90.11
N THR W 114 43.55 17.69 90.13
CA THR W 114 42.82 17.37 91.36
C THR W 114 42.64 15.87 91.44
N LEU W 115 43.19 15.25 92.47
CA LEU W 115 43.11 13.81 92.64
C LEU W 115 41.89 13.48 93.49
N VAL W 116 40.93 12.78 92.89
CA VAL W 116 39.73 12.34 93.58
C VAL W 116 39.85 10.84 93.81
N THR W 117 39.68 10.42 95.06
CA THR W 117 39.76 9.01 95.44
C THR W 117 38.43 8.61 96.05
N VAL W 118 37.74 7.68 95.40
CA VAL W 118 36.46 7.19 95.90
C VAL W 118 36.75 5.79 96.42
N SER W 119 36.88 5.68 97.75
CA SER W 119 37.18 4.40 98.36
C SER W 119 36.85 4.46 99.85
N ALA W 120 36.67 3.27 100.43
CA ALA W 120 36.41 3.09 101.85
C ALA W 120 37.60 2.36 102.49
N ALA W 121 37.94 2.69 103.74
CA ALA W 121 37.35 3.74 104.58
C ALA W 121 38.36 4.12 105.68
N LYS W 122 38.15 5.31 106.25
CA LYS W 122 38.74 5.70 107.53
C LYS W 122 40.24 5.91 107.48
N THR W 123 40.79 6.56 108.52
CA THR W 123 42.20 6.96 108.56
C THR W 123 43.03 5.88 109.23
N THR W 124 43.87 5.18 108.45
CA THR W 124 44.73 4.15 108.98
C THR W 124 46.17 4.66 109.01
N PRO W 125 46.85 4.65 110.16
CA PRO W 125 48.25 5.05 110.19
C PRO W 125 49.14 3.99 109.58
N PRO W 126 50.33 4.34 109.12
CA PRO W 126 51.20 3.34 108.48
C PRO W 126 51.94 2.50 109.51
N SER W 127 52.25 1.27 109.12
CA SER W 127 53.07 0.37 109.93
C SER W 127 54.46 0.31 109.31
N VAL W 128 55.45 0.80 110.02
CA VAL W 128 56.83 0.88 109.53
C VAL W 128 57.61 -0.30 110.10
N TYR W 129 58.32 -1.00 109.22
CA TYR W 129 59.11 -2.17 109.60
C TYR W 129 60.51 -2.04 109.05
N PRO W 130 61.54 -2.16 109.88
CA PRO W 130 62.91 -2.07 109.38
C PRO W 130 63.28 -3.30 108.56
N LEU W 131 64.20 -3.10 107.62
CA LEU W 131 64.71 -4.15 106.74
C LEU W 131 66.23 -4.14 106.83
N ALA W 132 66.76 -4.95 107.76
CA ALA W 132 68.18 -5.06 108.06
C ALA W 132 68.77 -6.31 107.41
N PRO W 133 70.08 -6.31 107.15
CA PRO W 133 70.71 -7.50 106.55
C PRO W 133 70.69 -8.68 107.51
N GLY W 134 71.08 -9.84 106.97
CA GLY W 134 71.03 -11.08 107.70
C GLY W 134 72.37 -11.64 108.14
N SER W 135 72.66 -11.56 109.43
CA SER W 135 73.84 -12.17 110.06
C SER W 135 75.08 -11.54 109.43
N ALA W 136 76.10 -12.32 109.06
CA ALA W 136 77.37 -11.80 108.59
C ALA W 136 77.75 -12.34 107.22
N ALA W 137 76.75 -12.64 106.38
CA ALA W 137 76.96 -13.23 105.08
C ALA W 137 77.06 -12.17 103.97
N GLN W 138 77.47 -10.94 104.29
CA GLN W 138 77.52 -9.87 103.31
C GLN W 138 78.92 -9.26 103.21
N THR W 139 79.39 -8.58 104.26
CA THR W 139 80.66 -7.87 104.34
C THR W 139 80.84 -6.86 103.20
N ASN W 140 82.07 -6.39 102.99
CA ASN W 140 82.33 -5.34 102.01
C ASN W 140 82.03 -5.84 100.59
N SER W 141 81.64 -4.91 99.72
CA SER W 141 81.51 -3.49 100.04
C SER W 141 80.11 -2.94 99.81
N MET W 142 79.76 -1.94 100.63
CA MET W 142 78.48 -1.23 100.61
C MET W 142 77.32 -2.11 101.07
N VAL W 143 76.35 -1.51 101.74
CA VAL W 143 75.22 -2.23 102.32
C VAL W 143 73.93 -1.51 101.96
N THR W 144 72.91 -2.30 101.63
CA THR W 144 71.58 -1.78 101.35
C THR W 144 70.72 -1.90 102.60
N LEU W 145 69.99 -0.83 102.92
CA LEU W 145 69.03 -0.81 104.01
C LEU W 145 67.67 -0.40 103.49
N GLY W 146 66.63 -0.80 104.22
CA GLY W 146 65.27 -0.54 103.76
C GLY W 146 64.30 -0.37 104.91
N CYS W 147 63.19 0.30 104.61
CA CYS W 147 62.07 0.46 105.53
C CYS W 147 60.78 0.17 104.78
N LEU W 148 59.95 -0.71 105.35
CA LEU W 148 58.74 -1.19 104.71
C LEU W 148 57.54 -0.50 105.35
N VAL W 149 56.72 0.15 104.52
CA VAL W 149 55.52 0.86 104.98
C VAL W 149 54.32 0.08 104.46
N LYS W 150 53.54 -0.49 105.37
CA LYS W 150 52.44 -1.37 105.00
C LYS W 150 51.17 -0.96 105.73
N GLY W 151 50.05 -1.13 105.03
CA GLY W 151 48.74 -0.95 105.64
C GLY W 151 48.41 0.47 106.04
N TYR W 152 48.49 1.40 105.08
CA TYR W 152 48.15 2.79 105.33
C TYR W 152 47.15 3.29 104.29
N PHE W 153 46.48 4.39 104.62
CA PHE W 153 45.51 5.01 103.73
C PHE W 153 45.27 6.43 104.21
N PRO W 154 45.24 7.43 103.32
CA PRO W 154 45.44 7.26 101.88
C PRO W 154 46.83 7.66 101.40
N GLU W 155 47.03 7.60 100.09
CA GLU W 155 48.25 8.12 99.49
C GLU W 155 48.31 9.63 99.68
N PRO W 156 49.52 10.21 99.85
CA PRO W 156 50.84 9.57 99.90
C PRO W 156 51.49 9.58 101.28
N VAL W 157 52.71 9.03 101.34
CA VAL W 157 53.56 9.11 102.52
C VAL W 157 54.92 9.63 102.08
N THR W 158 55.56 10.36 102.98
CA THR W 158 56.87 10.97 102.74
C THR W 158 57.93 10.21 103.53
N VAL W 159 58.84 9.55 102.83
CA VAL W 159 59.89 8.74 103.45
C VAL W 159 61.22 9.45 103.27
N THR W 160 61.85 9.80 104.39
CA THR W 160 63.20 10.37 104.41
C THR W 160 64.08 9.52 105.32
N TRP W 161 65.40 9.66 105.17
CA TRP W 161 66.36 8.87 105.92
C TRP W 161 67.07 9.78 106.91
N ASN W 162 68.33 10.15 106.69
CA ASN W 162 69.11 10.90 107.69
C ASN W 162 68.64 12.34 107.83
N SER W 163 67.36 12.53 108.17
CA SER W 163 66.80 13.85 108.45
C SER W 163 67.03 14.81 107.29
N GLY W 164 66.87 14.31 106.07
CA GLY W 164 67.10 15.08 104.87
C GLY W 164 68.50 14.94 104.30
N SER W 165 69.49 14.63 105.13
CA SER W 165 70.84 14.42 104.64
C SER W 165 70.93 13.12 103.86
N LEU W 166 71.94 13.06 102.98
CA LEU W 166 72.17 11.91 102.12
C LEU W 166 70.98 11.62 101.21
N SER W 167 71.00 12.18 100.00
CA SER W 167 69.94 11.96 99.03
C SER W 167 70.33 11.05 97.89
N SER W 168 71.61 10.70 97.76
CA SER W 168 72.07 9.81 96.71
C SER W 168 71.99 8.36 97.16
N GLY W 169 71.75 7.47 96.20
CA GLY W 169 71.65 6.06 96.50
C GLY W 169 70.35 5.63 97.15
N VAL W 170 69.29 6.42 97.00
CA VAL W 170 67.99 6.10 97.58
C VAL W 170 67.05 5.68 96.46
N HIS W 171 66.08 4.85 96.81
CA HIS W 171 65.08 4.36 95.85
C HIS W 171 63.74 4.28 96.55
N THR W 172 62.78 5.06 96.06
CA THR W 172 61.42 5.04 96.57
C THR W 172 60.53 4.31 95.57
N PHE W 173 59.93 3.20 96.01
CA PHE W 173 59.14 2.38 95.09
C PHE W 173 57.67 2.78 95.15
N PRO W 174 56.99 2.75 94.00
CA PRO W 174 55.57 3.14 93.97
C PRO W 174 54.72 2.27 94.88
N ALA W 175 53.66 2.86 95.42
CA ALA W 175 52.78 2.16 96.34
C ALA W 175 51.94 1.13 95.60
N VAL W 176 51.58 0.06 96.30
CA VAL W 176 50.75 -1.01 95.77
C VAL W 176 49.50 -1.11 96.62
N LEU W 177 48.35 -1.17 95.97
CA LEU W 177 47.06 -1.23 96.64
C LEU W 177 46.60 -2.67 96.75
N GLN W 178 46.42 -3.15 97.98
CA GLN W 178 45.91 -4.49 98.21
C GLN W 178 45.05 -4.48 99.46
N SER W 179 43.88 -5.13 99.38
CA SER W 179 42.92 -5.17 100.49
C SER W 179 42.53 -3.76 100.93
N ASP W 180 42.36 -2.86 99.95
CA ASP W 180 41.99 -1.48 100.16
C ASP W 180 42.99 -0.72 101.03
N LEU W 181 44.23 -1.21 101.09
CA LEU W 181 45.30 -0.54 101.83
C LEU W 181 46.55 -0.50 100.98
N TYR W 182 47.35 0.55 101.19
CA TYR W 182 48.55 0.77 100.40
C TYR W 182 49.78 0.20 101.09
N THR W 183 50.83 -0.03 100.29
CA THR W 183 52.09 -0.55 100.79
C THR W 183 53.23 0.08 99.99
N LEU W 184 54.17 0.71 100.69
CA LEU W 184 55.29 1.38 100.07
C LEU W 184 56.60 0.74 100.55
N SER W 185 57.62 0.84 99.72
CA SER W 185 58.96 0.33 100.03
C SER W 185 60.00 1.39 99.68
N SER W 186 61.04 1.46 100.49
CA SER W 186 62.12 2.42 100.28
C SER W 186 63.44 1.77 100.67
N SER W 187 64.47 2.00 99.85
CA SER W 187 65.79 1.43 100.08
C SER W 187 66.85 2.51 99.96
N VAL W 188 67.95 2.30 100.68
CA VAL W 188 69.10 3.21 100.66
C VAL W 188 70.37 2.38 100.76
N THR W 189 71.41 2.82 100.03
CA THR W 189 72.68 2.10 99.98
C THR W 189 73.77 3.00 100.52
N VAL W 190 74.48 2.51 101.55
CA VAL W 190 75.56 3.26 102.18
C VAL W 190 76.78 2.35 102.26
N PRO W 191 77.98 2.93 102.32
CA PRO W 191 79.19 2.10 102.45
C PRO W 191 79.20 1.33 103.76
N SER W 192 79.96 0.23 103.77
CA SER W 192 80.01 -0.63 104.95
C SER W 192 80.70 0.08 106.12
N SER W 193 81.59 1.03 105.85
CA SER W 193 82.21 1.82 106.91
C SER W 193 81.24 2.79 107.57
N THR W 194 80.06 2.99 106.98
CA THR W 194 79.05 3.88 107.54
C THR W 194 78.11 3.16 108.49
N TRP W 195 77.57 2.02 108.07
CA TRP W 195 76.64 1.24 108.89
C TRP W 195 77.26 -0.09 109.26
N PRO W 196 77.11 -0.54 110.52
CA PRO W 196 76.41 0.15 111.61
C PRO W 196 77.30 1.08 112.43
N SER W 197 78.31 1.67 111.79
CA SER W 197 79.21 2.58 112.49
C SER W 197 78.44 3.80 113.02
N GLU W 198 77.78 4.52 112.13
CA GLU W 198 76.91 5.62 112.51
C GLU W 198 75.45 5.24 112.28
N THR W 199 74.56 5.82 113.08
CA THR W 199 73.16 5.42 113.06
C THR W 199 72.50 5.80 111.73
N VAL W 200 71.58 4.93 111.29
CA VAL W 200 70.78 5.17 110.10
C VAL W 200 69.32 5.02 110.49
N THR W 201 68.54 6.07 110.29
CA THR W 201 67.15 6.11 110.71
C THR W 201 66.29 6.57 109.54
N CYS W 202 65.14 5.91 109.37
CA CYS W 202 64.18 6.27 108.33
C CYS W 202 62.96 6.92 108.98
N ASN W 203 62.47 7.98 108.35
CA ASN W 203 61.33 8.75 108.84
C ASN W 203 60.19 8.62 107.84
N VAL W 204 59.02 8.24 108.33
CA VAL W 204 57.83 8.05 107.49
C VAL W 204 56.77 9.03 107.97
N ALA W 205 56.46 10.02 107.13
CA ALA W 205 55.48 11.04 107.45
C ALA W 205 54.19 10.75 106.68
N HIS W 206 53.08 10.60 107.41
CA HIS W 206 51.78 10.39 106.80
C HIS W 206 50.89 11.57 107.17
N PRO W 207 50.59 12.47 106.22
CA PRO W 207 49.91 13.72 106.59
C PRO W 207 48.55 13.52 107.24
N ALA W 208 47.78 12.54 106.80
CA ALA W 208 46.45 12.32 107.38
C ALA W 208 46.48 11.60 108.71
N SER W 209 47.63 11.05 109.12
CA SER W 209 47.75 10.42 110.43
C SER W 209 48.90 11.00 111.23
N SER W 210 50.00 10.27 111.35
CA SER W 210 51.07 10.66 112.25
C SER W 210 52.43 10.29 111.67
N THR W 211 53.43 11.08 112.04
CA THR W 211 54.81 10.83 111.64
C THR W 211 55.42 9.75 112.53
N LYS W 212 56.24 8.89 111.93
CA LYS W 212 56.93 7.83 112.65
C LYS W 212 58.42 7.86 112.35
N VAL W 213 59.21 7.42 113.33
CA VAL W 213 60.66 7.41 113.24
C VAL W 213 61.16 6.07 113.75
N ASP W 214 61.98 5.39 112.95
CA ASP W 214 62.47 4.06 113.29
C ASP W 214 63.93 3.94 112.89
N LYS W 215 64.80 3.64 113.86
CA LYS W 215 66.22 3.46 113.60
C LYS W 215 66.52 2.00 113.28
N LYS W 216 67.54 1.80 112.45
CA LYS W 216 67.90 0.46 111.97
C LYS W 216 69.05 -0.10 112.79
N ILE W 217 68.85 -1.30 113.33
CA ILE W 217 69.85 -1.99 114.14
C ILE W 217 70.03 -3.39 113.57
N VAL W 218 71.26 -3.91 113.68
CA VAL W 218 71.61 -5.25 113.21
C VAL W 218 70.62 -6.30 113.68
N ASP X 1 32.53 8.08 67.43
CA ASP X 1 33.67 8.08 68.32
C ASP X 1 34.95 7.76 67.54
N ILE X 2 35.76 8.78 67.30
CA ILE X 2 37.01 8.62 66.55
C ILE X 2 38.08 8.08 67.50
N VAL X 3 38.62 6.91 67.16
CA VAL X 3 39.60 6.23 68.00
C VAL X 3 40.99 6.67 67.61
N MET X 4 41.78 7.09 68.61
CA MET X 4 43.18 7.47 68.41
C MET X 4 44.06 6.30 68.80
N THR X 5 44.75 5.72 67.83
CA THR X 5 45.58 4.54 68.04
C THR X 5 47.04 4.92 67.83
N GLN X 6 47.82 4.93 68.90
CA GLN X 6 49.26 5.15 68.81
C GLN X 6 49.99 3.82 68.71
N SER X 7 51.03 3.80 67.89
CA SER X 7 51.75 2.57 67.56
C SER X 7 52.26 1.83 68.80
N GLN X 8 53.30 2.37 69.44
CA GLN X 8 53.94 1.69 70.55
C GLN X 8 53.68 2.42 71.86
N LYS X 9 53.58 1.64 72.94
CA LYS X 9 53.42 2.21 74.28
C LYS X 9 54.73 2.73 74.84
N PHE X 10 55.85 2.09 74.48
CA PHE X 10 57.17 2.52 74.92
C PHE X 10 58.07 2.67 73.70
N MET X 11 59.08 3.54 73.83
CA MET X 11 60.00 3.79 72.73
C MET X 11 61.39 4.07 73.29
N SER X 12 62.39 3.41 72.72
CA SER X 12 63.77 3.57 73.13
C SER X 12 64.53 4.44 72.14
N THR X 13 65.49 5.20 72.67
CA THR X 13 66.29 6.13 71.89
C THR X 13 67.38 6.65 72.80
N SER X 14 68.30 7.42 72.23
CA SER X 14 69.38 8.03 72.98
C SER X 14 69.45 9.52 72.68
N VAL X 15 70.15 10.25 73.56
CA VAL X 15 70.30 11.69 73.39
C VAL X 15 70.98 11.96 72.05
N GLY X 16 70.44 12.91 71.31
CA GLY X 16 70.96 13.26 70.01
C GLY X 16 70.30 12.54 68.85
N ASP X 17 69.62 11.43 69.09
CA ASP X 17 68.99 10.67 68.01
C ASP X 17 67.72 11.35 67.56
N ARG X 18 67.02 10.71 66.61
CA ARG X 18 65.80 11.22 66.02
C ARG X 18 64.68 10.24 66.27
N VAL X 19 63.57 10.72 66.81
CA VAL X 19 62.44 9.88 67.21
C VAL X 19 61.21 10.35 66.44
N SER X 20 60.37 9.39 66.03
CA SER X 20 59.13 9.67 65.32
C SER X 20 58.01 8.84 65.94
N ILE X 21 57.01 9.51 66.47
CA ILE X 21 55.85 8.86 67.08
C ILE X 21 54.67 9.00 66.12
N THR X 22 53.97 7.89 65.89
CA THR X 22 52.88 7.86 64.93
C THR X 22 51.53 7.80 65.65
N CYS X 23 50.54 8.43 65.03
CA CYS X 23 49.17 8.47 65.56
C CYS X 23 48.21 8.24 64.41
N LYS X 24 47.44 7.17 64.48
CA LYS X 24 46.53 6.78 63.40
C LYS X 24 45.10 7.01 63.83
N ALA X 25 44.34 7.71 62.97
CA ALA X 25 42.95 8.04 63.24
C ALA X 25 42.02 7.02 62.59
N SER X 26 40.90 6.76 63.25
CA SER X 26 39.89 5.88 62.68
C SER X 26 38.99 6.59 61.68
N GLN X 27 39.15 7.90 61.52
CA GLN X 27 38.37 8.69 60.57
C GLN X 27 39.23 9.81 60.05
N ASN X 28 38.80 10.40 58.93
CA ASN X 28 39.49 11.56 58.38
C ASN X 28 39.23 12.76 59.27
N VAL X 29 40.31 13.39 59.75
CA VAL X 29 40.17 14.52 60.67
C VAL X 29 40.92 15.73 60.11
N GLY X 30 41.27 15.67 58.83
CA GLY X 30 41.99 16.77 58.20
C GLY X 30 43.32 17.02 58.88
N THR X 31 43.43 18.21 59.51
CA THR X 31 44.62 18.57 60.28
C THR X 31 44.26 18.93 61.71
N ALA X 32 43.08 18.52 62.18
CA ALA X 32 42.64 18.81 63.54
C ALA X 32 43.22 17.79 64.50
N VAL X 33 44.54 17.85 64.66
CA VAL X 33 45.28 16.97 65.56
C VAL X 33 46.25 17.80 66.37
N ALA X 34 46.31 17.55 67.67
CA ALA X 34 47.22 18.24 68.57
C ALA X 34 48.05 17.22 69.35
N TRP X 35 49.24 17.63 69.75
CA TRP X 35 50.18 16.80 70.49
C TRP X 35 50.47 17.44 71.83
N TYR X 36 50.61 16.62 72.88
CA TYR X 36 50.90 17.10 74.21
C TYR X 36 52.06 16.32 74.81
N GLN X 37 52.74 16.96 75.76
CA GLN X 37 53.83 16.36 76.53
C GLN X 37 53.46 16.39 78.00
N GLN X 38 53.62 15.26 78.67
CA GLN X 38 53.30 15.14 80.09
C GLN X 38 54.44 14.43 80.80
N LYS X 39 55.06 15.12 81.77
CA LYS X 39 56.07 14.53 82.63
C LYS X 39 55.43 13.96 83.88
N PRO X 40 56.07 12.98 84.51
CA PRO X 40 55.48 12.38 85.73
C PRO X 40 55.27 13.40 86.82
N GLY X 41 54.12 13.32 87.47
CA GLY X 41 53.79 14.23 88.55
C GLY X 41 53.52 15.65 88.13
N GLN X 42 53.22 15.88 86.85
CA GLN X 42 52.93 17.22 86.34
C GLN X 42 51.71 17.14 85.43
N SER X 43 51.19 18.33 85.09
CA SER X 43 50.08 18.43 84.16
C SER X 43 50.61 18.50 82.73
N PRO X 44 49.85 18.00 81.75
CA PRO X 44 50.31 18.02 80.36
C PRO X 44 50.52 19.44 79.86
N LYS X 45 51.47 19.57 78.94
CA LYS X 45 51.80 20.84 78.30
C LYS X 45 51.57 20.70 76.81
N LEU X 46 50.91 21.70 76.22
CA LEU X 46 50.65 21.66 74.78
C LEU X 46 51.95 21.84 74.00
N MET X 47 52.11 21.04 72.95
CA MET X 47 53.28 21.09 72.09
C MET X 47 52.91 21.54 70.68
N ILE X 48 52.17 20.70 69.94
CA ILE X 48 51.81 20.99 68.56
C ILE X 48 50.30 20.96 68.43
N TYR X 49 49.75 21.85 67.62
CA TYR X 49 48.33 21.86 67.29
C TYR X 49 48.16 22.27 65.84
N PHE X 50 47.06 21.82 65.23
CA PHE X 50 46.79 22.03 63.81
C PHE X 50 47.79 21.24 62.96
N ALA X 51 48.07 20.01 63.41
CA ALA X 51 48.95 19.05 62.75
C ALA X 51 50.41 19.45 62.84
N SER X 52 50.74 20.69 62.43
CA SER X 52 52.15 21.03 62.28
C SER X 52 52.50 22.44 62.75
N ASN X 53 51.74 23.02 63.70
CA ASN X 53 52.03 24.37 64.19
C ASN X 53 52.49 24.26 65.64
N ARG X 54 53.67 24.81 65.92
CA ARG X 54 54.20 24.80 67.28
C ARG X 54 53.55 25.89 68.12
N TYR X 55 53.26 25.55 69.37
CA TYR X 55 52.72 26.51 70.32
C TYR X 55 53.82 27.41 70.87
N THR X 56 53.42 28.59 71.33
CA THR X 56 54.34 29.54 71.96
C THR X 56 55.07 28.87 73.11
N GLY X 57 56.40 28.80 73.02
CA GLY X 57 57.10 27.97 73.98
C GLY X 57 57.99 26.93 73.35
N VAL X 58 57.44 26.15 72.43
CA VAL X 58 58.01 24.86 72.04
C VAL X 58 59.16 25.10 71.07
N PRO X 59 60.32 24.50 71.28
CA PRO X 59 61.47 24.74 70.41
C PRO X 59 61.25 24.15 69.02
N ASP X 60 61.99 24.70 68.06
CA ASP X 60 62.01 24.16 66.70
C ASP X 60 62.45 22.70 66.65
N ARG X 61 62.97 22.17 67.76
CA ARG X 61 63.33 20.75 67.83
C ARG X 61 62.16 19.84 67.53
N PHE X 62 60.95 20.23 67.92
CA PHE X 62 59.76 19.43 67.69
C PHE X 62 59.08 19.85 66.40
N THR X 63 58.72 18.86 65.58
CA THR X 63 58.05 19.10 64.31
C THR X 63 56.91 18.11 64.15
N GLY X 64 55.72 18.61 63.84
CA GLY X 64 54.57 17.78 63.57
C GLY X 64 54.29 17.69 62.09
N SER X 65 53.61 16.61 61.70
CA SER X 65 53.33 16.37 60.29
C SER X 65 52.17 15.39 60.19
N GLY X 66 51.63 15.28 58.98
CA GLY X 66 50.55 14.37 58.67
C GLY X 66 49.24 15.12 58.41
N SER X 67 48.29 14.36 57.86
CA SER X 67 46.98 14.89 57.52
C SER X 67 46.05 13.72 57.25
N GLY X 68 44.75 13.96 57.47
CA GLY X 68 43.74 12.94 57.21
C GLY X 68 43.63 11.90 58.30
N THR X 69 44.50 10.89 58.25
CA THR X 69 44.43 9.79 59.22
C THR X 69 45.78 9.32 59.74
N ASP X 70 46.89 9.76 59.18
CA ASP X 70 48.23 9.40 59.67
C ASP X 70 48.95 10.67 60.07
N PHE X 71 49.34 10.74 61.34
CA PHE X 71 50.02 11.91 61.90
C PHE X 71 51.28 11.46 62.64
N THR X 72 52.28 12.33 62.64
CA THR X 72 53.60 11.97 63.18
C THR X 72 54.22 13.16 63.89
N LEU X 73 54.83 12.88 65.05
CA LEU X 73 55.63 13.85 65.79
C LEU X 73 57.09 13.42 65.71
N THR X 74 57.96 14.35 65.31
CA THR X 74 59.38 14.07 65.10
C THR X 74 60.22 14.96 66.02
N ILE X 75 61.20 14.36 66.68
CA ILE X 75 62.11 15.09 67.58
C ILE X 75 63.51 14.95 67.01
N SER X 76 63.92 15.94 66.21
CA SER X 76 65.23 16.00 65.55
C SER X 76 66.30 16.42 66.55
N ASN X 77 67.01 15.43 67.11
CA ASN X 77 68.06 15.59 68.11
C ASN X 77 67.43 15.84 69.46
N MET X 78 67.85 15.06 70.46
CA MET X 78 67.15 14.97 71.73
C MET X 78 67.95 15.58 72.87
N GLN X 79 67.23 15.83 73.96
CA GLN X 79 67.81 16.24 75.24
C GLN X 79 67.18 15.38 76.33
N SER X 80 67.81 15.39 77.51
CA SER X 80 67.28 14.62 78.63
C SER X 80 65.90 15.12 79.05
N GLU X 81 65.63 16.41 78.85
CA GLU X 81 64.35 17.00 79.24
C GLU X 81 63.18 16.53 78.38
N ASP X 82 63.44 15.78 77.32
CA ASP X 82 62.37 15.32 76.43
C ASP X 82 61.81 13.96 76.81
N LEU X 83 62.31 13.36 77.89
CA LEU X 83 61.82 12.05 78.33
C LEU X 83 60.51 12.26 79.09
N ALA X 84 59.40 11.92 78.46
CA ALA X 84 58.06 12.09 79.04
C ALA X 84 57.07 11.35 78.17
N ASP X 85 55.79 11.49 78.53
CA ASP X 85 54.71 10.89 77.75
C ASP X 85 54.27 11.87 76.65
N TYR X 86 53.79 11.31 75.55
CA TYR X 86 53.34 12.09 74.41
C TYR X 86 51.98 11.59 73.95
N PHE X 87 51.01 12.49 73.89
CA PHE X 87 49.64 12.16 73.50
C PHE X 87 49.26 12.90 72.22
N CYS X 88 48.43 12.25 71.41
CA CYS X 88 47.79 12.90 70.27
C CYS X 88 46.29 13.00 70.52
N GLN X 89 45.70 14.09 70.02
CA GLN X 89 44.30 14.40 70.29
C GLN X 89 43.59 14.76 68.99
N GLN X 90 42.34 14.34 68.87
CA GLN X 90 41.50 14.68 67.74
C GLN X 90 40.45 15.68 68.19
N TYR X 91 40.24 16.73 67.40
CA TYR X 91 39.20 17.71 67.68
C TYR X 91 38.44 18.09 66.41
N SER X 92 38.19 17.10 65.56
CA SER X 92 37.38 17.34 64.37
C SER X 92 35.89 17.31 64.70
N SER X 93 35.48 16.40 65.59
CA SER X 93 34.09 16.31 65.98
C SER X 93 34.00 15.72 67.39
N TYR X 94 32.90 16.03 68.07
CA TYR X 94 32.68 15.53 69.41
C TYR X 94 32.27 14.06 69.38
N PRO X 95 32.66 13.28 70.41
CA PRO X 95 33.45 13.70 71.56
C PRO X 95 34.95 13.74 71.28
N LEU X 96 35.68 14.58 71.99
CA LEU X 96 37.13 14.64 71.85
C LEU X 96 37.77 13.38 72.42
N THR X 97 38.77 12.87 71.72
CA THR X 97 39.45 11.64 72.11
C THR X 97 40.95 11.84 72.09
N PHE X 98 41.64 11.06 72.92
CA PHE X 98 43.09 11.09 73.01
C PHE X 98 43.66 9.71 72.68
N GLY X 99 44.96 9.68 72.39
CA GLY X 99 45.64 8.42 72.14
C GLY X 99 46.24 7.82 73.40
N ALA X 100 46.67 6.57 73.27
CA ALA X 100 47.30 5.88 74.39
C ALA X 100 48.66 6.50 74.70
N GLY X 101 49.14 6.22 75.91
CA GLY X 101 50.41 6.78 76.33
C GLY X 101 51.58 6.23 75.54
N THR X 102 52.63 7.06 75.43
CA THR X 102 53.86 6.67 74.73
C THR X 102 55.03 7.18 75.54
N LYS X 103 55.79 6.27 76.14
CA LYS X 103 56.93 6.62 76.99
C LYS X 103 58.21 6.61 76.19
N LEU X 104 58.97 7.69 76.27
CA LEU X 104 60.29 7.80 75.66
C LEU X 104 61.36 7.56 76.71
N GLU X 105 62.21 6.55 76.48
CA GLU X 105 63.23 6.18 77.44
C GLU X 105 64.62 6.32 76.84
N LEU X 106 65.61 6.46 77.72
CA LEU X 106 67.00 6.56 77.30
C LEU X 106 67.62 5.17 77.32
N LYS X 107 68.28 4.81 76.21
CA LYS X 107 68.86 3.48 76.02
C LYS X 107 70.05 3.34 76.92
N ARG X 108 71.08 4.12 76.63
CA ARG X 108 72.26 4.27 77.52
C ARG X 108 73.01 2.94 77.64
N ALA X 109 73.47 2.54 78.83
CA ALA X 109 74.33 1.38 79.09
C ALA X 109 73.61 0.23 79.81
N ASP X 110 74.28 -0.93 79.81
CA ASP X 110 73.67 -2.19 80.18
C ASP X 110 74.11 -2.49 81.62
N ALA X 111 73.21 -2.38 82.58
CA ALA X 111 73.53 -2.64 83.97
C ALA X 111 72.94 -3.97 84.41
N ALA X 112 73.64 -4.64 85.32
CA ALA X 112 73.15 -5.84 86.00
C ALA X 112 72.44 -5.42 87.29
N PRO X 113 71.37 -6.08 87.69
CA PRO X 113 70.68 -5.66 88.92
C PRO X 113 71.52 -5.94 90.15
N THR X 114 71.19 -5.23 91.22
CA THR X 114 71.79 -5.45 92.53
C THR X 114 70.69 -5.99 93.43
N VAL X 115 70.86 -7.22 93.91
CA VAL X 115 69.80 -7.94 94.61
C VAL X 115 70.17 -8.04 96.08
N SER X 116 69.22 -7.65 96.93
CA SER X 116 69.40 -7.73 98.38
C SER X 116 68.10 -8.25 98.98
N ILE X 117 68.20 -9.34 99.73
CA ILE X 117 67.05 -9.95 100.38
C ILE X 117 67.09 -9.62 101.86
N PHE X 118 65.93 -9.42 102.46
CA PHE X 118 65.83 -9.03 103.86
C PHE X 118 64.74 -9.88 104.52
N PRO X 119 65.08 -10.64 105.57
CA PRO X 119 64.06 -11.40 106.28
C PRO X 119 63.15 -10.47 107.07
N PRO X 120 62.00 -10.96 107.54
CA PRO X 120 61.13 -10.13 108.36
C PRO X 120 61.84 -9.67 109.63
N SER X 121 61.59 -8.42 110.02
CA SER X 121 62.20 -7.88 111.21
C SER X 121 61.61 -8.54 112.46
N SER X 122 62.39 -8.48 113.54
CA SER X 122 61.91 -9.01 114.82
C SER X 122 60.68 -8.25 115.31
N GLU X 123 60.56 -6.97 114.94
CA GLU X 123 59.41 -6.18 115.36
C GLU X 123 58.14 -6.62 114.64
N GLN X 124 58.23 -6.89 113.34
CA GLN X 124 57.05 -7.31 112.59
C GLN X 124 56.58 -8.69 113.02
N LEU X 125 57.50 -9.57 113.44
CA LEU X 125 57.12 -10.88 113.92
C LEU X 125 56.35 -10.84 115.23
N THR X 126 56.34 -9.69 115.92
CA THR X 126 55.51 -9.55 117.11
C THR X 126 54.05 -9.28 116.78
N SER X 127 53.76 -8.86 115.54
CA SER X 127 52.40 -8.57 115.12
C SER X 127 51.71 -9.77 114.48
N GLY X 128 52.38 -10.91 114.39
CA GLY X 128 51.81 -12.08 113.75
C GLY X 128 51.98 -12.14 112.26
N GLY X 129 52.73 -11.20 111.67
CA GLY X 129 52.96 -11.21 110.25
C GLY X 129 54.43 -11.27 109.90
N ALA X 130 54.75 -11.67 108.67
CA ALA X 130 56.13 -11.83 108.23
C ALA X 130 56.24 -11.44 106.78
N SER X 131 57.04 -10.42 106.49
CA SER X 131 57.25 -9.93 105.12
C SER X 131 58.72 -10.07 104.75
N VAL X 132 58.99 -10.74 103.64
CA VAL X 132 60.33 -10.90 103.11
C VAL X 132 60.43 -10.02 101.86
N VAL X 133 61.38 -9.09 101.86
CA VAL X 133 61.53 -8.14 100.78
C VAL X 133 62.78 -8.48 99.98
N CYS X 134 62.79 -8.04 98.72
CA CYS X 134 63.92 -8.29 97.83
C CYS X 134 64.03 -7.10 96.89
N PHE X 135 65.10 -6.31 97.05
CA PHE X 135 65.31 -5.12 96.24
C PHE X 135 66.18 -5.43 95.03
N LEU X 136 65.73 -4.99 93.86
CA LEU X 136 66.49 -5.11 92.62
C LEU X 136 66.75 -3.70 92.12
N ASN X 137 67.97 -3.20 92.32
CA ASN X 137 68.30 -1.80 92.10
C ASN X 137 69.27 -1.63 90.95
N ASN X 138 69.02 -0.59 90.14
CA ASN X 138 69.95 -0.12 89.12
C ASN X 138 70.23 -1.19 88.06
N PHE X 139 69.17 -1.57 87.35
CA PHE X 139 69.28 -2.49 86.23
C PHE X 139 68.71 -1.86 84.97
N TYR X 140 69.14 -2.40 83.82
CA TYR X 140 68.63 -2.01 82.52
C TYR X 140 68.89 -3.15 81.56
N PRO X 141 67.93 -3.50 80.68
CA PRO X 141 66.61 -2.88 80.48
C PRO X 141 65.55 -3.24 81.52
N LYS X 142 64.31 -2.85 81.23
CA LYS X 142 63.23 -3.04 82.20
C LYS X 142 62.87 -4.51 82.39
N ASP X 143 63.01 -5.32 81.34
CA ASP X 143 62.56 -6.70 81.40
C ASP X 143 63.36 -7.50 82.43
N ILE X 144 62.67 -7.96 83.47
CA ILE X 144 63.31 -8.73 84.53
C ILE X 144 62.22 -9.55 85.20
N ASN X 145 62.61 -10.72 85.72
CA ASN X 145 61.68 -11.64 86.37
C ASN X 145 62.23 -12.04 87.72
N VAL X 146 61.38 -12.00 88.74
CA VAL X 146 61.75 -12.38 90.11
C VAL X 146 61.03 -13.68 90.46
N LYS X 147 61.76 -14.61 91.06
CA LYS X 147 61.21 -15.90 91.46
C LYS X 147 61.46 -16.11 92.95
N TRP X 148 60.40 -16.37 93.70
CA TRP X 148 60.48 -16.65 95.13
C TRP X 148 60.48 -18.16 95.35
N LYS X 149 61.42 -18.64 96.18
CA LYS X 149 61.51 -20.04 96.54
C LYS X 149 61.44 -20.19 98.05
N ILE X 150 60.55 -21.06 98.51
CA ILE X 150 60.42 -21.40 99.92
C ILE X 150 60.77 -22.87 100.05
N ASP X 151 61.91 -23.16 100.69
CA ASP X 151 62.45 -24.51 100.77
C ASP X 151 62.63 -25.11 99.38
N GLY X 152 63.07 -24.28 98.43
CA GLY X 152 63.29 -24.70 97.07
C GLY X 152 62.06 -24.74 96.19
N SER X 153 60.87 -24.56 96.75
CA SER X 153 59.62 -24.61 96.00
C SER X 153 59.20 -23.20 95.62
N GLU X 154 58.81 -23.02 94.35
CA GLU X 154 58.39 -21.70 93.88
C GLU X 154 57.09 -21.30 94.54
N ARG X 155 57.04 -20.05 95.01
CA ARG X 155 55.88 -19.52 95.72
C ARG X 155 55.24 -18.42 94.87
N GLN X 156 53.95 -18.59 94.55
CA GLN X 156 53.22 -17.66 93.71
C GLN X 156 52.33 -16.71 94.51
N ASN X 157 51.56 -17.23 95.45
CA ASN X 157 50.64 -16.42 96.23
C ASN X 157 51.39 -15.60 97.27
N GLY X 158 50.91 -14.38 97.51
CA GLY X 158 51.47 -13.52 98.54
C GLY X 158 52.57 -12.60 98.09
N VAL X 159 52.82 -12.49 96.79
CA VAL X 159 53.88 -11.63 96.26
C VAL X 159 53.28 -10.30 95.84
N LEU X 160 53.96 -9.22 96.17
CA LEU X 160 53.59 -7.87 95.75
C LEU X 160 54.81 -7.22 95.11
N ASN X 161 54.65 -6.77 93.87
CA ASN X 161 55.74 -6.18 93.11
C ASN X 161 55.47 -4.70 92.87
N SER X 162 56.54 -3.91 92.90
CA SER X 162 56.46 -2.46 92.66
C SER X 162 57.67 -2.06 91.84
N ALA X 163 57.46 -1.78 90.56
CA ALA X 163 58.54 -1.41 89.66
C ALA X 163 58.67 0.11 89.61
N THR X 164 59.91 0.60 89.69
CA THR X 164 60.19 2.02 89.61
C THR X 164 60.37 2.44 88.15
N ASP X 165 60.05 3.69 87.87
CA ASP X 165 60.28 4.25 86.54
C ASP X 165 61.76 4.52 86.34
N GLN X 166 62.11 5.00 85.14
CA GLN X 166 63.50 5.26 84.82
C GLN X 166 64.05 6.38 85.70
N ASP X 167 65.20 6.13 86.30
CA ASP X 167 65.80 7.13 87.18
C ASP X 167 66.26 8.33 86.37
N SER X 168 65.98 9.52 86.88
CA SER X 168 66.32 10.75 86.17
C SER X 168 67.81 11.04 86.14
N LYS X 169 68.61 10.36 86.96
CA LYS X 169 70.03 10.65 87.06
C LYS X 169 70.92 9.69 86.28
N ASP X 170 70.65 8.38 86.37
CA ASP X 170 71.50 7.39 85.70
C ASP X 170 70.74 6.47 84.76
N SER X 171 69.45 6.75 84.51
CA SER X 171 68.64 6.03 83.53
C SER X 171 68.49 4.56 83.85
N THR X 172 68.60 4.18 85.12
CA THR X 172 68.42 2.81 85.56
C THR X 172 67.02 2.60 86.14
N TYR X 173 66.69 1.33 86.37
CA TYR X 173 65.39 0.96 86.92
C TYR X 173 65.58 0.20 88.23
N SER X 174 64.51 0.19 89.03
CA SER X 174 64.51 -0.51 90.31
C SER X 174 63.19 -1.22 90.50
N MET X 175 63.20 -2.27 91.32
CA MET X 175 62.01 -3.08 91.57
C MET X 175 62.07 -3.64 92.98
N SER X 176 60.92 -3.63 93.66
CA SER X 176 60.79 -4.20 94.99
C SER X 176 59.76 -5.32 94.97
N SER X 177 60.11 -6.45 95.58
CA SER X 177 59.22 -7.61 95.66
C SER X 177 59.09 -8.00 97.12
N THR X 178 57.86 -8.07 97.62
CA THR X 178 57.58 -8.34 99.03
C THR X 178 56.70 -9.57 99.12
N LEU X 179 57.20 -10.62 99.78
CA LEU X 179 56.43 -11.83 100.05
C LEU X 179 55.94 -11.76 101.49
N THR X 180 54.62 -11.61 101.67
CA THR X 180 54.02 -11.45 102.98
C THR X 180 53.31 -12.74 103.36
N LEU X 181 53.74 -13.35 104.47
CA LEU X 181 53.14 -14.57 104.98
C LEU X 181 52.77 -14.36 106.45
N THR X 182 51.96 -15.27 106.97
CA THR X 182 51.69 -15.30 108.40
C THR X 182 52.93 -15.79 109.15
N LYS X 183 53.03 -15.39 110.42
CA LYS X 183 54.16 -15.82 111.24
C LYS X 183 54.16 -17.34 111.42
N ASP X 184 52.98 -17.93 111.59
CA ASP X 184 52.90 -19.38 111.73
C ASP X 184 53.46 -20.10 110.52
N GLU X 185 53.10 -19.64 109.31
CA GLU X 185 53.62 -20.28 108.11
C GLU X 185 55.09 -19.94 107.87
N TYR X 186 55.51 -18.73 108.24
CA TYR X 186 56.91 -18.37 108.08
C TYR X 186 57.81 -19.27 108.92
N GLU X 187 57.36 -19.64 110.12
CA GLU X 187 58.13 -20.49 111.01
C GLU X 187 58.04 -21.97 110.66
N ARG X 188 57.25 -22.34 109.66
CA ARG X 188 57.14 -23.74 109.25
C ARG X 188 58.11 -24.09 108.11
N HIS X 189 58.89 -23.13 107.63
CA HIS X 189 59.88 -23.37 106.59
C HIS X 189 61.20 -22.73 106.99
N ASN X 190 62.27 -23.21 106.36
CA ASN X 190 63.62 -22.79 106.71
C ASN X 190 64.31 -21.96 105.63
N SER X 191 64.24 -22.41 104.38
CA SER X 191 64.99 -21.78 103.29
C SER X 191 64.11 -20.81 102.53
N TYR X 192 64.60 -19.58 102.38
CA TYR X 192 63.92 -18.55 101.59
C TYR X 192 64.91 -17.99 100.57
N THR X 193 64.49 -17.91 99.31
CA THR X 193 65.38 -17.57 98.22
C THR X 193 64.69 -16.59 97.27
N CYS X 194 65.42 -15.54 96.88
CA CYS X 194 64.97 -14.58 95.88
C CYS X 194 65.93 -14.66 94.70
N GLU X 195 65.40 -15.05 93.54
CA GLU X 195 66.19 -15.21 92.33
C GLU X 195 65.76 -14.19 91.28
N ALA X 196 66.74 -13.46 90.76
CA ALA X 196 66.51 -12.45 89.72
C ALA X 196 67.19 -12.90 88.44
N THR X 197 66.40 -13.05 87.38
CA THR X 197 66.92 -13.39 86.05
C THR X 197 66.81 -12.17 85.15
N HIS X 198 67.93 -11.79 84.52
CA HIS X 198 68.00 -10.60 83.70
C HIS X 198 68.91 -10.89 82.51
N LYS X 199 68.69 -10.15 81.42
CA LYS X 199 69.42 -10.43 80.18
C LYS X 199 70.92 -10.15 80.29
N THR X 200 71.37 -9.45 81.33
CA THR X 200 72.79 -9.16 81.48
C THR X 200 73.59 -10.36 81.98
N SER X 201 72.93 -11.46 82.32
CA SER X 201 73.62 -12.67 82.75
C SER X 201 72.78 -13.87 82.36
N THR X 202 73.44 -14.94 81.92
CA THR X 202 72.75 -16.15 81.51
C THR X 202 72.41 -17.07 82.69
N SER X 203 72.79 -16.68 83.91
CA SER X 203 72.42 -17.40 85.12
C SER X 203 71.75 -16.43 86.09
N PRO X 204 70.74 -16.87 86.83
CA PRO X 204 70.04 -15.95 87.72
C PRO X 204 70.89 -15.56 88.92
N ILE X 205 70.67 -14.33 89.39
CA ILE X 205 71.33 -13.84 90.60
C ILE X 205 70.52 -14.30 91.80
N VAL X 206 71.15 -15.06 92.69
CA VAL X 206 70.47 -15.75 93.77
C VAL X 206 70.90 -15.13 95.10
N LYS X 207 69.93 -14.67 95.88
CA LYS X 207 70.14 -14.22 97.25
C LYS X 207 69.20 -15.01 98.16
N SER X 208 69.76 -15.61 99.21
CA SER X 208 68.97 -16.51 100.06
C SER X 208 69.41 -16.37 101.52
N PHE X 209 68.56 -16.89 102.40
CA PHE X 209 68.88 -16.99 103.82
C PHE X 209 68.10 -18.17 104.40
N ASN X 210 68.57 -18.65 105.54
CA ASN X 210 67.90 -19.71 106.27
C ASN X 210 67.31 -19.15 107.56
N ARG X 211 66.07 -19.53 107.86
CA ARG X 211 65.40 -19.02 109.05
C ARG X 211 66.13 -19.44 110.32
N ASN X 212 66.60 -20.69 110.39
CA ASN X 212 67.29 -21.16 111.58
C ASN X 212 68.64 -20.47 111.75
N GLU X 213 69.41 -20.35 110.67
CA GLU X 213 70.73 -19.73 110.74
C GLU X 213 70.64 -18.21 110.90
N CYS X 214 69.47 -17.61 110.69
CA CYS X 214 69.30 -16.18 110.87
C CYS X 214 67.86 -15.85 111.28
N GLU Y 1 -5.29 24.64 82.07
CA GLU Y 1 -6.62 24.88 81.51
C GLU Y 1 -6.69 24.43 80.05
N VAL Y 2 -5.74 23.58 79.65
CA VAL Y 2 -5.68 23.07 78.29
C VAL Y 2 -5.82 21.55 78.40
N GLN Y 3 -7.06 21.07 78.44
CA GLN Y 3 -7.35 19.65 78.46
C GLN Y 3 -8.34 19.33 77.35
N LEU Y 4 -8.29 18.09 76.87
CA LEU Y 4 -9.10 17.64 75.74
C LEU Y 4 -10.09 16.59 76.22
N GLN Y 5 -11.37 16.86 76.01
CA GLN Y 5 -12.43 15.95 76.41
C GLN Y 5 -12.93 15.18 75.19
N GLN Y 6 -13.14 13.87 75.35
CA GLN Y 6 -13.52 13.04 74.23
C GLN Y 6 -14.98 12.62 74.37
N SER Y 7 -15.38 11.62 73.57
CA SER Y 7 -16.77 11.19 73.53
C SER Y 7 -17.13 10.28 74.70
N GLY Y 8 -16.28 9.30 74.99
CA GLY Y 8 -16.60 8.31 76.01
C GLY Y 8 -16.57 6.89 75.47
N ALA Y 9 -16.39 5.92 76.35
CA ALA Y 9 -16.30 4.53 75.93
C ALA Y 9 -17.62 4.08 75.29
N GLU Y 10 -17.50 3.16 74.34
CA GLU Y 10 -18.65 2.66 73.61
C GLU Y 10 -18.46 1.19 73.27
N VAL Y 11 -19.52 0.40 73.43
CA VAL Y 11 -19.54 -1.00 73.07
C VAL Y 11 -20.30 -1.16 71.78
N VAL Y 12 -19.63 -1.68 70.74
CA VAL Y 12 -20.21 -1.80 69.41
C VAL Y 12 -20.11 -3.24 68.97
N ARG Y 13 -21.17 -3.74 68.32
CA ARG Y 13 -21.09 -5.03 67.68
C ARG Y 13 -20.23 -4.94 66.42
N SER Y 14 -19.75 -6.09 65.97
CA SER Y 14 -18.89 -6.13 64.78
C SER Y 14 -19.70 -5.76 63.54
N GLY Y 15 -19.07 -4.98 62.66
CA GLY Y 15 -19.69 -4.57 61.42
C GLY Y 15 -20.45 -3.26 61.47
N ALA Y 16 -20.35 -2.51 62.57
CA ALA Y 16 -21.01 -1.23 62.71
C ALA Y 16 -19.95 -0.15 62.92
N SER Y 17 -20.33 1.09 62.57
CA SER Y 17 -19.42 2.22 62.68
C SER Y 17 -19.55 2.90 64.03
N VAL Y 18 -18.48 3.56 64.45
CA VAL Y 18 -18.45 4.34 65.68
C VAL Y 18 -17.76 5.66 65.38
N LYS Y 19 -18.21 6.73 66.04
CA LYS Y 19 -17.69 8.07 65.83
C LYS Y 19 -17.19 8.62 67.14
N LEU Y 20 -15.90 8.95 67.20
CA LEU Y 20 -15.28 9.53 68.38
C LEU Y 20 -15.11 11.03 68.19
N SER Y 21 -15.23 11.76 69.29
CA SER Y 21 -15.13 13.22 69.28
C SER Y 21 -14.04 13.66 70.25
N CYS Y 22 -13.52 14.86 70.00
CA CYS Y 22 -12.58 15.54 70.87
C CYS Y 22 -13.13 16.94 71.12
N THR Y 23 -12.44 17.73 71.96
CA THR Y 23 -12.96 19.03 72.34
C THR Y 23 -11.80 19.99 72.61
N ALA Y 24 -12.05 21.28 72.35
CA ALA Y 24 -11.16 22.38 72.68
C ALA Y 24 -9.85 22.34 71.92
N SER Y 25 -9.80 21.62 70.80
CA SER Y 25 -8.63 21.65 69.91
C SER Y 25 -9.10 21.79 68.48
N GLY Y 26 -8.88 22.96 67.90
CA GLY Y 26 -9.31 23.25 66.55
C GLY Y 26 -10.38 24.30 66.43
N PHE Y 27 -10.00 25.58 66.57
CA PHE Y 27 -10.90 26.70 66.39
C PHE Y 27 -10.11 27.81 65.71
N ASN Y 28 -10.78 28.57 64.84
CA ASN Y 28 -10.12 29.76 64.29
C ASN Y 28 -9.91 30.77 65.40
N ILE Y 29 -8.77 31.47 65.37
CA ILE Y 29 -7.84 31.48 64.25
C ILE Y 29 -6.69 30.45 64.35
N LYS Y 30 -6.60 29.71 65.45
CA LYS Y 30 -5.50 28.77 65.66
C LYS Y 30 -6.02 27.37 65.92
N ASP Y 31 -5.70 26.37 65.06
CA ASP Y 31 -4.81 26.22 63.86
C ASP Y 31 -3.96 24.99 64.20
N TYR Y 32 -4.30 24.39 65.34
CA TYR Y 32 -3.57 23.26 65.91
C TYR Y 32 -3.36 22.15 64.89
N ALA Y 33 -2.43 21.25 65.16
CA ALA Y 33 -2.25 20.07 64.32
C ALA Y 33 -2.67 18.87 65.13
N ILE Y 34 -3.89 18.40 64.89
CA ILE Y 34 -4.49 17.33 65.69
C ILE Y 34 -4.04 15.99 65.13
N HIS Y 35 -3.62 15.11 66.02
CA HIS Y 35 -3.23 13.75 65.66
C HIS Y 35 -4.08 12.78 66.47
N TRP Y 36 -4.23 11.58 65.94
CA TRP Y 36 -4.93 10.50 66.62
C TRP Y 36 -4.02 9.30 66.78
N VAL Y 37 -4.04 8.71 67.97
CA VAL Y 37 -3.17 7.60 68.31
C VAL Y 37 -4.04 6.45 68.80
N LYS Y 38 -3.75 5.25 68.30
CA LYS Y 38 -4.43 4.03 68.71
C LYS Y 38 -3.51 3.24 69.64
N GLN Y 39 -4.07 2.73 70.73
CA GLN Y 39 -3.31 1.97 71.71
C GLN Y 39 -3.93 0.59 71.87
N ARG Y 40 -3.32 -0.40 71.24
CA ARG Y 40 -3.67 -1.81 71.35
C ARG Y 40 -2.82 -2.48 72.44
N PRO Y 41 -3.43 -3.27 73.32
CA PRO Y 41 -2.65 -3.92 74.39
C PRO Y 41 -1.48 -4.77 73.90
N GLU Y 42 -1.38 -5.03 72.59
CA GLU Y 42 -0.28 -5.82 72.05
C GLU Y 42 0.67 -5.02 71.18
N LYS Y 43 0.18 -4.03 70.43
CA LYS Y 43 1.00 -3.28 69.48
C LYS Y 43 1.49 -1.95 70.02
N GLY Y 44 1.17 -1.61 71.26
CA GLY Y 44 1.64 -0.34 71.80
C GLY Y 44 0.88 0.82 71.22
N LEU Y 45 1.60 1.84 70.76
CA LEU Y 45 1.00 3.03 70.17
C LEU Y 45 1.12 3.00 68.66
N GLU Y 46 0.05 3.39 67.97
CA GLU Y 46 0.02 3.48 66.51
C GLU Y 46 -0.57 4.83 66.11
N TRP Y 47 0.16 5.56 65.28
CA TRP Y 47 -0.32 6.84 64.79
C TRP Y 47 -1.35 6.63 63.69
N ILE Y 48 -2.44 7.39 63.75
CA ILE Y 48 -3.54 7.23 62.80
C ILE Y 48 -3.41 8.28 61.69
N GLY Y 49 -3.47 9.56 62.05
CA GLY Y 49 -3.40 10.60 61.04
C GLY Y 49 -3.26 11.96 61.68
N ALA Y 50 -2.97 12.95 60.82
CA ALA Y 50 -2.78 14.34 61.23
C ALA Y 50 -3.77 15.22 60.48
N ILE Y 51 -4.60 15.93 61.23
CA ILE Y 51 -5.60 16.83 60.67
C ILE Y 51 -5.35 18.25 61.19
N ASP Y 52 -5.49 19.21 60.28
CA ASP Y 52 -5.27 20.61 60.60
C ASP Y 52 -6.59 21.37 60.53
N PRO Y 53 -7.15 21.82 61.65
CA PRO Y 53 -8.30 22.74 61.59
C PRO Y 53 -7.93 24.01 60.85
N GLU Y 54 -8.94 24.85 60.63
CA GLU Y 54 -8.82 26.02 59.75
C GLU Y 54 -8.68 25.56 58.31
N TYR Y 55 -7.48 25.13 57.91
CA TYR Y 55 -7.26 24.67 56.53
C TYR Y 55 -8.07 23.43 56.19
N GLY Y 56 -8.23 22.50 57.14
CA GLY Y 56 -8.96 21.27 56.87
C GLY Y 56 -8.20 20.21 56.11
N ASP Y 57 -6.86 20.24 56.14
CA ASP Y 57 -6.04 19.22 55.49
C ASP Y 57 -6.24 17.86 56.14
N THR Y 58 -5.84 16.81 55.43
CA THR Y 58 -6.03 15.44 55.87
C THR Y 58 -4.80 14.60 55.55
N GLU Y 59 -4.33 13.84 56.55
CA GLU Y 59 -3.26 12.86 56.37
C GLU Y 59 -3.62 11.59 57.12
N TYR Y 60 -3.26 10.45 56.53
CA TYR Y 60 -3.61 9.15 57.09
C TYR Y 60 -2.39 8.23 57.03
N VAL Y 61 -2.55 7.04 57.57
CA VAL Y 61 -1.57 5.96 57.44
C VAL Y 61 -2.12 4.95 56.44
N PRO Y 62 -1.31 4.43 55.52
CA PRO Y 62 -1.83 3.41 54.59
C PRO Y 62 -2.48 2.23 55.29
N LYS Y 63 -2.10 1.93 56.53
CA LYS Y 63 -2.76 0.85 57.27
C LYS Y 63 -4.21 1.21 57.60
N PHE Y 64 -4.47 2.49 57.90
CA PHE Y 64 -5.78 2.91 58.37
C PHE Y 64 -6.61 3.59 57.29
N GLN Y 65 -6.07 3.78 56.10
CA GLN Y 65 -6.84 4.38 55.01
C GLN Y 65 -7.99 3.44 54.61
N GLY Y 66 -9.21 3.97 54.61
CA GLY Y 66 -10.39 3.18 54.39
C GLY Y 66 -11.02 2.61 55.64
N LYS Y 67 -10.27 2.58 56.74
CA LYS Y 67 -10.79 2.17 58.04
C LYS Y 67 -11.16 3.34 58.93
N ALA Y 68 -10.32 4.38 58.97
CA ALA Y 68 -10.55 5.55 59.78
C ALA Y 68 -10.84 6.74 58.88
N THR Y 69 -11.89 7.48 59.20
CA THR Y 69 -12.25 8.70 58.49
C THR Y 69 -12.17 9.86 59.47
N MET Y 70 -11.50 10.94 59.06
CA MET Y 70 -11.26 12.07 59.92
C MET Y 70 -12.01 13.29 59.41
N THR Y 71 -12.62 14.01 60.35
CA THR Y 71 -13.36 15.22 60.03
C THR Y 71 -13.05 16.29 61.06
N ALA Y 72 -13.21 17.54 60.64
CA ALA Y 72 -12.96 18.68 61.50
C ALA Y 72 -14.04 19.73 61.25
N ASP Y 73 -14.70 20.15 62.32
CA ASP Y 73 -15.72 21.19 62.31
C ASP Y 73 -15.08 22.49 62.78
N THR Y 74 -15.09 23.51 61.90
CA THR Y 74 -14.36 24.73 62.21
C THR Y 74 -14.93 25.43 63.45
N SER Y 75 -16.24 25.44 63.62
CA SER Y 75 -16.83 25.95 64.85
C SER Y 75 -16.46 25.04 66.02
N SER Y 76 -16.36 25.63 67.22
CA SER Y 76 -15.95 24.96 68.45
C SER Y 76 -14.64 24.19 68.14
N ASN Y 77 -14.35 22.96 68.60
CA ASN Y 77 -15.03 21.67 68.64
C ASN Y 77 -13.97 20.64 68.27
N THR Y 78 -14.38 19.44 67.83
CA THR Y 78 -13.51 18.50 67.12
C THR Y 78 -12.38 17.91 67.96
N ALA Y 79 -11.92 16.70 67.60
CA ALA Y 79 -11.78 16.22 66.23
C ALA Y 79 -12.56 14.93 66.09
N TYR Y 80 -13.44 14.85 65.10
CA TYR Y 80 -14.26 13.66 64.98
C TYR Y 80 -13.48 12.60 64.19
N LEU Y 81 -13.36 11.41 64.79
CA LEU Y 81 -12.73 10.27 64.17
C LEU Y 81 -13.73 9.13 64.17
N GLN Y 82 -14.04 8.61 62.99
CA GLN Y 82 -15.00 7.53 62.85
C GLN Y 82 -14.36 6.35 62.14
N LEU Y 83 -14.69 5.15 62.61
CA LEU Y 83 -14.19 3.91 62.03
C LEU Y 83 -15.36 3.13 61.46
N SER Y 84 -15.16 2.52 60.30
CA SER Y 84 -16.26 1.89 59.58
C SER Y 84 -16.48 0.46 60.06
N SER Y 85 -16.13 -0.52 59.23
CA SER Y 85 -16.31 -1.92 59.59
C SER Y 85 -15.43 -2.27 60.78
N LEU Y 86 -16.03 -2.30 61.98
CA LEU Y 86 -15.28 -2.58 63.19
C LEU Y 86 -15.08 -4.08 63.36
N THR Y 87 -13.84 -4.47 63.65
CA THR Y 87 -13.47 -5.86 63.88
C THR Y 87 -12.85 -6.00 65.26
N SER Y 88 -12.43 -7.22 65.59
CA SER Y 88 -11.82 -7.47 66.89
C SER Y 88 -10.49 -6.74 67.06
N GLU Y 89 -9.82 -6.41 65.96
CA GLU Y 89 -8.54 -5.71 66.05
C GLU Y 89 -8.69 -4.21 66.30
N ASP Y 90 -9.91 -3.70 66.33
CA ASP Y 90 -10.14 -2.28 66.60
C ASP Y 90 -10.43 -2.01 68.07
N THR Y 91 -10.54 -3.03 68.90
CA THR Y 91 -10.71 -2.85 70.34
C THR Y 91 -9.45 -2.21 70.90
N ALA Y 92 -9.51 -0.92 71.18
CA ALA Y 92 -8.33 -0.19 71.63
C ALA Y 92 -8.76 1.11 72.28
N VAL Y 93 -7.77 1.82 72.83
CA VAL Y 93 -7.97 3.14 73.43
C VAL Y 93 -7.44 4.17 72.45
N TYR Y 94 -8.28 5.13 72.06
CA TYR Y 94 -7.95 6.14 71.07
C TYR Y 94 -7.77 7.49 71.74
N TYR Y 95 -6.72 8.20 71.34
CA TYR Y 95 -6.38 9.51 71.90
C TYR Y 95 -6.38 10.57 70.82
N CYS Y 96 -6.86 11.76 71.16
CA CYS Y 96 -6.74 12.94 70.31
C CYS Y 96 -5.69 13.84 70.92
N ASN Y 97 -4.58 14.03 70.20
CA ASN Y 97 -3.45 14.79 70.69
C ASN Y 97 -3.22 16.02 69.82
N ALA Y 98 -2.79 17.10 70.47
CA ALA Y 98 -2.48 18.34 69.76
C ALA Y 98 -1.18 18.90 70.33
N GLY Y 99 -0.12 18.86 69.53
CA GLY Y 99 1.06 19.65 69.87
C GLY Y 99 0.71 21.13 69.86
N HIS Y 100 1.33 21.89 70.76
CA HIS Y 100 0.89 23.28 70.84
C HIS Y 100 1.17 23.97 69.51
N ASP Y 101 0.07 24.37 68.87
CA ASP Y 101 -0.03 25.09 67.60
C ASP Y 101 0.27 24.29 66.34
N TYR Y 102 1.28 23.41 66.33
CA TYR Y 102 1.63 22.80 65.05
C TYR Y 102 2.54 21.60 65.25
N ASP Y 103 2.76 20.89 64.13
CA ASP Y 103 3.73 19.82 63.90
C ASP Y 103 3.26 18.45 64.36
N ARG Y 104 4.12 17.46 64.11
CA ARG Y 104 3.82 16.04 64.22
C ARG Y 104 4.34 15.49 65.54
N GLY Y 105 5.67 15.42 65.69
CA GLY Y 105 6.29 14.86 66.89
C GLY Y 105 5.61 15.23 68.18
N ARG Y 106 5.34 16.52 68.39
CA ARG Y 106 5.05 17.01 69.73
C ARG Y 106 3.60 16.65 70.05
N PHE Y 107 3.40 15.86 71.10
CA PHE Y 107 2.10 15.67 71.75
C PHE Y 107 2.23 15.99 73.23
N PRO Y 108 2.18 17.27 73.61
CA PRO Y 108 2.12 17.61 75.03
C PRO Y 108 0.72 17.68 75.60
N TYR Y 109 -0.30 17.74 74.76
CA TYR Y 109 -1.68 17.86 75.21
C TYR Y 109 -2.46 16.66 74.68
N TRP Y 110 -2.71 15.70 75.55
CA TRP Y 110 -3.40 14.46 75.17
C TRP Y 110 -4.85 14.49 75.62
N GLY Y 111 -5.69 13.75 74.90
CA GLY Y 111 -7.05 13.57 75.33
C GLY Y 111 -7.14 12.61 76.51
N GLN Y 112 -8.36 12.50 77.06
CA GLN Y 112 -8.57 11.62 78.20
C GLN Y 112 -8.48 10.15 77.83
N GLY Y 113 -8.65 9.81 76.55
CA GLY Y 113 -8.67 8.43 76.13
C GLY Y 113 -10.08 7.89 76.00
N THR Y 114 -10.35 7.15 74.92
CA THR Y 114 -11.67 6.58 74.66
C THR Y 114 -11.50 5.10 74.36
N LEU Y 115 -12.11 4.26 75.18
CA LEU Y 115 -12.01 2.81 75.05
C LEU Y 115 -13.15 2.29 74.19
N VAL Y 116 -12.79 1.71 73.04
CA VAL Y 116 -13.76 1.10 72.14
C VAL Y 116 -13.60 -0.41 72.22
N THR Y 117 -14.72 -1.10 72.47
CA THR Y 117 -14.73 -2.55 72.56
C THR Y 117 -15.67 -3.10 71.49
N VAL Y 118 -15.11 -3.85 70.55
CA VAL Y 118 -15.87 -4.43 69.44
C VAL Y 118 -15.97 -5.93 69.69
N SER Y 119 -17.15 -6.39 70.07
CA SER Y 119 -17.39 -7.80 70.33
C SER Y 119 -18.89 -8.06 70.25
N ALA Y 120 -19.24 -9.34 70.10
CA ALA Y 120 -20.64 -9.77 69.97
C ALA Y 120 -21.09 -10.29 71.33
N ALA Y 121 -21.75 -9.42 72.08
CA ALA Y 121 -21.82 -9.55 73.53
C ALA Y 121 -22.74 -8.47 74.07
N LYS Y 122 -23.28 -8.71 75.25
CA LYS Y 122 -24.32 -7.86 75.81
C LYS Y 122 -23.81 -7.32 77.14
N THR Y 123 -24.47 -6.26 77.62
CA THR Y 123 -24.04 -5.56 78.82
C THR Y 123 -24.69 -6.16 80.05
N THR Y 124 -23.89 -6.85 80.87
CA THR Y 124 -24.35 -7.49 82.09
C THR Y 124 -23.89 -6.66 83.29
N PRO Y 125 -24.79 -6.32 84.20
CA PRO Y 125 -24.40 -5.54 85.38
C PRO Y 125 -23.54 -6.37 86.33
N PRO Y 126 -22.75 -5.72 87.18
CA PRO Y 126 -21.85 -6.48 88.06
C PRO Y 126 -22.57 -7.03 89.28
N SER Y 127 -22.03 -8.14 89.79
CA SER Y 127 -22.46 -8.74 91.03
C SER Y 127 -21.43 -8.44 92.11
N VAL Y 128 -21.82 -7.67 93.12
CA VAL Y 128 -20.92 -7.23 94.18
C VAL Y 128 -21.13 -8.14 95.38
N TYR Y 129 -20.01 -8.64 95.94
CA TYR Y 129 -20.05 -9.55 97.07
C TYR Y 129 -19.10 -9.04 98.15
N PRO Y 130 -19.57 -8.89 99.39
CA PRO Y 130 -18.68 -8.45 100.46
C PRO Y 130 -17.69 -9.53 100.86
N LEU Y 131 -16.53 -9.10 101.36
CA LEU Y 131 -15.46 -9.99 101.80
C LEU Y 131 -15.08 -9.57 103.22
N ALA Y 132 -15.73 -10.19 104.21
CA ALA Y 132 -15.57 -9.91 105.64
C ALA Y 132 -14.66 -10.94 106.29
N PRO Y 133 -14.00 -10.58 107.40
CA PRO Y 133 -13.13 -11.55 108.09
C PRO Y 133 -13.95 -12.69 108.69
N GLY Y 134 -13.22 -13.69 109.18
CA GLY Y 134 -13.85 -14.89 109.68
C GLY Y 134 -13.81 -15.06 111.19
N SER Y 135 -14.96 -14.88 111.83
CA SER Y 135 -15.14 -15.13 113.28
C SER Y 135 -14.22 -14.19 114.05
N ALA Y 136 -13.50 -14.67 115.06
CA ALA Y 136 -12.70 -13.82 115.94
C ALA Y 136 -11.25 -14.24 116.00
N ALA Y 137 -10.72 -14.82 114.90
CA ALA Y 137 -9.36 -15.31 114.86
C ALA Y 137 -8.37 -14.28 114.33
N GLN Y 138 -8.67 -12.99 114.46
CA GLN Y 138 -7.80 -11.94 113.93
C GLN Y 138 -7.39 -10.95 115.02
N THR Y 139 -8.33 -10.14 115.52
CA THR Y 139 -8.04 -9.09 116.51
C THR Y 139 -6.96 -8.13 116.02
N ASN Y 140 -6.36 -7.38 116.95
CA ASN Y 140 -5.39 -6.35 116.61
C ASN Y 140 -4.13 -6.98 116.01
N SER Y 141 -3.47 -6.23 115.11
CA SER Y 141 -3.86 -4.88 114.74
C SER Y 141 -4.13 -4.73 113.24
N MET Y 142 -5.08 -3.84 112.93
CA MET Y 142 -5.51 -3.50 111.57
C MET Y 142 -6.25 -4.65 110.91
N VAL Y 143 -7.23 -4.33 110.08
CA VAL Y 143 -8.08 -5.33 109.44
C VAL Y 143 -8.20 -5.00 107.95
N THR Y 144 -8.14 -6.05 107.13
CA THR Y 144 -8.34 -5.93 105.69
C THR Y 144 -9.79 -6.23 105.34
N LEU Y 145 -10.38 -5.40 104.51
CA LEU Y 145 -11.73 -5.61 104.00
C LEU Y 145 -11.69 -5.60 102.47
N GLY Y 146 -12.67 -6.24 101.86
CA GLY Y 146 -12.69 -6.37 100.42
C GLY Y 146 -14.09 -6.44 99.84
N CYS Y 147 -14.20 -6.10 98.56
CA CYS Y 147 -15.44 -6.24 97.81
C CYS Y 147 -15.11 -6.88 96.46
N LEU Y 148 -15.83 -7.94 96.13
CA LEU Y 148 -15.56 -8.74 94.94
C LEU Y 148 -16.60 -8.41 93.88
N VAL Y 149 -16.14 -8.01 92.70
CA VAL Y 149 -17.00 -7.66 91.57
C VAL Y 149 -16.82 -8.74 90.52
N LYS Y 150 -17.88 -9.50 90.25
CA LYS Y 150 -17.83 -10.66 89.39
C LYS Y 150 -18.94 -10.62 88.35
N GLY Y 151 -18.62 -11.11 87.15
CA GLY Y 151 -19.62 -11.31 86.11
C GLY Y 151 -20.19 -10.03 85.56
N TYR Y 152 -19.33 -9.13 85.08
CA TYR Y 152 -19.77 -7.87 84.50
C TYR Y 152 -19.11 -7.69 83.13
N PHE Y 153 -19.70 -6.79 82.35
CA PHE Y 153 -19.20 -6.44 81.03
C PHE Y 153 -19.82 -5.11 80.64
N PRO Y 154 -19.06 -4.17 80.08
CA PRO Y 154 -17.63 -4.29 79.82
C PRO Y 154 -16.77 -3.55 80.83
N GLU Y 155 -15.45 -3.55 80.57
CA GLU Y 155 -14.54 -2.71 81.32
C GLU Y 155 -14.84 -1.24 81.04
N PRO Y 156 -14.67 -0.35 82.03
CA PRO Y 156 -14.27 -0.59 83.41
C PRO Y 156 -15.38 -0.39 84.45
N VAL Y 157 -15.01 -0.58 85.72
CA VAL Y 157 -15.88 -0.26 86.84
C VAL Y 157 -15.08 0.61 87.81
N THR Y 158 -15.79 1.50 88.51
CA THR Y 158 -15.18 2.42 89.46
C THR Y 158 -15.57 1.99 90.87
N VAL Y 159 -14.57 1.58 91.64
CA VAL Y 159 -14.78 1.09 93.00
C VAL Y 159 -14.24 2.11 93.98
N THR Y 160 -15.12 2.65 94.81
CA THR Y 160 -14.74 3.56 95.87
C THR Y 160 -15.24 3.03 97.21
N TRP Y 161 -14.68 3.55 98.29
CA TRP Y 161 -15.10 3.05 99.60
C TRP Y 161 -15.89 4.11 100.35
N ASN Y 162 -15.27 4.78 101.32
CA ASN Y 162 -16.02 5.70 102.16
C ASN Y 162 -16.41 6.98 101.42
N SER Y 163 -17.15 6.83 100.31
CA SER Y 163 -17.68 7.96 99.55
C SER Y 163 -16.57 8.93 99.13
N GLY Y 164 -15.43 8.37 98.71
CA GLY Y 164 -14.29 9.16 98.33
C GLY Y 164 -13.29 9.41 99.44
N SER Y 165 -13.75 9.41 100.69
CA SER Y 165 -12.85 9.59 101.82
C SER Y 165 -11.98 8.35 102.01
N LEU Y 166 -10.82 8.56 102.65
CA LEU Y 166 -9.85 7.50 102.91
C LEU Y 166 -9.35 6.88 101.61
N SER Y 167 -8.23 7.37 101.09
CA SER Y 167 -7.64 6.85 99.87
C SER Y 167 -6.37 6.04 100.12
N SER Y 168 -5.83 6.04 101.33
CA SER Y 168 -4.64 5.29 101.66
C SER Y 168 -5.02 3.87 102.09
N GLY Y 169 -4.11 2.93 101.81
CA GLY Y 169 -4.35 1.55 102.17
C GLY Y 169 -5.33 0.81 101.29
N VAL Y 170 -5.57 1.30 100.08
CA VAL Y 170 -6.49 0.65 99.15
C VAL Y 170 -5.68 -0.03 98.05
N HIS Y 171 -6.26 -1.08 97.48
CA HIS Y 171 -5.62 -1.84 96.40
C HIS Y 171 -6.68 -2.27 95.41
N THR Y 172 -6.56 -1.78 94.17
CA THR Y 172 -7.46 -2.15 93.09
C THR Y 172 -6.75 -3.13 92.17
N PHE Y 173 -7.30 -4.33 92.06
CA PHE Y 173 -6.61 -5.35 91.26
C PHE Y 173 -7.16 -5.36 89.83
N PRO Y 174 -6.29 -5.58 88.85
CA PRO Y 174 -6.74 -5.58 87.46
C PRO Y 174 -7.79 -6.66 87.20
N ALA Y 175 -8.68 -6.36 86.26
CA ALA Y 175 -9.76 -7.28 85.95
C ALA Y 175 -9.24 -8.51 85.19
N VAL Y 176 -9.94 -9.63 85.38
CA VAL Y 176 -9.61 -10.89 84.72
C VAL Y 176 -10.83 -11.31 83.91
N LEU Y 177 -10.59 -11.70 82.66
CA LEU Y 177 -11.65 -12.09 81.73
C LEU Y 177 -11.78 -13.61 81.73
N GLN Y 178 -12.97 -14.09 82.09
CA GLN Y 178 -13.25 -15.52 82.06
C GLN Y 178 -14.71 -15.72 81.66
N SER Y 179 -14.96 -16.65 80.75
CA SER Y 179 -16.30 -16.93 80.22
C SER Y 179 -16.93 -15.67 79.63
N ASP Y 180 -16.11 -14.88 78.94
CA ASP Y 180 -16.52 -13.63 78.30
C ASP Y 180 -17.08 -12.62 79.29
N LEU Y 181 -16.73 -12.74 80.56
CA LEU Y 181 -17.14 -11.80 81.60
C LEU Y 181 -15.94 -11.44 82.46
N TYR Y 182 -15.95 -10.23 82.99
CA TYR Y 182 -14.84 -9.70 83.77
C TYR Y 182 -15.07 -9.92 85.27
N THR Y 183 -13.98 -9.88 86.02
CA THR Y 183 -14.01 -10.04 87.48
C THR Y 183 -12.95 -9.13 88.08
N LEU Y 184 -13.37 -8.26 88.99
CA LEU Y 184 -12.47 -7.30 89.63
C LEU Y 184 -12.46 -7.53 91.13
N SER Y 185 -11.35 -7.16 91.77
CA SER Y 185 -11.18 -7.28 93.21
C SER Y 185 -10.63 -5.98 93.76
N SER Y 186 -11.08 -5.62 94.96
CA SER Y 186 -10.64 -4.41 95.63
C SER Y 186 -10.54 -4.66 97.13
N SER Y 187 -9.46 -4.18 97.75
CA SER Y 187 -9.23 -4.37 99.16
C SER Y 187 -8.86 -3.05 99.82
N VAL Y 188 -9.17 -2.93 101.11
CA VAL Y 188 -8.85 -1.75 101.90
C VAL Y 188 -8.48 -2.21 103.30
N THR Y 189 -7.50 -1.54 103.90
CA THR Y 189 -7.01 -1.88 105.22
C THR Y 189 -7.23 -0.71 106.17
N VAL Y 190 -7.95 -0.98 107.27
CA VAL Y 190 -8.25 0.04 108.27
C VAL Y 190 -7.88 -0.51 109.64
N PRO Y 191 -7.59 0.37 110.61
CA PRO Y 191 -7.27 -0.11 111.95
C PRO Y 191 -8.47 -0.82 112.59
N SER Y 192 -8.15 -1.68 113.57
CA SER Y 192 -9.20 -2.45 114.23
C SER Y 192 -10.13 -1.55 115.05
N SER Y 193 -9.63 -0.39 115.50
CA SER Y 193 -10.49 0.56 116.19
C SER Y 193 -11.46 1.26 115.26
N THR Y 194 -11.31 1.09 113.95
CA THR Y 194 -12.21 1.68 112.96
C THR Y 194 -13.36 0.75 112.61
N TRP Y 195 -13.05 -0.51 112.29
CA TRP Y 195 -14.07 -1.49 111.92
C TRP Y 195 -14.11 -2.61 112.95
N PRO Y 196 -15.31 -3.05 113.37
CA PRO Y 196 -16.61 -2.55 112.92
C PRO Y 196 -17.14 -1.39 113.76
N SER Y 197 -16.23 -0.57 114.29
CA SER Y 197 -16.65 0.57 115.11
C SER Y 197 -17.46 1.55 114.26
N GLU Y 198 -16.89 2.03 113.17
CA GLU Y 198 -17.60 2.87 112.21
C GLU Y 198 -17.82 2.11 110.91
N THR Y 199 -18.89 2.47 110.20
CA THR Y 199 -19.30 1.72 109.03
C THR Y 199 -18.29 1.83 107.90
N VAL Y 200 -18.13 0.74 107.15
CA VAL Y 200 -17.28 0.71 105.96
C VAL Y 200 -18.13 0.18 104.82
N THR Y 201 -18.27 0.99 103.76
CA THR Y 201 -19.12 0.66 102.63
C THR Y 201 -18.34 0.83 101.33
N CYS Y 202 -18.50 -0.12 100.41
CA CYS Y 202 -17.88 -0.04 99.11
C CYS Y 202 -18.92 0.26 98.05
N ASN Y 203 -18.55 1.15 97.11
CA ASN Y 203 -19.44 1.58 96.04
C ASN Y 203 -18.84 1.14 94.72
N VAL Y 204 -19.63 0.47 93.90
CA VAL Y 204 -19.20 -0.04 92.60
C VAL Y 204 -20.05 0.62 91.53
N ALA Y 205 -19.44 1.48 90.73
CA ALA Y 205 -20.12 2.21 89.66
C ALA Y 205 -19.76 1.57 88.33
N HIS Y 206 -20.78 1.13 87.59
CA HIS Y 206 -20.59 0.57 86.25
C HIS Y 206 -21.30 1.48 85.26
N PRO Y 207 -20.58 2.26 84.45
CA PRO Y 207 -21.25 3.29 83.63
C PRO Y 207 -22.27 2.73 82.65
N ALA Y 208 -22.01 1.56 82.06
CA ALA Y 208 -22.94 0.99 81.08
C ALA Y 208 -24.12 0.28 81.72
N SER Y 209 -24.11 0.05 83.04
CA SER Y 209 -25.25 -0.54 83.73
C SER Y 209 -25.72 0.33 84.89
N SER Y 210 -25.42 -0.08 86.12
CA SER Y 210 -25.98 0.60 87.27
C SER Y 210 -24.98 0.63 88.42
N THR Y 211 -25.09 1.69 89.23
CA THR Y 211 -24.27 1.85 90.43
C THR Y 211 -24.83 0.98 91.55
N LYS Y 212 -23.93 0.39 92.34
CA LYS Y 212 -24.31 -0.43 93.48
C LYS Y 212 -23.56 0.00 94.73
N VAL Y 213 -24.20 -0.19 95.88
CA VAL Y 213 -23.65 0.19 97.18
C VAL Y 213 -23.89 -0.96 98.15
N ASP Y 214 -22.82 -1.40 98.82
CA ASP Y 214 -22.89 -2.55 99.72
C ASP Y 214 -22.04 -2.27 100.95
N LYS Y 215 -22.67 -2.31 102.13
CA LYS Y 215 -21.98 -2.10 103.38
C LYS Y 215 -21.49 -3.43 103.95
N LYS Y 216 -20.37 -3.38 104.67
CA LYS Y 216 -19.72 -4.57 105.19
C LYS Y 216 -20.09 -4.78 106.65
N ILE Y 217 -20.60 -5.97 106.96
CA ILE Y 217 -21.01 -6.34 108.31
C ILE Y 217 -20.32 -7.64 108.69
N VAL Y 218 -20.02 -7.78 109.97
CA VAL Y 218 -19.38 -8.98 110.52
C VAL Y 218 -20.07 -10.26 110.06
N ASP Z 1 8.49 3.07 56.08
CA ASP Z 1 8.12 2.89 57.48
C ASP Z 1 9.37 2.74 58.34
N ILE Z 2 9.69 3.79 59.10
CA ILE Z 2 10.85 3.78 59.98
C ILE Z 2 10.49 3.04 61.25
N VAL Z 3 11.24 1.97 61.54
CA VAL Z 3 10.96 1.11 62.69
C VAL Z 3 11.70 1.64 63.90
N MET Z 4 10.97 1.83 65.01
CA MET Z 4 11.55 2.25 66.28
C MET Z 4 11.75 1.01 67.14
N THR Z 5 13.00 0.66 67.40
CA THR Z 5 13.36 -0.54 68.15
C THR Z 5 13.99 -0.12 69.48
N GLN Z 6 13.29 -0.38 70.58
CA GLN Z 6 13.84 -0.15 71.91
C GLN Z 6 14.47 -1.43 72.42
N SER Z 7 15.61 -1.28 73.12
CA SER Z 7 16.41 -2.41 73.56
C SER Z 7 15.64 -3.41 74.39
N GLN Z 8 15.31 -3.05 75.64
CA GLN Z 8 14.68 -3.97 76.57
C GLN Z 8 13.25 -3.57 76.85
N LYS Z 9 12.40 -4.58 77.08
CA LYS Z 9 11.00 -4.33 77.45
C LYS Z 9 10.87 -3.97 78.92
N PHE Z 10 11.72 -4.49 79.78
CA PHE Z 10 11.71 -4.19 81.20
C PHE Z 10 13.10 -3.75 81.65
N MET Z 11 13.14 -2.95 82.70
CA MET Z 11 14.40 -2.42 83.21
C MET Z 11 14.32 -2.29 84.72
N SER Z 12 15.35 -2.80 85.41
CA SER Z 12 15.43 -2.74 86.86
C SER Z 12 16.43 -1.68 87.31
N THR Z 13 16.13 -1.09 88.47
CA THR Z 13 16.94 -0.02 89.06
C THR Z 13 16.36 0.27 90.44
N SER Z 14 17.03 1.14 91.18
CA SER Z 14 16.57 1.55 92.51
C SER Z 14 16.54 3.07 92.61
N VAL Z 15 15.86 3.57 93.63
CA VAL Z 15 15.76 5.00 93.84
C VAL Z 15 17.15 5.61 93.99
N GLY Z 16 17.38 6.71 93.28
CA GLY Z 16 18.66 7.38 93.32
C GLY Z 16 19.64 6.97 92.24
N ASP Z 17 19.44 5.81 91.62
CA ASP Z 17 20.37 5.33 90.61
C ASP Z 17 20.19 6.08 89.30
N ARG Z 18 20.95 5.65 88.29
CA ARG Z 18 20.98 6.29 86.98
C ARG Z 18 20.55 5.26 85.94
N VAL Z 19 19.56 5.63 85.12
CA VAL Z 19 18.97 4.75 84.12
C VAL Z 19 19.13 5.37 82.75
N SER Z 20 19.40 4.53 81.75
CA SER Z 20 19.54 4.98 80.37
C SER Z 20 18.75 4.05 79.46
N ILE Z 21 17.76 4.60 78.75
CA ILE Z 21 16.94 3.85 77.81
C ILE Z 21 17.37 4.21 76.40
N THR Z 22 17.56 3.19 75.57
CA THR Z 22 18.05 3.38 74.22
C THR Z 22 16.94 3.17 73.20
N CYS Z 23 17.01 3.93 72.10
CA CYS Z 23 16.04 3.86 71.03
C CYS Z 23 16.79 3.91 69.71
N LYS Z 24 16.67 2.85 68.92
CA LYS Z 24 17.42 2.71 67.67
C LYS Z 24 16.48 2.86 66.49
N ALA Z 25 16.86 3.73 65.55
CA ALA Z 25 16.06 4.00 64.36
C ALA Z 25 16.55 3.14 63.19
N SER Z 26 15.61 2.73 62.35
CA SER Z 26 15.95 2.00 61.13
C SER Z 26 16.39 2.91 60.00
N GLN Z 27 16.31 4.23 60.19
CA GLN Z 27 16.74 5.20 59.19
C GLN Z 27 17.27 6.43 59.91
N ASN Z 28 18.00 7.26 59.16
CA ASN Z 28 18.48 8.52 59.71
C ASN Z 28 17.31 9.48 59.87
N VAL Z 29 17.12 9.97 61.09
CA VAL Z 29 16.00 10.86 61.39
C VAL Z 29 16.52 12.15 61.98
N GLY Z 30 17.83 12.37 61.87
CA GLY Z 30 18.43 13.58 62.40
C GLY Z 30 18.24 13.67 63.91
N THR Z 31 17.48 14.68 64.34
CA THR Z 31 17.12 14.84 65.75
C THR Z 31 15.62 14.86 65.95
N ALA Z 32 14.86 14.36 64.97
CA ALA Z 32 13.40 14.35 65.03
C ALA Z 32 12.93 13.12 65.82
N VAL Z 33 13.23 13.15 67.12
CA VAL Z 33 12.85 12.08 68.04
C VAL Z 33 12.27 12.70 69.30
N ALA Z 34 11.15 12.15 69.77
CA ALA Z 34 10.50 12.60 70.98
C ALA Z 34 10.32 11.43 71.94
N TRP Z 35 10.29 11.75 73.23
CA TRP Z 35 10.13 10.76 74.29
C TRP Z 35 8.86 11.07 75.08
N TYR Z 36 8.16 10.02 75.50
CA TYR Z 36 6.94 10.20 76.28
C TYR Z 36 6.97 9.28 77.49
N GLN Z 37 6.22 9.69 78.52
CA GLN Z 37 6.03 8.91 79.74
C GLN Z 37 4.55 8.61 79.91
N GLN Z 38 4.23 7.34 80.18
CA GLN Z 38 2.84 6.92 80.36
C GLN Z 38 2.74 6.06 81.60
N LYS Z 39 1.94 6.50 82.57
CA LYS Z 39 1.63 5.74 83.77
C LYS Z 39 0.38 4.89 83.54
N PRO Z 40 0.24 3.79 84.29
CA PRO Z 40 -0.95 2.93 84.10
C PRO Z 40 -2.23 3.69 84.38
N GLY Z 41 -3.23 3.48 83.51
CA GLY Z 41 -4.52 4.12 83.65
C GLY Z 41 -4.53 5.61 83.37
N GLN Z 42 -3.51 6.12 82.68
CA GLN Z 42 -3.43 7.53 82.36
C GLN Z 42 -3.01 7.68 80.90
N SER Z 43 -3.13 8.91 80.40
CA SER Z 43 -2.68 9.24 79.05
C SER Z 43 -1.21 9.61 79.08
N PRO Z 44 -0.49 9.34 77.99
CA PRO Z 44 0.93 9.67 77.95
C PRO Z 44 1.18 11.17 78.10
N LYS Z 45 2.32 11.49 78.69
CA LYS Z 45 2.76 12.87 78.89
C LYS Z 45 4.06 13.09 78.14
N LEU Z 46 4.14 14.20 77.41
CA LEU Z 46 5.36 14.50 76.67
C LEU Z 46 6.50 14.85 77.62
N MET Z 47 7.68 14.31 77.33
CA MET Z 47 8.87 14.57 78.13
C MET Z 47 9.90 15.35 77.32
N ILE Z 48 10.47 14.74 76.29
CA ILE Z 48 11.50 15.37 75.47
C ILE Z 48 11.03 15.37 74.03
N TYR Z 49 11.35 16.44 73.30
CA TYR Z 49 11.07 16.54 71.88
C TYR Z 49 12.25 17.26 71.22
N PHE Z 50 12.49 16.95 69.94
CA PHE Z 50 13.68 17.43 69.22
C PHE Z 50 14.95 16.84 69.81
N ALA Z 51 14.91 15.56 70.16
CA ALA Z 51 16.04 14.78 70.68
C ALA Z 51 16.44 15.16 72.11
N SER Z 52 16.70 16.45 72.37
CA SER Z 52 17.30 16.79 73.66
C SER Z 52 16.71 18.06 74.29
N ASN Z 53 15.45 18.40 73.99
CA ASN Z 53 14.81 19.58 74.55
C ASN Z 53 13.71 19.14 75.50
N ARG Z 54 13.77 19.61 76.74
CA ARG Z 54 12.74 19.28 77.71
C ARG Z 54 11.50 20.14 77.48
N TYR Z 55 10.33 19.53 77.62
CA TYR Z 55 9.09 20.26 77.52
C TYR Z 55 8.77 20.99 78.82
N THR Z 56 7.99 22.06 78.70
CA THR Z 56 7.54 22.82 79.85
C THR Z 56 6.87 21.91 80.87
N GLY Z 57 7.43 21.84 82.08
CA GLY Z 57 6.98 20.81 82.99
C GLY Z 57 8.10 19.94 83.52
N VAL Z 58 8.90 19.41 82.61
CA VAL Z 58 9.73 18.24 82.91
C VAL Z 58 10.98 18.71 83.66
N PRO Z 59 11.33 18.07 84.78
CA PRO Z 59 12.49 18.49 85.56
C PRO Z 59 13.80 18.23 84.82
N ASP Z 60 14.82 18.98 85.22
CA ASP Z 60 16.18 18.76 84.72
C ASP Z 60 16.69 17.35 85.00
N ARG Z 61 15.97 16.57 85.80
CA ARG Z 61 16.34 15.18 86.06
C ARG Z 61 16.40 14.36 84.77
N PHE Z 62 15.51 14.66 83.82
CA PHE Z 62 15.46 13.91 82.56
C PHE Z 62 16.30 14.61 81.51
N THR Z 63 17.14 13.85 80.81
CA THR Z 63 18.00 14.37 79.76
C THR Z 63 17.96 13.45 78.56
N GLY Z 64 17.72 14.02 77.38
CA GLY Z 64 17.76 13.27 76.15
C GLY Z 64 19.04 13.54 75.37
N SER Z 65 19.40 12.59 74.52
CA SER Z 65 20.64 12.71 73.75
C SER Z 65 20.55 11.79 72.54
N GLY Z 66 21.47 11.98 71.61
CA GLY Z 66 21.56 11.19 70.41
C GLY Z 66 21.16 11.98 69.17
N SER Z 67 21.48 11.38 68.02
CA SER Z 67 21.19 11.97 66.72
C SER Z 67 21.38 10.90 65.65
N GLY Z 68 20.68 11.07 64.53
CA GLY Z 68 20.79 10.15 63.42
C GLY Z 68 19.98 8.88 63.60
N THR Z 69 20.54 7.91 64.31
CA THR Z 69 19.88 6.62 64.49
C THR Z 69 19.97 6.05 65.89
N ASP Z 70 20.79 6.61 66.78
CA ASP Z 70 20.90 6.14 68.16
C ASP Z 70 20.49 7.27 69.09
N PHE Z 71 19.45 7.03 69.90
CA PHE Z 71 18.93 8.03 70.82
C PHE Z 71 18.80 7.40 72.21
N THR Z 72 18.95 8.24 73.24
CA THR Z 72 19.01 7.75 74.61
C THR Z 72 18.31 8.73 75.54
N LEU Z 73 17.53 8.17 76.47
CA LEU Z 73 16.93 8.93 77.57
C LEU Z 73 17.62 8.53 78.87
N THR Z 74 18.09 9.51 79.63
CA THR Z 74 18.85 9.27 80.85
C THR Z 74 18.13 9.94 82.03
N ILE Z 75 17.99 9.21 83.14
CA ILE Z 75 17.34 9.72 84.34
C ILE Z 75 18.40 9.72 85.45
N SER Z 76 19.07 10.86 85.61
CA SER Z 76 20.13 11.06 86.60
C SER Z 76 19.53 11.25 87.99
N ASN Z 77 19.44 10.16 88.75
CA ASN Z 77 18.89 10.09 90.10
C ASN Z 77 17.37 10.03 90.00
N MET Z 78 16.78 9.04 90.66
CA MET Z 78 15.40 8.67 90.45
C MET Z 78 14.52 8.98 91.66
N GLN Z 79 13.21 8.99 91.39
CA GLN Z 79 12.18 9.09 92.40
C GLN Z 79 11.13 8.01 92.14
N SER Z 80 10.28 7.77 93.13
CA SER Z 80 9.22 6.78 92.97
C SER Z 80 8.25 7.18 91.87
N GLU Z 81 8.06 8.48 91.64
CA GLU Z 81 7.12 8.98 90.64
C GLU Z 81 7.57 8.71 89.20
N ASP Z 82 8.77 8.20 89.00
CA ASP Z 82 9.30 7.96 87.66
C ASP Z 82 8.97 6.57 87.13
N LEU Z 83 8.24 5.76 87.89
CA LEU Z 83 7.86 4.42 87.45
C LEU Z 83 6.70 4.49 86.48
N ALA Z 84 6.99 4.25 85.20
CA ALA Z 84 6.00 4.30 84.14
C ALA Z 84 6.63 3.71 82.88
N ASP Z 85 5.86 3.72 81.81
CA ASP Z 85 6.36 3.30 80.50
C ASP Z 85 6.98 4.50 79.79
N TYR Z 86 7.97 4.22 78.95
CA TYR Z 86 8.68 5.25 78.21
C TYR Z 86 8.73 4.87 76.74
N PHE Z 87 8.24 5.75 75.87
CA PHE Z 87 8.18 5.52 74.44
C PHE Z 87 9.03 6.56 73.72
N CYS Z 88 9.64 6.14 72.61
CA CYS Z 88 10.30 7.05 71.69
C CYS Z 88 9.53 7.11 70.38
N GLN Z 89 9.53 8.28 69.75
CA GLN Z 89 8.71 8.52 68.58
C GLN Z 89 9.55 9.18 67.51
N GLN Z 90 9.32 8.79 66.26
CA GLN Z 90 10.00 9.38 65.12
C GLN Z 90 9.02 10.26 64.35
N TYR Z 91 9.46 11.45 63.96
CA TYR Z 91 8.64 12.34 63.15
C TYR Z 91 9.48 12.98 62.05
N SER Z 92 10.39 12.21 61.46
CA SER Z 92 11.15 12.70 60.32
C SER Z 92 10.35 12.58 59.03
N SER Z 93 9.57 11.52 58.89
CA SER Z 93 8.74 11.31 57.71
C SER Z 93 7.54 10.45 58.09
N TYR Z 94 6.47 10.61 57.32
CA TYR Z 94 5.26 9.83 57.53
C TYR Z 94 5.45 8.39 57.04
N PRO Z 95 4.80 7.42 57.69
CA PRO Z 95 3.94 7.59 58.87
C PRO Z 95 4.74 7.67 60.16
N LEU Z 96 4.17 8.35 61.16
CA LEU Z 96 4.79 8.43 62.47
C LEU Z 96 4.76 7.08 63.16
N THR Z 97 5.86 6.72 63.81
CA THR Z 97 5.99 5.44 64.46
C THR Z 97 6.50 5.61 65.89
N PHE Z 98 6.16 4.65 66.74
CA PHE Z 98 6.59 4.63 68.13
C PHE Z 98 7.38 3.36 68.39
N GLY Z 99 8.12 3.37 69.51
CA GLY Z 99 8.85 2.20 69.93
C GLY Z 99 8.05 1.31 70.85
N ALA Z 100 8.58 0.12 71.09
CA ALA Z 100 7.93 -0.82 72.00
C ALA Z 100 7.99 -0.29 73.43
N GLY Z 101 7.12 -0.84 74.27
CA GLY Z 101 7.06 -0.39 75.65
C GLY Z 101 8.32 -0.74 76.42
N THR Z 102 8.62 0.09 77.42
CA THR Z 102 9.78 -0.13 78.30
C THR Z 102 9.33 0.18 79.71
N LYS Z 103 9.23 -0.86 80.54
CA LYS Z 103 8.79 -0.70 81.92
C LYS Z 103 10.00 -0.52 82.83
N LEU Z 104 9.97 0.54 83.62
CA LEU Z 104 11.01 0.78 84.62
C LEU Z 104 10.48 0.34 85.98
N GLU Z 105 11.19 -0.60 86.60
CA GLU Z 105 10.80 -1.14 87.89
C GLU Z 105 11.89 -0.86 88.89
N LEU Z 106 11.48 -0.69 90.13
CA LEU Z 106 12.39 -0.41 91.22
C LEU Z 106 12.68 -1.68 92.01
N LYS Z 107 13.91 -1.80 92.51
CA LYS Z 107 14.17 -2.93 93.39
C LYS Z 107 13.82 -2.55 94.82
N ARG Z 108 13.93 -1.26 95.12
CA ARG Z 108 13.51 -0.59 96.35
C ARG Z 108 13.39 -1.51 97.55
N ALA Z 109 12.18 -1.71 98.08
CA ALA Z 109 12.05 -2.44 99.32
C ALA Z 109 12.23 -3.94 99.09
N ASP Z 110 12.73 -4.61 100.13
CA ASP Z 110 12.71 -6.06 100.24
C ASP Z 110 11.65 -6.53 101.23
N ALA Z 111 10.60 -5.73 101.41
CA ALA Z 111 9.53 -6.04 102.34
C ALA Z 111 8.91 -7.41 102.07
N ALA Z 112 8.34 -8.02 103.15
CA ALA Z 112 7.59 -9.24 103.33
C ALA Z 112 6.09 -9.00 103.08
N PRO Z 113 5.40 -10.00 102.50
CA PRO Z 113 3.99 -9.82 102.13
C PRO Z 113 3.00 -9.69 103.29
N THR Z 114 1.72 -9.78 102.95
CA THR Z 114 0.62 -9.77 103.92
C THR Z 114 -0.54 -10.56 103.34
N VAL Z 115 -0.94 -11.63 104.02
CA VAL Z 115 -1.94 -12.57 103.53
C VAL Z 115 -3.21 -12.44 104.35
N SER Z 116 -4.35 -12.30 103.67
CA SER Z 116 -5.66 -12.23 104.31
C SER Z 116 -6.62 -13.07 103.48
N ILE Z 117 -7.26 -14.06 104.11
CA ILE Z 117 -8.21 -14.96 103.45
C ILE Z 117 -9.61 -14.60 103.88
N PHE Z 118 -10.57 -14.72 102.96
CA PHE Z 118 -11.97 -14.37 103.22
C PHE Z 118 -12.87 -15.47 102.68
N PRO Z 119 -13.69 -16.10 103.52
CA PRO Z 119 -14.64 -17.10 103.02
C PRO Z 119 -15.75 -16.44 102.21
N PRO Z 120 -16.52 -17.22 101.45
CA PRO Z 120 -17.65 -16.64 100.71
C PRO Z 120 -18.66 -15.99 101.66
N SER Z 121 -19.20 -14.86 101.23
CA SER Z 121 -20.19 -14.16 102.03
C SER Z 121 -21.51 -14.94 102.05
N SER Z 122 -22.31 -14.68 103.09
CA SER Z 122 -23.62 -15.29 103.19
C SER Z 122 -24.52 -14.88 102.03
N GLU Z 123 -24.30 -13.69 101.47
CA GLU Z 123 -25.13 -13.22 100.37
C GLU Z 123 -24.83 -13.99 99.08
N GLN Z 124 -23.55 -14.25 98.81
CA GLN Z 124 -23.20 -14.98 97.59
C GLN Z 124 -23.64 -16.43 97.66
N LEU Z 125 -23.70 -17.01 98.86
CA LEU Z 125 -24.19 -18.38 99.02
C LEU Z 125 -25.67 -18.51 98.73
N THR Z 126 -26.40 -17.40 98.64
CA THR Z 126 -27.80 -17.45 98.24
C THR Z 126 -27.97 -17.61 96.73
N SER Z 127 -26.92 -17.31 95.96
CA SER Z 127 -26.96 -17.42 94.50
C SER Z 127 -26.48 -18.78 94.00
N GLY Z 128 -26.11 -19.68 94.91
CA GLY Z 128 -25.60 -20.98 94.51
C GLY Z 128 -24.12 -21.02 94.21
N GLY Z 129 -23.39 -19.93 94.44
CA GLY Z 129 -21.97 -19.90 94.21
C GLY Z 129 -21.17 -19.55 95.45
N ALA Z 130 -19.88 -19.88 95.45
CA ALA Z 130 -19.02 -19.65 96.60
C ALA Z 130 -17.63 -19.28 96.11
N SER Z 131 -17.18 -18.08 96.47
CA SER Z 131 -15.86 -17.58 96.08
C SER Z 131 -15.03 -17.31 97.33
N VAL Z 132 -13.85 -17.91 97.38
CA VAL Z 132 -12.89 -17.70 98.47
C VAL Z 132 -11.77 -16.84 97.92
N VAL Z 133 -11.53 -15.70 98.53
CA VAL Z 133 -10.52 -14.75 98.06
C VAL Z 133 -9.34 -14.76 99.01
N CYS Z 134 -8.18 -14.35 98.49
CA CYS Z 134 -6.96 -14.30 99.28
C CYS Z 134 -6.13 -13.13 98.77
N PHE Z 135 -5.98 -12.10 99.60
CA PHE Z 135 -5.25 -10.90 99.22
C PHE Z 135 -3.81 -10.99 99.69
N LEU Z 136 -2.87 -10.70 98.78
CA LEU Z 136 -1.45 -10.63 99.09
C LEU Z 136 -1.00 -9.20 98.80
N ASN Z 137 -0.85 -8.39 99.85
CA ASN Z 137 -0.65 -6.96 99.71
C ASN Z 137 0.75 -6.55 100.18
N ASN Z 138 1.35 -5.62 99.45
CA ASN Z 138 2.57 -4.93 99.85
C ASN Z 138 3.74 -5.91 100.04
N PHE Z 139 4.11 -6.57 98.95
CA PHE Z 139 5.27 -7.45 98.92
C PHE Z 139 6.24 -7.04 97.81
N TYR Z 140 7.49 -7.47 97.96
CA TYR Z 140 8.50 -7.29 96.94
C TYR Z 140 9.55 -8.36 97.17
N PRO Z 141 10.07 -9.01 96.11
CA PRO Z 141 9.80 -8.79 94.68
C PRO Z 141 8.50 -9.38 94.15
N LYS Z 142 8.37 -9.35 92.83
CA LYS Z 142 7.14 -9.80 92.19
C LYS Z 142 6.97 -11.31 92.30
N ASP Z 143 8.09 -12.05 92.33
CA ASP Z 143 8.05 -13.51 92.32
C ASP Z 143 7.38 -14.01 93.60
N ILE Z 144 6.22 -14.64 93.45
CA ILE Z 144 5.49 -15.18 94.59
C ILE Z 144 4.56 -16.26 94.05
N ASN Z 145 4.29 -17.26 94.88
CA ASN Z 145 3.45 -18.38 94.50
C ASN Z 145 2.36 -18.59 95.55
N VAL Z 146 1.13 -18.77 95.09
CA VAL Z 146 -0.02 -19.01 95.96
C VAL Z 146 -0.48 -20.44 95.77
N LYS Z 147 -0.76 -21.11 96.88
CA LYS Z 147 -1.23 -22.50 96.86
C LYS Z 147 -2.55 -22.59 97.61
N TRP Z 148 -3.57 -23.12 96.94
CA TRP Z 148 -4.88 -23.34 97.55
C TRP Z 148 -4.99 -24.78 98.02
N LYS Z 149 -5.45 -24.98 99.25
CA LYS Z 149 -5.66 -26.29 99.82
C LYS Z 149 -7.11 -26.43 100.27
N ILE Z 150 -7.76 -27.50 99.83
CA ILE Z 150 -9.11 -27.85 100.25
C ILE Z 150 -9.01 -29.18 100.99
N ASP Z 151 -9.24 -29.14 102.31
CA ASP Z 151 -9.03 -30.30 103.18
C ASP Z 151 -7.61 -30.84 103.04
N GLY Z 152 -6.65 -29.92 102.92
CA GLY Z 152 -5.26 -30.27 102.79
C GLY Z 152 -4.80 -30.66 101.40
N SER Z 153 -5.73 -30.82 100.45
CA SER Z 153 -5.40 -31.23 99.09
C SER Z 153 -5.30 -30.00 98.20
N GLU Z 154 -4.25 -29.94 97.39
CA GLU Z 154 -4.03 -28.81 96.51
C GLU Z 154 -5.11 -28.76 95.44
N ARG Z 155 -5.67 -27.58 95.21
CA ARG Z 155 -6.74 -27.37 94.24
C ARG Z 155 -6.21 -26.50 93.10
N GLN Z 156 -6.30 -27.00 91.88
CA GLN Z 156 -5.79 -26.31 90.70
C GLN Z 156 -6.89 -25.62 89.90
N ASN Z 157 -8.00 -26.31 89.65
CA ASN Z 157 -9.08 -25.75 88.85
C ASN Z 157 -9.88 -24.74 89.66
N GLY Z 158 -10.35 -23.69 88.99
CA GLY Z 158 -11.20 -22.71 89.61
C GLY Z 158 -10.50 -21.52 90.24
N VAL Z 159 -9.19 -21.37 90.02
CA VAL Z 159 -8.43 -20.27 90.60
C VAL Z 159 -8.30 -19.16 89.57
N LEU Z 160 -8.48 -17.92 90.01
CA LEU Z 160 -8.29 -16.74 89.17
C LEU Z 160 -7.34 -15.79 89.90
N ASN Z 161 -6.25 -15.44 89.25
CA ASN Z 161 -5.22 -14.58 89.84
C ASN Z 161 -5.18 -13.23 89.12
N SER Z 162 -4.93 -12.18 89.89
CA SER Z 162 -4.84 -10.82 89.34
C SER Z 162 -3.71 -10.11 90.07
N ALA Z 163 -2.59 -9.91 89.37
CA ALA Z 163 -1.43 -9.24 89.95
C ALA Z 163 -1.49 -7.75 89.64
N THR Z 164 -1.23 -6.94 90.67
CA THR Z 164 -1.20 -5.49 90.51
C THR Z 164 0.19 -5.04 90.09
N ASP Z 165 0.25 -3.90 89.40
CA ASP Z 165 1.53 -3.33 89.03
C ASP Z 165 2.18 -2.70 90.25
N GLN Z 166 3.40 -2.22 90.07
CA GLN Z 166 4.14 -1.62 91.17
C GLN Z 166 3.45 -0.37 91.67
N ASP Z 167 3.25 -0.28 92.98
CA ASP Z 167 2.57 0.86 93.56
C ASP Z 167 3.41 2.13 93.41
N SER Z 168 2.76 3.22 93.00
CA SER Z 168 3.45 4.48 92.76
C SER Z 168 3.92 5.16 94.03
N LYS Z 169 3.43 4.74 95.20
CA LYS Z 169 3.74 5.42 96.45
C LYS Z 169 4.83 4.73 97.27
N ASP Z 170 4.76 3.40 97.40
CA ASP Z 170 5.71 2.66 98.23
C ASP Z 170 6.42 1.55 97.46
N SER Z 171 6.25 1.48 96.14
CA SER Z 171 7.00 0.56 95.27
C SER Z 171 6.74 -0.91 95.60
N THR Z 172 5.60 -1.22 96.20
CA THR Z 172 5.22 -2.59 96.52
C THR Z 172 4.25 -3.14 95.48
N TYR Z 173 4.02 -4.45 95.56
CA TYR Z 173 3.11 -5.16 94.66
C TYR Z 173 1.99 -5.81 95.45
N SER Z 174 0.89 -6.10 94.76
CA SER Z 174 -0.27 -6.74 95.36
C SER Z 174 -0.81 -7.79 94.41
N MET Z 175 -1.51 -8.77 94.96
CA MET Z 175 -2.06 -9.87 94.18
C MET Z 175 -3.33 -10.38 94.85
N SER Z 176 -4.33 -10.69 94.03
CA SER Z 176 -5.59 -11.25 94.50
C SER Z 176 -5.80 -12.61 93.86
N SER Z 177 -6.16 -13.60 94.67
CA SER Z 177 -6.42 -14.95 94.20
C SER Z 177 -7.82 -15.36 94.66
N THR Z 178 -8.66 -15.76 93.71
CA THR Z 178 -10.05 -16.09 93.99
C THR Z 178 -10.33 -17.50 93.53
N LEU Z 179 -10.71 -18.37 94.46
CA LEU Z 179 -11.13 -19.74 94.16
C LEU Z 179 -12.66 -19.77 94.17
N THR Z 180 -13.25 -19.98 92.99
CA THR Z 180 -14.70 -19.95 92.82
C THR Z 180 -15.20 -21.38 92.63
N LEU Z 181 -16.07 -21.82 93.53
CA LEU Z 181 -16.68 -23.14 93.47
C LEU Z 181 -18.19 -23.01 93.54
N THR Z 182 -18.89 -24.09 93.20
CA THR Z 182 -20.32 -24.15 93.43
C THR Z 182 -20.60 -24.28 94.92
N LYS Z 183 -21.79 -23.85 95.33
CA LYS Z 183 -22.16 -23.96 96.73
C LYS Z 183 -22.22 -25.41 97.17
N ASP Z 184 -22.71 -26.30 96.29
CA ASP Z 184 -22.75 -27.72 96.62
C ASP Z 184 -21.37 -28.27 96.92
N GLU Z 185 -20.38 -27.92 96.09
CA GLU Z 185 -19.02 -28.41 96.31
C GLU Z 185 -18.36 -27.71 97.49
N TYR Z 186 -18.67 -26.44 97.72
CA TYR Z 186 -18.11 -25.73 98.86
C TYR Z 186 -18.56 -26.35 100.18
N GLU Z 187 -19.81 -26.80 100.25
CA GLU Z 187 -20.34 -27.38 101.48
C GLU Z 187 -19.95 -28.84 101.69
N ARG Z 188 -19.22 -29.44 100.75
CA ARG Z 188 -18.77 -30.82 100.90
C ARG Z 188 -17.38 -30.92 101.51
N HIS Z 189 -16.73 -29.81 101.82
CA HIS Z 189 -15.42 -29.80 102.44
C HIS Z 189 -15.42 -28.81 103.60
N ASN Z 190 -14.46 -28.97 104.51
CA ASN Z 190 -14.40 -28.20 105.74
C ASN Z 190 -13.23 -27.23 105.78
N SER Z 191 -12.02 -27.69 105.44
CA SER Z 191 -10.81 -26.90 105.59
C SER Z 191 -10.45 -26.22 104.28
N TYR Z 192 -10.24 -24.90 104.33
CA TYR Z 192 -9.79 -24.12 103.20
C TYR Z 192 -8.55 -23.33 103.62
N THR Z 193 -7.51 -23.39 102.80
CA THR Z 193 -6.22 -22.82 103.16
C THR Z 193 -5.60 -22.09 101.98
N CYS Z 194 -5.09 -20.88 102.24
CA CYS Z 194 -4.35 -20.11 101.26
C CYS Z 194 -2.93 -19.93 101.76
N GLU Z 195 -1.96 -20.46 101.02
CA GLU Z 195 -0.56 -20.41 101.41
C GLU Z 195 0.22 -19.58 100.42
N ALA Z 196 0.98 -18.60 100.93
CA ALA Z 196 1.82 -17.72 100.12
C ALA Z 196 3.28 -17.99 100.46
N THR Z 197 4.05 -18.38 99.46
CA THR Z 197 5.49 -18.58 99.62
C THR Z 197 6.23 -17.47 98.88
N HIS Z 198 7.13 -16.81 99.60
CA HIS Z 198 7.85 -15.66 99.06
C HIS Z 198 9.28 -15.69 99.57
N LYS Z 199 10.19 -15.07 98.81
CA LYS Z 199 11.61 -15.14 99.15
C LYS Z 199 11.96 -14.45 100.47
N THR Z 200 11.06 -13.64 101.02
CA THR Z 200 11.34 -12.98 102.29
C THR Z 200 11.19 -13.90 103.49
N SER Z 201 10.73 -15.13 103.29
CA SER Z 201 10.61 -16.08 104.38
C SER Z 201 10.81 -17.49 103.82
N THR Z 202 11.50 -18.33 104.59
CA THR Z 202 11.77 -19.70 104.17
C THR Z 202 10.63 -20.65 104.46
N SER Z 203 9.54 -20.16 105.09
CA SER Z 203 8.35 -20.94 105.33
C SER Z 203 7.15 -20.17 104.79
N PRO Z 204 6.17 -20.86 104.22
CA PRO Z 204 5.02 -20.15 103.63
C PRO Z 204 4.14 -19.52 104.69
N ILE Z 205 3.54 -18.39 104.33
CA ILE Z 205 2.57 -17.73 105.21
C ILE Z 205 1.21 -18.37 104.98
N VAL Z 206 0.64 -18.94 106.04
CA VAL Z 206 -0.56 -19.77 105.95
C VAL Z 206 -1.71 -19.04 106.62
N LYS Z 207 -2.80 -18.83 105.87
CA LYS Z 207 -4.05 -18.34 106.40
C LYS Z 207 -5.16 -19.32 106.03
N SER Z 208 -5.94 -19.74 107.02
CA SER Z 208 -6.92 -20.80 106.80
C SER Z 208 -8.16 -20.53 107.62
N PHE Z 209 -9.22 -21.26 107.28
CA PHE Z 209 -10.46 -21.24 108.04
C PHE Z 209 -11.16 -22.58 107.83
N ASN Z 210 -12.06 -22.90 108.75
CA ASN Z 210 -12.89 -24.10 108.66
C ASN Z 210 -14.34 -23.68 108.41
N ARG Z 211 -14.99 -24.37 107.48
CA ARG Z 211 -16.38 -24.03 107.13
C ARG Z 211 -17.31 -24.21 108.32
N ASN Z 212 -17.13 -25.30 109.08
CA ASN Z 212 -18.00 -25.55 110.23
C ASN Z 212 -17.77 -24.51 111.33
N GLU Z 213 -16.52 -24.22 111.66
CA GLU Z 213 -16.22 -23.26 112.71
C GLU Z 213 -16.50 -21.82 112.31
N CYS Z 214 -16.71 -21.56 111.02
CA CYS Z 214 -17.04 -20.22 110.56
C CYS Z 214 -17.90 -20.29 109.29
N GLU AA 1 -20.45 14.72 26.51
CA GLU AA 1 -20.38 15.06 25.09
C GLU AA 1 -18.94 14.95 24.57
N VAL AA 2 -18.10 14.24 25.31
CA VAL AA 2 -16.70 14.06 24.94
C VAL AA 2 -16.50 12.56 24.76
N GLN AA 3 -16.80 12.06 23.56
CA GLN AA 3 -16.57 10.66 23.22
C GLN AA 3 -15.80 10.58 21.92
N LEU AA 4 -15.05 9.49 21.76
CA LEU AA 4 -14.16 9.30 20.63
C LEU AA 4 -14.64 8.13 19.80
N GLN AA 5 -14.91 8.38 18.53
CA GLN AA 5 -15.37 7.35 17.60
C GLN AA 5 -14.21 6.88 16.74
N GLN AA 6 -14.10 5.57 16.54
CA GLN AA 6 -12.98 5.01 15.80
C GLN AA 6 -13.45 4.51 14.43
N SER AA 7 -12.61 3.70 13.78
CA SER AA 7 -12.88 3.25 12.42
C SER AA 7 -13.86 2.10 12.40
N GLY AA 8 -13.68 1.10 13.25
CA GLY AA 8 -14.49 -0.09 13.21
C GLY AA 8 -13.69 -1.35 13.05
N ALA AA 9 -14.23 -2.49 13.46
CA ALA AA 9 -13.51 -3.75 13.40
C ALA AA 9 -13.20 -4.13 11.97
N GLU AA 10 -12.08 -4.82 11.79
CA GLU AA 10 -11.63 -5.24 10.46
C GLU AA 10 -10.93 -6.57 10.55
N VAL AA 11 -11.25 -7.46 9.61
CA VAL AA 11 -10.59 -8.76 9.47
C VAL AA 11 -9.63 -8.68 8.30
N VAL AA 12 -8.34 -8.89 8.56
CA VAL AA 12 -7.29 -8.71 7.58
C VAL AA 12 -6.50 -10.00 7.46
N ARG AA 13 -6.12 -10.34 6.23
CA ARG AA 13 -5.19 -11.44 6.02
C ARG AA 13 -3.79 -11.03 6.47
N SER AA 14 -2.95 -12.03 6.74
CA SER AA 14 -1.60 -11.75 7.19
C SER AA 14 -0.78 -11.12 6.07
N GLY AA 15 0.04 -10.14 6.44
CA GLY AA 15 0.91 -9.47 5.49
C GLY AA 15 0.35 -8.23 4.84
N ALA AA 16 -0.81 -7.74 5.30
CA ALA AA 16 -1.41 -6.54 4.75
C ALA AA 16 -1.51 -5.47 5.82
N SER AA 17 -1.56 -4.23 5.38
CA SER AA 17 -1.62 -3.09 6.29
C SER AA 17 -3.06 -2.72 6.60
N VAL AA 18 -3.25 -2.10 7.77
CA VAL AA 18 -4.57 -1.62 8.20
C VAL AA 18 -4.38 -0.23 8.79
N LYS AA 19 -5.39 0.62 8.61
CA LYS AA 19 -5.37 2.00 9.08
C LYS AA 19 -6.55 2.24 9.99
N LEU AA 20 -6.28 2.61 11.23
CA LEU AA 20 -7.31 2.92 12.22
C LEU AA 20 -7.45 4.43 12.36
N SER AA 21 -8.67 4.87 12.63
CA SER AA 21 -8.96 6.30 12.75
C SER AA 21 -9.58 6.62 14.10
N CYS AA 22 -9.44 7.88 14.50
CA CYS AA 22 -10.06 8.42 15.69
C CYS AA 22 -10.83 9.68 15.31
N THR AA 23 -11.55 10.26 16.27
CA THR AA 23 -12.40 11.41 15.97
C THR AA 23 -12.51 12.30 17.20
N ALA AA 24 -12.68 13.60 16.95
CA ALA AA 24 -12.98 14.60 17.98
C ALA AA 24 -11.83 14.77 18.97
N SER AA 25 -10.62 14.36 18.60
CA SER AA 25 -9.42 14.59 19.38
C SER AA 25 -8.33 15.07 18.43
N GLY AA 26 -7.94 16.33 18.56
CA GLY AA 26 -7.04 16.93 17.59
C GLY AA 26 -7.69 18.08 16.85
N PHE AA 27 -7.66 19.27 17.46
CA PHE AA 27 -8.24 20.48 16.92
C PHE AA 27 -7.15 21.54 16.80
N ASN AA 28 -7.43 22.59 16.05
CA ASN AA 28 -6.52 23.72 16.07
C ASN AA 28 -6.57 24.39 17.43
N ILE AA 29 -5.39 24.81 17.89
CA ILE AA 29 -5.14 25.64 19.08
C ILE AA 29 -5.31 24.77 20.33
N LYS AA 30 -6.04 23.66 20.20
CA LYS AA 30 -6.21 22.69 21.27
C LYS AA 30 -5.91 21.31 20.71
N ASP AA 31 -4.86 20.62 21.19
CA ASP AA 31 -3.79 20.90 22.19
C ASP AA 31 -3.41 19.51 22.64
N TYR AA 32 -4.47 18.72 22.86
CA TYR AA 32 -4.52 17.33 23.28
C TYR AA 32 -3.23 16.53 23.05
N ALA AA 33 -2.99 15.52 23.88
CA ALA AA 33 -1.91 14.55 23.67
C ALA AA 33 -2.57 13.19 23.50
N ILE AA 34 -2.67 12.73 22.26
CA ILE AA 34 -3.40 11.50 21.95
C ILE AA 34 -2.45 10.32 22.11
N HIS AA 35 -2.94 9.29 22.78
CA HIS AA 35 -2.19 8.05 22.98
C HIS AA 35 -2.99 6.90 22.40
N TRP AA 36 -2.28 5.83 22.04
CA TRP AA 36 -2.88 4.61 21.54
C TRP AA 36 -2.43 3.45 22.40
N VAL AA 37 -3.38 2.58 22.74
CA VAL AA 37 -3.14 1.45 23.63
C VAL AA 37 -3.61 0.18 22.94
N LYS AA 38 -2.78 -0.86 23.01
CA LYS AA 38 -3.10 -2.18 22.46
C LYS AA 38 -3.49 -3.12 23.59
N GLN AA 39 -4.56 -3.88 23.37
CA GLN AA 39 -5.08 -4.81 24.36
C GLN AA 39 -5.09 -6.21 23.76
N ARG AA 40 -4.09 -7.01 24.12
CA ARG AA 40 -3.99 -8.42 23.73
C ARG AA 40 -4.59 -9.30 24.82
N PRO AA 41 -5.40 -10.30 24.49
CA PRO AA 41 -5.99 -11.16 25.53
C PRO AA 41 -4.97 -11.83 26.46
N GLU AA 42 -3.68 -11.78 26.14
CA GLU AA 42 -2.65 -12.37 26.98
C GLU AA 42 -1.74 -11.37 27.66
N LYS AA 43 -1.43 -10.25 27.01
CA LYS AA 43 -0.47 -9.29 27.53
C LYS AA 43 -1.12 -8.09 28.22
N GLY AA 44 -2.44 -8.07 28.34
CA GLY AA 44 -3.09 -6.95 29.01
C GLY AA 44 -3.06 -5.71 28.14
N LEU AA 45 -2.64 -4.58 28.74
CA LEU AA 45 -2.56 -3.32 28.03
C LEU AA 45 -1.11 -3.00 27.69
N GLU AA 46 -0.90 -2.49 26.47
CA GLU AA 46 0.41 -2.08 26.00
C GLU AA 46 0.28 -0.71 25.37
N TRP AA 47 1.11 0.23 25.83
CA TRP AA 47 1.12 1.58 25.28
C TRP AA 47 1.86 1.59 23.95
N ILE AA 48 1.27 2.26 22.96
CA ILE AA 48 1.83 2.29 21.61
C ILE AA 48 2.66 3.53 21.41
N GLY AA 49 2.02 4.70 21.51
CA GLY AA 49 2.74 5.94 21.30
C GLY AA 49 1.89 7.13 21.69
N ALA AA 50 2.55 8.30 21.74
CA ALA AA 50 1.94 9.56 22.12
C ALA AA 50 2.14 10.55 20.99
N ILE AA 51 1.04 11.08 20.46
CA ILE AA 51 1.07 12.09 19.40
C ILE AA 51 0.38 13.35 19.92
N ASP AA 52 0.98 14.50 19.60
CA ASP AA 52 0.42 15.77 20.03
C ASP AA 52 -0.05 16.54 18.80
N PRO AA 53 -1.36 16.66 18.58
CA PRO AA 53 -1.85 17.53 17.51
C PRO AA 53 -1.40 18.97 17.73
N GLU AA 54 -1.69 19.80 16.73
CA GLU AA 54 -1.14 21.15 16.62
C GLU AA 54 0.35 21.07 16.34
N TYR AA 55 1.15 20.85 17.38
CA TYR AA 55 2.60 20.72 17.18
C TYR AA 55 2.95 19.55 16.28
N GLY AA 56 2.21 18.45 16.37
CA GLY AA 56 2.46 17.27 15.57
C GLY AA 56 3.60 16.37 16.01
N ASP AA 57 4.03 16.46 17.28
CA ASP AA 57 5.08 15.58 17.78
C ASP AA 57 4.59 14.14 17.88
N THR AA 58 5.54 13.21 17.86
CA THR AA 58 5.26 11.77 17.89
C THR AA 58 6.34 11.06 18.68
N GLU AA 59 5.92 10.15 19.56
CA GLU AA 59 6.81 9.28 20.31
C GLU AA 59 6.29 7.86 20.26
N TYR AA 60 7.20 6.89 20.24
CA TYR AA 60 6.85 5.49 20.06
C TYR AA 60 7.53 4.64 21.12
N VAL AA 61 7.23 3.34 21.07
CA VAL AA 61 7.89 2.34 21.90
C VAL AA 61 8.86 1.58 20.99
N PRO AA 62 10.08 1.29 21.44
CA PRO AA 62 10.99 0.50 20.58
C PRO AA 62 10.41 -0.82 20.13
N LYS AA 63 9.44 -1.37 20.87
CA LYS AA 63 8.77 -2.59 20.42
C LYS AA 63 7.94 -2.33 19.17
N PHE AA 64 7.32 -1.16 19.08
CA PHE AA 64 6.39 -0.84 18.01
C PHE AA 64 6.98 0.04 16.93
N GLN AA 65 8.22 0.51 17.09
CA GLN AA 65 8.86 1.30 16.05
C GLN AA 65 9.08 0.45 14.81
N GLY AA 66 8.57 0.92 13.67
CA GLY AA 66 8.59 0.16 12.45
C GLY AA 66 7.36 -0.70 12.22
N LYS AA 67 6.56 -0.94 13.26
CA LYS AA 67 5.30 -1.65 13.14
C LYS AA 67 4.10 -0.71 13.10
N ALA AA 68 4.08 0.31 13.95
CA ALA AA 68 3.00 1.26 14.02
C ALA AA 68 3.47 2.62 13.52
N THR AA 69 2.69 3.24 12.65
CA THR AA 69 2.95 4.57 12.13
C THR AA 69 1.82 5.49 12.54
N MET AA 70 2.17 6.66 13.08
CA MET AA 70 1.19 7.61 13.60
C MET AA 70 1.19 8.87 12.76
N THR AA 71 -0.01 9.36 12.45
CA THR AA 71 -0.18 10.57 11.67
C THR AA 71 -1.28 11.42 12.29
N ALA AA 72 -1.20 12.73 12.03
CA ALA AA 72 -2.16 13.67 12.59
C ALA AA 72 -2.51 14.72 11.55
N ASP AA 73 -3.82 14.89 11.31
CA ASP AA 73 -4.34 15.93 10.43
C ASP AA 73 -4.82 17.08 11.31
N THR AA 74 -4.22 18.26 11.12
CA THR AA 74 -4.50 19.38 12.02
C THR AA 74 -5.97 19.78 11.95
N SER AA 75 -6.55 19.79 10.75
CA SER AA 75 -8.00 19.95 10.60
C SER AA 75 -8.68 18.71 11.16
N SER AA 76 -9.77 18.27 10.53
CA SER AA 76 -10.50 17.09 11.00
C SER AA 76 -10.89 17.27 12.48
N ASN AA 77 -11.35 16.27 13.27
CA ASN AA 77 -11.25 14.79 13.27
C ASN AA 77 -9.80 14.33 13.45
N THR AA 78 -9.52 13.13 12.95
CA THR AA 78 -8.25 12.40 12.97
C THR AA 78 -7.86 11.88 14.34
N ALA AA 79 -7.29 10.68 14.30
CA ALA AA 79 -5.99 10.35 14.84
C ALA AA 79 -5.69 9.02 14.18
N TYR AA 80 -4.85 9.02 13.15
CA TYR AA 80 -4.65 7.82 12.36
C TYR AA 80 -3.51 6.98 12.90
N LEU AA 81 -3.79 5.70 13.14
CA LEU AA 81 -2.78 4.72 13.53
C LEU AA 81 -2.83 3.59 12.52
N GLN AA 82 -1.71 3.34 11.86
CA GLN AA 82 -1.64 2.29 10.83
C GLN AA 82 -0.52 1.31 11.17
N LEU AA 83 -0.80 0.03 10.94
CA LEU AA 83 0.16 -1.04 11.17
C LEU AA 83 0.49 -1.71 9.85
N SER AA 84 1.77 -2.03 9.64
CA SER AA 84 2.22 -2.52 8.36
C SER AA 84 2.03 -4.03 8.24
N SER AA 85 3.14 -4.78 8.26
CA SER AA 85 3.06 -6.24 8.14
C SER AA 85 2.33 -6.82 9.33
N LEU AA 86 1.05 -7.14 9.15
CA LEU AA 86 0.24 -7.65 10.23
C LEU AA 86 0.48 -9.15 10.40
N THR AA 87 0.69 -9.57 11.64
CA THR AA 87 0.89 -10.96 11.99
C THR AA 87 -0.16 -11.38 13.01
N SER AA 88 -0.07 -12.64 13.46
CA SER AA 88 -1.04 -13.15 14.42
C SER AA 88 -0.93 -12.45 15.77
N GLU AA 89 0.22 -11.87 16.10
CA GLU AA 89 0.40 -11.17 17.37
C GLU AA 89 -0.21 -9.77 17.36
N ASP AA 90 -0.72 -9.31 16.23
CA ASP AA 90 -1.36 -8.01 16.14
C ASP AA 90 -2.87 -8.08 16.33
N THR AA 91 -3.43 -9.27 16.46
CA THR AA 91 -4.86 -9.44 16.74
C THR AA 91 -5.15 -8.91 18.13
N ALA AA 92 -5.73 -7.72 18.20
CA ALA AA 92 -5.96 -7.07 19.49
C ALA AA 92 -7.01 -5.99 19.31
N VAL AA 93 -7.40 -5.41 20.44
CA VAL AA 93 -8.32 -4.27 20.48
C VAL AA 93 -7.49 -3.02 20.71
N TYR AA 94 -7.62 -2.05 19.81
CA TYR AA 94 -6.83 -0.83 19.86
C TYR AA 94 -7.71 0.34 20.30
N TYR AA 95 -7.17 1.17 21.20
CA TYR AA 95 -7.91 2.29 21.76
C TYR AA 95 -7.19 3.59 21.43
N CYS AA 96 -7.97 4.62 21.17
CA CYS AA 96 -7.48 5.98 21.00
C CYS AA 96 -7.86 6.75 22.26
N ASN AA 97 -6.87 7.12 23.06
CA ASN AA 97 -7.10 7.75 24.34
C ASN AA 97 -6.49 9.15 24.38
N ALA AA 98 -7.19 10.07 25.06
CA ALA AA 98 -6.73 11.43 25.22
C ALA AA 98 -7.00 11.89 26.64
N GLY AA 99 -5.94 12.11 27.42
CA GLY AA 99 -6.10 12.85 28.66
C GLY AA 99 -6.59 14.26 28.37
N HIS AA 100 -7.42 14.79 29.26
CA HIS AA 100 -8.02 16.08 28.90
C HIS AA 100 -6.91 17.10 28.74
N ASP AA 101 -6.75 17.54 27.50
CA ASP AA 101 -5.81 18.54 26.99
C ASP AA 101 -4.36 18.08 26.95
N TYR AA 102 -3.84 17.41 27.97
CA TYR AA 102 -2.43 17.04 27.87
C TYR AA 102 -2.04 16.05 28.96
N ASP AA 103 -0.81 15.54 28.81
CA ASP AA 103 0.00 14.69 29.68
C ASP AA 103 -0.11 13.25 29.24
N ARG AA 104 0.67 12.38 29.87
CA ARG AA 104 0.84 11.01 29.40
C ARG AA 104 -0.02 10.05 30.21
N GLY AA 105 0.25 9.92 31.51
CA GLY AA 105 -0.52 9.02 32.36
C GLY AA 105 -2.02 9.05 32.10
N ARG AA 106 -2.62 10.24 32.08
CA ARG AA 106 -4.06 10.35 32.27
C ARG AA 106 -4.76 9.93 30.99
N PHE AA 107 -5.62 8.91 31.08
CA PHE AA 107 -6.57 8.55 30.03
C PHE AA 107 -7.97 8.54 30.62
N PRO AA 108 -8.62 9.70 30.75
CA PRO AA 108 -10.05 9.70 31.12
C PRO AA 108 -11.01 9.61 29.96
N TYR AA 109 -10.54 9.85 28.74
CA TYR AA 109 -11.39 9.82 27.55
C TYR AA 109 -10.86 8.76 26.59
N TRP AA 110 -11.51 7.61 26.56
CA TRP AA 110 -11.10 6.49 25.74
C TRP AA 110 -11.96 6.40 24.48
N GLY AA 111 -11.38 5.81 23.44
CA GLY AA 111 -12.14 5.50 22.26
C GLY AA 111 -13.06 4.31 22.49
N GLN AA 112 -13.91 4.05 21.50
CA GLN AA 112 -14.85 2.95 21.60
C GLN AA 112 -14.15 1.60 21.53
N GLY AA 113 -12.94 1.54 20.98
CA GLY AA 113 -12.26 0.27 20.80
C GLY AA 113 -12.44 -0.28 19.39
N THR AA 114 -11.37 -0.76 18.79
CA THR AA 114 -11.40 -1.32 17.45
C THR AA 114 -10.73 -2.68 17.47
N LEU AA 115 -11.48 -3.71 17.09
CA LEU AA 115 -10.99 -5.08 17.12
C LEU AA 115 -10.41 -5.43 15.76
N VAL AA 116 -9.11 -5.72 15.73
CA VAL AA 116 -8.40 -6.13 14.53
C VAL AA 116 -8.10 -7.62 14.64
N THR AA 117 -8.48 -8.39 13.63
CA THR AA 117 -8.23 -9.83 13.59
C THR AA 117 -7.37 -10.12 12.37
N VAL AA 118 -6.15 -10.57 12.62
CA VAL AA 118 -5.18 -10.89 11.59
C VAL AA 118 -5.00 -12.40 11.57
N SER AA 119 -5.49 -13.05 10.52
CA SER AA 119 -5.32 -14.49 10.41
C SER AA 119 -5.46 -14.89 8.95
N ALA AA 120 -4.90 -16.05 8.62
CA ALA AA 120 -4.94 -16.58 7.28
C ALA AA 120 -5.96 -17.71 7.14
N ALA AA 121 -6.92 -17.80 8.06
CA ALA AA 121 -7.58 -19.07 8.31
C ALA AA 121 -8.70 -19.34 7.32
N LYS AA 122 -9.12 -18.32 6.56
CA LYS AA 122 -10.31 -18.35 5.73
C LYS AA 122 -11.59 -18.61 6.53
N THR AA 123 -12.74 -18.35 5.93
CA THR AA 123 -14.02 -18.50 6.63
C THR AA 123 -14.57 -19.90 6.46
N THR AA 124 -15.21 -20.41 7.51
CA THR AA 124 -15.76 -21.74 7.54
C THR AA 124 -17.04 -21.69 8.37
N PRO AA 125 -18.16 -22.20 7.85
CA PRO AA 125 -19.40 -22.21 8.62
C PRO AA 125 -19.32 -23.20 9.76
N PRO AA 126 -20.13 -23.03 10.81
CA PRO AA 126 -20.06 -23.91 11.97
C PRO AA 126 -20.78 -25.23 11.75
N SER AA 127 -20.30 -26.25 12.46
CA SER AA 127 -20.96 -27.55 12.50
C SER AA 127 -21.65 -27.70 13.85
N VAL AA 128 -22.98 -27.79 13.83
CA VAL AA 128 -23.78 -27.86 15.04
C VAL AA 128 -24.13 -29.31 15.32
N TYR AA 129 -23.94 -29.74 16.57
CA TYR AA 129 -24.19 -31.12 16.98
C TYR AA 129 -25.07 -31.13 18.22
N PRO AA 130 -26.19 -31.85 18.20
CA PRO AA 130 -27.03 -31.92 19.40
C PRO AA 130 -26.39 -32.75 20.50
N LEU AA 131 -26.75 -32.42 21.74
CA LEU AA 131 -26.25 -33.11 22.93
C LEU AA 131 -27.46 -33.54 23.75
N ALA AA 132 -27.94 -34.76 23.51
CA ALA AA 132 -29.12 -35.34 24.14
C ALA AA 132 -28.73 -36.29 25.25
N PRO AA 133 -29.61 -36.50 26.23
CA PRO AA 133 -29.29 -37.43 27.33
C PRO AA 133 -29.20 -38.86 26.83
N GLY AA 134 -28.75 -39.74 27.73
CA GLY AA 134 -28.50 -41.12 27.38
C GLY AA 134 -29.48 -42.12 27.96
N SER AA 135 -30.35 -42.67 27.11
CA SER AA 135 -31.27 -43.76 27.46
C SER AA 135 -32.21 -43.24 28.55
N ALA AA 136 -32.47 -44.01 29.61
CA ALA AA 136 -33.46 -43.65 30.62
C ALA AA 136 -32.86 -43.62 32.02
N ALA AA 137 -31.57 -43.31 32.13
CA ALA AA 137 -30.88 -43.30 33.42
C ALA AA 137 -30.89 -41.94 34.09
N GLN AA 138 -31.84 -41.07 33.76
CA GLN AA 138 -31.89 -39.74 34.36
C GLN AA 138 -33.24 -39.46 35.02
N THR AA 139 -34.32 -39.32 34.25
CA THR AA 139 -35.64 -39.01 34.78
C THR AA 139 -35.64 -37.76 35.65
N ASN AA 140 -36.68 -37.61 36.48
CA ASN AA 140 -36.84 -36.42 37.30
C ASN AA 140 -35.70 -36.30 38.31
N SER AA 141 -35.35 -35.05 38.65
CA SER AA 141 -36.03 -33.86 38.14
C SER AA 141 -35.07 -32.92 37.38
N MET AA 142 -35.64 -32.26 36.37
CA MET AA 142 -34.95 -31.31 35.50
C MET AA 142 -33.92 -32.00 34.61
N VAL AA 143 -33.76 -31.51 33.39
CA VAL AA 143 -32.88 -32.12 32.40
C VAL AA 143 -32.03 -31.03 31.75
N THR AA 144 -30.75 -31.33 31.55
CA THR AA 144 -29.84 -30.44 30.85
C THR AA 144 -29.74 -30.85 29.39
N LEU AA 145 -29.81 -29.87 28.49
CA LEU AA 145 -29.63 -30.08 27.06
C LEU AA 145 -28.51 -29.18 26.56
N GLY AA 146 -27.91 -29.57 25.44
CA GLY AA 146 -26.77 -28.82 24.92
C GLY AA 146 -26.67 -28.90 23.41
N CYS AA 147 -25.97 -27.92 22.85
CA CYS AA 147 -25.65 -27.88 21.43
C CYS AA 147 -24.19 -27.52 21.27
N LEU AA 148 -23.45 -28.32 20.51
CA LEU AA 148 -22.01 -28.18 20.35
C LEU AA 148 -21.72 -27.56 18.99
N VAL AA 149 -20.99 -26.44 18.99
CA VAL AA 149 -20.62 -25.72 17.79
C VAL AA 149 -19.10 -25.88 17.60
N LYS AA 150 -18.72 -26.56 16.53
CA LYS AA 150 -17.32 -26.93 16.31
C LYS AA 150 -16.87 -26.55 14.91
N GLY AA 151 -15.61 -26.14 14.80
CA GLY AA 151 -14.97 -25.91 13.51
C GLY AA 151 -15.52 -24.74 12.73
N TYR AA 152 -15.54 -23.55 13.33
CA TYR AA 152 -16.03 -22.35 12.65
C TYR AA 152 -15.00 -21.24 12.78
N PHE AA 153 -15.14 -20.24 11.90
CA PHE AA 153 -14.30 -19.06 11.87
C PHE AA 153 -15.01 -18.00 11.07
N PRO AA 154 -15.01 -16.73 11.50
CA PRO AA 154 -14.38 -16.31 12.75
C PRO AA 154 -15.38 -16.09 13.90
N GLU AA 155 -14.87 -15.62 15.03
CA GLU AA 155 -15.72 -15.20 16.12
C GLU AA 155 -16.54 -13.98 15.69
N PRO AA 156 -17.79 -13.85 16.18
CA PRO AA 156 -18.50 -14.77 17.06
C PRO AA 156 -19.66 -15.52 16.40
N VAL AA 157 -20.35 -16.32 17.20
CA VAL AA 157 -21.60 -16.96 16.81
C VAL AA 157 -22.64 -16.68 17.88
N THR AA 158 -23.89 -16.58 17.47
CA THR AA 158 -25.00 -16.28 18.36
C THR AA 158 -25.85 -17.53 18.53
N VAL AA 159 -25.90 -18.05 19.75
CA VAL AA 159 -26.62 -19.29 20.05
C VAL AA 159 -27.86 -18.92 20.86
N THR AA 160 -29.03 -19.23 20.32
CA THR AA 160 -30.28 -19.05 21.01
C THR AA 160 -31.04 -20.37 21.05
N TRP AA 161 -32.01 -20.45 21.94
CA TRP AA 161 -32.76 -21.69 22.05
C TRP AA 161 -34.18 -21.52 21.55
N ASN AA 162 -35.15 -21.41 22.45
CA ASN AA 162 -36.55 -21.37 22.02
C ASN AA 162 -36.91 -20.06 21.34
N SER AA 163 -36.19 -19.71 20.28
CA SER AA 163 -36.48 -18.52 19.46
C SER AA 163 -36.53 -17.26 20.31
N GLY AA 164 -35.59 -17.14 21.25
CA GLY AA 164 -35.52 -16.03 22.16
C GLY AA 164 -36.24 -16.25 23.48
N SER AA 165 -37.27 -17.09 23.49
CA SER AA 165 -37.98 -17.39 24.72
C SER AA 165 -37.10 -18.24 25.64
N LEU AA 166 -37.40 -18.17 26.94
CA LEU AA 166 -36.67 -18.88 27.97
C LEU AA 166 -35.20 -18.48 27.99
N SER AA 167 -34.86 -17.50 28.83
CA SER AA 167 -33.49 -17.03 28.97
C SER AA 167 -32.83 -17.48 30.27
N SER AA 168 -33.58 -18.04 31.21
CA SER AA 168 -33.02 -18.51 32.47
C SER AA 168 -32.56 -19.95 32.33
N GLY AA 169 -31.53 -20.29 33.10
CA GLY AA 169 -30.98 -21.64 33.07
C GLY AA 169 -30.13 -21.96 31.87
N VAL AA 170 -29.60 -20.95 31.19
CA VAL AA 170 -28.75 -21.15 30.02
C VAL AA 170 -27.31 -20.83 30.40
N HIS AA 171 -26.38 -21.47 29.70
CA HIS AA 171 -24.96 -21.25 29.93
C HIS AA 171 -24.23 -21.27 28.59
N THR AA 172 -23.62 -20.14 28.25
CA THR AA 172 -22.83 -20.01 27.02
C THR AA 172 -21.35 -20.02 27.38
N PHE AA 173 -20.63 -21.02 26.87
CA PHE AA 173 -19.23 -21.16 27.24
C PHE AA 173 -18.32 -20.46 26.22
N PRO AA 174 -17.25 -19.84 26.69
CA PRO AA 174 -16.34 -19.13 25.78
C PRO AA 174 -15.75 -20.06 24.74
N ALA AA 175 -15.46 -19.48 23.56
CA ALA AA 175 -14.92 -20.27 22.46
C ALA AA 175 -13.48 -20.65 22.73
N VAL AA 176 -13.07 -21.80 22.18
CA VAL AA 176 -11.73 -22.32 22.30
C VAL AA 176 -11.15 -22.47 20.90
N LEU AA 177 -9.93 -21.99 20.70
CA LEU AA 177 -9.26 -22.03 19.40
C LEU AA 177 -8.35 -23.24 19.33
N GLN AA 178 -8.61 -24.13 18.37
CA GLN AA 178 -7.75 -25.29 18.14
C GLN AA 178 -7.72 -25.57 16.64
N SER AA 179 -6.53 -25.83 16.12
CA SER AA 179 -6.31 -26.08 14.69
C SER AA 179 -6.84 -24.92 13.85
N ASP AA 180 -6.61 -23.69 14.35
CA ASP AA 180 -7.04 -22.46 13.68
C ASP AA 180 -8.54 -22.37 13.48
N LEU AA 181 -9.32 -23.11 14.26
CA LEU AA 181 -10.77 -23.07 14.20
C LEU AA 181 -11.34 -22.98 15.61
N TYR AA 182 -12.51 -22.37 15.72
CA TYR AA 182 -13.13 -22.13 17.01
C TYR AA 182 -14.12 -23.23 17.35
N THR AA 183 -14.41 -23.35 18.65
CA THR AA 183 -15.35 -24.35 19.16
C THR AA 183 -16.12 -23.74 20.32
N LEU AA 184 -17.45 -23.75 20.24
CA LEU AA 184 -18.30 -23.17 21.25
C LEU AA 184 -19.22 -24.25 21.83
N SER AA 185 -19.64 -24.04 23.08
CA SER AA 185 -20.55 -24.94 23.76
C SER AA 185 -21.65 -24.13 24.43
N SER AA 186 -22.86 -24.67 24.44
CA SER AA 186 -24.01 -24.01 25.06
C SER AA 186 -24.90 -25.06 25.71
N SER AA 187 -25.38 -24.76 26.91
CA SER AA 187 -26.23 -25.68 27.67
C SER AA 187 -27.46 -24.95 28.19
N VAL AA 188 -28.54 -25.69 28.36
CA VAL AA 188 -29.80 -25.16 28.89
C VAL AA 188 -30.44 -26.24 29.75
N THR AA 189 -31.07 -25.83 30.85
CA THR AA 189 -31.70 -26.74 31.79
C THR AA 189 -33.19 -26.44 31.87
N VAL AA 190 -34.01 -27.46 31.59
CA VAL AA 190 -35.46 -27.32 31.63
C VAL AA 190 -36.03 -28.45 32.47
N PRO AA 191 -37.22 -28.26 33.03
CA PRO AA 191 -37.84 -29.35 33.81
C PRO AA 191 -38.17 -30.55 32.94
N SER AA 192 -38.25 -31.71 33.61
CA SER AA 192 -38.51 -32.96 32.88
C SER AA 192 -39.90 -33.00 32.28
N SER AA 193 -40.85 -32.27 32.86
CA SER AA 193 -42.19 -32.18 32.29
C SER AA 193 -42.23 -31.35 31.00
N THR AA 194 -41.14 -30.64 30.69
CA THR AA 194 -41.04 -29.84 29.48
C THR AA 194 -40.48 -30.63 28.30
N TRP AA 195 -39.37 -31.34 28.52
CA TRP AA 195 -38.72 -32.12 27.48
C TRP AA 195 -38.79 -33.60 27.82
N PRO AA 196 -39.09 -34.48 26.86
CA PRO AA 196 -39.39 -34.15 25.46
C PRO AA 196 -40.87 -33.88 25.19
N SER AA 197 -41.58 -33.34 26.18
CA SER AA 197 -43.00 -33.05 25.99
C SER AA 197 -43.20 -32.00 24.90
N GLU AA 198 -42.57 -30.85 25.04
CA GLU AA 198 -42.57 -29.82 24.02
C GLU AA 198 -41.18 -29.70 23.41
N THR AA 199 -41.14 -29.29 22.14
CA THR AA 199 -39.89 -29.29 21.38
C THR AA 199 -38.91 -28.28 21.93
N VAL AA 200 -37.63 -28.64 21.87
CA VAL AA 200 -36.52 -27.76 22.26
C VAL AA 200 -35.55 -27.69 21.10
N THR AA 201 -35.32 -26.50 20.57
CA THR AA 201 -34.50 -26.29 19.40
C THR AA 201 -33.47 -25.21 19.69
N CYS AA 202 -32.23 -25.44 19.24
CA CYS AA 202 -31.16 -24.45 19.39
C CYS AA 202 -30.84 -23.86 18.03
N ASN AA 203 -30.63 -22.54 18.01
CA ASN AA 203 -30.34 -21.80 16.79
C ASN AA 203 -28.94 -21.22 16.89
N VAL AA 204 -28.12 -21.47 15.87
CA VAL AA 204 -26.74 -21.01 15.83
C VAL AA 204 -26.59 -20.08 14.63
N ALA AA 205 -26.38 -18.79 14.89
CA ALA AA 205 -26.25 -17.79 13.85
C ALA AA 205 -24.79 -17.41 13.70
N HIS AA 206 -24.25 -17.56 12.50
CA HIS AA 206 -22.88 -17.16 12.19
C HIS AA 206 -22.93 -16.06 11.14
N PRO AA 207 -22.65 -14.81 11.50
CA PRO AA 207 -22.86 -13.71 10.54
C PRO AA 207 -22.04 -13.86 9.28
N ALA AA 208 -20.82 -14.37 9.37
CA ALA AA 208 -19.95 -14.49 8.21
C ALA AA 208 -20.29 -15.68 7.34
N SER AA 209 -21.55 -16.15 7.38
CA SER AA 209 -22.02 -17.22 6.51
C SER AA 209 -23.53 -17.35 6.57
N SER AA 210 -24.04 -18.38 7.23
CA SER AA 210 -25.46 -18.69 7.20
C SER AA 210 -25.90 -19.28 8.54
N THR AA 211 -27.17 -19.05 8.86
CA THR AA 211 -27.80 -19.55 10.08
C THR AA 211 -28.16 -21.03 9.98
N LYS AA 212 -28.05 -21.74 11.11
CA LYS AA 212 -28.44 -23.14 11.21
C LYS AA 212 -29.40 -23.34 12.37
N VAL AA 213 -30.29 -24.32 12.22
CA VAL AA 213 -31.33 -24.62 13.21
C VAL AA 213 -31.38 -26.14 13.40
N ASP AA 214 -31.32 -26.58 14.66
CA ASP AA 214 -31.29 -28.00 14.97
C ASP AA 214 -32.16 -28.29 16.19
N LYS AA 215 -33.15 -29.17 16.04
CA LYS AA 215 -34.02 -29.57 17.12
C LYS AA 215 -33.47 -30.79 17.83
N LYS AA 216 -33.75 -30.90 19.12
CA LYS AA 216 -33.20 -31.95 19.97
C LYS AA 216 -34.22 -33.07 20.13
N ILE AA 217 -33.82 -34.30 19.82
CA ILE AA 217 -34.66 -35.48 19.93
C ILE AA 217 -33.93 -36.52 20.75
N VAL AA 218 -34.69 -37.32 21.49
CA VAL AA 218 -34.16 -38.41 22.32
C VAL AA 218 -33.18 -39.29 21.55
N ASP BA 1 12.65 0.08 30.83
CA ASP BA 1 11.28 -0.41 30.90
C ASP BA 1 10.89 -0.71 32.34
N ILE BA 2 10.06 0.16 32.91
CA ILE BA 2 9.61 0.00 34.29
C ILE BA 2 8.49 -1.03 34.31
N VAL BA 3 8.68 -2.10 35.07
CA VAL BA 3 7.73 -3.21 35.11
C VAL BA 3 6.70 -2.94 36.21
N MET BA 4 5.43 -3.04 35.86
CA MET BA 4 4.33 -2.90 36.81
C MET BA 4 3.87 -4.29 37.20
N THR BA 5 4.08 -4.64 38.47
CA THR BA 5 3.75 -5.96 38.99
C THR BA 5 2.62 -5.83 40.02
N GLN BA 6 1.45 -6.34 39.67
CA GLN BA 6 0.34 -6.41 40.61
C GLN BA 6 0.36 -7.75 41.33
N SER BA 7 0.04 -7.72 42.63
CA SER BA 7 0.15 -8.90 43.48
C SER BA 7 -0.63 -10.09 42.95
N GLN BA 8 -1.96 -10.03 43.04
CA GLN BA 8 -2.81 -11.16 42.67
C GLN BA 8 -3.59 -10.85 41.40
N LYS BA 9 -3.83 -11.90 40.61
CA LYS BA 9 -4.64 -11.77 39.40
C LYS BA 9 -6.13 -11.76 39.73
N PHE BA 10 -6.54 -12.46 40.77
CA PHE BA 10 -7.93 -12.49 41.21
C PHE BA 10 -8.01 -12.13 42.68
N MET BA 11 -9.15 -11.59 43.08
CA MET BA 11 -9.36 -11.18 44.46
C MET BA 11 -10.82 -11.40 44.83
N SER BA 12 -11.04 -12.02 45.98
CA SER BA 12 -12.38 -12.31 46.47
C SER BA 12 -12.78 -11.34 47.58
N THR BA 13 -14.07 -11.05 47.64
CA THR BA 13 -14.63 -10.11 48.61
C THR BA 13 -16.14 -10.17 48.49
N SER BA 14 -16.82 -9.46 49.40
CA SER BA 14 -18.27 -9.38 49.39
C SER BA 14 -18.69 -7.92 49.48
N VAL BA 15 -19.96 -7.67 49.17
CA VAL BA 15 -20.49 -6.32 49.20
C VAL BA 15 -20.35 -5.76 50.61
N GLY BA 16 -19.87 -4.52 50.70
CA GLY BA 16 -19.66 -3.86 51.96
C GLY BA 16 -18.27 -3.99 52.55
N ASP BA 17 -17.49 -4.98 52.10
CA ASP BA 17 -16.16 -5.20 52.65
C ASP BA 17 -15.17 -4.16 52.12
N ARG BA 18 -13.91 -4.31 52.51
CA ARG BA 18 -12.84 -3.39 52.16
C ARG BA 18 -11.76 -4.15 51.40
N VAL BA 19 -11.39 -3.63 50.23
CA VAL BA 19 -10.44 -4.29 49.34
C VAL BA 19 -9.26 -3.36 49.11
N SER BA 20 -8.06 -3.93 49.03
CA SER BA 20 -6.84 -3.17 48.76
C SER BA 20 -6.04 -3.91 47.71
N ILE BA 21 -5.80 -3.27 46.57
CA ILE BA 21 -5.03 -3.83 45.47
C ILE BA 21 -3.66 -3.15 45.45
N THR BA 22 -2.61 -3.95 45.34
CA THR BA 22 -1.25 -3.45 45.40
C THR BA 22 -0.60 -3.47 44.02
N CYS BA 23 0.27 -2.49 43.78
CA CYS BA 23 0.99 -2.35 42.52
C CYS BA 23 2.42 -1.97 42.85
N LYS BA 24 3.38 -2.82 42.46
CA LYS BA 24 4.78 -2.64 42.80
C LYS BA 24 5.57 -2.25 41.56
N ALA BA 25 6.35 -1.18 41.67
CA ALA BA 25 7.16 -0.66 40.59
C ALA BA 25 8.59 -1.20 40.69
N SER BA 26 9.20 -1.43 39.52
CA SER BA 26 10.60 -1.84 39.48
C SER BA 26 11.56 -0.67 39.61
N GLN BA 27 11.05 0.57 39.64
CA GLN BA 27 11.88 1.75 39.79
C GLN BA 27 11.10 2.81 40.56
N ASN BA 28 11.81 3.80 41.07
CA ASN BA 28 11.17 4.93 41.73
C ASN BA 28 10.46 5.79 40.69
N VAL BA 29 9.16 6.00 40.88
CA VAL BA 29 8.37 6.76 39.93
C VAL BA 29 7.66 7.90 40.66
N GLY BA 30 8.11 8.18 41.87
CA GLY BA 30 7.50 9.24 42.66
C GLY BA 30 6.03 8.96 42.91
N THR BA 31 5.16 9.81 42.34
CA THR BA 31 3.72 9.62 42.42
C THR BA 31 3.09 9.55 41.04
N ALA BA 32 3.88 9.27 40.01
CA ALA BA 32 3.39 9.20 38.63
C ALA BA 32 2.79 7.82 38.37
N VAL BA 33 1.67 7.56 39.05
CA VAL BA 33 0.93 6.31 38.92
C VAL BA 33 -0.54 6.63 38.78
N ALA BA 34 -1.20 5.95 37.84
CA ALA BA 34 -2.63 6.10 37.62
C ALA BA 34 -3.31 4.74 37.69
N TRP BA 35 -4.58 4.76 38.08
CA TRP BA 35 -5.39 3.56 38.21
C TRP BA 35 -6.59 3.64 37.28
N TYR BA 36 -6.96 2.50 36.69
CA TYR BA 36 -8.09 2.44 35.77
C TYR BA 36 -9.01 1.29 36.14
N GLN BA 37 -10.28 1.43 35.74
CA GLN BA 37 -11.29 0.40 35.90
C GLN BA 37 -11.83 0.02 34.53
N GLN BA 38 -11.90 -1.28 34.26
CA GLN BA 38 -12.39 -1.79 32.98
C GLN BA 38 -13.39 -2.89 33.23
N LYS BA 39 -14.62 -2.69 32.77
CA LYS BA 39 -15.64 -3.73 32.81
C LYS BA 39 -15.62 -4.55 31.53
N PRO BA 40 -16.09 -5.79 31.57
CA PRO BA 40 -16.07 -6.62 30.35
C PRO BA 40 -16.88 -6.00 29.22
N GLY BA 41 -16.31 -6.03 28.03
CA GLY BA 41 -16.99 -5.49 26.86
C GLY BA 41 -17.08 -3.99 26.81
N GLN BA 42 -16.26 -3.28 27.59
CA GLN BA 42 -16.26 -1.83 27.61
C GLN BA 42 -14.83 -1.32 27.58
N SER BA 43 -14.69 -0.01 27.35
CA SER BA 43 -13.38 0.60 27.38
C SER BA 43 -13.04 1.01 28.81
N PRO BA 44 -11.76 1.00 29.17
CA PRO BA 44 -11.36 1.38 30.53
C PRO BA 44 -11.77 2.81 30.87
N LYS BA 45 -12.04 3.04 32.14
CA LYS BA 45 -12.40 4.34 32.68
C LYS BA 45 -11.36 4.75 33.71
N LEU BA 46 -10.89 6.00 33.61
CA LEU BA 46 -9.90 6.48 34.56
C LEU BA 46 -10.52 6.64 35.94
N MET BA 47 -9.78 6.20 36.96
CA MET BA 47 -10.23 6.30 38.36
C MET BA 47 -9.33 7.27 39.13
N ILE BA 48 -8.07 6.94 39.33
CA ILE BA 48 -7.13 7.76 40.08
C ILE BA 48 -5.93 8.07 39.21
N TYR BA 49 -5.41 9.28 39.33
CA TYR BA 49 -4.20 9.69 38.65
C TYR BA 49 -3.41 10.59 39.59
N PHE BA 50 -2.09 10.56 39.46
CA PHE BA 50 -1.17 11.23 40.39
C PHE BA 50 -1.23 10.57 41.76
N ALA BA 51 -1.26 9.22 41.76
CA ALA BA 51 -1.20 8.39 42.95
C ALA BA 51 -2.50 8.41 43.76
N SER BA 52 -2.97 9.60 44.15
CA SER BA 52 -4.07 9.66 45.12
C SER BA 52 -5.10 10.73 44.78
N ASN BA 53 -5.24 11.13 43.51
CA ASN BA 53 -6.21 12.15 43.12
C ASN BA 53 -7.31 11.49 42.30
N ARG BA 54 -8.54 11.66 42.74
CA ARG BA 54 -9.68 11.11 42.03
C ARG BA 54 -10.04 11.97 40.83
N TYR BA 55 -10.38 11.32 39.72
CA TYR BA 55 -10.82 12.02 38.53
C TYR BA 55 -12.28 12.44 38.66
N THR BA 56 -12.65 13.47 37.92
CA THR BA 56 -14.02 13.94 37.88
C THR BA 56 -14.96 12.80 37.54
N GLY BA 57 -15.88 12.49 38.45
CA GLY BA 57 -16.64 11.27 38.29
C GLY BA 57 -16.58 10.35 39.49
N VAL BA 58 -15.37 10.07 39.95
CA VAL BA 58 -15.13 8.89 40.79
C VAL BA 58 -15.55 9.21 42.22
N PRO BA 59 -16.34 8.34 42.85
CA PRO BA 59 -16.83 8.61 44.21
C PRO BA 59 -15.70 8.56 45.22
N ASP BA 60 -15.94 9.23 46.36
CA ASP BA 60 -15.03 9.16 47.49
C ASP BA 60 -14.81 7.73 47.99
N ARG BA 61 -15.60 6.77 47.51
CA ARG BA 61 -15.41 5.37 47.86
C ARG BA 61 -14.02 4.86 47.50
N PHE BA 62 -13.45 5.35 46.39
CA PHE BA 62 -12.14 4.92 45.94
C PHE BA 62 -11.06 5.86 46.47
N THR BA 63 -9.98 5.27 47.00
CA THR BA 63 -8.87 6.04 47.54
C THR BA 63 -7.56 5.41 47.07
N GLY BA 64 -6.68 6.23 46.51
CA GLY BA 64 -5.36 5.79 46.11
C GLY BA 64 -4.31 6.24 47.10
N SER BA 65 -3.19 5.52 47.11
CA SER BA 65 -2.12 5.82 48.06
C SER BA 65 -0.82 5.20 47.55
N GLY BA 66 0.28 5.61 48.16
CA GLY BA 66 1.59 5.11 47.84
C GLY BA 66 2.46 6.15 47.14
N SER BA 67 3.75 5.85 47.08
CA SER BA 67 4.74 6.71 46.45
C SER BA 67 6.02 5.92 46.28
N GLY BA 68 6.81 6.32 45.28
CA GLY BA 68 8.09 5.68 45.02
C GLY BA 68 7.97 4.38 44.25
N THR BA 69 7.69 3.28 44.95
CA THR BA 69 7.61 1.98 44.30
C THR BA 69 6.47 1.10 44.79
N ASP BA 70 5.77 1.45 45.85
CA ASP BA 70 4.63 0.69 46.35
C ASP BA 70 3.39 1.56 46.28
N PHE BA 71 2.39 1.12 45.53
CA PHE BA 71 1.15 1.86 45.35
C PHE BA 71 -0.03 0.94 45.63
N THR BA 72 -1.11 1.52 46.11
CA THR BA 72 -2.26 0.75 46.57
C THR BA 72 -3.55 1.48 46.22
N LEU BA 73 -4.52 0.72 45.74
CA LEU BA 73 -5.88 1.21 45.53
C LEU BA 73 -6.78 0.57 46.57
N THR BA 74 -7.52 1.39 47.31
CA THR BA 74 -8.38 0.94 48.39
C THR BA 74 -9.81 1.34 48.07
N ILE BA 75 -10.74 0.40 48.26
CA ILE BA 75 -12.15 0.65 48.01
C ILE BA 75 -12.86 0.47 49.34
N SER BA 76 -13.04 1.57 50.07
CA SER BA 76 -13.74 1.55 51.34
C SER BA 76 -15.23 1.41 51.07
N ASN BA 77 -15.83 0.31 51.52
CA ASN BA 77 -17.23 0.01 51.27
C ASN BA 77 -17.43 -0.29 49.79
N MET BA 78 -18.33 -1.23 49.47
CA MET BA 78 -18.41 -1.71 48.09
C MET BA 78 -19.85 -1.74 47.62
N GLN BA 79 -19.98 -1.80 46.29
CA GLN BA 79 -21.24 -2.02 45.61
C GLN BA 79 -21.01 -3.08 44.54
N SER BA 80 -22.12 -3.64 44.03
CA SER BA 80 -22.02 -4.63 42.96
C SER BA 80 -21.37 -4.04 41.72
N GLU BA 81 -21.54 -2.74 41.49
CA GLU BA 81 -21.01 -2.08 40.30
C GLU BA 81 -19.49 -1.97 40.29
N ASP BA 82 -18.82 -2.36 41.37
CA ASP BA 82 -17.37 -2.26 41.44
C ASP BA 82 -16.66 -3.53 40.97
N LEU BA 83 -17.41 -4.54 40.55
CA LEU BA 83 -16.81 -5.79 40.08
C LEU BA 83 -16.31 -5.58 38.66
N ALA BA 84 -14.99 -5.47 38.50
CA ALA BA 84 -14.37 -5.24 37.20
C ALA BA 84 -12.87 -5.44 37.36
N ASP BA 85 -12.14 -5.19 36.27
CA ASP BA 85 -10.68 -5.24 36.29
C ASP BA 85 -10.10 -3.90 36.71
N TYR BA 86 -8.95 -3.94 37.35
CA TYR BA 86 -8.28 -2.73 37.82
C TYR BA 86 -6.82 -2.78 37.42
N PHE BA 87 -6.36 -1.72 36.74
CA PHE BA 87 -5.00 -1.63 36.22
C PHE BA 87 -4.29 -0.45 36.86
N CYS BA 88 -2.98 -0.61 37.06
CA CYS BA 88 -2.12 0.49 37.46
C CYS BA 88 -1.16 0.83 36.33
N GLN BA 89 -0.82 2.11 36.21
CA GLN BA 89 -0.03 2.60 35.10
C GLN BA 89 1.11 3.48 35.62
N GLN BA 90 2.26 3.39 35.00
CA GLN BA 90 3.41 4.22 35.31
C GLN BA 90 3.61 5.23 34.19
N TYR BA 91 3.85 6.49 34.54
CA TYR BA 91 4.14 7.53 33.55
C TYR BA 91 5.26 8.43 34.03
N SER BA 92 6.27 7.83 34.68
CA SER BA 92 7.45 8.60 35.06
C SER BA 92 8.41 8.77 33.90
N SER BA 93 8.54 7.75 33.06
CA SER BA 93 9.42 7.82 31.89
C SER BA 93 8.90 6.86 30.84
N TYR BA 94 9.24 7.16 29.58
CA TYR BA 94 8.85 6.31 28.46
C TYR BA 94 9.70 5.04 28.43
N PRO BA 95 9.13 3.91 27.98
CA PRO BA 95 7.74 3.78 27.54
C PRO BA 95 6.75 3.60 28.69
N LEU BA 96 5.51 4.02 28.47
CA LEU BA 96 4.46 3.84 29.46
C LEU BA 96 4.11 2.36 29.60
N THR BA 97 3.91 1.92 30.84
CA THR BA 97 3.64 0.52 31.13
C THR BA 97 2.41 0.39 32.02
N PHE BA 98 1.75 -0.76 31.91
CA PHE BA 98 0.58 -1.09 32.71
C PHE BA 98 0.84 -2.37 33.50
N GLY BA 99 0.01 -2.58 34.52
CA GLY BA 99 0.10 -3.79 35.31
C GLY BA 99 -0.81 -4.89 34.79
N ALA BA 100 -0.61 -6.09 35.34
CA ALA BA 100 -1.44 -7.22 34.97
C ALA BA 100 -2.86 -7.03 35.48
N GLY BA 101 -3.79 -7.79 34.90
CA GLY BA 101 -5.18 -7.68 35.28
C GLY BA 101 -5.44 -8.14 36.71
N THR BA 102 -6.47 -7.54 37.31
CA THR BA 102 -6.90 -7.90 38.66
C THR BA 102 -8.41 -7.94 38.68
N LYS BA 103 -8.97 -9.14 38.83
CA LYS BA 103 -10.41 -9.34 38.84
C LYS BA 103 -10.94 -9.34 40.27
N LEU BA 104 -11.96 -8.52 40.51
CA LEU BA 104 -12.64 -8.49 41.80
C LEU BA 104 -13.93 -9.29 41.68
N GLU BA 105 -14.06 -10.33 42.50
CA GLU BA 105 -15.20 -11.23 42.46
C GLU BA 105 -15.94 -11.26 43.79
N LEU BA 106 -17.21 -11.63 43.72
CA LEU BA 106 -18.07 -11.72 44.90
C LEU BA 106 -18.12 -13.15 45.44
N LYS BA 107 -18.14 -13.26 46.76
CA LYS BA 107 -18.25 -14.55 47.43
C LYS BA 107 -19.70 -14.85 47.74
N ARG BA 108 -20.15 -16.03 47.32
CA ARG BA 108 -21.49 -16.54 47.60
C ARG BA 108 -21.40 -17.82 48.40
N ALA BA 109 -22.57 -18.33 48.79
CA ALA BA 109 -22.62 -19.60 49.50
C ALA BA 109 -22.30 -20.73 48.55
N ASP BA 110 -21.95 -21.89 49.10
CA ASP BA 110 -21.25 -22.92 48.36
C ASP BA 110 -22.27 -23.93 47.82
N ALA BA 111 -22.43 -23.95 46.51
CA ALA BA 111 -23.33 -24.86 45.82
C ALA BA 111 -22.55 -26.02 45.24
N ALA BA 112 -23.21 -27.16 45.13
CA ALA BA 112 -22.53 -28.28 44.48
C ALA BA 112 -22.72 -28.21 42.97
N PRO BA 113 -21.73 -28.59 42.19
CA PRO BA 113 -21.87 -28.51 40.73
C PRO BA 113 -22.90 -29.50 40.24
N THR BA 114 -23.40 -29.23 39.05
CA THR BA 114 -24.32 -30.14 38.36
C THR BA 114 -23.62 -30.68 37.15
N VAL BA 115 -23.41 -32.00 37.12
CA VAL BA 115 -22.60 -32.65 36.12
C VAL BA 115 -23.51 -33.45 35.22
N SER BA 116 -23.39 -33.24 33.91
CA SER BA 116 -24.18 -33.95 32.92
C SER BA 116 -23.27 -34.34 31.78
N ILE BA 117 -23.22 -35.63 31.46
CA ILE BA 117 -22.39 -36.15 30.38
C ILE BA 117 -23.31 -36.49 29.22
N PHE BA 118 -22.81 -36.27 28.00
CA PHE BA 118 -23.59 -36.48 26.79
C PHE BA 118 -22.73 -37.24 25.78
N PRO BA 119 -23.16 -38.42 25.34
CA PRO BA 119 -22.41 -39.14 24.31
C PRO BA 119 -22.51 -38.43 22.98
N PRO BA 120 -21.66 -38.79 22.01
CA PRO BA 120 -21.76 -38.18 20.68
C PRO BA 120 -23.12 -38.48 20.05
N SER BA 121 -23.66 -37.49 19.36
CA SER BA 121 -24.95 -37.65 18.69
C SER BA 121 -24.81 -38.59 17.50
N SER BA 122 -25.94 -39.17 17.10
CA SER BA 122 -25.95 -40.04 15.93
C SER BA 122 -25.59 -39.28 14.66
N GLU BA 123 -25.87 -37.97 14.64
CA GLU BA 123 -25.55 -37.16 13.47
C GLU BA 123 -24.06 -36.95 13.32
N GLN BA 124 -23.36 -36.67 14.43
CA GLN BA 124 -21.92 -36.45 14.35
C GLN BA 124 -21.17 -37.73 14.01
N LEU BA 125 -21.70 -38.89 14.41
CA LEU BA 125 -21.08 -40.16 14.08
C LEU BA 125 -21.16 -40.48 12.60
N THR BA 126 -21.98 -39.76 11.84
CA THR BA 126 -22.01 -39.93 10.40
C THR BA 126 -20.85 -39.22 9.70
N SER BA 127 -20.21 -38.28 10.39
CA SER BA 127 -19.08 -37.52 9.85
C SER BA 127 -17.74 -38.16 10.16
N GLY BA 128 -17.72 -39.28 10.86
CA GLY BA 128 -16.48 -39.92 11.26
C GLY BA 128 -15.86 -39.39 12.54
N GLY BA 129 -16.55 -38.51 13.25
CA GLY BA 129 -16.04 -37.97 14.50
C GLY BA 129 -16.96 -38.24 15.67
N ALA BA 130 -16.44 -38.17 16.88
CA ALA BA 130 -17.21 -38.45 18.08
C ALA BA 130 -16.74 -37.53 19.20
N SER BA 131 -17.66 -36.69 19.70
CA SER BA 131 -17.37 -35.75 20.77
C SER BA 131 -18.22 -36.08 21.99
N VAL BA 132 -17.58 -36.26 23.13
CA VAL BA 132 -18.26 -36.49 24.41
C VAL BA 132 -18.09 -35.23 25.24
N VAL BA 133 -19.21 -34.63 25.64
CA VAL BA 133 -19.20 -33.39 26.39
C VAL BA 133 -19.61 -33.67 27.82
N CYS BA 134 -19.20 -32.76 28.71
CA CYS BA 134 -19.51 -32.88 30.14
C CYS BA 134 -19.66 -31.47 30.70
N PHE BA 135 -20.89 -31.11 31.08
CA PHE BA 135 -21.18 -29.78 31.59
C PHE BA 135 -21.11 -29.77 33.11
N LEU BA 136 -20.40 -28.80 33.66
CA LEU BA 136 -20.30 -28.58 35.11
C LEU BA 136 -20.87 -27.20 35.37
N ASN BA 137 -22.11 -27.14 35.85
CA ASN BA 137 -22.85 -25.89 35.93
C ASN BA 137 -23.10 -25.48 37.38
N ASN BA 138 -22.98 -24.18 37.64
CA ASN BA 138 -23.40 -23.57 38.89
C ASN BA 138 -22.64 -24.14 40.09
N PHE BA 139 -21.33 -23.94 40.08
CA PHE BA 139 -20.47 -24.32 41.19
C PHE BA 139 -19.69 -23.11 41.70
N TYR BA 140 -19.22 -23.22 42.94
CA TYR BA 140 -18.38 -22.21 43.58
C TYR BA 140 -17.60 -22.88 44.69
N PRO BA 141 -16.30 -22.60 44.85
CA PRO BA 141 -15.47 -21.65 44.10
C PRO BA 141 -15.02 -22.14 42.72
N LYS BA 142 -14.10 -21.38 42.11
CA LYS BA 142 -13.66 -21.68 40.75
C LYS BA 142 -12.84 -22.96 40.66
N ASP BA 143 -12.09 -23.28 41.71
CA ASP BA 143 -11.17 -24.41 41.66
C ASP BA 143 -11.94 -25.72 41.49
N ILE BA 144 -11.71 -26.39 40.37
CA ILE BA 144 -12.38 -27.66 40.08
C ILE BA 144 -11.52 -28.41 39.07
N ASN BA 145 -11.56 -29.74 39.13
CA ASN BA 145 -10.77 -30.60 38.27
C ASN BA 145 -11.68 -31.64 37.63
N VAL BA 146 -11.53 -31.83 36.32
CA VAL BA 146 -12.30 -32.81 35.55
C VAL BA 146 -11.37 -33.92 35.10
N LYS BA 147 -11.82 -35.16 35.25
CA LYS BA 147 -11.05 -36.34 34.85
C LYS BA 147 -11.88 -37.18 33.90
N TRP BA 148 -11.33 -37.46 32.72
CA TRP BA 148 -11.97 -38.30 31.73
C TRP BA 148 -11.42 -39.73 31.84
N LYS BA 149 -12.33 -40.70 31.85
CA LYS BA 149 -11.96 -42.11 31.91
C LYS BA 149 -12.57 -42.84 30.73
N ILE BA 150 -11.73 -43.58 30.01
CA ILE BA 150 -12.16 -44.44 28.91
C ILE BA 150 -11.84 -45.87 29.31
N ASP BA 151 -12.88 -46.66 29.57
CA ASP BA 151 -12.74 -48.02 30.10
C ASP BA 151 -11.93 -48.02 31.39
N GLY BA 152 -12.17 -47.00 32.23
CA GLY BA 152 -11.48 -46.87 33.49
C GLY BA 152 -10.10 -46.25 33.43
N SER BA 153 -9.55 -46.05 32.24
CA SER BA 153 -8.22 -45.48 32.08
C SER BA 153 -8.33 -43.98 31.82
N GLU BA 154 -7.51 -43.21 32.53
CA GLU BA 154 -7.53 -41.75 32.38
C GLU BA 154 -7.05 -41.35 30.99
N ARG BA 155 -7.78 -40.44 30.35
CA ARG BA 155 -7.48 -39.98 29.00
C ARG BA 155 -7.08 -38.51 29.07
N GLN BA 156 -5.87 -38.20 28.58
CA GLN BA 156 -5.33 -36.84 28.61
C GLN BA 156 -5.47 -36.13 27.26
N ASN BA 157 -5.12 -36.80 26.16
CA ASN BA 157 -5.15 -36.18 24.85
C ASN BA 157 -6.59 -36.06 24.35
N GLY BA 158 -6.86 -34.98 23.63
CA GLY BA 158 -8.15 -34.78 23.02
C GLY BA 158 -9.18 -34.04 23.85
N VAL BA 159 -8.80 -33.48 24.99
CA VAL BA 159 -9.72 -32.77 25.86
C VAL BA 159 -9.63 -31.27 25.58
N LEU BA 160 -10.78 -30.61 25.53
CA LEU BA 160 -10.86 -29.17 25.36
C LEU BA 160 -11.74 -28.62 26.48
N ASN BA 161 -11.20 -27.67 27.24
CA ASN BA 161 -11.89 -27.09 28.38
C ASN BA 161 -12.23 -25.63 28.11
N SER BA 162 -13.39 -25.19 28.58
CA SER BA 162 -13.83 -23.81 28.45
C SER BA 162 -14.53 -23.41 29.74
N ALA BA 163 -13.86 -22.59 30.54
CA ALA BA 163 -14.39 -22.15 31.83
C ALA BA 163 -15.13 -20.82 31.65
N THR BA 164 -16.31 -20.73 32.24
CA THR BA 164 -17.11 -19.51 32.20
C THR BA 164 -16.72 -18.59 33.35
N ASP BA 165 -16.89 -17.29 33.13
CA ASP BA 165 -16.66 -16.31 34.18
C ASP BA 165 -17.82 -16.34 35.18
N GLN BA 166 -17.71 -15.52 36.23
CA GLN BA 166 -18.74 -15.50 37.27
C GLN BA 166 -20.07 -15.02 36.70
N ASP BA 167 -21.13 -15.77 36.98
CA ASP BA 167 -22.45 -15.43 36.49
C ASP BA 167 -22.94 -14.14 37.14
N SER BA 168 -23.51 -13.25 36.32
CA SER BA 168 -23.95 -11.96 36.81
C SER BA 168 -25.20 -12.04 37.68
N LYS BA 169 -25.91 -13.17 37.67
CA LYS BA 169 -27.17 -13.28 38.40
C LYS BA 169 -27.04 -14.02 39.72
N ASP BA 170 -26.32 -15.15 39.76
CA ASP BA 170 -26.22 -15.94 40.97
C ASP BA 170 -24.79 -16.18 41.42
N SER BA 171 -23.80 -15.52 40.79
CA SER BA 171 -22.41 -15.54 41.20
C SER BA 171 -21.79 -16.94 41.15
N THR BA 172 -22.33 -17.82 40.31
CA THR BA 172 -21.80 -19.17 40.15
C THR BA 172 -20.93 -19.25 38.91
N TYR BA 173 -20.21 -20.38 38.78
CA TYR BA 173 -19.33 -20.62 37.66
C TYR BA 173 -19.76 -21.88 36.91
N SER BA 174 -19.34 -21.96 35.65
CA SER BA 174 -19.66 -23.10 34.80
C SER BA 174 -18.44 -23.48 33.98
N MET BA 175 -18.40 -24.74 33.55
CA MET BA 175 -17.27 -25.27 32.79
C MET BA 175 -17.77 -26.35 31.84
N SER BA 176 -17.24 -26.34 30.62
CA SER BA 176 -17.55 -27.35 29.61
C SER BA 176 -16.28 -28.09 29.21
N SER BA 177 -16.35 -29.41 29.17
CA SER BA 177 -15.23 -30.25 28.78
C SER BA 177 -15.67 -31.18 27.66
N THR BA 178 -14.93 -31.15 26.55
CA THR BA 178 -15.28 -31.91 25.36
C THR BA 178 -14.11 -32.83 24.99
N LEU BA 179 -14.36 -34.13 25.00
CA LEU BA 179 -13.38 -35.12 24.56
C LEU BA 179 -13.74 -35.54 23.14
N THR BA 180 -12.89 -35.17 22.19
CA THR BA 180 -13.12 -35.41 20.77
C THR BA 180 -12.21 -36.52 20.28
N LEU BA 181 -12.81 -37.61 19.80
CA LEU BA 181 -12.08 -38.75 19.26
C LEU BA 181 -12.61 -39.06 17.87
N THR BA 182 -11.86 -39.87 17.13
CA THR BA 182 -12.35 -40.41 15.87
C THR BA 182 -13.43 -41.45 16.15
N LYS BA 183 -14.30 -41.66 15.16
CA LYS BA 183 -15.36 -42.66 15.31
C LYS BA 183 -14.77 -44.06 15.48
N ASP BA 184 -13.70 -44.37 14.75
CA ASP BA 184 -13.06 -45.66 14.89
C ASP BA 184 -12.57 -45.90 16.31
N GLU BA 185 -11.93 -44.89 16.91
CA GLU BA 185 -11.43 -45.04 18.27
C GLU BA 185 -12.57 -45.03 19.29
N TYR BA 186 -13.62 -44.26 19.04
CA TYR BA 186 -14.76 -44.23 19.96
C TYR BA 186 -15.44 -45.59 20.03
N GLU BA 187 -15.54 -46.29 18.90
CA GLU BA 187 -16.21 -47.58 18.84
C GLU BA 187 -15.34 -48.73 19.34
N ARG BA 188 -14.09 -48.47 19.70
CA ARG BA 188 -13.21 -49.52 20.22
C ARG BA 188 -13.24 -49.62 21.74
N HIS BA 189 -14.01 -48.76 22.41
CA HIS BA 189 -14.14 -48.79 23.85
C HIS BA 189 -15.61 -48.71 24.23
N ASN BA 190 -15.93 -49.12 25.45
CA ASN BA 190 -17.30 -49.22 25.93
C ASN BA 190 -17.64 -48.20 27.00
N SER BA 191 -16.80 -48.05 28.01
CA SER BA 191 -17.11 -47.24 29.18
C SER BA 191 -16.49 -45.86 29.04
N TYR BA 192 -17.31 -44.82 29.20
CA TYR BA 192 -16.86 -43.44 29.20
C TYR BA 192 -17.36 -42.76 30.47
N THR BA 193 -16.46 -42.07 31.17
CA THR BA 193 -16.78 -41.54 32.49
C THR BA 193 -16.22 -40.13 32.63
N CYS BA 194 -17.04 -39.23 33.17
CA CYS BA 194 -16.63 -37.86 33.48
C CYS BA 194 -16.75 -37.68 34.99
N GLU BA 195 -15.61 -37.43 35.65
CA GLU BA 195 -15.58 -37.27 37.11
C GLU BA 195 -15.18 -35.84 37.46
N ALA BA 196 -15.99 -35.22 38.31
CA ALA BA 196 -15.75 -33.85 38.78
C ALA BA 196 -15.44 -33.89 40.27
N THR BA 197 -14.26 -33.39 40.63
CA THR BA 197 -13.86 -33.26 42.03
C THR BA 197 -13.86 -31.79 42.42
N HIS BA 198 -14.56 -31.47 43.49
CA HIS BA 198 -14.73 -30.09 43.94
C HIS BA 198 -14.71 -30.07 45.46
N LYS BA 199 -14.33 -28.92 46.03
CA LYS BA 199 -14.16 -28.83 47.48
C LYS BA 199 -15.46 -28.99 48.25
N THR BA 200 -16.62 -28.92 47.59
CA THR BA 200 -17.88 -29.09 48.27
C THR BA 200 -18.20 -30.54 48.61
N SER BA 201 -17.38 -31.49 48.15
CA SER BA 201 -17.59 -32.89 48.47
C SER BA 201 -16.24 -33.59 48.49
N THR BA 202 -16.07 -34.51 49.44
CA THR BA 202 -14.82 -35.24 49.57
C THR BA 202 -14.74 -36.44 48.63
N SER BA 203 -15.79 -36.69 47.85
CA SER BA 203 -15.79 -37.72 46.82
C SER BA 203 -16.19 -37.11 45.50
N PRO BA 204 -15.60 -37.56 44.39
CA PRO BA 204 -15.89 -36.95 43.09
C PRO BA 204 -17.30 -37.28 42.62
N ILE BA 205 -17.89 -36.34 41.88
CA ILE BA 205 -19.19 -36.55 41.26
C ILE BA 205 -18.97 -37.27 39.94
N VAL BA 206 -19.55 -38.45 39.80
CA VAL BA 206 -19.27 -39.35 38.68
C VAL BA 206 -20.51 -39.46 37.80
N LYS BA 207 -20.35 -39.15 36.51
CA LYS BA 207 -21.37 -39.38 35.50
C LYS BA 207 -20.75 -40.22 34.39
N SER BA 208 -21.42 -41.31 34.02
CA SER BA 208 -20.84 -42.27 33.08
C SER BA 208 -21.94 -42.84 32.19
N PHE BA 209 -21.49 -43.47 31.10
CA PHE BA 209 -22.37 -44.21 30.21
C PHE BA 209 -21.56 -45.29 29.52
N ASN BA 210 -22.26 -46.31 29.01
CA ASN BA 210 -21.65 -47.38 28.24
C ASN BA 210 -22.09 -47.26 26.78
N ARG BA 211 -21.13 -47.43 25.87
CA ARG BA 211 -21.44 -47.31 24.45
C ARG BA 211 -22.44 -48.37 23.99
N ASN BA 212 -22.28 -49.60 24.47
CA ASN BA 212 -23.19 -50.68 24.07
C ASN BA 212 -24.58 -50.44 24.63
N GLU BA 213 -24.68 -50.10 25.92
CA GLU BA 213 -25.98 -49.89 26.54
C GLU BA 213 -26.65 -48.61 26.09
N CYS BA 214 -25.92 -47.70 25.43
CA CYS BA 214 -26.50 -46.48 24.91
C CYS BA 214 -25.78 -46.01 23.67
N GLU CA 1 28.34 17.07 -5.20
CA GLU CA 1 29.57 17.76 -5.61
C GLU CA 1 30.55 17.84 -4.45
N VAL CA 2 30.33 17.01 -3.43
CA VAL CA 2 31.17 16.98 -2.24
C VAL CA 2 31.73 15.56 -2.14
N GLN CA 3 32.85 15.32 -2.82
CA GLN CA 3 33.55 14.04 -2.74
C GLN CA 3 35.00 14.29 -2.39
N LEU CA 4 35.62 13.31 -1.74
CA LEU CA 4 36.99 13.43 -1.25
C LEU CA 4 37.87 12.43 -2.01
N GLN CA 5 38.86 12.95 -2.71
CA GLN CA 5 39.78 12.14 -3.50
C GLN CA 5 41.11 12.00 -2.77
N GLN CA 6 41.66 10.78 -2.77
CA GLN CA 6 42.86 10.49 -2.01
C GLN CA 6 44.06 10.30 -2.93
N SER CA 7 45.14 9.74 -2.39
CA SER CA 7 46.40 9.62 -3.12
C SER CA 7 46.38 8.44 -4.08
N GLY CA 8 45.92 7.28 -3.62
CA GLY CA 8 45.97 6.07 -4.43
C GLY CA 8 46.70 4.93 -3.74
N ALA CA 9 46.41 3.70 -4.15
CA ALA CA 9 47.01 2.53 -3.52
C ALA CA 9 48.52 2.52 -3.72
N GLU CA 10 49.23 1.94 -2.75
CA GLU CA 10 50.67 1.87 -2.78
C GLU CA 10 51.13 0.58 -2.12
N VAL CA 11 52.10 -0.09 -2.75
CA VAL CA 11 52.74 -1.27 -2.19
C VAL CA 11 54.11 -0.86 -1.67
N VAL CA 12 54.34 -1.04 -0.38
CA VAL CA 12 55.56 -0.58 0.29
C VAL CA 12 56.20 -1.76 1.00
N ARG CA 13 57.54 -1.81 0.96
CA ARG CA 13 58.27 -2.76 1.77
C ARG CA 13 58.23 -2.35 3.24
N SER CA 14 58.46 -3.32 4.11
CA SER CA 14 58.45 -3.07 5.54
C SER CA 14 59.62 -2.18 5.95
N GLY CA 15 59.36 -1.26 6.87
CA GLY CA 15 60.38 -0.36 7.37
C GLY CA 15 60.53 0.95 6.65
N ALA CA 16 59.64 1.27 5.71
CA ALA CA 16 59.68 2.52 4.98
C ALA CA 16 58.41 3.32 5.26
N SER CA 17 58.48 4.62 5.04
CA SER CA 17 57.36 5.50 5.30
C SER CA 17 56.49 5.66 4.05
N VAL CA 18 55.22 5.97 4.28
CA VAL CA 18 54.26 6.23 3.22
C VAL CA 18 53.42 7.44 3.62
N LYS CA 19 53.04 8.25 2.63
CA LYS CA 19 52.29 9.48 2.86
C LYS CA 19 51.01 9.46 2.05
N LEU CA 20 49.87 9.56 2.73
CA LEU CA 20 48.56 9.61 2.10
C LEU CA 20 48.04 11.04 2.07
N SER CA 21 47.28 11.38 1.04
CA SER CA 21 46.75 12.71 0.85
C SER CA 21 45.24 12.66 0.71
N CYS CA 22 44.59 13.79 1.02
CA CYS CA 22 43.17 13.98 0.82
C CYS CA 22 42.97 15.26 0.00
N THR CA 23 41.72 15.54 -0.37
CA THR CA 23 41.44 16.67 -1.25
C THR CA 23 40.07 17.24 -0.94
N ALA CA 24 39.92 18.55 -1.15
CA ALA CA 24 38.65 19.28 -1.07
C ALA CA 24 38.06 19.27 0.33
N SER CA 25 38.88 18.99 1.34
CA SER CA 25 38.51 19.08 2.75
C SER CA 25 39.65 19.77 3.47
N GLY CA 26 39.43 21.00 3.92
CA GLY CA 26 40.49 21.80 4.49
C GLY CA 26 40.76 23.03 3.66
N PHE CA 27 39.97 24.07 3.89
CA PHE CA 27 40.06 25.34 3.18
C PHE CA 27 40.26 26.47 4.17
N ASN CA 28 40.63 27.62 3.64
CA ASN CA 28 40.47 28.84 4.41
C ASN CA 28 38.98 29.05 4.61
N ILE CA 29 38.63 29.63 5.76
CA ILE CA 29 37.32 30.19 6.14
C ILE CA 29 36.48 29.06 6.74
N LYS CA 30 36.92 27.83 6.52
CA LYS CA 30 36.32 26.61 7.05
C LYS CA 30 37.42 25.80 7.70
N ASP CA 31 37.36 25.50 9.01
CA ASP CA 31 36.24 25.24 9.96
C ASP CA 31 36.10 23.72 10.06
N TYR CA 32 36.24 23.02 8.92
CA TYR CA 32 36.07 21.58 8.86
C TYR CA 32 36.79 20.84 9.99
N ALA CA 33 36.31 19.64 10.33
CA ALA CA 33 36.97 18.72 11.25
C ALA CA 33 37.25 17.40 10.54
N ILE CA 34 38.48 17.19 10.10
CA ILE CA 34 38.84 16.02 9.31
C ILE CA 34 39.22 14.86 10.24
N HIS CA 35 38.70 13.67 9.94
CA HIS CA 35 39.02 12.45 10.65
C HIS CA 35 39.58 11.41 9.69
N TRP CA 36 40.36 10.49 10.23
CA TRP CA 36 40.92 9.37 9.48
C TRP CA 36 40.54 8.05 10.15
N VAL CA 37 40.14 7.08 9.33
CA VAL CA 37 39.68 5.78 9.80
C VAL CA 37 40.47 4.69 9.10
N LYS CA 38 40.92 3.70 9.86
CA LYS CA 38 41.63 2.54 9.35
C LYS CA 38 40.69 1.33 9.32
N GLN CA 39 40.73 0.58 8.22
CA GLN CA 39 39.86 -0.59 8.04
C GLN CA 39 40.72 -1.82 7.74
N ARG CA 40 40.94 -2.65 8.75
CA ARG CA 40 41.62 -3.93 8.72
C ARG CA 40 40.60 -5.06 8.52
N PRO CA 41 40.89 -6.01 7.62
CA PRO CA 41 39.94 -7.12 7.39
C PRO CA 41 39.59 -7.92 8.64
N GLU CA 42 40.28 -7.72 9.76
CA GLU CA 42 39.98 -8.43 11.00
C GLU CA 42 39.43 -7.55 12.10
N LYS CA 43 39.87 -6.30 12.21
CA LYS CA 43 39.49 -5.42 13.31
C LYS CA 43 38.37 -4.44 12.94
N GLY CA 44 37.83 -4.51 11.72
CA GLY CA 44 36.74 -3.61 11.36
C GLY CA 44 37.26 -2.20 11.14
N LEU CA 45 36.59 -1.24 11.75
CA LEU CA 45 36.97 0.18 11.63
C LEU CA 45 37.67 0.64 12.90
N GLU CA 46 38.74 1.42 12.72
CA GLU CA 46 39.49 2.00 13.81
C GLU CA 46 39.72 3.48 13.53
N TRP CA 47 39.35 4.33 14.49
CA TRP CA 47 39.56 5.76 14.36
C TRP CA 47 41.02 6.11 14.63
N ILE CA 48 41.59 6.97 13.79
CA ILE CA 48 42.99 7.32 13.89
C ILE CA 48 43.14 8.63 14.65
N GLY CA 49 42.59 9.72 14.10
CA GLY CA 49 42.72 11.01 14.74
C GLY CA 49 41.82 12.04 14.09
N ALA CA 50 41.70 13.18 14.76
CA ALA CA 50 40.86 14.29 14.31
C ALA CA 50 41.72 15.54 14.16
N ILE CA 51 41.74 16.09 12.95
CA ILE CA 51 42.47 17.32 12.65
C ILE CA 51 41.48 18.36 12.16
N ASP CA 52 41.64 19.59 12.63
CA ASP CA 52 40.76 20.69 12.27
C ASP CA 52 41.54 21.68 11.43
N PRO CA 53 41.30 21.75 10.13
CA PRO CA 53 41.94 22.80 9.31
C PRO CA 53 41.57 24.19 9.80
N GLU CA 54 42.22 25.18 9.20
CA GLU CA 54 42.18 26.57 9.68
C GLU CA 54 42.92 26.65 11.02
N TYR CA 55 42.26 26.25 12.11
CA TYR CA 55 42.92 26.25 13.41
C TYR CA 55 44.14 25.33 13.44
N GLY CA 56 44.06 24.20 12.75
CA GLY CA 56 45.17 23.25 12.74
C GLY CA 56 45.27 22.38 13.98
N ASP CA 57 44.19 22.21 14.73
CA ASP CA 57 44.19 21.37 15.92
C ASP CA 57 44.46 19.91 15.55
N THR CA 58 44.94 19.15 16.52
CA THR CA 58 45.32 17.75 16.30
C THR CA 58 44.98 16.92 17.53
N GLU CA 59 44.33 15.77 17.31
CA GLU CA 59 44.07 14.78 18.35
C GLU CA 59 44.32 13.40 17.76
N TYR CA 60 44.85 12.50 18.59
CA TYR CA 60 45.25 11.17 18.14
C TYR CA 60 44.69 10.12 19.09
N VAL CA 61 44.96 8.85 18.75
CA VAL CA 61 44.66 7.70 19.60
C VAL CA 61 45.96 7.22 20.21
N PRO CA 62 45.98 6.88 21.51
CA PRO CA 62 47.23 6.35 22.09
C PRO CA 62 47.77 5.13 21.37
N LYS CA 63 46.93 4.37 20.67
CA LYS CA 63 47.42 3.25 19.89
C LYS CA 63 48.27 3.71 18.71
N PHE CA 64 47.90 4.82 18.08
CA PHE CA 64 48.52 5.27 16.85
C PHE CA 64 49.52 6.40 17.06
N GLN CA 65 49.66 6.90 18.29
CA GLN CA 65 50.64 7.94 18.57
C GLN CA 65 52.05 7.40 18.36
N GLY CA 66 52.83 8.11 17.53
CA GLY CA 66 54.14 7.65 17.13
C GLY CA 66 54.15 6.80 15.87
N LYS CA 67 52.99 6.30 15.44
CA LYS CA 67 52.85 5.57 14.20
C LYS CA 67 52.27 6.43 13.09
N ALA CA 68 51.26 7.24 13.38
CA ALA CA 68 50.61 8.10 12.40
C ALA CA 68 50.93 9.55 12.72
N THR CA 69 51.33 10.30 11.70
CA THR CA 69 51.59 11.73 11.81
C THR CA 69 50.64 12.47 10.88
N MET CA 70 50.00 13.51 11.40
CA MET CA 70 49.00 14.25 10.65
C MET CA 70 49.47 15.68 10.41
N THR CA 71 49.29 16.15 9.18
CA THR CA 71 49.66 17.50 8.77
C THR CA 71 48.53 18.05 7.90
N ALA CA 72 48.44 19.38 7.84
CA ALA CA 72 47.40 20.03 7.06
C ALA CA 72 47.93 21.26 6.36
N ASP CA 73 47.69 21.34 5.05
CA ASP CA 73 48.03 22.50 4.25
C ASP CA 73 46.75 23.32 4.06
N THR CA 74 46.74 24.55 4.58
CA THR CA 74 45.52 25.34 4.52
C THR CA 74 45.17 25.70 3.07
N SER CA 75 46.17 26.04 2.27
CA SER CA 75 45.96 26.31 0.85
C SER CA 75 45.52 25.07 0.08
N SER CA 76 44.25 24.69 0.27
CA SER CA 76 43.68 23.50 -0.35
C SER CA 76 44.50 22.24 -0.10
N ASN CA 77 44.20 21.17 -0.85
CA ASN CA 77 44.83 19.86 -0.72
C ASN CA 77 44.61 19.34 0.69
N THR CA 78 45.36 18.30 1.07
CA THR CA 78 45.47 17.83 2.46
C THR CA 78 44.12 17.30 2.98
N ALA CA 79 44.12 16.37 3.94
CA ALA CA 79 45.02 16.30 5.08
C ALA CA 79 46.02 15.19 4.90
N TYR CA 80 47.30 15.50 5.01
CA TYR CA 80 48.32 14.50 4.76
C TYR CA 80 48.45 13.62 5.99
N LEU CA 81 48.39 12.31 5.77
CA LEU CA 81 48.59 11.32 6.83
C LEU CA 81 49.75 10.43 6.39
N GLN CA 82 50.81 10.43 7.18
CA GLN CA 82 52.00 9.64 6.86
C GLN CA 82 52.30 8.70 8.01
N LEU CA 83 52.72 7.48 7.68
CA LEU CA 83 53.07 6.48 8.66
C LEU CA 83 54.54 6.15 8.53
N SER CA 84 55.20 5.99 9.67
CA SER CA 84 56.65 5.79 9.70
C SER CA 84 56.95 4.30 9.53
N SER CA 85 57.32 3.64 10.62
CA SER CA 85 57.64 2.22 10.60
C SER CA 85 56.46 1.36 10.18
N LEU CA 86 56.44 0.94 8.92
CA LEU CA 86 55.36 0.13 8.37
C LEU CA 86 55.59 -1.35 8.70
N THR CA 87 54.55 -2.00 9.21
CA THR CA 87 54.57 -3.43 9.51
C THR CA 87 53.43 -4.14 8.76
N SER CA 88 53.32 -5.44 8.99
CA SER CA 88 52.26 -6.21 8.35
C SER CA 88 50.89 -5.85 8.89
N GLU CA 89 50.82 -5.31 10.11
CA GLU CA 89 49.54 -4.94 10.70
C GLU CA 89 49.01 -3.60 10.18
N ASP CA 90 49.77 -2.90 9.35
CA ASP CA 90 49.32 -1.64 8.77
C ASP CA 90 48.69 -1.83 7.39
N THR CA 91 48.69 -3.04 6.86
CA THR CA 91 48.03 -3.34 5.59
C THR CA 91 46.54 -3.17 5.78
N ALA CA 92 46.00 -2.04 5.30
CA ALA CA 92 44.60 -1.73 5.50
C ALA CA 92 44.17 -0.67 4.50
N VAL CA 93 42.88 -0.38 4.49
CA VAL CA 93 42.29 0.68 3.68
C VAL CA 93 42.03 1.87 4.60
N TYR CA 94 42.58 3.03 4.22
CA TYR CA 94 42.48 4.24 5.03
C TYR CA 94 41.53 5.22 4.37
N TYR CA 95 40.67 5.83 5.18
CA TYR CA 95 39.66 6.76 4.71
C TYR CA 95 39.87 8.14 5.32
N CYS CA 96 39.63 9.17 4.52
CA CYS CA 96 39.62 10.56 4.96
C CYS CA 96 38.16 11.00 5.01
N ASN CA 97 37.65 11.25 6.22
CA ASN CA 97 36.25 11.58 6.42
C ASN CA 97 36.12 12.97 7.04
N ALA CA 98 35.09 13.70 6.62
CA ALA CA 98 34.82 15.04 7.15
C ALA CA 98 33.31 15.20 7.34
N GLY CA 99 32.86 15.26 8.59
CA GLY CA 99 31.51 15.75 8.85
C GLY CA 99 31.39 17.20 8.43
N HIS CA 100 30.22 17.58 7.92
CA HIS CA 100 30.12 18.93 7.39
C HIS CA 100 30.32 19.94 8.52
N ASP CA 101 31.41 20.71 8.37
CA ASP CA 101 31.91 21.77 9.25
C ASP CA 101 32.59 21.31 10.54
N TYR CA 102 32.02 20.36 11.28
CA TYR CA 102 32.64 20.09 12.58
C TYR CA 102 32.11 18.81 13.21
N ASP CA 103 32.79 18.44 14.30
CA ASP CA 103 32.46 17.43 15.32
C ASP CA 103 32.91 16.05 14.90
N ARG CA 104 32.71 15.09 15.78
CA ARG CA 104 33.39 13.81 15.66
C ARG CA 104 32.53 12.74 15.04
N GLY CA 105 31.46 12.33 15.73
CA GLY CA 105 30.60 11.27 15.24
C GLY CA 105 30.35 11.29 13.75
N ARG CA 106 29.99 12.45 13.21
CA ARG CA 106 29.35 12.50 11.90
C ARG CA 106 30.43 12.33 10.84
N PHE CA 107 30.32 11.27 10.03
CA PHE CA 107 31.07 11.10 8.78
C PHE CA 107 30.06 10.89 7.65
N PRO CA 108 29.49 11.96 7.11
CA PRO CA 108 28.67 11.79 5.90
C PRO CA 108 29.43 11.90 4.59
N TYR CA 109 30.66 12.40 4.63
CA TYR CA 109 31.47 12.57 3.42
C TYR CA 109 32.75 11.77 3.58
N TRP CA 110 32.83 10.62 2.92
CA TRP CA 110 33.96 9.72 3.01
C TRP CA 110 34.86 9.85 1.78
N GLY CA 111 36.15 9.56 1.98
CA GLY CA 111 37.06 9.48 0.87
C GLY CA 111 36.86 8.22 0.05
N GLN CA 112 37.58 8.16 -1.08
CA GLN CA 112 37.47 7.00 -1.97
C GLN CA 112 38.08 5.74 -1.37
N GLY CA 113 38.98 5.88 -0.41
CA GLY CA 113 39.69 4.74 0.15
C GLY CA 113 41.05 4.53 -0.49
N THR CA 114 42.06 4.26 0.33
CA THR CA 114 43.42 4.02 -0.14
C THR CA 114 43.94 2.73 0.46
N LEU CA 115 44.27 1.77 -0.39
CA LEU CA 115 44.74 0.46 0.05
C LEU CA 115 46.26 0.45 0.13
N VAL CA 116 46.78 0.25 1.34
CA VAL CA 116 48.22 0.16 1.57
C VAL CA 116 48.56 -1.30 1.87
N THR CA 117 49.55 -1.84 1.15
CA THR CA 117 50.00 -3.21 1.35
C THR CA 117 51.46 -3.20 1.74
N VAL CA 118 51.74 -3.61 2.98
CA VAL CA 118 53.09 -3.65 3.53
C VAL CA 118 53.49 -5.11 3.70
N SER CA 119 54.42 -5.57 2.88
CA SER CA 119 54.91 -6.94 3.01
C SER CA 119 56.27 -7.05 2.33
N ALA CA 120 57.02 -8.08 2.71
CA ALA CA 120 58.36 -8.32 2.19
C ALA CA 120 58.41 -9.42 1.15
N ALA CA 121 57.28 -9.75 0.53
CA ALA CA 121 57.26 -10.75 -0.52
C ALA CA 121 57.65 -10.13 -1.85
N LYS CA 122 58.52 -10.81 -2.59
CA LYS CA 122 59.01 -10.40 -3.90
C LYS CA 122 57.89 -10.00 -4.86
N THR CA 123 57.79 -10.76 -5.95
CA THR CA 123 56.81 -10.53 -7.01
C THR CA 123 56.54 -11.86 -7.71
N THR CA 124 56.22 -12.88 -6.93
CA THR CA 124 56.02 -14.22 -7.47
C THR CA 124 54.81 -14.28 -8.40
N PRO CA 125 54.98 -14.78 -9.62
CA PRO CA 125 53.84 -14.99 -10.52
C PRO CA 125 53.02 -16.19 -10.05
N PRO CA 126 51.76 -16.29 -10.46
CA PRO CA 126 50.93 -17.40 -9.97
C PRO CA 126 51.20 -18.69 -10.74
N SER CA 127 51.04 -19.81 -10.03
CA SER CA 127 51.11 -21.15 -10.60
C SER CA 127 49.69 -21.73 -10.64
N VAL CA 128 49.21 -22.02 -11.84
CA VAL CA 128 47.84 -22.49 -12.05
C VAL CA 128 47.85 -24.00 -12.18
N TYR CA 129 46.91 -24.66 -11.49
CA TYR CA 129 46.79 -26.12 -11.50
C TYR CA 129 45.37 -26.49 -11.86
N PRO CA 130 45.16 -27.33 -12.88
CA PRO CA 130 43.80 -27.74 -13.24
C PRO CA 130 43.21 -28.71 -12.23
N LEU CA 131 41.87 -28.69 -12.14
CA LEU CA 131 41.10 -29.58 -11.26
C LEU CA 131 40.04 -30.26 -12.12
N ALA CA 132 40.39 -31.46 -12.65
CA ALA CA 132 39.58 -32.27 -13.55
C ALA CA 132 38.92 -33.41 -12.79
N PRO CA 133 37.80 -33.94 -13.30
CA PRO CA 133 37.13 -35.06 -12.62
C PRO CA 133 37.97 -36.33 -12.68
N GLY CA 134 37.51 -37.33 -11.93
CA GLY CA 134 38.27 -38.57 -11.81
C GLY CA 134 37.67 -39.76 -12.54
N SER CA 135 38.31 -40.16 -13.64
CA SER CA 135 37.97 -41.37 -14.39
C SER CA 135 36.53 -41.24 -14.90
N ALA CA 136 35.69 -42.28 -14.79
CA ALA CA 136 34.36 -42.28 -15.37
C ALA CA 136 33.28 -42.57 -14.32
N ALA CA 137 33.53 -42.18 -13.07
CA ALA CA 137 32.63 -42.44 -11.96
C ALA CA 137 31.63 -41.32 -11.74
N GLN CA 138 31.28 -40.54 -12.77
CA GLN CA 138 30.41 -39.39 -12.63
C GLN CA 138 29.18 -39.48 -13.52
N THR CA 139 29.36 -39.44 -14.85
CA THR CA 139 28.33 -39.44 -15.89
C THR CA 139 27.30 -38.32 -15.69
N ASN CA 140 26.19 -38.40 -16.40
CA ASN CA 140 25.19 -37.34 -16.42
C ASN CA 140 24.52 -37.17 -15.05
N SER CA 141 24.13 -35.93 -14.74
CA SER CA 141 24.39 -34.81 -15.65
C SER CA 141 25.15 -33.67 -14.99
N MET CA 142 26.04 -33.05 -15.77
CA MET CA 142 26.82 -31.88 -15.39
C MET CA 142 27.81 -32.16 -14.26
N VAL CA 143 29.00 -31.56 -14.35
CA VAL CA 143 30.04 -31.72 -13.34
C VAL CA 143 30.67 -30.36 -13.09
N THR CA 144 30.98 -30.09 -11.83
CA THR CA 144 31.69 -28.87 -11.48
C THR CA 144 33.16 -29.02 -11.88
N LEU CA 145 33.72 -27.97 -12.46
CA LEU CA 145 35.13 -27.94 -12.82
C LEU CA 145 35.81 -26.78 -12.11
N GLY CA 146 37.12 -26.88 -11.93
CA GLY CA 146 37.85 -25.89 -11.14
C GLY CA 146 39.28 -25.68 -11.57
N CYS CA 147 39.81 -24.53 -11.16
CA CYS CA 147 41.22 -24.17 -11.35
C CYS CA 147 41.77 -23.63 -10.04
N LEU CA 148 42.91 -24.16 -9.61
CA LEU CA 148 43.51 -23.85 -8.33
C LEU CA 148 44.70 -22.92 -8.52
N VAL CA 149 44.67 -21.77 -7.85
CA VAL CA 149 45.73 -20.76 -7.91
C VAL CA 149 46.39 -20.72 -6.54
N LYS CA 150 47.68 -21.10 -6.48
CA LYS CA 150 48.38 -21.26 -5.22
C LYS CA 150 49.71 -20.53 -5.25
N GLY CA 151 50.09 -19.97 -4.11
CA GLY CA 151 51.41 -19.39 -3.93
C GLY CA 151 51.67 -18.13 -4.74
N TYR CA 152 50.81 -17.13 -4.61
CA TYR CA 152 50.98 -15.87 -5.31
C TYR CA 152 50.91 -14.71 -4.33
N PHE CA 153 51.40 -13.55 -4.78
CA PHE CA 153 51.36 -12.33 -3.99
C PHE CA 153 51.58 -11.15 -4.93
N PRO CA 154 50.84 -10.05 -4.77
CA PRO CA 154 49.79 -9.89 -3.76
C PRO CA 154 48.37 -10.04 -4.29
N GLU CA 155 47.41 -9.80 -3.41
CA GLU CA 155 46.00 -9.72 -3.82
C GLU CA 155 45.81 -8.50 -4.73
N PRO CA 156 44.93 -8.59 -5.73
CA PRO CA 156 44.13 -9.76 -6.11
C PRO CA 156 44.56 -10.40 -7.42
N VAL CA 157 43.84 -11.45 -7.83
CA VAL CA 157 43.99 -12.06 -9.14
C VAL CA 157 42.61 -12.15 -9.77
N THR CA 158 42.57 -12.05 -11.09
CA THR CA 158 41.33 -12.07 -11.87
C THR CA 158 41.23 -13.40 -12.61
N VAL CA 159 40.24 -14.20 -12.26
CA VAL CA 159 40.05 -15.52 -12.83
C VAL CA 159 38.82 -15.48 -13.72
N THR CA 160 39.02 -15.75 -15.00
CA THR CA 160 37.94 -15.86 -15.98
C THR CA 160 38.02 -17.22 -16.66
N TRP CA 161 36.92 -17.61 -17.30
CA TRP CA 161 36.91 -18.90 -17.96
C TRP CA 161 36.89 -18.75 -19.48
N ASN CA 162 35.73 -18.95 -20.11
CA ASN CA 162 35.69 -18.94 -21.57
C ASN CA 162 35.87 -17.55 -22.16
N SER CA 163 36.99 -16.90 -21.83
CA SER CA 163 37.35 -15.58 -22.40
C SER CA 163 36.23 -14.56 -22.17
N GLY CA 164 35.65 -14.59 -20.97
CA GLY CA 164 34.56 -13.71 -20.62
C GLY CA 164 33.19 -14.31 -20.85
N SER CA 165 33.06 -15.23 -21.81
CA SER CA 165 31.79 -15.88 -22.06
C SER CA 165 31.44 -16.84 -20.92
N LEU CA 166 30.15 -17.11 -20.78
CA LEU CA 166 29.61 -17.98 -19.74
C LEU CA 166 29.96 -17.46 -18.35
N SER CA 167 29.06 -16.68 -17.76
CA SER CA 167 29.25 -16.14 -16.42
C SER CA 167 28.37 -16.81 -15.36
N SER CA 168 27.43 -17.65 -15.77
CA SER CA 168 26.56 -18.35 -14.83
C SER CA 168 27.19 -19.67 -14.42
N GLY CA 169 26.90 -20.09 -13.19
CA GLY CA 169 27.44 -21.34 -12.67
C GLY CA 169 28.88 -21.28 -12.26
N VAL CA 170 29.41 -20.09 -11.98
CA VAL CA 170 30.79 -19.93 -11.55
C VAL CA 170 30.81 -19.59 -10.07
N HIS CA 171 31.91 -19.95 -9.41
CA HIS CA 171 32.10 -19.66 -7.99
C HIS CA 171 33.55 -19.30 -7.75
N THR CA 172 33.79 -18.08 -7.31
CA THR CA 172 35.14 -17.61 -6.98
C THR CA 172 35.28 -17.58 -5.46
N PHE CA 173 36.22 -18.37 -4.94
CA PHE CA 173 36.35 -18.47 -3.49
C PHE CA 173 37.38 -17.47 -2.98
N PRO CA 174 37.13 -16.87 -1.81
CA PRO CA 174 38.07 -15.88 -1.27
C PRO CA 174 39.43 -16.48 -1.03
N ALA CA 175 40.46 -15.64 -1.15
CA ALA CA 175 41.83 -16.10 -0.99
C ALA CA 175 42.13 -16.38 0.49
N VAL CA 176 43.05 -17.32 0.71
CA VAL CA 176 43.47 -17.71 2.05
C VAL CA 176 44.98 -17.46 2.14
N LEU CA 177 45.41 -16.83 3.23
CA LEU CA 177 46.82 -16.48 3.43
C LEU CA 177 47.46 -17.55 4.30
N GLN CA 178 48.49 -18.20 3.75
CA GLN CA 178 49.26 -19.20 4.50
C GLN CA 178 50.71 -19.11 4.05
N SER CA 179 51.62 -19.13 5.02
CA SER CA 179 53.06 -19.00 4.76
C SER CA 179 53.37 -17.72 3.98
N ASP CA 180 52.67 -16.64 4.33
CA ASP CA 180 52.82 -15.33 3.71
C ASP CA 180 52.53 -15.35 2.21
N LEU CA 181 51.75 -16.33 1.75
CA LEU CA 181 51.36 -16.42 0.35
C LEU CA 181 49.87 -16.72 0.27
N TYR CA 182 49.24 -16.26 -0.81
CA TYR CA 182 47.80 -16.40 -0.98
C TYR CA 182 47.48 -17.63 -1.81
N THR CA 183 46.24 -18.09 -1.68
CA THR CA 183 45.74 -19.26 -2.41
C THR CA 183 44.28 -19.02 -2.77
N LEU CA 184 43.96 -19.11 -4.06
CA LEU CA 184 42.61 -18.88 -4.54
C LEU CA 184 42.07 -20.14 -5.22
N SER CA 185 40.75 -20.28 -5.21
CA SER CA 185 40.07 -21.38 -5.86
C SER CA 185 38.89 -20.84 -6.64
N SER CA 186 38.61 -21.47 -7.79
CA SER CA 186 37.51 -21.05 -8.65
C SER CA 186 36.89 -22.29 -9.27
N SER CA 187 35.56 -22.32 -9.33
CA SER CA 187 34.84 -23.46 -9.86
C SER CA 187 33.79 -23.01 -10.88
N VAL CA 188 33.50 -23.89 -11.84
CA VAL CA 188 32.50 -23.64 -12.87
C VAL CA 188 31.79 -24.95 -13.18
N THR CA 189 30.48 -24.87 -13.44
CA THR CA 189 29.66 -26.03 -13.73
C THR CA 189 29.07 -25.90 -15.13
N VAL CA 190 29.34 -26.90 -15.97
CA VAL CA 190 28.87 -26.90 -17.35
C VAL CA 190 28.18 -28.23 -17.62
N PRO CA 191 27.27 -28.28 -18.60
CA PRO CA 191 26.61 -29.56 -18.92
C PRO CA 191 27.60 -30.58 -19.46
N SER CA 192 27.21 -31.86 -19.32
CA SER CA 192 28.08 -32.95 -19.76
C SER CA 192 28.22 -32.97 -21.28
N SER CA 193 27.22 -32.47 -22.00
CA SER CA 193 27.32 -32.36 -23.45
C SER CA 193 28.28 -31.26 -23.89
N THR CA 194 28.73 -30.40 -22.97
CA THR CA 194 29.68 -29.34 -23.26
C THR CA 194 31.12 -29.80 -23.08
N TRP CA 195 31.42 -30.42 -21.93
CA TRP CA 195 32.76 -30.87 -21.64
C TRP CA 195 32.81 -32.40 -21.57
N PRO CA 196 33.82 -33.04 -22.17
CA PRO CA 196 34.93 -32.42 -22.91
C PRO CA 196 34.65 -32.24 -24.40
N SER CA 197 33.38 -32.02 -24.76
CA SER CA 197 33.04 -31.82 -26.17
C SER CA 197 33.73 -30.58 -26.73
N GLU CA 198 33.49 -29.43 -26.11
CA GLU CA 198 34.17 -28.20 -26.47
C GLU CA 198 35.14 -27.80 -25.36
N THR CA 199 36.20 -27.10 -25.74
CA THR CA 199 37.27 -26.80 -24.80
C THR CA 199 36.80 -25.85 -23.70
N VAL CA 200 37.31 -26.06 -22.49
CA VAL CA 200 37.05 -25.20 -21.35
C VAL CA 200 38.40 -24.77 -20.78
N THR CA 201 38.64 -23.46 -20.75
CA THR CA 201 39.93 -22.92 -20.34
C THR CA 201 39.73 -21.84 -19.29
N CYS CA 202 40.58 -21.83 -18.27
CA CYS CA 202 40.55 -20.82 -17.22
C CYS CA 202 41.75 -19.89 -17.35
N ASN CA 203 41.50 -18.59 -17.17
CA ASN CA 203 42.53 -17.55 -17.30
C ASN CA 203 42.72 -16.86 -15.96
N VAL CA 204 43.98 -16.75 -15.54
CA VAL CA 204 44.37 -16.16 -14.26
C VAL CA 204 45.21 -14.92 -14.55
N ALA CA 205 44.72 -13.75 -14.14
CA ALA CA 205 45.37 -12.48 -14.43
C ALA CA 205 46.18 -11.99 -13.24
N HIS CA 206 47.47 -11.78 -13.48
CA HIS CA 206 48.44 -11.25 -12.51
C HIS CA 206 49.00 -9.93 -13.01
N PRO CA 207 48.65 -8.80 -12.39
CA PRO CA 207 49.02 -7.50 -12.97
C PRO CA 207 50.52 -7.28 -13.12
N ALA CA 208 51.35 -7.79 -12.20
CA ALA CA 208 52.77 -7.54 -12.31
C ALA CA 208 53.45 -8.41 -13.36
N SER CA 209 52.75 -9.39 -13.90
CA SER CA 209 53.29 -10.16 -15.01
C SER CA 209 52.31 -10.11 -16.18
N SER CA 210 51.67 -11.24 -16.47
CA SER CA 210 50.82 -11.35 -17.64
C SER CA 210 49.75 -12.39 -17.39
N THR CA 211 48.65 -12.27 -18.13
CA THR CA 211 47.59 -13.27 -18.04
C THR CA 211 48.17 -14.63 -18.47
N LYS CA 212 47.70 -15.68 -17.80
CA LYS CA 212 48.14 -17.03 -18.08
C LYS CA 212 46.92 -17.87 -18.42
N VAL CA 213 47.11 -18.87 -19.26
CA VAL CA 213 46.02 -19.65 -19.82
C VAL CA 213 46.34 -21.13 -19.71
N ASP CA 214 45.39 -21.89 -19.14
CA ASP CA 214 45.55 -23.33 -18.93
C ASP CA 214 44.22 -23.98 -19.27
N LYS CA 215 44.23 -24.89 -20.24
CA LYS CA 215 43.04 -25.60 -20.67
C LYS CA 215 42.87 -26.89 -19.89
N LYS CA 216 41.62 -27.30 -19.70
CA LYS CA 216 41.28 -28.46 -18.90
C LYS CA 216 41.08 -29.68 -19.79
N ILE CA 217 41.82 -30.75 -19.50
CA ILE CA 217 41.75 -32.00 -20.26
C ILE CA 217 41.50 -33.13 -19.27
N VAL CA 218 40.78 -34.15 -19.73
CA VAL CA 218 40.46 -35.34 -18.93
C VAL CA 218 41.70 -35.92 -18.24
N ASP DA 1 38.47 3.63 27.06
CA ASP DA 1 38.09 3.05 25.77
C ASP DA 1 36.71 2.41 25.84
N ILE DA 2 35.73 3.09 25.25
CA ILE DA 2 34.35 2.59 25.27
C ILE DA 2 34.21 1.53 24.18
N VAL DA 3 33.84 0.32 24.59
CA VAL DA 3 33.74 -0.82 23.67
C VAL DA 3 32.34 -0.87 23.10
N MET DA 4 32.25 -0.95 21.77
CA MET DA 4 30.98 -1.10 21.05
C MET DA 4 30.80 -2.57 20.72
N THR DA 5 29.80 -3.20 21.34
CA THR DA 5 29.54 -4.63 21.17
C THR DA 5 28.21 -4.80 20.47
N GLN DA 6 28.26 -5.28 19.22
CA GLN DA 6 27.06 -5.61 18.47
C GLN DA 6 26.73 -7.09 18.67
N SER DA 7 25.43 -7.38 18.79
CA SER DA 7 24.95 -8.72 19.12
C SER DA 7 25.47 -9.78 18.15
N GLN DA 8 24.95 -9.81 16.93
CA GLN DA 8 25.27 -10.86 15.97
C GLN DA 8 26.14 -10.31 14.83
N LYS DA 9 27.02 -11.17 14.33
CA LYS DA 9 27.84 -10.81 13.17
C LYS DA 9 27.08 -10.93 11.87
N PHE DA 10 26.14 -11.88 11.78
CA PHE DA 10 25.31 -12.06 10.60
C PHE DA 10 23.84 -12.08 11.02
N MET DA 11 22.97 -11.70 10.08
CA MET DA 11 21.55 -11.65 10.35
C MET DA 11 20.78 -12.03 9.09
N SER DA 12 19.82 -12.94 9.23
CA SER DA 12 19.01 -13.40 8.11
C SER DA 12 17.62 -12.77 8.17
N THR DA 13 17.06 -12.54 6.98
CA THR DA 13 15.76 -11.91 6.82
C THR DA 13 15.40 -11.97 5.35
N SER DA 14 14.18 -11.54 5.03
CA SER DA 14 13.72 -11.51 3.65
C SER DA 14 13.17 -10.13 3.33
N VAL DA 15 13.03 -9.86 2.03
CA VAL DA 15 12.52 -8.57 1.57
C VAL DA 15 11.13 -8.33 2.15
N GLY DA 16 10.91 -7.13 2.68
CA GLY DA 16 9.64 -6.76 3.27
C GLY DA 16 9.56 -6.95 4.77
N ASP DA 17 10.44 -7.76 5.35
CA ASP DA 17 10.40 -8.03 6.78
C ASP DA 17 10.95 -6.83 7.57
N ARG DA 18 11.01 -7.00 8.89
CA ARG DA 18 11.46 -5.97 9.80
C ARG DA 18 12.68 -6.47 10.57
N VAL DA 19 13.76 -5.70 10.56
CA VAL DA 19 15.03 -6.09 11.16
C VAL DA 19 15.42 -5.06 12.20
N SER DA 20 16.01 -5.53 13.29
CA SER DA 20 16.48 -4.66 14.37
C SER DA 20 17.89 -5.09 14.77
N ILE DA 21 18.85 -4.19 14.62
CA ILE DA 21 20.24 -4.43 14.99
C ILE DA 21 20.54 -3.72 16.28
N THR DA 22 21.16 -4.42 17.23
CA THR DA 22 21.44 -3.87 18.55
C THR DA 22 22.91 -3.54 18.71
N CYS DA 23 23.17 -2.49 19.48
CA CYS DA 23 24.52 -2.01 19.76
C CYS DA 23 24.59 -1.65 21.23
N LYS DA 24 25.44 -2.35 21.98
CA LYS DA 24 25.55 -2.16 23.42
C LYS DA 24 26.86 -1.48 23.77
N ALA DA 25 26.78 -0.42 24.57
CA ALA DA 25 27.93 0.37 24.98
C ALA DA 25 28.44 -0.09 26.33
N SER DA 26 29.76 -0.02 26.52
CA SER DA 26 30.36 -0.33 27.81
C SER DA 26 30.29 0.83 28.79
N GLN DA 27 29.80 1.99 28.34
CA GLN DA 27 29.66 3.16 29.19
C GLN DA 27 28.45 3.96 28.72
N ASN DA 28 27.97 4.85 29.59
CA ASN DA 28 26.88 5.73 29.21
C ASN DA 28 27.40 6.78 28.23
N VAL DA 29 26.77 6.86 27.07
CA VAL DA 29 27.20 7.80 26.04
C VAL DA 29 26.04 8.68 25.63
N GLY DA 30 24.98 8.68 26.45
CA GLY DA 30 23.81 9.48 26.17
C GLY DA 30 23.16 9.12 24.84
N THR DA 31 23.20 10.05 23.89
CA THR DA 31 22.69 9.81 22.55
C THR DA 31 23.78 10.05 21.50
N ALA DA 32 25.04 10.05 21.92
CA ALA DA 32 26.16 10.27 21.01
C ALA DA 32 26.53 8.96 20.33
N VAL DA 33 25.61 8.50 19.48
CA VAL DA 33 25.79 7.26 18.72
C VAL DA 33 25.39 7.52 17.27
N ALA DA 34 26.21 7.04 16.35
CA ALA DA 34 25.94 7.15 14.92
C ALA DA 34 25.98 5.78 14.27
N TRP DA 35 25.22 5.64 13.19
CA TRP DA 35 25.13 4.39 12.44
C TRP DA 35 25.61 4.62 11.02
N TYR DA 36 26.29 3.62 10.46
CA TYR DA 36 26.78 3.71 9.09
C TYR DA 36 26.43 2.46 8.32
N GLN DA 37 26.34 2.61 7.00
CA GLN DA 37 26.11 1.51 6.08
C GLN DA 37 27.28 1.42 5.11
N GLN DA 38 27.81 0.22 4.92
CA GLN DA 38 28.94 -0.01 4.04
C GLN DA 38 28.66 -1.20 3.15
N LYS DA 39 28.64 -0.99 1.84
CA LYS DA 39 28.50 -2.06 0.86
C LYS DA 39 29.88 -2.56 0.46
N PRO DA 40 29.98 -3.81 0.01
CA PRO DA 40 31.29 -4.36 -0.38
C PRO DA 40 31.92 -3.55 -1.51
N GLY DA 41 33.22 -3.28 -1.36
CA GLY DA 41 33.95 -2.54 -2.36
C GLY DA 41 33.60 -1.07 -2.44
N GLN DA 42 32.98 -0.51 -1.40
CA GLN DA 42 32.61 0.89 -1.38
C GLN DA 42 32.99 1.49 -0.03
N SER DA 43 32.95 2.81 0.04
CA SER DA 43 33.18 3.50 1.30
C SER DA 43 31.88 3.59 2.10
N PRO DA 44 31.98 3.59 3.42
CA PRO DA 44 30.76 3.67 4.24
C PRO DA 44 29.99 4.96 3.99
N LYS DA 45 28.67 4.87 4.15
CA LYS DA 45 27.77 6.00 4.01
C LYS DA 45 27.06 6.22 5.33
N LEU DA 46 27.01 7.47 5.78
CA LEU DA 46 26.34 7.79 7.03
C LEU DA 46 24.83 7.59 6.89
N MET DA 47 24.23 6.98 7.91
CA MET DA 47 22.79 6.75 7.94
C MET DA 47 22.15 7.57 9.06
N ILE DA 48 22.46 7.25 10.31
CA ILE DA 48 21.89 7.93 11.46
C ILE DA 48 23.02 8.48 12.32
N TYR DA 49 22.79 9.66 12.89
CA TYR DA 49 23.72 10.27 13.83
C TYR DA 49 22.87 10.94 14.91
N PHE DA 50 23.42 11.04 16.12
CA PHE DA 50 22.68 11.53 17.29
C PHE DA 50 21.56 10.56 17.67
N ALA DA 51 21.88 9.26 17.63
CA ALA DA 51 21.01 8.17 18.06
C ALA DA 51 19.84 7.94 17.10
N SER DA 52 19.06 8.99 16.82
CA SER DA 52 17.81 8.78 16.09
C SER DA 52 17.53 9.86 15.04
N ASN DA 53 18.54 10.52 14.48
CA ASN DA 53 18.35 11.55 13.48
C ASN DA 53 18.88 11.05 12.14
N ARG DA 54 18.03 11.05 11.12
CA ARG DA 54 18.45 10.62 9.80
C ARG DA 54 19.23 11.71 9.09
N TYR DA 55 20.28 11.31 8.38
CA TYR DA 55 21.06 12.25 7.59
C TYR DA 55 20.37 12.55 6.27
N THR DA 56 20.68 13.71 5.71
CA THR DA 56 20.15 14.10 4.40
C THR DA 56 20.43 13.03 3.37
N GLY DA 57 19.38 12.46 2.79
CA GLY DA 57 19.59 11.29 1.98
C GLY DA 57 18.73 10.11 2.41
N VAL DA 58 18.78 9.79 3.69
CA VAL DA 58 18.38 8.46 4.16
C VAL DA 58 16.86 8.40 4.25
N PRO DA 59 16.23 7.35 3.69
CA PRO DA 59 14.77 7.27 3.68
C PRO DA 59 14.21 7.06 5.08
N ASP DA 60 12.93 7.43 5.24
CA ASP DA 60 12.19 7.16 6.46
C ASP DA 60 12.12 5.67 6.80
N ARG DA 61 12.54 4.81 5.87
CA ARG DA 61 12.58 3.38 6.13
C ARG DA 61 13.47 3.03 7.32
N PHE DA 62 14.57 3.78 7.51
CA PHE DA 62 15.50 3.53 8.59
C PHE DA 62 15.14 4.38 9.81
N THR DA 63 15.11 3.75 10.98
CA THR DA 63 14.81 4.46 12.23
C THR DA 63 15.79 4.02 13.30
N GLY DA 64 16.40 4.99 13.96
CA GLY DA 64 17.30 4.72 15.07
C GLY DA 64 16.61 4.98 16.40
N SER DA 65 17.13 4.32 17.44
CA SER DA 65 16.53 4.44 18.77
C SER DA 65 17.56 4.03 19.81
N GLY DA 66 17.25 4.33 21.06
CA GLY DA 66 18.10 4.00 22.18
C GLY DA 66 18.77 5.22 22.80
N SER DA 67 19.31 5.01 23.99
CA SER DA 67 19.98 6.06 24.74
C SER DA 67 20.76 5.42 25.87
N GLY DA 68 21.83 6.10 26.30
CA GLY DA 68 22.63 5.62 27.40
C GLY DA 68 23.62 4.54 27.01
N THR DA 69 23.15 3.29 26.96
CA THR DA 69 24.03 2.16 26.66
C THR DA 69 23.42 1.12 25.72
N ASP DA 70 22.13 1.17 25.40
CA ASP DA 70 21.49 0.26 24.46
C ASP DA 70 20.93 1.06 23.31
N PHE DA 71 21.40 0.76 22.10
CA PHE DA 71 20.97 1.45 20.89
C PHE DA 71 20.56 0.44 19.84
N THR DA 72 19.61 0.83 18.99
CA THR DA 72 19.00 -0.09 18.03
C THR DA 72 18.71 0.63 16.72
N LEU DA 73 19.01 -0.04 15.61
CA LEU DA 73 18.64 0.39 14.27
C LEU DA 73 17.55 -0.56 13.76
N THR DA 74 16.44 0.02 13.29
CA THR DA 74 15.29 -0.76 12.84
C THR DA 74 15.01 -0.44 11.38
N ILE DA 75 14.82 -1.49 10.56
CA ILE DA 75 14.56 -1.33 9.14
C ILE DA 75 13.20 -1.97 8.83
N SER DA 76 12.14 -1.18 8.88
CA SER DA 76 10.82 -1.67 8.54
C SER DA 76 10.65 -1.68 7.02
N ASN DA 77 10.15 -2.79 6.48
CA ASN DA 77 9.93 -2.97 5.04
C ASN DA 77 11.24 -2.78 4.28
N MET DA 78 11.81 -3.86 3.78
CA MET DA 78 13.17 -3.86 3.28
C MET DA 78 13.21 -3.92 1.76
N GLN DA 79 14.37 -3.58 1.21
CA GLN DA 79 14.67 -3.71 -0.21
C GLN DA 79 16.01 -4.41 -0.38
N SER DA 80 16.25 -4.86 -1.62
CA SER DA 80 17.51 -5.53 -1.94
C SER DA 80 18.69 -4.61 -1.74
N GLU DA 81 18.50 -3.30 -1.93
CA GLU DA 81 19.58 -2.34 -1.78
C GLU DA 81 20.03 -2.16 -0.35
N ASP DA 82 19.35 -2.77 0.62
CA ASP DA 82 19.69 -2.64 2.03
C ASP DA 82 20.66 -3.71 2.50
N LEU DA 83 21.09 -4.61 1.62
CA LEU DA 83 22.02 -5.67 1.99
C LEU DA 83 23.44 -5.09 2.03
N ALA DA 84 23.97 -4.91 3.23
CA ALA DA 84 25.29 -4.34 3.42
C ALA DA 84 25.66 -4.53 4.89
N ASP DA 85 26.83 -4.00 5.25
CA ASP DA 85 27.27 -4.00 6.63
C ASP DA 85 26.74 -2.77 7.34
N TYR DA 86 26.51 -2.91 8.64
CA TYR DA 86 25.98 -1.82 9.46
C TYR DA 86 26.84 -1.69 10.71
N PHE DA 87 27.36 -0.48 10.94
CA PHE DA 87 28.24 -0.19 12.05
C PHE DA 87 27.60 0.85 12.95
N CYS DA 88 27.84 0.73 14.26
CA CYS DA 88 27.50 1.75 15.22
C CYS DA 88 28.77 2.39 15.77
N GLN DA 89 28.70 3.68 16.07
CA GLN DA 89 29.88 4.44 16.46
C GLN DA 89 29.56 5.26 17.71
N GLN DA 90 30.52 5.35 18.61
CA GLN DA 90 30.41 6.17 19.81
C GLN DA 90 31.28 7.40 19.65
N TYR DA 91 30.75 8.57 20.00
CA TYR DA 91 31.52 9.81 19.97
C TYR DA 91 31.25 10.65 21.20
N SER DA 92 31.10 10.00 22.36
CA SER DA 92 30.94 10.74 23.60
C SER DA 92 32.28 11.22 24.13
N SER DA 93 33.33 10.41 23.99
CA SER DA 93 34.66 10.78 24.44
C SER DA 93 35.69 10.05 23.59
N TYR DA 94 36.88 10.64 23.51
CA TYR DA 94 37.97 10.04 22.77
C TYR DA 94 38.56 8.87 23.55
N PRO DA 95 39.06 7.83 22.84
CA PRO DA 95 39.07 7.72 21.38
C PRO DA 95 37.74 7.21 20.82
N LEU DA 96 37.44 7.59 19.58
CA LEU DA 96 36.23 7.12 18.91
C LEU DA 96 36.35 5.63 18.60
N THR DA 97 35.27 4.90 18.80
CA THR DA 97 35.26 3.46 18.61
C THR DA 97 34.07 3.06 17.75
N PHE DA 98 34.22 1.93 17.06
CA PHE DA 98 33.17 1.37 16.22
C PHE DA 98 32.81 -0.03 16.71
N GLY DA 99 31.65 -0.51 16.27
CA GLY DA 99 31.22 -1.86 16.58
C GLY DA 99 31.65 -2.88 15.54
N ALA DA 100 31.48 -4.15 15.89
CA ALA DA 100 31.81 -5.22 14.97
C ALA DA 100 30.85 -5.21 13.77
N GLY DA 101 31.27 -5.88 12.70
CA GLY DA 101 30.46 -5.91 11.50
C GLY DA 101 29.17 -6.68 11.69
N THR DA 102 28.15 -6.29 10.92
CA THR DA 102 26.84 -6.94 10.95
C THR DA 102 26.34 -7.07 9.51
N LYS DA 103 26.30 -8.29 8.99
CA LYS DA 103 25.87 -8.57 7.62
C LYS DA 103 24.39 -8.92 7.58
N LEU DA 104 23.64 -8.26 6.70
CA LEU DA 104 22.24 -8.56 6.47
C LEU DA 104 22.13 -9.40 5.19
N GLU DA 105 21.56 -10.60 5.33
CA GLU DA 105 21.47 -11.59 4.26
C GLU DA 105 20.01 -11.99 3.99
N LEU DA 106 19.80 -12.59 2.82
CA LEU DA 106 18.47 -13.01 2.38
C LEU DA 106 18.16 -14.45 2.78
N LYS DA 107 16.90 -14.66 3.15
CA LYS DA 107 16.37 -15.96 3.59
C LYS DA 107 15.72 -16.71 2.42
N ARG DA 108 16.55 -17.31 1.58
CA ARG DA 108 16.06 -18.15 0.48
C ARG DA 108 16.65 -19.55 0.69
N ALA DA 109 15.98 -20.31 1.54
CA ALA DA 109 16.37 -21.63 2.00
C ALA DA 109 15.42 -22.69 1.45
N ASP DA 110 15.86 -23.94 1.42
CA ASP DA 110 17.25 -24.38 1.65
C ASP DA 110 17.64 -25.45 0.63
N ALA DA 111 18.82 -25.28 0.04
CA ALA DA 111 19.35 -26.22 -0.92
C ALA DA 111 20.39 -27.13 -0.27
N ALA DA 112 20.52 -28.34 -0.79
CA ALA DA 112 21.58 -29.23 -0.33
C ALA DA 112 22.85 -28.97 -1.13
N PRO DA 113 24.02 -29.07 -0.52
CA PRO DA 113 25.25 -28.75 -1.25
C PRO DA 113 25.51 -29.73 -2.38
N THR DA 114 26.32 -29.29 -3.34
CA THR DA 114 26.79 -30.12 -4.42
C THR DA 114 28.28 -30.32 -4.23
N VAL DA 115 28.69 -31.57 -4.01
CA VAL DA 115 30.04 -31.89 -3.58
C VAL DA 115 30.77 -32.54 -4.75
N SER DA 116 31.94 -32.02 -5.07
CA SER DA 116 32.77 -32.55 -6.13
C SER DA 116 34.20 -32.58 -5.63
N ILE DA 117 34.82 -33.76 -5.67
CA ILE DA 117 36.20 -33.94 -5.22
C ILE DA 117 37.08 -34.08 -6.44
N PHE DA 118 38.30 -33.55 -6.36
CA PHE DA 118 39.24 -33.54 -7.47
C PHE DA 118 40.61 -33.98 -6.98
N PRO DA 119 41.17 -35.06 -7.51
CA PRO DA 119 42.53 -35.46 -7.14
C PRO DA 119 43.54 -34.46 -7.68
N PRO DA 120 44.77 -34.50 -7.18
CA PRO DA 120 45.80 -33.60 -7.72
C PRO DA 120 46.02 -33.85 -9.21
N SER DA 121 46.23 -32.76 -9.95
CA SER DA 121 46.47 -32.88 -11.38
C SER DA 121 47.84 -33.49 -11.65
N SER DA 122 47.99 -34.07 -12.85
CA SER DA 122 49.27 -34.62 -13.24
C SER DA 122 50.34 -33.55 -13.32
N GLU DA 123 49.96 -32.30 -13.62
CA GLU DA 123 50.93 -31.22 -13.71
C GLU DA 123 51.48 -30.85 -12.35
N GLN DA 124 50.62 -30.77 -11.32
CA GLN DA 124 51.09 -30.41 -9.99
C GLN DA 124 51.96 -31.50 -9.39
N LEU DA 125 51.72 -32.76 -9.75
CA LEU DA 125 52.56 -33.85 -9.25
C LEU DA 125 53.97 -33.81 -9.80
N THR DA 126 54.22 -33.00 -10.84
CA THR DA 126 55.59 -32.82 -11.32
C THR DA 126 56.39 -31.85 -10.46
N SER DA 127 55.71 -31.04 -9.64
CA SER DA 127 56.37 -30.08 -8.77
C SER DA 127 56.68 -30.65 -7.38
N GLY DA 128 56.32 -31.90 -7.12
CA GLY DA 128 56.54 -32.49 -5.81
C GLY DA 128 55.44 -32.22 -4.80
N GLY DA 129 54.35 -31.60 -5.22
CA GLY DA 129 53.23 -31.32 -4.32
C GLY DA 129 51.93 -31.93 -4.82
N ALA DA 130 50.97 -32.11 -3.91
CA ALA DA 130 49.69 -32.73 -4.25
C ALA DA 130 48.59 -32.07 -3.44
N SER DA 131 47.63 -31.46 -4.13
CA SER DA 131 46.50 -30.79 -3.51
C SER DA 131 45.21 -31.46 -3.94
N VAL DA 132 44.40 -31.87 -2.98
CA VAL DA 132 43.08 -32.45 -3.22
C VAL DA 132 42.05 -31.42 -2.81
N VAL DA 133 41.19 -31.03 -3.76
CA VAL DA 133 40.21 -29.99 -3.53
C VAL DA 133 38.82 -30.63 -3.44
N CYS DA 134 37.91 -29.92 -2.78
CA CYS DA 134 36.55 -30.41 -2.60
C CYS DA 134 35.62 -29.20 -2.59
N PHE DA 135 34.80 -29.07 -3.63
CA PHE DA 135 33.90 -27.93 -3.76
C PHE DA 135 32.53 -28.27 -3.20
N LEU DA 136 32.01 -27.37 -2.36
CA LEU DA 136 30.67 -27.49 -1.80
C LEU DA 136 29.89 -26.26 -2.26
N ASN DA 137 29.03 -26.44 -3.27
CA ASN DA 137 28.40 -25.32 -3.97
C ASN DA 137 26.90 -25.29 -3.72
N ASN DA 138 26.38 -24.08 -3.54
CA ASN DA 138 24.94 -23.81 -3.52
C ASN DA 138 24.24 -24.56 -2.39
N PHE DA 139 24.61 -24.21 -1.16
CA PHE DA 139 23.97 -24.75 0.04
C PHE DA 139 23.48 -23.61 0.92
N TYR DA 140 22.53 -23.93 1.79
CA TYR DA 140 22.01 -23.01 2.79
C TYR DA 140 21.40 -23.86 3.89
N PRO DA 141 21.62 -23.54 5.18
CA PRO DA 141 22.33 -22.37 5.69
C PRO DA 141 23.86 -22.47 5.64
N LYS DA 142 24.53 -21.51 6.29
CA LYS DA 142 25.98 -21.45 6.23
C LYS DA 142 26.63 -22.61 6.99
N ASP DA 143 25.96 -23.09 8.04
CA ASP DA 143 26.56 -24.12 8.89
C ASP DA 143 26.76 -25.41 8.11
N ILE DA 144 28.03 -25.79 7.93
CA ILE DA 144 28.37 -27.00 7.22
C ILE DA 144 29.75 -27.42 7.70
N ASN DA 145 30.00 -28.74 7.71
CA ASN DA 145 31.26 -29.29 8.19
C ASN DA 145 31.83 -30.23 7.15
N VAL DA 146 33.12 -30.09 6.87
CA VAL DA 146 33.83 -30.93 5.92
C VAL DA 146 34.81 -31.81 6.70
N LYS DA 147 34.84 -33.09 6.36
CA LYS DA 147 35.73 -34.05 7.01
C LYS DA 147 36.56 -34.72 5.93
N TRP DA 148 37.89 -34.67 6.09
CA TRP DA 148 38.81 -35.32 5.17
C TRP DA 148 39.22 -36.67 5.73
N LYS DA 149 39.16 -37.70 4.90
CA LYS DA 149 39.57 -39.05 5.27
C LYS DA 149 40.64 -39.53 4.31
N ILE DA 150 41.76 -40.01 4.86
CA ILE DA 150 42.83 -40.61 4.09
C ILE DA 150 42.91 -42.06 4.52
N ASP DA 151 42.54 -42.98 3.61
CA ASP DA 151 42.41 -44.40 3.93
C ASP DA 151 41.47 -44.62 5.12
N GLY DA 152 40.39 -43.82 5.15
CA GLY DA 152 39.40 -43.92 6.20
C GLY DA 152 39.74 -43.19 7.48
N SER DA 153 40.96 -42.68 7.62
CA SER DA 153 41.38 -41.98 8.83
C SER DA 153 41.22 -40.48 8.64
N GLU DA 154 40.65 -39.81 9.64
CA GLU DA 154 40.42 -38.37 9.56
C GLU DA 154 41.75 -37.63 9.56
N ARG DA 155 41.87 -36.65 8.66
CA ARG DA 155 43.08 -35.86 8.51
C ARG DA 155 42.78 -34.42 8.88
N GLN DA 156 43.52 -33.89 9.85
CA GLN DA 156 43.32 -32.53 10.35
C GLN DA 156 44.32 -31.54 9.78
N ASN DA 157 45.61 -31.89 9.77
CA ASN DA 157 46.65 -30.98 9.29
C ASN DA 157 46.64 -30.89 7.78
N GLY DA 158 46.93 -29.71 7.25
CA GLY DA 158 47.04 -29.50 5.83
C GLY DA 158 45.78 -29.09 5.12
N VAL DA 159 44.71 -28.77 5.85
CA VAL DA 159 43.44 -28.37 5.25
C VAL DA 159 43.36 -26.85 5.22
N LEU DA 160 42.89 -26.31 4.10
CA LEU DA 160 42.63 -24.88 3.94
C LEU DA 160 41.20 -24.70 3.46
N ASN DA 161 40.42 -23.91 4.19
CA ASN DA 161 39.02 -23.69 3.89
C ASN DA 161 38.80 -22.25 3.45
N SER DA 162 37.90 -22.05 2.49
CA SER DA 162 37.55 -20.73 2.00
C SER DA 162 36.05 -20.71 1.73
N ALA DA 163 35.31 -20.02 2.61
CA ALA DA 163 33.86 -19.94 2.50
C ALA DA 163 33.47 -18.67 1.72
N THR DA 164 32.55 -18.83 0.78
CA THR DA 164 32.03 -17.71 0.01
C THR DA 164 30.86 -17.06 0.74
N ASP DA 165 30.68 -15.76 0.49
CA ASP DA 165 29.52 -15.05 1.03
C ASP DA 165 28.27 -15.43 0.25
N GLN DA 166 27.13 -14.90 0.69
CA GLN DA 166 25.86 -15.23 0.03
C GLN DA 166 25.87 -14.74 -1.41
N ASP DA 167 25.48 -15.63 -2.33
CA ASP DA 167 25.44 -15.29 -3.74
C ASP DA 167 24.35 -14.25 -4.00
N SER DA 168 24.69 -13.25 -4.82
CA SER DA 168 23.76 -12.17 -5.10
C SER DA 168 22.58 -12.60 -5.97
N LYS DA 169 22.66 -13.76 -6.61
CA LYS DA 169 21.62 -14.17 -7.56
C LYS DA 169 20.63 -15.17 -6.96
N ASP DA 170 21.11 -16.18 -6.24
CA ASP DA 170 20.23 -17.22 -5.71
C ASP DA 170 20.34 -17.40 -4.20
N SER DA 171 21.06 -16.51 -3.51
CA SER DA 171 21.14 -16.47 -2.05
C SER DA 171 21.74 -17.74 -1.45
N THR DA 172 22.55 -18.45 -2.22
CA THR DA 172 23.22 -19.66 -1.73
C THR DA 172 24.65 -19.35 -1.34
N TYR DA 173 25.28 -20.34 -0.69
CA TYR DA 173 26.66 -20.23 -0.24
C TYR DA 173 27.51 -21.32 -0.88
N SER DA 174 28.82 -21.08 -0.89
CA SER DA 174 29.77 -22.04 -1.45
C SER DA 174 30.99 -22.10 -0.54
N MET DA 175 31.70 -23.24 -0.61
CA MET DA 175 32.87 -23.46 0.22
C MET DA 175 33.85 -24.36 -0.52
N SER DA 176 35.13 -24.01 -0.42
CA SER DA 176 36.21 -24.80 -1.02
C SER DA 176 37.14 -25.28 0.08
N SER DA 177 37.49 -26.56 0.04
CA SER DA 177 38.39 -27.17 1.01
C SER DA 177 39.52 -27.84 0.24
N THR DA 178 40.76 -27.47 0.56
CA THR DA 178 41.94 -27.97 -0.14
C THR DA 178 42.87 -28.64 0.86
N LEU DA 179 43.12 -29.93 0.66
CA LEU DA 179 44.09 -30.68 1.45
C LEU DA 179 45.38 -30.79 0.65
N THR DA 180 46.42 -30.12 1.11
CA THR DA 180 47.70 -30.04 0.41
C THR DA 180 48.72 -30.91 1.13
N LEU DA 181 49.25 -31.91 0.43
CA LEU DA 181 50.26 -32.80 0.96
C LEU DA 181 51.45 -32.84 0.01
N THR DA 182 52.57 -33.37 0.50
CA THR DA 182 53.70 -33.64 -0.38
C THR DA 182 53.37 -34.82 -1.29
N LYS DA 183 54.06 -34.87 -2.43
CA LYS DA 183 53.84 -35.97 -3.37
C LYS DA 183 54.23 -37.30 -2.75
N ASP DA 184 55.31 -37.31 -1.97
CA ASP DA 184 55.73 -38.54 -1.30
C ASP DA 184 54.64 -39.06 -0.37
N GLU DA 185 54.04 -38.17 0.41
CA GLU DA 185 52.98 -38.59 1.33
C GLU DA 185 51.70 -38.93 0.59
N TYR DA 186 51.41 -38.22 -0.50
CA TYR DA 186 50.21 -38.51 -1.29
C TYR DA 186 50.27 -39.91 -1.89
N GLU DA 187 51.45 -40.33 -2.34
CA GLU DA 187 51.62 -41.63 -2.97
C GLU DA 187 51.72 -42.78 -1.97
N ARG DA 188 51.72 -42.50 -0.67
CA ARG DA 188 51.78 -43.54 0.34
C ARG DA 188 50.40 -44.00 0.81
N HIS DA 189 49.34 -43.41 0.28
CA HIS DA 189 47.98 -43.79 0.63
C HIS DA 189 47.16 -43.95 -0.64
N ASN DA 190 46.05 -44.68 -0.52
CA ASN DA 190 45.21 -45.02 -1.67
C ASN DA 190 43.86 -44.34 -1.66
N SER DA 191 43.16 -44.36 -0.53
CA SER DA 191 41.79 -43.87 -0.45
C SER DA 191 41.76 -42.43 0.07
N TYR DA 192 41.08 -41.56 -0.66
CA TYR DA 192 40.86 -40.18 -0.26
C TYR DA 192 39.38 -39.88 -0.33
N THR DA 193 38.84 -39.29 0.73
CA THR DA 193 37.41 -39.10 0.87
C THR DA 193 37.10 -37.72 1.43
N CYS DA 194 36.13 -37.05 0.81
CA CYS DA 194 35.64 -35.76 1.27
C CYS DA 194 34.17 -35.93 1.65
N GLU DA 195 33.86 -35.73 2.93
CA GLU DA 195 32.50 -35.91 3.45
C GLU DA 195 31.95 -34.57 3.90
N ALA DA 196 30.76 -34.24 3.40
CA ALA DA 196 30.06 -33.00 3.76
C ALA DA 196 28.80 -33.35 4.53
N THR DA 197 28.72 -32.85 5.75
CA THR DA 197 27.53 -33.03 6.59
C THR DA 197 26.80 -31.70 6.70
N HIS DA 198 25.51 -31.71 6.40
CA HIS DA 198 24.70 -30.51 6.38
C HIS DA 198 23.31 -30.84 6.91
N LYS DA 199 22.62 -29.82 7.43
CA LYS DA 199 21.34 -30.04 8.08
C LYS DA 199 20.26 -30.51 7.12
N THR DA 200 20.47 -30.40 5.81
CA THR DA 200 19.47 -30.85 4.85
C THR DA 200 19.44 -32.37 4.67
N SER DA 201 20.36 -33.10 5.30
CA SER DA 201 20.37 -34.55 5.22
C SER DA 201 20.96 -35.12 6.50
N THR DA 202 20.37 -36.23 6.97
CA THR DA 202 20.83 -36.88 8.19
C THR DA 202 22.03 -37.78 7.97
N SER DA 203 22.49 -37.92 6.73
CA SER DA 203 23.70 -38.67 6.41
C SER DA 203 24.64 -37.79 5.60
N PRO DA 204 25.94 -37.90 5.82
CA PRO DA 204 26.87 -37.02 5.10
C PRO DA 204 26.95 -37.37 3.63
N ILE DA 205 27.18 -36.35 2.81
CA ILE DA 205 27.40 -36.54 1.38
C ILE DA 205 28.86 -36.90 1.16
N VAL DA 206 29.10 -38.08 0.60
CA VAL DA 206 30.44 -38.65 0.51
C VAL DA 206 30.87 -38.67 -0.95
N LYS DA 207 32.01 -38.06 -1.23
CA LYS DA 207 32.68 -38.14 -2.53
C LYS DA 207 34.11 -38.63 -2.29
N SER DA 208 34.51 -39.66 -3.02
CA SER DA 208 35.79 -40.31 -2.78
C SER DA 208 36.41 -40.76 -4.10
N PHE DA 209 37.70 -41.06 -4.03
CA PHE DA 209 38.42 -41.66 -5.14
C PHE DA 209 39.58 -42.48 -4.58
N ASN DA 210 40.08 -43.40 -5.40
CA ASN DA 210 41.24 -44.20 -5.06
C ASN DA 210 42.42 -43.80 -5.95
N ARG DA 211 43.60 -43.66 -5.34
CA ARG DA 211 44.77 -43.24 -6.09
C ARG DA 211 45.14 -44.25 -7.16
N ASN DA 212 45.06 -45.54 -6.84
CA ASN DA 212 45.41 -46.58 -7.81
C ASN DA 212 44.41 -46.62 -8.95
N GLU DA 213 43.11 -46.59 -8.63
CA GLU DA 213 42.07 -46.66 -9.65
C GLU DA 213 41.95 -45.36 -10.45
N CYS DA 214 42.55 -44.27 -9.98
CA CYS DA 214 42.52 -43.01 -10.70
C CYS DA 214 43.78 -42.19 -10.42
#